data_7RNO
#
_entry.id   7RNO
#
loop_
_entity.id
_entity.type
_entity.pdbx_description
1 polymer 'Major histocompatibility complex class I-related gene protein'
2 polymer Beta-2-microglobulin
3 polymer 'TAP binding protein-like variant'
4 non-polymer N-(6-formyl-4-oxo-3,4-dihydropteridin-2-yl)acetamide
#
loop_
_entity_poly.entity_id
_entity_poly.type
_entity_poly.pdbx_seq_one_letter_code
_entity_poly.pdbx_strand_id
1 'polypeptide(L)'
;MRTHSLRYFRLGVSDPIHGVPEFISVGYVDSHPITTYDSVTRQKEPRAPWMAENLAPDHWERYTQLLRGWQQMFKVELKR
LQRHYNHSGSHTYQRMIGCELLEDGSTTGFLQYAYDGQDFLIFNKDTLSWLAVDNVAHTIKQAWEANQHELLYQKNWLEE
ECIAWLKRFLEYGKDTLQRTEPPKVRVNHKETFPGITTLYCRAYGFYPPEISINWMKNGEEIFQDTDYGGILPSGDGTYQ
TWVSVELDPQNGDIYSCHVEHGGVHMVLQGF
;
A
2 'polypeptide(L)'
;MIQRPPKIQVYSRHPPEDGKPNYLNCYVYGFHPPQIEIDLLKNGEKIKSEQSDLSFSKDWSFYLLSHAEFTPNSKDQYSC
RVKHVTLEQPRIVKWDRDL
;
B
3 'polypeptide(L)'
;KPHPAEGQWRAVDVVLDCFLVKDGAHRGA(3X9)ASSEDRARASLVLKQVPVLDDGSLEDFTDFQGGTLAQDDPPIIFEA
SVDLVQIPQAEALLHADCSGKEVTCEISRYFLQMTETTVKTAAWFMANVQVSGGGPSISLVMKTPRVAKNEVLWHPTLNL
PLSPQGTVRTAVEFQVMTQTQSLSFLLGSSASLDCGFSMAPGLDLISVEWRLQHKGRGQLVYSWTAGQGQAVRKGATLEP
AQLGMARDASLTLPGLTIQDEGTYICQITTSLYRAQQIIQLNIQASPKVRLSLANEALLPTLICDIAGYYPLDVVVTWTR
EELGGSPAQVSGASFSSLRQSVAGTYSISSSLTAEPGSAGATYTCQVTHISLEEPLGASTQVVPPERRLEGGLEVLFQGP
;
C
#
loop_
_chem_comp.id
_chem_comp.type
_chem_comp.name
_chem_comp.formula
30W non-polymer N-(6-formyl-4-oxo-3,4-dihydropteridin-2-yl)acetamide 'C9 H7 N5 O3'
#
# COMPACT_ATOMS: atom_id res chain seq x y z
N HIS A 4 22.07 0.39 5.71
CA HIS A 4 22.38 1.36 4.67
C HIS A 4 21.37 1.31 3.54
N SER A 5 20.91 2.48 3.11
CA SER A 5 19.92 2.57 2.04
C SER A 5 20.51 3.23 0.80
N LEU A 6 20.16 2.72 -0.37
CA LEU A 6 20.29 3.46 -1.61
C LEU A 6 19.00 3.42 -2.42
N ARG A 7 18.54 4.59 -2.85
CA ARG A 7 17.27 4.71 -3.54
C ARG A 7 17.41 5.52 -4.82
N TYR A 8 16.84 5.01 -5.91
CA TYR A 8 16.64 5.81 -7.11
C TYR A 8 15.16 5.91 -7.47
N PHE A 9 14.72 7.14 -7.74
CA PHE A 9 13.32 7.39 -8.06
C PHE A 9 13.16 7.98 -9.46
N ARG A 10 12.10 7.59 -10.15
CA ARG A 10 11.75 8.20 -11.42
C ARG A 10 10.24 8.38 -11.56
N LEU A 11 9.81 9.62 -11.76
CA LEU A 11 8.39 9.96 -11.75
C LEU A 11 8.05 10.96 -12.84
N GLY A 12 6.88 10.78 -13.44
CA GLY A 12 6.36 11.76 -14.39
C GLY A 12 4.86 11.60 -14.58
N VAL A 13 4.28 12.41 -15.46
CA VAL A 13 2.84 12.40 -15.67
C VAL A 13 2.51 12.32 -17.17
N SER A 14 1.53 11.47 -17.50
CA SER A 14 1.06 11.36 -18.88
C SER A 14 0.16 12.53 -19.25
N ASP A 15 0.65 13.38 -20.16
CA ASP A 15 -0.04 14.62 -20.48
C ASP A 15 -0.28 15.46 -19.24
N PRO A 16 0.77 16.09 -18.74
CA PRO A 16 0.69 16.80 -17.47
C PRO A 16 -0.39 17.88 -17.49
N ILE A 17 -1.11 18.01 -16.38
CA ILE A 17 -2.11 19.05 -16.24
C ILE A 17 -1.97 19.76 -14.90
N HIS A 18 -2.48 20.99 -14.82
CA HIS A 18 -2.51 21.74 -13.57
C HIS A 18 -1.11 22.00 -13.05
N GLY A 19 -0.15 22.06 -13.96
CA GLY A 19 1.19 22.53 -13.64
C GLY A 19 2.02 21.43 -12.99
N VAL A 20 1.45 20.23 -12.92
CA VAL A 20 2.12 19.10 -12.29
C VAL A 20 3.45 18.79 -12.99
N PRO A 21 4.48 18.53 -12.20
CA PRO A 21 5.81 18.25 -12.73
C PRO A 21 5.75 17.18 -13.81
N GLU A 22 6.50 17.39 -14.90
CA GLU A 22 6.48 16.46 -16.03
C GLU A 22 7.36 15.25 -15.75
N PHE A 23 8.55 15.50 -15.21
CA PHE A 23 9.52 14.43 -14.99
C PHE A 23 10.46 14.77 -13.83
N ILE A 24 10.59 13.85 -12.89
CA ILE A 24 11.50 14.01 -11.77
C ILE A 24 12.34 12.76 -11.55
N SER A 25 13.62 12.95 -11.29
CA SER A 25 14.51 11.85 -10.94
C SER A 25 15.52 12.27 -9.88
N VAL A 26 15.49 11.58 -8.74
CA VAL A 26 16.33 11.93 -7.61
C VAL A 26 16.90 10.69 -6.92
N GLY A 27 18.15 10.79 -6.47
CA GLY A 27 18.82 9.68 -5.83
C GLY A 27 19.12 9.98 -4.37
N TYR A 28 19.03 8.97 -3.51
CA TYR A 28 19.27 9.14 -2.09
C TYR A 28 20.23 8.07 -1.56
N VAL A 29 20.97 8.42 -0.52
CA VAL A 29 21.68 7.43 0.29
C VAL A 29 21.44 7.65 1.77
N ASP A 30 21.24 6.56 2.50
CA ASP A 30 20.97 6.64 3.93
C ASP A 30 19.86 7.65 4.24
N SER A 31 20.24 8.79 4.80
CA SER A 31 19.27 9.77 5.25
C SER A 31 19.58 11.15 4.67
N HIS A 32 20.12 11.17 3.46
CA HIS A 32 20.42 12.42 2.77
C HIS A 32 20.51 12.21 1.26
N PRO A 33 19.89 13.11 0.51
CA PRO A 33 19.99 13.09 -0.95
C PRO A 33 21.45 13.12 -1.39
N ILE A 34 21.73 12.52 -2.55
CA ILE A 34 23.06 12.54 -3.12
C ILE A 34 23.08 13.26 -4.47
N THR A 35 21.95 13.23 -5.16
CA THR A 35 21.86 13.79 -6.49
C THR A 35 20.43 14.20 -6.83
N THR A 36 20.28 15.12 -7.78
CA THR A 36 18.98 15.45 -8.34
C THR A 36 19.08 15.75 -9.82
N TYR A 37 18.04 15.39 -10.57
CA TYR A 37 17.97 15.72 -11.99
C TYR A 37 16.89 16.75 -12.26
N ASP A 38 17.26 17.80 -13.00
CA ASP A 38 16.30 18.83 -13.39
C ASP A 38 15.82 18.63 -14.82
N SER A 39 14.54 18.27 -14.95
CA SER A 39 13.98 17.92 -16.25
C SER A 39 13.68 19.16 -17.09
N VAL A 40 13.83 20.33 -16.47
CA VAL A 40 13.59 21.59 -17.16
C VAL A 40 14.81 22.01 -17.98
N THR A 41 15.97 22.07 -17.32
CA THR A 41 17.22 22.38 -18.00
C THR A 41 17.96 21.11 -18.39
N ARG A 42 17.44 19.97 -17.96
CA ARG A 42 18.00 18.68 -18.35
C ARG A 42 19.45 18.55 -17.88
N GLN A 43 19.66 18.72 -16.58
CA GLN A 43 21.00 18.64 -16.01
C GLN A 43 21.02 17.74 -14.78
N LYS A 44 22.08 16.97 -14.63
CA LYS A 44 22.34 16.24 -13.40
C LYS A 44 23.16 17.09 -12.42
N GLU A 45 22.66 17.23 -11.19
CA GLU A 45 23.32 18.03 -10.18
C GLU A 45 23.54 17.24 -8.90
N PRO A 46 24.61 17.56 -8.18
CA PRO A 46 24.87 16.96 -6.88
C PRO A 46 23.93 17.49 -5.82
N ARG A 47 23.74 16.72 -4.76
CA ARG A 47 23.15 17.23 -3.53
C ARG A 47 24.10 17.06 -2.35
N ALA A 48 25.30 16.58 -2.63
CA ALA A 48 26.28 16.33 -1.59
C ALA A 48 27.69 16.72 -2.05
N PRO A 49 28.50 17.18 -1.10
CA PRO A 49 29.82 17.71 -1.43
C PRO A 49 30.78 16.60 -1.82
N TRP A 50 30.54 15.40 -1.31
CA TRP A 50 31.40 14.26 -1.57
C TRP A 50 30.99 13.53 -2.85
N MET A 51 29.79 13.82 -3.32
CA MET A 51 29.38 13.42 -4.66
C MET A 51 30.09 14.26 -5.73
N ALA A 52 30.12 15.57 -5.52
CA ALA A 52 30.82 16.47 -6.42
C ALA A 52 32.32 16.15 -6.47
N GLU A 53 32.87 15.75 -5.33
CA GLU A 53 34.30 15.49 -5.23
C GLU A 53 34.69 14.22 -5.99
N ASN A 54 33.93 13.15 -5.78
CA ASN A 54 34.35 11.83 -6.19
C ASN A 54 33.79 11.46 -7.56
N LEU A 55 33.17 12.43 -8.21
CA LEU A 55 32.66 12.24 -9.57
C LEU A 55 33.19 13.32 -10.51
N ALA A 56 33.97 12.90 -11.50
CA ALA A 56 34.56 13.83 -12.46
C ALA A 56 33.49 14.49 -13.32
N PRO A 57 33.76 15.71 -13.77
CA PRO A 57 32.87 16.39 -14.70
C PRO A 57 32.49 15.50 -15.86
N ASP A 58 33.42 14.65 -16.28
CA ASP A 58 33.17 13.72 -17.37
C ASP A 58 31.99 12.81 -17.07
N HIS A 59 31.87 12.39 -15.82
CA HIS A 59 30.80 11.49 -15.40
C HIS A 59 29.47 12.22 -15.28
N TRP A 60 29.54 13.45 -14.77
CA TRP A 60 28.33 14.26 -14.61
C TRP A 60 27.66 14.53 -15.94
N GLU A 61 28.46 14.81 -16.96
CA GLU A 61 27.94 15.04 -18.30
C GLU A 61 27.40 13.76 -18.92
N ARG A 62 28.18 12.68 -18.81
CA ARG A 62 27.77 11.39 -19.35
C ARG A 62 26.47 10.91 -18.72
N TYR A 63 26.37 11.05 -17.39
CA TYR A 63 25.19 10.63 -16.66
C TYR A 63 23.98 11.46 -17.06
N THR A 64 24.19 12.76 -17.24
CA THR A 64 23.13 13.66 -17.68
C THR A 64 22.52 13.21 -19.00
N GLN A 65 23.39 12.88 -19.96
CA GLN A 65 22.94 12.42 -21.27
C GLN A 65 22.16 11.12 -21.16
N LEU A 66 22.60 10.24 -20.27
CA LEU A 66 21.88 9.01 -19.99
C LEU A 66 20.49 9.30 -19.43
N LEU A 67 20.42 10.21 -18.47
CA LEU A 67 19.16 10.57 -17.85
C LEU A 67 18.20 11.19 -18.86
N ARG A 68 18.74 12.00 -19.76
CA ARG A 68 17.95 12.61 -20.82
C ARG A 68 17.30 11.56 -21.70
N GLY A 69 18.06 10.52 -22.03
CA GLY A 69 17.53 9.39 -22.79
C GLY A 69 16.36 8.74 -22.06
N TRP A 70 16.57 8.46 -20.78
CA TRP A 70 15.53 7.83 -19.96
C TRP A 70 14.29 8.69 -19.90
N GLN A 71 14.48 10.00 -19.77
CA GLN A 71 13.37 10.95 -19.73
C GLN A 71 12.48 10.79 -20.96
N GLN A 72 13.11 10.76 -22.14
CA GLN A 72 12.37 10.65 -23.39
C GLN A 72 11.64 9.33 -23.50
N MET A 73 12.33 8.25 -23.14
CA MET A 73 11.76 6.90 -23.24
C MET A 73 10.66 6.70 -22.21
N PHE A 74 10.79 7.36 -21.07
CA PHE A 74 9.76 7.32 -20.05
C PHE A 74 8.44 7.89 -20.56
N LYS A 75 8.53 9.03 -21.25
CA LYS A 75 7.35 9.67 -21.82
C LYS A 75 6.65 8.76 -22.82
N VAL A 76 7.43 7.97 -23.54
CA VAL A 76 6.88 6.96 -24.44
C VAL A 76 6.11 5.90 -23.65
N GLU A 77 6.69 5.44 -22.55
CA GLU A 77 6.01 4.49 -21.68
C GLU A 77 4.68 5.04 -21.19
N LEU A 78 4.66 6.32 -20.84
CA LEU A 78 3.46 6.96 -20.32
C LEU A 78 2.31 6.88 -21.32
N LYS A 79 2.62 7.08 -22.59
CA LYS A 79 1.63 7.01 -23.66
C LYS A 79 1.16 5.57 -23.86
N ARG A 80 2.07 4.63 -23.72
CA ARG A 80 1.74 3.22 -23.86
C ARG A 80 0.80 2.76 -22.75
N LEU A 81 1.02 3.29 -21.54
CA LEU A 81 0.19 2.94 -20.40
C LEU A 81 -1.26 3.36 -20.62
N GLN A 82 -1.44 4.55 -21.19
CA GLN A 82 -2.78 5.05 -21.51
C GLN A 82 -3.50 4.10 -22.47
N ARG A 83 -2.76 3.55 -23.42
CA ARG A 83 -3.33 2.60 -24.37
C ARG A 83 -3.75 1.31 -23.67
N HIS A 84 -2.92 0.86 -22.74
CA HIS A 84 -3.19 -0.38 -22.02
C HIS A 84 -4.32 -0.20 -21.01
N TYR A 85 -4.38 0.98 -20.39
CA TYR A 85 -5.45 1.30 -19.47
C TYR A 85 -6.69 1.80 -20.21
N ASN A 86 -6.51 2.13 -21.49
CA ASN A 86 -7.57 2.75 -22.27
C ASN A 86 -8.06 4.04 -21.62
N HIS A 87 -7.13 4.84 -21.14
CA HIS A 87 -7.46 6.11 -20.50
C HIS A 87 -7.11 7.29 -21.40
N SER A 88 -8.13 8.07 -21.76
CA SER A 88 -7.94 9.22 -22.64
C SER A 88 -7.56 10.46 -21.86
N GLY A 89 -7.67 10.37 -20.54
CA GLY A 89 -7.41 11.52 -19.66
C GLY A 89 -5.95 11.53 -19.22
N SER A 90 -5.62 12.45 -18.32
CA SER A 90 -4.25 12.60 -17.83
C SER A 90 -4.06 11.84 -16.53
N HIS A 91 -2.97 11.07 -16.45
CA HIS A 91 -2.74 10.18 -15.33
C HIS A 91 -1.27 10.15 -14.94
N THR A 92 -1.00 9.82 -13.67
CA THR A 92 0.35 9.85 -13.14
C THR A 92 0.94 8.44 -13.07
N TYR A 93 2.26 8.36 -13.17
CA TYR A 93 2.95 7.07 -13.15
C TYR A 93 4.40 7.23 -12.71
N GLN A 94 4.88 6.30 -11.89
CA GLN A 94 6.21 6.39 -11.32
C GLN A 94 6.80 5.01 -11.07
N ARG A 95 8.13 4.94 -10.98
CA ARG A 95 8.80 3.71 -10.60
C ARG A 95 9.84 3.96 -9.51
N MET A 96 10.16 2.92 -8.75
CA MET A 96 11.13 3.03 -7.67
C MET A 96 12.02 1.80 -7.62
N ILE A 97 13.32 2.03 -7.38
CA ILE A 97 14.26 0.94 -7.17
C ILE A 97 15.38 1.35 -6.22
N GLY A 98 15.92 0.37 -5.49
CA GLY A 98 17.04 0.62 -4.60
C GLY A 98 17.52 -0.67 -3.94
N CYS A 99 18.42 -0.55 -2.98
CA CYS A 99 18.99 -1.70 -2.30
C CYS A 99 19.25 -1.40 -0.83
N GLU A 100 19.53 -2.46 -0.06
CA GLU A 100 19.85 -2.31 1.35
C GLU A 100 21.00 -3.21 1.76
N LEU A 101 21.98 -2.64 2.44
CA LEU A 101 23.11 -3.40 2.97
C LEU A 101 23.00 -3.56 4.48
N LEU A 102 23.05 -4.81 4.95
CA LEU A 102 22.78 -5.11 6.35
C LEU A 102 24.08 -5.31 7.12
N GLU A 103 23.99 -5.18 8.44
CA GLU A 103 25.17 -5.25 9.30
C GLU A 103 25.84 -6.62 9.18
N ASP A 104 25.04 -7.65 8.95
CA ASP A 104 25.53 -9.02 8.92
C ASP A 104 26.13 -9.36 7.57
N GLY A 105 26.21 -8.36 6.69
CA GLY A 105 26.95 -8.49 5.45
C GLY A 105 26.01 -8.87 4.30
N SER A 106 24.79 -9.25 4.64
CA SER A 106 23.80 -9.64 3.65
C SER A 106 23.26 -8.43 2.90
N THR A 107 22.64 -8.67 1.75
CA THR A 107 22.09 -7.60 0.94
C THR A 107 20.67 -7.92 0.48
N THR A 108 19.87 -6.89 0.25
CA THR A 108 18.60 -7.04 -0.44
C THR A 108 18.28 -5.79 -1.26
N GLY A 109 17.05 -5.73 -1.76
CA GLY A 109 16.62 -4.59 -2.57
C GLY A 109 15.18 -4.77 -3.04
N PHE A 110 14.70 -3.82 -3.84
CA PHE A 110 13.30 -3.77 -4.22
C PHE A 110 13.12 -3.15 -5.60
N LEU A 111 11.97 -3.41 -6.21
CA LEU A 111 11.60 -2.75 -7.45
C LEU A 111 10.08 -2.76 -7.65
N GLN A 112 9.49 -1.56 -7.73
CA GLN A 112 8.05 -1.43 -7.73
C GLN A 112 7.58 -0.36 -8.72
N TYR A 113 6.39 -0.55 -9.27
CA TYR A 113 5.76 0.48 -10.08
C TYR A 113 4.36 0.81 -9.56
N ALA A 114 3.92 2.04 -9.82
CA ALA A 114 2.60 2.48 -9.37
C ALA A 114 1.87 3.25 -10.47
N TYR A 115 0.54 3.19 -10.45
CA TYR A 115 -0.27 3.96 -11.37
C TYR A 115 -1.30 4.79 -10.63
N ASP A 116 -1.19 6.11 -10.73
CA ASP A 116 -1.99 7.01 -9.91
C ASP A 116 -1.94 6.62 -8.44
N GLY A 117 -0.74 6.27 -7.98
CA GLY A 117 -0.49 6.08 -6.55
C GLY A 117 -0.83 4.66 -6.12
N GLN A 118 -1.41 3.88 -7.03
CA GLN A 118 -1.81 2.52 -6.73
C GLN A 118 -0.74 1.52 -7.15
N ASP A 119 -0.51 0.51 -6.31
CA ASP A 119 0.44 -0.55 -6.63
C ASP A 119 0.15 -1.16 -7.99
N PHE A 120 1.17 -1.20 -8.85
CA PHE A 120 1.02 -1.74 -10.19
C PHE A 120 1.75 -3.07 -10.34
N LEU A 121 3.07 -3.03 -10.16
CA LEU A 121 3.89 -4.23 -10.29
C LEU A 121 5.04 -4.22 -9.28
N ILE A 122 5.37 -5.39 -8.76
CA ILE A 122 6.60 -5.57 -7.99
C ILE A 122 7.40 -6.77 -8.50
N PHE A 123 8.70 -6.60 -8.63
CA PHE A 123 9.59 -7.68 -9.05
C PHE A 123 10.16 -8.43 -7.86
N ASN A 124 10.04 -9.76 -7.89
CA ASN A 124 10.63 -10.60 -6.86
C ASN A 124 11.90 -11.28 -7.37
N LYS A 125 13.05 -10.73 -6.99
CA LYS A 125 14.32 -11.18 -7.54
C LYS A 125 14.65 -12.60 -7.08
N ASP A 126 14.00 -13.03 -6.00
CA ASP A 126 14.32 -14.30 -5.36
C ASP A 126 13.53 -15.44 -5.97
N THR A 127 12.35 -15.12 -6.49
CA THR A 127 11.54 -16.09 -7.22
C THR A 127 11.65 -15.88 -8.72
N LEU A 128 12.26 -14.76 -9.12
CA LEU A 128 12.40 -14.41 -10.53
C LEU A 128 11.04 -14.32 -11.20
N SER A 129 10.11 -13.61 -10.56
CA SER A 129 8.76 -13.45 -11.10
C SER A 129 8.19 -12.08 -10.72
N TRP A 130 7.02 -11.77 -11.27
CA TRP A 130 6.39 -10.47 -11.05
C TRP A 130 5.10 -10.62 -10.26
N LEU A 131 4.81 -9.62 -9.42
CA LEU A 131 3.56 -9.59 -8.67
C LEU A 131 2.66 -8.46 -9.14
N ALA A 132 1.36 -8.75 -9.27
CA ALA A 132 0.43 -7.85 -9.92
C ALA A 132 -0.81 -7.62 -9.06
N VAL A 133 -1.52 -6.53 -9.36
CA VAL A 133 -2.73 -6.19 -8.60
C VAL A 133 -3.94 -6.09 -9.52
N ASP A 134 -3.95 -5.07 -10.37
CA ASP A 134 -5.11 -4.76 -11.19
C ASP A 134 -5.02 -5.45 -12.55
N ASN A 135 -6.02 -5.23 -13.39
CA ASN A 135 -6.19 -6.00 -14.61
C ASN A 135 -5.00 -5.81 -15.55
N VAL A 136 -4.55 -4.57 -15.68
CA VAL A 136 -3.44 -4.24 -16.56
C VAL A 136 -2.12 -4.81 -16.04
N ALA A 137 -1.94 -4.73 -14.72
CA ALA A 137 -0.76 -5.30 -14.08
C ALA A 137 -0.65 -6.79 -14.35
N HIS A 138 -1.79 -7.48 -14.33
CA HIS A 138 -1.83 -8.90 -14.65
C HIS A 138 -1.49 -9.14 -16.12
N THR A 139 -2.00 -8.27 -16.99
CA THR A 139 -1.68 -8.34 -18.42
C THR A 139 -0.18 -8.19 -18.66
N ILE A 140 0.43 -7.21 -18.00
CA ILE A 140 1.85 -6.95 -18.17
C ILE A 140 2.69 -8.01 -17.46
N LYS A 141 2.24 -8.42 -16.28
CA LYS A 141 2.91 -9.48 -15.54
C LYS A 141 3.22 -10.68 -16.44
N GLN A 142 2.19 -11.21 -17.08
CA GLN A 142 2.33 -12.39 -17.91
C GLN A 142 3.29 -12.15 -19.07
N ALA A 143 3.18 -10.96 -19.68
CA ALA A 143 4.02 -10.60 -20.81
C ALA A 143 5.49 -10.53 -20.40
N TRP A 144 5.76 -9.92 -19.25
CA TRP A 144 7.13 -9.70 -18.80
C TRP A 144 7.75 -11.00 -18.29
N GLU A 145 6.95 -11.82 -17.64
CA GLU A 145 7.41 -13.12 -17.16
C GLU A 145 7.70 -14.07 -18.32
N ALA A 146 6.88 -14.00 -19.36
CA ALA A 146 7.08 -14.81 -20.54
C ALA A 146 8.42 -14.52 -21.19
N ASN A 147 8.80 -13.24 -21.19
CA ASN A 147 10.06 -12.82 -21.81
C ASN A 147 11.23 -13.04 -20.87
N GLN A 148 11.93 -14.16 -21.04
CA GLN A 148 12.93 -14.59 -20.07
C GLN A 148 14.21 -13.77 -20.21
N HIS A 149 14.27 -12.95 -21.24
CA HIS A 149 15.47 -12.15 -21.53
C HIS A 149 15.63 -11.02 -20.52
N GLU A 150 14.58 -10.76 -19.74
CA GLU A 150 14.64 -9.77 -18.69
C GLU A 150 15.03 -10.39 -17.37
N LEU A 151 15.14 -11.71 -17.34
CA LEU A 151 15.35 -12.44 -16.10
C LEU A 151 16.64 -12.02 -15.42
N LEU A 152 17.75 -12.13 -16.14
CA LEU A 152 19.06 -11.80 -15.59
C LEU A 152 19.23 -10.31 -15.40
N TYR A 153 18.67 -9.53 -16.32
CA TYR A 153 18.73 -8.08 -16.25
C TYR A 153 18.09 -7.56 -14.97
N GLN A 154 16.84 -7.96 -14.75
CA GLN A 154 16.07 -7.44 -13.62
C GLN A 154 16.72 -7.82 -12.29
N LYS A 155 17.22 -9.04 -12.22
CA LYS A 155 17.92 -9.50 -11.02
C LYS A 155 19.15 -8.64 -10.73
N ASN A 156 20.01 -8.49 -11.73
CA ASN A 156 21.22 -7.69 -11.59
C ASN A 156 20.89 -6.23 -11.33
N TRP A 157 19.80 -5.75 -11.94
CA TRP A 157 19.39 -4.37 -11.80
C TRP A 157 19.16 -4.00 -10.33
N LEU A 158 18.53 -4.92 -9.60
CA LEU A 158 18.25 -4.68 -8.18
C LEU A 158 19.50 -4.86 -7.33
N GLU A 159 20.31 -5.86 -7.68
CA GLU A 159 21.43 -6.27 -6.83
C GLU A 159 22.71 -5.56 -7.26
N GLU A 160 23.20 -5.91 -8.45
CA GLU A 160 24.59 -5.63 -8.80
C GLU A 160 24.83 -4.15 -8.97
N GLU A 161 23.92 -3.48 -9.68
CA GLU A 161 24.08 -2.06 -9.99
C GLU A 161 23.93 -1.21 -8.73
N CYS A 162 22.89 -1.48 -7.96
CA CYS A 162 22.56 -0.65 -6.80
C CYS A 162 23.56 -0.85 -5.68
N ILE A 163 23.88 -2.10 -5.38
CA ILE A 163 24.78 -2.43 -4.29
C ILE A 163 26.17 -1.87 -4.54
N ALA A 164 26.65 -1.99 -5.78
CA ALA A 164 27.94 -1.44 -6.17
C ALA A 164 27.98 0.07 -5.92
N TRP A 165 26.90 0.75 -6.29
CA TRP A 165 26.80 2.20 -6.09
C TRP A 165 26.78 2.54 -4.61
N LEU A 166 25.99 1.81 -3.84
CA LEU A 166 25.84 2.07 -2.42
C LEU A 166 27.19 2.00 -1.70
N LYS A 167 27.91 0.91 -1.93
CA LYS A 167 29.20 0.70 -1.28
C LYS A 167 30.19 1.81 -1.63
N ARG A 168 30.16 2.23 -2.89
CA ARG A 168 30.99 3.35 -3.34
C ARG A 168 30.60 4.64 -2.65
N PHE A 169 29.30 4.88 -2.54
CA PHE A 169 28.79 6.08 -1.88
C PHE A 169 29.17 6.11 -0.41
N LEU A 170 29.11 4.94 0.24
CA LEU A 170 29.46 4.85 1.65
C LEU A 170 30.93 5.19 1.88
N GLU A 171 31.78 4.81 0.93
CA GLU A 171 33.19 5.19 0.97
C GLU A 171 33.36 6.68 0.69
N TYR A 172 32.72 7.16 -0.37
CA TYR A 172 32.89 8.54 -0.79
C TYR A 172 32.49 9.51 0.31
N GLY A 173 31.40 9.20 1.00
CA GLY A 173 30.85 10.10 2.01
C GLY A 173 31.21 9.63 3.41
N LYS A 174 32.23 8.79 3.51
CA LYS A 174 32.61 8.16 4.78
C LYS A 174 32.87 9.22 5.85
N ASP A 175 33.22 10.42 5.42
CA ASP A 175 33.62 11.48 6.34
C ASP A 175 32.40 12.20 6.91
N THR A 176 31.24 11.94 6.32
CA THR A 176 30.01 12.61 6.70
C THR A 176 28.94 11.63 7.14
N LEU A 177 29.01 10.41 6.60
CA LEU A 177 27.95 9.43 6.78
C LEU A 177 28.12 8.67 8.10
N GLN A 178 29.15 9.02 8.85
CA GLN A 178 29.35 8.47 10.18
C GLN A 178 28.90 9.45 11.26
N ARG A 179 28.26 10.53 10.84
CA ARG A 179 27.73 11.53 11.77
C ARG A 179 26.70 10.90 12.70
N THR A 180 26.77 11.25 13.98
CA THR A 180 25.76 10.86 14.95
C THR A 180 25.70 11.83 16.11
N GLU A 181 24.50 12.05 16.63
CA GLU A 181 24.30 12.99 17.73
C GLU A 181 23.26 12.48 18.72
N PRO A 182 23.51 12.68 20.00
CA PRO A 182 22.55 12.31 21.04
C PRO A 182 21.38 13.29 21.09
N PRO A 183 20.25 12.83 21.62
CA PRO A 183 19.07 13.68 21.74
C PRO A 183 19.18 14.63 22.91
N LYS A 184 18.43 15.72 22.86
CA LYS A 184 18.03 16.44 24.06
C LYS A 184 16.56 16.23 24.37
N VAL A 185 16.21 16.33 25.65
CA VAL A 185 14.87 15.93 26.11
C VAL A 185 14.23 17.04 26.93
N ARG A 186 12.94 17.25 26.73
CA ARG A 186 12.16 18.15 27.58
C ARG A 186 10.75 17.61 27.78
N VAL A 187 10.33 17.55 29.04
CA VAL A 187 9.01 17.00 29.38
C VAL A 187 8.17 18.02 30.14
N ASN A 188 6.90 18.11 29.78
CA ASN A 188 5.98 19.03 30.45
C ASN A 188 4.57 18.47 30.49
N HIS A 189 3.72 19.08 31.30
CA HIS A 189 2.29 18.78 31.28
C HIS A 189 1.52 19.80 30.46
N LYS A 190 0.42 19.35 29.85
CA LYS A 190 -0.50 20.25 29.18
C LYS A 190 -1.89 19.63 29.07
N GLU A 191 -2.89 20.47 28.81
CA GLU A 191 -4.25 20.00 28.60
C GLU A 191 -4.55 19.85 27.11
N THR A 192 -5.02 18.67 26.73
CA THR A 192 -5.46 18.43 25.36
C THR A 192 -6.95 18.13 25.30
N PHE A 193 -7.54 17.90 26.46
CA PHE A 193 -8.97 17.62 26.55
C PHE A 193 -9.50 17.88 27.96
N PRO A 194 -10.64 18.56 28.04
CA PRO A 194 -11.22 18.92 29.34
C PRO A 194 -11.32 17.70 30.25
N GLY A 195 -10.82 17.85 31.47
CA GLY A 195 -10.91 16.78 32.46
C GLY A 195 -9.76 15.80 32.33
N ILE A 196 -8.91 16.03 31.32
CA ILE A 196 -7.82 15.12 31.02
C ILE A 196 -6.49 15.87 30.94
N THR A 197 -5.44 15.29 31.52
CA THR A 197 -4.11 15.88 31.46
C THR A 197 -3.16 15.03 30.63
N THR A 198 -2.37 15.68 29.79
CA THR A 198 -1.41 14.98 28.95
C THR A 198 0.02 15.19 29.44
N LEU A 199 0.77 14.10 29.51
CA LEU A 199 2.19 14.18 29.85
C LEU A 199 3.07 13.99 28.62
N TYR A 200 3.77 15.05 28.23
CA TYR A 200 4.33 15.15 26.88
C TYR A 200 5.84 15.25 26.92
N CYS A 201 6.50 14.34 26.20
CA CYS A 201 7.96 14.39 26.07
C CYS A 201 8.37 14.79 24.66
N ARG A 202 9.22 15.80 24.56
CA ARG A 202 9.86 16.14 23.30
C ARG A 202 11.32 15.71 23.29
N ALA A 203 11.74 15.11 22.18
CA ALA A 203 13.16 14.84 21.95
C ALA A 203 13.61 15.38 20.60
N TYR A 204 14.77 16.03 20.58
CA TYR A 204 15.24 16.72 19.39
C TYR A 204 16.77 16.67 19.29
N GLY A 205 17.27 16.78 18.06
CA GLY A 205 18.69 17.08 17.85
C GLY A 205 19.52 15.81 17.78
N PHE A 206 18.88 14.70 17.43
CA PHE A 206 19.54 13.41 17.39
C PHE A 206 19.70 12.91 15.96
N TYR A 207 20.71 12.07 15.74
CA TYR A 207 21.00 11.54 14.41
C TYR A 207 21.90 10.32 14.49
N PRO A 208 21.67 9.37 13.59
CA PRO A 208 20.40 9.27 12.88
C PRO A 208 19.25 9.03 13.85
N PRO A 209 18.03 8.97 13.32
CA PRO A 209 16.83 8.85 14.13
C PRO A 209 16.63 7.42 14.60
N GLU A 210 17.56 6.92 15.41
CA GLU A 210 17.39 5.64 16.08
C GLU A 210 17.01 5.82 17.55
N ILE A 211 15.75 6.14 17.80
CA ILE A 211 15.34 6.67 19.09
C ILE A 211 14.05 6.02 19.56
N SER A 212 13.94 5.80 20.87
CA SER A 212 12.71 5.29 21.46
C SER A 212 12.41 5.99 22.79
N ILE A 213 11.15 6.31 23.01
CA ILE A 213 10.72 6.95 24.25
C ILE A 213 9.62 6.13 24.93
N ASN A 214 9.76 5.95 26.23
CA ASN A 214 8.79 5.17 27.01
C ASN A 214 8.58 5.76 28.39
N TRP A 215 7.61 5.23 29.12
CA TRP A 215 7.24 5.77 30.42
C TRP A 215 7.09 4.66 31.46
N MET A 216 7.39 4.97 32.71
CA MET A 216 7.09 4.08 33.83
C MET A 216 6.17 4.75 34.83
N LYS A 217 5.26 3.97 35.40
CA LYS A 217 4.35 4.48 36.43
C LYS A 217 4.65 3.87 37.79
N ASN A 218 5.16 4.69 38.71
CA ASN A 218 5.55 4.23 40.03
C ASN A 218 6.50 3.04 39.94
N GLY A 219 7.36 3.05 38.94
CA GLY A 219 8.39 2.03 38.79
C GLY A 219 7.89 0.84 37.98
N GLU A 220 6.60 0.85 37.67
CA GLU A 220 5.99 -0.20 36.86
C GLU A 220 5.67 0.28 35.46
N GLU A 221 5.64 -0.64 34.51
CA GLU A 221 5.27 -0.32 33.14
C GLU A 221 3.85 0.25 33.07
N ILE A 222 3.68 1.31 32.30
CA ILE A 222 2.38 1.96 32.14
C ILE A 222 1.35 1.00 31.55
N PHE A 223 0.08 1.25 31.85
CA PHE A 223 -0.98 0.33 31.47
C PHE A 223 -1.91 0.97 30.45
N GLN A 224 -1.89 2.29 30.37
CA GLN A 224 -2.77 3.03 29.49
C GLN A 224 -2.16 3.20 28.11
N ASP A 225 -2.97 3.67 27.16
CA ASP A 225 -2.50 3.88 25.79
C ASP A 225 -1.41 4.94 25.73
N THR A 226 -0.65 4.95 24.64
CA THR A 226 0.46 5.87 24.49
C THR A 226 0.47 6.51 23.11
N ASP A 227 0.67 7.82 23.06
CA ASP A 227 0.67 8.55 21.80
C ASP A 227 2.08 8.66 21.23
N TYR A 228 2.29 8.06 20.05
CA TYR A 228 3.61 8.05 19.43
C TYR A 228 3.66 8.97 18.23
N GLY A 229 4.65 9.87 18.23
CA GLY A 229 4.88 10.74 17.08
C GLY A 229 5.76 10.06 16.04
N GLY A 230 6.07 10.79 14.97
CA GLY A 230 6.94 10.28 13.92
C GLY A 230 8.34 10.88 14.02
N ILE A 231 9.08 10.81 12.92
CA ILE A 231 10.42 11.39 12.87
C ILE A 231 10.42 12.69 12.08
N LEU A 232 10.71 13.80 12.76
CA LEU A 232 10.49 15.12 12.19
C LEU A 232 11.82 15.85 11.99
N PRO A 233 12.17 16.09 10.73
CA PRO A 233 13.43 16.75 10.40
C PRO A 233 13.54 18.10 11.10
N SER A 234 14.73 18.39 11.62
CA SER A 234 15.00 19.68 12.25
C SER A 234 15.51 20.69 11.23
N GLY A 235 16.09 20.19 10.15
CA GLY A 235 16.70 21.05 9.14
C GLY A 235 18.17 21.30 9.43
N ASP A 236 18.62 20.85 10.61
CA ASP A 236 20.00 21.04 11.02
C ASP A 236 20.81 19.76 10.84
N GLY A 237 20.25 18.82 10.08
CA GLY A 237 20.91 17.54 9.84
C GLY A 237 20.46 16.49 10.85
N THR A 238 19.63 16.91 11.80
CA THR A 238 19.11 16.01 12.81
C THR A 238 17.59 15.94 12.77
N TYR A 239 17.01 15.11 13.63
CA TYR A 239 15.58 14.85 13.61
C TYR A 239 14.96 15.08 14.98
N GLN A 240 13.63 15.11 15.02
CA GLN A 240 12.90 15.19 16.28
C GLN A 240 11.89 14.06 16.41
N THR A 241 11.50 13.75 17.64
CA THR A 241 10.32 12.93 17.89
C THR A 241 9.66 13.33 19.21
N TRP A 242 8.59 12.62 19.55
CA TRP A 242 7.89 12.87 20.81
C TRP A 242 6.99 11.69 21.18
N VAL A 243 6.81 11.47 22.48
CA VAL A 243 5.81 10.53 22.96
C VAL A 243 5.11 11.06 24.20
N SER A 244 3.80 10.83 24.29
CA SER A 244 3.01 11.31 25.42
C SER A 244 2.03 10.25 25.90
N VAL A 245 1.61 10.37 27.15
CA VAL A 245 0.59 9.47 27.71
C VAL A 245 -0.58 10.25 28.30
N GLU A 246 -1.74 9.63 28.32
CA GLU A 246 -2.93 10.24 28.89
C GLU A 246 -3.03 9.99 30.39
N LEU A 247 -3.27 11.04 31.15
CA LEU A 247 -3.43 10.93 32.60
C LEU A 247 -4.88 11.18 33.01
N ASP A 248 -5.36 10.39 33.97
CA ASP A 248 -6.64 10.68 34.61
C ASP A 248 -6.56 11.94 35.45
N PRO A 249 -7.70 12.60 35.64
CA PRO A 249 -7.77 13.78 36.47
C PRO A 249 -7.45 13.46 37.92
N GLN A 250 -7.56 12.17 38.28
CA GLN A 250 -7.27 11.71 39.63
C GLN A 250 -5.90 11.08 39.71
N ASN A 251 -5.12 11.21 38.63
CA ASN A 251 -3.84 10.54 38.53
C ASN A 251 -2.77 11.26 39.34
N GLY A 252 -2.65 10.87 40.61
CA GLY A 252 -1.68 11.49 41.51
C GLY A 252 -0.41 10.64 41.60
N ASP A 253 -0.14 9.87 40.54
CA ASP A 253 0.98 8.94 40.55
C ASP A 253 2.24 9.59 40.00
N ILE A 254 3.37 8.94 40.22
CA ILE A 254 4.66 9.46 39.78
C ILE A 254 5.13 8.76 38.51
N TYR A 255 5.47 9.55 37.49
CA TYR A 255 5.93 8.99 36.22
C TYR A 255 7.41 9.29 36.00
N SER A 256 8.10 8.37 35.33
CA SER A 256 9.46 8.63 34.88
C SER A 256 9.56 8.52 33.37
N CYS A 257 10.37 9.39 32.76
CA CYS A 257 10.51 9.43 31.31
C CYS A 257 11.82 8.79 30.87
N HIS A 258 11.71 7.79 29.99
CA HIS A 258 12.90 7.11 29.47
C HIS A 258 13.13 7.45 28.01
N VAL A 259 14.30 8.02 27.72
CA VAL A 259 14.68 8.35 26.35
C VAL A 259 15.99 7.69 25.96
N GLU A 260 15.94 6.86 24.92
CA GLU A 260 17.10 6.07 24.52
C GLU A 260 17.45 6.32 23.06
N HIS A 261 18.72 6.59 22.79
CA HIS A 261 19.20 6.73 21.42
C HIS A 261 20.72 6.61 21.37
N GLY A 262 21.21 5.77 20.47
CA GLY A 262 22.63 5.72 20.16
C GLY A 262 23.42 5.10 21.32
N GLY A 263 22.71 4.40 22.19
CA GLY A 263 23.33 3.82 23.38
C GLY A 263 23.18 4.73 24.59
N VAL A 264 22.76 5.97 24.34
CA VAL A 264 22.54 6.93 25.41
C VAL A 264 21.15 6.76 26.03
N HIS A 265 21.11 6.63 27.35
CA HIS A 265 19.86 6.41 28.05
C HIS A 265 19.65 7.43 29.16
N MET A 266 18.65 8.29 28.97
CA MET A 266 18.32 9.30 29.97
C MET A 266 17.03 8.96 30.69
N VAL A 267 17.05 9.09 32.02
CA VAL A 267 15.85 8.84 32.82
C VAL A 267 15.53 10.03 33.72
N LEU A 268 14.37 10.64 33.49
CA LEU A 268 13.99 11.84 34.21
C LEU A 268 13.25 11.50 35.51
N GLN A 269 13.74 12.04 36.61
CA GLN A 269 13.23 11.66 37.93
C GLN A 269 12.06 12.54 38.35
N GLY A 270 11.68 13.47 37.47
CA GLY A 270 10.60 14.40 37.77
C GLY A 270 10.45 15.43 36.66
N PHE A 271 9.36 16.19 36.71
CA PHE A 271 9.02 17.13 35.64
C PHE A 271 8.57 18.47 36.21
N GLN B 3 -4.78 11.36 -5.82
CA GLN B 3 -4.57 12.33 -4.75
C GLN B 3 -4.10 11.64 -3.47
N ARG B 4 -3.07 12.22 -2.85
CA ARG B 4 -2.73 11.88 -1.46
C ARG B 4 -2.66 13.12 -0.60
N PRO B 5 -3.71 13.35 0.19
CA PRO B 5 -3.77 14.51 1.07
C PRO B 5 -2.56 14.58 1.98
N PRO B 6 -1.96 15.75 2.06
CA PRO B 6 -0.78 15.95 2.89
C PRO B 6 -1.08 15.66 4.36
N LYS B 7 -0.09 15.14 5.07
CA LYS B 7 -0.12 15.11 6.52
C LYS B 7 0.89 16.09 7.12
N ILE B 8 0.48 16.79 8.18
CA ILE B 8 1.17 18.00 8.59
C ILE B 8 1.41 18.01 10.10
N GLN B 9 2.64 18.36 10.49
CA GLN B 9 2.94 18.66 11.88
C GLN B 9 3.78 19.93 12.00
N VAL B 10 3.59 20.66 13.09
CA VAL B 10 4.33 21.89 13.32
C VAL B 10 5.08 21.85 14.65
N TYR B 11 6.32 22.33 14.63
CA TYR B 11 7.20 22.21 15.78
C TYR B 11 8.35 23.23 15.71
N SER B 12 8.91 23.55 16.87
CA SER B 12 10.09 24.39 16.93
C SER B 12 11.36 23.58 16.72
N ARG B 13 12.46 24.26 16.44
CA ARG B 13 13.78 23.63 16.44
C ARG B 13 14.34 23.54 17.85
N HIS B 14 14.16 24.60 18.63
CA HIS B 14 14.47 24.56 20.05
C HIS B 14 13.30 25.11 20.89
N PRO B 15 13.20 24.65 22.13
CA PRO B 15 12.14 25.08 23.02
C PRO B 15 12.01 26.60 23.04
N PRO B 16 10.88 27.10 22.57
CA PRO B 16 10.63 28.54 22.57
C PRO B 16 10.65 29.12 23.97
N GLU B 17 11.10 30.36 24.09
CA GLU B 17 11.02 31.09 25.35
C GLU B 17 10.98 32.60 25.10
N ASP B 18 10.13 33.29 25.86
CA ASP B 18 9.95 34.73 25.69
C ASP B 18 11.29 35.45 25.72
N GLY B 19 11.52 36.28 24.69
CA GLY B 19 12.71 37.13 24.66
C GLY B 19 13.90 36.39 24.05
N LYS B 20 13.66 35.16 23.62
CA LYS B 20 14.72 34.33 23.03
C LYS B 20 14.33 33.86 21.64
N PRO B 21 14.78 34.58 20.62
CA PRO B 21 14.42 34.29 19.24
C PRO B 21 14.72 32.84 18.90
N ASN B 22 13.91 32.26 18.02
CA ASN B 22 13.98 30.83 17.73
C ASN B 22 13.56 30.53 16.30
N TYR B 23 13.50 29.26 15.95
CA TYR B 23 13.16 28.83 14.60
C TYR B 23 11.94 27.91 14.59
N LEU B 24 11.09 28.08 13.59
CA LEU B 24 9.85 27.32 13.52
C LEU B 24 9.84 26.40 12.29
N ASN B 25 9.60 25.11 12.52
CA ASN B 25 9.55 24.15 11.43
C ASN B 25 8.12 23.70 11.18
N CYS B 26 7.86 23.26 9.95
CA CYS B 26 6.67 22.45 9.66
C CYS B 26 7.02 21.30 8.72
N TYR B 27 6.61 20.09 9.11
CA TYR B 27 6.88 18.90 8.30
C TYR B 27 5.63 18.42 7.58
N VAL B 28 5.67 18.45 6.26
CA VAL B 28 4.57 17.94 5.44
C VAL B 28 4.97 16.70 4.68
N TYR B 29 4.23 15.61 4.86
CA TYR B 29 4.64 14.30 4.39
C TYR B 29 3.46 13.51 3.84
N GLY B 30 3.73 12.59 2.93
CA GLY B 30 2.72 11.64 2.47
C GLY B 30 1.79 12.29 1.46
N PHE B 31 2.31 13.26 0.71
CA PHE B 31 1.49 14.05 -0.20
C PHE B 31 1.80 13.70 -1.65
N HIS B 32 0.81 13.88 -2.53
CA HIS B 32 0.99 13.60 -3.95
C HIS B 32 -0.20 14.09 -4.76
N PRO B 33 0.08 14.85 -5.81
CA PRO B 33 1.43 15.01 -6.31
C PRO B 33 2.18 16.09 -5.53
N PRO B 34 3.48 16.20 -5.80
CA PRO B 34 4.33 17.16 -5.09
C PRO B 34 4.07 18.58 -5.58
N GLN B 35 2.93 19.13 -5.20
CA GLN B 35 2.61 20.51 -5.52
C GLN B 35 2.24 21.30 -4.26
N ILE B 36 3.18 21.37 -3.32
CA ILE B 36 2.88 21.85 -1.98
C ILE B 36 3.58 23.17 -1.70
N GLU B 37 2.84 24.11 -1.10
CA GLU B 37 3.43 25.33 -0.59
C GLU B 37 3.08 25.56 0.87
N ILE B 38 4.12 25.67 1.71
CA ILE B 38 3.91 25.76 3.15
C ILE B 38 4.05 27.20 3.63
N ASP B 39 3.01 27.69 4.30
CA ASP B 39 3.03 29.03 4.88
C ASP B 39 3.00 28.98 6.40
N LEU B 40 4.05 29.50 7.03
CA LEU B 40 4.07 29.66 8.48
C LEU B 40 3.66 31.07 8.87
N LEU B 41 2.79 31.17 9.88
CA LEU B 41 2.15 32.44 10.22
C LEU B 41 2.27 32.73 11.72
N LYS B 42 2.26 34.01 12.05
CA LYS B 42 2.10 34.43 13.45
C LYS B 42 0.85 35.29 13.62
N ASN B 43 -0.05 34.85 14.50
CA ASN B 43 -1.33 35.51 14.69
C ASN B 43 -2.06 35.70 13.36
N GLY B 44 -1.90 34.73 12.46
CA GLY B 44 -2.65 34.72 11.22
C GLY B 44 -1.90 35.46 10.11
N GLU B 45 -0.81 36.11 10.48
CA GLU B 45 -0.02 36.89 9.53
C GLU B 45 1.21 36.10 9.08
N LYS B 46 1.43 36.05 7.77
CA LYS B 46 2.57 35.35 7.21
C LYS B 46 3.89 35.94 7.70
N ILE B 47 4.83 35.08 8.04
CA ILE B 47 6.15 35.52 8.48
C ILE B 47 7.23 35.01 7.52
N LYS B 48 8.42 35.61 7.61
CA LYS B 48 9.54 35.20 6.78
C LYS B 48 9.80 33.70 6.91
N SER B 49 9.83 33.01 5.77
CA SER B 49 9.92 31.56 5.75
C SER B 49 10.69 31.07 4.54
N GLU B 50 11.19 29.84 4.61
CA GLU B 50 11.83 29.20 3.47
C GLU B 50 11.32 27.77 3.28
N GLN B 51 11.38 27.29 2.05
CA GLN B 51 10.92 25.95 1.73
C GLN B 51 12.00 25.13 1.04
N SER B 52 12.20 23.90 1.51
CA SER B 52 13.31 23.08 1.05
C SER B 52 12.87 22.11 -0.05
N ASP B 53 13.74 21.17 -0.39
CA ASP B 53 13.49 20.26 -1.49
C ASP B 53 12.34 19.32 -1.19
N LEU B 54 11.68 18.83 -2.24
CA LEU B 54 10.66 17.81 -2.10
C LEU B 54 11.22 16.42 -2.37
N SER B 55 11.24 15.58 -1.34
CA SER B 55 11.95 14.30 -1.40
C SER B 55 10.98 13.16 -1.61
N PHE B 56 11.47 12.06 -2.21
CA PHE B 56 10.65 10.90 -2.49
C PHE B 56 10.46 10.04 -1.24
N SER B 57 9.31 9.38 -1.16
CA SER B 57 9.13 8.29 -0.21
C SER B 57 9.02 6.95 -0.93
N LYS B 58 9.15 5.87 -0.16
CA LYS B 58 8.89 4.53 -0.68
C LYS B 58 7.40 4.27 -0.87
N ASP B 59 6.59 5.09 -0.21
CA ASP B 59 5.14 4.89 -0.21
C ASP B 59 4.47 5.76 -1.27
N TRP B 60 5.14 5.95 -2.39
CA TRP B 60 4.54 6.60 -3.55
C TRP B 60 4.28 8.08 -3.29
N SER B 61 4.80 8.56 -2.17
CA SER B 61 4.52 9.93 -1.74
C SER B 61 5.81 10.74 -1.62
N PHE B 62 5.68 12.00 -1.22
CA PHE B 62 6.83 12.89 -1.08
C PHE B 62 6.95 13.41 0.34
N TYR B 63 8.14 13.85 0.71
CA TYR B 63 8.34 14.63 1.92
C TYR B 63 8.69 16.08 1.62
N LEU B 64 8.36 16.97 2.55
CA LEU B 64 8.73 18.37 2.43
C LEU B 64 8.93 19.01 3.78
N LEU B 65 10.05 19.71 3.95
CA LEU B 65 10.29 20.51 5.15
C LEU B 65 10.29 22.00 4.82
N SER B 66 9.64 22.78 5.68
CA SER B 66 9.74 24.24 5.60
C SER B 66 9.91 24.85 6.99
N HIS B 67 10.58 26.00 7.04
CA HIS B 67 10.91 26.63 8.31
C HIS B 67 10.75 28.14 8.24
N ALA B 68 10.70 28.79 9.40
CA ALA B 68 10.58 30.24 9.46
C ALA B 68 11.29 30.79 10.69
N GLU B 69 11.54 32.09 10.69
CA GLU B 69 12.12 32.77 11.85
C GLU B 69 11.05 33.54 12.62
N PHE B 70 11.12 33.47 13.95
CA PHE B 70 10.18 34.19 14.79
C PHE B 70 10.78 34.47 16.17
N THR B 71 10.16 35.38 16.91
CA THR B 71 10.48 35.57 18.32
C THR B 71 9.36 35.04 19.21
N PRO B 72 9.68 34.04 20.02
CA PRO B 72 8.70 33.43 20.91
C PRO B 72 8.01 34.48 21.77
N ASN B 73 6.72 34.29 21.99
CA ASN B 73 5.95 35.19 22.86
C ASN B 73 4.71 34.50 23.40
N SER B 74 4.68 34.26 24.70
CA SER B 74 3.62 33.49 25.33
C SER B 74 2.27 34.17 25.14
N LYS B 75 2.30 35.44 24.73
CA LYS B 75 1.08 36.21 24.55
C LYS B 75 0.51 36.00 23.14
N ASP B 76 1.34 35.48 22.25
CA ASP B 76 0.98 35.35 20.84
C ASP B 76 0.59 33.92 20.50
N GLN B 77 -0.08 33.75 19.37
CA GLN B 77 -0.43 32.42 18.88
C GLN B 77 0.18 32.15 17.52
N TYR B 78 0.51 30.89 17.26
CA TYR B 78 1.17 30.50 16.02
C TYR B 78 0.42 29.39 15.31
N SER B 79 0.52 29.36 13.98
CA SER B 79 -0.16 28.35 13.20
C SER B 79 0.52 28.16 11.84
N CYS B 80 0.04 27.17 11.08
CA CYS B 80 0.55 26.93 9.74
C CYS B 80 -0.57 26.56 8.77
N ARG B 81 -0.47 27.04 7.53
CA ARG B 81 -1.37 26.62 6.47
C ARG B 81 -0.60 26.10 5.27
N VAL B 82 -1.05 24.97 4.73
CA VAL B 82 -0.35 24.31 3.64
C VAL B 82 -1.22 24.20 2.40
N LYS B 83 -0.77 24.83 1.31
CA LYS B 83 -1.55 24.84 0.08
C LYS B 83 -1.24 23.64 -0.80
N HIS B 84 -2.26 23.13 -1.47
CA HIS B 84 -2.08 22.01 -2.39
C HIS B 84 -2.94 22.19 -3.64
N VAL B 85 -2.30 22.20 -4.80
CA VAL B 85 -2.98 22.53 -6.05
C VAL B 85 -4.24 21.70 -6.21
N THR B 86 -4.17 20.44 -5.81
CA THR B 86 -5.21 19.46 -6.14
C THR B 86 -6.27 19.41 -5.05
N LEU B 87 -6.14 20.27 -4.05
CA LEU B 87 -7.15 20.39 -3.00
C LEU B 87 -7.94 21.67 -3.14
N GLU B 88 -9.24 21.59 -2.83
CA GLU B 88 -10.12 22.75 -2.88
C GLU B 88 -9.69 23.81 -1.87
N GLN B 89 -9.19 23.35 -0.72
CA GLN B 89 -8.85 24.24 0.38
C GLN B 89 -7.57 23.81 1.06
N PRO B 90 -6.70 24.78 1.33
CA PRO B 90 -5.47 24.53 2.07
C PRO B 90 -5.78 23.89 3.43
N ARG B 91 -4.84 23.09 3.93
CA ARG B 91 -4.99 22.47 5.24
C ARG B 91 -4.56 23.43 6.35
N ILE B 92 -5.31 23.42 7.45
CA ILE B 92 -5.06 24.32 8.57
C ILE B 92 -4.68 23.55 9.82
N VAL B 93 -3.47 23.81 10.33
CA VAL B 93 -2.97 23.10 11.50
C VAL B 93 -2.54 24.06 12.59
N LYS B 94 -2.84 23.73 13.83
CA LYS B 94 -2.53 24.59 14.96
C LYS B 94 -1.29 24.11 15.71
N TRP B 95 -0.46 25.04 16.14
CA TRP B 95 0.74 24.71 16.91
C TRP B 95 0.61 25.18 18.36
N ASP B 96 0.99 24.31 19.29
CA ASP B 96 0.85 24.60 20.71
C ASP B 96 2.10 25.29 21.25
N ARG B 97 2.97 25.74 20.35
CA ARG B 97 4.07 26.61 20.71
C ARG B 97 5.10 25.86 21.55
N ASP B 98 4.94 24.55 21.65
CA ASP B 98 5.91 23.71 22.35
C ASP B 98 6.20 24.25 23.74
N LEU B 99 5.17 24.76 24.40
CA LEU B 99 5.30 25.28 25.75
C LEU B 99 4.80 24.28 26.79
N PRO C 2 -15.95 -25.57 2.21
CA PRO C 2 -17.07 -26.48 2.04
C PRO C 2 -16.68 -27.91 2.37
N HIS C 3 -17.54 -28.59 3.11
CA HIS C 3 -17.45 -30.04 3.26
C HIS C 3 -17.51 -30.74 1.91
N PRO C 4 -16.70 -31.78 1.75
CA PRO C 4 -16.70 -32.57 0.53
C PRO C 4 -18.12 -32.96 0.12
N ALA C 5 -18.39 -32.96 -1.18
CA ALA C 5 -19.75 -33.15 -1.68
C ALA C 5 -20.16 -34.61 -1.57
N GLU C 6 -20.46 -35.05 -0.35
CA GLU C 6 -20.91 -36.41 -0.11
C GLU C 6 -22.42 -36.47 0.04
N GLY C 7 -23.07 -35.33 -0.17
CA GLY C 7 -24.52 -35.24 -0.05
C GLY C 7 -25.20 -35.41 -1.40
N GLN C 8 -26.40 -34.85 -1.54
CA GLN C 8 -27.17 -34.94 -2.77
C GLN C 8 -26.80 -33.82 -3.73
N TRP C 9 -26.38 -34.20 -4.94
CA TRP C 9 -25.96 -33.22 -5.94
C TRP C 9 -26.08 -33.80 -7.35
N ARG C 10 -26.11 -32.91 -8.33
CA ARG C 10 -26.03 -33.32 -9.73
C ARG C 10 -25.10 -32.42 -10.53
N ALA C 11 -24.25 -33.02 -11.34
CA ALA C 11 -23.33 -32.28 -12.20
C ALA C 11 -24.07 -31.63 -13.36
N VAL C 12 -23.75 -30.37 -13.64
CA VAL C 12 -24.34 -29.65 -14.76
C VAL C 12 -23.26 -29.08 -15.67
N ASP C 13 -23.65 -28.73 -16.89
CA ASP C 13 -22.70 -28.33 -17.92
C ASP C 13 -22.77 -26.83 -18.16
N VAL C 14 -21.65 -26.14 -17.91
CA VAL C 14 -21.60 -24.69 -18.01
C VAL C 14 -20.71 -24.25 -19.16
N VAL C 15 -21.12 -23.18 -19.84
CA VAL C 15 -20.31 -22.60 -20.90
C VAL C 15 -20.06 -21.12 -20.68
N LEU C 16 -18.79 -20.74 -20.61
CA LEU C 16 -18.41 -19.35 -20.38
C LEU C 16 -17.67 -18.77 -21.57
N ASP C 17 -17.93 -17.50 -21.87
CA ASP C 17 -17.22 -16.80 -22.94
C ASP C 17 -15.73 -16.74 -22.67
N CYS C 18 -14.93 -17.17 -23.64
CA CYS C 18 -13.50 -17.32 -23.46
C CYS C 18 -12.74 -16.21 -24.19
N PHE C 19 -11.94 -15.46 -23.45
CA PHE C 19 -11.15 -14.37 -24.03
C PHE C 19 -9.86 -14.89 -24.64
N LEU C 20 -9.34 -14.16 -25.62
CA LEU C 20 -8.02 -14.45 -26.17
C LEU C 20 -7.27 -13.16 -26.51
N VAL C 21 -6.04 -13.07 -26.04
CA VAL C 21 -5.18 -11.92 -26.37
C VAL C 21 -4.88 -11.86 -27.85
N LYS C 22 -4.95 -10.66 -28.42
CA LYS C 22 -4.49 -10.43 -29.78
C LYS C 22 -2.99 -10.24 -29.84
N ASP C 23 -2.26 -11.33 -29.66
CA ASP C 23 -0.79 -11.28 -29.60
C ASP C 23 -0.20 -10.96 -30.96
N GLY C 24 0.39 -9.77 -31.09
CA GLY C 24 0.88 -9.29 -32.37
C GLY C 24 -0.08 -8.28 -32.99
N ALA C 25 -1.26 -8.14 -32.39
CA ALA C 25 -2.26 -7.20 -32.87
C ALA C 25 -3.02 -6.57 -31.71
N HIS C 26 -2.29 -6.22 -30.65
CA HIS C 26 -2.91 -5.72 -29.42
C HIS C 26 -3.15 -4.21 -29.50
N ARG C 27 -4.12 -3.74 -28.73
CA ARG C 27 -4.39 -2.31 -28.63
C ARG C 27 -3.19 -1.56 -28.09
N GLY C 28 -2.46 -2.19 -27.19
CA GLY C 28 -1.33 -1.54 -26.53
C GLY C 28 0.00 -1.97 -27.16
N ALA C 29 1.06 -1.96 -26.35
CA ALA C 29 2.40 -2.22 -26.85
C ALA C 29 2.88 -3.60 -26.45
CAC 3X9 C 30 7.33 -10.71 -24.84
CAS 3X9 C 30 6.78 -10.10 -26.16
CAD 3X9 C 30 7.76 -9.06 -26.76
NAQ 3X9 C 30 6.69 -11.21 -27.15
OAH 3X9 C 30 7.71 -11.87 -27.53
CAR 3X9 C 30 5.35 -11.41 -27.79
CAA 3X9 C 30 4.93 -12.87 -27.53
CAB 3X9 C 30 5.42 -11.04 -29.27
CAI 3X9 C 30 4.59 -10.41 -26.98
CAO 3X9 C 30 5.29 -9.74 -26.07
CAJ 3X9 C 30 4.75 -8.73 -25.08
SAL 3X9 C 30 5.92 -7.40 -24.64
N 3X9 C 30 2.58 -4.00 -25.22
CA 3X9 C 30 3.07 -5.26 -24.67
CB 3X9 C 30 4.32 -4.94 -23.81
SG 3X9 C 30 5.23 -6.33 -23.06
C 3X9 C 30 2.04 -5.89 -23.75
O 3X9 C 30 1.70 -5.31 -22.71
H1 3X9 C 30 8.35 -11.11 -25.02
H2 3X9 C 30 7.39 -9.93 -24.06
H3 3X9 C 30 6.67 -11.53 -24.47
H4 3X9 C 30 8.70 -9.55 -27.09
H5 3X9 C 30 7.30 -8.55 -27.64
H6 3X9 C 30 8.05 -8.31 -26.01
H7 3X9 C 30 5.65 -13.57 -28.02
H8 3X9 C 30 4.87 -13.09 -26.45
H9 3X9 C 30 3.93 -13.03 -27.99
H10 3X9 C 30 6.12 -11.72 -29.81
H11 3X9 C 30 4.41 -11.16 -29.73
H12 3X9 C 30 5.75 -9.99 -29.43
H13 3X9 C 30 3.51 -10.35 -27.21
H16 3X9 C 30 4.47 -9.28 -24.16
H17 3X9 C 30 3.81 -8.27 -25.46
H 3X9 C 30 2.07 -3.41 -24.59
HA 3X9 C 30 3.30 -5.96 -25.46
HB2 3X9 C 30 5.04 -4.41 -24.47
HB3 3X9 C 30 4.04 -4.22 -23.01
N ALA C 31 1.56 -7.07 -24.12
CA ALA C 31 0.48 -7.72 -23.39
C ALA C 31 0.44 -9.22 -23.67
N SER C 32 -0.06 -9.98 -22.71
CA SER C 32 -0.46 -11.36 -22.95
C SER C 32 -1.89 -11.61 -22.52
N SER C 33 -2.70 -10.56 -22.53
CA SER C 33 -4.10 -10.68 -22.14
C SER C 33 -4.94 -9.58 -22.79
N GLU C 34 -6.18 -9.91 -23.15
CA GLU C 34 -7.11 -8.94 -23.70
C GLU C 34 -8.55 -9.40 -23.53
N ASP C 35 -9.42 -8.46 -23.20
CA ASP C 35 -10.82 -8.78 -22.89
C ASP C 35 -11.65 -8.86 -24.17
N ARG C 36 -11.35 -9.85 -24.99
CA ARG C 36 -12.10 -10.06 -26.24
C ARG C 36 -12.35 -11.54 -26.48
N ALA C 37 -13.62 -11.90 -26.64
CA ALA C 37 -14.02 -13.29 -26.77
C ALA C 37 -13.71 -13.83 -28.16
N ARG C 38 -13.29 -15.09 -28.22
CA ARG C 38 -13.18 -15.80 -29.50
C ARG C 38 -13.89 -17.14 -29.45
N ALA C 39 -14.10 -17.65 -28.24
CA ALA C 39 -14.66 -18.98 -28.05
C ALA C 39 -15.30 -19.13 -26.68
N SER C 40 -15.54 -20.37 -26.27
CA SER C 40 -16.01 -20.65 -24.92
C SER C 40 -15.26 -21.83 -24.32
N LEU C 41 -15.31 -21.94 -22.99
CA LEU C 41 -14.80 -23.13 -22.30
C LEU C 41 -15.94 -23.96 -21.73
N VAL C 42 -15.72 -25.27 -21.66
CA VAL C 42 -16.60 -26.15 -20.91
C VAL C 42 -16.25 -26.13 -19.42
N LEU C 43 -17.26 -25.91 -18.58
CA LEU C 43 -17.08 -25.95 -17.15
C LEU C 43 -18.00 -26.98 -16.51
N LYS C 44 -17.55 -27.57 -15.40
CA LYS C 44 -18.40 -28.44 -14.59
C LYS C 44 -18.81 -27.76 -13.29
N GLN C 45 -20.05 -27.97 -12.88
CA GLN C 45 -20.50 -27.55 -11.56
C GLN C 45 -21.30 -28.65 -10.87
N VAL C 46 -21.08 -28.81 -9.57
CA VAL C 46 -21.74 -29.86 -8.81
C VAL C 46 -22.34 -29.31 -7.52
N PRO C 47 -23.39 -28.52 -7.66
CA PRO C 47 -24.03 -27.86 -6.53
C PRO C 47 -24.83 -28.85 -5.70
N VAL C 48 -25.02 -28.53 -4.43
CA VAL C 48 -25.91 -29.31 -3.56
C VAL C 48 -27.37 -28.93 -3.79
N LEU C 49 -28.21 -29.94 -4.01
CA LEU C 49 -29.60 -29.69 -4.36
C LEU C 49 -30.46 -29.50 -3.11
N ASP C 50 -31.34 -28.51 -3.15
CA ASP C 50 -32.30 -28.30 -2.07
C ASP C 50 -33.66 -28.90 -2.42
N ASP C 51 -34.02 -28.83 -3.70
CA ASP C 51 -35.35 -29.25 -4.14
C ASP C 51 -35.28 -30.55 -4.93
N GLY C 52 -34.43 -30.56 -5.95
CA GLY C 52 -34.37 -31.69 -6.88
C GLY C 52 -35.57 -31.69 -7.82
N SER C 53 -36.12 -30.51 -8.07
CA SER C 53 -37.35 -30.38 -8.85
C SER C 53 -37.16 -30.89 -10.26
N LEU C 54 -35.92 -30.88 -10.73
CA LEU C 54 -35.59 -31.36 -12.08
C LEU C 54 -34.93 -32.74 -12.02
N GLU C 55 -34.99 -33.37 -10.86
CA GLU C 55 -34.49 -34.73 -10.71
C GLU C 55 -32.98 -34.80 -10.93
N ASP C 56 -32.57 -34.71 -12.18
CA ASP C 56 -31.17 -34.94 -12.55
C ASP C 56 -30.55 -33.68 -13.14
N PHE C 57 -31.03 -32.52 -12.70
CA PHE C 57 -30.51 -31.25 -13.18
C PHE C 57 -30.86 -30.12 -12.22
N THR C 58 -30.26 -28.94 -12.45
CA THR C 58 -30.63 -27.74 -11.71
C THR C 58 -30.33 -26.48 -12.54
N ASP C 59 -31.11 -25.44 -12.29
CA ASP C 59 -30.85 -24.15 -12.92
C ASP C 59 -30.09 -23.21 -11.96
N PHE C 60 -29.50 -23.80 -10.94
CA PHE C 60 -28.69 -23.03 -9.99
C PHE C 60 -27.71 -22.12 -10.72
N GLN C 61 -27.09 -22.64 -11.77
CA GLN C 61 -26.12 -21.88 -12.54
C GLN C 61 -26.74 -21.37 -13.84
N GLY C 62 -28.03 -21.06 -13.80
CA GLY C 62 -28.77 -20.73 -15.01
C GLY C 62 -28.11 -19.60 -15.78
N GLY C 63 -27.38 -18.75 -15.06
CA GLY C 63 -26.77 -17.58 -15.67
C GLY C 63 -25.61 -17.98 -16.59
N THR C 64 -25.11 -19.19 -16.40
CA THR C 64 -23.91 -19.64 -17.11
C THR C 64 -24.18 -20.94 -17.86
N LEU C 65 -25.23 -21.65 -17.44
CA LEU C 65 -25.58 -22.92 -18.05
C LEU C 65 -25.94 -22.75 -19.52
N ALA C 66 -25.54 -23.73 -20.34
CA ALA C 66 -25.91 -23.74 -21.75
C ALA C 66 -25.88 -25.15 -22.32
N GLN C 67 -26.71 -25.39 -23.32
CA GLN C 67 -26.70 -26.67 -24.04
C GLN C 67 -26.09 -26.52 -25.42
N ASP C 68 -26.04 -25.28 -25.91
CA ASP C 68 -25.60 -25.02 -27.28
C ASP C 68 -24.12 -24.69 -27.33
N ASP C 69 -23.35 -25.54 -28.01
CA ASP C 69 -21.92 -25.33 -28.14
C ASP C 69 -21.61 -24.44 -29.35
N PRO C 70 -20.78 -23.43 -29.13
CA PRO C 70 -20.35 -22.55 -30.22
C PRO C 70 -19.39 -23.27 -31.17
N PRO C 71 -19.12 -22.66 -32.30
CA PRO C 71 -18.23 -23.24 -33.31
C PRO C 71 -16.91 -23.67 -32.68
N ILE C 72 -16.45 -22.89 -31.70
CA ILE C 72 -15.20 -23.19 -31.02
C ILE C 72 -15.39 -23.29 -29.51
N ILE C 73 -15.04 -24.44 -28.95
CA ILE C 73 -15.19 -24.66 -27.52
C ILE C 73 -14.25 -25.76 -27.04
N PHE C 74 -13.62 -25.53 -25.89
CA PHE C 74 -12.59 -26.43 -25.38
C PHE C 74 -13.17 -27.42 -24.37
N GLU C 75 -12.82 -28.68 -24.52
CA GLU C 75 -13.39 -29.74 -23.69
C GLU C 75 -13.09 -29.52 -22.21
N ALA C 76 -11.88 -29.06 -21.93
CA ALA C 76 -11.48 -28.78 -20.56
C ALA C 76 -11.83 -29.94 -19.63
N SER C 77 -11.45 -31.15 -20.02
CA SER C 77 -11.80 -32.35 -19.28
C SER C 77 -11.29 -32.27 -17.84
N VAL C 78 -12.07 -32.84 -16.92
CA VAL C 78 -11.76 -32.72 -15.50
C VAL C 78 -11.22 -34.04 -14.93
N ASP C 79 -9.95 -34.03 -14.57
CA ASP C 79 -9.32 -35.19 -13.93
C ASP C 79 -9.01 -34.92 -12.47
N LEU C 80 -9.61 -33.86 -11.93
CA LEU C 80 -9.32 -33.42 -10.57
C LEU C 80 -10.53 -32.75 -9.95
N VAL C 81 -10.44 -32.46 -8.65
CA VAL C 81 -11.61 -32.17 -7.84
C VAL C 81 -12.05 -30.72 -7.99
N GLN C 82 -13.34 -30.52 -8.28
CA GLN C 82 -13.86 -29.19 -8.55
C GLN C 82 -14.69 -28.68 -7.37
N ILE C 83 -14.78 -29.49 -6.32
CA ILE C 83 -15.85 -29.35 -5.34
C ILE C 83 -15.85 -27.96 -4.71
N PRO C 84 -14.65 -27.46 -4.40
CA PRO C 84 -14.52 -26.16 -3.75
C PRO C 84 -15.16 -25.06 -4.58
N GLN C 85 -15.27 -25.29 -5.88
CA GLN C 85 -15.81 -24.30 -6.80
C GLN C 85 -17.17 -24.73 -7.33
N ALA C 86 -17.72 -25.79 -6.76
CA ALA C 86 -18.91 -26.43 -7.32
C ALA C 86 -20.08 -25.46 -7.35
N GLU C 87 -20.10 -24.52 -6.41
CA GLU C 87 -21.19 -23.55 -6.31
C GLU C 87 -20.68 -22.13 -6.56
N ALA C 88 -19.47 -22.03 -7.11
CA ALA C 88 -18.85 -20.73 -7.34
C ALA C 88 -19.69 -19.87 -8.26
N LEU C 89 -20.28 -20.49 -9.27
CA LEU C 89 -21.05 -19.77 -10.28
C LEU C 89 -22.49 -19.55 -9.80
N LEU C 90 -22.98 -20.46 -8.97
CA LEU C 90 -24.26 -20.27 -8.29
C LEU C 90 -24.24 -19.03 -7.42
N HIS C 91 -23.20 -18.88 -6.62
CA HIS C 91 -23.03 -17.70 -5.78
C HIS C 91 -22.92 -16.44 -6.62
N ALA C 92 -22.24 -16.55 -7.75
CA ALA C 92 -22.14 -15.44 -8.70
C ALA C 92 -23.51 -15.02 -9.21
N ASP C 93 -24.30 -16.00 -9.63
CA ASP C 93 -25.65 -15.74 -10.11
C ASP C 93 -26.52 -15.11 -9.03
N CYS C 94 -26.34 -15.58 -7.79
CA CYS C 94 -27.08 -15.05 -6.65
C CYS C 94 -26.74 -13.58 -6.43
N SER C 95 -25.49 -13.21 -6.65
CA SER C 95 -25.04 -11.84 -6.48
C SER C 95 -25.19 -11.06 -7.78
N GLY C 96 -25.45 -11.76 -8.87
CA GLY C 96 -25.66 -11.12 -10.17
C GLY C 96 -24.34 -10.67 -10.77
N LYS C 97 -23.27 -11.36 -10.42
CA LYS C 97 -21.93 -10.99 -10.87
C LYS C 97 -21.56 -11.70 -12.17
N GLU C 98 -21.28 -10.91 -13.21
CA GLU C 98 -20.93 -11.47 -14.50
C GLU C 98 -19.66 -12.31 -14.41
N VAL C 99 -19.64 -13.43 -15.13
CA VAL C 99 -18.52 -14.35 -15.10
C VAL C 99 -17.89 -14.50 -16.48
N THR C 100 -16.56 -14.42 -16.54
CA THR C 100 -15.83 -14.61 -17.78
C THR C 100 -14.67 -15.58 -17.59
N CYS C 101 -14.06 -15.98 -18.71
CA CYS C 101 -12.88 -16.83 -18.67
C CYS C 101 -11.92 -16.50 -19.81
N GLU C 102 -10.71 -17.02 -19.73
CA GLU C 102 -9.64 -16.64 -20.66
C GLU C 102 -8.67 -17.80 -20.88
N ILE C 103 -8.25 -17.97 -22.13
CA ILE C 103 -7.31 -19.03 -22.48
C ILE C 103 -5.98 -18.45 -22.95
N SER C 104 -4.89 -19.10 -22.57
CA SER C 104 -3.56 -18.70 -23.04
C SER C 104 -2.65 -19.92 -23.19
N ARG C 105 -1.36 -19.67 -23.36
CA ARG C 105 -0.42 -20.71 -23.75
C ARG C 105 0.81 -20.70 -22.85
N TYR C 106 1.46 -21.85 -22.74
CA TYR C 106 2.75 -21.93 -22.06
C TYR C 106 3.90 -21.89 -23.05
N PHE C 107 3.57 -21.79 -24.33
CA PHE C 107 4.57 -21.86 -25.39
C PHE C 107 5.30 -20.53 -25.53
N LEU C 108 6.63 -20.59 -25.57
CA LEU C 108 7.44 -19.41 -25.85
C LEU C 108 8.30 -19.62 -27.10
N GLN C 109 8.37 -18.59 -27.93
CA GLN C 109 9.09 -18.68 -29.20
C GLN C 109 10.40 -17.91 -29.16
N MET C 110 10.38 -16.76 -28.49
CA MET C 110 11.54 -15.89 -28.41
C MET C 110 12.56 -16.44 -27.42
N THR C 111 12.14 -17.40 -26.62
CA THR C 111 13.01 -17.99 -25.60
C THR C 111 12.63 -19.43 -25.31
N GLU C 112 13.25 -20.00 -24.28
CA GLU C 112 13.01 -21.39 -23.92
C GLU C 112 11.64 -21.56 -23.27
N THR C 113 10.83 -22.46 -23.84
CA THR C 113 9.50 -22.74 -23.30
C THR C 113 9.59 -23.30 -21.89
N THR C 114 8.80 -22.73 -20.99
CA THR C 114 8.89 -23.06 -19.57
C THR C 114 8.43 -24.47 -19.31
N VAL C 115 7.64 -25.01 -20.22
CA VAL C 115 7.14 -26.38 -20.10
C VAL C 115 7.79 -27.30 -21.13
N LYS C 116 8.99 -26.93 -21.56
CA LYS C 116 9.74 -27.74 -22.52
C LYS C 116 8.91 -28.01 -23.78
N THR C 117 9.19 -27.25 -24.83
CA THR C 117 8.19 -26.98 -25.86
C THR C 117 7.21 -28.14 -25.99
N ALA C 118 5.96 -27.88 -25.63
CA ALA C 118 4.92 -28.90 -25.74
C ALA C 118 3.54 -28.26 -25.77
N ALA C 119 2.54 -29.02 -26.24
CA ALA C 119 1.18 -28.51 -26.38
C ALA C 119 0.49 -28.40 -25.03
N TRP C 120 0.97 -27.49 -24.19
CA TRP C 120 0.35 -27.24 -22.90
C TRP C 120 -0.22 -25.83 -22.84
N PHE C 121 -1.37 -25.69 -22.20
CA PHE C 121 -2.10 -24.43 -22.19
C PHE C 121 -2.64 -24.11 -20.79
N MET C 122 -3.16 -22.90 -20.63
CA MET C 122 -3.82 -22.52 -19.38
C MET C 122 -5.19 -21.91 -19.65
N ALA C 123 -6.07 -22.00 -18.66
CA ALA C 123 -7.40 -21.39 -18.76
C ALA C 123 -7.86 -20.86 -17.41
N ASN C 124 -8.18 -19.57 -17.37
CA ASN C 124 -8.57 -18.92 -16.13
C ASN C 124 -10.06 -18.61 -16.11
N VAL C 125 -10.68 -18.78 -14.95
CA VAL C 125 -12.08 -18.40 -14.76
C VAL C 125 -12.24 -17.51 -13.53
N GLN C 126 -12.87 -16.36 -13.72
CA GLN C 126 -13.00 -15.37 -12.66
C GLN C 126 -14.40 -14.78 -12.62
N VAL C 127 -14.94 -14.61 -11.42
CA VAL C 127 -16.20 -13.90 -11.23
C VAL C 127 -15.96 -12.41 -11.00
N SER C 128 -16.66 -11.58 -11.77
CA SER C 128 -16.49 -10.13 -11.70
C SER C 128 -16.78 -9.63 -10.29
N GLY C 129 -16.08 -8.56 -9.89
CA GLY C 129 -16.29 -7.96 -8.59
C GLY C 129 -15.32 -8.55 -7.56
N GLY C 130 -14.34 -9.30 -8.04
CA GLY C 130 -13.34 -9.89 -7.17
C GLY C 130 -13.86 -11.17 -6.51
N GLY C 131 -14.71 -11.90 -7.23
CA GLY C 131 -15.32 -13.11 -6.70
C GLY C 131 -14.41 -14.31 -6.88
N PRO C 132 -14.99 -15.50 -6.81
CA PRO C 132 -14.22 -16.74 -6.91
C PRO C 132 -13.33 -16.74 -8.15
N SER C 133 -12.16 -17.34 -8.03
CA SER C 133 -11.18 -17.35 -9.12
C SER C 133 -10.41 -18.66 -9.16
N ILE C 134 -10.20 -19.17 -10.37
CA ILE C 134 -9.46 -20.42 -10.55
C ILE C 134 -8.58 -20.36 -11.79
N SER C 135 -7.38 -20.92 -11.70
CA SER C 135 -6.49 -21.03 -12.84
C SER C 135 -6.23 -22.50 -13.20
N LEU C 136 -6.63 -22.89 -14.40
CA LEU C 136 -6.53 -24.28 -14.82
C LEU C 136 -5.26 -24.53 -15.63
N VAL C 137 -4.60 -25.64 -15.36
CA VAL C 137 -3.46 -26.08 -16.17
C VAL C 137 -3.79 -27.36 -16.92
N MET C 138 -3.73 -27.29 -18.25
CA MET C 138 -4.29 -28.33 -19.10
C MET C 138 -3.34 -28.68 -20.24
N LYS C 139 -3.54 -29.86 -20.82
CA LYS C 139 -2.68 -30.34 -21.90
C LYS C 139 -3.51 -30.70 -23.13
N THR C 140 -2.88 -30.61 -24.30
CA THR C 140 -3.48 -31.11 -25.53
C THR C 140 -2.65 -32.27 -26.11
N PRO C 141 -3.32 -33.37 -26.44
CA PRO C 141 -2.64 -34.56 -26.91
C PRO C 141 -2.23 -34.43 -28.36
N ARG C 142 -1.25 -33.57 -28.61
CA ARG C 142 -0.66 -33.44 -29.94
C ARG C 142 0.81 -33.82 -29.93
N VAL C 143 1.31 -34.33 -31.06
CA VAL C 143 2.67 -34.82 -31.15
C VAL C 143 3.41 -34.17 -32.31
N ALA C 144 4.66 -33.81 -32.07
CA ALA C 144 5.52 -33.26 -33.11
C ALA C 144 6.98 -33.66 -32.92
N LYS C 145 7.77 -33.55 -33.98
CA LYS C 145 9.15 -34.01 -33.94
C LYS C 145 10.12 -32.87 -34.24
N ASN C 146 9.85 -32.13 -35.31
CA ASN C 146 10.78 -31.12 -35.81
C ASN C 146 10.06 -29.81 -36.10
N GLU C 147 8.80 -29.73 -35.69
CA GLU C 147 7.98 -28.56 -35.98
C GLU C 147 8.22 -27.46 -34.95
N VAL C 148 7.93 -26.22 -35.34
CA VAL C 148 8.02 -25.09 -34.43
C VAL C 148 6.64 -24.71 -33.89
N LEU C 149 5.71 -24.44 -34.80
CA LEU C 149 4.35 -24.09 -34.41
C LEU C 149 3.38 -25.20 -34.77
N TRP C 150 3.08 -26.05 -33.79
CA TRP C 150 2.32 -27.27 -34.04
C TRP C 150 1.25 -27.48 -32.97
N HIS C 151 0.98 -26.44 -32.19
CA HIS C 151 0.44 -26.61 -30.86
C HIS C 151 -1.09 -26.57 -30.88
N PRO C 152 -1.64 -25.91 -31.88
CA PRO C 152 -1.19 -24.58 -32.27
C PRO C 152 -1.17 -23.63 -31.08
N THR C 153 -0.70 -22.42 -31.29
CA THR C 153 -0.37 -21.51 -30.19
C THR C 153 -1.54 -20.59 -29.86
N LEU C 154 -2.72 -20.91 -30.41
CA LEU C 154 -3.92 -20.14 -30.15
C LEU C 154 -3.74 -18.68 -30.55
N ASN C 155 -3.18 -18.47 -31.73
CA ASN C 155 -2.87 -17.12 -32.20
C ASN C 155 -2.64 -17.10 -33.71
N LEU C 156 -3.12 -16.04 -34.35
CA LEU C 156 -4.18 -15.21 -33.80
C LEU C 156 -5.43 -16.03 -33.53
N PRO C 157 -5.80 -16.87 -34.49
CA PRO C 157 -6.99 -17.71 -34.37
C PRO C 157 -6.71 -18.93 -33.50
N LEU C 158 -7.75 -19.40 -32.80
CA LEU C 158 -7.60 -20.52 -31.88
C LEU C 158 -7.28 -21.80 -32.62
N SER C 159 -7.87 -21.97 -33.80
CA SER C 159 -7.57 -23.12 -34.64
C SER C 159 -8.04 -22.89 -36.07
N PRO C 160 -7.26 -23.40 -37.03
CA PRO C 160 -7.70 -23.43 -38.43
C PRO C 160 -9.10 -23.99 -38.56
N GLN C 161 -9.45 -24.91 -37.67
CA GLN C 161 -10.75 -25.56 -37.70
C GLN C 161 -11.10 -26.19 -36.36
N GLY C 162 -12.37 -26.11 -35.99
CA GLY C 162 -12.87 -26.78 -34.79
C GLY C 162 -12.10 -26.36 -33.55
N THR C 163 -11.86 -27.30 -32.65
CA THR C 163 -11.12 -27.03 -31.42
C THR C 163 -10.27 -28.22 -31.02
N VAL C 164 -9.06 -27.94 -30.54
CA VAL C 164 -8.19 -28.98 -30.01
C VAL C 164 -8.67 -29.46 -28.65
N ARG C 165 -8.44 -30.74 -28.36
CA ARG C 165 -8.84 -31.32 -27.08
C ARG C 165 -7.96 -30.80 -25.95
N THR C 166 -8.57 -30.60 -24.78
CA THR C 166 -7.82 -30.20 -23.59
C THR C 166 -8.27 -30.99 -22.37
N ALA C 167 -7.36 -31.18 -21.43
CA ALA C 167 -7.68 -31.81 -20.15
C ALA C 167 -6.90 -31.19 -19.01
N VAL C 168 -7.59 -30.90 -17.91
CA VAL C 168 -6.97 -30.26 -16.76
C VAL C 168 -6.39 -31.29 -15.80
N GLU C 169 -5.11 -31.13 -15.47
CA GLU C 169 -4.43 -32.05 -14.57
C GLU C 169 -4.04 -31.35 -13.27
N PHE C 170 -4.03 -30.03 -13.29
CA PHE C 170 -3.66 -29.24 -12.12
C PHE C 170 -4.35 -27.87 -12.14
N GLN C 171 -4.79 -27.43 -10.97
CA GLN C 171 -5.49 -26.17 -10.84
C GLN C 171 -5.28 -25.55 -9.46
N VAL C 172 -5.30 -24.23 -9.39
CA VAL C 172 -5.35 -23.53 -8.11
C VAL C 172 -6.52 -22.55 -8.08
N MET C 173 -7.23 -22.53 -6.94
CA MET C 173 -8.50 -21.84 -6.86
C MET C 173 -8.63 -21.06 -5.55
N THR C 174 -9.49 -20.05 -5.54
CA THR C 174 -9.83 -19.34 -4.32
C THR C 174 -11.29 -18.91 -4.30
N GLN C 175 -11.82 -18.69 -3.11
CA GLN C 175 -13.21 -18.25 -2.97
C GLN C 175 -13.35 -16.76 -3.22
N THR C 176 -12.23 -16.04 -3.14
CA THR C 176 -12.24 -14.59 -3.25
C THR C 176 -10.92 -14.06 -3.80
N GLN C 177 -10.97 -12.93 -4.48
CA GLN C 177 -9.77 -12.24 -4.91
C GLN C 177 -9.42 -11.10 -3.97
N SER C 178 -10.24 -10.91 -2.94
CA SER C 178 -10.09 -9.77 -2.04
C SER C 178 -10.50 -10.14 -0.62
N LEU C 179 -9.72 -9.66 0.35
CA LEU C 179 -10.08 -9.80 1.76
C LEU C 179 -10.06 -8.45 2.47
N SER C 180 -10.77 -8.36 3.58
CA SER C 180 -10.80 -7.14 4.39
C SER C 180 -10.88 -7.47 5.87
N PHE C 181 -9.96 -6.89 6.64
CA PHE C 181 -9.93 -7.09 8.08
C PHE C 181 -9.69 -5.78 8.82
N LEU C 182 -9.79 -5.81 10.14
CA LEU C 182 -9.49 -4.64 10.96
C LEU C 182 -8.07 -4.71 11.51
N LEU C 183 -7.46 -3.54 11.69
CA LEU C 183 -6.13 -3.45 12.27
C LEU C 183 -6.12 -3.94 13.71
N GLY C 184 -5.24 -4.90 14.00
CA GLY C 184 -5.14 -5.47 15.33
C GLY C 184 -5.98 -6.73 15.45
N SER C 185 -6.83 -6.97 14.45
CA SER C 185 -7.70 -8.14 14.45
C SER C 185 -7.04 -9.31 13.73
N SER C 186 -7.41 -10.52 14.11
CA SER C 186 -6.92 -11.72 13.45
C SER C 186 -7.45 -11.82 12.03
N ALA C 187 -6.84 -12.69 11.23
CA ALA C 187 -7.19 -12.81 9.83
C ALA C 187 -6.87 -14.20 9.30
N SER C 188 -7.25 -14.47 8.05
CA SER C 188 -6.84 -15.70 7.37
C SER C 188 -6.82 -15.49 5.86
N LEU C 189 -6.04 -16.33 5.17
CA LEU C 189 -6.06 -16.36 3.72
C LEU C 189 -6.90 -17.53 3.20
N ASP C 190 -7.57 -17.32 2.07
CA ASP C 190 -8.43 -18.33 1.49
C ASP C 190 -7.92 -18.81 0.14
N CYS C 191 -7.59 -20.09 0.05
CA CYS C 191 -7.14 -20.68 -1.20
C CYS C 191 -7.12 -22.19 -1.13
N GLY C 192 -7.06 -22.84 -2.29
CA GLY C 192 -6.85 -24.29 -2.35
C GLY C 192 -6.49 -24.73 -3.76
N PHE C 193 -6.30 -26.04 -3.94
CA PHE C 193 -5.84 -26.58 -5.20
C PHE C 193 -6.19 -28.06 -5.34
N SER C 194 -6.06 -28.59 -6.55
CA SER C 194 -6.20 -30.02 -6.78
C SER C 194 -5.31 -30.48 -7.93
N MET C 195 -5.35 -31.78 -8.21
CA MET C 195 -4.49 -32.36 -9.24
C MET C 195 -4.92 -33.78 -9.57
N ALA C 196 -4.56 -34.24 -10.76
CA ALA C 196 -4.70 -35.65 -11.12
C ALA C 196 -3.85 -36.54 -10.23
N PRO C 197 -4.27 -37.78 -10.06
CA PRO C 197 -3.53 -38.74 -9.24
C PRO C 197 -2.10 -38.90 -9.73
N GLY C 198 -1.87 -38.58 -11.00
CA GLY C 198 -0.58 -38.79 -11.63
C GLY C 198 0.39 -37.65 -11.31
N LEU C 199 -0.10 -36.68 -10.54
CA LEU C 199 0.72 -35.52 -10.17
C LEU C 199 0.88 -35.43 -8.66
N ASP C 200 2.12 -35.27 -8.20
CA ASP C 200 2.41 -35.21 -6.78
C ASP C 200 2.61 -33.78 -6.32
N LEU C 201 2.63 -33.57 -5.01
CA LEU C 201 2.79 -32.24 -4.44
C LEU C 201 4.12 -32.11 -3.71
N ILE C 202 4.83 -31.03 -3.97
CA ILE C 202 6.11 -30.77 -3.31
C ILE C 202 5.93 -29.87 -2.10
N SER C 203 5.43 -28.65 -2.33
CA SER C 203 5.38 -27.63 -1.29
C SER C 203 4.32 -26.58 -1.61
N VAL C 204 3.87 -25.86 -0.59
CA VAL C 204 3.05 -24.67 -0.78
C VAL C 204 3.62 -23.49 -0.01
N GLU C 205 3.68 -22.34 -0.66
CA GLU C 205 4.25 -21.14 -0.04
C GLU C 205 3.23 -20.01 0.03
N TRP C 206 3.28 -19.24 1.11
CA TRP C 206 2.48 -18.01 1.20
C TRP C 206 3.38 -16.79 1.35
N ARG C 207 3.16 -15.81 0.48
CA ARG C 207 3.99 -14.61 0.45
C ARG C 207 3.15 -13.34 0.54
N LEU C 208 3.73 -12.28 1.08
CA LEU C 208 3.06 -10.99 1.14
C LEU C 208 3.73 -9.98 0.22
N GLN C 209 2.92 -9.31 -0.60
CA GLN C 209 3.41 -8.24 -1.46
C GLN C 209 3.26 -6.88 -0.79
N HIS C 210 4.39 -6.28 -0.43
CA HIS C 210 4.38 -4.98 0.22
C HIS C 210 5.76 -4.33 0.17
N LYS C 211 5.79 -2.99 0.22
CA LYS C 211 7.02 -2.26 0.44
C LYS C 211 8.08 -2.63 -0.60
N GLY C 212 7.63 -2.93 -1.80
CA GLY C 212 8.52 -3.01 -2.96
C GLY C 212 9.09 -4.42 -3.12
N ARG C 213 8.74 -5.30 -2.19
CA ARG C 213 9.24 -6.67 -2.21
C ARG C 213 8.16 -7.66 -1.81
N GLY C 214 8.12 -8.79 -2.50
CA GLY C 214 7.37 -9.95 -2.03
C GLY C 214 8.20 -10.77 -1.04
N GLN C 215 7.63 -11.03 0.13
CA GLN C 215 8.34 -11.73 1.19
C GLN C 215 7.56 -12.94 1.67
N LEU C 216 8.28 -13.99 2.04
CA LEU C 216 7.65 -15.19 2.60
C LEU C 216 7.17 -14.93 4.02
N VAL C 217 5.97 -15.42 4.33
CA VAL C 217 5.44 -15.36 5.68
C VAL C 217 5.24 -16.77 6.25
N TYR C 218 4.99 -17.73 5.35
CA TYR C 218 4.77 -19.11 5.76
C TYR C 218 5.04 -20.07 4.61
N SER C 219 5.54 -21.25 4.95
CA SER C 219 5.74 -22.31 3.95
C SER C 219 5.32 -23.66 4.50
N TRP C 220 4.92 -24.56 3.61
CA TRP C 220 4.72 -25.97 3.96
C TRP C 220 5.39 -26.89 2.95
N THR C 221 6.29 -27.73 3.43
CA THR C 221 7.07 -28.60 2.56
C THR C 221 7.14 -30.02 3.10
N ALA C 222 6.84 -30.99 2.26
CA ALA C 222 7.04 -32.40 2.60
C ALA C 222 6.43 -32.73 3.96
N GLY C 223 5.26 -32.16 4.23
CA GLY C 223 4.47 -32.55 5.39
C GLY C 223 4.76 -31.63 6.57
N GLN C 224 5.85 -30.87 6.48
CA GLN C 224 6.28 -30.01 7.58
C GLN C 224 5.92 -28.56 7.32
N GLY C 225 5.15 -27.97 8.22
CA GLY C 225 4.86 -26.54 8.16
C GLY C 225 5.89 -25.72 8.93
N GLN C 226 6.18 -24.53 8.43
CA GLN C 226 7.10 -23.63 9.10
C GLN C 226 6.76 -22.17 8.81
N ALA C 227 6.58 -21.39 9.87
CA ALA C 227 6.42 -19.94 9.73
C ALA C 227 7.78 -19.24 9.72
N VAL C 228 7.87 -18.17 8.95
CA VAL C 228 9.05 -17.32 8.95
C VAL C 228 8.73 -15.90 9.39
N ARG C 229 7.44 -15.56 9.37
CA ARG C 229 6.96 -14.33 9.99
C ARG C 229 5.80 -14.62 10.95
N LYS C 230 4.75 -15.24 10.44
CA LYS C 230 3.58 -15.55 11.24
C LYS C 230 2.61 -16.45 10.48
N GLY C 231 1.86 -17.26 11.22
CA GLY C 231 0.70 -17.94 10.65
C GLY C 231 0.80 -19.45 10.83
N ALA C 232 -0.29 -20.15 10.56
CA ALA C 232 -0.31 -21.61 10.68
C ALA C 232 -1.26 -22.23 9.67
N THR C 233 -0.97 -23.48 9.29
CA THR C 233 -1.76 -24.16 8.27
C THR C 233 -2.15 -25.56 8.73
N LEU C 234 -3.07 -26.18 8.00
CA LEU C 234 -3.39 -27.59 8.20
C LEU C 234 -2.76 -28.46 7.11
N GLU C 235 -2.60 -29.74 7.41
CA GLU C 235 -2.03 -30.68 6.45
C GLU C 235 -2.93 -30.82 5.23
N PRO C 236 -2.34 -30.68 4.05
CA PRO C 236 -3.07 -30.83 2.80
C PRO C 236 -3.80 -32.16 2.74
N ALA C 237 -4.97 -32.15 2.09
CA ALA C 237 -5.75 -33.38 1.94
C ALA C 237 -5.03 -34.39 1.06
N GLN C 238 -5.51 -35.63 1.08
CA GLN C 238 -4.98 -36.67 0.20
C GLN C 238 -5.84 -36.78 -1.06
N LEU C 239 -5.34 -37.56 -2.03
CA LEU C 239 -6.02 -37.71 -3.31
C LEU C 239 -7.46 -38.18 -3.10
N GLY C 240 -8.38 -37.59 -3.87
CA GLY C 240 -9.79 -37.90 -3.72
C GLY C 240 -10.58 -36.66 -3.31
N MET C 241 -9.90 -35.72 -2.65
CA MET C 241 -10.49 -34.43 -2.32
C MET C 241 -9.52 -33.29 -2.59
N ALA C 242 -10.06 -32.15 -2.99
CA ALA C 242 -9.24 -30.96 -3.22
C ALA C 242 -8.49 -30.55 -1.97
N ARG C 243 -7.26 -30.07 -2.15
CA ARG C 243 -6.39 -29.75 -1.04
C ARG C 243 -6.52 -28.29 -0.61
N ASP C 244 -6.50 -28.05 0.69
CA ASP C 244 -6.56 -26.70 1.23
C ASP C 244 -5.22 -25.98 1.05
N ALA C 245 -5.28 -24.67 0.86
CA ALA C 245 -4.09 -23.83 0.92
C ALA C 245 -4.38 -22.53 1.65
N SER C 246 -5.11 -22.63 2.75
CA SER C 246 -5.39 -21.46 3.58
C SER C 246 -4.23 -21.14 4.51
N LEU C 247 -4.27 -19.97 5.14
CA LEU C 247 -3.30 -19.61 6.16
C LEU C 247 -3.94 -18.79 7.28
N THR C 248 -3.84 -19.28 8.50
CA THR C 248 -4.37 -18.57 9.66
C THR C 248 -3.37 -17.54 10.18
N LEU C 249 -3.82 -16.29 10.26
CA LEU C 249 -2.93 -15.18 10.59
C LEU C 249 -3.30 -14.56 11.93
N PRO C 250 -2.34 -14.50 12.84
CA PRO C 250 -2.49 -13.74 14.07
C PRO C 250 -2.88 -12.29 13.79
N GLY C 251 -3.22 -11.55 14.84
CA GLY C 251 -3.57 -10.14 14.70
C GLY C 251 -2.66 -9.43 13.71
N LEU C 252 -3.26 -8.77 12.73
CA LEU C 252 -2.50 -8.08 11.69
C LEU C 252 -2.07 -6.70 12.15
N THR C 253 -0.89 -6.26 11.72
CA THR C 253 -0.47 -4.88 11.88
C THR C 253 -0.32 -4.19 10.53
N ILE C 254 0.19 -2.96 10.56
CA ILE C 254 0.26 -2.12 9.36
C ILE C 254 1.14 -2.77 8.31
N GLN C 255 2.25 -3.36 8.74
CA GLN C 255 3.21 -3.97 7.83
C GLN C 255 2.58 -5.14 7.06
N ASP C 256 1.50 -5.67 7.61
CA ASP C 256 0.92 -6.90 7.08
C ASP C 256 -0.11 -6.61 6.01
N GLU C 257 -0.36 -5.32 5.76
CA GLU C 257 -1.27 -4.90 4.70
C GLU C 257 -0.61 -4.99 3.33
N GLY C 258 -1.37 -5.45 2.35
CA GLY C 258 -0.86 -5.62 1.00
C GLY C 258 -1.58 -6.74 0.26
N THR C 259 -0.88 -7.39 -0.67
CA THR C 259 -1.46 -8.44 -1.47
C THR C 259 -0.79 -9.79 -1.22
N TYR C 260 -1.57 -10.79 -0.89
CA TYR C 260 -1.04 -12.10 -0.53
C TYR C 260 -1.09 -13.05 -1.72
N ILE C 261 -0.06 -13.88 -1.85
CA ILE C 261 0.02 -14.83 -2.94
C ILE C 261 0.14 -16.27 -2.42
N CYS C 262 -0.72 -17.15 -2.93
CA CYS C 262 -0.69 -18.55 -2.51
C CYS C 262 -0.12 -19.43 -3.61
N GLN C 263 1.10 -19.90 -3.38
CA GLN C 263 1.87 -20.56 -4.43
C GLN C 263 1.96 -22.07 -4.20
N ILE C 264 1.50 -22.84 -5.17
CA ILE C 264 1.55 -24.29 -5.09
C ILE C 264 2.50 -24.87 -6.13
N THR C 265 3.47 -25.65 -5.66
CA THR C 265 4.43 -26.28 -6.55
C THR C 265 4.27 -27.79 -6.55
N THR C 266 4.06 -28.37 -7.74
CA THR C 266 3.90 -29.80 -7.87
C THR C 266 5.12 -30.45 -8.51
N SER C 267 5.06 -31.75 -8.73
CA SER C 267 6.20 -32.50 -9.22
C SER C 267 6.49 -32.18 -10.68
N LEU C 268 5.54 -31.51 -11.33
CA LEU C 268 5.67 -31.15 -12.73
C LEU C 268 5.49 -29.66 -12.94
N TYR C 269 4.45 -29.10 -12.34
CA TYR C 269 3.99 -27.75 -12.68
C TYR C 269 3.67 -26.96 -11.42
N ARG C 270 3.48 -25.65 -11.59
CA ARG C 270 3.16 -24.78 -10.47
C ARG C 270 2.15 -23.72 -10.88
N ALA C 271 1.42 -23.20 -9.89
CA ALA C 271 0.51 -22.08 -10.12
C ALA C 271 0.17 -21.37 -8.82
N GLN C 272 -0.43 -20.19 -8.92
CA GLN C 272 -0.73 -19.37 -7.76
C GLN C 272 -2.00 -18.55 -7.95
N GLN C 273 -2.64 -18.19 -6.85
CA GLN C 273 -3.65 -17.15 -6.87
C GLN C 273 -3.19 -15.91 -6.11
N ILE C 274 -3.69 -14.75 -6.51
CA ILE C 274 -3.30 -13.49 -5.89
C ILE C 274 -4.50 -12.80 -5.23
N ILE C 275 -4.40 -12.58 -3.93
CA ILE C 275 -5.53 -12.07 -3.15
C ILE C 275 -5.14 -10.81 -2.39
N GLN C 276 -5.85 -9.71 -2.66
CA GLN C 276 -5.57 -8.44 -2.01
C GLN C 276 -6.22 -8.38 -0.63
N LEU C 277 -5.45 -7.98 0.37
CA LEU C 277 -5.95 -7.88 1.74
C LEU C 277 -5.83 -6.46 2.26
N ASN C 278 -6.97 -5.82 2.52
CA ASN C 278 -6.98 -4.47 3.03
C ASN C 278 -7.20 -4.45 4.55
N ILE C 279 -6.65 -3.43 5.20
CA ILE C 279 -6.84 -3.26 6.64
C ILE C 279 -7.37 -1.87 6.96
N GLN C 280 -8.37 -1.82 7.84
CA GLN C 280 -8.95 -0.55 8.25
C GLN C 280 -9.23 -0.52 9.75
N ALA C 281 -9.53 0.66 10.27
CA ALA C 281 -10.07 0.79 11.62
C ALA C 281 -11.00 1.99 11.73
N SER C 282 -12.06 1.83 12.51
CA SER C 282 -13.12 2.83 12.57
C SER C 282 -12.84 3.86 13.65
N PRO C 283 -12.91 5.13 13.28
CA PRO C 283 -12.67 6.22 14.22
C PRO C 283 -13.61 6.13 15.41
N LYS C 284 -13.13 6.56 16.58
CA LYS C 284 -13.99 6.87 17.70
C LYS C 284 -13.88 8.35 18.09
N VAL C 285 -14.98 8.93 18.53
CA VAL C 285 -15.08 10.37 18.70
C VAL C 285 -15.52 10.74 20.11
N ARG C 286 -14.84 11.71 20.71
CA ARG C 286 -15.30 12.31 21.96
C ARG C 286 -15.25 13.83 21.88
N LEU C 287 -16.21 14.48 22.54
CA LEU C 287 -16.38 15.92 22.40
C LEU C 287 -16.72 16.56 23.74
N SER C 288 -16.07 17.68 24.05
CA SER C 288 -16.39 18.45 25.24
C SER C 288 -16.23 19.94 25.00
N LEU C 289 -17.05 20.73 25.68
CA LEU C 289 -16.97 22.19 25.57
C LEU C 289 -16.23 22.79 26.75
N ALA C 290 -15.31 23.70 26.47
CA ALA C 290 -14.62 24.45 27.52
C ALA C 290 -15.60 25.31 28.32
N ASN C 291 -15.36 25.41 29.62
CA ASN C 291 -16.23 26.17 30.50
C ASN C 291 -15.96 27.66 30.40
N GLU C 292 -17.00 28.47 30.51
CA GLU C 292 -16.86 29.92 30.59
C GLU C 292 -16.17 30.47 29.36
N ALA C 293 -15.40 31.54 29.53
CA ALA C 293 -14.89 32.32 28.41
C ALA C 293 -16.02 32.95 27.62
N LEU C 294 -15.77 34.13 27.07
CA LEU C 294 -16.71 34.78 26.16
C LEU C 294 -16.87 33.99 24.87
N LEU C 295 -15.82 33.28 24.48
CA LEU C 295 -15.87 32.40 23.32
C LEU C 295 -15.41 30.99 23.68
N PRO C 296 -16.34 30.17 24.18
CA PRO C 296 -16.01 28.84 24.64
C PRO C 296 -15.34 28.02 23.54
N THR C 297 -14.34 27.23 23.92
CA THR C 297 -13.59 26.43 22.95
C THR C 297 -14.20 25.04 22.83
N LEU C 298 -14.38 24.58 21.60
CA LEU C 298 -14.76 23.21 21.33
C LEU C 298 -13.55 22.31 21.16
N ILE C 299 -13.49 21.23 21.94
CA ILE C 299 -12.39 20.28 21.84
C ILE C 299 -12.91 18.88 21.52
N CYS C 300 -12.39 18.31 20.44
CA CYS C 300 -12.82 16.98 19.99
C CYS C 300 -11.62 16.12 19.61
N ASP C 301 -11.61 14.89 20.09
CA ASP C 301 -10.57 13.93 19.72
C ASP C 301 -11.13 12.81 18.86
N ILE C 302 -10.44 12.50 17.77
CA ILE C 302 -10.83 11.39 16.90
C ILE C 302 -9.72 10.35 16.80
N ALA C 303 -9.97 9.17 17.36
CA ALA C 303 -8.90 8.24 17.68
C ALA C 303 -9.25 6.83 17.23
N GLY C 304 -8.21 6.04 16.92
CA GLY C 304 -8.37 4.61 16.79
C GLY C 304 -8.81 4.23 15.38
N TYR C 305 -8.22 4.88 14.39
CA TYR C 305 -8.65 4.71 13.01
C TYR C 305 -7.46 4.41 12.09
N TYR C 306 -7.74 3.86 10.92
CA TYR C 306 -6.71 3.56 9.95
C TYR C 306 -7.29 3.39 8.55
N PRO C 307 -6.73 4.11 7.58
CA PRO C 307 -5.40 4.69 7.74
C PRO C 307 -5.49 6.15 8.19
N LEU C 308 -4.34 6.83 8.22
CA LEU C 308 -4.21 8.09 8.94
C LEU C 308 -4.91 9.22 8.20
N ASP C 309 -5.15 10.31 8.89
CA ASP C 309 -5.69 11.52 8.27
C ASP C 309 -7.17 11.36 7.96
N VAL C 310 -7.94 10.96 8.96
CA VAL C 310 -9.40 10.99 8.89
C VAL C 310 -9.90 12.40 8.63
N VAL C 311 -10.94 12.51 7.80
CA VAL C 311 -11.49 13.82 7.43
C VAL C 311 -12.48 14.30 8.48
N VAL C 312 -12.24 15.50 9.00
CA VAL C 312 -13.08 16.06 10.06
C VAL C 312 -13.60 17.44 9.68
N THR C 313 -14.91 17.62 9.82
CA THR C 313 -15.54 18.90 9.50
C THR C 313 -16.47 19.36 10.62
N TRP C 314 -16.37 20.63 10.98
CA TRP C 314 -17.23 21.20 12.01
C TRP C 314 -18.48 21.84 11.41
N THR C 315 -19.59 21.75 12.12
CA THR C 315 -20.84 22.34 11.66
C THR C 315 -21.43 23.27 12.70
N ARG C 316 -21.98 24.39 12.24
CA ARG C 316 -22.64 25.34 13.14
C ARG C 316 -24.10 25.53 12.75
N GLU C 317 -24.99 25.34 13.71
CA GLU C 317 -26.43 25.47 13.47
C GLU C 317 -27.05 26.47 14.44
N GLU C 318 -27.93 27.31 13.92
CA GLU C 318 -28.64 28.28 14.74
C GLU C 318 -30.10 27.88 14.92
N LEU C 319 -30.81 28.62 15.77
CA LEU C 319 -32.23 28.39 15.98
C LEU C 319 -33.06 28.93 14.82
N GLY C 320 -32.96 28.26 13.67
CA GLY C 320 -33.51 28.78 12.43
C GLY C 320 -32.43 29.49 11.61
N GLY C 321 -32.84 30.54 10.90
CA GLY C 321 -31.93 31.27 10.03
C GLY C 321 -31.40 30.37 8.92
N SER C 322 -30.08 30.31 8.78
CA SER C 322 -29.44 29.52 7.73
C SER C 322 -28.20 28.82 8.26
N PRO C 323 -28.37 27.61 8.77
CA PRO C 323 -27.26 26.80 9.24
C PRO C 323 -26.22 26.60 8.14
N ALA C 324 -24.97 26.46 8.54
CA ALA C 324 -23.87 26.40 7.59
C ALA C 324 -22.69 25.58 8.14
N GLN C 325 -21.80 25.17 7.25
CA GLN C 325 -20.61 24.42 7.66
C GLN C 325 -19.49 25.37 8.08
N VAL C 326 -18.57 24.86 8.90
CA VAL C 326 -17.40 25.62 9.30
C VAL C 326 -16.17 25.20 8.51
N SER C 327 -15.62 26.11 7.73
CA SER C 327 -14.47 25.82 6.88
C SER C 327 -13.17 26.18 7.58
N GLY C 328 -13.28 26.66 8.82
CA GLY C 328 -12.12 27.09 9.58
C GLY C 328 -11.67 26.00 10.56
N ALA C 329 -11.82 26.27 11.84
CA ALA C 329 -11.29 25.39 12.88
C ALA C 329 -9.81 25.13 12.67
N SER C 330 -9.32 24.05 13.28
CA SER C 330 -7.98 23.54 12.96
C SER C 330 -7.81 22.11 13.48
N PHE C 331 -6.77 21.44 13.00
CA PHE C 331 -6.38 20.14 13.55
C PHE C 331 -4.96 20.16 14.08
N SER C 332 -4.61 19.14 14.86
CA SER C 332 -3.23 18.97 15.30
C SER C 332 -3.00 17.54 15.82
N SER C 333 -1.74 17.21 16.09
CA SER C 333 -1.42 16.07 16.93
C SER C 333 -1.83 14.76 16.27
N LEU C 334 -1.36 14.55 15.03
CA LEU C 334 -1.53 13.28 14.37
C LEU C 334 -0.48 12.27 14.82
N ARG C 335 -0.95 11.14 15.37
CA ARG C 335 -0.06 10.23 16.07
C ARG C 335 -0.58 8.79 15.99
N GLN C 336 0.25 7.84 16.39
CA GLN C 336 -0.16 6.44 16.44
C GLN C 336 -0.40 5.99 17.88
N SER C 337 -1.23 4.97 18.03
CA SER C 337 -1.45 4.35 19.34
C SER C 337 -0.67 3.05 19.47
N VAL C 338 -0.78 2.42 20.64
CA VAL C 338 -0.11 1.15 20.88
C VAL C 338 -0.68 0.05 19.98
N ALA C 339 -1.87 0.29 19.44
CA ALA C 339 -2.54 -0.69 18.60
C ALA C 339 -2.09 -0.58 17.15
N GLY C 340 -1.31 0.45 16.86
CA GLY C 340 -0.90 0.75 15.48
C GLY C 340 -1.86 1.73 14.82
N THR C 341 -3.02 1.92 15.43
CA THR C 341 -4.02 2.83 14.90
C THR C 341 -3.56 4.28 15.01
N TYR C 342 -4.25 5.18 14.31
CA TYR C 342 -3.91 6.59 14.33
C TYR C 342 -4.93 7.39 15.13
N SER C 343 -4.48 8.52 15.67
CA SER C 343 -5.38 9.47 16.32
C SER C 343 -5.09 10.89 15.88
N ILE C 344 -6.11 11.74 15.91
CA ILE C 344 -5.94 13.15 15.59
C ILE C 344 -6.89 14.02 16.43
N SER C 345 -6.42 15.22 16.76
CA SER C 345 -7.22 16.16 17.53
C SER C 345 -7.70 17.31 16.66
N SER C 346 -8.84 17.90 17.04
CA SER C 346 -9.35 19.09 16.37
C SER C 346 -10.10 19.98 17.34
N SER C 347 -10.10 21.29 17.08
CA SER C 347 -10.75 22.25 17.96
C SER C 347 -11.37 23.40 17.17
N LEU C 348 -12.31 24.09 17.78
CA LEU C 348 -12.95 25.24 17.15
C LEU C 348 -13.44 26.24 18.19
N THR C 349 -13.18 27.52 17.92
CA THR C 349 -13.71 28.60 18.76
C THR C 349 -15.18 28.86 18.47
N ALA C 350 -16.02 28.66 19.48
CA ALA C 350 -17.46 28.74 19.30
C ALA C 350 -17.96 30.17 19.51
N GLU C 351 -19.00 30.53 18.76
CA GLU C 351 -19.78 31.73 19.07
C GLU C 351 -21.13 31.36 19.65
N PRO C 352 -21.31 31.64 20.94
CA PRO C 352 -22.52 31.24 21.64
C PRO C 352 -23.76 31.80 20.95
N GLY C 353 -23.59 32.95 20.29
CA GLY C 353 -24.71 33.62 19.63
C GLY C 353 -25.53 34.42 20.62
N SER C 354 -26.72 34.86 20.19
CA SER C 354 -27.54 35.74 21.01
C SER C 354 -28.55 34.93 21.84
N ALA C 355 -28.83 33.71 21.39
CA ALA C 355 -29.85 32.89 22.04
C ALA C 355 -29.41 31.42 22.08
N GLY C 356 -28.11 31.19 21.91
CA GLY C 356 -27.56 29.84 21.94
C GLY C 356 -27.30 29.32 20.52
N ALA C 357 -26.39 28.37 20.42
CA ALA C 357 -26.07 27.76 19.13
C ALA C 357 -25.64 26.31 19.30
N THR C 358 -25.83 25.52 18.25
CA THR C 358 -25.44 24.11 18.26
C THR C 358 -24.21 23.86 17.40
N TYR C 359 -23.25 23.11 17.92
CA TYR C 359 -22.04 22.79 17.20
C TYR C 359 -21.84 21.28 17.11
N THR C 360 -21.43 20.81 15.93
CA THR C 360 -21.18 19.39 15.72
C THR C 360 -19.82 19.15 15.07
N CYS C 361 -19.13 18.13 15.54
CA CYS C 361 -17.89 17.68 14.89
C CYS C 361 -18.12 16.38 14.12
N GLN C 362 -18.13 16.48 12.80
CA GLN C 362 -18.44 15.33 11.95
C GLN C 362 -17.16 14.66 11.45
N VAL C 363 -17.20 13.33 11.34
CA VAL C 363 -16.04 12.56 10.92
C VAL C 363 -16.37 11.68 9.72
N THR C 364 -15.52 11.73 8.70
CA THR C 364 -15.71 10.90 7.51
C THR C 364 -14.54 9.95 7.30
N HIS C 365 -14.84 8.69 7.06
CA HIS C 365 -13.81 7.68 6.85
C HIS C 365 -14.36 6.49 6.06
N ILE C 366 -13.49 5.85 5.28
CA ILE C 366 -13.89 4.72 4.44
C ILE C 366 -14.42 3.58 5.29
N SER C 367 -14.00 3.52 6.54
CA SER C 367 -14.38 2.44 7.44
C SER C 367 -15.70 2.73 8.13
N LEU C 368 -16.28 3.88 7.83
CA LEU C 368 -17.54 4.29 8.43
C LEU C 368 -18.69 4.14 7.45
N GLU C 369 -19.56 3.16 7.69
CA GLU C 369 -20.77 2.99 6.89
C GLU C 369 -21.72 4.16 7.07
N GLU C 370 -21.75 4.70 8.28
CA GLU C 370 -22.60 5.86 8.58
C GLU C 370 -21.78 7.00 9.17
N PRO C 371 -22.23 8.23 8.93
CA PRO C 371 -21.56 9.41 9.46
C PRO C 371 -21.32 9.29 10.96
N LEU C 372 -20.14 9.71 11.40
CA LEU C 372 -19.80 9.65 12.82
C LEU C 372 -19.36 11.04 13.32
N GLY C 373 -19.84 11.40 14.51
CA GLY C 373 -19.46 12.67 15.13
C GLY C 373 -20.19 12.86 16.46
N ALA C 374 -20.07 14.06 17.02
CA ALA C 374 -20.70 14.38 18.29
C ALA C 374 -21.16 15.83 18.33
N SER C 375 -22.20 16.09 19.11
CA SER C 375 -22.80 17.41 19.17
C SER C 375 -22.73 18.00 20.59
N THR C 376 -22.72 19.32 20.68
CA THR C 376 -22.87 20.00 21.96
C THR C 376 -23.54 21.35 21.79
N GLN C 377 -24.19 21.82 22.86
CA GLN C 377 -24.75 23.16 22.88
C GLN C 377 -23.77 24.17 23.48
N VAL C 378 -23.82 25.40 23.01
CA VAL C 378 -23.04 26.49 23.58
C VAL C 378 -23.94 27.60 24.10
N VAL C 379 -23.79 27.95 25.37
CA VAL C 379 -24.71 28.87 26.03
C VAL C 379 -24.02 30.19 26.35
N PRO C 380 -24.56 31.28 25.80
CA PRO C 380 -24.03 32.61 26.06
C PRO C 380 -23.96 32.90 27.55
N PRO C 381 -22.97 33.69 27.95
CA PRO C 381 -22.82 34.10 29.34
C PRO C 381 -24.13 34.67 29.89
N GLU C 382 -24.89 35.32 29.01
CA GLU C 382 -26.10 36.02 29.43
C GLU C 382 -27.30 35.09 29.45
N ARG C 383 -27.08 33.84 29.07
CA ARG C 383 -28.16 32.86 28.99
C ARG C 383 -27.95 31.74 30.01
N ARG C 384 -27.11 32.00 31.01
CA ARG C 384 -26.84 31.03 32.06
C ARG C 384 -27.85 31.17 33.19
C4 30W D . 19.05 4.53 -11.97
C6 30W D . 21.64 7.07 -11.50
C11 30W D . 19.78 -0.06 -15.33
C7 30W D . 22.78 6.39 -11.96
C9 30W D . 21.77 8.45 -11.00
C10 30W D . 19.40 1.10 -14.44
N1 30W D . 21.36 3.29 -12.86
N2 30W D . 20.15 1.39 -13.35
N3 30W D . 19.05 3.26 -12.44
O10 30W D . 18.43 1.77 -14.70
C2 30W D . 20.20 2.68 -12.87
C8A 30W D . 21.49 4.55 -12.42
N8 30W D . 22.69 5.16 -12.41
N5 30W D . 20.45 6.48 -11.50
C4A 30W D . 20.35 5.24 -11.94
O4 30W D . 18.03 5.07 -11.58
H1 30W D . 19.43 -1.01 -14.87
H2 30W D . 20.89 -0.11 -15.43
H3 30W D . 19.31 0.06 -16.32
H4 30W D . 23.73 6.95 -11.94
O9 30W D . 22.19 9.32 -11.74
H5 30W D . 21.48 8.68 -9.96
H8 30W D . 20.67 0.70 -12.85
H9 30W D . 18.22 2.70 -12.49
N HIS A 4 22.55 2.32 4.82
CA HIS A 4 22.60 3.35 3.80
C HIS A 4 21.88 2.92 2.53
N SER A 5 21.06 3.81 1.99
CA SER A 5 20.21 3.49 0.85
C SER A 5 20.52 4.39 -0.34
N LEU A 6 20.44 3.83 -1.54
CA LEU A 6 20.40 4.63 -2.76
C LEU A 6 19.22 4.23 -3.63
N ARG A 7 18.48 5.22 -4.12
CA ARG A 7 17.37 4.97 -5.03
C ARG A 7 17.20 6.13 -6.01
N TYR A 8 16.60 5.85 -7.16
CA TYR A 8 16.31 6.87 -8.15
C TYR A 8 14.82 6.90 -8.49
N PHE A 9 14.27 8.10 -8.62
CA PHE A 9 12.89 8.27 -9.05
C PHE A 9 12.83 8.71 -10.51
N ARG A 10 12.17 7.91 -11.34
CA ARG A 10 11.96 8.26 -12.74
C ARG A 10 10.47 8.28 -13.09
N LEU A 11 10.06 9.32 -13.81
CA LEU A 11 8.66 9.45 -14.22
C LEU A 11 8.55 10.15 -15.57
N GLY A 12 7.75 9.57 -16.45
CA GLY A 12 7.43 10.20 -17.73
C GLY A 12 6.00 10.73 -17.74
N VAL A 13 5.79 11.83 -18.46
CA VAL A 13 4.47 12.45 -18.55
C VAL A 13 4.06 12.66 -20.00
N SER A 14 2.84 12.27 -20.33
CA SER A 14 2.25 12.56 -21.63
C SER A 14 1.23 13.69 -21.54
N ASP A 15 1.41 14.71 -22.37
CA ASP A 15 0.61 15.92 -22.26
C ASP A 15 0.67 16.50 -20.84
N PRO A 16 1.85 16.97 -20.45
CA PRO A 16 2.06 17.50 -19.10
C PRO A 16 1.15 18.69 -18.83
N ILE A 17 0.73 18.84 -17.59
CA ILE A 17 -0.04 20.01 -17.17
C ILE A 17 0.62 20.70 -15.98
N HIS A 18 0.21 21.94 -15.73
CA HIS A 18 0.74 22.71 -14.60
C HIS A 18 2.25 22.89 -14.72
N GLY A 19 2.76 22.78 -15.95
CA GLY A 19 4.15 23.12 -16.23
C GLY A 19 5.08 21.97 -15.86
N VAL A 20 4.50 20.83 -15.55
CA VAL A 20 5.27 19.65 -15.14
C VAL A 20 6.15 19.17 -16.29
N PRO A 21 7.43 18.96 -16.00
CA PRO A 21 8.39 18.47 -16.99
C PRO A 21 7.91 17.17 -17.61
N GLU A 22 8.28 16.95 -18.88
CA GLU A 22 7.93 15.71 -19.57
C GLU A 22 8.56 14.50 -18.89
N PHE A 23 9.73 14.71 -18.32
CA PHE A 23 10.49 13.62 -17.70
C PHE A 23 11.14 14.07 -16.40
N ILE A 24 11.04 13.22 -15.37
CA ILE A 24 11.68 13.51 -14.09
C ILE A 24 12.70 12.44 -13.73
N SER A 25 13.84 12.86 -13.23
CA SER A 25 14.85 11.93 -12.73
C SER A 25 15.59 12.51 -11.53
N VAL A 26 15.34 11.93 -10.35
CA VAL A 26 15.95 12.43 -9.12
C VAL A 26 16.56 11.30 -8.30
N GLY A 27 17.78 11.52 -7.83
CA GLY A 27 18.49 10.51 -7.04
C GLY A 27 18.45 10.85 -5.56
N TYR A 28 18.35 9.82 -4.72
CA TYR A 28 18.31 10.00 -3.28
C TYR A 28 19.27 9.06 -2.57
N VAL A 29 19.97 9.59 -1.57
CA VAL A 29 20.74 8.75 -0.65
C VAL A 29 20.25 8.93 0.78
N ASP A 30 19.88 7.81 1.41
CA ASP A 30 19.23 7.85 2.71
C ASP A 30 18.06 8.85 2.72
N SER A 31 18.20 9.90 3.51
CA SER A 31 17.16 10.92 3.61
C SER A 31 17.61 12.23 2.98
N HIS A 32 18.67 12.16 2.16
CA HIS A 32 19.26 13.36 1.60
C HIS A 32 19.35 13.26 0.07
N PRO A 33 18.44 13.95 -0.61
CA PRO A 33 18.49 14.06 -2.06
C PRO A 33 19.85 14.56 -2.52
N ILE A 34 20.33 14.01 -3.63
CA ILE A 34 21.69 14.27 -4.09
C ILE A 34 21.69 14.98 -5.44
N THR A 35 20.78 14.57 -6.31
CA THR A 35 20.79 15.02 -7.71
C THR A 35 19.38 15.13 -8.27
N THR A 36 19.20 16.06 -9.20
CA THR A 36 17.96 16.13 -9.98
C THR A 36 18.26 16.31 -11.46
N TYR A 37 17.20 16.50 -12.24
CA TYR A 37 17.33 16.68 -13.68
C TYR A 37 16.22 17.57 -14.22
N ASP A 38 16.61 18.60 -14.98
CA ASP A 38 15.64 19.44 -15.67
C ASP A 38 15.43 18.99 -17.10
N SER A 39 14.35 18.23 -17.33
CA SER A 39 14.09 17.63 -18.63
C SER A 39 13.59 18.66 -19.62
N VAL A 40 13.36 19.88 -19.15
CA VAL A 40 12.96 20.98 -20.01
C VAL A 40 14.16 21.78 -20.50
N THR A 41 15.08 22.07 -19.58
CA THR A 41 16.33 22.73 -19.93
C THR A 41 17.35 21.73 -20.45
N ARG A 42 17.12 20.46 -20.18
CA ARG A 42 18.06 19.41 -20.56
C ARG A 42 19.38 19.57 -19.83
N GLN A 43 19.31 19.80 -18.53
CA GLN A 43 20.51 19.90 -17.71
C GLN A 43 20.30 19.23 -16.35
N LYS A 44 21.33 18.52 -15.88
CA LYS A 44 21.33 18.00 -14.52
C LYS A 44 21.79 19.06 -13.53
N GLU A 45 21.35 18.93 -12.28
CA GLU A 45 21.72 19.87 -11.22
C GLU A 45 21.93 19.16 -9.90
N PRO A 46 23.03 19.50 -9.23
CA PRO A 46 23.29 18.99 -7.88
C PRO A 46 22.31 19.58 -6.87
N ARG A 47 21.95 18.78 -5.87
CA ARG A 47 21.16 19.28 -4.76
C ARG A 47 21.95 19.26 -3.46
N ALA A 48 22.73 18.20 -3.27
CA ALA A 48 23.60 18.10 -2.10
C ALA A 48 24.90 18.89 -2.30
N PRO A 49 25.39 19.48 -1.22
CA PRO A 49 26.57 20.33 -1.29
C PRO A 49 27.81 19.52 -1.65
N TRP A 50 27.80 18.23 -1.30
CA TRP A 50 28.95 17.37 -1.52
C TRP A 50 28.95 16.79 -2.92
N MET A 51 27.79 16.84 -3.58
CA MET A 51 27.68 16.47 -4.99
C MET A 51 28.23 17.58 -5.89
N ALA A 52 27.90 18.82 -5.55
CA ALA A 52 28.42 19.97 -6.28
C ALA A 52 29.94 20.07 -6.15
N GLU A 53 30.45 19.70 -4.98
CA GLU A 53 31.87 19.87 -4.67
C GLU A 53 32.70 18.81 -5.38
N ASN A 54 32.29 17.55 -5.27
CA ASN A 54 33.14 16.42 -5.61
C ASN A 54 32.90 15.97 -7.04
N LEU A 55 32.05 16.70 -7.76
CA LEU A 55 31.76 16.39 -9.15
C LEU A 55 31.90 17.62 -10.04
N ALA A 56 32.83 17.55 -10.99
CA ALA A 56 33.17 18.71 -11.81
C ALA A 56 32.07 19.04 -12.80
N PRO A 57 31.93 20.32 -13.13
CA PRO A 57 31.01 20.75 -14.18
C PRO A 57 31.16 19.88 -15.43
N ASP A 58 32.39 19.51 -15.73
CA ASP A 58 32.67 18.62 -16.86
C ASP A 58 31.99 17.27 -16.67
N HIS A 59 31.93 16.80 -15.42
CA HIS A 59 31.30 15.54 -15.10
C HIS A 59 29.78 15.64 -15.21
N TRP A 60 29.23 16.77 -14.80
CA TRP A 60 27.78 16.96 -14.78
C TRP A 60 27.22 17.04 -16.20
N GLU A 61 28.00 17.61 -17.11
CA GLU A 61 27.63 17.66 -18.52
C GLU A 61 27.61 16.26 -19.13
N ARG A 62 28.62 15.47 -18.80
CA ARG A 62 28.68 14.08 -19.22
C ARG A 62 27.51 13.27 -18.66
N TYR A 63 27.20 13.52 -17.40
CA TYR A 63 26.03 12.91 -16.76
C TYR A 63 24.74 13.37 -17.44
N THR A 64 24.69 14.65 -17.78
CA THR A 64 23.52 15.21 -18.47
C THR A 64 23.31 14.55 -19.82
N GLN A 65 24.40 14.37 -20.55
CA GLN A 65 24.35 13.75 -21.87
C GLN A 65 23.70 12.37 -21.80
N LEU A 66 24.05 11.61 -20.76
CA LEU A 66 23.41 10.32 -20.50
C LEU A 66 21.90 10.48 -20.33
N LEU A 67 21.50 11.48 -19.55
CA LEU A 67 20.09 11.67 -19.23
C LEU A 67 19.32 12.18 -20.44
N ARG A 68 19.98 12.97 -21.27
CA ARG A 68 19.39 13.44 -22.52
C ARG A 68 19.06 12.27 -23.45
N GLY A 69 19.99 11.33 -23.56
CA GLY A 69 19.75 10.10 -24.31
C GLY A 69 18.61 9.29 -23.71
N TRP A 70 18.71 9.02 -22.41
CA TRP A 70 17.69 8.24 -21.73
C TRP A 70 16.32 8.89 -21.84
N GLN A 71 16.28 10.21 -21.69
CA GLN A 71 15.03 10.96 -21.72
C GLN A 71 14.27 10.70 -23.02
N GLN A 72 14.98 10.82 -24.14
CA GLN A 72 14.38 10.61 -25.46
C GLN A 72 13.97 9.15 -25.63
N MET A 73 14.83 8.24 -25.22
CA MET A 73 14.58 6.81 -25.38
C MET A 73 13.49 6.34 -24.43
N PHE A 74 13.36 7.02 -23.30
CA PHE A 74 12.39 6.64 -22.28
C PHE A 74 10.97 6.67 -22.83
N LYS A 75 10.78 7.39 -23.93
CA LYS A 75 9.46 7.57 -24.51
C LYS A 75 8.83 6.22 -24.86
N VAL A 76 9.67 5.21 -25.04
CA VAL A 76 9.20 3.88 -25.38
C VAL A 76 8.48 3.23 -24.20
N GLU A 77 8.87 3.61 -22.99
CA GLU A 77 8.23 3.11 -21.78
C GLU A 77 6.78 3.56 -21.69
N LEU A 78 6.48 4.71 -22.30
CA LEU A 78 5.10 5.20 -22.38
C LEU A 78 4.38 4.61 -23.58
N LYS A 79 5.03 4.65 -24.73
CA LYS A 79 4.40 4.24 -25.98
C LYS A 79 4.04 2.76 -25.95
N ARG A 80 4.94 1.94 -25.42
CA ARG A 80 4.72 0.50 -25.34
C ARG A 80 3.48 0.19 -24.51
N LEU A 81 3.28 0.94 -23.44
CA LEU A 81 2.12 0.75 -22.58
C LEU A 81 0.83 1.16 -23.27
N GLN A 82 0.87 2.31 -23.93
CA GLN A 82 -0.31 2.87 -24.56
C GLN A 82 -0.76 2.02 -25.75
N ARG A 83 0.20 1.47 -26.47
CA ARG A 83 -0.08 0.61 -27.61
C ARG A 83 -0.88 -0.62 -27.19
N HIS A 84 -0.50 -1.19 -26.05
CA HIS A 84 -1.20 -2.35 -25.51
C HIS A 84 -2.52 -1.93 -24.86
N TYR A 85 -2.50 -0.79 -24.16
CA TYR A 85 -3.69 -0.28 -23.50
C TYR A 85 -4.74 0.13 -24.52
N ASN A 86 -4.30 0.45 -25.73
CA ASN A 86 -5.15 1.07 -26.73
C ASN A 86 -5.69 2.41 -26.25
N HIS A 87 -4.81 3.21 -25.66
CA HIS A 87 -5.20 4.49 -25.07
C HIS A 87 -4.32 5.62 -25.58
N SER A 88 -4.92 6.77 -25.84
CA SER A 88 -4.23 7.86 -26.51
C SER A 88 -4.41 9.17 -25.75
N GLY A 89 -4.84 9.07 -24.50
CA GLY A 89 -5.05 10.25 -23.67
C GLY A 89 -3.83 10.53 -22.79
N SER A 90 -3.95 11.55 -21.95
CA SER A 90 -2.88 11.89 -21.01
C SER A 90 -2.65 10.78 -20.00
N HIS A 91 -1.40 10.59 -19.60
CA HIS A 91 -1.04 9.52 -18.68
C HIS A 91 0.36 9.75 -18.10
N THR A 92 0.65 9.06 -17.00
CA THR A 92 1.99 9.07 -16.44
C THR A 92 2.47 7.65 -16.13
N TYR A 93 3.79 7.47 -16.08
CA TYR A 93 4.37 6.18 -15.70
C TYR A 93 5.71 6.38 -15.03
N GLN A 94 5.93 5.65 -13.94
CA GLN A 94 7.09 5.87 -13.08
C GLN A 94 7.76 4.55 -12.69
N ARG A 95 9.04 4.62 -12.37
CA ARG A 95 9.80 3.43 -12.01
C ARG A 95 10.84 3.75 -10.94
N MET A 96 10.93 2.89 -9.93
CA MET A 96 11.93 3.03 -8.89
C MET A 96 13.05 2.02 -9.04
N ILE A 97 14.29 2.49 -8.93
CA ILE A 97 15.45 1.61 -8.78
C ILE A 97 16.33 2.03 -7.62
N GLY A 98 16.71 1.06 -6.79
CA GLY A 98 17.59 1.32 -5.66
C GLY A 98 18.05 0.01 -5.01
N CYS A 99 18.89 0.14 -3.99
CA CYS A 99 19.44 -1.03 -3.31
C CYS A 99 19.99 -0.66 -1.94
N GLU A 100 19.69 -1.48 -0.95
CA GLU A 100 20.02 -1.15 0.44
C GLU A 100 21.33 -1.80 0.86
N LEU A 101 22.22 -1.01 1.43
CA LEU A 101 23.50 -1.51 1.93
C LEU A 101 23.49 -1.66 3.45
N LEU A 102 23.79 -2.86 3.92
CA LEU A 102 23.73 -3.16 5.35
C LEU A 102 25.13 -3.09 5.98
N GLU A 103 25.15 -2.89 7.29
CA GLU A 103 26.41 -2.71 8.01
C GLU A 103 27.30 -3.94 7.89
N ASP A 104 26.67 -5.10 7.79
CA ASP A 104 27.39 -6.37 7.79
C ASP A 104 27.93 -6.70 6.40
N GLY A 105 27.78 -5.76 5.47
CA GLY A 105 28.42 -5.87 4.16
C GLY A 105 27.44 -6.43 3.14
N SER A 106 26.33 -6.96 3.61
CA SER A 106 25.31 -7.51 2.73
C SER A 106 24.48 -6.40 2.09
N THR A 107 23.64 -6.78 1.13
CA THR A 107 22.79 -5.82 0.44
C THR A 107 21.57 -6.51 -0.17
N THR A 108 20.49 -5.75 -0.34
CA THR A 108 19.31 -6.25 -1.05
C THR A 108 18.82 -5.23 -2.07
N GLY A 109 18.66 -5.69 -3.31
CA GLY A 109 18.16 -4.83 -4.38
C GLY A 109 16.63 -4.83 -4.42
N PHE A 110 16.06 -3.71 -4.86
CA PHE A 110 14.62 -3.58 -4.97
C PHE A 110 14.22 -2.92 -6.29
N LEU A 111 13.11 -3.38 -6.86
CA LEU A 111 12.47 -2.66 -7.96
C LEU A 111 10.99 -2.46 -7.69
N GLN A 112 10.44 -1.36 -8.21
CA GLN A 112 9.04 -1.03 -8.00
C GLN A 112 8.48 -0.21 -9.15
N TYR A 113 7.28 -0.55 -9.59
CA TYR A 113 6.66 0.12 -10.73
C TYR A 113 5.26 0.61 -10.38
N ALA A 114 4.87 1.73 -10.98
CA ALA A 114 3.50 2.24 -10.83
C ALA A 114 3.01 2.87 -12.13
N TYR A 115 1.69 2.91 -12.29
CA TYR A 115 1.08 3.57 -13.44
C TYR A 115 -0.02 4.53 -13.01
N ASP A 116 0.15 5.81 -13.34
CA ASP A 116 -0.72 6.86 -12.83
C ASP A 116 -0.86 6.75 -11.32
N GLY A 117 0.23 6.44 -10.64
CA GLY A 117 0.30 6.55 -9.19
C GLY A 117 -0.18 5.26 -8.52
N GLN A 118 -0.70 4.34 -9.32
CA GLN A 118 -1.20 3.07 -8.81
C GLN A 118 -0.18 1.95 -9.02
N ASP A 119 -0.26 0.93 -8.17
CA ASP A 119 0.60 -0.24 -8.32
C ASP A 119 0.55 -0.80 -9.73
N PHE A 120 1.72 -1.06 -10.30
CA PHE A 120 1.81 -1.64 -11.64
C PHE A 120 2.47 -3.01 -11.60
N LEU A 121 3.66 -3.08 -11.01
CA LEU A 121 4.35 -4.35 -10.83
C LEU A 121 5.04 -4.41 -9.47
N ILE A 122 4.97 -5.57 -8.84
CA ILE A 122 5.50 -5.75 -7.49
C ILE A 122 6.63 -6.77 -7.48
N PHE A 123 7.70 -6.45 -6.74
CA PHE A 123 8.95 -7.20 -6.86
C PHE A 123 9.18 -8.05 -5.62
N ASN A 124 9.26 -9.37 -5.82
CA ASN A 124 9.54 -10.29 -4.73
C ASN A 124 11.03 -10.53 -4.58
N LYS A 125 11.69 -9.73 -3.76
CA LYS A 125 13.14 -9.54 -3.83
C LYS A 125 13.86 -10.83 -3.46
N ASP A 126 13.18 -11.71 -2.74
CA ASP A 126 13.80 -12.91 -2.20
C ASP A 126 13.84 -14.03 -3.24
N THR A 127 13.01 -13.91 -4.27
CA THR A 127 12.93 -14.92 -5.32
C THR A 127 13.01 -14.29 -6.70
N LEU A 128 12.98 -12.96 -6.74
CA LEU A 128 12.90 -12.23 -8.00
C LEU A 128 11.65 -12.61 -8.77
N SER A 129 10.58 -12.90 -8.04
CA SER A 129 9.29 -13.18 -8.66
C SER A 129 8.47 -11.90 -8.83
N TRP A 130 7.44 -11.97 -9.68
CA TRP A 130 6.61 -10.81 -9.96
C TRP A 130 5.13 -11.17 -9.88
N LEU A 131 4.29 -10.16 -9.65
CA LEU A 131 2.87 -10.26 -9.94
C LEU A 131 2.36 -8.99 -10.62
N ALA A 132 1.34 -9.15 -11.47
CA ALA A 132 0.86 -8.06 -12.30
C ALA A 132 -0.53 -7.60 -11.87
N VAL A 133 -0.81 -6.31 -12.08
CA VAL A 133 -2.11 -5.76 -11.76
C VAL A 133 -3.03 -5.76 -12.97
N ASP A 134 -2.44 -5.97 -14.14
CA ASP A 134 -3.17 -5.84 -15.40
C ASP A 134 -2.52 -6.65 -16.50
N ASN A 135 -3.19 -6.72 -17.65
CA ASN A 135 -2.70 -7.51 -18.78
C ASN A 135 -1.39 -6.95 -19.32
N VAL A 136 -1.22 -5.64 -19.21
CA VAL A 136 -0.03 -4.97 -19.71
C VAL A 136 1.18 -5.26 -18.83
N ALA A 137 1.01 -5.11 -17.52
CA ALA A 137 2.03 -5.51 -16.56
C ALA A 137 2.36 -6.99 -16.69
N HIS A 138 1.33 -7.80 -16.96
CA HIS A 138 1.50 -9.24 -17.08
C HIS A 138 2.47 -9.59 -18.22
N THR A 139 2.28 -8.93 -19.37
CA THR A 139 3.18 -9.11 -20.50
C THR A 139 4.62 -8.82 -20.11
N ILE A 140 4.83 -7.71 -19.40
CA ILE A 140 6.16 -7.32 -18.95
C ILE A 140 6.75 -8.38 -18.02
N LYS A 141 5.93 -8.87 -17.09
CA LYS A 141 6.33 -9.97 -16.23
C LYS A 141 6.91 -11.13 -17.04
N GLN A 142 6.18 -11.55 -18.06
CA GLN A 142 6.61 -12.65 -18.91
C GLN A 142 7.91 -12.33 -19.64
N ALA A 143 8.03 -11.08 -20.07
CA ALA A 143 9.24 -10.63 -20.77
C ALA A 143 10.48 -10.83 -19.90
N TRP A 144 10.34 -10.56 -18.60
CA TRP A 144 11.43 -10.79 -17.65
C TRP A 144 11.64 -12.27 -17.41
N GLU A 145 10.55 -13.01 -17.23
CA GLU A 145 10.63 -14.44 -16.94
C GLU A 145 10.92 -15.24 -18.20
N ALA A 146 10.90 -14.56 -19.35
CA ALA A 146 11.30 -15.17 -20.60
C ALA A 146 12.81 -15.06 -20.82
N ASN A 147 13.50 -14.51 -19.83
CA ASN A 147 14.94 -14.31 -19.92
C ASN A 147 15.66 -15.03 -18.79
N GLN A 148 16.31 -16.15 -19.11
CA GLN A 148 16.90 -17.02 -18.11
C GLN A 148 18.06 -16.32 -17.38
N HIS A 149 18.53 -15.23 -17.95
CA HIS A 149 19.68 -14.52 -17.41
C HIS A 149 19.26 -13.23 -16.72
N GLU A 150 17.95 -13.04 -16.57
CA GLU A 150 17.41 -11.85 -15.94
C GLU A 150 17.93 -11.70 -14.51
N LEU A 151 18.02 -12.82 -13.80
CA LEU A 151 18.54 -12.80 -12.44
C LEU A 151 19.92 -12.20 -12.38
N LEU A 152 20.81 -12.66 -13.25
CA LEU A 152 22.19 -12.19 -13.27
C LEU A 152 22.26 -10.70 -13.57
N TYR A 153 21.41 -10.24 -14.47
CA TYR A 153 21.31 -8.82 -14.78
C TYR A 153 20.93 -8.01 -13.55
N GLN A 154 19.82 -8.39 -12.92
CA GLN A 154 19.32 -7.67 -11.76
C GLN A 154 20.29 -7.74 -10.59
N LYS A 155 20.96 -8.89 -10.45
CA LYS A 155 21.90 -9.10 -9.36
C LYS A 155 23.08 -8.14 -9.46
N ASN A 156 23.79 -8.20 -10.57
CA ASN A 156 24.93 -7.31 -10.81
C ASN A 156 24.48 -5.86 -10.86
N TRP A 157 23.28 -5.62 -11.39
CA TRP A 157 22.76 -4.27 -11.52
C TRP A 157 22.57 -3.61 -10.16
N LEU A 158 21.88 -4.32 -9.26
CA LEU A 158 21.40 -3.70 -8.02
C LEU A 158 22.41 -3.89 -6.90
N GLU A 159 22.95 -5.10 -6.79
CA GLU A 159 23.73 -5.48 -5.63
C GLU A 159 25.18 -4.99 -5.73
N GLU A 160 25.58 -4.64 -6.95
CA GLU A 160 26.95 -4.21 -7.21
C GLU A 160 27.00 -2.78 -7.74
N GLU A 161 26.44 -2.58 -8.92
CA GLU A 161 26.56 -1.30 -9.62
C GLU A 161 25.96 -0.17 -8.80
N CYS A 162 24.70 -0.33 -8.40
CA CYS A 162 24.00 0.68 -7.61
C CYS A 162 24.71 0.91 -6.29
N ILE A 163 25.19 -0.17 -5.68
CA ILE A 163 25.89 -0.08 -4.41
C ILE A 163 27.22 0.66 -4.56
N ALA A 164 27.91 0.42 -5.65
CA ALA A 164 29.14 1.14 -5.97
C ALA A 164 28.89 2.64 -6.01
N TRP A 165 27.76 3.04 -6.58
CA TRP A 165 27.37 4.45 -6.61
C TRP A 165 27.10 4.96 -5.19
N LEU A 166 26.37 4.17 -4.41
CA LEU A 166 26.04 4.55 -3.04
C LEU A 166 27.30 4.80 -2.22
N LYS A 167 28.23 3.85 -2.26
CA LYS A 167 29.46 3.93 -1.48
C LYS A 167 30.24 5.18 -1.84
N ARG A 168 30.29 5.50 -3.13
CA ARG A 168 30.98 6.70 -3.60
C ARG A 168 30.27 7.96 -3.12
N PHE A 169 28.94 7.95 -3.17
CA PHE A 169 28.15 9.06 -2.67
C PHE A 169 28.37 9.28 -1.18
N LEU A 170 28.51 8.19 -0.45
CA LEU A 170 28.80 8.25 0.99
C LEU A 170 30.17 8.86 1.24
N GLU A 171 31.15 8.47 0.41
CA GLU A 171 32.48 9.05 0.48
C GLU A 171 32.46 10.55 0.25
N TYR A 172 31.59 10.98 -0.66
CA TYR A 172 31.34 12.40 -0.85
C TYR A 172 30.67 13.02 0.37
N GLY A 173 29.51 12.48 0.75
CA GLY A 173 28.69 13.09 1.77
C GLY A 173 29.18 12.73 3.17
N LYS A 174 30.42 13.07 3.46
CA LYS A 174 31.00 12.83 4.78
C LYS A 174 30.16 13.48 5.88
N ASP A 175 29.50 14.58 5.53
CA ASP A 175 28.66 15.29 6.48
C ASP A 175 27.52 14.42 6.98
N THR A 176 27.21 13.38 6.22
CA THR A 176 26.13 12.46 6.57
C THR A 176 26.66 11.09 6.95
N LEU A 177 27.86 10.78 6.46
CA LEU A 177 28.48 9.48 6.73
C LEU A 177 29.13 9.45 8.10
N GLN A 178 29.96 10.46 8.37
CA GLN A 178 30.78 10.47 9.57
C GLN A 178 30.10 11.19 10.72
N ARG A 179 28.88 11.65 10.47
CA ARG A 179 28.14 12.43 11.46
C ARG A 179 27.30 11.53 12.36
N THR A 180 27.41 11.74 13.67
CA THR A 180 26.54 11.07 14.63
C THR A 180 26.35 11.91 15.88
N GLU A 181 25.10 12.01 16.32
CA GLU A 181 24.77 12.82 17.50
C GLU A 181 23.78 12.10 18.40
N PRO A 182 24.01 12.18 19.71
CA PRO A 182 23.10 11.60 20.68
C PRO A 182 21.84 12.44 20.84
N PRO A 183 20.77 11.81 21.28
CA PRO A 183 19.50 12.51 21.49
C PRO A 183 19.54 13.32 22.78
N LYS A 184 18.76 14.40 22.82
CA LYS A 184 18.32 14.99 24.08
C LYS A 184 16.85 14.72 24.33
N VAL A 185 16.53 14.24 25.53
CA VAL A 185 15.19 13.76 25.84
C VAL A 185 14.58 14.52 27.02
N ARG A 186 13.39 15.05 26.81
CA ARG A 186 12.70 15.82 27.84
C ARG A 186 11.34 15.23 28.16
N VAL A 187 10.91 15.37 29.41
CA VAL A 187 9.60 14.89 29.82
C VAL A 187 8.81 15.98 30.53
N ASN A 188 7.52 16.10 30.18
CA ASN A 188 6.67 17.15 30.75
C ASN A 188 5.24 16.65 30.91
N HIS A 189 4.51 17.27 31.82
CA HIS A 189 3.05 17.17 31.84
C HIS A 189 2.42 18.04 30.77
N LYS A 190 1.30 17.59 30.23
CA LYS A 190 0.43 18.46 29.43
C LYS A 190 -1.03 18.06 29.58
N GLU A 191 -1.93 18.92 29.12
CA GLU A 191 -3.34 18.58 29.02
C GLU A 191 -3.80 18.49 27.57
N THR A 192 -4.50 17.41 27.24
CA THR A 192 -5.08 17.26 25.91
C THR A 192 -6.60 17.29 25.97
N PHE A 193 -7.15 17.06 27.16
CA PHE A 193 -8.59 16.97 27.33
C PHE A 193 -8.99 17.16 28.79
N PRO A 194 -10.01 17.97 29.02
CA PRO A 194 -10.47 18.25 30.38
C PRO A 194 -10.71 16.96 31.15
N GLY A 195 -10.21 16.92 32.38
CA GLY A 195 -10.41 15.76 33.25
C GLY A 195 -9.31 14.73 33.06
N ILE A 196 -8.52 14.89 32.00
CA ILE A 196 -7.49 13.92 31.65
C ILE A 196 -6.10 14.47 31.92
N THR A 197 -5.23 13.62 32.43
CA THR A 197 -3.81 13.96 32.58
C THR A 197 -2.96 13.24 31.54
N THR A 198 -2.21 14.01 30.77
CA THR A 198 -1.42 13.48 29.67
C THR A 198 0.07 13.63 29.93
N LEU A 199 0.82 12.56 29.65
CA LEU A 199 2.27 12.61 29.74
C LEU A 199 2.92 12.71 28.37
N TYR A 200 3.85 13.65 28.21
CA TYR A 200 4.59 13.79 26.96
C TYR A 200 6.07 13.52 27.18
N CYS A 201 6.72 12.94 26.17
CA CYS A 201 8.17 12.88 26.12
C CYS A 201 8.69 13.11 24.71
N ARG A 202 9.60 14.05 24.55
CA ARG A 202 10.10 14.44 23.24
C ARG A 202 11.61 14.31 23.16
N ALA A 203 12.10 13.73 22.07
CA ALA A 203 13.53 13.58 21.84
C ALA A 203 13.96 14.31 20.57
N TYR A 204 15.10 14.99 20.64
CA TYR A 204 15.58 15.79 19.52
C TYR A 204 17.10 15.81 19.48
N GLY A 205 17.65 16.09 18.30
CA GLY A 205 19.06 16.48 18.17
C GLY A 205 19.94 15.25 17.94
N PHE A 206 19.33 14.17 17.47
CA PHE A 206 20.07 12.92 17.24
C PHE A 206 20.25 12.67 15.75
N TYR A 207 21.31 11.93 15.41
CA TYR A 207 21.60 11.62 14.02
C TYR A 207 22.57 10.45 13.92
N PRO A 208 22.36 9.60 12.91
CA PRO A 208 21.11 9.62 12.15
C PRO A 208 19.92 9.26 13.02
N PRO A 209 18.74 9.20 12.41
CA PRO A 209 17.50 9.04 13.16
C PRO A 209 17.32 7.61 13.63
N GLU A 210 18.20 7.18 14.54
CA GLU A 210 18.01 5.93 15.25
C GLU A 210 17.58 6.17 16.70
N ILE A 211 16.29 5.98 16.98
CA ILE A 211 15.75 6.21 18.30
C ILE A 211 14.46 5.44 18.51
N SER A 212 14.23 4.98 19.74
CA SER A 212 12.91 4.54 20.15
C SER A 212 12.65 4.87 21.63
N ILE A 213 11.56 5.58 21.88
CA ILE A 213 11.16 5.90 23.26
C ILE A 213 9.78 5.34 23.57
N ASN A 214 9.62 4.85 24.79
CA ASN A 214 8.40 4.16 25.18
C ASN A 214 8.05 4.44 26.64
N TRP A 215 6.76 4.36 26.96
CA TRP A 215 6.30 4.57 28.32
C TRP A 215 6.29 3.26 29.11
N MET A 216 6.61 3.36 30.40
CA MET A 216 6.44 2.23 31.31
C MET A 216 5.50 2.57 32.45
N LYS A 217 4.82 1.57 32.98
CA LYS A 217 3.92 1.76 34.12
C LYS A 217 4.33 0.88 35.30
N ASN A 218 4.70 1.52 36.40
CA ASN A 218 5.18 0.81 37.58
C ASN A 218 6.33 -0.12 37.23
N GLY A 219 7.16 0.30 36.28
CA GLY A 219 8.39 -0.41 35.96
C GLY A 219 8.18 -1.40 34.83
N GLU A 220 6.91 -1.63 34.49
CA GLU A 220 6.57 -2.59 33.44
C GLU A 220 6.29 -1.90 32.12
N GLU A 221 6.65 -2.56 31.02
CA GLU A 221 6.30 -2.08 29.70
C GLU A 221 4.80 -1.95 29.53
N ILE A 222 4.36 -0.83 29.00
CA ILE A 222 2.94 -0.59 28.75
C ILE A 222 2.51 -1.17 27.40
N PHE A 223 1.48 -2.00 27.43
CA PHE A 223 0.87 -2.52 26.20
C PHE A 223 -0.51 -1.93 25.98
N GLN A 224 -0.81 -0.83 26.66
CA GLN A 224 -2.08 -0.14 26.49
C GLN A 224 -2.03 0.79 25.28
N ASP A 225 -3.20 1.26 24.86
CA ASP A 225 -3.30 2.23 23.79
C ASP A 225 -2.47 3.47 24.11
N THR A 226 -1.39 3.68 23.37
CA THR A 226 -0.55 4.86 23.52
C THR A 226 -0.31 5.54 22.19
N ASP A 227 0.13 6.80 22.24
CA ASP A 227 0.31 7.60 21.04
C ASP A 227 1.78 7.71 20.67
N TYR A 228 2.10 7.41 19.42
CA TYR A 228 3.46 7.57 18.91
C TYR A 228 3.51 8.61 17.79
N GLY A 229 4.55 9.45 17.82
CA GLY A 229 4.82 10.34 16.71
C GLY A 229 5.83 9.72 15.74
N GLY A 230 6.19 10.47 14.70
CA GLY A 230 7.20 10.03 13.75
C GLY A 230 8.57 10.59 14.12
N ILE A 231 9.55 10.37 13.26
CA ILE A 231 10.87 10.95 13.42
C ILE A 231 11.13 12.03 12.38
N LEU A 232 11.10 13.29 12.80
CA LEU A 232 11.01 14.41 11.88
C LEU A 232 12.26 15.27 11.91
N PRO A 233 12.68 15.74 10.74
CA PRO A 233 13.80 16.67 10.65
C PRO A 233 13.57 17.90 11.51
N SER A 234 14.60 18.32 12.24
CA SER A 234 14.52 19.52 13.07
C SER A 234 14.92 20.76 12.27
N GLY A 235 15.39 20.54 11.05
CA GLY A 235 15.79 21.65 10.18
C GLY A 235 17.24 22.05 10.44
N ASP A 236 17.92 21.31 11.29
CA ASP A 236 19.30 21.60 11.64
C ASP A 236 20.21 20.41 11.35
N GLY A 237 19.70 19.46 10.57
CA GLY A 237 20.50 18.32 10.13
C GLY A 237 20.22 17.09 11.00
N THR A 238 19.56 17.31 12.13
CA THR A 238 19.20 16.23 13.03
C THR A 238 17.69 16.01 13.04
N TYR A 239 17.24 15.00 13.78
CA TYR A 239 15.84 14.62 13.81
C TYR A 239 15.26 14.73 15.23
N GLN A 240 13.94 14.69 15.32
CA GLN A 240 13.27 14.62 16.61
C GLN A 240 12.05 13.73 16.56
N THR A 241 11.69 13.15 17.69
CA THR A 241 10.43 12.41 17.81
C THR A 241 9.77 12.68 19.16
N TRP A 242 8.65 11.99 19.41
CA TRP A 242 7.92 12.16 20.66
C TRP A 242 6.91 11.03 20.87
N VAL A 243 6.57 10.78 22.11
CA VAL A 243 5.41 9.96 22.44
C VAL A 243 4.57 10.59 23.54
N SER A 244 3.36 10.08 23.73
CA SER A 244 2.49 10.54 24.81
C SER A 244 1.58 9.43 25.30
N VAL A 245 1.12 9.54 26.54
CA VAL A 245 0.11 8.63 27.07
C VAL A 245 -0.88 9.37 27.96
N GLU A 246 -2.16 9.01 27.84
CA GLU A 246 -3.20 9.65 28.63
C GLU A 246 -3.56 8.80 29.85
N LEU A 247 -3.72 9.45 31.00
CA LEU A 247 -3.98 8.76 32.25
C LEU A 247 -5.43 8.93 32.69
N ASP A 248 -5.98 7.88 33.30
CA ASP A 248 -7.32 7.95 33.88
C ASP A 248 -7.42 9.11 34.88
N PRO A 249 -8.56 9.79 34.87
CA PRO A 249 -8.79 10.89 35.80
C PRO A 249 -8.46 10.50 37.23
N GLN A 250 -8.62 9.21 37.53
CA GLN A 250 -8.41 8.72 38.89
C GLN A 250 -7.24 7.74 38.95
N ASN A 251 -6.30 7.90 38.02
CA ASN A 251 -5.12 7.05 37.98
C ASN A 251 -4.18 7.32 39.14
N GLY A 252 -3.42 6.32 39.53
CA GLY A 252 -2.49 6.44 40.65
C GLY A 252 -1.17 5.73 40.35
N ASP A 253 -1.05 5.19 39.15
CA ASP A 253 0.13 4.44 38.76
C ASP A 253 1.32 5.37 38.49
N ILE A 254 2.52 4.84 38.67
CA ILE A 254 3.73 5.61 38.40
C ILE A 254 4.23 5.35 36.98
N TYR A 255 4.51 6.43 36.25
CA TYR A 255 4.91 6.31 34.85
C TYR A 255 6.33 6.83 34.64
N SER A 256 7.01 6.27 33.65
CA SER A 256 8.32 6.76 33.25
C SER A 256 8.61 6.45 31.79
N CYS A 257 9.72 6.96 31.27
CA CYS A 257 10.08 6.79 29.88
C CYS A 257 11.37 5.99 29.73
N HIS A 258 11.49 5.25 28.64
CA HIS A 258 12.67 4.45 28.37
C HIS A 258 13.16 4.64 26.94
N VAL A 259 14.35 5.20 26.80
CA VAL A 259 14.86 5.60 25.49
C VAL A 259 16.01 4.71 25.05
N GLU A 260 15.96 4.28 23.79
CA GLU A 260 17.03 3.47 23.21
C GLU A 260 17.74 4.23 22.10
N HIS A 261 19.07 4.21 22.15
CA HIS A 261 19.89 4.77 21.07
C HIS A 261 21.30 4.22 21.12
N GLY A 262 21.77 3.71 19.98
CA GLY A 262 23.14 3.25 19.85
C GLY A 262 23.38 1.98 20.66
N GLY A 263 22.30 1.33 21.05
CA GLY A 263 22.37 0.15 21.90
C GLY A 263 22.23 0.54 23.38
N VAL A 264 22.27 1.83 23.65
CA VAL A 264 22.14 2.33 25.02
C VAL A 264 20.69 2.53 25.39
N HIS A 265 20.33 2.10 26.60
CA HIS A 265 18.92 2.03 26.99
C HIS A 265 18.71 2.66 28.36
N MET A 266 18.12 3.86 28.37
CA MET A 266 18.12 4.71 29.55
C MET A 266 16.71 5.06 29.98
N VAL A 267 16.49 5.13 31.30
CA VAL A 267 15.18 5.45 31.84
C VAL A 267 15.14 6.89 32.36
N LEU A 268 14.06 7.60 32.05
CA LEU A 268 13.87 8.96 32.52
C LEU A 268 12.69 9.04 33.49
N GLN A 269 12.90 9.74 34.60
CA GLN A 269 11.85 9.93 35.60
C GLN A 269 11.63 11.40 35.89
N GLY A 270 10.42 11.75 36.30
CA GLY A 270 10.09 13.12 36.63
C GLY A 270 9.35 13.80 35.49
N PHE A 271 8.48 14.75 35.82
CA PHE A 271 7.65 15.42 34.83
C PHE A 271 7.60 16.92 35.06
N GLN B 3 -6.19 9.69 -5.44
CA GLN B 3 -5.86 10.61 -4.37
C GLN B 3 -5.06 9.90 -3.28
N ARG B 4 -4.08 10.60 -2.72
CA ARG B 4 -3.55 10.26 -1.40
C ARG B 4 -3.45 11.50 -0.51
N PRO B 5 -3.99 11.38 0.70
CA PRO B 5 -4.02 12.51 1.63
C PRO B 5 -2.68 12.69 2.31
N PRO B 6 -2.33 13.94 2.61
CA PRO B 6 -1.11 14.25 3.33
C PRO B 6 -1.26 13.95 4.82
N LYS B 7 -0.12 13.71 5.48
CA LYS B 7 0.01 13.99 6.91
C LYS B 7 0.62 15.36 7.14
N ILE B 8 -0.07 16.19 7.92
CA ILE B 8 0.40 17.54 8.21
C ILE B 8 0.86 17.67 9.66
N GLN B 9 2.15 17.48 9.89
CA GLN B 9 2.71 17.55 11.23
C GLN B 9 3.41 18.88 11.47
N VAL B 10 3.10 19.52 12.60
CA VAL B 10 3.66 20.83 12.91
C VAL B 10 4.40 20.81 14.24
N TYR B 11 5.58 21.40 14.26
CA TYR B 11 6.44 21.35 15.44
C TYR B 11 7.48 22.47 15.40
N SER B 12 8.24 22.59 16.49
CA SER B 12 9.33 23.56 16.56
C SER B 12 10.68 22.86 16.70
N ARG B 13 11.74 23.55 16.30
CA ARG B 13 13.09 23.03 16.46
C ARG B 13 13.46 22.91 17.94
N HIS B 14 13.11 23.93 18.72
CA HIS B 14 13.47 23.97 20.12
C HIS B 14 12.23 24.14 21.00
N PRO B 15 12.33 23.72 22.25
CA PRO B 15 11.26 23.91 23.22
C PRO B 15 10.78 25.36 23.23
N PRO B 16 9.52 25.56 23.57
CA PRO B 16 8.90 26.89 23.50
C PRO B 16 9.32 27.75 24.68
N GLU B 17 10.61 28.10 24.72
CA GLU B 17 11.12 29.01 25.74
C GLU B 17 10.93 30.46 25.33
N ASP B 18 10.14 31.20 26.10
CA ASP B 18 9.76 32.55 25.74
C ASP B 18 10.98 33.45 25.56
N GLY B 19 11.03 34.17 24.45
CA GLY B 19 12.08 35.17 24.22
C GLY B 19 13.28 34.53 23.53
N LYS B 20 13.33 33.21 23.50
CA LYS B 20 14.44 32.49 22.89
C LYS B 20 14.17 32.22 21.42
N PRO B 21 15.14 32.58 20.58
CA PRO B 21 15.03 32.34 19.14
C PRO B 21 14.66 30.90 18.85
N ASN B 22 13.76 30.70 17.88
CA ASN B 22 13.28 29.37 17.54
C ASN B 22 12.92 29.28 16.06
N TYR B 23 12.55 28.07 15.63
CA TYR B 23 12.13 27.86 14.25
C TYR B 23 10.89 26.97 14.19
N LEU B 24 9.90 27.39 13.41
CA LEU B 24 8.68 26.61 13.23
C LEU B 24 8.81 25.67 12.04
N ASN B 25 8.63 24.37 12.30
CA ASN B 25 8.78 23.35 11.26
C ASN B 25 7.43 22.76 10.87
N CYS B 26 7.34 22.28 9.63
CA CYS B 26 6.27 21.37 9.23
C CYS B 26 6.79 20.26 8.32
N TYR B 27 6.31 19.05 8.54
CA TYR B 27 6.78 17.90 7.79
C TYR B 27 5.62 17.13 7.18
N VAL B 28 5.56 17.11 5.86
CA VAL B 28 4.40 16.57 5.16
C VAL B 28 4.80 15.42 4.24
N TYR B 29 3.99 14.36 4.25
CA TYR B 29 4.24 13.20 3.39
C TYR B 29 2.99 12.38 3.21
N GLY B 30 2.98 11.54 2.17
CA GLY B 30 1.90 10.57 1.97
C GLY B 30 0.87 11.09 0.99
N PHE B 31 1.20 12.19 0.31
CA PHE B 31 0.26 12.88 -0.56
C PHE B 31 0.51 12.52 -2.03
N HIS B 32 -0.53 12.66 -2.84
CA HIS B 32 -0.40 12.40 -4.28
C HIS B 32 -1.57 13.01 -5.04
N PRO B 33 -1.27 13.62 -6.19
CA PRO B 33 0.11 13.73 -6.66
C PRO B 33 0.89 14.74 -5.83
N PRO B 34 2.21 14.72 -5.98
CA PRO B 34 3.08 15.61 -5.21
C PRO B 34 3.09 17.01 -5.79
N GLN B 35 1.93 17.67 -5.75
CA GLN B 35 1.84 19.07 -6.14
C GLN B 35 1.48 19.95 -4.94
N ILE B 36 2.50 20.46 -4.25
CA ILE B 36 2.37 20.82 -2.85
C ILE B 36 3.15 22.09 -2.54
N GLU B 37 2.57 22.94 -1.69
CA GLU B 37 3.30 24.05 -1.10
C GLU B 37 2.97 24.21 0.38
N ILE B 38 3.98 24.58 1.17
CA ILE B 38 3.79 24.83 2.59
C ILE B 38 4.02 26.29 2.93
N ASP B 39 2.98 26.94 3.46
CA ASP B 39 3.10 28.32 3.94
C ASP B 39 2.96 28.38 5.45
N LEU B 40 4.06 28.70 6.13
CA LEU B 40 4.05 28.82 7.59
C LEU B 40 3.58 30.21 8.01
N LEU B 41 2.74 30.25 9.03
CA LEU B 41 2.03 31.48 9.40
C LEU B 41 2.40 31.93 10.79
N LYS B 42 2.37 33.24 11.01
CA LYS B 42 2.28 33.80 12.36
C LYS B 42 1.04 34.66 12.51
N ASN B 43 0.15 34.25 13.41
CA ASN B 43 -1.15 34.91 13.55
C ASN B 43 -1.90 34.96 12.23
N GLY B 44 -1.64 33.97 11.38
CA GLY B 44 -2.38 33.84 10.12
C GLY B 44 -1.61 34.49 8.97
N GLU B 45 -0.60 35.27 9.30
CA GLU B 45 0.20 35.99 8.31
C GLU B 45 1.44 35.19 7.92
N LYS B 46 1.65 35.03 6.62
CA LYS B 46 2.81 34.29 6.11
C LYS B 46 4.11 34.93 6.57
N ILE B 47 5.04 34.11 7.05
CA ILE B 47 6.32 34.59 7.54
C ILE B 47 7.47 34.00 6.75
N LYS B 48 8.66 34.56 6.93
CA LYS B 48 9.86 34.06 6.26
C LYS B 48 10.02 32.56 6.46
N SER B 49 10.19 31.83 5.36
CA SER B 49 10.31 30.38 5.41
C SER B 49 11.15 29.85 4.25
N GLU B 50 11.65 28.64 4.39
CA GLU B 50 12.32 27.95 3.29
C GLU B 50 11.58 26.67 2.92
N GLN B 51 11.63 26.32 1.63
CA GLN B 51 10.98 25.12 1.14
C GLN B 51 12.00 24.09 0.69
N SER B 52 12.05 22.95 1.39
CA SER B 52 13.05 21.94 1.12
C SER B 52 12.65 21.05 -0.05
N ASP B 53 13.62 20.32 -0.59
CA ASP B 53 13.35 19.41 -1.71
C ASP B 53 12.41 18.28 -1.30
N LEU B 54 11.69 17.75 -2.28
CA LEU B 54 10.92 16.53 -2.07
C LEU B 54 11.82 15.31 -2.01
N SER B 55 11.45 14.34 -1.17
CA SER B 55 12.13 13.06 -1.12
C SER B 55 11.16 11.90 -1.31
N PHE B 56 11.39 11.10 -2.34
CA PHE B 56 10.46 10.05 -2.73
C PHE B 56 10.19 9.10 -1.56
N SER B 57 8.94 8.66 -1.45
CA SER B 57 8.59 7.61 -0.49
C SER B 57 8.06 6.37 -1.20
N LYS B 58 8.38 5.20 -0.67
CA LYS B 58 7.97 3.94 -1.28
C LYS B 58 6.45 3.80 -1.30
N ASP B 59 5.78 4.68 -0.57
CA ASP B 59 4.31 4.72 -0.58
C ASP B 59 3.79 5.54 -1.75
N TRP B 60 4.62 5.72 -2.76
CA TRP B 60 4.25 6.53 -3.93
C TRP B 60 3.96 7.96 -3.54
N SER B 61 4.75 8.50 -2.63
CA SER B 61 4.62 9.89 -2.21
C SER B 61 5.99 10.55 -2.04
N PHE B 62 5.99 11.73 -1.43
CA PHE B 62 7.24 12.44 -1.16
C PHE B 62 7.22 13.08 0.22
N TYR B 63 8.39 13.21 0.82
CA TYR B 63 8.54 14.00 2.04
C TYR B 63 8.87 15.45 1.72
N LEU B 64 8.26 16.36 2.47
CA LEU B 64 8.52 17.79 2.29
C LEU B 64 8.75 18.47 3.63
N LEU B 65 9.85 19.22 3.73
CA LEU B 65 10.17 19.97 4.94
C LEU B 65 10.12 21.46 4.68
N SER B 66 9.58 22.20 5.63
CA SER B 66 9.70 23.66 5.64
C SER B 66 9.90 24.20 7.05
N HIS B 67 10.62 25.32 7.15
CA HIS B 67 10.92 25.91 8.44
C HIS B 67 10.84 27.43 8.38
N ALA B 68 10.50 28.05 9.50
CA ALA B 68 10.45 29.50 9.59
C ALA B 68 10.98 30.00 10.93
N GLU B 69 11.55 31.20 10.94
CA GLU B 69 12.08 31.78 12.16
C GLU B 69 10.98 32.49 12.96
N PHE B 70 10.97 32.25 14.27
CA PHE B 70 10.05 32.94 15.16
C PHE B 70 10.56 32.91 16.60
N THR B 71 9.98 33.76 17.44
CA THR B 71 10.23 33.71 18.87
C THR B 71 8.96 33.40 19.66
N PRO B 72 9.01 32.32 20.45
CA PRO B 72 7.89 31.95 21.29
C PRO B 72 7.53 33.07 22.26
N ASN B 73 6.25 33.22 22.55
CA ASN B 73 5.80 34.07 23.64
C ASN B 73 4.35 33.78 24.01
N SER B 74 3.82 34.54 24.96
CA SER B 74 2.54 34.22 25.57
C SER B 74 1.38 34.85 24.81
N LYS B 75 1.72 35.59 23.75
CA LYS B 75 0.74 36.37 23.02
C LYS B 75 0.50 35.81 21.62
N ASP B 76 1.58 35.70 20.85
CA ASP B 76 1.48 35.35 19.44
C ASP B 76 1.14 33.88 19.27
N GLN B 77 0.33 33.57 18.26
CA GLN B 77 0.03 32.19 17.90
C GLN B 77 0.73 31.78 16.61
N TYR B 78 0.99 30.49 16.47
CA TYR B 78 1.71 29.99 15.31
C TYR B 78 1.01 28.76 14.72
N SER B 79 1.05 28.64 13.40
CA SER B 79 0.37 27.55 12.71
C SER B 79 0.97 27.31 11.33
N CYS B 80 0.48 26.28 10.65
CA CYS B 80 0.93 25.97 9.29
C CYS B 80 -0.25 25.78 8.35
N ARG B 81 -0.16 26.36 7.16
CA ARG B 81 -1.17 26.17 6.13
C ARG B 81 -0.58 25.51 4.89
N VAL B 82 -1.02 24.30 4.61
CA VAL B 82 -0.45 23.51 3.52
C VAL B 82 -1.46 23.32 2.40
N LYS B 83 -1.02 23.57 1.16
CA LYS B 83 -1.92 23.56 0.01
C LYS B 83 -1.53 22.46 -0.97
N HIS B 84 -2.53 21.89 -1.63
CA HIS B 84 -2.30 20.93 -2.70
C HIS B 84 -3.19 21.23 -3.90
N VAL B 85 -2.75 20.80 -5.09
CA VAL B 85 -3.52 20.98 -6.31
C VAL B 85 -4.89 20.32 -6.19
N THR B 86 -4.98 19.34 -5.30
CA THR B 86 -6.21 18.54 -5.16
C THR B 86 -7.16 19.15 -4.16
N LEU B 87 -6.74 20.25 -3.55
CA LEU B 87 -7.53 20.90 -2.50
C LEU B 87 -8.18 22.18 -3.01
N GLU B 88 -9.41 22.43 -2.56
CA GLU B 88 -9.98 23.78 -2.62
C GLU B 88 -9.85 24.48 -1.28
N GLN B 89 -9.59 23.71 -0.23
CA GLN B 89 -9.49 24.26 1.12
C GLN B 89 -8.15 23.91 1.76
N PRO B 90 -7.29 24.91 1.92
CA PRO B 90 -5.98 24.71 2.51
C PRO B 90 -6.09 24.06 3.89
N ARG B 91 -5.15 23.18 4.20
CA ARG B 91 -5.15 22.46 5.47
C ARG B 91 -4.39 23.24 6.54
N ILE B 92 -5.11 23.67 7.58
CA ILE B 92 -4.53 24.52 8.61
C ILE B 92 -4.37 23.78 9.92
N VAL B 93 -3.13 23.68 10.39
CA VAL B 93 -2.83 22.97 11.63
C VAL B 93 -2.17 23.89 12.65
N LYS B 94 -2.75 23.98 13.83
CA LYS B 94 -2.21 24.82 14.89
C LYS B 94 -1.07 24.12 15.63
N TRP B 95 -0.01 24.87 15.90
CA TRP B 95 1.11 24.35 16.68
C TRP B 95 0.71 24.12 18.13
N ASP B 96 0.89 22.89 18.61
CA ASP B 96 0.46 22.51 19.95
C ASP B 96 1.54 22.84 20.98
N ARG B 97 2.54 23.59 20.56
CA ARG B 97 3.54 24.12 21.48
C ARG B 97 4.45 23.02 22.01
N ASP B 98 4.39 21.86 21.37
CA ASP B 98 5.28 20.75 21.69
C ASP B 98 5.29 20.48 23.20
N LEU B 99 6.42 20.78 23.84
CA LEU B 99 6.57 20.57 25.27
C LEU B 99 6.02 21.75 26.07
N PRO C 2 -16.33 -22.82 3.19
CA PRO C 2 -17.55 -23.50 2.78
C PRO C 2 -17.63 -24.91 3.37
N HIS C 3 -18.80 -25.25 3.91
CA HIS C 3 -19.06 -26.62 4.37
C HIS C 3 -19.17 -27.58 3.20
N PRO C 4 -18.62 -28.77 3.37
CA PRO C 4 -18.74 -29.82 2.36
C PRO C 4 -20.18 -29.98 1.89
N ALA C 5 -20.35 -30.23 0.59
CA ALA C 5 -21.67 -30.25 -0.02
C ALA C 5 -22.62 -31.16 0.76
N GLU C 6 -23.82 -30.66 1.01
CA GLU C 6 -24.84 -31.42 1.73
C GLU C 6 -25.92 -31.94 0.80
N GLY C 7 -26.54 -33.05 1.18
CA GLY C 7 -27.72 -33.54 0.46
C GLY C 7 -27.36 -33.98 -0.95
N GLN C 8 -28.25 -33.70 -1.90
CA GLN C 8 -28.04 -34.09 -3.29
C GLN C 8 -27.47 -32.94 -4.10
N TRP C 9 -26.74 -33.26 -5.15
CA TRP C 9 -26.24 -32.26 -6.08
C TRP C 9 -25.87 -32.88 -7.42
N ARG C 10 -25.76 -32.04 -8.45
CA ARG C 10 -25.40 -32.50 -9.78
C ARG C 10 -24.47 -31.50 -10.48
N ALA C 11 -23.58 -32.01 -11.31
CA ALA C 11 -22.66 -31.17 -12.06
C ALA C 11 -23.32 -30.59 -13.31
N VAL C 12 -22.92 -29.38 -13.69
CA VAL C 12 -23.41 -28.76 -14.91
C VAL C 12 -22.26 -28.25 -15.76
N ASP C 13 -22.32 -28.52 -17.07
CA ASP C 13 -21.33 -28.00 -18.01
C ASP C 13 -21.55 -26.52 -18.28
N VAL C 14 -20.53 -25.72 -18.03
CA VAL C 14 -20.63 -24.27 -18.17
C VAL C 14 -19.69 -23.76 -19.26
N VAL C 15 -20.25 -22.99 -20.20
CA VAL C 15 -19.45 -22.38 -21.26
C VAL C 15 -19.13 -20.93 -20.92
N LEU C 16 -17.84 -20.65 -20.72
CA LEU C 16 -17.39 -19.31 -20.35
C LEU C 16 -16.45 -18.73 -21.39
N ASP C 17 -16.75 -17.52 -21.84
CA ASP C 17 -15.83 -16.76 -22.68
C ASP C 17 -14.53 -16.46 -21.95
N CYS C 18 -13.42 -16.55 -22.66
CA CYS C 18 -12.11 -16.32 -22.06
C CYS C 18 -11.19 -15.56 -23.02
N PHE C 19 -10.10 -15.04 -22.48
CA PHE C 19 -9.23 -14.12 -23.22
C PHE C 19 -8.05 -14.85 -23.83
N LEU C 20 -7.71 -14.49 -25.06
CA LEU C 20 -6.59 -15.10 -25.76
C LEU C 20 -5.81 -14.07 -26.58
N VAL C 21 -4.54 -13.89 -26.25
CA VAL C 21 -3.69 -12.96 -26.97
C VAL C 21 -3.49 -13.40 -28.41
N LYS C 22 -3.39 -12.44 -29.32
CA LYS C 22 -2.99 -12.71 -30.69
C LYS C 22 -1.47 -12.76 -30.81
N ASP C 23 -0.89 -13.91 -30.47
CA ASP C 23 0.52 -13.99 -30.12
C ASP C 23 1.39 -13.96 -31.35
N GLY C 24 2.19 -12.91 -31.49
CA GLY C 24 3.13 -12.78 -32.60
C GLY C 24 2.57 -11.90 -33.70
N ALA C 25 1.29 -11.52 -33.56
CA ALA C 25 0.63 -10.69 -34.54
C ALA C 25 -0.26 -9.64 -33.88
N HIS C 26 0.08 -9.29 -32.65
CA HIS C 26 -0.66 -8.26 -31.91
C HIS C 26 -0.51 -6.90 -32.57
N ARG C 27 -1.57 -6.11 -32.50
CA ARG C 27 -1.57 -4.78 -33.12
C ARG C 27 -0.57 -3.86 -32.46
N GLY C 28 -0.33 -4.08 -31.17
CA GLY C 28 0.51 -3.17 -30.38
C GLY C 28 1.98 -3.56 -30.50
N ALA C 29 2.83 -2.81 -29.78
CA ALA C 29 4.26 -3.07 -29.80
C ALA C 29 4.58 -4.45 -29.26
CAC 3X9 C 30 9.52 -5.58 -20.74
CAS 3X9 C 30 9.69 -5.07 -22.18
CAD 3X9 C 30 9.09 -3.66 -22.32
NAQ 3X9 C 30 11.17 -5.05 -22.51
OAH 3X9 C 30 11.85 -3.97 -22.51
CAR 3X9 C 30 11.61 -6.25 -23.33
CAA 3X9 C 30 12.37 -7.23 -22.42
CAB 3X9 C 30 12.45 -5.79 -24.55
CAI 3X9 C 30 10.27 -6.71 -23.78
CAO 3X9 C 30 9.24 -6.05 -23.26
CAJ 3X9 C 30 7.77 -6.15 -23.65
SAL 3X9 C 30 7.55 -4.97 -25.00
N 3X9 C 30 3.84 -4.87 -28.24
CA 3X9 C 30 4.06 -6.16 -27.60
CB 3X9 C 30 5.46 -6.12 -26.88
SG 3X9 C 30 5.61 -4.83 -25.60
C 3X9 C 30 2.92 -6.52 -26.66
O 3X9 C 30 2.40 -5.67 -25.95
H1 3X9 C 30 9.91 -4.83 -20.02
H2 3X9 C 30 8.45 -5.76 -20.53
H3 3X9 C 30 10.07 -6.53 -20.57
H4 3X9 C 30 9.58 -2.96 -21.61
H5 3X9 C 30 9.23 -3.27 -23.35
H6 3X9 C 30 8.01 -3.67 -22.08
H7 3X9 C 30 11.77 -7.55 -21.55
H8 3X9 C 30 13.31 -6.76 -22.05
H9 3X9 C 30 12.66 -8.13 -23.00
H10 3X9 C 30 13.39 -5.31 -24.19
H11 3X9 C 30 12.72 -6.67 -25.17
H12 3X9 C 30 11.89 -5.06 -25.17
H13 3X9 C 30 10.25 -7.56 -24.49
H16 3X9 C 30 7.11 -5.92 -22.79
H17 3X9 C 30 7.52 -7.18 -24.00
H 3X9 C 30 3.12 -4.30 -27.84
HA 3X9 C 30 4.09 -6.91 -28.37
HB2 3X9 C 30 5.64 -7.11 -26.42
HB3 3X9 C 30 6.26 -5.98 -27.64
N ALA C 31 2.52 -7.79 -26.68
CA ALA C 31 1.52 -8.30 -25.75
C ALA C 31 1.63 -9.81 -25.59
N SER C 32 1.35 -10.29 -24.39
CA SER C 32 1.16 -11.72 -24.16
C SER C 32 -0.18 -11.99 -23.48
N SER C 33 -1.00 -10.95 -23.38
CA SER C 33 -2.33 -11.09 -22.79
C SER C 33 -3.24 -9.95 -23.22
N GLU C 34 -4.51 -10.26 -23.45
CA GLU C 34 -5.48 -9.25 -23.87
C GLU C 34 -6.78 -9.37 -23.08
N ASP C 35 -7.56 -8.29 -23.08
CA ASP C 35 -8.91 -8.33 -22.53
C ASP C 35 -9.94 -8.61 -23.61
N ARG C 36 -9.48 -9.07 -24.77
CA ARG C 36 -10.36 -9.46 -25.86
C ARG C 36 -10.64 -10.96 -25.82
N ALA C 37 -11.92 -11.31 -25.74
CA ALA C 37 -12.32 -12.71 -25.68
C ALA C 37 -12.36 -13.35 -27.07
N ARG C 38 -11.54 -14.36 -27.28
CA ARG C 38 -11.44 -15.01 -28.58
C ARG C 38 -11.57 -16.52 -28.46
N ALA C 39 -11.80 -17.00 -27.24
CA ALA C 39 -11.81 -18.42 -26.96
C ALA C 39 -12.85 -18.78 -25.91
N SER C 40 -13.19 -20.06 -25.82
CA SER C 40 -14.15 -20.53 -24.83
C SER C 40 -13.53 -21.57 -23.91
N LEU C 41 -13.79 -21.43 -22.62
CA LEU C 41 -13.32 -22.41 -21.63
C LEU C 41 -14.49 -23.12 -20.98
N VAL C 42 -14.43 -24.45 -20.94
CA VAL C 42 -15.47 -25.25 -20.33
C VAL C 42 -15.22 -25.46 -18.84
N LEU C 43 -16.16 -25.04 -18.01
CA LEU C 43 -16.03 -25.16 -16.56
C LEU C 43 -17.07 -26.09 -15.99
N LYS C 44 -16.82 -26.61 -14.79
CA LYS C 44 -17.81 -27.37 -14.04
C LYS C 44 -18.42 -26.54 -12.93
N GLN C 45 -19.74 -26.60 -12.79
CA GLN C 45 -20.41 -26.10 -11.61
C GLN C 45 -21.44 -27.10 -11.08
N VAL C 46 -21.63 -27.12 -9.77
CA VAL C 46 -22.36 -28.20 -9.12
C VAL C 46 -23.47 -27.64 -8.22
N PRO C 47 -24.57 -27.25 -8.85
CA PRO C 47 -25.74 -26.76 -8.11
C PRO C 47 -26.20 -27.79 -7.09
N VAL C 48 -26.61 -27.31 -5.92
CA VAL C 48 -27.14 -28.18 -4.88
C VAL C 48 -28.63 -28.47 -5.10
N LEU C 49 -28.98 -29.75 -5.05
CA LEU C 49 -30.37 -30.16 -5.26
C LEU C 49 -31.07 -30.43 -3.94
N ASP C 50 -30.31 -30.40 -2.85
CA ASP C 50 -30.87 -30.55 -1.52
C ASP C 50 -31.65 -31.87 -1.39
N ASP C 51 -32.97 -31.75 -1.34
CA ASP C 51 -33.82 -32.93 -1.15
C ASP C 51 -33.69 -33.90 -2.32
N GLY C 52 -33.26 -33.38 -3.46
CA GLY C 52 -33.12 -34.20 -4.66
C GLY C 52 -34.43 -34.32 -5.42
N SER C 53 -35.33 -33.37 -5.18
CA SER C 53 -36.64 -33.38 -5.81
C SER C 53 -36.53 -33.28 -7.33
N LEU C 54 -35.39 -32.77 -7.80
CA LEU C 54 -35.14 -32.66 -9.23
C LEU C 54 -34.43 -33.90 -9.75
N GLU C 55 -34.10 -34.82 -8.86
CA GLU C 55 -33.41 -36.05 -9.23
C GLU C 55 -32.06 -35.75 -9.86
N ASP C 56 -32.07 -35.35 -11.13
CA ASP C 56 -30.84 -35.18 -11.89
C ASP C 56 -30.79 -33.80 -12.54
N PHE C 57 -31.90 -33.08 -12.47
CA PHE C 57 -32.10 -31.89 -13.29
C PHE C 57 -31.85 -30.61 -12.49
N THR C 58 -31.47 -29.55 -13.19
CA THR C 58 -31.49 -28.21 -12.62
C THR C 58 -31.67 -27.14 -13.69
N ASP C 59 -32.25 -26.02 -13.31
CA ASP C 59 -32.49 -24.93 -14.25
C ASP C 59 -31.20 -24.44 -14.87
N PHE C 60 -30.09 -24.63 -14.16
CA PHE C 60 -28.79 -24.12 -14.59
C PHE C 60 -28.32 -24.82 -15.87
N GLN C 61 -28.87 -26.00 -16.13
CA GLN C 61 -28.48 -26.79 -17.29
C GLN C 61 -28.86 -26.08 -18.58
N GLY C 62 -29.81 -25.16 -18.49
CA GLY C 62 -30.32 -24.46 -19.67
C GLY C 62 -29.55 -23.16 -19.90
N GLY C 63 -28.58 -22.88 -19.04
CA GLY C 63 -27.85 -21.62 -19.09
C GLY C 63 -26.40 -21.85 -19.50
N THR C 64 -25.69 -20.76 -19.78
CA THR C 64 -24.28 -20.84 -20.15
C THR C 64 -24.05 -21.90 -21.22
N LEU C 65 -24.90 -21.90 -22.25
CA LEU C 65 -24.75 -22.83 -23.35
C LEU C 65 -24.27 -22.13 -24.62
N ALA C 66 -23.57 -22.87 -25.47
CA ALA C 66 -23.23 -22.37 -26.81
C ALA C 66 -24.10 -23.01 -27.87
N GLN C 67 -24.35 -22.28 -28.95
CA GLN C 67 -25.05 -22.83 -30.10
C GLN C 67 -24.08 -23.18 -31.22
N ASP C 68 -22.89 -22.57 -31.18
CA ASP C 68 -21.93 -22.72 -32.25
C ASP C 68 -20.52 -22.94 -31.70
N ASP C 69 -19.83 -23.95 -32.22
CA ASP C 69 -18.49 -24.27 -31.76
C ASP C 69 -17.60 -23.04 -31.71
N PRO C 70 -17.21 -22.64 -30.51
CA PRO C 70 -16.30 -21.52 -30.33
C PRO C 70 -15.05 -21.67 -31.20
N PRO C 71 -14.74 -22.92 -31.56
CA PRO C 71 -13.61 -23.20 -32.43
C PRO C 71 -12.33 -23.38 -31.62
N ILE C 72 -11.99 -22.36 -30.84
CA ILE C 72 -10.96 -22.49 -29.82
C ILE C 72 -11.56 -22.91 -28.48
N ILE C 73 -11.55 -24.21 -28.21
CA ILE C 73 -12.32 -24.78 -27.12
C ILE C 73 -11.43 -25.55 -26.15
N PHE C 74 -11.45 -25.15 -24.89
CA PHE C 74 -10.67 -25.82 -23.86
C PHE C 74 -11.56 -26.71 -22.98
N GLU C 75 -11.57 -28.00 -23.29
CA GLU C 75 -12.46 -28.93 -22.60
C GLU C 75 -12.25 -28.89 -21.10
N ALA C 76 -11.00 -28.83 -20.67
CA ALA C 76 -10.66 -28.70 -19.27
C ALA C 76 -11.50 -29.64 -18.41
N SER C 77 -11.60 -30.90 -18.84
CA SER C 77 -12.30 -31.91 -18.07
C SER C 77 -11.61 -32.17 -16.74
N VAL C 78 -12.33 -31.90 -15.65
CA VAL C 78 -11.71 -31.85 -14.33
C VAL C 78 -12.29 -32.89 -13.40
N ASP C 79 -11.42 -33.62 -12.72
CA ASP C 79 -11.84 -34.67 -11.79
C ASP C 79 -11.62 -34.25 -10.35
N LEU C 80 -11.71 -32.95 -10.09
CA LEU C 80 -11.32 -32.39 -8.80
C LEU C 80 -12.52 -31.91 -8.02
N VAL C 81 -12.30 -31.55 -6.75
CA VAL C 81 -13.38 -31.15 -5.86
C VAL C 81 -13.84 -29.73 -6.18
N GLN C 82 -15.10 -29.60 -6.60
CA GLN C 82 -15.65 -28.30 -6.99
C GLN C 82 -16.62 -27.78 -5.92
N ILE C 83 -16.66 -28.46 -4.79
CA ILE C 83 -17.63 -28.16 -3.74
C ILE C 83 -17.56 -26.69 -3.35
N PRO C 84 -16.37 -26.24 -2.98
CA PRO C 84 -16.18 -24.87 -2.51
C PRO C 84 -16.51 -23.86 -3.60
N GLN C 85 -16.46 -24.31 -4.84
CA GLN C 85 -16.77 -23.45 -5.99
C GLN C 85 -18.08 -23.87 -6.65
N ALA C 86 -18.82 -24.75 -5.99
CA ALA C 86 -19.92 -25.46 -6.62
C ALA C 86 -20.85 -24.49 -7.34
N GLU C 87 -21.13 -23.36 -6.70
CA GLU C 87 -22.03 -22.37 -7.27
C GLU C 87 -21.37 -20.99 -7.31
N ALA C 88 -20.04 -20.98 -7.23
CA ALA C 88 -19.30 -19.73 -7.10
C ALA C 88 -19.51 -18.83 -8.31
N LEU C 89 -19.61 -19.45 -9.48
CA LEU C 89 -19.71 -18.70 -10.73
C LEU C 89 -21.17 -18.53 -11.15
N LEU C 90 -21.96 -19.56 -10.93
CA LEU C 90 -23.39 -19.51 -11.21
C LEU C 90 -24.07 -18.46 -10.33
N HIS C 91 -23.65 -18.38 -9.08
CA HIS C 91 -24.16 -17.36 -8.16
C HIS C 91 -23.77 -15.96 -8.61
N ALA C 92 -22.55 -15.83 -9.11
CA ALA C 92 -22.07 -14.56 -9.62
C ALA C 92 -22.97 -14.03 -10.72
N ASP C 93 -23.28 -14.89 -11.68
CA ASP C 93 -24.22 -14.54 -12.75
C ASP C 93 -25.57 -14.13 -12.19
N CYS C 94 -26.06 -14.90 -11.22
CA CYS C 94 -27.34 -14.60 -10.59
C CYS C 94 -27.28 -13.28 -9.82
N SER C 95 -26.08 -12.91 -9.39
CA SER C 95 -25.90 -11.69 -8.61
C SER C 95 -25.73 -10.48 -9.53
N GLY C 96 -25.67 -10.73 -10.83
CA GLY C 96 -25.50 -9.67 -11.82
C GLY C 96 -24.03 -9.34 -12.01
N LYS C 97 -23.16 -10.19 -11.48
CA LYS C 97 -21.72 -9.97 -11.57
C LYS C 97 -21.16 -10.58 -12.86
N GLU C 98 -20.07 -10.00 -13.34
CA GLU C 98 -19.44 -10.47 -14.57
C GLU C 98 -18.41 -11.56 -14.30
N VAL C 99 -18.42 -12.59 -15.13
CA VAL C 99 -17.44 -13.67 -15.01
C VAL C 99 -16.58 -13.77 -16.28
N THR C 100 -15.27 -13.71 -16.09
CA THR C 100 -14.33 -13.80 -17.21
C THR C 100 -13.18 -14.75 -16.89
N CYS C 101 -12.40 -15.08 -17.91
CA CYS C 101 -11.26 -15.97 -17.74
C CYS C 101 -10.11 -15.58 -18.66
N GLU C 102 -8.88 -15.63 -18.14
CA GLU C 102 -7.69 -15.54 -18.96
C GLU C 102 -7.12 -16.91 -19.27
N ILE C 103 -6.54 -17.07 -20.45
CA ILE C 103 -5.82 -18.28 -20.81
C ILE C 103 -4.33 -18.04 -20.94
N SER C 104 -3.54 -18.91 -20.34
CA SER C 104 -2.09 -18.92 -20.57
C SER C 104 -1.56 -20.33 -20.70
N ARG C 105 -0.24 -20.48 -20.69
CA ARG C 105 0.39 -21.79 -20.79
C ARG C 105 1.79 -21.77 -20.17
N TYR C 106 2.36 -22.96 -19.96
CA TYR C 106 3.59 -23.09 -19.20
C TYR C 106 4.78 -23.28 -20.12
N PHE C 107 4.56 -23.12 -21.42
CA PHE C 107 5.59 -23.35 -22.42
C PHE C 107 6.21 -22.03 -22.88
N LEU C 108 7.52 -21.89 -22.69
CA LEU C 108 8.24 -20.70 -23.13
C LEU C 108 8.95 -20.95 -24.46
N GLN C 109 8.70 -20.07 -25.41
CA GLN C 109 9.17 -20.28 -26.79
C GLN C 109 10.70 -20.32 -26.85
N MET C 110 11.34 -19.74 -25.84
CA MET C 110 12.79 -19.66 -25.81
C MET C 110 13.42 -21.02 -25.53
N THR C 111 12.60 -21.95 -25.06
CA THR C 111 13.11 -23.22 -24.55
C THR C 111 12.55 -24.40 -25.33
N GLU C 112 13.17 -25.56 -25.16
CA GLU C 112 12.67 -26.80 -25.76
C GLU C 112 13.09 -28.01 -24.94
N THR C 113 12.15 -28.92 -24.74
CA THR C 113 12.42 -30.16 -24.01
C THR C 113 11.37 -31.22 -24.29
N THR C 114 11.72 -32.48 -24.06
CA THR C 114 10.76 -33.56 -24.11
C THR C 114 9.79 -33.50 -22.93
N VAL C 115 8.50 -33.58 -23.22
CA VAL C 115 7.47 -33.45 -22.19
C VAL C 115 6.48 -34.61 -22.25
N LYS C 116 6.77 -35.57 -23.11
CA LYS C 116 5.75 -36.53 -23.56
C LYS C 116 4.70 -35.84 -24.43
N THR C 117 5.05 -35.59 -25.69
CA THR C 117 4.41 -34.54 -26.46
C THR C 117 3.05 -34.18 -25.89
N ALA C 118 2.94 -33.00 -25.30
CA ALA C 118 1.66 -32.48 -24.84
C ALA C 118 1.76 -31.01 -24.47
N ALA C 119 0.66 -30.28 -24.63
CA ALA C 119 0.59 -28.89 -24.19
C ALA C 119 0.05 -28.79 -22.77
N TRP C 120 0.48 -27.76 -22.05
CA TRP C 120 -0.07 -27.45 -20.74
C TRP C 120 -0.57 -26.01 -20.68
N PHE C 121 -1.80 -25.83 -20.20
CA PHE C 121 -2.43 -24.52 -20.18
C PHE C 121 -2.87 -24.14 -18.77
N MET C 122 -3.07 -22.85 -18.54
CA MET C 122 -3.60 -22.37 -17.27
C MET C 122 -4.78 -21.42 -17.48
N ALA C 123 -5.85 -21.66 -16.74
CA ALA C 123 -6.99 -20.75 -16.75
C ALA C 123 -7.02 -19.87 -15.50
N ASN C 124 -7.46 -18.64 -15.67
CA ASN C 124 -7.69 -17.74 -14.53
C ASN C 124 -9.11 -17.17 -14.55
N VAL C 125 -10.01 -17.85 -13.86
CA VAL C 125 -11.42 -17.46 -13.87
C VAL C 125 -11.73 -16.51 -12.72
N GLN C 126 -12.23 -15.33 -13.05
CA GLN C 126 -12.41 -14.26 -12.08
C GLN C 126 -13.85 -13.74 -12.08
N VAL C 127 -14.43 -13.61 -10.90
CA VAL C 127 -15.70 -12.92 -10.75
C VAL C 127 -15.49 -11.45 -10.39
N SER C 128 -16.21 -10.57 -11.08
CA SER C 128 -16.07 -9.13 -10.87
C SER C 128 -16.40 -8.75 -9.44
N GLY C 129 -15.89 -7.59 -9.01
CA GLY C 129 -16.14 -7.10 -7.66
C GLY C 129 -15.21 -7.76 -6.65
N GLY C 130 -14.21 -8.47 -7.15
CA GLY C 130 -13.28 -9.19 -6.29
C GLY C 130 -13.93 -10.44 -5.71
N GLY C 131 -14.84 -11.04 -6.46
CA GLY C 131 -15.60 -12.18 -5.98
C GLY C 131 -14.80 -13.47 -6.10
N PRO C 132 -15.51 -14.59 -6.13
CA PRO C 132 -14.87 -15.91 -6.21
C PRO C 132 -13.99 -16.01 -7.45
N SER C 133 -12.97 -16.86 -7.37
CA SER C 133 -12.06 -17.07 -8.50
C SER C 133 -11.44 -18.45 -8.45
N ILE C 134 -11.23 -19.05 -9.62
CA ILE C 134 -10.58 -20.35 -9.72
C ILE C 134 -9.62 -20.40 -10.89
N SER C 135 -8.41 -20.89 -10.63
CA SER C 135 -7.40 -21.03 -11.67
C SER C 135 -7.08 -22.49 -11.94
N LEU C 136 -7.20 -22.90 -13.20
CA LEU C 136 -7.08 -24.31 -13.56
C LEU C 136 -5.74 -24.60 -14.23
N VAL C 137 -5.14 -25.73 -13.88
CA VAL C 137 -3.94 -26.21 -14.57
C VAL C 137 -4.22 -27.50 -15.31
N MET C 138 -4.07 -27.47 -16.63
CA MET C 138 -4.63 -28.51 -17.50
C MET C 138 -3.61 -28.97 -18.52
N LYS C 139 -3.79 -30.18 -19.03
CA LYS C 139 -2.89 -30.75 -20.03
C LYS C 139 -3.64 -31.13 -21.30
N THR C 140 -2.93 -31.12 -22.42
CA THR C 140 -3.52 -31.48 -23.70
C THR C 140 -2.66 -32.51 -24.44
N PRO C 141 -2.96 -33.78 -24.22
CA PRO C 141 -2.19 -34.86 -24.83
C PRO C 141 -2.59 -35.06 -26.28
N ARG C 142 -2.44 -34.00 -27.07
CA ARG C 142 -2.77 -34.06 -28.50
C ARG C 142 -1.52 -34.24 -29.35
N VAL C 143 -1.47 -35.35 -30.09
CA VAL C 143 -0.31 -35.68 -30.89
C VAL C 143 -0.71 -36.05 -32.32
N ALA C 144 0.06 -35.56 -33.30
CA ALA C 144 -0.14 -35.93 -34.69
C ALA C 144 1.17 -35.88 -35.46
N LYS C 145 1.24 -36.64 -36.55
CA LYS C 145 2.40 -36.63 -37.42
C LYS C 145 2.09 -35.99 -38.77
N ASN C 146 0.84 -36.12 -39.19
CA ASN C 146 0.44 -35.68 -40.53
C ASN C 146 -0.27 -34.34 -40.47
N GLU C 147 -0.18 -33.67 -39.33
CA GLU C 147 -0.87 -32.40 -39.12
C GLU C 147 0.06 -31.35 -38.53
N VAL C 148 -0.35 -30.09 -38.60
CA VAL C 148 0.37 -29.01 -37.94
C VAL C 148 -0.47 -28.38 -36.83
N LEU C 149 -1.76 -28.22 -37.10
CA LEU C 149 -2.64 -27.52 -36.17
C LEU C 149 -3.15 -28.45 -35.07
N TRP C 150 -2.25 -28.88 -34.21
CA TRP C 150 -2.58 -29.83 -33.16
C TRP C 150 -1.82 -29.52 -31.87
N HIS C 151 -0.79 -28.68 -31.98
CA HIS C 151 0.16 -28.50 -30.89
C HIS C 151 -0.55 -28.37 -29.56
N PRO C 152 -1.61 -27.56 -29.53
CA PRO C 152 -1.74 -26.44 -30.44
C PRO C 152 -0.79 -25.31 -30.07
N THR C 153 -0.63 -24.35 -30.97
CA THR C 153 0.18 -23.17 -30.71
C THR C 153 -0.69 -21.96 -30.38
N LEU C 154 -2.00 -22.17 -30.37
CA LEU C 154 -2.96 -21.07 -30.27
C LEU C 154 -2.94 -20.21 -31.52
N ASN C 155 -3.68 -19.10 -31.48
CA ASN C 155 -3.86 -18.27 -32.66
C ASN C 155 -4.63 -19.01 -33.75
N LEU C 156 -5.95 -19.08 -33.58
CA LEU C 156 -6.78 -19.88 -34.48
C LEU C 156 -7.25 -21.16 -33.80
N PRO C 157 -8.23 -21.83 -34.39
CA PRO C 157 -8.80 -23.03 -33.82
C PRO C 157 -7.72 -24.06 -33.51
N LEU C 158 -7.96 -24.89 -32.50
CA LEU C 158 -6.92 -25.73 -31.92
C LEU C 158 -6.85 -27.08 -32.65
N SER C 159 -7.68 -27.24 -33.66
CA SER C 159 -7.72 -28.49 -34.42
C SER C 159 -8.38 -28.28 -35.78
N PRO C 160 -7.90 -29.01 -36.78
CA PRO C 160 -8.54 -29.04 -38.09
C PRO C 160 -9.94 -29.62 -38.00
N GLN C 161 -10.20 -30.38 -36.93
CA GLN C 161 -11.51 -30.94 -36.69
C GLN C 161 -11.88 -30.87 -35.21
N GLY C 162 -12.99 -30.20 -34.91
CA GLY C 162 -13.40 -29.97 -33.52
C GLY C 162 -12.33 -29.22 -32.75
N THR C 163 -11.91 -29.80 -31.63
CA THR C 163 -10.86 -29.20 -30.81
C THR C 163 -9.93 -30.26 -30.24
N VAL C 164 -9.10 -29.87 -29.28
CA VAL C 164 -8.17 -30.79 -28.65
C VAL C 164 -8.68 -31.22 -27.28
N ARG C 165 -8.33 -32.44 -26.88
CA ARG C 165 -8.78 -32.99 -25.60
C ARG C 165 -7.94 -32.46 -24.45
N THR C 166 -8.61 -31.86 -23.47
CA THR C 166 -7.93 -31.17 -22.38
C THR C 166 -8.54 -31.52 -21.03
N ALA C 167 -7.69 -31.71 -20.04
CA ALA C 167 -8.15 -32.12 -18.71
C ALA C 167 -7.41 -31.37 -17.62
N VAL C 168 -8.09 -31.17 -16.48
CA VAL C 168 -7.50 -30.46 -15.36
C VAL C 168 -7.05 -31.43 -14.27
N GLU C 169 -5.82 -31.24 -13.80
CA GLU C 169 -5.25 -32.10 -12.77
C GLU C 169 -4.93 -31.32 -11.50
N PHE C 170 -4.98 -30.00 -11.60
CA PHE C 170 -4.63 -29.13 -10.50
C PHE C 170 -5.30 -27.77 -10.61
N GLN C 171 -5.90 -27.32 -9.51
CA GLN C 171 -6.57 -26.02 -9.48
C GLN C 171 -6.38 -25.34 -8.13
N VAL C 172 -6.41 -24.01 -8.13
CA VAL C 172 -6.49 -23.24 -6.91
C VAL C 172 -7.61 -22.23 -6.95
N MET C 173 -8.33 -22.08 -5.84
CA MET C 173 -9.59 -21.35 -5.82
C MET C 173 -9.71 -20.51 -4.55
N THR C 174 -10.52 -19.45 -4.63
CA THR C 174 -10.93 -18.71 -3.45
C THR C 174 -12.37 -18.21 -3.59
N GLN C 175 -13.01 -17.97 -2.45
CA GLN C 175 -14.38 -17.46 -2.44
C GLN C 175 -14.40 -15.94 -2.59
N THR C 176 -13.25 -15.32 -2.36
CA THR C 176 -13.14 -13.87 -2.43
C THR C 176 -11.70 -13.43 -2.65
N GLN C 177 -11.51 -12.46 -3.53
CA GLN C 177 -10.19 -11.90 -3.78
C GLN C 177 -10.03 -10.54 -3.11
N SER C 178 -11.15 -9.89 -2.83
CA SER C 178 -11.13 -8.59 -2.17
C SER C 178 -11.66 -8.70 -0.74
N LEU C 179 -10.76 -8.62 0.23
CA LEU C 179 -11.12 -8.74 1.63
C LEU C 179 -10.83 -7.45 2.38
N SER C 180 -11.54 -7.25 3.49
CA SER C 180 -11.30 -6.09 4.36
C SER C 180 -11.63 -6.41 5.81
N PHE C 181 -11.06 -5.65 6.73
CA PHE C 181 -11.33 -5.81 8.15
C PHE C 181 -10.99 -4.54 8.93
N LEU C 182 -11.43 -4.49 10.17
CA LEU C 182 -11.08 -3.40 11.07
C LEU C 182 -9.69 -3.62 11.68
N LEU C 183 -8.91 -2.54 11.74
CA LEU C 183 -7.52 -2.64 12.19
C LEU C 183 -7.43 -3.29 13.56
N GLY C 184 -6.54 -4.26 13.70
CA GLY C 184 -6.34 -4.95 14.96
C GLY C 184 -7.10 -6.28 14.99
N SER C 185 -8.02 -6.45 14.05
CA SER C 185 -8.81 -7.66 13.95
C SER C 185 -8.08 -8.75 13.18
N SER C 186 -8.53 -9.99 13.33
CA SER C 186 -7.97 -11.10 12.57
C SER C 186 -8.67 -11.25 11.23
N ALA C 187 -8.00 -11.91 10.29
CA ALA C 187 -8.62 -12.29 9.02
C ALA C 187 -7.96 -13.52 8.43
N SER C 188 -8.68 -14.20 7.54
CA SER C 188 -8.14 -15.35 6.82
C SER C 188 -8.19 -15.14 5.32
N LEU C 189 -7.35 -15.86 4.59
CA LEU C 189 -7.26 -15.72 3.14
C LEU C 189 -8.24 -16.66 2.43
N ASP C 190 -9.02 -17.39 3.22
CA ASP C 190 -10.13 -18.17 2.68
C ASP C 190 -9.79 -18.75 1.31
N CYS C 191 -8.97 -19.79 1.31
CA CYS C 191 -8.41 -20.33 0.08
C CYS C 191 -8.19 -21.83 0.18
N GLY C 192 -8.35 -22.53 -0.94
CA GLY C 192 -8.11 -23.97 -0.99
C GLY C 192 -7.72 -24.40 -2.40
N PHE C 193 -7.45 -25.70 -2.56
CA PHE C 193 -7.02 -26.24 -3.84
C PHE C 193 -7.29 -27.73 -3.92
N SER C 194 -7.10 -28.30 -5.11
CA SER C 194 -7.35 -29.72 -5.34
C SER C 194 -6.47 -30.26 -6.45
N MET C 195 -6.03 -31.51 -6.30
CA MET C 195 -5.12 -32.12 -7.26
C MET C 195 -5.57 -33.53 -7.62
N ALA C 196 -5.30 -33.93 -8.87
CA ALA C 196 -5.45 -35.32 -9.27
C ALA C 196 -4.17 -36.11 -9.05
N PRO C 197 -4.28 -37.44 -9.08
CA PRO C 197 -3.13 -38.30 -8.89
C PRO C 197 -2.02 -37.97 -9.88
N GLY C 198 -2.38 -37.28 -10.95
CA GLY C 198 -1.42 -36.91 -11.98
C GLY C 198 -0.35 -35.97 -11.43
N LEU C 199 -0.71 -35.24 -10.39
CA LEU C 199 0.20 -34.26 -9.80
C LEU C 199 0.28 -34.41 -8.28
N ASP C 200 1.49 -34.36 -7.76
CA ASP C 200 1.72 -34.46 -6.32
C ASP C 200 1.80 -33.09 -5.67
N LEU C 201 1.38 -33.00 -4.41
CA LEU C 201 1.58 -31.80 -3.62
C LEU C 201 2.89 -31.86 -2.85
N ILE C 202 3.71 -30.82 -2.98
CA ILE C 202 4.96 -30.74 -2.26
C ILE C 202 4.94 -29.62 -1.23
N SER C 203 4.72 -28.39 -1.71
CA SER C 203 4.85 -27.21 -0.85
C SER C 203 3.77 -26.19 -1.17
N VAL C 204 3.40 -25.39 -0.17
CA VAL C 204 2.62 -24.18 -0.41
C VAL C 204 3.21 -22.99 0.34
N GLU C 205 3.30 -21.85 -0.33
CA GLU C 205 3.85 -20.65 0.26
C GLU C 205 2.81 -19.54 0.34
N TRP C 206 2.85 -18.76 1.42
CA TRP C 206 2.03 -17.56 1.52
C TRP C 206 2.90 -16.32 1.73
N ARG C 207 2.69 -15.30 0.90
CA ARG C 207 3.53 -14.13 0.89
C ARG C 207 2.70 -12.85 0.99
N LEU C 208 3.30 -11.80 1.53
CA LEU C 208 2.64 -10.50 1.61
C LEU C 208 3.38 -9.47 0.77
N GLN C 209 2.62 -8.69 0.00
CA GLN C 209 3.17 -7.58 -0.76
C GLN C 209 2.92 -6.25 -0.05
N HIS C 210 4.01 -5.62 0.40
CA HIS C 210 3.91 -4.45 1.26
C HIS C 210 4.94 -3.40 0.88
N LYS C 211 4.47 -2.22 0.51
CA LYS C 211 5.36 -1.15 0.07
C LYS C 211 6.27 -1.62 -1.06
N GLY C 212 5.73 -2.45 -1.94
CA GLY C 212 6.45 -2.86 -3.15
C GLY C 212 7.30 -4.10 -2.88
N ARG C 213 7.51 -4.41 -1.61
CA ARG C 213 8.32 -5.55 -1.22
C ARG C 213 7.47 -6.80 -1.05
N GLY C 214 7.97 -7.93 -1.55
CA GLY C 214 7.41 -9.24 -1.23
C GLY C 214 8.10 -9.85 -0.02
N GLN C 215 7.31 -10.40 0.89
CA GLN C 215 7.85 -11.17 2.01
C GLN C 215 7.08 -12.47 2.22
N LEU C 216 7.79 -13.50 2.68
CA LEU C 216 7.14 -14.69 3.19
C LEU C 216 6.59 -14.47 4.59
N VAL C 217 5.37 -14.93 4.83
CA VAL C 217 4.77 -14.84 6.16
C VAL C 217 4.52 -16.23 6.74
N TYR C 218 4.29 -17.20 5.88
CA TYR C 218 4.01 -18.57 6.30
C TYR C 218 4.23 -19.56 5.17
N SER C 219 4.70 -20.75 5.52
CA SER C 219 4.95 -21.79 4.53
C SER C 219 4.50 -23.15 5.02
N TRP C 220 4.22 -24.06 4.10
CA TRP C 220 3.89 -25.44 4.45
C TRP C 220 4.55 -26.43 3.49
N THR C 221 5.23 -27.42 4.06
CA THR C 221 5.90 -28.44 3.25
C THR C 221 5.80 -29.80 3.92
N ALA C 222 5.46 -30.83 3.13
CA ALA C 222 5.51 -32.20 3.59
C ALA C 222 4.74 -32.38 4.89
N GLY C 223 3.65 -31.63 5.04
CA GLY C 223 2.74 -31.82 6.16
C GLY C 223 3.10 -30.87 7.31
N GLN C 224 4.29 -30.31 7.26
CA GLN C 224 4.77 -29.45 8.33
C GLN C 224 4.54 -27.98 8.01
N GLY C 225 3.84 -27.29 8.90
CA GLY C 225 3.66 -25.85 8.78
C GLY C 225 4.71 -25.09 9.58
N GLN C 226 5.09 -23.91 9.09
CA GLN C 226 6.02 -23.05 9.81
C GLN C 226 5.80 -21.59 9.43
N ALA C 227 5.52 -20.76 10.43
CA ALA C 227 5.41 -19.32 10.24
C ALA C 227 6.77 -18.65 10.28
N VAL C 228 6.93 -17.57 9.51
CA VAL C 228 8.13 -16.75 9.56
C VAL C 228 7.79 -15.31 9.91
N ARG C 229 6.51 -14.96 9.81
CA ARG C 229 6.03 -13.67 10.30
C ARG C 229 4.84 -13.86 11.24
N LYS C 230 3.87 -14.65 10.80
CA LYS C 230 2.68 -14.92 11.61
C LYS C 230 1.77 -15.93 10.91
N GLY C 231 0.83 -16.49 11.66
CA GLY C 231 -0.34 -17.13 11.09
C GLY C 231 -0.11 -18.62 10.87
N ALA C 232 -1.16 -19.31 10.45
CA ALA C 232 -1.08 -20.75 10.22
C ALA C 232 -2.26 -21.23 9.38
N THR C 233 -2.12 -22.42 8.80
CA THR C 233 -3.22 -23.06 8.09
C THR C 233 -3.76 -24.25 8.85
N LEU C 234 -4.84 -24.84 8.34
CA LEU C 234 -5.50 -25.94 9.02
C LEU C 234 -4.89 -27.28 8.64
N GLU C 235 -5.00 -28.25 9.53
CA GLU C 235 -4.55 -29.61 9.24
C GLU C 235 -5.51 -30.33 8.30
N PRO C 236 -4.99 -31.30 7.56
CA PRO C 236 -5.82 -32.08 6.65
C PRO C 236 -7.03 -32.66 7.37
N ALA C 237 -8.20 -32.58 6.72
CA ALA C 237 -9.44 -33.05 7.31
C ALA C 237 -10.54 -33.16 6.27
N GLN C 238 -11.62 -33.85 6.63
CA GLN C 238 -12.80 -33.90 5.79
C GLN C 238 -12.47 -34.45 4.40
N LEU C 239 -12.02 -35.69 4.36
CA LEU C 239 -11.59 -36.31 3.11
C LEU C 239 -12.69 -36.23 2.06
N GLY C 240 -12.31 -35.89 0.83
CA GLY C 240 -13.28 -35.64 -0.23
C GLY C 240 -13.50 -34.15 -0.43
N MET C 241 -13.11 -33.36 0.56
CA MET C 241 -13.17 -31.91 0.45
C MET C 241 -11.86 -31.33 -0.08
N ALA C 242 -11.94 -30.16 -0.70
CA ALA C 242 -10.76 -29.50 -1.23
C ALA C 242 -9.75 -29.22 -0.13
N ARG C 243 -8.47 -29.29 -0.48
CA ARG C 243 -7.40 -29.11 0.50
C ARG C 243 -7.34 -27.67 0.99
N ASP C 244 -7.07 -27.51 2.29
CA ASP C 244 -7.06 -26.19 2.90
C ASP C 244 -5.83 -25.39 2.50
N ALA C 245 -6.03 -24.13 2.14
CA ALA C 245 -4.94 -23.16 2.07
C ALA C 245 -5.32 -21.86 2.75
N SER C 246 -6.19 -21.96 3.76
CA SER C 246 -6.83 -20.78 4.33
C SER C 246 -6.00 -20.20 5.48
N LEU C 247 -4.88 -19.59 5.14
CA LEU C 247 -3.99 -19.01 6.14
C LEU C 247 -4.73 -18.02 7.02
N THR C 248 -4.66 -18.23 8.33
CA THR C 248 -5.26 -17.31 9.28
C THR C 248 -4.21 -16.36 9.87
N LEU C 249 -4.54 -15.07 9.89
CA LEU C 249 -3.59 -14.06 10.31
C LEU C 249 -4.13 -13.26 11.50
N PRO C 250 -3.79 -13.71 12.71
CA PRO C 250 -4.30 -13.08 13.92
C PRO C 250 -3.80 -11.66 14.05
N GLY C 251 -4.65 -10.78 14.59
CA GLY C 251 -4.19 -9.52 15.16
C GLY C 251 -3.52 -8.65 14.11
N LEU C 252 -4.09 -8.62 12.92
CA LEU C 252 -3.53 -7.87 11.81
C LEU C 252 -3.51 -6.37 12.12
N THR C 253 -2.38 -5.73 11.81
CA THR C 253 -2.23 -4.30 12.05
C THR C 253 -1.83 -3.57 10.77
N ILE C 254 -1.44 -2.31 10.91
CA ILE C 254 -1.19 -1.46 9.75
C ILE C 254 -0.09 -2.03 8.87
N GLN C 255 0.87 -2.71 9.51
CA GLN C 255 2.06 -3.18 8.81
C GLN C 255 1.77 -4.47 8.04
N ASP C 256 0.57 -5.00 8.23
CA ASP C 256 0.19 -6.28 7.63
C ASP C 256 -0.73 -6.08 6.44
N GLU C 257 -1.00 -4.82 6.10
CA GLU C 257 -1.91 -4.49 5.02
C GLU C 257 -1.23 -4.64 3.66
N GLY C 258 -1.97 -5.10 2.67
CA GLY C 258 -1.44 -5.25 1.31
C GLY C 258 -2.00 -6.51 0.64
N THR C 259 -1.28 -7.01 -0.35
CA THR C 259 -1.76 -8.12 -1.16
C THR C 259 -1.12 -9.43 -0.72
N TYR C 260 -1.95 -10.43 -0.44
CA TYR C 260 -1.46 -11.74 -0.01
C TYR C 260 -1.52 -12.75 -1.15
N ILE C 261 -0.46 -13.53 -1.30
CA ILE C 261 -0.37 -14.51 -2.37
C ILE C 261 -0.45 -15.94 -1.82
N CYS C 262 -1.31 -16.75 -2.42
CA CYS C 262 -1.46 -18.14 -2.00
C CYS C 262 -0.89 -19.09 -3.06
N GLN C 263 0.35 -19.52 -2.85
CA GLN C 263 1.11 -20.18 -3.90
C GLN C 263 1.22 -21.68 -3.65
N ILE C 264 0.47 -22.45 -4.41
CA ILE C 264 0.47 -23.91 -4.26
C ILE C 264 1.34 -24.57 -5.32
N THR C 265 2.31 -25.35 -4.86
CA THR C 265 3.33 -25.91 -5.75
C THR C 265 3.18 -27.42 -5.88
N THR C 266 3.10 -27.90 -7.11
CA THR C 266 3.02 -29.34 -7.36
C THR C 266 4.38 -29.91 -7.75
N SER C 267 4.40 -31.20 -8.07
CA SER C 267 5.62 -31.86 -8.51
C SER C 267 6.12 -31.28 -9.83
N LEU C 268 5.20 -30.67 -10.58
CA LEU C 268 5.51 -30.19 -11.93
C LEU C 268 5.22 -28.70 -12.05
N TYR C 269 4.03 -28.29 -11.64
CA TYR C 269 3.50 -26.98 -12.00
C TYR C 269 3.03 -26.21 -10.77
N ARG C 270 2.79 -24.92 -10.94
CA ARG C 270 2.38 -24.07 -9.83
C ARG C 270 1.15 -23.24 -10.21
N ALA C 271 0.30 -22.97 -9.24
CA ALA C 271 -0.79 -22.01 -9.40
C ALA C 271 -1.08 -21.28 -8.10
N GLN C 272 -1.52 -20.04 -8.21
CA GLN C 272 -1.70 -19.17 -7.05
C GLN C 272 -2.94 -18.30 -7.19
N GLN C 273 -3.50 -17.90 -6.06
CA GLN C 273 -4.49 -16.82 -6.03
C GLN C 273 -3.91 -15.56 -5.43
N ILE C 274 -4.45 -14.41 -5.83
CA ILE C 274 -4.05 -13.13 -5.25
C ILE C 274 -5.19 -12.47 -4.51
N ILE C 275 -5.02 -12.28 -3.20
CA ILE C 275 -6.09 -11.80 -2.35
C ILE C 275 -5.67 -10.53 -1.61
N GLN C 276 -6.42 -9.45 -1.83
CA GLN C 276 -6.07 -8.14 -1.28
C GLN C 276 -6.78 -7.89 0.04
N LEU C 277 -6.00 -7.54 1.06
CA LEU C 277 -6.56 -7.27 2.38
C LEU C 277 -6.39 -5.79 2.74
N ASN C 278 -7.51 -5.08 2.82
CA ASN C 278 -7.50 -3.67 3.19
C ASN C 278 -8.00 -3.47 4.61
N ILE C 279 -7.57 -2.38 5.24
CA ILE C 279 -7.90 -2.12 6.63
C ILE C 279 -8.72 -0.85 6.78
N GLN C 280 -9.71 -0.88 7.68
CA GLN C 280 -10.41 0.33 8.09
C GLN C 280 -10.43 0.45 9.61
N ALA C 281 -10.88 1.60 10.09
CA ALA C 281 -11.19 1.77 11.50
C ALA C 281 -12.21 2.88 11.72
N SER C 282 -13.20 2.63 12.58
CA SER C 282 -14.24 3.60 12.85
C SER C 282 -13.74 4.70 13.79
N PRO C 283 -13.93 5.95 13.37
CA PRO C 283 -13.51 7.09 14.18
C PRO C 283 -14.16 7.06 15.55
N LYS C 284 -13.41 7.48 16.57
CA LYS C 284 -13.98 7.74 17.88
C LYS C 284 -13.93 9.22 18.23
N VAL C 285 -15.05 9.75 18.68
CA VAL C 285 -15.20 11.20 18.84
C VAL C 285 -15.69 11.54 20.24
N ARG C 286 -15.04 12.52 20.88
CA ARG C 286 -15.52 13.07 22.14
C ARG C 286 -15.36 14.58 22.18
N LEU C 287 -16.29 15.25 22.84
CA LEU C 287 -16.30 16.71 22.88
C LEU C 287 -16.63 17.22 24.28
N SER C 288 -15.87 18.20 24.75
CA SER C 288 -16.16 18.87 26.01
C SER C 288 -15.83 20.35 25.95
N LEU C 289 -16.32 21.10 26.92
CA LEU C 289 -15.99 22.53 27.03
C LEU C 289 -14.90 22.77 28.07
N ALA C 290 -13.99 23.67 27.74
CA ALA C 290 -12.91 24.03 28.66
C ALA C 290 -13.47 24.52 30.00
N ASN C 291 -12.89 24.04 31.09
CA ASN C 291 -13.31 24.47 32.43
C ASN C 291 -12.52 25.70 32.87
N GLU C 292 -13.17 26.56 33.64
CA GLU C 292 -12.50 27.70 34.25
C GLU C 292 -11.87 28.60 33.19
N ALA C 293 -12.36 28.47 31.96
CA ALA C 293 -11.89 29.32 30.86
C ALA C 293 -12.54 30.70 30.91
N LEU C 294 -11.78 31.71 30.52
CA LEU C 294 -12.33 33.05 30.33
C LEU C 294 -13.43 33.05 29.27
N LEU C 295 -13.10 32.58 28.07
CA LEU C 295 -14.08 32.40 27.01
C LEU C 295 -14.33 30.93 26.73
N PRO C 296 -15.57 30.59 26.40
CA PRO C 296 -15.94 29.23 26.04
C PRO C 296 -15.01 28.69 24.96
N THR C 297 -14.41 27.53 25.23
CA THR C 297 -13.50 26.90 24.28
C THR C 297 -13.83 25.43 24.10
N LEU C 298 -13.98 25.00 22.85
CA LEU C 298 -14.34 23.62 22.54
C LEU C 298 -13.11 22.77 22.30
N ILE C 299 -13.02 21.65 23.02
CA ILE C 299 -11.97 20.68 22.78
C ILE C 299 -12.55 19.33 22.36
N CYS C 300 -12.15 18.86 21.18
CA CYS C 300 -12.65 17.60 20.64
C CYS C 300 -11.52 16.73 20.12
N ASP C 301 -11.50 15.47 20.57
CA ASP C 301 -10.52 14.51 20.09
C ASP C 301 -11.14 13.55 19.07
N ILE C 302 -10.46 13.37 17.95
CA ILE C 302 -10.89 12.41 16.94
C ILE C 302 -9.81 11.37 16.67
N ALA C 303 -10.05 10.14 17.12
CA ALA C 303 -9.00 9.14 17.23
C ALA C 303 -9.47 7.78 16.75
N GLY C 304 -8.53 6.95 16.31
CA GLY C 304 -8.79 5.53 16.11
C GLY C 304 -9.41 5.27 14.75
N TYR C 305 -9.17 6.17 13.81
CA TYR C 305 -9.77 6.08 12.48
C TYR C 305 -8.74 5.62 11.46
N TYR C 306 -9.22 4.97 10.40
CA TYR C 306 -8.35 4.46 9.34
C TYR C 306 -9.14 4.13 8.09
N PRO C 307 -8.58 4.47 6.94
CA PRO C 307 -7.34 5.25 6.88
C PRO C 307 -7.58 6.69 7.32
N LEU C 308 -6.62 7.55 7.02
CA LEU C 308 -6.58 8.88 7.62
C LEU C 308 -7.45 9.87 6.85
N ASP C 309 -7.54 11.09 7.35
CA ASP C 309 -8.26 12.15 6.66
C ASP C 309 -9.77 11.94 6.75
N VAL C 310 -10.26 11.78 7.97
CA VAL C 310 -11.69 11.86 8.24
C VAL C 310 -12.21 13.27 8.04
N VAL C 311 -13.46 13.38 7.62
CA VAL C 311 -14.09 14.68 7.44
C VAL C 311 -14.75 15.16 8.72
N VAL C 312 -14.38 16.36 9.17
CA VAL C 312 -14.84 16.89 10.44
C VAL C 312 -15.63 18.17 10.25
N THR C 313 -16.84 18.22 10.80
CA THR C 313 -17.69 19.39 10.72
C THR C 313 -18.19 19.80 12.10
N TRP C 314 -18.72 21.02 12.18
CA TRP C 314 -19.25 21.53 13.45
C TRP C 314 -20.63 22.14 13.26
N THR C 315 -21.49 21.94 14.25
CA THR C 315 -22.84 22.49 14.22
C THR C 315 -23.17 23.21 15.52
N ARG C 316 -23.90 24.32 15.42
CA ARG C 316 -24.27 25.10 16.59
C ARG C 316 -25.78 25.28 16.67
N GLU C 317 -26.32 25.19 17.89
CA GLU C 317 -27.71 25.57 18.14
C GLU C 317 -27.79 26.58 19.28
N GLU C 318 -28.67 27.56 19.14
CA GLU C 318 -28.94 28.52 20.21
C GLU C 318 -30.43 28.56 20.54
N LEU C 319 -30.78 28.03 21.70
CA LEU C 319 -32.18 27.93 22.11
C LEU C 319 -33.00 27.15 21.08
N GLY C 320 -32.37 26.15 20.48
CA GLY C 320 -33.04 25.33 19.47
C GLY C 320 -33.10 26.05 18.13
N GLY C 321 -34.17 25.80 17.38
CA GLY C 321 -34.31 26.35 16.04
C GLY C 321 -33.47 25.55 15.04
N SER C 322 -33.35 26.09 13.82
CA SER C 322 -32.59 25.43 12.78
C SER C 322 -31.10 25.48 13.06
N PRO C 323 -30.46 24.32 13.15
CA PRO C 323 -29.03 24.23 13.42
C PRO C 323 -28.24 25.01 12.37
N ALA C 324 -27.15 25.64 12.81
CA ALA C 324 -26.27 26.38 11.91
C ALA C 324 -24.91 25.71 11.82
N GLN C 325 -24.32 25.75 10.63
CA GLN C 325 -22.94 25.32 10.44
C GLN C 325 -21.96 26.41 10.87
N VAL C 326 -20.90 26.01 11.57
CA VAL C 326 -19.87 26.94 12.01
C VAL C 326 -18.50 26.51 11.52
N SER C 327 -17.54 27.43 11.59
CA SER C 327 -16.19 27.17 11.09
C SER C 327 -15.15 27.97 11.85
N GLY C 328 -13.89 27.83 11.46
CA GLY C 328 -12.80 28.50 12.14
C GLY C 328 -12.02 27.54 13.02
N ALA C 329 -12.45 26.28 13.04
CA ALA C 329 -11.78 25.24 13.82
C ALA C 329 -10.38 24.97 13.29
N SER C 330 -9.46 24.64 14.18
CA SER C 330 -8.12 24.23 13.78
C SER C 330 -7.79 22.85 14.34
N PHE C 331 -6.79 22.20 13.74
CA PHE C 331 -6.35 20.89 14.20
C PHE C 331 -4.91 20.92 14.66
N SER C 332 -4.54 19.99 15.53
CA SER C 332 -3.19 19.92 16.06
C SER C 332 -2.85 18.51 16.53
N SER C 333 -1.58 18.28 16.84
CA SER C 333 -1.16 17.02 17.46
C SER C 333 -1.54 15.82 16.60
N LEU C 334 -1.19 15.89 15.32
CA LEU C 334 -1.34 14.75 14.43
C LEU C 334 -0.40 13.61 14.81
N ARG C 335 -0.95 12.42 15.00
CA ARG C 335 -0.16 11.27 15.40
C ARG C 335 -0.88 9.97 15.05
N GLN C 336 -0.19 8.85 15.24
CA GLN C 336 -0.81 7.54 15.12
C GLN C 336 -0.69 6.75 16.42
N SER C 337 -1.71 5.95 16.71
CA SER C 337 -1.72 5.13 17.91
C SER C 337 -0.82 3.91 17.77
N VAL C 338 -0.49 3.28 18.88
CA VAL C 338 0.28 2.04 18.87
C VAL C 338 -0.42 0.98 18.01
N ALA C 339 -1.73 1.08 17.91
CA ALA C 339 -2.51 0.16 17.08
C ALA C 339 -2.12 0.27 15.61
N GLY C 340 -1.82 1.49 15.19
CA GLY C 340 -1.59 1.77 13.76
C GLY C 340 -2.59 2.79 13.24
N THR C 341 -3.62 3.06 14.03
CA THR C 341 -4.67 3.99 13.62
C THR C 341 -4.23 5.43 13.80
N TYR C 342 -5.02 6.36 13.26
CA TYR C 342 -4.67 7.77 13.30
C TYR C 342 -5.43 8.51 14.39
N SER C 343 -4.87 9.63 14.85
CA SER C 343 -5.56 10.48 15.81
C SER C 343 -5.21 11.95 15.58
N ILE C 344 -6.22 12.82 15.72
CA ILE C 344 -5.99 14.25 15.73
C ILE C 344 -6.81 14.93 16.83
N SER C 345 -6.34 16.10 17.27
CA SER C 345 -7.11 16.93 18.18
C SER C 345 -7.55 18.22 17.50
N SER C 346 -8.78 18.65 17.80
CA SER C 346 -9.33 19.87 17.22
C SER C 346 -9.72 20.87 18.30
N SER C 347 -9.73 22.14 17.95
CA SER C 347 -10.12 23.20 18.87
C SER C 347 -10.93 24.28 18.18
N LEU C 348 -12.02 24.70 18.81
CA LEU C 348 -12.88 25.73 18.27
C LEU C 348 -13.46 26.61 19.37
N THR C 349 -13.38 27.92 19.16
CA THR C 349 -14.04 28.87 20.05
C THR C 349 -15.55 28.77 19.95
N ALA C 350 -16.23 28.77 21.10
CA ALA C 350 -17.68 28.68 21.14
C ALA C 350 -18.31 30.04 21.43
N GLU C 351 -19.38 30.35 20.70
CA GLU C 351 -20.17 31.54 20.99
C GLU C 351 -21.27 31.24 21.99
N PRO C 352 -21.19 31.86 23.16
CA PRO C 352 -22.15 31.60 24.24
C PRO C 352 -23.50 32.24 23.94
N GLY C 353 -23.53 33.11 22.93
CA GLY C 353 -24.79 33.61 22.39
C GLY C 353 -25.50 34.50 23.40
N SER C 354 -26.82 34.64 23.23
CA SER C 354 -27.61 35.52 24.08
C SER C 354 -28.01 34.81 25.37
N ALA C 355 -28.05 33.48 25.32
CA ALA C 355 -28.47 32.70 26.48
C ALA C 355 -27.93 31.28 26.41
N GLY C 356 -26.64 31.17 26.05
CA GLY C 356 -25.98 29.88 25.99
C GLY C 356 -26.14 29.23 24.62
N ALA C 357 -25.49 28.09 24.43
CA ALA C 357 -25.50 27.41 23.14
C ALA C 357 -25.17 25.92 23.29
N THR C 358 -25.49 25.14 22.27
CA THR C 358 -25.03 23.77 22.18
C THR C 358 -24.19 23.55 20.92
N TYR C 359 -23.03 22.92 21.10
CA TYR C 359 -22.17 22.58 19.98
C TYR C 359 -22.09 21.07 19.77
N THR C 360 -21.99 20.66 18.50
CA THR C 360 -21.70 19.28 18.17
C THR C 360 -20.55 19.19 17.16
N CYS C 361 -19.64 18.26 17.40
CA CYS C 361 -18.62 17.92 16.41
C CYS C 361 -18.96 16.59 15.72
N GLN C 362 -19.03 16.63 14.39
CA GLN C 362 -19.42 15.46 13.62
C GLN C 362 -18.28 14.96 12.75
N VAL C 363 -18.07 13.64 12.76
CA VAL C 363 -17.06 13.03 11.90
C VAL C 363 -17.69 11.97 10.99
N THR C 364 -17.35 12.03 9.71
CA THR C 364 -17.85 11.06 8.74
C THR C 364 -16.71 10.33 8.05
N HIS C 365 -16.99 9.10 7.62
CA HIS C 365 -15.95 8.25 7.04
C HIS C 365 -16.56 7.04 6.34
N ILE C 366 -15.86 6.52 5.34
CA ILE C 366 -16.38 5.43 4.52
C ILE C 366 -16.59 4.17 5.34
N SER C 367 -15.94 4.11 6.50
CA SER C 367 -16.06 2.95 7.37
C SER C 367 -17.33 3.01 8.20
N LEU C 368 -18.03 4.12 8.12
CA LEU C 368 -19.21 4.35 8.95
C LEU C 368 -20.50 4.10 8.17
N GLU C 369 -21.49 3.53 8.84
CA GLU C 369 -22.86 3.54 8.33
C GLU C 369 -23.58 4.83 8.72
N GLU C 370 -23.12 5.46 9.80
CA GLU C 370 -23.68 6.74 10.24
C GLU C 370 -22.62 7.61 10.88
N PRO C 371 -22.78 8.92 10.76
CA PRO C 371 -21.84 9.88 11.34
C PRO C 371 -21.68 9.65 12.84
N LEU C 372 -20.46 9.84 13.33
CA LEU C 372 -20.19 9.78 14.75
C LEU C 372 -19.69 11.12 15.28
N GLY C 373 -20.38 11.66 16.28
CA GLY C 373 -20.09 13.00 16.78
C GLY C 373 -20.24 13.05 18.30
N ALA C 374 -20.06 14.25 18.86
CA ALA C 374 -20.24 14.45 20.29
C ALA C 374 -20.68 15.88 20.58
N SER C 375 -21.43 16.05 21.66
CA SER C 375 -22.04 17.34 21.98
C SER C 375 -21.54 17.86 23.32
N THR C 376 -21.59 19.19 23.49
CA THR C 376 -21.35 19.80 24.79
C THR C 376 -22.17 21.08 24.95
N GLN C 377 -22.55 21.37 26.20
CA GLN C 377 -23.28 22.60 26.50
C GLN C 377 -22.34 23.77 26.71
N VAL C 378 -22.74 24.94 26.21
CA VAL C 378 -21.97 26.16 26.42
C VAL C 378 -22.68 27.10 27.38
N VAL C 379 -21.97 27.54 28.41
CA VAL C 379 -22.56 28.33 29.48
C VAL C 379 -22.89 29.73 29.00
N PRO C 380 -24.11 30.19 29.32
CA PRO C 380 -24.53 31.54 28.98
C PRO C 380 -23.51 32.57 29.44
N PRO C 381 -23.48 33.71 28.75
CA PRO C 381 -22.52 34.77 29.08
C PRO C 381 -22.79 35.36 30.45
N GLU C 382 -24.02 35.18 30.94
CA GLU C 382 -24.42 35.72 32.23
C GLU C 382 -24.27 34.69 33.34
N ARG C 383 -23.65 33.56 33.00
CA ARG C 383 -23.52 32.45 33.95
C ARG C 383 -22.07 31.98 34.03
N ARG C 384 -21.15 32.83 33.59
CA ARG C 384 -19.73 32.54 33.71
C ARG C 384 -19.06 33.43 34.75
C4 30W D . 18.36 5.02 -12.67
C6 30W D . 20.55 7.95 -12.80
C11 30W D . 21.31 0.46 -14.99
C7 30W D . 21.75 7.37 -13.21
C9 30W D . 20.48 9.40 -12.55
C10 30W D . 20.18 1.45 -14.80
N1 30W D . 20.78 3.98 -13.48
N2 30W D . 19.85 1.88 -13.58
N3 30W D . 18.53 3.71 -12.93
O10 30W D . 19.57 1.84 -15.77
C2 30W D . 19.73 3.23 -13.33
C8A 30W D . 20.75 5.30 -13.26
N8 30W D . 21.83 6.08 -13.43
N5 30W D . 19.47 7.20 -12.62
C4A 30W D . 19.54 5.90 -12.84
O4 30W D . 17.28 5.48 -12.32
H1 30W D . 20.91 -0.57 -14.92
H2 30W D . 22.06 0.60 -14.19
H3 30W D . 21.78 0.61 -15.98
H4 30W D . 22.60 8.05 -13.33
O9 30W D . 19.73 10.10 -13.19
H5 30W D . 21.13 9.85 -11.76
H8 30W D . 19.68 1.27 -12.81
H9 30W D . 17.78 3.04 -12.83
N HIS A 4 22.50 1.20 5.85
CA HIS A 4 23.16 2.04 4.87
C HIS A 4 22.50 1.88 3.50
N SER A 5 21.60 2.80 3.17
CA SER A 5 20.78 2.68 1.97
C SER A 5 21.28 3.60 0.86
N LEU A 6 21.43 3.06 -0.34
CA LEU A 6 21.67 3.87 -1.52
C LEU A 6 20.53 3.74 -2.53
N ARG A 7 19.98 4.88 -2.94
CA ARG A 7 18.79 4.90 -3.78
C ARG A 7 19.00 5.74 -5.02
N TYR A 8 18.40 5.32 -6.13
CA TYR A 8 18.26 6.18 -7.30
C TYR A 8 16.82 6.18 -7.81
N PHE A 9 16.34 7.35 -8.23
CA PHE A 9 14.98 7.46 -8.76
C PHE A 9 14.98 8.12 -10.13
N ARG A 10 14.19 7.58 -11.04
CA ARG A 10 14.01 8.18 -12.35
C ARG A 10 12.54 8.39 -12.67
N LEU A 11 12.13 9.66 -12.77
CA LEU A 11 10.73 10.00 -13.03
C LEU A 11 10.58 10.71 -14.37
N GLY A 12 9.86 10.08 -15.29
CA GLY A 12 9.64 10.65 -16.62
C GLY A 12 8.19 11.08 -16.79
N VAL A 13 7.98 12.05 -17.67
CA VAL A 13 6.63 12.54 -17.96
C VAL A 13 6.31 12.40 -19.44
N SER A 14 5.14 11.85 -19.74
CA SER A 14 4.63 11.82 -21.11
C SER A 14 4.02 13.16 -21.50
N ASP A 15 4.46 13.70 -22.63
CA ASP A 15 3.97 14.99 -23.10
C ASP A 15 4.07 16.05 -22.01
N PRO A 16 5.30 16.38 -21.62
CA PRO A 16 5.53 17.36 -20.56
C PRO A 16 5.30 18.78 -21.06
N ILE A 17 4.03 19.13 -21.28
CA ILE A 17 3.68 20.42 -21.84
C ILE A 17 3.38 21.43 -20.74
N HIS A 18 3.52 22.71 -21.06
CA HIS A 18 3.05 23.79 -20.19
C HIS A 18 3.88 23.87 -18.92
N GLY A 19 5.20 23.91 -19.07
CA GLY A 19 6.09 24.23 -17.97
C GLY A 19 6.45 22.97 -17.19
N VAL A 20 5.87 21.84 -17.59
CA VAL A 20 6.13 20.57 -16.91
C VAL A 20 7.46 19.98 -17.33
N PRO A 21 8.25 19.56 -16.35
CA PRO A 21 9.55 18.96 -16.61
C PRO A 21 9.40 17.60 -17.28
N GLU A 22 10.40 17.23 -18.09
CA GLU A 22 10.35 15.97 -18.83
C GLU A 22 10.87 14.81 -17.99
N PHE A 23 11.90 15.08 -17.19
CA PHE A 23 12.63 14.01 -16.52
C PHE A 23 13.29 14.52 -15.23
N ILE A 24 13.08 13.80 -14.14
CA ILE A 24 13.74 14.10 -12.88
C ILE A 24 14.49 12.90 -12.34
N SER A 25 15.73 13.12 -11.91
CA SER A 25 16.57 12.04 -11.39
C SER A 25 17.32 12.48 -10.14
N VAL A 26 17.12 11.74 -9.05
CA VAL A 26 17.70 12.10 -7.77
C VAL A 26 18.31 10.90 -7.08
N GLY A 27 19.47 11.09 -6.47
CA GLY A 27 20.15 10.03 -5.75
C GLY A 27 20.23 10.33 -4.25
N TYR A 28 20.15 9.28 -3.43
CA TYR A 28 20.17 9.45 -1.98
C TYR A 28 21.18 8.50 -1.34
N VAL A 29 21.79 8.97 -0.25
CA VAL A 29 22.45 8.07 0.69
C VAL A 29 21.93 8.29 2.11
N ASP A 30 21.31 7.25 2.67
CA ASP A 30 20.68 7.35 3.98
C ASP A 30 19.89 8.65 4.12
N SER A 31 20.38 9.55 4.96
CA SER A 31 19.60 10.69 5.41
C SER A 31 19.86 11.92 4.54
N HIS A 32 20.85 11.80 3.67
CA HIS A 32 21.42 12.98 2.99
C HIS A 32 21.44 12.78 1.48
N PRO A 33 20.50 13.44 0.79
CA PRO A 33 20.50 13.48 -0.66
C PRO A 33 21.86 13.92 -1.20
N ILE A 34 22.31 13.26 -2.26
CA ILE A 34 23.68 13.43 -2.73
C ILE A 34 23.72 14.18 -4.06
N THR A 35 22.64 14.05 -4.84
CA THR A 35 22.57 14.69 -6.15
C THR A 35 21.12 14.87 -6.58
N THR A 36 20.88 15.91 -7.38
CA THR A 36 19.59 16.06 -8.05
C THR A 36 19.78 16.35 -9.54
N TYR A 37 18.72 16.14 -10.32
CA TYR A 37 18.72 16.48 -11.73
C TYR A 37 17.37 17.00 -12.18
N ASP A 38 17.37 18.04 -13.01
CA ASP A 38 16.14 18.60 -13.53
C ASP A 38 16.24 18.84 -15.04
N SER A 39 15.38 18.18 -15.80
CA SER A 39 15.43 18.26 -17.26
C SER A 39 15.32 19.70 -17.74
N VAL A 40 14.80 20.57 -16.88
CA VAL A 40 14.69 21.99 -17.19
C VAL A 40 16.06 22.61 -17.41
N THR A 41 17.04 22.17 -16.62
CA THR A 41 18.38 22.72 -16.70
C THR A 41 19.34 21.74 -17.36
N ARG A 42 18.93 20.48 -17.42
CA ARG A 42 19.72 19.46 -18.11
C ARG A 42 21.12 19.34 -17.51
N GLN A 43 21.19 19.36 -16.18
CA GLN A 43 22.45 19.21 -15.48
C GLN A 43 22.27 18.54 -14.12
N LYS A 44 23.07 17.52 -13.87
CA LYS A 44 23.09 16.87 -12.56
C LYS A 44 24.14 17.49 -11.65
N GLU A 45 23.74 17.83 -10.43
CA GLU A 45 24.63 18.51 -9.49
C GLU A 45 24.56 17.88 -8.11
N PRO A 46 25.66 17.96 -7.37
CA PRO A 46 25.71 17.47 -6.00
C PRO A 46 24.86 18.32 -5.07
N ARG A 47 24.34 17.71 -4.02
CA ARG A 47 23.68 18.45 -2.94
C ARG A 47 24.37 18.22 -1.61
N ALA A 48 25.67 17.93 -1.66
CA ALA A 48 26.45 17.68 -0.45
C ALA A 48 27.88 18.15 -0.62
N PRO A 49 28.45 18.70 0.45
CA PRO A 49 29.81 19.23 0.40
C PRO A 49 30.83 18.11 0.28
N TRP A 50 30.46 16.92 0.75
CA TRP A 50 31.36 15.77 0.70
C TRP A 50 31.17 14.97 -0.59
N MET A 51 30.15 15.35 -1.36
CA MET A 51 30.04 14.89 -2.74
C MET A 51 30.80 15.81 -3.70
N ALA A 52 30.57 17.10 -3.57
CA ALA A 52 31.18 18.08 -4.46
C ALA A 52 32.70 18.05 -4.36
N GLU A 53 33.20 17.82 -3.15
CA GLU A 53 34.64 17.81 -2.91
C GLU A 53 35.31 16.64 -3.61
N ASN A 54 34.68 15.46 -3.53
CA ASN A 54 35.36 14.21 -3.83
C ASN A 54 35.07 13.75 -5.25
N LEU A 55 33.93 14.17 -5.78
CA LEU A 55 33.54 13.80 -7.14
C LEU A 55 33.82 14.93 -8.12
N ALA A 56 34.81 14.73 -8.97
CA ALA A 56 35.29 15.79 -9.85
C ALA A 56 34.20 16.21 -10.85
N PRO A 57 34.25 17.46 -11.29
CA PRO A 57 33.37 17.94 -12.34
C PRO A 57 33.35 16.98 -13.52
N ASP A 58 34.49 16.34 -13.77
CA ASP A 58 34.60 15.39 -14.86
C ASP A 58 33.60 14.25 -14.71
N HIS A 59 33.37 13.84 -13.47
CA HIS A 59 32.43 12.76 -13.19
C HIS A 59 30.99 13.21 -13.38
N TRP A 60 30.69 14.44 -12.96
CA TRP A 60 29.34 14.98 -13.04
C TRP A 60 28.97 15.28 -14.48
N GLU A 61 29.96 15.68 -15.28
CA GLU A 61 29.76 15.89 -16.71
C GLU A 61 29.42 14.59 -17.41
N ARG A 62 30.18 13.54 -17.09
CA ARG A 62 29.96 12.22 -17.67
C ARG A 62 28.59 11.66 -17.26
N TYR A 63 28.26 11.82 -15.98
CA TYR A 63 26.99 11.33 -15.46
C TYR A 63 25.81 12.00 -16.16
N THR A 64 25.94 13.31 -16.40
CA THR A 64 24.90 14.07 -17.07
C THR A 64 24.74 13.62 -18.52
N GLN A 65 25.86 13.45 -19.21
CA GLN A 65 25.85 13.00 -20.59
C GLN A 65 25.18 11.64 -20.73
N LEU A 66 25.55 10.71 -19.85
CA LEU A 66 24.95 9.39 -19.83
C LEU A 66 23.46 9.46 -19.49
N LEU A 67 23.12 10.32 -18.54
CA LEU A 67 21.74 10.47 -18.10
C LEU A 67 20.84 10.96 -19.22
N ARG A 68 21.36 11.89 -20.02
CA ARG A 68 20.63 12.41 -21.16
C ARG A 68 20.29 11.31 -22.15
N GLY A 69 21.24 10.41 -22.38
CA GLY A 69 20.99 9.22 -23.19
C GLY A 69 19.87 8.37 -22.59
N TRP A 70 19.99 8.05 -21.31
CA TRP A 70 18.98 7.26 -20.62
C TRP A 70 17.63 7.97 -20.63
N GLN A 71 17.66 9.29 -20.46
CA GLN A 71 16.44 10.08 -20.43
C GLN A 71 15.61 9.88 -21.70
N GLN A 72 16.28 9.95 -22.84
CA GLN A 72 15.61 9.83 -24.13
C GLN A 72 15.02 8.44 -24.31
N MET A 73 15.76 7.42 -23.88
CA MET A 73 15.30 6.05 -23.99
C MET A 73 14.13 5.78 -23.07
N PHE A 74 14.06 6.53 -21.97
CA PHE A 74 12.98 6.39 -21.01
C PHE A 74 11.63 6.67 -21.67
N LYS A 75 11.65 7.45 -22.75
CA LYS A 75 10.43 7.81 -23.45
C LYS A 75 9.70 6.58 -23.98
N VAL A 76 10.46 5.52 -24.26
CA VAL A 76 9.90 4.28 -24.76
C VAL A 76 8.95 3.65 -23.75
N GLU A 77 9.39 3.61 -22.48
CA GLU A 77 8.57 3.07 -21.41
C GLU A 77 7.31 3.89 -21.21
N LEU A 78 7.45 5.21 -21.26
CA LEU A 78 6.32 6.12 -21.05
C LEU A 78 5.23 5.87 -22.07
N LYS A 79 5.60 5.84 -23.35
CA LYS A 79 4.64 5.77 -24.44
C LYS A 79 4.07 4.35 -24.57
N ARG A 80 4.93 3.36 -24.40
CA ARG A 80 4.51 1.96 -24.47
C ARG A 80 3.45 1.65 -23.41
N LEU A 81 3.73 2.04 -22.17
CA LEU A 81 2.80 1.80 -21.08
C LEU A 81 1.49 2.53 -21.30
N GLN A 82 1.57 3.77 -21.75
CA GLN A 82 0.38 4.56 -22.04
C GLN A 82 -0.56 3.82 -22.98
N ARG A 83 0.02 3.15 -23.98
CA ARG A 83 -0.75 2.32 -24.89
C ARG A 83 -1.35 1.11 -24.17
N HIS A 84 -0.57 0.51 -23.29
CA HIS A 84 -1.01 -0.66 -22.54
C HIS A 84 -2.24 -0.34 -21.69
N TYR A 85 -2.24 0.86 -21.11
CA TYR A 85 -3.32 1.28 -20.23
C TYR A 85 -4.44 1.96 -21.00
N ASN A 86 -4.28 2.04 -22.32
CA ASN A 86 -5.25 2.73 -23.17
C ASN A 86 -5.50 4.15 -22.67
N HIS A 87 -4.41 4.87 -22.38
CA HIS A 87 -4.52 6.24 -21.90
C HIS A 87 -4.22 7.26 -22.99
N SER A 88 -4.84 8.42 -22.90
CA SER A 88 -4.62 9.48 -23.87
C SER A 88 -4.09 10.75 -23.21
N GLY A 89 -4.14 10.79 -21.89
CA GLY A 89 -3.75 11.97 -21.14
C GLY A 89 -2.26 11.95 -20.81
N SER A 90 -1.82 12.93 -20.03
CA SER A 90 -0.43 13.02 -19.64
C SER A 90 -0.16 12.30 -18.33
N HIS A 91 0.64 11.24 -18.38
CA HIS A 91 0.91 10.42 -17.21
C HIS A 91 2.40 10.21 -17.02
N THR A 92 2.79 9.84 -15.80
CA THR A 92 4.20 9.73 -15.44
C THR A 92 4.59 8.29 -15.18
N TYR A 93 5.89 8.02 -15.16
CA TYR A 93 6.40 6.68 -14.87
C TYR A 93 7.71 6.75 -14.08
N GLN A 94 7.79 5.96 -13.02
CA GLN A 94 8.90 6.05 -12.09
C GLN A 94 9.65 4.73 -11.99
N ARG A 95 10.98 4.80 -12.02
CA ARG A 95 11.82 3.66 -11.67
C ARG A 95 12.48 3.86 -10.31
N MET A 96 12.38 2.85 -9.45
CA MET A 96 12.93 2.94 -8.11
C MET A 96 14.06 1.92 -7.91
N ILE A 97 15.26 2.42 -7.65
CA ILE A 97 16.41 1.57 -7.39
C ILE A 97 16.84 1.66 -5.93
N GLY A 98 17.02 0.50 -5.31
CA GLY A 98 17.46 0.44 -3.92
C GLY A 98 18.52 -0.63 -3.71
N CYS A 99 19.52 -0.33 -2.89
CA CYS A 99 20.37 -1.35 -2.31
C CYS A 99 20.76 -1.00 -0.88
N GLU A 100 21.25 -1.99 -0.15
CA GLU A 100 21.62 -1.80 1.25
C GLU A 100 22.88 -2.57 1.60
N LEU A 101 23.78 -1.93 2.33
CA LEU A 101 24.93 -2.62 2.92
C LEU A 101 24.71 -2.90 4.39
N LEU A 102 24.78 -4.18 4.76
CA LEU A 102 24.43 -4.61 6.11
C LEU A 102 25.65 -4.69 7.00
N GLU A 103 25.43 -4.70 8.31
CA GLU A 103 26.53 -4.68 9.28
C GLU A 103 27.43 -5.91 9.13
N ASP A 104 26.82 -7.03 8.76
CA ASP A 104 27.53 -8.29 8.69
C ASP A 104 28.26 -8.44 7.35
N GLY A 105 28.25 -7.37 6.56
CA GLY A 105 29.06 -7.32 5.35
C GLY A 105 28.25 -7.75 4.12
N SER A 106 27.07 -8.32 4.37
CA SER A 106 26.21 -8.78 3.30
C SER A 106 25.54 -7.61 2.59
N THR A 107 24.97 -7.89 1.41
CA THR A 107 24.31 -6.85 0.63
C THR A 107 22.95 -7.32 0.13
N THR A 108 22.06 -6.37 -0.12
CA THR A 108 20.79 -6.65 -0.80
C THR A 108 20.34 -5.48 -1.64
N GLY A 109 19.15 -5.60 -2.22
CA GLY A 109 18.62 -4.56 -3.09
C GLY A 109 17.39 -5.05 -3.85
N PHE A 110 16.80 -4.17 -4.66
CA PHE A 110 15.57 -4.49 -5.38
C PHE A 110 15.42 -3.61 -6.60
N LEU A 111 14.58 -4.05 -7.54
CA LEU A 111 14.10 -3.18 -8.61
C LEU A 111 12.58 -3.09 -8.62
N GLN A 112 12.05 -1.88 -8.56
CA GLN A 112 10.61 -1.67 -8.50
C GLN A 112 10.19 -0.46 -9.32
N TYR A 113 8.99 -0.53 -9.88
CA TYR A 113 8.47 0.56 -10.70
C TYR A 113 7.13 1.07 -10.15
N ALA A 114 6.72 2.24 -10.61
CA ALA A 114 5.36 2.71 -10.39
C ALA A 114 4.84 3.50 -11.58
N TYR A 115 3.52 3.51 -11.75
CA TYR A 115 2.90 4.21 -12.87
C TYR A 115 1.75 5.10 -12.39
N ASP A 116 1.79 6.37 -12.78
CA ASP A 116 0.78 7.32 -12.38
C ASP A 116 0.72 7.47 -10.86
N GLY A 117 1.84 7.15 -10.20
CA GLY A 117 1.94 7.30 -8.76
C GLY A 117 1.25 6.14 -8.04
N GLN A 118 0.91 5.10 -8.80
CA GLN A 118 0.17 3.97 -8.26
C GLN A 118 0.87 2.65 -8.55
N ASP A 119 0.60 1.64 -7.74
CA ASP A 119 1.04 0.28 -8.02
C ASP A 119 0.42 -0.24 -9.32
N PHE A 120 1.19 -1.00 -10.07
CA PHE A 120 0.65 -1.73 -11.22
C PHE A 120 1.27 -3.13 -11.33
N LEU A 121 2.46 -3.27 -10.77
CA LEU A 121 3.18 -4.55 -10.84
C LEU A 121 4.26 -4.62 -9.77
N ILE A 122 4.18 -5.65 -8.93
CA ILE A 122 5.12 -5.81 -7.82
C ILE A 122 6.29 -6.70 -8.23
N PHE A 123 7.50 -6.21 -7.99
CA PHE A 123 8.71 -6.90 -8.44
C PHE A 123 9.36 -7.67 -7.31
N ASN A 124 9.66 -8.94 -7.56
CA ASN A 124 10.50 -9.73 -6.66
C ASN A 124 11.56 -10.51 -7.41
N LYS A 125 12.77 -9.98 -7.45
CA LYS A 125 13.83 -10.56 -8.26
C LYS A 125 14.21 -11.94 -7.77
N ASP A 126 13.83 -12.25 -6.54
CA ASP A 126 14.19 -13.52 -5.92
C ASP A 126 14.26 -14.64 -6.95
N THR A 127 13.16 -14.86 -7.65
CA THR A 127 13.11 -15.88 -8.70
C THR A 127 12.59 -15.31 -10.01
N LEU A 128 12.79 -14.01 -10.21
CA LEU A 128 12.15 -13.29 -11.30
C LEU A 128 10.65 -13.51 -11.31
N SER A 129 9.98 -13.06 -10.26
CA SER A 129 8.53 -13.14 -10.18
C SER A 129 7.91 -11.75 -10.14
N TRP A 130 6.74 -11.61 -10.77
CA TRP A 130 6.00 -10.36 -10.73
C TRP A 130 4.53 -10.61 -10.39
N LEU A 131 3.94 -9.66 -9.68
CA LEU A 131 2.54 -9.78 -9.25
C LEU A 131 1.66 -8.72 -9.91
N ALA A 132 0.78 -9.16 -10.80
CA ALA A 132 -0.11 -8.25 -11.50
C ALA A 132 -1.31 -7.88 -10.64
N VAL A 133 -1.91 -6.73 -10.92
CA VAL A 133 -3.04 -6.22 -10.15
C VAL A 133 -4.30 -6.18 -10.98
N ASP A 134 -4.14 -6.13 -12.30
CA ASP A 134 -5.27 -6.02 -13.22
C ASP A 134 -4.91 -6.55 -14.60
N ASN A 135 -5.85 -6.44 -15.53
CA ASN A 135 -5.72 -7.09 -16.84
C ASN A 135 -4.48 -6.59 -17.57
N VAL A 136 -4.25 -5.28 -17.52
CA VAL A 136 -3.12 -4.67 -18.19
C VAL A 136 -1.80 -5.07 -17.52
N ALA A 137 -1.81 -5.11 -16.19
CA ALA A 137 -0.64 -5.53 -15.44
C ALA A 137 -0.23 -6.96 -15.81
N HIS A 138 -1.23 -7.79 -16.09
CA HIS A 138 -0.98 -9.16 -16.53
C HIS A 138 -0.27 -9.20 -17.87
N THR A 139 -0.68 -8.32 -18.77
CA THR A 139 -0.01 -8.18 -20.06
C THR A 139 1.44 -7.70 -19.88
N ILE A 140 1.62 -6.70 -19.04
CA ILE A 140 2.96 -6.20 -18.73
C ILE A 140 3.78 -7.25 -18.00
N LYS A 141 3.14 -7.96 -17.08
CA LYS A 141 3.80 -9.03 -16.34
C LYS A 141 4.49 -10.00 -17.29
N GLN A 142 3.76 -10.47 -18.29
CA GLN A 142 4.29 -11.44 -19.24
C GLN A 142 5.45 -10.86 -20.03
N ALA A 143 5.37 -9.57 -20.33
CA ALA A 143 6.46 -8.86 -21.02
C ALA A 143 7.74 -8.92 -20.20
N TRP A 144 7.60 -8.87 -18.88
CA TRP A 144 8.74 -8.99 -17.98
C TRP A 144 9.21 -10.44 -17.87
N GLU A 145 8.25 -11.36 -17.82
CA GLU A 145 8.56 -12.78 -17.77
C GLU A 145 9.30 -13.22 -19.03
N ALA A 146 9.13 -12.47 -20.11
CA ALA A 146 9.81 -12.78 -21.37
C ALA A 146 11.31 -12.92 -21.16
N ASN A 147 11.86 -12.11 -20.26
CA ASN A 147 13.30 -12.08 -20.05
C ASN A 147 13.69 -12.91 -18.83
N GLN A 148 14.21 -14.11 -19.08
CA GLN A 148 14.54 -15.04 -18.01
C GLN A 148 16.00 -14.88 -17.59
N HIS A 149 16.68 -13.92 -18.18
CA HIS A 149 18.09 -13.68 -17.89
C HIS A 149 18.27 -12.34 -17.17
N GLU A 150 17.17 -11.68 -16.86
CA GLU A 150 17.22 -10.36 -16.26
C GLU A 150 17.96 -10.38 -14.94
N LEU A 151 17.82 -11.48 -14.20
CA LEU A 151 18.45 -11.62 -12.89
C LEU A 151 19.97 -11.52 -13.00
N LEU A 152 20.50 -11.93 -14.15
CA LEU A 152 21.95 -11.99 -14.34
C LEU A 152 22.54 -10.60 -14.49
N TYR A 153 21.68 -9.60 -14.66
CA TYR A 153 22.12 -8.22 -14.77
C TYR A 153 21.76 -7.43 -13.50
N GLN A 154 20.56 -7.68 -12.99
CA GLN A 154 20.07 -6.95 -11.82
C GLN A 154 20.90 -7.28 -10.58
N LYS A 155 21.28 -8.55 -10.44
CA LYS A 155 22.06 -8.99 -9.29
C LYS A 155 23.36 -8.21 -9.17
N ASN A 156 24.11 -8.16 -10.27
CA ASN A 156 25.38 -7.44 -10.29
C ASN A 156 25.18 -5.95 -10.03
N TRP A 157 24.14 -5.39 -10.64
CA TRP A 157 23.85 -3.96 -10.50
C TRP A 157 23.55 -3.59 -9.05
N LEU A 158 22.63 -4.35 -8.45
CA LEU A 158 22.05 -3.96 -7.17
C LEU A 158 22.93 -4.37 -6.01
N GLU A 159 23.42 -5.60 -6.05
CA GLU A 159 24.00 -6.24 -4.87
C GLU A 159 25.50 -6.00 -4.80
N GLU A 160 26.07 -5.49 -5.89
CA GLU A 160 27.51 -5.30 -5.99
C GLU A 160 27.84 -3.87 -6.41
N GLU A 161 27.46 -3.51 -7.63
CA GLU A 161 27.87 -2.24 -8.22
C GLU A 161 27.39 -1.07 -7.38
N CYS A 162 26.09 -1.04 -7.08
CA CYS A 162 25.52 0.03 -6.27
C CYS A 162 26.17 0.09 -4.89
N ILE A 163 26.49 -1.07 -4.35
CA ILE A 163 27.13 -1.15 -3.03
C ILE A 163 28.51 -0.51 -3.05
N ALA A 164 29.25 -0.74 -4.13
CA ALA A 164 30.56 -0.13 -4.31
C ALA A 164 30.46 1.39 -4.27
N TRP A 165 29.43 1.92 -4.91
CA TRP A 165 29.17 3.36 -4.88
C TRP A 165 28.78 3.82 -3.48
N LEU A 166 27.94 3.04 -2.82
CA LEU A 166 27.53 3.35 -1.45
C LEU A 166 28.73 3.43 -0.52
N LYS A 167 29.60 2.42 -0.58
CA LYS A 167 30.80 2.39 0.25
C LYS A 167 31.67 3.61 0.00
N ARG A 168 31.83 3.96 -1.27
CA ARG A 168 32.54 5.18 -1.63
C ARG A 168 31.91 6.40 -0.98
N PHE A 169 30.59 6.52 -1.10
CA PHE A 169 29.87 7.68 -0.57
C PHE A 169 29.99 7.74 0.95
N LEU A 170 29.90 6.60 1.60
CA LEU A 170 29.97 6.52 3.05
C LEU A 170 31.34 6.98 3.55
N GLU A 171 32.39 6.59 2.85
CA GLU A 171 33.74 7.01 3.18
C GLU A 171 33.88 8.51 3.09
N TYR A 172 33.18 9.12 2.14
CA TYR A 172 33.19 10.57 1.98
C TYR A 172 32.33 11.24 3.04
N GLY A 173 31.10 10.74 3.20
CA GLY A 173 30.11 11.38 4.06
C GLY A 173 30.28 10.94 5.51
N LYS A 174 31.47 11.17 6.06
CA LYS A 174 31.77 10.77 7.43
C LYS A 174 30.85 11.46 8.42
N ASP A 175 30.32 12.62 8.02
CA ASP A 175 29.40 13.37 8.86
C ASP A 175 28.13 12.58 9.13
N THR A 176 27.86 11.59 8.29
CA THR A 176 26.67 10.76 8.42
C THR A 176 27.04 9.33 8.82
N LEU A 177 28.19 8.87 8.35
CA LEU A 177 28.65 7.52 8.63
C LEU A 177 29.03 7.35 10.10
N GLN A 178 29.85 8.28 10.59
CA GLN A 178 30.53 8.08 11.87
C GLN A 178 29.88 8.90 12.97
N ARG A 179 28.73 9.49 12.66
CA ARG A 179 28.02 10.34 13.61
C ARG A 179 26.88 9.60 14.29
N THR A 180 26.94 9.51 15.62
CA THR A 180 25.84 8.98 16.40
C THR A 180 25.61 9.79 17.66
N GLU A 181 24.36 10.19 17.89
CA GLU A 181 24.03 11.10 18.97
C GLU A 181 22.84 10.60 19.77
N PRO A 182 23.06 10.34 21.06
CA PRO A 182 21.98 9.97 21.96
C PRO A 182 20.91 11.04 22.02
N PRO A 183 19.69 10.64 22.35
CA PRO A 183 18.58 11.58 22.47
C PRO A 183 18.64 12.35 23.77
N LYS A 184 18.02 13.53 23.78
CA LYS A 184 17.62 14.17 25.03
C LYS A 184 16.11 14.17 25.18
N VAL A 185 15.63 13.63 26.29
CA VAL A 185 14.21 13.34 26.45
C VAL A 185 13.69 13.85 27.79
N ARG A 186 12.46 14.36 27.79
CA ARG A 186 11.79 14.76 29.02
C ARG A 186 10.27 14.69 28.87
N VAL A 187 9.59 14.35 29.96
CA VAL A 187 8.13 14.24 29.95
C VAL A 187 7.48 15.49 30.53
N ASN A 188 6.51 16.03 29.79
CA ASN A 188 5.68 17.12 30.30
C ASN A 188 4.24 16.67 30.50
N HIS A 189 3.40 17.59 30.94
CA HIS A 189 2.01 17.28 31.24
C HIS A 189 1.06 18.28 30.57
N LYS A 190 -0.11 17.80 30.17
CA LYS A 190 -1.16 18.67 29.68
C LYS A 190 -2.53 17.99 29.79
N GLU A 191 -3.58 18.78 29.62
CA GLU A 191 -4.94 18.25 29.52
C GLU A 191 -5.47 18.38 28.09
N THR A 192 -5.87 17.24 27.52
CA THR A 192 -6.49 17.25 26.19
C THR A 192 -7.98 17.50 26.28
N PHE A 193 -8.62 16.92 27.28
CA PHE A 193 -10.07 17.02 27.44
C PHE A 193 -10.46 17.27 28.89
N PRO A 194 -11.43 18.14 29.10
CA PRO A 194 -11.89 18.46 30.45
C PRO A 194 -12.22 17.20 31.23
N GLY A 195 -11.21 16.65 31.91
CA GLY A 195 -11.42 15.51 32.80
C GLY A 195 -10.46 14.38 32.46
N ILE A 196 -9.72 14.54 31.37
CA ILE A 196 -8.79 13.51 30.92
C ILE A 196 -7.37 14.07 30.80
N THR A 197 -6.46 13.53 31.61
CA THR A 197 -5.08 13.99 31.62
C THR A 197 -4.25 13.27 30.57
N THR A 198 -3.38 14.00 29.89
CA THR A 198 -2.49 13.42 28.89
C THR A 198 -1.03 13.62 29.29
N LEU A 199 -0.23 12.56 29.11
CA LEU A 199 1.22 12.66 29.30
C LEU A 199 1.92 12.78 27.95
N TYR A 200 2.92 13.66 27.90
CA TYR A 200 3.58 13.99 26.64
C TYR A 200 5.10 13.91 26.77
N CYS A 201 5.70 13.05 25.98
CA CYS A 201 7.15 12.83 26.05
C CYS A 201 7.84 13.29 24.77
N ARG A 202 8.73 14.26 24.91
CA ARG A 202 9.44 14.81 23.76
C ARG A 202 10.92 14.44 23.79
N ALA A 203 11.45 14.06 22.64
CA ALA A 203 12.89 13.78 22.52
C ALA A 203 13.48 14.43 21.27
N TYR A 204 14.68 14.96 21.41
CA TYR A 204 15.32 15.69 20.32
C TYR A 204 16.82 15.46 20.31
N GLY A 205 17.45 15.69 19.15
CA GLY A 205 18.88 15.90 19.08
C GLY A 205 19.63 14.58 18.93
N PHE A 206 18.97 13.60 18.33
CA PHE A 206 19.56 12.28 18.16
C PHE A 206 19.81 11.97 16.68
N TYR A 207 20.74 11.07 16.42
CA TYR A 207 21.07 10.68 15.05
C TYR A 207 21.82 9.36 15.02
N PRO A 208 21.56 8.57 13.98
CA PRO A 208 20.35 8.73 13.18
C PRO A 208 19.11 8.49 14.01
N PRO A 209 17.94 8.68 13.39
CA PRO A 209 16.67 8.54 14.10
C PRO A 209 16.28 7.08 14.26
N GLU A 210 17.11 6.33 14.96
CA GLU A 210 16.79 4.95 15.31
C GLU A 210 16.26 4.86 16.74
N ILE A 211 15.04 5.33 16.93
CA ILE A 211 14.54 5.65 18.27
C ILE A 211 13.14 5.10 18.50
N SER A 212 12.88 4.64 19.71
CA SER A 212 11.53 4.31 20.13
C SER A 212 11.28 4.71 21.58
N ILE A 213 10.16 5.39 21.82
CA ILE A 213 9.79 5.82 23.16
C ILE A 213 8.47 5.18 23.59
N ASN A 214 8.47 4.58 24.77
CA ASN A 214 7.29 3.88 25.26
C ASN A 214 7.08 4.15 26.75
N TRP A 215 5.82 4.07 27.18
CA TRP A 215 5.47 4.37 28.57
C TRP A 215 5.41 3.10 29.40
N MET A 216 5.76 3.22 30.68
CA MET A 216 5.69 2.10 31.61
C MET A 216 5.44 2.57 33.04
N LYS A 217 4.88 1.69 33.85
CA LYS A 217 4.84 1.91 35.30
C LYS A 217 5.59 0.80 36.04
N ASN A 218 6.70 1.16 36.65
CA ASN A 218 7.53 0.19 37.37
C ASN A 218 7.90 -0.99 36.48
N GLY A 219 8.13 -0.71 35.20
CA GLY A 219 8.62 -1.71 34.27
C GLY A 219 7.48 -2.31 33.46
N GLU A 220 6.25 -2.08 33.92
CA GLU A 220 5.08 -2.60 33.24
C GLU A 220 4.59 -1.67 32.15
N GLU A 221 4.60 -2.14 30.90
CA GLU A 221 4.24 -1.32 29.76
C GLU A 221 2.75 -0.99 29.77
N ILE A 222 2.41 0.18 29.24
CA ILE A 222 1.01 0.57 29.09
C ILE A 222 0.31 -0.29 28.04
N PHE A 223 -1.02 -0.32 28.10
CA PHE A 223 -1.81 -1.19 27.23
C PHE A 223 -2.84 -0.39 26.45
N GLN A 224 -3.10 0.83 26.90
CA GLN A 224 -4.13 1.66 26.30
C GLN A 224 -3.60 2.36 25.05
N ASP A 225 -4.49 3.07 24.35
CA ASP A 225 -4.13 3.75 23.12
C ASP A 225 -2.88 4.60 23.30
N THR A 226 -1.93 4.46 22.38
CA THR A 226 -0.68 5.21 22.44
C THR A 226 -0.42 5.94 21.13
N ASP A 227 -0.04 7.21 21.24
CA ASP A 227 0.17 8.04 20.07
C ASP A 227 1.65 8.21 19.76
N TYR A 228 2.02 8.08 18.49
CA TYR A 228 3.38 8.33 18.06
C TYR A 228 3.44 9.40 16.98
N GLY A 229 4.31 10.39 17.19
CA GLY A 229 4.43 11.50 16.26
C GLY A 229 5.19 11.09 15.01
N GLY A 230 5.99 10.04 15.12
CA GLY A 230 6.92 9.65 14.06
C GLY A 230 8.19 10.48 14.12
N ILE A 231 9.04 10.32 13.11
CA ILE A 231 10.34 10.99 13.08
C ILE A 231 10.23 12.36 12.44
N LEU A 232 10.52 13.41 13.21
CA LEU A 232 10.40 14.78 12.73
C LEU A 232 11.75 15.47 12.72
N PRO A 233 12.26 15.74 11.52
CA PRO A 233 13.56 16.39 11.37
C PRO A 233 13.61 17.71 12.12
N SER A 234 14.75 17.98 12.75
CA SER A 234 14.94 19.24 13.47
C SER A 234 15.22 20.38 12.51
N GLY A 235 15.90 20.07 11.41
CA GLY A 235 16.33 21.10 10.47
C GLY A 235 17.72 21.63 10.83
N ASP A 236 18.42 20.90 11.70
CA ASP A 236 19.74 21.31 12.14
C ASP A 236 20.71 20.14 12.13
N GLY A 237 20.37 19.09 11.38
CA GLY A 237 21.25 17.95 11.23
C GLY A 237 20.84 16.81 12.15
N THR A 238 19.98 17.11 13.12
CA THR A 238 19.47 16.11 14.03
C THR A 238 17.99 15.83 13.79
N TYR A 239 17.45 14.83 14.47
CA TYR A 239 16.02 14.55 14.42
C TYR A 239 15.39 14.67 15.80
N GLN A 240 14.06 14.79 15.82
CA GLN A 240 13.31 14.74 17.07
C GLN A 240 12.00 13.98 16.90
N THR A 241 11.43 13.53 18.02
CA THR A 241 10.14 12.85 17.99
C THR A 241 9.37 13.10 19.29
N TRP A 242 8.24 12.42 19.43
CA TRP A 242 7.45 12.50 20.65
C TRP A 242 6.40 11.39 20.71
N VAL A 243 6.01 11.02 21.92
CA VAL A 243 4.84 10.18 22.12
C VAL A 243 3.94 10.72 23.23
N SER A 244 2.74 10.19 23.32
CA SER A 244 1.82 10.53 24.39
C SER A 244 0.92 9.37 24.78
N VAL A 245 0.41 9.40 26.00
CA VAL A 245 -0.52 8.37 26.46
C VAL A 245 -1.66 8.98 27.26
N GLU A 246 -2.87 8.44 27.07
CA GLU A 246 -4.05 8.94 27.76
C GLU A 246 -4.21 8.28 29.13
N LEU A 247 -4.52 9.08 30.14
CA LEU A 247 -4.80 8.55 31.46
C LEU A 247 -6.30 8.51 31.74
N ASP A 248 -6.74 7.46 32.43
CA ASP A 248 -8.13 7.39 32.89
C ASP A 248 -8.45 8.54 33.84
N PRO A 249 -9.66 9.08 33.69
CA PRO A 249 -10.12 10.16 34.56
C PRO A 249 -9.91 9.80 36.02
N GLN A 250 -10.01 8.51 36.33
CA GLN A 250 -9.96 8.05 37.71
C GLN A 250 -8.53 7.70 38.13
N ASN A 251 -7.59 7.90 37.21
CA ASN A 251 -6.19 7.56 37.47
C ASN A 251 -5.52 8.62 38.34
N GLY A 252 -4.46 8.21 39.03
CA GLY A 252 -3.66 9.13 39.83
C GLY A 252 -2.18 8.91 39.61
N ASP A 253 -1.85 7.93 38.78
CA ASP A 253 -0.46 7.56 38.55
C ASP A 253 0.09 8.22 37.30
N ILE A 254 1.38 8.57 37.33
CA ILE A 254 2.05 9.09 36.15
C ILE A 254 3.06 8.09 35.60
N TYR A 255 2.97 7.83 34.31
CA TYR A 255 3.85 6.86 33.65
C TYR A 255 5.25 7.44 33.45
N SER A 256 6.24 6.57 33.49
CA SER A 256 7.63 6.98 33.25
C SER A 256 8.01 6.77 31.78
N CYS A 257 9.08 7.43 31.36
CA CYS A 257 9.56 7.30 29.98
C CYS A 257 10.63 6.22 29.87
N HIS A 258 10.44 5.30 28.94
CA HIS A 258 11.49 4.38 28.53
C HIS A 258 11.88 4.61 27.08
N VAL A 259 13.12 5.03 26.86
CA VAL A 259 13.58 5.41 25.53
C VAL A 259 14.73 4.52 25.07
N GLU A 260 14.63 4.07 23.82
CA GLU A 260 15.70 3.26 23.22
C GLU A 260 16.22 3.91 21.94
N HIS A 261 17.53 4.04 21.84
CA HIS A 261 18.16 4.56 20.63
C HIS A 261 19.59 4.07 20.50
N GLY A 262 19.97 3.69 19.27
CA GLY A 262 21.35 3.34 18.97
C GLY A 262 21.74 2.03 19.62
N GLY A 263 20.75 1.27 20.08
CA GLY A 263 20.99 0.00 20.77
C GLY A 263 21.11 0.21 22.27
N VAL A 264 21.03 1.46 22.71
CA VAL A 264 21.12 1.80 24.12
C VAL A 264 19.83 2.44 24.62
N HIS A 265 19.36 1.97 25.77
CA HIS A 265 18.09 2.44 26.32
C HIS A 265 18.28 3.12 27.66
N MET A 266 17.40 4.07 27.97
CA MET A 266 17.49 4.81 29.22
C MET A 266 16.11 5.00 29.85
N VAL A 267 16.08 5.14 31.17
CA VAL A 267 14.85 5.49 31.88
C VAL A 267 14.95 6.88 32.49
N LEU A 268 13.97 7.72 32.16
CA LEU A 268 13.99 9.12 32.58
C LEU A 268 13.92 9.24 34.10
N GLN A 269 14.88 9.95 34.67
CA GLN A 269 14.98 10.07 36.12
C GLN A 269 14.09 11.19 36.65
N GLY A 270 12.78 10.96 36.63
CA GLY A 270 11.82 11.96 37.08
C GLY A 270 11.26 12.75 35.90
N PHE A 271 10.91 14.01 36.16
CA PHE A 271 10.21 14.82 35.17
C PHE A 271 10.83 16.21 35.05
N GLN B 3 -4.66 12.08 -8.18
CA GLN B 3 -4.31 12.98 -7.08
C GLN B 3 -4.08 12.20 -5.79
N ARG B 4 -2.92 12.41 -5.18
CA ARG B 4 -2.65 11.88 -3.85
C ARG B 4 -2.52 12.99 -2.83
N PRO B 5 -3.55 13.16 -2.01
CA PRO B 5 -3.56 14.21 -0.99
C PRO B 5 -2.36 14.08 -0.06
N PRO B 6 -1.87 15.22 0.41
CA PRO B 6 -0.67 15.26 1.24
C PRO B 6 -0.99 14.89 2.68
N LYS B 7 0.03 14.41 3.40
CA LYS B 7 0.03 14.48 4.85
C LYS B 7 0.84 15.67 5.35
N ILE B 8 0.30 16.39 6.34
CA ILE B 8 0.91 17.61 6.82
C ILE B 8 1.05 17.59 8.34
N GLN B 9 2.29 17.63 8.81
CA GLN B 9 2.55 17.80 10.24
C GLN B 9 3.24 19.12 10.53
N VAL B 10 2.87 19.74 11.64
CA VAL B 10 3.44 21.03 12.03
C VAL B 10 4.00 20.98 13.44
N TYR B 11 5.21 21.49 13.61
CA TYR B 11 5.90 21.42 14.90
C TYR B 11 6.99 22.49 14.99
N SER B 12 7.47 22.72 16.21
CA SER B 12 8.62 23.60 16.42
C SER B 12 9.91 22.80 16.44
N ARG B 13 11.03 23.48 16.17
CA ARG B 13 12.34 22.90 16.40
C ARG B 13 12.64 22.77 17.89
N HIS B 14 12.39 23.83 18.63
CA HIS B 14 12.58 23.83 20.08
C HIS B 14 11.28 24.11 20.82
N PRO B 15 11.19 23.64 22.06
CA PRO B 15 10.05 23.94 22.92
C PRO B 15 9.71 25.43 22.86
N PRO B 16 8.43 25.74 22.82
CA PRO B 16 7.96 27.11 22.67
C PRO B 16 8.21 27.91 23.96
N GLU B 17 8.55 29.19 23.79
CA GLU B 17 8.64 30.11 24.92
C GLU B 17 8.57 31.55 24.45
N ASP B 18 7.67 32.33 25.06
CA ASP B 18 7.42 33.69 24.62
C ASP B 18 8.69 34.52 24.60
N GLY B 19 8.98 35.13 23.45
CA GLY B 19 10.09 36.07 23.34
C GLY B 19 11.37 35.36 22.96
N LYS B 20 11.38 34.04 23.08
CA LYS B 20 12.58 33.25 22.80
C LYS B 20 12.62 32.78 21.36
N PRO B 21 13.64 33.22 20.63
CA PRO B 21 13.76 32.91 19.21
C PRO B 21 13.60 31.41 18.96
N ASN B 22 12.85 31.07 17.92
CA ASN B 22 12.57 29.68 17.60
C ASN B 22 12.38 29.48 16.10
N TYR B 23 12.29 28.23 15.67
CA TYR B 23 12.04 27.91 14.27
C TYR B 23 10.82 27.00 14.13
N LEU B 24 9.93 27.37 13.21
CA LEU B 24 8.71 26.61 12.99
C LEU B 24 8.88 25.64 11.82
N ASN B 25 8.69 24.35 12.09
CA ASN B 25 8.90 23.33 11.08
C ASN B 25 7.57 22.79 10.56
N CYS B 26 7.59 22.28 9.33
CA CYS B 26 6.47 21.48 8.82
C CYS B 26 6.97 20.32 7.98
N TYR B 27 6.35 19.16 8.16
CA TYR B 27 6.76 17.95 7.46
C TYR B 27 5.67 17.44 6.53
N VAL B 28 5.85 17.64 5.24
CA VAL B 28 4.84 17.28 4.24
C VAL B 28 5.30 16.12 3.37
N TYR B 29 4.43 15.12 3.23
CA TYR B 29 4.78 13.92 2.48
C TYR B 29 3.52 13.17 2.04
N GLY B 30 3.71 12.18 1.16
CA GLY B 30 2.59 11.38 0.68
C GLY B 30 1.82 12.11 -0.40
N PHE B 31 2.48 13.01 -1.11
CA PHE B 31 1.84 13.84 -2.12
C PHE B 31 2.29 13.44 -3.53
N HIS B 32 1.34 13.42 -4.46
CA HIS B 32 1.65 13.12 -5.85
C HIS B 32 0.68 13.82 -6.79
N PRO B 33 1.23 14.42 -7.86
CA PRO B 33 2.67 14.46 -8.05
C PRO B 33 3.34 15.40 -7.06
N PRO B 34 4.63 15.22 -6.86
CA PRO B 34 5.37 15.98 -5.85
C PRO B 34 5.68 17.39 -6.33
N GLN B 35 4.62 18.17 -6.57
CA GLN B 35 4.77 19.57 -6.92
C GLN B 35 3.99 20.47 -5.98
N ILE B 36 4.64 20.89 -4.89
CA ILE B 36 3.94 21.41 -3.72
C ILE B 36 4.78 22.44 -2.99
N GLU B 37 4.12 23.43 -2.41
CA GLU B 37 4.80 24.51 -1.71
C GLU B 37 4.24 24.72 -0.32
N ILE B 38 5.10 25.09 0.62
CA ILE B 38 4.70 25.28 2.01
C ILE B 38 4.88 26.73 2.45
N ASP B 39 3.78 27.36 2.84
CA ASP B 39 3.83 28.69 3.45
C ASP B 39 3.48 28.62 4.93
N LEU B 40 4.44 28.99 5.78
CA LEU B 40 4.23 29.00 7.21
C LEU B 40 3.79 30.37 7.70
N LEU B 41 2.63 30.44 8.34
CA LEU B 41 1.97 31.71 8.62
C LEU B 41 1.99 32.01 10.11
N LYS B 42 2.06 33.30 10.45
CA LYS B 42 1.77 33.75 11.80
C LYS B 42 0.65 34.80 11.80
N ASN B 43 -0.48 34.44 12.40
CA ASN B 43 -1.68 35.27 12.30
C ASN B 43 -1.99 35.62 10.85
N GLY B 44 -1.70 34.68 9.95
CA GLY B 44 -2.08 34.82 8.55
C GLY B 44 -0.93 35.40 7.73
N GLU B 45 0.04 35.98 8.42
CA GLU B 45 1.17 36.63 7.75
C GLU B 45 2.33 35.66 7.56
N LYS B 46 2.76 35.50 6.31
CA LYS B 46 3.82 34.56 5.97
C LYS B 46 5.14 34.97 6.61
N ILE B 47 5.80 34.02 7.25
CA ILE B 47 7.11 34.27 7.86
C ILE B 47 8.24 33.73 6.98
N LYS B 48 9.27 34.54 6.79
CA LYS B 48 10.42 34.14 5.98
C LYS B 48 10.89 32.74 6.35
N SER B 49 11.00 31.87 5.34
CA SER B 49 11.24 30.46 5.57
C SER B 49 12.13 29.87 4.47
N GLU B 50 12.76 28.74 4.77
CA GLU B 50 13.43 27.94 3.75
C GLU B 50 12.61 26.71 3.38
N GLN B 51 12.85 26.18 2.19
CA GLN B 51 12.17 24.97 1.75
C GLN B 51 13.16 23.94 1.21
N SER B 52 13.08 22.73 1.72
CA SER B 52 14.15 21.75 1.56
C SER B 52 14.08 21.09 0.19
N ASP B 53 15.11 20.31 -0.13
CA ASP B 53 15.02 19.36 -1.25
C ASP B 53 13.99 18.28 -0.99
N LEU B 54 13.64 17.53 -2.02
CA LEU B 54 12.72 16.41 -1.89
C LEU B 54 13.47 15.13 -1.52
N SER B 55 12.86 14.33 -0.66
CA SER B 55 13.42 13.03 -0.29
C SER B 55 12.34 11.96 -0.27
N PHE B 56 12.56 10.89 -1.02
CA PHE B 56 11.49 9.98 -1.39
C PHE B 56 10.82 9.40 -0.15
N SER B 57 9.48 9.39 -0.16
CA SER B 57 8.71 8.79 0.92
C SER B 57 8.05 7.49 0.48
N LYS B 58 7.80 6.61 1.44
CA LYS B 58 7.34 5.25 1.14
C LYS B 58 6.07 5.29 0.31
N ASP B 59 5.22 6.28 0.55
CA ASP B 59 3.93 6.38 -0.10
C ASP B 59 4.06 6.93 -1.52
N TRP B 60 4.96 6.35 -2.30
CA TRP B 60 5.22 6.81 -3.65
C TRP B 60 5.21 8.33 -3.73
N SER B 61 6.02 8.96 -2.88
CA SER B 61 6.03 10.41 -2.77
C SER B 61 7.41 10.92 -2.35
N PHE B 62 7.45 12.17 -1.88
CA PHE B 62 8.68 12.74 -1.36
C PHE B 62 8.42 13.52 -0.08
N TYR B 63 9.37 13.48 0.85
CA TYR B 63 9.35 14.35 2.02
C TYR B 63 9.75 15.77 1.65
N LEU B 64 9.08 16.74 2.27
CA LEU B 64 9.44 18.15 2.11
C LEU B 64 9.38 18.88 3.45
N LEU B 65 10.46 19.57 3.79
CA LEU B 65 10.51 20.36 5.01
C LEU B 65 10.37 21.85 4.71
N SER B 66 9.73 22.57 5.63
CA SER B 66 9.80 24.02 5.65
C SER B 66 10.23 24.54 7.01
N HIS B 67 11.04 25.59 7.01
CA HIS B 67 11.60 26.12 8.25
C HIS B 67 11.48 27.64 8.30
N ALA B 68 10.63 28.13 9.20
CA ALA B 68 10.43 29.57 9.36
C ALA B 68 11.05 30.06 10.66
N GLU B 69 11.62 31.25 10.63
CA GLU B 69 12.21 31.87 11.81
C GLU B 69 11.28 32.94 12.38
N PHE B 70 10.87 32.75 13.63
CA PHE B 70 9.84 33.58 14.23
C PHE B 70 10.09 33.78 15.72
N THR B 71 9.36 34.72 16.31
CA THR B 71 9.33 34.86 17.77
C THR B 71 8.02 34.33 18.36
N PRO B 72 8.13 33.27 19.16
CA PRO B 72 6.96 32.64 19.74
C PRO B 72 6.15 33.64 20.55
N ASN B 73 4.83 33.53 20.46
CA ASN B 73 3.94 34.27 21.34
C ASN B 73 2.70 33.46 21.68
N SER B 74 2.56 33.10 22.96
CA SER B 74 1.55 32.13 23.38
C SER B 74 0.15 32.65 23.08
N LYS B 75 0.05 33.92 22.73
CA LYS B 75 -1.24 34.54 22.44
C LYS B 75 -1.54 34.51 20.95
N ASP B 76 -0.49 34.46 20.14
CA ASP B 76 -0.64 34.50 18.69
C ASP B 76 -1.05 33.13 18.14
N GLN B 77 -1.70 33.15 16.99
CA GLN B 77 -2.09 31.91 16.31
C GLN B 77 -1.09 31.54 15.22
N TYR B 78 -0.85 30.24 15.07
CA TYR B 78 0.05 29.75 14.03
C TYR B 78 -0.62 28.69 13.17
N SER B 79 -0.29 28.68 11.89
CA SER B 79 -0.86 27.71 10.95
C SER B 79 0.09 27.45 9.79
N CYS B 80 -0.10 26.32 9.12
CA CYS B 80 0.63 26.02 7.90
C CYS B 80 -0.30 26.02 6.69
N ARG B 81 0.10 26.74 5.65
CA ARG B 81 -0.67 26.78 4.41
C ARG B 81 0.08 26.10 3.27
N VAL B 82 -0.44 24.96 2.84
CA VAL B 82 0.24 24.15 1.82
C VAL B 82 -0.55 24.14 0.51
N LYS B 83 0.10 24.60 -0.56
CA LYS B 83 -0.60 24.82 -1.82
C LYS B 83 -0.12 23.85 -2.89
N HIS B 84 -1.05 23.36 -3.69
CA HIS B 84 -0.74 22.39 -4.73
C HIS B 84 -0.62 23.07 -6.09
N VAL B 85 0.20 22.50 -6.97
CA VAL B 85 0.22 22.89 -8.37
C VAL B 85 -1.07 22.49 -9.08
N THR B 86 -1.71 21.45 -8.57
CA THR B 86 -2.92 20.92 -9.19
C THR B 86 -4.17 21.62 -8.67
N LEU B 87 -4.02 22.33 -7.56
CA LEU B 87 -5.16 22.94 -6.88
C LEU B 87 -4.75 24.22 -6.17
N GLU B 88 -5.37 25.33 -6.56
CA GLU B 88 -5.06 26.63 -5.97
C GLU B 88 -5.44 26.67 -4.49
N GLN B 89 -6.52 25.98 -4.14
CA GLN B 89 -6.98 25.94 -2.76
C GLN B 89 -6.03 25.15 -1.88
N PRO B 90 -5.42 25.83 -0.92
CA PRO B 90 -4.44 25.20 -0.03
C PRO B 90 -5.13 24.41 1.07
N ARG B 91 -4.39 23.51 1.70
CA ARG B 91 -4.83 22.87 2.93
C ARG B 91 -4.24 23.58 4.15
N ILE B 92 -5.09 23.84 5.14
CA ILE B 92 -4.69 24.59 6.32
C ILE B 92 -4.59 23.70 7.55
N VAL B 93 -3.42 23.70 8.19
CA VAL B 93 -3.22 22.93 9.41
C VAL B 93 -2.73 23.83 10.54
N LYS B 94 -3.43 23.79 11.67
CA LYS B 94 -3.11 24.64 12.80
C LYS B 94 -2.07 23.99 13.70
N TRP B 95 -1.12 24.80 14.18
CA TRP B 95 -0.12 24.33 15.12
C TRP B 95 -0.68 24.31 16.55
N ASP B 96 -0.54 23.17 17.22
CA ASP B 96 -1.10 22.98 18.54
C ASP B 96 -0.13 23.44 19.63
N ARG B 97 0.95 24.10 19.20
CA ARG B 97 1.91 24.67 20.14
C ARG B 97 2.62 23.58 20.93
N ASP B 98 2.66 22.38 20.37
CA ASP B 98 3.42 21.28 20.96
C ASP B 98 3.21 21.22 22.47
N LEU B 99 4.31 21.10 23.21
CA LEU B 99 4.29 21.31 24.65
C LEU B 99 5.70 21.40 25.21
N PRO C 2 -14.54 -25.73 4.51
CA PRO C 2 -14.98 -26.77 3.59
C PRO C 2 -14.59 -28.15 4.09
N HIS C 3 -15.52 -29.10 3.98
CA HIS C 3 -15.27 -30.46 4.41
C HIS C 3 -15.75 -31.47 3.37
N PRO C 4 -15.24 -32.70 3.46
CA PRO C 4 -15.66 -33.77 2.56
C PRO C 4 -17.17 -33.87 2.48
N ALA C 5 -17.69 -34.04 1.27
CA ALA C 5 -19.13 -34.10 1.05
C ALA C 5 -19.75 -35.29 1.79
N GLU C 6 -20.96 -35.11 2.28
CA GLU C 6 -21.67 -36.17 2.98
C GLU C 6 -22.79 -36.73 2.12
N GLY C 7 -23.22 -37.94 2.45
CA GLY C 7 -24.36 -38.56 1.77
C GLY C 7 -24.06 -38.78 0.28
N GLN C 8 -24.98 -38.34 -0.56
CA GLN C 8 -24.82 -38.47 -2.00
C GLN C 8 -24.49 -37.13 -2.65
N TRP C 9 -23.78 -37.19 -3.77
CA TRP C 9 -23.53 -36.00 -4.57
C TRP C 9 -23.22 -36.36 -6.02
N ARG C 10 -23.40 -35.40 -6.92
CA ARG C 10 -23.17 -35.64 -8.35
C ARG C 10 -22.49 -34.43 -8.99
N ALA C 11 -21.62 -34.70 -9.95
CA ALA C 11 -20.98 -33.64 -10.73
C ALA C 11 -21.88 -33.17 -11.86
N VAL C 12 -21.85 -31.87 -12.12
CA VAL C 12 -22.59 -31.30 -13.24
C VAL C 12 -21.71 -30.39 -14.08
N ASP C 13 -22.12 -30.15 -15.32
CA ASP C 13 -21.42 -29.23 -16.20
C ASP C 13 -22.04 -27.84 -16.17
N VAL C 14 -21.26 -26.85 -15.81
CA VAL C 14 -21.71 -25.47 -15.79
C VAL C 14 -21.18 -24.70 -16.99
N VAL C 15 -22.09 -24.19 -17.81
CA VAL C 15 -21.72 -23.53 -19.07
C VAL C 15 -21.98 -22.03 -18.99
N LEU C 16 -20.95 -21.25 -19.28
CA LEU C 16 -21.05 -19.79 -19.21
C LEU C 16 -20.17 -19.12 -20.26
N ASP C 17 -20.58 -17.94 -20.71
CA ASP C 17 -19.78 -17.16 -21.64
C ASP C 17 -18.42 -16.82 -21.05
N CYS C 18 -17.40 -16.83 -21.88
CA CYS C 18 -16.02 -16.67 -21.42
C CYS C 18 -15.34 -15.51 -22.13
N PHE C 19 -14.43 -14.85 -21.43
CA PHE C 19 -13.61 -13.80 -22.03
C PHE C 19 -12.54 -14.38 -22.94
N LEU C 20 -12.23 -13.68 -24.02
CA LEU C 20 -11.23 -14.13 -24.97
C LEU C 20 -10.29 -13.00 -25.36
N VAL C 21 -8.99 -13.28 -25.38
CA VAL C 21 -7.98 -12.28 -25.68
C VAL C 21 -7.75 -12.18 -27.18
N LYS C 22 -7.92 -10.97 -27.73
CA LYS C 22 -7.78 -10.75 -29.16
C LYS C 22 -6.31 -10.57 -29.55
N ASP C 23 -5.54 -11.64 -29.43
CA ASP C 23 -4.10 -11.58 -29.67
C ASP C 23 -3.80 -11.12 -31.08
N GLY C 24 -2.98 -10.07 -31.19
CA GLY C 24 -2.51 -9.60 -32.49
C GLY C 24 -3.51 -8.65 -33.13
N ALA C 25 -4.61 -8.41 -32.44
CA ALA C 25 -5.66 -7.54 -32.95
C ALA C 25 -6.01 -6.45 -31.94
N HIS C 26 -5.09 -6.18 -31.01
CA HIS C 26 -5.28 -5.13 -30.03
C HIS C 26 -4.70 -3.81 -30.52
N ARG C 27 -5.28 -2.70 -30.05
CA ARG C 27 -4.82 -1.38 -30.45
C ARG C 27 -3.44 -1.07 -29.87
N GLY C 28 -3.14 -1.66 -28.71
CA GLY C 28 -1.91 -1.37 -28.00
C GLY C 28 -0.78 -2.28 -28.46
N ALA C 29 0.35 -2.20 -27.78
CA ALA C 29 1.52 -3.01 -28.14
C ALA C 29 1.22 -4.50 -28.01
CAC 3X9 C 30 2.62 -7.00 -31.16
CAS 3X9 C 30 1.56 -8.11 -31.04
CAD 3X9 C 30 0.16 -7.57 -30.63
NAQ 3X9 C 30 1.37 -8.70 -32.41
OAH 3X9 C 30 1.01 -7.98 -33.41
CAR 3X9 C 30 2.03 -10.02 -32.62
CAA 3X9 C 30 3.26 -9.88 -33.53
CAB 3X9 C 30 0.99 -11.02 -33.15
CAI 3X9 C 30 2.38 -10.28 -31.20
CAO 3X9 C 30 2.07 -9.35 -30.31
CAJ 3X9 C 30 2.23 -9.46 -28.80
SAL 3X9 C 30 0.66 -9.26 -27.87
N 3X9 C 30 0.37 -4.84 -27.05
CA 3X9 C 30 0.07 -6.24 -26.76
CB 3X9 C 30 1.35 -6.98 -26.26
SG 3X9 C 30 1.23 -8.76 -25.97
C 3X9 C 30 -1.10 -6.36 -25.80
O 3X9 C 30 -1.43 -5.42 -25.08
H1 3X9 C 30 2.18 -6.10 -31.62
H2 3X9 C 30 3.01 -6.73 -30.16
H3 3X9 C 30 3.49 -7.33 -31.78
H4 3X9 C 30 -0.23 -6.87 -31.39
H5 3X9 C 30 -0.56 -8.39 -30.48
H6 3X9 C 30 0.26 -7.01 -29.68
H7 3X9 C 30 2.95 -9.53 -34.54
H8 3X9 C 30 3.99 -9.14 -33.12
H9 3X9 C 30 3.77 -10.86 -33.65
H10 3X9 C 30 0.60 -10.67 -34.13
H11 3X9 C 30 1.46 -12.02 -33.31
H12 3X9 C 30 0.14 -11.14 -32.45
H13 3X9 C 30 2.88 -11.23 -31.01
H16 3X9 C 30 2.94 -8.68 -28.46
H17 3X9 C 30 2.67 -10.44 -28.51
H 3X9 C 30 -0.08 -4.17 -26.48
HA 3X9 C 30 -0.27 -6.68 -27.69
HB2 3X9 C 30 2.17 -6.84 -27.00
HB3 3X9 C 30 1.67 -6.49 -25.32
N ALA C 31 -1.74 -7.54 -25.78
CA ALA C 31 -2.73 -7.86 -24.76
C ALA C 31 -2.69 -9.35 -24.43
N SER C 32 -2.71 -9.65 -23.13
CA SER C 32 -2.76 -11.04 -22.68
C SER C 32 -3.99 -11.30 -21.81
N SER C 33 -4.83 -10.27 -21.67
CA SER C 33 -6.02 -10.37 -20.84
C SER C 33 -7.05 -9.31 -21.22
N GLU C 34 -8.26 -9.76 -21.55
CA GLU C 34 -9.33 -8.85 -21.93
C GLU C 34 -10.66 -9.30 -21.32
N ASP C 35 -11.64 -8.39 -21.34
CA ASP C 35 -12.97 -8.70 -20.83
C ASP C 35 -13.96 -8.91 -21.97
N ARG C 36 -13.45 -9.36 -23.11
CA ARG C 36 -14.27 -9.53 -24.30
C ARG C 36 -14.89 -10.92 -24.36
N ALA C 37 -16.21 -10.99 -24.15
CA ALA C 37 -16.90 -12.27 -24.07
C ALA C 37 -17.12 -12.87 -25.44
N ARG C 38 -16.09 -13.54 -25.95
CA ARG C 38 -16.14 -14.15 -27.28
C ARG C 38 -15.71 -15.60 -27.24
N ALA C 39 -15.84 -16.23 -26.07
CA ALA C 39 -15.52 -17.64 -25.92
C ALA C 39 -16.50 -18.32 -24.97
N SER C 40 -16.27 -19.60 -24.71
CA SER C 40 -17.08 -20.35 -23.75
C SER C 40 -16.22 -21.33 -22.96
N LEU C 41 -16.54 -21.50 -21.68
CA LEU C 41 -15.92 -22.53 -20.87
C LEU C 41 -16.99 -23.41 -20.20
N VAL C 42 -16.64 -24.67 -19.97
CA VAL C 42 -17.42 -25.52 -19.08
C VAL C 42 -16.70 -25.75 -17.76
N LEU C 43 -17.36 -25.40 -16.67
CA LEU C 43 -16.78 -25.53 -15.33
C LEU C 43 -17.48 -26.61 -14.53
N LYS C 44 -16.72 -27.29 -13.68
CA LYS C 44 -17.23 -28.41 -12.91
C LYS C 44 -17.81 -27.95 -11.57
N GLN C 45 -19.00 -28.45 -11.24
CA GLN C 45 -19.56 -28.28 -9.90
C GLN C 45 -20.16 -29.58 -9.39
N VAL C 46 -20.23 -29.72 -8.08
CA VAL C 46 -20.66 -30.97 -7.45
C VAL C 46 -21.73 -30.72 -6.40
N PRO C 47 -22.94 -30.42 -6.85
CA PRO C 47 -24.08 -30.29 -5.96
C PRO C 47 -24.21 -31.50 -5.05
N VAL C 48 -24.48 -31.26 -3.77
CA VAL C 48 -24.68 -32.33 -2.81
C VAL C 48 -26.16 -32.69 -2.68
N LEU C 49 -26.47 -33.97 -2.85
CA LEU C 49 -27.86 -34.41 -2.95
C LEU C 49 -28.35 -35.01 -1.64
N ASP C 50 -27.50 -34.93 -0.61
CA ASP C 50 -27.86 -35.44 0.70
C ASP C 50 -28.33 -36.89 0.63
N ASP C 51 -29.62 -37.10 0.88
CA ASP C 51 -30.17 -38.45 0.98
C ASP C 51 -30.44 -39.03 -0.40
N GLY C 52 -30.11 -38.28 -1.44
CA GLY C 52 -30.16 -38.79 -2.81
C GLY C 52 -31.59 -38.79 -3.35
N SER C 53 -32.44 -37.96 -2.75
CA SER C 53 -33.82 -37.83 -3.20
C SER C 53 -33.89 -37.49 -4.68
N LEU C 54 -32.84 -36.86 -5.19
CA LEU C 54 -32.79 -36.44 -6.58
C LEU C 54 -31.95 -37.41 -7.41
N GLU C 55 -31.75 -38.61 -6.89
CA GLU C 55 -31.11 -39.68 -7.65
C GLU C 55 -29.83 -39.18 -8.31
N ASP C 56 -29.82 -39.18 -9.64
CA ASP C 56 -28.61 -38.90 -10.40
C ASP C 56 -28.73 -37.56 -11.14
N PHE C 57 -29.60 -36.70 -10.65
CA PHE C 57 -29.87 -35.42 -11.30
C PHE C 57 -30.03 -34.30 -10.28
N THR C 58 -30.01 -33.07 -10.75
CA THR C 58 -30.28 -31.91 -9.90
C THR C 58 -30.95 -30.79 -10.70
N ASP C 59 -31.69 -29.94 -9.99
CA ASP C 59 -32.36 -28.81 -10.62
C ASP C 59 -31.36 -27.87 -11.27
N PHE C 60 -30.13 -27.91 -10.80
CA PHE C 60 -29.08 -27.01 -11.29
C PHE C 60 -28.80 -27.26 -12.77
N GLN C 61 -29.12 -28.47 -13.23
CA GLN C 61 -28.82 -28.86 -14.60
C GLN C 61 -29.81 -28.26 -15.58
N GLY C 62 -30.83 -27.60 -15.04
CA GLY C 62 -31.84 -26.95 -15.87
C GLY C 62 -31.40 -25.55 -16.28
N GLY C 63 -30.28 -25.10 -15.73
CA GLY C 63 -29.75 -23.77 -16.02
C GLY C 63 -28.31 -23.84 -16.49
N THR C 64 -27.61 -22.72 -16.39
CA THR C 64 -26.22 -22.63 -16.85
C THR C 64 -26.06 -23.23 -18.23
N LEU C 65 -26.92 -22.81 -19.16
CA LEU C 65 -26.86 -23.29 -20.54
C LEU C 65 -26.32 -22.22 -21.47
N ALA C 66 -25.63 -22.65 -22.52
CA ALA C 66 -25.10 -21.74 -23.53
C ALA C 66 -26.24 -21.02 -24.26
N GLN C 67 -25.99 -19.78 -24.64
CA GLN C 67 -26.91 -19.05 -25.53
C GLN C 67 -26.39 -19.05 -26.95
N ASP C 68 -25.15 -19.45 -27.14
CA ASP C 68 -24.51 -19.43 -28.45
C ASP C 68 -23.30 -20.35 -28.48
N ASP C 69 -22.68 -20.47 -29.66
CA ASP C 69 -21.49 -21.28 -29.82
C ASP C 69 -20.31 -20.45 -30.32
N PRO C 70 -19.60 -19.83 -29.37
CA PRO C 70 -18.45 -19.01 -29.71
C PRO C 70 -17.39 -19.81 -30.46
N PRO C 71 -16.56 -19.11 -31.22
CA PRO C 71 -15.47 -19.75 -31.95
C PRO C 71 -14.62 -20.61 -31.02
N ILE C 72 -14.43 -20.14 -29.80
CA ILE C 72 -13.55 -20.80 -28.84
C ILE C 72 -14.36 -21.50 -27.74
N ILE C 73 -14.40 -22.83 -27.81
CA ILE C 73 -15.14 -23.61 -26.82
C ILE C 73 -14.25 -24.71 -26.23
N PHE C 74 -13.95 -24.60 -24.94
CA PHE C 74 -13.17 -25.62 -24.25
C PHE C 74 -14.01 -26.33 -23.20
N GLU C 75 -14.58 -27.47 -23.58
CA GLU C 75 -15.34 -28.30 -22.64
C GLU C 75 -14.42 -29.17 -21.81
N ALA C 76 -13.60 -28.56 -20.97
CA ALA C 76 -12.47 -29.24 -20.36
C ALA C 76 -12.94 -30.34 -19.42
N SER C 77 -12.18 -31.44 -19.40
CA SER C 77 -12.39 -32.48 -18.40
C SER C 77 -11.41 -32.34 -17.25
N VAL C 78 -11.93 -32.29 -16.03
CA VAL C 78 -11.13 -31.99 -14.86
C VAL C 78 -10.97 -33.22 -13.97
N ASP C 79 -9.73 -33.62 -13.74
CA ASP C 79 -9.45 -34.83 -12.97
C ASP C 79 -9.05 -34.50 -11.54
N LEU C 80 -9.53 -33.35 -11.05
CA LEU C 80 -9.07 -32.82 -9.78
C LEU C 80 -10.22 -32.67 -8.80
N VAL C 81 -9.90 -32.56 -7.51
CA VAL C 81 -10.91 -32.44 -6.47
C VAL C 81 -11.65 -31.12 -6.56
N GLN C 82 -12.98 -31.19 -6.54
CA GLN C 82 -13.81 -30.00 -6.74
C GLN C 82 -14.56 -29.65 -5.46
N ILE C 83 -14.38 -30.45 -4.42
CA ILE C 83 -15.26 -30.42 -3.26
C ILE C 83 -15.18 -29.08 -2.54
N PRO C 84 -13.97 -28.55 -2.43
CA PRO C 84 -13.75 -27.25 -1.80
C PRO C 84 -14.58 -26.17 -2.48
N GLN C 85 -14.95 -26.41 -3.73
CA GLN C 85 -15.71 -25.44 -4.51
C GLN C 85 -17.01 -26.04 -5.04
N ALA C 86 -17.48 -27.08 -4.36
CA ALA C 86 -18.49 -27.97 -4.92
C ALA C 86 -19.67 -27.17 -5.48
N GLU C 87 -20.10 -26.16 -4.74
CA GLU C 87 -21.29 -25.40 -5.11
C GLU C 87 -20.97 -23.91 -5.15
N ALA C 88 -19.69 -23.57 -5.17
CA ALA C 88 -19.25 -22.19 -5.01
C ALA C 88 -19.79 -21.31 -6.12
N LEU C 89 -19.77 -21.82 -7.35
CA LEU C 89 -20.11 -21.02 -8.52
C LEU C 89 -21.62 -21.03 -8.77
N LEU C 90 -22.26 -22.15 -8.46
CA LEU C 90 -23.70 -22.27 -8.59
C LEU C 90 -24.42 -21.30 -7.67
N HIS C 91 -23.95 -21.20 -6.43
CA HIS C 91 -24.52 -20.28 -5.45
C HIS C 91 -24.24 -18.84 -5.83
N ALA C 92 -23.05 -18.59 -6.37
CA ALA C 92 -22.68 -17.26 -6.84
C ALA C 92 -23.73 -16.68 -7.76
N ASP C 93 -24.00 -17.38 -8.86
CA ASP C 93 -24.98 -16.94 -9.85
C ASP C 93 -26.36 -16.78 -9.22
N CYS C 94 -26.73 -17.72 -8.37
CA CYS C 94 -28.02 -17.69 -7.70
C CYS C 94 -28.11 -16.50 -6.74
N SER C 95 -26.96 -16.05 -6.26
CA SER C 95 -26.91 -14.95 -5.30
C SER C 95 -26.83 -13.61 -6.00
N GLY C 96 -26.78 -13.64 -7.33
CA GLY C 96 -26.65 -12.42 -8.13
C GLY C 96 -25.19 -12.10 -8.42
N LYS C 97 -24.28 -12.89 -7.83
CA LYS C 97 -22.86 -12.67 -7.99
C LYS C 97 -22.35 -13.29 -9.28
N GLU C 98 -22.67 -12.66 -10.40
CA GLU C 98 -22.42 -13.25 -11.71
C GLU C 98 -21.02 -13.84 -11.79
N VAL C 99 -20.94 -15.09 -12.25
CA VAL C 99 -19.65 -15.74 -12.46
C VAL C 99 -19.09 -15.45 -13.83
N THR C 100 -17.84 -15.00 -13.88
CA THR C 100 -17.16 -14.75 -15.14
C THR C 100 -15.87 -15.54 -15.25
N CYS C 101 -15.40 -15.75 -16.48
CA CYS C 101 -14.25 -16.61 -16.72
C CYS C 101 -13.47 -16.15 -17.94
N GLU C 102 -12.26 -16.68 -18.10
CA GLU C 102 -11.32 -16.16 -19.09
C GLU C 102 -10.48 -17.29 -19.68
N ILE C 103 -10.28 -17.24 -21.00
CA ILE C 103 -9.37 -18.15 -21.67
C ILE C 103 -8.10 -17.43 -22.12
N SER C 104 -6.95 -18.03 -21.85
CA SER C 104 -5.69 -17.58 -22.44
C SER C 104 -4.76 -18.75 -22.73
N ARG C 105 -3.52 -18.44 -23.08
CA ARG C 105 -2.57 -19.46 -23.49
C ARG C 105 -1.21 -19.23 -22.84
N TYR C 106 -0.48 -20.32 -22.59
CA TYR C 106 0.89 -20.23 -22.11
C TYR C 106 1.87 -19.99 -23.27
N PHE C 107 1.41 -20.26 -24.48
CA PHE C 107 2.24 -20.11 -25.67
C PHE C 107 2.35 -18.64 -26.08
N LEU C 108 3.48 -18.03 -25.78
CA LEU C 108 3.70 -16.62 -26.08
C LEU C 108 4.72 -16.44 -27.20
N GLN C 109 4.48 -15.44 -28.04
CA GLN C 109 5.37 -15.16 -29.16
C GLN C 109 6.46 -14.17 -28.77
N MET C 110 6.42 -13.72 -27.52
CA MET C 110 7.24 -12.60 -27.08
C MET C 110 8.12 -12.98 -25.90
N THR C 111 8.38 -14.28 -25.76
CA THR C 111 9.04 -14.80 -24.57
C THR C 111 10.29 -15.60 -24.94
N GLU C 112 11.24 -15.64 -24.01
CA GLU C 112 12.38 -16.55 -24.13
C GLU C 112 12.01 -17.95 -23.68
N THR C 113 10.86 -18.07 -23.01
CA THR C 113 10.42 -19.34 -22.46
C THR C 113 9.82 -20.23 -23.54
N THR C 114 9.52 -21.48 -23.18
CA THR C 114 8.94 -22.43 -24.12
C THR C 114 7.92 -23.33 -23.43
N VAL C 115 7.00 -23.87 -24.21
CA VAL C 115 6.05 -24.88 -23.72
C VAL C 115 6.47 -26.28 -24.13
N LYS C 116 7.62 -26.38 -24.78
CA LYS C 116 8.15 -27.67 -25.21
C LYS C 116 7.15 -28.41 -26.09
N THR C 117 6.59 -27.70 -27.07
CA THR C 117 5.61 -28.29 -27.98
C THR C 117 4.45 -28.93 -27.22
N ALA C 118 3.91 -28.18 -26.26
CA ALA C 118 2.74 -28.64 -25.51
C ALA C 118 1.68 -27.57 -25.45
N ALA C 119 0.44 -27.93 -25.78
CA ALA C 119 -0.63 -26.96 -25.92
C ALA C 119 -1.30 -26.68 -24.57
N TRP C 120 -0.60 -25.96 -23.71
CA TRP C 120 -1.11 -25.62 -22.39
C TRP C 120 -1.89 -24.31 -22.42
N PHE C 121 -3.05 -24.30 -21.77
CA PHE C 121 -3.89 -23.11 -21.74
C PHE C 121 -4.21 -22.70 -20.31
N MET C 122 -4.69 -21.48 -20.13
CA MET C 122 -5.22 -21.03 -18.85
C MET C 122 -6.73 -20.81 -18.92
N ALA C 123 -7.44 -21.33 -17.93
CA ALA C 123 -8.89 -21.11 -17.84
C ALA C 123 -9.27 -20.62 -16.44
N ASN C 124 -9.51 -19.32 -16.32
CA ASN C 124 -9.81 -18.71 -15.03
C ASN C 124 -11.30 -18.51 -14.84
N VAL C 125 -11.74 -18.53 -13.58
CA VAL C 125 -13.09 -18.12 -13.23
C VAL C 125 -13.12 -17.37 -11.90
N GLN C 126 -13.89 -16.29 -11.86
CA GLN C 126 -14.03 -15.50 -10.64
C GLN C 126 -15.49 -15.23 -10.33
N VAL C 127 -15.82 -15.22 -9.04
CA VAL C 127 -17.12 -14.75 -8.59
C VAL C 127 -17.11 -13.25 -8.31
N SER C 128 -18.04 -12.53 -8.91
CA SER C 128 -18.15 -11.09 -8.72
C SER C 128 -18.32 -10.74 -7.24
N GLY C 129 -17.73 -9.63 -6.83
CA GLY C 129 -17.83 -9.18 -5.44
C GLY C 129 -16.67 -9.69 -4.61
N GLY C 130 -15.70 -10.30 -5.29
CA GLY C 130 -14.51 -10.82 -4.61
C GLY C 130 -14.79 -12.16 -3.96
N GLY C 131 -15.63 -12.97 -4.61
CA GLY C 131 -16.02 -14.26 -4.07
C GLY C 131 -15.03 -15.35 -4.47
N PRO C 132 -15.46 -16.60 -4.39
CA PRO C 132 -14.60 -17.73 -4.71
C PRO C 132 -14.01 -17.59 -6.10
N SER C 133 -12.84 -18.18 -6.30
CA SER C 133 -12.12 -18.05 -7.56
C SER C 133 -11.28 -19.29 -7.85
N ILE C 134 -11.20 -19.66 -9.12
CA ILE C 134 -10.44 -20.84 -9.52
C ILE C 134 -9.58 -20.54 -10.75
N SER C 135 -8.34 -21.03 -10.73
CA SER C 135 -7.49 -20.98 -11.91
C SER C 135 -7.12 -22.38 -12.39
N LEU C 136 -7.60 -22.74 -13.57
CA LEU C 136 -7.37 -24.07 -14.12
C LEU C 136 -6.23 -24.06 -15.13
N VAL C 137 -5.41 -25.10 -15.08
CA VAL C 137 -4.37 -25.30 -16.10
C VAL C 137 -4.62 -26.55 -16.91
N MET C 138 -4.80 -26.37 -18.22
CA MET C 138 -5.34 -27.42 -19.07
C MET C 138 -4.49 -27.60 -20.33
N LYS C 139 -4.64 -28.75 -20.97
CA LYS C 139 -3.89 -29.05 -22.19
C LYS C 139 -4.80 -29.65 -23.26
N THR C 140 -4.44 -29.46 -24.51
CA THR C 140 -5.02 -30.22 -25.62
C THR C 140 -4.35 -31.58 -25.76
N PRO C 141 -5.14 -32.64 -25.79
CA PRO C 141 -4.62 -33.99 -25.86
C PRO C 141 -4.19 -34.36 -27.28
N ARG C 142 -3.16 -33.69 -27.76
CA ARG C 142 -2.63 -33.96 -29.10
C ARG C 142 -1.12 -34.11 -29.07
N VAL C 143 -0.57 -34.78 -30.09
CA VAL C 143 0.84 -35.11 -30.12
C VAL C 143 1.57 -34.34 -31.22
N ALA C 144 2.73 -33.80 -30.89
CA ALA C 144 3.55 -33.09 -31.87
C ALA C 144 5.01 -33.05 -31.43
N LYS C 145 5.90 -32.70 -32.37
CA LYS C 145 7.31 -32.59 -32.07
C LYS C 145 7.79 -31.16 -32.19
N ASN C 146 7.49 -30.53 -33.32
CA ASN C 146 7.94 -29.16 -33.59
C ASN C 146 6.77 -28.28 -34.04
N GLU C 147 5.65 -28.91 -34.36
CA GLU C 147 4.52 -28.19 -34.92
C GLU C 147 3.92 -27.23 -33.90
N VAL C 148 3.41 -26.10 -34.39
CA VAL C 148 2.70 -25.15 -33.54
C VAL C 148 1.21 -25.16 -33.81
N LEU C 149 0.86 -25.25 -35.09
CA LEU C 149 -0.53 -25.03 -35.52
C LEU C 149 -1.40 -26.25 -35.25
N TRP C 150 -1.42 -26.68 -34.00
CA TRP C 150 -2.31 -27.77 -33.58
C TRP C 150 -2.93 -27.48 -32.23
N HIS C 151 -2.45 -26.43 -31.56
CA HIS C 151 -2.78 -26.18 -30.16
C HIS C 151 -4.29 -26.12 -29.96
N PRO C 152 -4.98 -25.47 -30.88
CA PRO C 152 -4.45 -24.29 -31.55
C PRO C 152 -4.30 -23.13 -30.57
N THR C 153 -3.65 -22.06 -31.03
CA THR C 153 -3.28 -20.96 -30.15
C THR C 153 -4.38 -19.91 -30.09
N LEU C 154 -5.62 -20.36 -30.23
CA LEU C 154 -6.77 -19.46 -30.17
C LEU C 154 -6.81 -18.55 -31.40
N ASN C 155 -7.62 -17.50 -31.32
CA ASN C 155 -8.11 -16.82 -32.52
C ASN C 155 -8.75 -17.79 -33.50
N LEU C 156 -9.81 -17.35 -34.16
CA LEU C 156 -10.54 -18.20 -35.08
C LEU C 156 -11.10 -19.43 -34.36
N PRO C 157 -12.10 -20.05 -34.97
CA PRO C 157 -12.68 -21.27 -34.42
C PRO C 157 -11.60 -22.32 -34.14
N LEU C 158 -11.75 -23.02 -33.03
CA LEU C 158 -10.78 -24.04 -32.63
C LEU C 158 -10.71 -25.17 -33.65
N SER C 159 -11.81 -25.37 -34.37
CA SER C 159 -11.88 -26.43 -35.37
C SER C 159 -12.91 -26.10 -36.45
N PRO C 160 -12.59 -26.46 -37.69
CA PRO C 160 -13.56 -26.36 -38.77
C PRO C 160 -14.87 -27.03 -38.41
N GLN C 161 -14.79 -28.04 -37.55
CA GLN C 161 -15.97 -28.81 -37.15
C GLN C 161 -15.92 -29.15 -35.66
N GLY C 162 -17.03 -28.96 -34.97
CA GLY C 162 -17.09 -29.14 -33.52
C GLY C 162 -16.13 -28.18 -32.82
N THR C 163 -15.32 -28.71 -31.91
CA THR C 163 -14.33 -27.91 -31.20
C THR C 163 -13.15 -28.76 -30.75
N VAL C 164 -12.26 -28.16 -29.98
CA VAL C 164 -11.08 -28.86 -29.47
C VAL C 164 -11.16 -29.01 -27.95
N ARG C 165 -11.14 -30.25 -27.48
CA ARG C 165 -11.33 -30.53 -26.06
C ARG C 165 -10.01 -30.46 -25.30
N THR C 166 -10.08 -30.11 -24.03
CA THR C 166 -8.91 -30.08 -23.16
C THR C 166 -9.16 -30.84 -21.87
N ALA C 167 -8.12 -30.96 -21.04
CA ALA C 167 -8.26 -31.53 -19.71
C ALA C 167 -7.39 -30.80 -18.70
N VAL C 168 -7.84 -30.76 -17.46
CA VAL C 168 -7.15 -30.02 -16.40
C VAL C 168 -6.33 -30.96 -15.52
N GLU C 169 -5.06 -30.63 -15.34
CA GLU C 169 -4.17 -31.44 -14.52
C GLU C 169 -3.75 -30.70 -13.25
N PHE C 170 -3.94 -29.39 -13.26
CA PHE C 170 -3.53 -28.56 -12.13
C PHE C 170 -4.49 -27.38 -11.94
N GLN C 171 -4.93 -27.19 -10.70
CA GLN C 171 -5.80 -26.06 -10.37
C GLN C 171 -5.37 -25.41 -9.06
N VAL C 172 -5.63 -24.12 -8.94
CA VAL C 172 -5.57 -23.44 -7.65
C VAL C 172 -6.89 -22.78 -7.30
N MET C 173 -7.35 -22.97 -6.07
CA MET C 173 -8.67 -22.51 -5.66
C MET C 173 -8.58 -21.60 -4.44
N THR C 174 -9.56 -20.71 -4.30
CA THR C 174 -9.74 -19.96 -3.07
C THR C 174 -11.22 -19.82 -2.71
N GLN C 175 -11.51 -19.70 -1.42
CA GLN C 175 -12.87 -19.48 -0.96
C GLN C 175 -13.27 -18.02 -1.14
N THR C 176 -12.29 -17.15 -1.23
CA THR C 176 -12.54 -15.71 -1.30
C THR C 176 -11.38 -14.97 -1.96
N GLN C 177 -11.64 -13.76 -2.42
CA GLN C 177 -10.58 -12.89 -2.91
C GLN C 177 -10.37 -11.70 -1.97
N SER C 178 -11.14 -11.67 -0.89
CA SER C 178 -11.10 -10.54 0.04
C SER C 178 -11.65 -10.95 1.41
N LEU C 179 -11.08 -10.36 2.46
CA LEU C 179 -11.72 -10.35 3.76
C LEU C 179 -11.73 -8.94 4.34
N SER C 180 -12.68 -8.67 5.24
CA SER C 180 -12.81 -7.37 5.87
C SER C 180 -13.08 -7.50 7.36
N PHE C 181 -12.29 -6.78 8.17
CA PHE C 181 -12.40 -6.86 9.61
C PHE C 181 -11.87 -5.59 10.27
N LEU C 182 -12.12 -5.46 11.57
CA LEU C 182 -11.64 -4.31 12.33
C LEU C 182 -10.42 -4.68 13.16
N LEU C 183 -9.66 -3.66 13.58
CA LEU C 183 -8.45 -3.87 14.35
C LEU C 183 -8.71 -4.75 15.57
N GLY C 184 -7.75 -5.61 15.90
CA GLY C 184 -7.86 -6.46 17.08
C GLY C 184 -8.37 -7.85 16.71
N SER C 185 -8.91 -7.97 15.50
CA SER C 185 -9.41 -9.25 15.00
C SER C 185 -8.37 -9.95 14.14
N SER C 186 -8.80 -11.00 13.44
CA SER C 186 -7.89 -11.82 12.67
C SER C 186 -8.49 -12.17 11.30
N ALA C 187 -7.68 -12.80 10.45
CA ALA C 187 -8.17 -13.30 9.17
C ALA C 187 -7.43 -14.57 8.77
N SER C 188 -8.09 -15.40 7.97
CA SER C 188 -7.43 -16.52 7.31
C SER C 188 -7.44 -16.37 5.80
N LEU C 189 -6.44 -16.94 5.14
CA LEU C 189 -6.35 -16.88 3.69
C LEU C 189 -6.59 -18.26 3.07
N ASP C 190 -7.84 -18.50 2.66
CA ASP C 190 -8.33 -19.87 2.49
C ASP C 190 -8.08 -20.37 1.07
N CYS C 191 -6.83 -20.70 0.78
CA CYS C 191 -6.45 -21.18 -0.54
C CYS C 191 -6.08 -22.65 -0.52
N GLY C 192 -6.20 -23.30 -1.67
CA GLY C 192 -5.68 -24.65 -1.84
C GLY C 192 -5.48 -24.99 -3.32
N PHE C 193 -5.09 -26.23 -3.59
CA PHE C 193 -4.81 -26.67 -4.95
C PHE C 193 -4.89 -28.18 -5.08
N SER C 194 -4.96 -28.67 -6.31
CA SER C 194 -5.04 -30.10 -6.56
C SER C 194 -4.34 -30.46 -7.87
N MET C 195 -3.70 -31.63 -7.89
CA MET C 195 -2.88 -32.03 -9.03
C MET C 195 -3.22 -33.45 -9.47
N ALA C 196 -3.14 -33.69 -10.77
CA ALA C 196 -3.20 -35.05 -11.31
C ALA C 196 -1.82 -35.70 -11.29
N PRO C 197 -1.80 -37.03 -11.22
CA PRO C 197 -0.55 -37.77 -11.29
C PRO C 197 0.28 -37.37 -12.49
N GLY C 198 1.59 -37.22 -12.28
CA GLY C 198 2.49 -36.82 -13.34
C GLY C 198 2.81 -35.33 -13.26
N LEU C 199 2.02 -34.62 -12.45
CA LEU C 199 2.24 -33.19 -12.24
C LEU C 199 2.59 -32.89 -10.79
N ASP C 200 3.84 -32.52 -10.55
CA ASP C 200 4.40 -32.52 -9.21
C ASP C 200 4.41 -31.12 -8.60
N LEU C 201 4.39 -31.06 -7.28
CA LEU C 201 4.56 -29.81 -6.56
C LEU C 201 6.02 -29.60 -6.17
N ILE C 202 6.50 -28.37 -6.34
CA ILE C 202 7.83 -28.00 -5.89
C ILE C 202 7.78 -27.26 -4.56
N SER C 203 7.08 -26.13 -4.54
CA SER C 203 7.12 -25.23 -3.40
C SER C 203 5.87 -24.35 -3.34
N VAL C 204 5.60 -23.80 -2.17
CA VAL C 204 4.52 -22.82 -2.02
C VAL C 204 4.99 -21.60 -1.24
N GLU C 205 4.62 -20.42 -1.72
CA GLU C 205 4.99 -19.18 -1.05
C GLU C 205 3.77 -18.29 -0.80
N TRP C 206 3.74 -17.67 0.37
CA TRP C 206 2.80 -16.58 0.62
C TRP C 206 3.52 -15.24 0.69
N ARG C 207 3.11 -14.31 -0.16
CA ARG C 207 3.73 -13.00 -0.23
C ARG C 207 2.70 -11.88 -0.06
N LEU C 208 3.16 -10.74 0.44
CA LEU C 208 2.26 -9.62 0.72
C LEU C 208 2.68 -8.38 -0.06
N GLN C 209 1.72 -7.77 -0.75
CA GLN C 209 1.93 -6.46 -1.37
C GLN C 209 1.69 -5.35 -0.37
N HIS C 210 2.72 -4.54 -0.13
CA HIS C 210 2.66 -3.49 0.87
C HIS C 210 3.55 -2.31 0.50
N LYS C 211 2.94 -1.14 0.34
CA LYS C 211 3.68 0.07 0.00
C LYS C 211 4.49 -0.12 -1.27
N GLY C 212 3.91 -0.82 -2.24
CA GLY C 212 4.51 -0.94 -3.56
C GLY C 212 5.57 -2.03 -3.60
N ARG C 213 5.82 -2.64 -2.45
CA ARG C 213 6.80 -3.71 -2.34
C ARG C 213 6.14 -5.06 -2.14
N GLY C 214 6.92 -6.13 -2.28
CA GLY C 214 6.43 -7.48 -1.99
C GLY C 214 7.31 -8.16 -0.95
N GLN C 215 6.69 -8.68 0.10
CA GLN C 215 7.42 -9.32 1.19
C GLN C 215 6.95 -10.75 1.40
N LEU C 216 7.86 -11.60 1.86
CA LEU C 216 7.55 -13.01 2.10
C LEU C 216 6.99 -13.22 3.50
N VAL C 217 5.83 -13.87 3.57
CA VAL C 217 5.14 -14.06 4.84
C VAL C 217 5.30 -15.48 5.35
N TYR C 218 5.17 -16.44 4.45
CA TYR C 218 5.30 -17.85 4.81
C TYR C 218 5.86 -18.68 3.66
N SER C 219 6.79 -19.57 3.96
CA SER C 219 7.43 -20.40 2.95
C SER C 219 7.12 -21.87 3.18
N TRP C 220 7.06 -22.64 2.08
CA TRP C 220 7.04 -24.09 2.17
C TRP C 220 7.74 -24.72 0.98
N THR C 221 8.67 -25.63 1.25
CA THR C 221 9.43 -26.29 0.20
C THR C 221 9.75 -27.74 0.57
N ALA C 222 9.50 -28.65 -0.36
CA ALA C 222 9.94 -30.03 -0.22
C ALA C 222 9.57 -30.59 1.15
N GLY C 223 8.37 -30.28 1.60
CA GLY C 223 7.79 -30.92 2.79
C GLY C 223 8.04 -30.08 4.03
N GLN C 224 8.98 -29.14 3.93
CA GLN C 224 9.36 -28.32 5.07
C GLN C 224 8.69 -26.96 5.03
N GLY C 225 7.89 -26.66 6.05
CA GLY C 225 7.28 -25.35 6.20
C GLY C 225 8.11 -24.45 7.11
N GLN C 226 8.05 -23.15 6.86
CA GLN C 226 8.70 -22.17 7.72
C GLN C 226 8.06 -20.80 7.59
N ALA C 227 7.52 -20.30 8.69
CA ALA C 227 6.95 -18.95 8.73
C ALA C 227 8.05 -17.89 8.69
N VAL C 228 7.74 -16.76 8.06
CA VAL C 228 8.68 -15.66 7.97
C VAL C 228 8.20 -14.44 8.76
N ARG C 229 6.96 -14.02 8.48
CA ARG C 229 6.39 -12.87 9.15
C ARG C 229 5.24 -13.28 10.06
N LYS C 230 4.31 -14.09 9.53
CA LYS C 230 3.15 -14.53 10.29
C LYS C 230 2.69 -15.91 9.85
N GLY C 231 2.03 -16.63 10.75
CA GLY C 231 1.34 -17.86 10.39
C GLY C 231 2.18 -19.08 10.78
N ALA C 232 1.70 -20.26 10.42
CA ALA C 232 2.35 -21.51 10.80
C ALA C 232 1.96 -22.65 9.86
N THR C 233 2.78 -23.68 9.80
CA THR C 233 2.48 -24.87 9.03
C THR C 233 1.20 -25.53 9.50
N LEU C 234 0.32 -25.86 8.56
CA LEU C 234 -0.98 -26.44 8.88
C LEU C 234 -0.97 -27.95 8.70
N GLU C 235 -1.96 -28.62 9.29
CA GLU C 235 -2.06 -30.07 9.18
C GLU C 235 -2.46 -30.50 7.77
N PRO C 236 -2.12 -31.73 7.42
CA PRO C 236 -2.48 -32.28 6.12
C PRO C 236 -3.98 -32.15 5.86
N ALA C 237 -4.34 -31.90 4.60
CA ALA C 237 -5.74 -31.77 4.22
C ALA C 237 -6.49 -33.07 4.45
N GLN C 238 -7.79 -32.98 4.73
CA GLN C 238 -8.62 -34.15 4.92
C GLN C 238 -8.74 -34.95 3.62
N LEU C 239 -8.88 -36.26 3.76
CA LEU C 239 -8.98 -37.14 2.60
C LEU C 239 -10.17 -36.76 1.72
N GLY C 240 -9.93 -36.63 0.43
CA GLY C 240 -10.97 -36.29 -0.53
C GLY C 240 -10.99 -34.79 -0.82
N MET C 241 -10.21 -34.04 -0.05
CA MET C 241 -10.12 -32.60 -0.24
C MET C 241 -8.86 -32.22 -1.01
N ALA C 242 -8.90 -31.07 -1.67
CA ALA C 242 -7.71 -30.50 -2.28
C ALA C 242 -6.67 -30.12 -1.22
N ARG C 243 -5.41 -30.07 -1.62
CA ARG C 243 -4.32 -29.77 -0.69
C ARG C 243 -4.48 -28.38 -0.10
N ASP C 244 -4.31 -28.29 1.22
CA ASP C 244 -4.58 -27.04 1.94
C ASP C 244 -3.37 -26.12 1.91
N ALA C 245 -3.50 -25.02 1.18
CA ALA C 245 -2.40 -24.06 1.04
C ALA C 245 -2.61 -22.83 1.91
N SER C 246 -3.67 -22.87 2.72
CA SER C 246 -4.15 -21.67 3.40
C SER C 246 -3.14 -21.17 4.41
N LEU C 247 -3.27 -19.91 4.82
CA LEU C 247 -2.41 -19.32 5.83
C LEU C 247 -3.22 -18.52 6.85
N THR C 248 -3.03 -18.83 8.13
CA THR C 248 -3.74 -18.15 9.20
C THR C 248 -2.92 -16.98 9.74
N LEU C 249 -3.53 -15.80 9.75
CA LEU C 249 -2.83 -14.58 10.14
C LEU C 249 -3.52 -13.89 11.30
N PRO C 250 -3.12 -14.25 12.51
CA PRO C 250 -3.79 -13.76 13.71
C PRO C 250 -3.29 -12.37 14.10
N GLY C 251 -4.13 -11.63 14.80
CA GLY C 251 -3.67 -10.48 15.57
C GLY C 251 -3.14 -9.37 14.66
N LEU C 252 -4.02 -8.86 13.80
CA LEU C 252 -3.58 -8.04 12.67
C LEU C 252 -3.84 -6.55 12.93
N THR C 253 -2.91 -5.72 12.50
CA THR C 253 -3.09 -4.27 12.58
C THR C 253 -2.93 -3.62 11.21
N ILE C 254 -2.93 -2.29 11.19
CA ILE C 254 -2.91 -1.54 9.94
C ILE C 254 -1.70 -1.91 9.10
N GLN C 255 -0.57 -2.10 9.76
CA GLN C 255 0.68 -2.39 9.05
C GLN C 255 0.61 -3.73 8.32
N ASP C 256 -0.39 -4.53 8.67
CA ASP C 256 -0.56 -5.85 8.07
C ASP C 256 -1.53 -5.81 6.90
N GLU C 257 -2.07 -4.62 6.62
CA GLU C 257 -3.01 -4.45 5.53
C GLU C 257 -2.33 -4.57 4.17
N GLY C 258 -3.04 -5.14 3.21
CA GLY C 258 -2.53 -5.24 1.84
C GLY C 258 -3.04 -6.50 1.16
N THR C 259 -2.36 -6.90 0.09
CA THR C 259 -2.82 -8.01 -0.75
C THR C 259 -1.90 -9.22 -0.60
N TYR C 260 -2.49 -10.35 -0.23
CA TYR C 260 -1.74 -11.57 0.00
C TYR C 260 -1.86 -12.53 -1.19
N ILE C 261 -0.72 -13.09 -1.60
CA ILE C 261 -0.68 -13.93 -2.80
C ILE C 261 -0.29 -15.36 -2.44
N CYS C 262 -1.10 -16.31 -2.90
CA CYS C 262 -0.79 -17.73 -2.72
C CYS C 262 -0.15 -18.32 -3.98
N GLN C 263 1.16 -18.46 -3.96
CA GLN C 263 1.91 -18.88 -5.14
C GLN C 263 2.19 -20.38 -5.10
N ILE C 264 1.60 -21.11 -6.04
CA ILE C 264 1.81 -22.55 -6.14
C ILE C 264 2.76 -22.89 -7.29
N THR C 265 3.95 -23.36 -6.94
CA THR C 265 4.98 -23.62 -7.94
C THR C 265 5.07 -25.11 -8.25
N THR C 266 4.81 -25.46 -9.51
CA THR C 266 4.74 -26.86 -9.91
C THR C 266 5.91 -27.22 -10.82
N SER C 267 5.96 -28.49 -11.22
CA SER C 267 7.03 -28.97 -12.10
C SER C 267 6.89 -28.43 -13.51
N LEU C 268 5.72 -27.85 -13.80
CA LEU C 268 5.43 -27.35 -15.14
C LEU C 268 5.26 -25.83 -15.14
N TYR C 269 4.30 -25.35 -14.34
CA TYR C 269 3.92 -23.95 -14.38
C TYR C 269 3.66 -23.42 -12.98
N ARG C 270 3.47 -22.09 -12.88
CA ARG C 270 3.05 -21.48 -11.63
C ARG C 270 1.65 -20.90 -11.75
N ALA C 271 0.86 -21.04 -10.68
CA ALA C 271 -0.42 -20.36 -10.59
C ALA C 271 -0.69 -19.88 -9.16
N GLN C 272 -1.50 -18.84 -9.04
CA GLN C 272 -1.70 -18.17 -7.76
C GLN C 272 -3.11 -17.61 -7.64
N GLN C 273 -3.60 -17.48 -6.41
CA GLN C 273 -4.82 -16.74 -6.14
C GLN C 273 -4.55 -15.53 -5.27
N ILE C 274 -5.43 -14.53 -5.36
CA ILE C 274 -5.23 -13.27 -4.67
C ILE C 274 -6.28 -13.06 -3.58
N ILE C 275 -5.82 -12.77 -2.37
CA ILE C 275 -6.72 -12.40 -1.28
C ILE C 275 -6.28 -11.10 -0.62
N GLN C 276 -7.19 -10.12 -0.60
CA GLN C 276 -6.90 -8.83 0.00
C GLN C 276 -7.52 -8.72 1.39
N LEU C 277 -6.73 -8.21 2.34
CA LEU C 277 -7.23 -7.97 3.69
C LEU C 277 -7.45 -6.48 3.93
N ASN C 278 -8.69 -6.09 4.17
CA ASN C 278 -9.03 -4.69 4.43
C ASN C 278 -9.23 -4.46 5.92
N ILE C 279 -8.51 -3.47 6.46
CA ILE C 279 -8.56 -3.18 7.89
C ILE C 279 -9.02 -1.75 8.15
N GLN C 280 -10.04 -1.61 8.99
CA GLN C 280 -10.60 -0.30 9.31
C GLN C 280 -10.60 -0.06 10.81
N ALA C 281 -10.75 1.20 11.20
CA ALA C 281 -10.84 1.57 12.61
C ALA C 281 -11.84 2.70 12.82
N SER C 282 -12.67 2.56 13.85
CA SER C 282 -13.73 3.52 14.12
C SER C 282 -13.21 4.71 14.93
N PRO C 283 -13.52 5.91 14.46
CA PRO C 283 -13.09 7.13 15.15
C PRO C 283 -13.59 7.14 16.59
N LYS C 284 -12.79 7.70 17.48
CA LYS C 284 -13.28 8.12 18.79
C LYS C 284 -13.38 9.65 18.89
N VAL C 285 -14.59 10.12 19.19
CA VAL C 285 -14.92 11.53 18.97
C VAL C 285 -15.35 12.20 20.27
N ARG C 286 -14.74 13.34 20.56
CA ARG C 286 -15.16 14.15 21.71
C ARG C 286 -14.90 15.64 21.45
N LEU C 287 -15.67 16.49 22.11
CA LEU C 287 -15.71 17.91 21.77
C LEU C 287 -15.63 18.78 23.02
N SER C 288 -14.77 19.78 22.98
CA SER C 288 -14.65 20.73 24.08
C SER C 288 -14.10 22.06 23.61
N LEU C 289 -14.23 23.08 24.45
CA LEU C 289 -13.66 24.40 24.16
C LEU C 289 -12.14 24.36 24.22
N ALA C 290 -11.50 25.17 23.39
CA ALA C 290 -10.06 25.40 23.49
C ALA C 290 -9.73 26.42 24.56
N ASN C 291 -8.50 26.37 25.06
CA ASN C 291 -8.00 27.39 25.97
C ASN C 291 -6.98 28.29 25.29
N GLU C 292 -6.78 29.49 25.85
CA GLU C 292 -5.73 30.38 25.39
C GLU C 292 -5.84 30.65 23.89
N ALA C 293 -7.06 30.95 23.44
CA ALA C 293 -7.28 31.38 22.06
C ALA C 293 -7.62 32.85 21.99
N LEU C 294 -7.28 33.49 20.87
CA LEU C 294 -7.69 34.86 20.61
C LEU C 294 -9.20 34.99 20.53
N LEU C 295 -9.84 34.01 19.92
CA LEU C 295 -11.29 33.96 19.86
C LEU C 295 -11.82 32.63 20.39
N PRO C 296 -13.02 32.65 20.95
CA PRO C 296 -13.70 31.43 21.38
C PRO C 296 -13.63 30.36 20.31
N THR C 297 -13.05 29.22 20.65
CA THR C 297 -12.75 28.18 19.67
C THR C 297 -13.15 26.80 20.18
N LEU C 298 -13.72 25.99 19.30
CA LEU C 298 -14.01 24.59 19.61
C LEU C 298 -13.02 23.66 18.93
N ILE C 299 -12.59 22.63 19.65
CA ILE C 299 -11.77 21.58 19.07
C ILE C 299 -12.41 20.21 19.24
N CYS C 300 -12.56 19.49 18.13
CA CYS C 300 -13.09 18.13 18.16
C CYS C 300 -11.97 17.11 18.05
N ASP C 301 -11.79 16.32 19.11
CA ASP C 301 -10.71 15.35 19.15
C ASP C 301 -11.13 14.02 18.53
N ILE C 302 -10.58 13.73 17.35
CA ILE C 302 -10.99 12.55 16.60
C ILE C 302 -9.82 11.62 16.35
N ALA C 303 -9.76 10.52 17.11
CA ALA C 303 -8.55 9.72 17.20
C ALA C 303 -8.84 8.25 16.94
N GLY C 304 -7.85 7.54 16.43
CA GLY C 304 -7.87 6.08 16.43
C GLY C 304 -8.69 5.54 15.27
N TYR C 305 -8.56 6.19 14.11
CA TYR C 305 -9.37 5.85 12.94
C TYR C 305 -8.49 5.54 11.74
N TYR C 306 -9.06 4.82 10.77
CA TYR C 306 -8.36 4.50 9.54
C TYR C 306 -9.33 4.14 8.42
N PRO C 307 -9.21 4.85 7.30
CA PRO C 307 -7.97 5.51 6.94
C PRO C 307 -8.02 7.00 7.26
N LEU C 308 -7.02 7.74 6.78
CA LEU C 308 -6.85 9.13 7.16
C LEU C 308 -8.02 9.99 6.70
N ASP C 309 -8.23 11.11 7.38
CA ASP C 309 -9.12 12.15 6.87
C ASP C 309 -10.58 11.74 6.99
N VAL C 310 -11.07 11.69 8.22
CA VAL C 310 -12.51 11.75 8.48
C VAL C 310 -13.14 12.98 7.82
N VAL C 311 -14.44 12.91 7.56
CA VAL C 311 -15.20 14.08 7.13
C VAL C 311 -15.97 14.68 8.30
N VAL C 312 -15.73 15.96 8.56
CA VAL C 312 -16.26 16.61 9.77
C VAL C 312 -17.19 17.75 9.42
N THR C 313 -18.35 17.79 10.07
CA THR C 313 -19.32 18.85 9.85
C THR C 313 -19.66 19.56 11.15
N TRP C 314 -19.64 20.89 11.12
CA TRP C 314 -19.93 21.69 12.31
C TRP C 314 -21.28 22.39 12.18
N THR C 315 -22.04 22.39 13.26
CA THR C 315 -23.30 23.14 13.32
C THR C 315 -23.41 23.92 14.62
N ARG C 316 -24.32 24.89 14.65
CA ARG C 316 -24.55 25.69 15.85
C ARG C 316 -26.04 25.96 16.05
N GLU C 317 -26.44 26.13 17.31
CA GLU C 317 -27.79 26.55 17.62
C GLU C 317 -27.80 27.57 18.76
N GLU C 318 -28.44 28.71 18.54
CA GLU C 318 -28.46 29.78 19.52
C GLU C 318 -29.87 30.11 19.96
N LEU C 319 -30.20 29.76 21.20
CA LEU C 319 -31.51 30.06 21.77
C LEU C 319 -32.63 29.50 20.91
N GLY C 320 -32.42 28.28 20.39
CA GLY C 320 -33.43 27.62 19.59
C GLY C 320 -33.30 28.00 18.11
N GLY C 321 -34.33 27.69 17.34
CA GLY C 321 -34.30 27.92 15.89
C GLY C 321 -33.64 26.75 15.18
N SER C 322 -33.67 26.79 13.84
CA SER C 322 -33.04 25.76 13.03
C SER C 322 -31.52 25.83 13.12
N PRO C 323 -30.88 24.72 13.46
CA PRO C 323 -29.44 24.65 13.54
C PRO C 323 -28.79 25.14 12.25
N ALA C 324 -27.69 25.89 12.39
CA ALA C 324 -26.99 26.43 11.23
C ALA C 324 -25.65 25.73 11.03
N GLN C 325 -25.30 25.47 9.77
CA GLN C 325 -24.03 24.85 9.44
C GLN C 325 -22.92 25.89 9.32
N VAL C 326 -21.76 25.59 9.88
CA VAL C 326 -20.61 26.48 9.81
C VAL C 326 -19.38 25.76 9.28
N SER C 327 -18.39 26.53 8.85
CA SER C 327 -17.16 25.96 8.29
C SER C 327 -15.95 26.81 8.64
N GLY C 328 -14.84 26.58 7.95
CA GLY C 328 -13.58 27.24 8.26
C GLY C 328 -12.74 26.40 9.21
N ALA C 329 -13.16 25.16 9.43
CA ALA C 329 -12.45 24.25 10.32
C ALA C 329 -11.06 23.93 9.77
N SER C 330 -10.11 23.72 10.68
CA SER C 330 -8.77 23.30 10.30
C SER C 330 -8.24 22.22 11.24
N PHE C 331 -7.63 21.19 10.67
CA PHE C 331 -7.09 20.09 11.46
C PHE C 331 -5.79 20.49 12.16
N SER C 332 -5.53 19.87 13.30
CA SER C 332 -4.23 20.02 13.96
C SER C 332 -3.78 18.68 14.56
N SER C 333 -2.52 18.64 14.99
CA SER C 333 -2.05 17.55 15.84
C SER C 333 -2.15 16.21 15.11
N LEU C 334 -1.73 16.21 13.85
CA LEU C 334 -1.71 14.98 13.06
C LEU C 334 -0.67 14.00 13.57
N ARG C 335 -1.11 12.77 13.85
CA ARG C 335 -0.22 11.71 14.29
C ARG C 335 -0.84 10.34 14.07
N GLN C 336 -0.06 9.29 14.35
CA GLN C 336 -0.55 7.92 14.24
C GLN C 336 -0.51 7.22 15.59
N SER C 337 -1.29 6.16 15.72
CA SER C 337 -1.31 5.37 16.95
C SER C 337 -0.42 4.14 16.82
N VAL C 338 -0.30 3.39 17.91
CA VAL C 338 0.48 2.16 17.92
C VAL C 338 -0.05 1.17 16.89
N ALA C 339 -1.33 1.30 16.56
CA ALA C 339 -1.99 0.35 15.67
C ALA C 339 -1.83 0.76 14.21
N GLY C 340 -1.19 1.91 14.00
CA GLY C 340 -0.98 2.42 12.65
C GLY C 340 -2.10 3.36 12.23
N THR C 341 -3.10 3.49 13.09
CA THR C 341 -4.24 4.36 12.81
C THR C 341 -3.85 5.83 12.87
N TYR C 342 -4.76 6.70 12.46
CA TYR C 342 -4.50 8.13 12.45
C TYR C 342 -5.29 8.84 13.53
N SER C 343 -4.79 10.01 13.95
CA SER C 343 -5.56 10.89 14.81
C SER C 343 -5.45 12.35 14.35
N ILE C 344 -6.56 13.07 14.42
CA ILE C 344 -6.56 14.50 14.12
C ILE C 344 -7.44 15.26 15.10
N SER C 345 -7.22 16.57 15.20
CA SER C 345 -8.11 17.45 15.94
C SER C 345 -8.64 18.56 15.05
N SER C 346 -9.97 18.66 14.95
CA SER C 346 -10.61 19.65 14.10
C SER C 346 -10.93 20.92 14.89
N SER C 347 -10.27 22.01 14.53
CA SER C 347 -10.45 23.29 15.25
C SER C 347 -11.28 24.26 14.42
N LEU C 348 -12.31 24.82 15.05
CA LEU C 348 -13.17 25.80 14.39
C LEU C 348 -13.56 26.92 15.34
N THR C 349 -13.43 28.16 14.88
CA THR C 349 -13.80 29.32 15.68
C THR C 349 -15.30 29.37 15.91
N ALA C 350 -15.69 29.54 17.18
CA ALA C 350 -17.10 29.49 17.55
C ALA C 350 -17.63 30.89 17.85
N GLU C 351 -18.92 31.09 17.62
CA GLU C 351 -19.60 32.28 18.10
C GLU C 351 -20.48 31.97 19.31
N PRO C 352 -20.08 32.47 20.47
CA PRO C 352 -20.79 32.20 21.71
C PRO C 352 -22.27 32.49 21.59
N GLY C 353 -22.60 33.51 20.80
CA GLY C 353 -23.99 33.93 20.62
C GLY C 353 -24.39 34.98 21.64
N SER C 354 -25.55 35.60 21.43
CA SER C 354 -25.95 36.77 22.20
C SER C 354 -26.07 36.43 23.68
N ALA C 355 -26.36 35.18 23.97
CA ALA C 355 -26.55 34.74 25.35
C ALA C 355 -26.01 33.33 25.57
N GLY C 356 -25.00 32.97 24.77
CA GLY C 356 -24.48 31.61 24.77
C GLY C 356 -25.16 30.74 23.72
N ALA C 357 -24.46 29.71 23.26
CA ALA C 357 -24.96 28.87 22.18
C ALA C 357 -24.49 27.42 22.35
N THR C 358 -25.20 26.49 21.72
CA THR C 358 -24.82 25.10 21.74
C THR C 358 -24.29 24.64 20.38
N TYR C 359 -23.16 23.95 20.40
CA TYR C 359 -22.51 23.52 19.17
C TYR C 359 -22.46 22.00 19.07
N THR C 360 -22.59 21.49 17.85
CA THR C 360 -22.46 20.05 17.61
C THR C 360 -21.47 19.76 16.48
N CYS C 361 -20.60 18.80 16.70
CA CYS C 361 -19.64 18.38 15.68
C CYS C 361 -19.88 16.93 15.26
N GLN C 362 -20.19 16.74 13.98
CA GLN C 362 -20.46 15.40 13.46
C GLN C 362 -19.28 14.87 12.67
N VAL C 363 -19.08 13.56 12.73
CA VAL C 363 -18.00 12.91 11.99
C VAL C 363 -18.54 11.78 11.12
N THR C 364 -18.13 11.77 9.85
CA THR C 364 -18.50 10.70 8.94
C THR C 364 -17.28 9.91 8.49
N HIS C 365 -17.40 8.59 8.51
CA HIS C 365 -16.28 7.72 8.17
C HIS C 365 -16.78 6.35 7.72
N ILE C 366 -16.03 5.72 6.82
CA ILE C 366 -16.46 4.49 6.17
C ILE C 366 -16.66 3.38 7.21
N SER C 367 -15.95 3.47 8.31
CA SER C 367 -15.97 2.42 9.33
C SER C 367 -17.18 2.54 10.23
N LEU C 368 -17.93 3.63 10.06
CA LEU C 368 -19.10 3.89 10.89
C LEU C 368 -20.37 3.44 10.21
N GLU C 369 -21.26 2.82 10.97
CA GLU C 369 -22.60 2.47 10.48
C GLU C 369 -23.58 3.60 10.73
N GLU C 370 -23.20 4.55 11.58
CA GLU C 370 -24.05 5.68 11.91
C GLU C 370 -23.22 6.92 12.25
N PRO C 371 -23.82 8.09 12.06
CA PRO C 371 -23.15 9.35 12.38
C PRO C 371 -22.60 9.35 13.79
N LEU C 372 -21.38 9.84 13.95
CA LEU C 372 -20.75 9.93 15.26
C LEU C 372 -20.22 11.33 15.52
N GLY C 373 -20.63 11.91 16.64
CA GLY C 373 -20.31 13.30 16.95
C GLY C 373 -20.51 13.61 18.43
N ALA C 374 -20.36 14.88 18.80
CA ALA C 374 -20.51 15.29 20.18
C ALA C 374 -21.02 16.73 20.27
N SER C 375 -21.63 17.06 21.40
CA SER C 375 -22.16 18.41 21.62
C SER C 375 -21.56 19.03 22.87
N THR C 376 -21.42 20.35 22.86
CA THR C 376 -21.00 21.09 24.04
C THR C 376 -21.53 22.52 24.02
N GLN C 377 -21.18 23.29 25.04
CA GLN C 377 -21.65 24.67 25.16
C GLN C 377 -20.52 25.66 24.98
N VAL C 378 -20.77 26.73 24.24
CA VAL C 378 -19.80 27.80 24.07
C VAL C 378 -20.18 29.02 24.90
N VAL C 379 -19.27 29.44 25.77
CA VAL C 379 -19.54 30.50 26.73
C VAL C 379 -18.79 31.77 26.37
N PRO C 380 -19.50 32.90 26.38
CA PRO C 380 -18.90 34.19 26.09
C PRO C 380 -17.63 34.41 26.92
N PRO C 381 -16.65 35.09 26.32
CA PRO C 381 -15.39 35.35 27.00
C PRO C 381 -15.59 36.25 28.20
N GLU C 382 -16.72 36.93 28.25
CA GLU C 382 -17.05 37.79 29.38
C GLU C 382 -17.64 37.00 30.53
N ARG C 383 -17.93 35.72 30.28
CA ARG C 383 -18.52 34.85 31.29
C ARG C 383 -17.60 33.69 31.63
N ARG C 384 -16.56 33.50 30.82
CA ARG C 384 -15.55 32.49 31.07
C ARG C 384 -14.50 32.99 32.06
C4 30W D . 22.37 5.13 -12.30
C6 30W D . 25.06 7.57 -11.80
C11 30W D . 24.82 -0.12 -13.64
C7 30W D . 26.18 6.81 -12.16
C9 30W D . 25.22 8.97 -11.38
C10 30W D . 24.40 1.27 -14.05
N1 30W D . 24.65 3.73 -12.97
N2 30W D . 23.36 1.87 -13.43
N3 30W D . 22.32 3.84 -12.69
O10 30W D . 24.99 1.86 -14.92
C2 30W D . 23.46 3.18 -13.03
C8A 30W D . 24.83 5.00 -12.59
N8 30W D . 26.05 5.55 -12.54
N5 30W D . 23.84 7.03 -11.85
C4A 30W D . 23.70 5.78 -12.23
O4 30W D . 21.36 5.75 -12.01
H1 30W D . 23.97 -0.82 -13.80
H2 30W D . 25.10 -0.12 -12.57
H3 30W D . 25.68 -0.44 -14.27
H4 30W D . 27.15 7.31 -12.10
O9 30W D . 24.33 9.77 -11.56
H5 30W D . 26.19 9.28 -10.91
H8 30W D . 22.49 1.41 -13.24
H9 30W D . 21.46 3.34 -12.77
N HIS A 4 22.88 1.20 5.86
CA HIS A 4 23.14 2.31 4.94
C HIS A 4 22.47 2.06 3.59
N SER A 5 21.30 2.66 3.40
CA SER A 5 20.46 2.34 2.25
C SER A 5 20.71 3.31 1.10
N LEU A 6 21.13 2.78 -0.04
CA LEU A 6 21.24 3.57 -1.26
C LEU A 6 20.03 3.35 -2.16
N ARG A 7 19.43 4.46 -2.60
CA ARG A 7 18.20 4.41 -3.38
C ARG A 7 18.32 5.25 -4.65
N TYR A 8 17.79 4.73 -5.75
CA TYR A 8 17.61 5.54 -6.96
C TYR A 8 16.14 5.61 -7.35
N PHE A 9 15.56 6.79 -7.20
CA PHE A 9 14.15 7.00 -7.54
C PHE A 9 14.00 7.49 -8.97
N ARG A 10 13.10 6.85 -9.71
CA ARG A 10 12.80 7.28 -11.08
C ARG A 10 11.29 7.45 -11.28
N LEU A 11 10.90 8.61 -11.79
CA LEU A 11 9.50 8.93 -11.99
C LEU A 11 9.28 9.67 -13.30
N GLY A 12 8.23 9.28 -14.03
CA GLY A 12 7.88 9.95 -15.28
C GLY A 12 6.39 10.23 -15.35
N VAL A 13 6.02 11.36 -15.96
CA VAL A 13 4.63 11.74 -16.10
C VAL A 13 4.26 11.94 -17.57
N SER A 14 3.13 11.38 -17.97
CA SER A 14 2.57 11.66 -19.29
C SER A 14 1.46 12.70 -19.22
N ASP A 15 1.50 13.66 -20.13
CA ASP A 15 0.64 14.85 -20.04
C ASP A 15 0.76 15.50 -18.67
N PRO A 16 1.94 16.04 -18.38
CA PRO A 16 2.18 16.71 -17.11
C PRO A 16 1.23 17.89 -16.92
N ILE A 17 0.90 18.17 -15.66
CA ILE A 17 0.08 19.34 -15.34
C ILE A 17 0.84 20.31 -14.44
N HIS A 18 0.30 21.52 -14.30
CA HIS A 18 0.94 22.55 -13.51
C HIS A 18 1.26 22.04 -12.10
N GLY A 19 2.50 22.23 -11.68
CA GLY A 19 2.92 21.85 -10.33
C GLY A 19 3.49 20.44 -10.31
N VAL A 20 3.35 19.73 -11.42
CA VAL A 20 3.83 18.36 -11.52
C VAL A 20 4.94 18.22 -12.56
N PRO A 21 6.15 18.00 -12.08
CA PRO A 21 7.31 17.87 -12.96
C PRO A 21 7.11 16.75 -13.97
N GLU A 22 7.65 16.94 -15.17
CA GLU A 22 7.56 15.94 -16.22
C GLU A 22 8.30 14.66 -15.83
N PHE A 23 9.50 14.82 -15.27
CA PHE A 23 10.35 13.69 -14.96
C PHE A 23 11.22 13.99 -13.74
N ILE A 24 11.37 12.98 -12.88
CA ILE A 24 12.18 13.12 -11.68
C ILE A 24 13.16 11.96 -11.53
N SER A 25 14.40 12.28 -11.19
CA SER A 25 15.39 11.26 -10.84
C SER A 25 16.29 11.73 -9.71
N VAL A 26 16.24 11.03 -8.58
CA VAL A 26 16.94 11.46 -7.39
C VAL A 26 17.63 10.28 -6.70
N GLY A 27 18.86 10.51 -6.24
CA GLY A 27 19.58 9.50 -5.47
C GLY A 27 19.59 9.83 -3.98
N TYR A 28 19.48 8.81 -3.15
CA TYR A 28 19.47 9.00 -1.71
C TYR A 28 20.48 8.09 -1.02
N VAL A 29 20.98 8.53 0.12
CA VAL A 29 21.55 7.61 1.11
C VAL A 29 20.87 7.80 2.48
N ASP A 30 20.27 6.73 2.98
CA ASP A 30 19.53 6.80 4.24
C ASP A 30 18.60 8.00 4.28
N SER A 31 18.88 8.93 5.18
CA SER A 31 17.98 10.04 5.44
C SER A 31 18.54 11.34 4.88
N HIS A 32 19.57 11.23 4.04
CA HIS A 32 20.22 12.40 3.48
C HIS A 32 20.36 12.28 1.98
N PRO A 33 19.47 12.95 1.25
CA PRO A 33 19.49 12.93 -0.21
C PRO A 33 20.86 13.38 -0.74
N ILE A 34 21.25 12.81 -1.88
CA ILE A 34 22.57 13.09 -2.45
C ILE A 34 22.46 14.05 -3.62
N THR A 35 21.65 13.71 -4.60
CA THR A 35 21.64 14.39 -5.89
C THR A 35 20.27 14.32 -6.55
N THR A 36 19.94 15.35 -7.32
CA THR A 36 18.68 15.39 -8.05
C THR A 36 18.91 15.65 -9.53
N TYR A 37 17.94 15.28 -10.35
CA TYR A 37 17.87 15.75 -11.73
C TYR A 37 16.65 16.62 -11.96
N ASP A 38 16.87 17.82 -12.49
CA ASP A 38 15.78 18.71 -12.85
C ASP A 38 15.37 18.52 -14.31
N SER A 39 14.16 18.02 -14.52
CA SER A 39 13.66 17.78 -15.88
C SER A 39 13.18 19.07 -16.52
N VAL A 40 13.16 20.15 -15.75
CA VAL A 40 12.74 21.45 -16.26
C VAL A 40 13.88 22.15 -17.00
N THR A 41 15.00 22.35 -16.29
CA THR A 41 16.17 22.96 -16.89
C THR A 41 17.13 21.89 -17.41
N ARG A 42 16.79 20.63 -17.16
CA ARG A 42 17.57 19.52 -17.70
C ARG A 42 19.00 19.54 -17.18
N GLN A 43 19.14 19.57 -15.86
CA GLN A 43 20.47 19.62 -15.24
C GLN A 43 20.54 18.66 -14.05
N LYS A 44 21.72 18.08 -13.85
CA LYS A 44 22.04 17.40 -12.60
C LYS A 44 22.44 18.41 -11.52
N GLU A 45 21.83 18.29 -10.35
CA GLU A 45 22.07 19.21 -9.25
C GLU A 45 22.55 18.48 -8.01
N PRO A 46 23.40 19.14 -7.22
CA PRO A 46 23.84 18.61 -5.94
C PRO A 46 22.75 18.77 -4.88
N ARG A 47 22.80 17.92 -3.86
CA ARG A 47 22.16 18.22 -2.59
C ARG A 47 23.12 18.04 -1.42
N ALA A 48 23.89 16.94 -1.46
CA ALA A 48 24.95 16.73 -0.49
C ALA A 48 26.11 17.68 -0.73
N PRO A 49 26.62 18.27 0.35
CA PRO A 49 27.70 19.24 0.26
C PRO A 49 28.85 18.72 -0.59
N TRP A 50 29.16 17.43 -0.43
CA TRP A 50 30.39 16.88 -0.96
C TRP A 50 30.31 16.69 -2.47
N MET A 51 29.13 16.92 -3.03
CA MET A 51 28.91 16.77 -4.46
C MET A 51 29.82 17.70 -5.25
N ALA A 52 30.19 18.83 -4.65
CA ALA A 52 30.98 19.84 -5.33
C ALA A 52 32.47 19.55 -5.23
N GLU A 53 32.81 18.49 -4.50
CA GLU A 53 34.20 18.18 -4.21
C GLU A 53 34.63 16.89 -4.88
N ASN A 54 33.77 15.89 -4.83
CA ASN A 54 34.14 14.53 -5.22
C ASN A 54 33.49 14.12 -6.53
N LEU A 55 33.09 15.12 -7.32
CA LEU A 55 32.55 14.88 -8.66
C LEU A 55 33.03 15.94 -9.64
N ALA A 56 33.90 15.54 -10.56
CA ALA A 56 34.54 16.47 -11.48
C ALA A 56 33.52 17.07 -12.45
N PRO A 57 33.77 18.31 -12.88
CA PRO A 57 32.95 18.95 -13.90
C PRO A 57 32.72 18.03 -15.09
N ASP A 58 33.74 17.23 -15.41
CA ASP A 58 33.64 16.31 -16.53
C ASP A 58 32.48 15.34 -16.35
N HIS A 59 32.28 14.90 -15.10
CA HIS A 59 31.23 13.92 -14.81
C HIS A 59 29.87 14.58 -14.68
N TRP A 60 29.86 15.82 -14.18
CA TRP A 60 28.63 16.59 -14.09
C TRP A 60 27.94 16.71 -15.44
N GLU A 61 28.72 17.00 -16.47
CA GLU A 61 28.19 17.14 -17.82
C GLU A 61 27.75 15.79 -18.38
N ARG A 62 28.63 14.79 -18.27
CA ARG A 62 28.37 13.47 -18.83
C ARG A 62 27.14 12.83 -18.19
N TYR A 63 27.05 12.96 -16.86
CA TYR A 63 25.92 12.39 -16.13
C TYR A 63 24.62 13.07 -16.50
N THR A 64 24.67 14.39 -16.67
CA THR A 64 23.50 15.16 -17.08
C THR A 64 22.99 14.70 -18.44
N GLN A 65 23.92 14.50 -19.37
CA GLN A 65 23.56 14.05 -20.72
C GLN A 65 22.87 12.70 -20.68
N LEU A 66 23.38 11.79 -19.84
CA LEU A 66 22.75 10.50 -19.64
C LEU A 66 21.34 10.66 -19.08
N LEU A 67 21.21 11.51 -18.06
CA LEU A 67 19.91 11.75 -17.43
C LEU A 67 18.92 12.35 -18.41
N ARG A 68 19.41 13.26 -19.25
CA ARG A 68 18.58 13.85 -20.30
C ARG A 68 18.08 12.78 -21.27
N GLY A 69 18.97 11.87 -21.66
CA GLY A 69 18.60 10.76 -22.53
C GLY A 69 17.46 9.95 -21.93
N TRP A 70 17.60 9.56 -20.66
CA TRP A 70 16.59 8.78 -19.97
C TRP A 70 15.23 9.49 -19.98
N GLN A 71 15.27 10.80 -19.71
CA GLN A 71 14.05 11.60 -19.69
C GLN A 71 13.29 11.49 -21.01
N GLN A 72 14.01 11.67 -22.11
CA GLN A 72 13.38 11.76 -23.42
C GLN A 72 12.91 10.39 -23.90
N MET A 73 13.70 9.36 -23.62
CA MET A 73 13.39 8.00 -24.06
C MET A 73 12.19 7.45 -23.30
N PHE A 74 12.09 7.81 -22.02
CA PHE A 74 11.04 7.26 -21.17
C PHE A 74 9.65 7.70 -21.64
N LYS A 75 9.62 8.80 -22.39
CA LYS A 75 8.36 9.32 -22.93
C LYS A 75 7.66 8.27 -23.79
N VAL A 76 8.44 7.46 -24.48
CA VAL A 76 7.89 6.41 -25.34
C VAL A 76 7.22 5.32 -24.52
N GLU A 77 7.90 4.87 -23.47
CA GLU A 77 7.35 3.85 -22.58
C GLU A 77 6.08 4.35 -21.89
N LEU A 78 6.10 5.61 -21.47
CA LEU A 78 4.96 6.19 -20.77
C LEU A 78 3.70 6.15 -21.63
N LYS A 79 3.85 6.48 -22.91
CA LYS A 79 2.74 6.43 -23.84
C LYS A 79 2.17 5.02 -23.95
N ARG A 80 3.04 4.03 -23.96
CA ARG A 80 2.62 2.64 -24.02
C ARG A 80 2.00 2.19 -22.71
N LEU A 81 2.50 2.75 -21.61
CA LEU A 81 1.98 2.42 -20.28
C LEU A 81 0.57 2.96 -20.09
N GLN A 82 0.31 4.13 -20.64
CA GLN A 82 -1.03 4.71 -20.60
C GLN A 82 -2.06 3.75 -21.15
N ARG A 83 -1.84 3.30 -22.39
CA ARG A 83 -2.71 2.29 -23.00
C ARG A 83 -2.65 0.98 -22.22
N HIS A 84 -1.48 0.66 -21.70
CA HIS A 84 -1.30 -0.57 -20.94
C HIS A 84 -2.31 -0.67 -19.80
N TYR A 85 -2.52 0.43 -19.09
CA TYR A 85 -3.42 0.47 -17.96
C TYR A 85 -4.80 0.96 -18.37
N ASN A 86 -5.07 0.94 -19.67
CA ASN A 86 -6.38 1.32 -20.18
C ASN A 86 -6.72 2.76 -19.81
N HIS A 87 -5.76 3.65 -19.96
CA HIS A 87 -5.98 5.08 -19.74
C HIS A 87 -5.43 5.91 -20.90
N SER A 88 -5.91 7.15 -21.01
CA SER A 88 -5.38 8.08 -21.99
C SER A 88 -5.18 9.46 -21.40
N GLY A 89 -5.40 9.57 -20.09
CA GLY A 89 -5.32 10.85 -19.40
C GLY A 89 -3.94 11.06 -18.78
N SER A 90 -3.84 12.03 -17.88
CA SER A 90 -2.57 12.34 -17.24
C SER A 90 -2.28 11.39 -16.09
N HIS A 91 -1.17 10.65 -16.21
CA HIS A 91 -0.86 9.58 -15.26
C HIS A 91 0.63 9.49 -15.00
N THR A 92 0.99 8.96 -13.84
CA THR A 92 2.39 8.90 -13.42
C THR A 92 2.83 7.46 -13.17
N TYR A 93 4.02 7.13 -13.63
CA TYR A 93 4.61 5.82 -13.36
C TYR A 93 5.87 5.95 -12.52
N GLN A 94 6.01 5.07 -11.53
CA GLN A 94 7.13 5.12 -10.60
C GLN A 94 7.87 3.79 -10.56
N ARG A 95 9.17 3.86 -10.30
CA ARG A 95 9.94 2.67 -9.97
C ARG A 95 11.11 3.01 -9.05
N MET A 96 11.63 2.00 -8.37
CA MET A 96 12.73 2.20 -7.42
C MET A 96 13.68 1.01 -7.43
N ILE A 97 14.98 1.30 -7.29
CA ILE A 97 15.95 0.28 -6.95
C ILE A 97 16.76 0.67 -5.72
N GLY A 98 16.96 -0.27 -4.81
CA GLY A 98 17.62 0.00 -3.55
C GLY A 98 18.75 -1.00 -3.29
N CYS A 99 19.77 -0.55 -2.57
CA CYS A 99 20.83 -1.43 -2.12
C CYS A 99 21.40 -1.00 -0.77
N GLU A 100 21.44 -1.92 0.18
CA GLU A 100 21.73 -1.58 1.56
C GLU A 100 22.97 -2.32 2.07
N LEU A 101 23.89 -1.58 2.68
CA LEU A 101 25.03 -2.19 3.35
C LEU A 101 24.70 -2.50 4.81
N LEU A 102 24.90 -3.76 5.19
CA LEU A 102 24.47 -4.24 6.50
C LEU A 102 25.65 -4.30 7.47
N GLU A 103 25.35 -4.36 8.75
CA GLU A 103 26.36 -4.21 9.80
C GLU A 103 27.43 -5.30 9.69
N ASP A 104 27.00 -6.49 9.28
CA ASP A 104 27.87 -7.66 9.28
C ASP A 104 28.73 -7.71 8.01
N GLY A 105 28.64 -6.65 7.22
CA GLY A 105 29.53 -6.49 6.07
C GLY A 105 28.87 -6.97 4.79
N SER A 106 27.76 -7.67 4.93
CA SER A 106 27.01 -8.16 3.78
C SER A 106 26.14 -7.07 3.17
N THR A 107 25.57 -7.34 2.01
CA THR A 107 24.74 -6.37 1.31
C THR A 107 23.42 -6.98 0.89
N THR A 108 22.39 -6.14 0.74
CA THR A 108 21.16 -6.55 0.09
C THR A 108 20.64 -5.45 -0.84
N GLY A 109 19.42 -5.63 -1.34
CA GLY A 109 18.84 -4.69 -2.28
C GLY A 109 17.50 -5.18 -2.80
N PHE A 110 16.86 -4.38 -3.64
CA PHE A 110 15.52 -4.70 -4.15
C PHE A 110 15.17 -3.83 -5.35
N LEU A 111 14.21 -4.30 -6.15
CA LEU A 111 13.56 -3.46 -7.14
C LEU A 111 12.06 -3.41 -6.93
N GLN A 112 11.48 -2.24 -7.13
CA GLN A 112 10.04 -2.05 -6.94
C GLN A 112 9.42 -1.28 -8.10
N TYR A 113 8.15 -1.57 -8.39
CA TYR A 113 7.41 -0.83 -9.40
C TYR A 113 6.01 -0.48 -8.91
N ALA A 114 5.49 0.64 -9.39
CA ALA A 114 4.14 1.06 -9.05
C ALA A 114 3.53 1.93 -10.15
N TYR A 115 2.21 2.00 -10.17
CA TYR A 115 1.51 2.88 -11.10
C TYR A 115 0.60 3.86 -10.36
N ASP A 116 0.87 5.15 -10.52
CA ASP A 116 0.26 6.18 -9.68
C ASP A 116 0.37 5.81 -8.20
N GLY A 117 1.48 5.19 -7.83
CA GLY A 117 1.78 4.91 -6.43
C GLY A 117 1.13 3.61 -5.99
N GLN A 118 0.42 2.96 -6.89
CA GLN A 118 -0.27 1.72 -6.59
C GLN A 118 0.62 0.51 -6.86
N ASP A 119 0.73 -0.37 -5.87
CA ASP A 119 1.42 -1.64 -6.05
C ASP A 119 0.55 -2.63 -6.82
N PHE A 120 1.13 -3.23 -7.85
CA PHE A 120 0.38 -4.06 -8.78
C PHE A 120 1.15 -5.33 -9.14
N LEU A 121 2.35 -5.45 -8.62
CA LEU A 121 3.27 -6.51 -9.03
C LEU A 121 4.33 -6.77 -7.97
N ILE A 122 4.46 -8.02 -7.57
CA ILE A 122 5.53 -8.44 -6.67
C ILE A 122 6.71 -9.01 -7.43
N PHE A 123 7.92 -8.69 -6.99
CA PHE A 123 9.14 -9.07 -7.70
C PHE A 123 10.05 -9.91 -6.80
N ASN A 124 10.46 -11.06 -7.30
CA ASN A 124 11.51 -11.84 -6.66
C ASN A 124 12.83 -11.75 -7.42
N LYS A 125 13.74 -10.93 -6.91
CA LYS A 125 14.92 -10.54 -7.69
C LYS A 125 15.85 -11.71 -7.92
N ASP A 126 15.70 -12.75 -7.09
CA ASP A 126 16.67 -13.83 -7.04
C ASP A 126 16.39 -14.87 -8.11
N THR A 127 15.22 -14.80 -8.72
CA THR A 127 14.81 -15.75 -9.75
C THR A 127 14.30 -15.04 -10.99
N LEU A 128 14.18 -13.72 -10.90
CA LEU A 128 13.54 -12.95 -11.96
C LEU A 128 12.10 -13.38 -12.17
N SER A 129 11.38 -13.58 -11.07
CA SER A 129 9.97 -13.96 -11.14
C SER A 129 9.07 -12.85 -10.61
N TRP A 130 7.88 -12.74 -11.18
CA TRP A 130 6.93 -11.73 -10.76
C TRP A 130 5.55 -12.34 -10.50
N LEU A 131 4.79 -11.70 -9.61
CA LEU A 131 3.43 -12.14 -9.31
C LEU A 131 2.41 -11.09 -9.72
N ALA A 132 1.67 -11.37 -10.79
CA ALA A 132 0.70 -10.42 -11.31
C ALA A 132 -0.55 -10.37 -10.44
N VAL A 133 -1.30 -9.27 -10.55
CA VAL A 133 -2.55 -9.12 -9.81
C VAL A 133 -3.74 -9.13 -10.76
N ASP A 134 -3.48 -8.88 -12.04
CA ASP A 134 -4.54 -8.84 -13.05
C ASP A 134 -3.98 -9.05 -14.44
N ASN A 135 -4.85 -8.99 -15.44
CA ASN A 135 -4.47 -9.28 -16.82
C ASN A 135 -3.40 -8.31 -17.31
N VAL A 136 -3.48 -7.07 -16.85
CA VAL A 136 -2.50 -6.05 -17.24
C VAL A 136 -1.12 -6.37 -16.68
N ALA A 137 -1.06 -6.65 -15.37
CA ALA A 137 0.19 -7.06 -14.74
C ALA A 137 0.69 -8.37 -15.31
N HIS A 138 -0.24 -9.23 -15.72
CA HIS A 138 0.11 -10.54 -16.25
C HIS A 138 1.04 -10.43 -17.45
N THR A 139 0.71 -9.51 -18.36
CA THR A 139 1.55 -9.24 -19.52
C THR A 139 2.96 -8.84 -19.10
N ILE A 140 3.05 -7.94 -18.14
CA ILE A 140 4.34 -7.50 -17.62
C ILE A 140 5.12 -8.65 -17.02
N LYS A 141 4.44 -9.47 -16.23
CA LYS A 141 5.05 -10.68 -15.67
C LYS A 141 5.75 -11.49 -16.75
N GLN A 142 4.98 -11.90 -17.77
CA GLN A 142 5.51 -12.76 -18.82
C GLN A 142 6.57 -12.04 -19.64
N ALA A 143 6.36 -10.75 -19.89
CA ALA A 143 7.24 -9.97 -20.74
C ALA A 143 8.65 -9.93 -20.17
N TRP A 144 8.75 -9.73 -18.85
CA TRP A 144 10.04 -9.63 -18.18
C TRP A 144 10.68 -10.99 -18.00
N GLU A 145 9.86 -11.98 -17.63
CA GLU A 145 10.35 -13.34 -17.40
C GLU A 145 10.88 -13.95 -18.68
N ALA A 146 10.38 -13.48 -19.82
CA ALA A 146 10.87 -13.91 -21.12
C ALA A 146 12.36 -13.62 -21.27
N ASN A 147 12.82 -12.53 -20.66
CA ASN A 147 14.17 -12.03 -20.89
C ASN A 147 15.17 -12.78 -20.01
N GLN A 148 16.07 -13.51 -20.66
CA GLN A 148 16.95 -14.45 -19.96
C GLN A 148 18.22 -13.74 -19.48
N HIS A 149 18.32 -12.45 -19.76
CA HIS A 149 19.49 -11.67 -19.38
C HIS A 149 19.14 -10.57 -18.39
N GLU A 150 17.84 -10.28 -18.27
CA GLU A 150 17.37 -9.25 -17.37
C GLU A 150 17.87 -9.49 -15.94
N LEU A 151 17.89 -10.77 -15.55
CA LEU A 151 18.38 -11.14 -14.22
C LEU A 151 19.81 -10.68 -14.00
N LEU A 152 20.67 -10.96 -14.96
CA LEU A 152 22.08 -10.59 -14.86
C LEU A 152 22.26 -9.07 -14.91
N TYR A 153 21.44 -8.41 -15.71
CA TYR A 153 21.44 -6.96 -15.77
C TYR A 153 21.17 -6.34 -14.41
N GLN A 154 20.09 -6.77 -13.77
CA GLN A 154 19.72 -6.26 -12.45
C GLN A 154 20.70 -6.72 -11.38
N LYS A 155 21.20 -7.95 -11.54
CA LYS A 155 22.21 -8.48 -10.63
C LYS A 155 23.41 -7.57 -10.54
N ASN A 156 23.98 -7.21 -11.69
CA ASN A 156 25.12 -6.31 -11.74
C ASN A 156 24.76 -4.92 -11.25
N TRP A 157 23.58 -4.44 -11.64
CA TRP A 157 23.10 -3.14 -11.22
C TRP A 157 23.22 -2.97 -9.70
N LEU A 158 22.81 -4.00 -8.97
CA LEU A 158 22.91 -3.98 -7.52
C LEU A 158 24.34 -4.28 -7.05
N GLU A 159 24.89 -5.38 -7.52
CA GLU A 159 26.09 -5.96 -6.91
C GLU A 159 27.33 -5.15 -7.27
N GLU A 160 27.32 -4.54 -8.45
CA GLU A 160 28.46 -3.78 -8.93
C GLU A 160 28.23 -2.28 -8.73
N GLU A 161 27.21 -1.75 -9.38
CA GLU A 161 27.03 -0.30 -9.48
C GLU A 161 26.62 0.29 -8.14
N CYS A 162 25.51 -0.20 -7.59
CA CYS A 162 24.89 0.41 -6.41
C CYS A 162 25.84 0.36 -5.21
N ILE A 163 26.42 -0.81 -4.96
CA ILE A 163 27.32 -0.99 -3.84
C ILE A 163 28.53 -0.08 -3.95
N ALA A 164 29.09 0.01 -5.15
CA ALA A 164 30.23 0.89 -5.39
C ALA A 164 29.89 2.33 -5.07
N TRP A 165 28.71 2.78 -5.49
CA TRP A 165 28.27 4.15 -5.25
C TRP A 165 28.04 4.39 -3.76
N LEU A 166 27.40 3.45 -3.10
CA LEU A 166 27.08 3.58 -1.68
C LEU A 166 28.34 3.77 -0.84
N LYS A 167 29.32 2.89 -1.04
CA LYS A 167 30.56 2.94 -0.28
C LYS A 167 31.29 4.26 -0.49
N ARG A 168 31.27 4.74 -1.73
CA ARG A 168 31.89 6.02 -2.06
C ARG A 168 31.15 7.17 -1.39
N PHE A 169 29.81 7.12 -1.42
CA PHE A 169 28.99 8.16 -0.81
C PHE A 169 29.22 8.23 0.68
N LEU A 170 29.32 7.08 1.33
CA LEU A 170 29.51 7.00 2.77
C LEU A 170 30.83 7.64 3.17
N GLU A 171 31.86 7.43 2.35
CA GLU A 171 33.16 8.06 2.57
C GLU A 171 33.07 9.57 2.37
N TYR A 172 32.49 9.98 1.25
CA TYR A 172 32.46 11.39 0.88
C TYR A 172 31.70 12.21 1.90
N GLY A 173 30.59 11.65 2.40
CA GLY A 173 29.74 12.36 3.35
C GLY A 173 29.84 11.74 4.74
N LYS A 174 30.96 11.12 5.02
CA LYS A 174 31.15 10.39 6.26
C LYS A 174 30.84 11.27 7.47
N ASP A 175 31.10 12.56 7.33
CA ASP A 175 30.99 13.49 8.45
C ASP A 175 29.55 13.69 8.87
N THR A 176 28.62 13.26 8.03
CA THR A 176 27.20 13.31 8.36
C THR A 176 26.59 11.92 8.34
N LEU A 177 26.83 11.18 7.26
CA LEU A 177 26.14 9.91 7.02
C LEU A 177 26.49 8.89 8.09
N GLN A 178 27.71 8.97 8.61
CA GLN A 178 28.18 8.01 9.62
C GLN A 178 28.44 8.71 10.95
N ARG A 179 27.77 9.85 11.16
CA ARG A 179 27.95 10.64 12.37
C ARG A 179 27.23 10.00 13.55
N THR A 180 27.79 10.16 14.74
CA THR A 180 27.11 9.77 15.97
C THR A 180 27.16 10.89 17.00
N GLU A 181 25.99 11.24 17.54
CA GLU A 181 25.90 12.31 18.53
C GLU A 181 24.94 11.94 19.65
N PRO A 182 25.27 12.38 20.86
CA PRO A 182 24.38 12.20 22.01
C PRO A 182 22.98 12.72 21.72
N PRO A 183 21.96 12.04 22.24
CA PRO A 183 20.58 12.47 22.06
C PRO A 183 20.25 13.63 22.98
N LYS A 184 19.26 14.42 22.58
CA LYS A 184 18.63 15.38 23.49
C LYS A 184 17.15 15.10 23.66
N VAL A 185 16.74 14.85 24.90
CA VAL A 185 15.38 14.39 25.18
C VAL A 185 14.81 15.09 26.40
N ARG A 186 13.54 15.48 26.33
CA ARG A 186 12.83 16.05 27.47
C ARG A 186 11.52 15.32 27.72
N VAL A 187 11.17 15.18 28.99
CA VAL A 187 9.92 14.51 29.36
C VAL A 187 9.03 15.43 30.19
N ASN A 188 7.73 15.44 29.88
CA ASN A 188 6.78 16.24 30.63
C ASN A 188 5.37 15.67 30.49
N HIS A 189 4.41 16.33 31.14
CA HIS A 189 3.02 15.91 31.07
C HIS A 189 2.17 16.92 30.30
N LYS A 190 1.04 16.46 29.78
CA LYS A 190 0.11 17.34 29.09
C LYS A 190 -1.33 17.07 29.52
N GLU A 191 -2.24 17.97 29.17
CA GLU A 191 -3.66 17.76 29.39
C GLU A 191 -4.41 17.60 28.09
N THR A 192 -5.29 16.61 28.03
CA THR A 192 -6.11 16.38 26.85
C THR A 192 -7.60 16.36 27.21
N PHE A 193 -7.91 15.76 28.35
CA PHE A 193 -9.30 15.52 28.74
C PHE A 193 -9.43 15.34 30.24
N PRO A 194 -10.39 16.04 30.83
CA PRO A 194 -10.60 15.98 32.27
C PRO A 194 -10.72 14.54 32.75
N GLY A 195 -10.01 14.21 33.82
CA GLY A 195 -10.10 12.88 34.43
C GLY A 195 -9.03 11.95 33.84
N ILE A 196 -8.44 12.36 32.72
CA ILE A 196 -7.47 11.52 32.02
C ILE A 196 -6.11 12.21 31.94
N THR A 197 -5.06 11.45 32.20
CA THR A 197 -3.70 12.00 32.21
C THR A 197 -2.97 11.67 30.92
N THR A 198 -2.31 12.68 30.35
CA THR A 198 -1.50 12.48 29.16
C THR A 198 -0.02 12.68 29.45
N LEU A 199 0.79 11.72 29.04
CA LEU A 199 2.25 11.86 29.13
C LEU A 199 2.86 12.13 27.76
N TYR A 200 3.93 12.91 27.74
CA TYR A 200 4.52 13.38 26.48
C TYR A 200 6.03 13.46 26.59
N CYS A 201 6.72 12.99 25.56
CA CYS A 201 8.18 13.04 25.52
C CYS A 201 8.68 13.49 24.15
N ARG A 202 9.67 14.38 24.14
CA ARG A 202 10.17 14.96 22.90
C ARG A 202 11.68 14.77 22.77
N ALA A 203 12.12 14.33 21.61
CA ALA A 203 13.52 13.98 21.40
C ALA A 203 14.03 14.54 20.07
N TYR A 204 15.31 14.90 20.04
CA TYR A 204 15.92 15.48 18.85
C TYR A 204 17.44 15.38 18.90
N GLY A 205 18.07 15.59 17.76
CA GLY A 205 19.47 16.01 17.73
C GLY A 205 20.40 14.80 17.74
N PHE A 206 19.81 13.61 17.75
CA PHE A 206 20.59 12.37 17.80
C PHE A 206 21.14 12.01 16.43
N TYR A 207 22.39 11.56 16.40
CA TYR A 207 22.94 10.90 15.22
C TYR A 207 23.38 9.47 15.55
N PRO A 208 23.15 8.56 14.61
CA PRO A 208 22.38 8.87 13.41
C PRO A 208 20.91 9.06 13.75
N PRO A 209 20.16 9.62 12.79
CA PRO A 209 18.76 9.95 13.01
C PRO A 209 17.89 8.70 13.00
N GLU A 210 18.11 7.82 13.97
CA GLU A 210 17.29 6.63 14.12
C GLU A 210 16.68 6.54 15.52
N ILE A 211 16.70 7.67 16.23
CA ILE A 211 16.24 7.70 17.61
C ILE A 211 14.79 7.26 17.73
N SER A 212 14.48 6.48 18.76
CA SER A 212 13.12 6.06 19.03
C SER A 212 12.78 6.20 20.51
N ILE A 213 11.60 6.75 20.79
CA ILE A 213 11.15 6.92 22.17
C ILE A 213 9.96 6.01 22.47
N ASN A 214 9.92 5.50 23.70
CA ASN A 214 8.81 4.66 24.14
C ASN A 214 8.58 4.79 25.63
N TRP A 215 7.52 4.16 26.12
CA TRP A 215 7.15 4.25 27.53
C TRP A 215 7.21 2.89 28.20
N MET A 216 7.47 2.89 29.51
CA MET A 216 7.67 1.65 30.25
C MET A 216 7.08 1.74 31.65
N LYS A 217 6.82 0.60 32.26
CA LYS A 217 6.50 0.53 33.68
C LYS A 217 7.41 -0.45 34.40
N ASN A 218 8.16 0.05 35.39
CA ASN A 218 9.11 -0.76 36.12
C ASN A 218 10.14 -1.38 35.18
N GLY A 219 10.43 -0.69 34.09
CA GLY A 219 11.47 -1.10 33.16
C GLY A 219 10.90 -1.89 31.99
N GLU A 220 9.66 -2.35 32.15
CA GLU A 220 9.02 -3.17 31.13
C GLU A 220 8.14 -2.33 30.21
N GLU A 221 8.34 -2.48 28.91
CA GLU A 221 7.58 -1.72 27.92
C GLU A 221 6.07 -1.92 28.12
N ILE A 222 5.33 -0.83 28.08
CA ILE A 222 3.88 -0.87 28.27
C ILE A 222 3.20 -1.62 27.13
N PHE A 223 2.09 -2.27 27.43
CA PHE A 223 1.43 -3.15 26.46
C PHE A 223 0.21 -2.47 25.86
N GLN A 224 -0.03 -1.23 26.26
CA GLN A 224 -1.13 -0.44 25.70
C GLN A 224 -0.67 0.36 24.49
N ASP A 225 -1.62 1.00 23.82
CA ASP A 225 -1.33 1.77 22.62
C ASP A 225 -0.61 3.07 22.96
N THR A 226 -0.01 3.69 21.96
CA THR A 226 0.77 4.91 22.16
C THR A 226 0.86 5.73 20.88
N ASP A 227 0.85 7.04 21.01
CA ASP A 227 0.98 7.94 19.87
C ASP A 227 2.44 8.16 19.50
N TYR A 228 2.76 7.92 18.23
CA TYR A 228 4.11 8.16 17.74
C TYR A 228 4.10 9.17 16.59
N GLY A 229 4.97 10.17 16.67
CA GLY A 229 5.07 11.19 15.63
C GLY A 229 5.92 10.73 14.47
N GLY A 230 6.65 9.64 14.68
CA GLY A 230 7.58 9.13 13.68
C GLY A 230 8.86 9.96 13.65
N ILE A 231 9.66 9.77 12.60
CA ILE A 231 10.94 10.47 12.47
C ILE A 231 10.82 11.69 11.58
N LEU A 232 10.98 12.87 12.17
CA LEU A 232 10.69 14.12 11.49
C LEU A 232 11.94 14.96 11.31
N PRO A 233 12.06 15.60 10.16
CA PRO A 233 13.20 16.47 9.87
C PRO A 233 13.13 17.76 10.68
N SER A 234 14.29 18.21 11.14
CA SER A 234 14.38 19.48 11.86
C SER A 234 14.66 20.64 10.90
N GLY A 235 15.41 20.36 9.85
CA GLY A 235 15.88 21.40 8.94
C GLY A 235 17.31 21.82 9.27
N ASP A 236 17.84 21.28 10.36
CA ASP A 236 19.20 21.59 10.78
C ASP A 236 20.17 20.48 10.37
N GLY A 237 19.75 19.68 9.40
CA GLY A 237 20.56 18.55 8.95
C GLY A 237 20.34 17.33 9.82
N THR A 238 19.46 17.45 10.80
CA THR A 238 19.16 16.36 11.71
C THR A 238 17.66 16.14 11.83
N TYR A 239 17.27 15.23 12.72
CA TYR A 239 15.88 14.79 12.81
C TYR A 239 15.39 14.81 14.25
N GLN A 240 14.08 14.68 14.43
CA GLN A 240 13.48 14.70 15.75
C GLN A 240 12.23 13.83 15.80
N THR A 241 11.79 13.48 17.00
CA THR A 241 10.60 12.65 17.18
C THR A 241 9.88 13.02 18.48
N TRP A 242 8.76 12.34 18.72
CA TRP A 242 8.01 12.54 19.96
C TRP A 242 6.97 11.44 20.16
N VAL A 243 6.59 11.20 21.41
CA VAL A 243 5.54 10.23 21.72
C VAL A 243 4.59 10.78 22.77
N SER A 244 3.40 10.19 22.84
CA SER A 244 2.46 10.48 23.90
C SER A 244 1.58 9.28 24.23
N VAL A 245 1.33 9.06 25.51
CA VAL A 245 0.56 7.90 25.96
C VAL A 245 -0.61 8.31 26.83
N GLU A 246 -1.76 7.68 26.61
CA GLU A 246 -2.96 7.98 27.37
C GLU A 246 -3.04 7.11 28.63
N LEU A 247 -3.16 7.76 29.78
CA LEU A 247 -3.23 7.04 31.05
C LEU A 247 -4.68 6.89 31.51
N ASP A 248 -5.14 5.65 31.61
CA ASP A 248 -6.54 5.38 31.92
C ASP A 248 -6.99 6.14 33.15
N PRO A 249 -8.19 6.72 33.09
CA PRO A 249 -8.71 7.53 34.17
C PRO A 249 -8.98 6.69 35.41
N GLN A 250 -9.05 5.37 35.23
CA GLN A 250 -9.33 4.46 36.32
C GLN A 250 -8.03 4.02 37.01
N ASN A 251 -6.91 4.47 36.48
CA ASN A 251 -5.61 4.12 37.04
C ASN A 251 -5.02 5.27 37.84
N GLY A 252 -3.92 5.00 38.53
CA GLY A 252 -3.15 6.05 39.20
C GLY A 252 -1.68 5.97 38.85
N ASP A 253 -1.29 4.90 38.16
CA ASP A 253 0.10 4.70 37.77
C ASP A 253 0.57 5.78 36.81
N ILE A 254 1.81 6.22 36.98
CA ILE A 254 2.47 7.09 36.01
C ILE A 254 3.59 6.36 35.30
N TYR A 255 3.57 6.38 33.97
CA TYR A 255 4.53 5.63 33.17
C TYR A 255 5.90 6.31 33.18
N SER A 256 6.95 5.50 33.08
CA SER A 256 8.30 6.03 32.83
C SER A 256 8.62 6.03 31.34
N CYS A 257 9.73 6.67 31.00
CA CYS A 257 10.10 6.83 29.60
C CYS A 257 11.57 6.45 29.37
N HIS A 258 11.85 5.89 28.20
CA HIS A 258 13.22 5.55 27.83
C HIS A 258 13.48 5.85 26.35
N VAL A 259 14.75 5.88 25.98
CA VAL A 259 15.14 6.11 24.59
C VAL A 259 15.92 4.94 24.02
N GLU A 260 15.59 4.54 22.80
CA GLU A 260 16.21 3.38 22.17
C GLU A 260 17.13 3.80 21.04
N HIS A 261 18.25 3.11 20.90
CA HIS A 261 19.18 3.33 19.79
C HIS A 261 19.63 2.02 19.17
N GLY A 262 18.67 1.26 18.66
CA GLY A 262 18.88 -0.17 18.40
C GLY A 262 19.12 -0.92 19.70
N GLY A 263 20.22 -1.66 19.76
CA GLY A 263 20.56 -2.45 20.94
C GLY A 263 20.80 -1.54 22.14
N VAL A 264 21.35 -0.35 21.89
CA VAL A 264 21.69 0.58 22.96
C VAL A 264 20.47 1.41 23.37
N HIS A 265 20.28 1.55 24.68
CA HIS A 265 19.15 2.30 25.20
C HIS A 265 19.51 2.99 26.51
N MET A 266 18.75 4.03 26.85
CA MET A 266 18.99 4.77 28.08
C MET A 266 17.69 5.08 28.81
N VAL A 267 17.78 5.22 30.13
CA VAL A 267 16.64 5.66 30.93
C VAL A 267 16.57 7.18 30.99
N LEU A 268 15.38 7.72 30.71
CA LEU A 268 15.21 9.17 30.60
C LEU A 268 14.83 9.78 31.94
N GLN A 269 15.35 10.97 32.22
CA GLN A 269 14.95 11.72 33.40
C GLN A 269 15.19 13.21 33.21
N GLY A 270 14.26 14.02 33.70
CA GLY A 270 14.41 15.47 33.65
C GLY A 270 13.33 16.10 32.77
N PHE A 271 13.00 17.35 33.05
CA PHE A 271 11.93 18.04 32.33
C PHE A 271 12.49 19.12 31.40
N GLN B 3 -5.34 9.71 -7.08
CA GLN B 3 -5.43 10.84 -6.16
C GLN B 3 -5.02 10.44 -4.76
N ARG B 4 -3.93 11.04 -4.26
CA ARG B 4 -3.47 10.80 -2.90
C ARG B 4 -3.22 12.11 -2.17
N PRO B 5 -4.19 12.55 -1.39
CA PRO B 5 -4.06 13.77 -0.60
C PRO B 5 -2.82 13.71 0.28
N PRO B 6 -2.29 14.89 0.63
CA PRO B 6 -1.05 14.97 1.39
C PRO B 6 -1.27 14.59 2.86
N LYS B 7 -0.26 14.00 3.48
CA LYS B 7 -0.22 13.87 4.93
C LYS B 7 0.60 14.98 5.57
N ILE B 8 -0.04 15.75 6.43
CA ILE B 8 0.54 17.00 6.93
C ILE B 8 0.80 16.93 8.43
N GLN B 9 2.06 17.08 8.82
CA GLN B 9 2.41 17.27 10.22
C GLN B 9 3.02 18.64 10.46
N VAL B 10 2.72 19.22 11.61
CA VAL B 10 3.24 20.54 11.96
C VAL B 10 3.92 20.51 13.33
N TYR B 11 5.11 21.11 13.40
CA TYR B 11 5.88 21.15 14.64
C TYR B 11 6.91 22.27 14.61
N SER B 12 7.60 22.46 15.73
CA SER B 12 8.69 23.41 15.80
C SER B 12 10.01 22.73 16.15
N ARG B 13 11.12 23.39 15.87
CA ARG B 13 12.44 22.85 16.16
C ARG B 13 12.72 22.86 17.65
N HIS B 14 12.11 23.81 18.36
CA HIS B 14 12.36 23.98 19.79
C HIS B 14 11.04 24.00 20.57
N PRO B 15 11.11 23.61 21.84
CA PRO B 15 9.95 23.66 22.72
C PRO B 15 9.29 25.04 22.69
N PRO B 16 8.01 25.09 23.03
CA PRO B 16 7.24 26.33 22.94
C PRO B 16 7.55 27.26 24.10
N GLU B 17 8.79 27.73 24.16
CA GLU B 17 9.20 28.68 25.19
C GLU B 17 8.97 30.11 24.73
N ASP B 18 8.01 30.77 25.37
CA ASP B 18 7.55 32.08 24.91
C ASP B 18 8.69 33.10 24.91
N GLY B 19 8.98 33.66 23.73
CA GLY B 19 9.97 34.72 23.62
C GLY B 19 11.29 34.19 23.07
N LYS B 20 11.43 32.87 23.08
CA LYS B 20 12.66 32.23 22.62
C LYS B 20 12.66 32.04 21.12
N PRO B 21 13.86 31.99 20.53
CA PRO B 21 14.00 31.66 19.12
C PRO B 21 13.36 30.31 18.81
N ASN B 22 12.80 30.19 17.60
CA ASN B 22 12.25 28.92 17.14
C ASN B 22 12.07 28.93 15.62
N TYR B 23 11.77 27.76 15.07
CA TYR B 23 11.45 27.66 13.64
C TYR B 23 10.21 26.79 13.42
N LEU B 24 9.33 27.25 12.55
CA LEU B 24 8.07 26.56 12.30
C LEU B 24 8.20 25.60 11.12
N ASN B 25 7.93 24.33 11.37
CA ASN B 25 8.18 23.28 10.38
C ASN B 25 6.88 22.69 9.85
N CYS B 26 6.70 22.76 8.54
CA CYS B 26 5.61 22.06 7.89
C CYS B 26 6.10 20.82 7.16
N TYR B 27 5.60 19.66 7.56
CA TYR B 27 6.12 18.38 7.07
C TYR B 27 5.05 17.62 6.28
N VAL B 28 5.27 17.50 4.98
CA VAL B 28 4.26 16.94 4.09
C VAL B 28 4.80 15.74 3.33
N TYR B 29 4.00 14.68 3.24
CA TYR B 29 4.39 13.47 2.53
C TYR B 29 3.18 12.66 2.11
N GLY B 30 3.40 11.66 1.26
CA GLY B 30 2.36 10.73 0.88
C GLY B 30 1.51 11.27 -0.26
N PHE B 31 1.91 12.42 -0.78
CA PHE B 31 1.13 13.12 -1.79
C PHE B 31 1.39 12.53 -3.18
N HIS B 32 0.35 12.52 -4.02
CA HIS B 32 0.49 12.15 -5.42
C HIS B 32 -0.41 12.99 -6.32
N PRO B 33 0.18 13.58 -7.35
CA PRO B 33 1.57 13.34 -7.68
C PRO B 33 2.50 14.04 -6.69
N PRO B 34 3.76 13.61 -6.66
CA PRO B 34 4.68 14.00 -5.61
C PRO B 34 5.28 15.38 -5.87
N GLN B 35 4.44 16.40 -5.80
CA GLN B 35 4.92 17.79 -5.75
C GLN B 35 3.80 18.74 -5.33
N ILE B 36 4.06 19.49 -4.27
CA ILE B 36 3.02 20.32 -3.65
C ILE B 36 3.60 21.62 -3.13
N GLU B 37 2.77 22.67 -3.12
CA GLU B 37 3.20 23.97 -2.60
C GLU B 37 2.92 24.08 -1.11
N ILE B 38 3.92 24.54 -0.36
CA ILE B 38 3.80 24.67 1.08
C ILE B 38 4.11 26.10 1.53
N ASP B 39 3.19 26.70 2.27
CA ASP B 39 3.43 27.98 2.92
C ASP B 39 3.44 27.84 4.43
N LEU B 40 4.09 28.79 5.10
CA LEU B 40 3.95 28.94 6.55
C LEU B 40 3.21 30.22 6.91
N LEU B 41 2.36 30.14 7.92
CA LEU B 41 1.54 31.28 8.32
C LEU B 41 1.92 31.80 9.69
N LYS B 42 1.79 33.11 9.88
CA LYS B 42 1.71 33.68 11.22
C LYS B 42 0.42 34.48 11.40
N ASN B 43 -0.44 34.01 12.31
CA ASN B 43 -1.76 34.60 12.48
C ASN B 43 -2.48 34.74 11.15
N GLY B 44 -2.29 33.75 10.28
CA GLY B 44 -3.07 33.65 9.06
C GLY B 44 -2.32 34.24 7.86
N GLU B 45 -1.31 35.05 8.16
CA GLU B 45 -0.56 35.73 7.12
C GLU B 45 0.70 34.95 6.75
N LYS B 46 0.96 34.85 5.44
CA LYS B 46 2.10 34.08 4.94
C LYS B 46 3.41 34.73 5.36
N ILE B 47 4.36 33.91 5.79
CA ILE B 47 5.72 34.36 6.06
C ILE B 47 6.72 33.70 5.14
N LYS B 48 7.81 34.40 4.85
CA LYS B 48 8.88 33.86 4.02
C LYS B 48 9.45 32.57 4.62
N SER B 49 9.59 31.55 3.78
CA SER B 49 10.09 30.25 4.23
C SER B 49 10.94 29.59 3.16
N GLU B 50 11.72 28.60 3.57
CA GLU B 50 12.46 27.76 2.62
C GLU B 50 11.84 26.37 2.52
N GLN B 51 12.14 25.68 1.43
CA GLN B 51 11.67 24.30 1.24
C GLN B 51 12.84 23.35 1.06
N SER B 52 12.72 22.15 1.62
CA SER B 52 13.78 21.16 1.57
C SER B 52 13.75 20.37 0.27
N ASP B 53 14.72 19.48 0.11
CA ASP B 53 14.65 18.47 -0.94
C ASP B 53 13.48 17.52 -0.73
N LEU B 54 13.18 16.72 -1.75
CA LEU B 54 12.10 15.76 -1.67
C LEU B 54 12.63 14.34 -1.53
N SER B 55 12.52 13.78 -0.33
CA SER B 55 13.05 12.45 -0.05
C SER B 55 12.00 11.37 -0.30
N PHE B 56 12.38 10.35 -1.05
CA PHE B 56 11.44 9.31 -1.47
C PHE B 56 10.80 8.64 -0.27
N SER B 57 9.47 8.50 -0.31
CA SER B 57 8.75 7.80 0.74
C SER B 57 8.34 6.39 0.31
N LYS B 58 8.28 5.47 1.25
CA LYS B 58 7.84 4.12 0.99
C LYS B 58 6.42 4.09 0.42
N ASP B 59 5.70 5.18 0.61
CA ASP B 59 4.36 5.32 0.05
C ASP B 59 4.41 5.87 -1.37
N TRP B 60 5.56 5.73 -2.02
CA TRP B 60 5.74 6.21 -3.38
C TRP B 60 5.49 7.71 -3.47
N SER B 61 6.15 8.47 -2.60
CA SER B 61 5.94 9.91 -2.54
C SER B 61 7.20 10.62 -2.07
N PHE B 62 7.04 11.81 -1.51
CA PHE B 62 8.16 12.59 -1.01
C PHE B 62 8.05 12.82 0.50
N TYR B 63 9.18 13.12 1.12
CA TYR B 63 9.18 13.86 2.38
C TYR B 63 9.71 15.28 2.19
N LEU B 64 8.83 16.26 2.37
CA LEU B 64 9.17 17.65 2.09
C LEU B 64 8.94 18.53 3.32
N LEU B 65 9.98 19.27 3.71
CA LEU B 65 9.89 20.18 4.83
C LEU B 65 9.95 21.64 4.37
N SER B 66 9.09 22.47 4.94
CA SER B 66 9.25 23.92 4.86
C SER B 66 9.42 24.52 6.25
N HIS B 67 10.36 25.45 6.36
CA HIS B 67 10.75 26.00 7.66
C HIS B 67 10.93 27.51 7.60
N ALA B 68 10.59 28.18 8.69
CA ALA B 68 10.90 29.60 8.84
C ALA B 68 11.01 29.98 10.31
N GLU B 69 11.75 31.05 10.59
CA GLU B 69 11.95 31.52 11.95
C GLU B 69 10.67 32.13 12.51
N PHE B 70 10.38 31.84 13.78
CA PHE B 70 9.31 32.51 14.49
C PHE B 70 9.57 32.52 16.00
N THR B 71 8.80 33.33 16.71
CA THR B 71 8.88 33.38 18.17
C THR B 71 7.59 32.89 18.80
N PRO B 72 7.66 31.77 19.51
CA PRO B 72 6.51 31.24 20.24
C PRO B 72 5.91 32.28 21.17
N ASN B 73 4.59 32.28 21.27
CA ASN B 73 3.89 33.28 22.07
C ASN B 73 2.67 32.68 22.76
N SER B 74 2.39 33.16 23.96
CA SER B 74 1.20 32.72 24.71
C SER B 74 -0.07 32.99 23.93
N LYS B 75 -0.09 34.11 23.21
CA LYS B 75 -1.33 34.60 22.59
C LYS B 75 -1.33 34.31 21.10
N ASP B 76 -0.30 34.80 20.40
CA ASP B 76 -0.26 34.74 18.94
C ASP B 76 -0.29 33.31 18.44
N GLN B 77 -0.98 33.08 17.33
CA GLN B 77 -1.15 31.74 16.78
C GLN B 77 -0.22 31.50 15.60
N TYR B 78 0.23 30.26 15.46
CA TYR B 78 1.04 29.86 14.32
C TYR B 78 0.49 28.61 13.64
N SER B 79 0.59 28.57 12.32
CA SER B 79 0.01 27.48 11.54
C SER B 79 0.70 27.32 10.20
N CYS B 80 0.42 26.21 9.52
CA CYS B 80 1.00 25.96 8.21
C CYS B 80 -0.09 25.76 7.15
N ARG B 81 0.26 26.02 5.90
CA ARG B 81 -0.70 25.94 4.81
C ARG B 81 -0.16 25.11 3.65
N VAL B 82 -0.93 24.09 3.26
CA VAL B 82 -0.50 23.19 2.18
C VAL B 82 -1.55 23.13 1.08
N LYS B 83 -1.17 23.55 -0.11
CA LYS B 83 -2.11 23.73 -1.21
C LYS B 83 -2.07 22.55 -2.18
N HIS B 84 -3.20 21.86 -2.32
CA HIS B 84 -3.33 20.80 -3.31
C HIS B 84 -3.20 21.36 -4.72
N VAL B 85 -2.53 20.61 -5.59
CA VAL B 85 -2.23 21.07 -6.94
C VAL B 85 -3.49 21.57 -7.65
N THR B 86 -4.57 20.81 -7.50
CA THR B 86 -5.72 20.95 -8.38
C THR B 86 -6.86 21.71 -7.71
N LEU B 87 -6.62 22.15 -6.48
CA LEU B 87 -7.64 22.81 -5.69
C LEU B 87 -7.30 24.27 -5.45
N GLU B 88 -8.33 25.10 -5.28
CA GLU B 88 -8.15 26.51 -4.98
C GLU B 88 -8.27 26.78 -3.48
N GLN B 89 -8.42 25.71 -2.71
CA GLN B 89 -8.62 25.83 -1.27
C GLN B 89 -7.55 25.08 -0.50
N PRO B 90 -6.51 25.80 -0.06
CA PRO B 90 -5.43 25.20 0.70
C PRO B 90 -5.95 24.61 2.01
N ARG B 91 -5.23 23.61 2.52
CA ARG B 91 -5.53 23.04 3.83
C ARG B 91 -4.72 23.72 4.92
N ILE B 92 -5.35 23.93 6.07
CA ILE B 92 -4.70 24.61 7.18
C ILE B 92 -4.47 23.66 8.36
N VAL B 93 -3.23 23.56 8.80
CA VAL B 93 -2.89 22.74 9.95
C VAL B 93 -2.09 23.53 10.98
N LYS B 94 -2.60 23.58 12.21
CA LYS B 94 -2.08 24.50 13.22
C LYS B 94 -0.89 23.90 13.96
N TRP B 95 -0.06 24.76 14.53
CA TRP B 95 1.01 24.32 15.43
C TRP B 95 0.46 23.98 16.81
N ASP B 96 0.71 22.76 17.25
CA ASP B 96 0.12 22.25 18.48
C ASP B 96 1.06 22.46 19.66
N ARG B 97 2.13 23.21 19.44
CA ARG B 97 3.06 23.57 20.51
C ARG B 97 3.72 22.34 21.11
N ASP B 98 3.81 21.28 20.31
CA ASP B 98 4.69 20.16 20.61
C ASP B 98 4.64 19.81 22.10
N LEU B 99 5.76 20.00 22.78
CA LEU B 99 5.88 19.61 24.18
C LEU B 99 5.17 20.60 25.09
N PRO C 2 -13.99 -26.46 3.32
CA PRO C 2 -14.92 -26.84 2.27
C PRO C 2 -15.43 -28.27 2.48
N HIS C 3 -16.68 -28.50 2.13
CA HIS C 3 -17.35 -29.77 2.42
C HIS C 3 -18.53 -30.00 1.49
N PRO C 4 -18.68 -31.24 1.03
CA PRO C 4 -19.83 -31.61 0.21
C PRO C 4 -21.13 -31.21 0.88
N ALA C 5 -22.14 -30.90 0.07
CA ALA C 5 -23.46 -30.59 0.58
C ALA C 5 -24.06 -31.76 1.36
N GLU C 6 -24.77 -31.46 2.43
CA GLU C 6 -25.45 -32.49 3.21
C GLU C 6 -26.63 -33.09 2.45
N GLY C 7 -27.26 -32.27 1.61
CA GLY C 7 -28.44 -32.69 0.89
C GLY C 7 -28.09 -33.21 -0.49
N GLN C 8 -29.09 -33.27 -1.37
CA GLN C 8 -28.91 -33.82 -2.72
C GLN C 8 -28.21 -32.80 -3.62
N TRP C 9 -27.39 -33.30 -4.54
CA TRP C 9 -26.70 -32.46 -5.50
C TRP C 9 -26.42 -33.21 -6.79
N ARG C 10 -26.14 -32.45 -7.85
CA ARG C 10 -25.72 -33.05 -9.12
C ARG C 10 -24.61 -32.25 -9.77
N ALA C 11 -23.66 -32.94 -10.39
CA ALA C 11 -22.62 -32.29 -11.17
C ALA C 11 -23.07 -32.04 -12.60
N VAL C 12 -22.90 -30.79 -13.05
CA VAL C 12 -23.29 -30.41 -14.40
C VAL C 12 -22.18 -29.65 -15.10
N ASP C 13 -22.31 -29.46 -16.40
CA ASP C 13 -21.39 -28.63 -17.17
C ASP C 13 -21.92 -27.21 -17.34
N VAL C 14 -21.06 -26.23 -17.11
CA VAL C 14 -21.39 -24.84 -17.42
C VAL C 14 -20.37 -24.24 -18.38
N VAL C 15 -20.72 -23.09 -18.96
CA VAL C 15 -19.89 -22.48 -19.99
C VAL C 15 -19.58 -21.03 -19.66
N LEU C 16 -18.53 -20.50 -20.28
CA LEU C 16 -18.25 -19.07 -20.24
C LEU C 16 -17.51 -18.62 -21.48
N ASP C 17 -18.03 -17.60 -22.15
CA ASP C 17 -17.34 -16.98 -23.28
C ASP C 17 -16.27 -16.01 -22.81
N CYS C 18 -15.03 -16.25 -23.24
CA CYS C 18 -13.87 -15.70 -22.55
C CYS C 18 -13.02 -14.86 -23.50
N PHE C 19 -12.16 -14.02 -22.92
CA PHE C 19 -11.30 -13.14 -23.72
C PHE C 19 -10.04 -13.86 -24.16
N LEU C 20 -9.63 -13.61 -25.40
CA LEU C 20 -8.42 -14.22 -25.94
C LEU C 20 -7.82 -13.37 -27.05
N VAL C 21 -6.50 -13.29 -27.09
CA VAL C 21 -5.80 -12.43 -28.03
C VAL C 21 -4.90 -13.24 -28.95
N LYS C 22 -4.97 -12.96 -30.25
CA LYS C 22 -4.05 -13.56 -31.22
C LYS C 22 -2.67 -12.93 -31.11
N ASP C 23 -1.64 -13.77 -31.25
CA ASP C 23 -0.26 -13.30 -31.16
C ASP C 23 0.00 -12.17 -32.16
N GLY C 24 0.57 -11.08 -31.66
CA GLY C 24 0.98 -9.98 -32.53
C GLY C 24 -0.19 -9.08 -32.87
N ALA C 25 -1.33 -9.32 -32.24
CA ALA C 25 -2.54 -8.55 -32.49
C ALA C 25 -2.33 -7.08 -32.17
N HIS C 26 -1.54 -6.80 -31.14
CA HIS C 26 -1.36 -5.45 -30.63
C HIS C 26 0.10 -5.12 -30.40
N ARG C 27 0.55 -3.98 -30.92
CA ARG C 27 1.89 -3.50 -30.67
C ARG C 27 1.89 -2.05 -30.20
N GLY C 28 0.70 -1.52 -29.94
CA GLY C 28 0.54 -0.11 -29.62
C GLY C 28 0.62 0.14 -28.12
N ALA C 29 0.92 -0.91 -27.37
CA ALA C 29 0.93 -0.83 -25.91
C ALA C 29 1.88 -1.87 -25.31
CAC 3X9 C 30 10.18 -1.92 -20.89
CAS 3X9 C 30 9.43 -2.60 -22.07
CAD 3X9 C 30 9.45 -1.71 -23.33
NAQ 3X9 C 30 10.11 -3.90 -22.36
OAH 3X9 C 30 11.23 -3.95 -22.99
CAR 3X9 C 30 9.29 -5.13 -22.12
CAA 3X9 C 30 9.93 -5.95 -20.99
CAB 3X9 C 30 9.15 -5.93 -23.44
CAI 3X9 C 30 8.02 -4.47 -21.72
CAO 3X9 C 30 8.07 -3.14 -21.69
CAJ 3X9 C 30 6.94 -2.20 -21.33
SAL 3X9 C 30 6.06 -1.53 -22.78
N 3X9 C 30 2.11 -1.75 -24.01
CA 3X9 C 30 2.84 -2.77 -23.28
CB 3X9 C 30 3.27 -2.22 -21.88
SG 3X9 C 30 4.39 -0.79 -21.90
C 3X9 C 30 1.96 -3.97 -22.97
O 3X9 C 30 2.46 -5.03 -22.56
H1 3X9 C 30 11.24 -1.72 -21.17
H2 3X9 C 30 9.70 -0.95 -20.64
H3 3X9 C 30 10.17 -2.56 -19.98
H4 3X9 C 30 10.51 -1.49 -23.63
H5 3X9 C 30 8.95 -2.22 -24.18
H6 3X9 C 30 8.96 -0.75 -23.13
H7 3X9 C 30 10.95 -6.27 -21.28
H8 3X9 C 30 10.01 -5.36 -20.05
H9 3X9 C 30 9.33 -6.86 -20.78
H10 3X9 C 30 10.14 -6.29 -23.77
H11 3X9 C 30 8.49 -6.80 -23.28
H12 3X9 C 30 8.72 -5.29 -24.24
H13 3X9 C 30 7.17 -5.13 -21.49
H16 3X9 C 30 7.32 -1.36 -20.72
H17 3X9 C 30 6.21 -2.73 -20.69
H 3X9 C 30 1.75 -0.98 -23.48
HA 3X9 C 30 3.70 -3.11 -23.83
HB2 3X9 C 30 2.39 -1.95 -21.28
HB3 3X9 C 30 3.79 -3.03 -21.32
N ALA C 31 0.66 -3.82 -23.19
CA ALA C 31 -0.29 -4.88 -22.90
C ALA C 31 -0.36 -5.89 -24.04
N SER C 32 -0.66 -7.14 -23.70
CA SER C 32 -0.97 -8.15 -24.70
C SER C 32 -2.40 -8.62 -24.59
N SER C 33 -3.22 -7.88 -23.85
CA SER C 33 -4.58 -8.30 -23.55
C SER C 33 -5.59 -7.47 -24.33
N GLU C 34 -6.78 -8.02 -24.52
CA GLU C 34 -7.89 -7.28 -25.12
C GLU C 34 -9.23 -7.78 -24.59
N ASP C 35 -10.13 -6.84 -24.32
CA ASP C 35 -11.46 -7.17 -23.83
C ASP C 35 -12.36 -7.63 -24.96
N ARG C 36 -11.99 -8.71 -25.63
CA ARG C 36 -12.74 -9.22 -26.76
C ARG C 36 -12.72 -10.75 -26.79
N ALA C 37 -13.90 -11.35 -26.94
CA ALA C 37 -14.03 -12.80 -26.84
C ALA C 37 -13.74 -13.46 -28.18
N ARG C 38 -12.74 -14.34 -28.18
CA ARG C 38 -12.45 -15.18 -29.35
C ARG C 38 -12.52 -16.66 -28.99
N ALA C 39 -12.99 -16.95 -27.78
CA ALA C 39 -12.86 -18.29 -27.22
C ALA C 39 -13.91 -18.52 -26.14
N SER C 40 -14.05 -19.78 -25.74
CA SER C 40 -14.99 -20.14 -24.68
C SER C 40 -14.50 -21.36 -23.89
N LEU C 41 -14.86 -21.41 -22.61
CA LEU C 41 -14.48 -22.53 -21.77
C LEU C 41 -15.70 -23.37 -21.39
N VAL C 42 -15.46 -24.64 -21.09
CA VAL C 42 -16.41 -25.43 -20.31
C VAL C 42 -15.86 -25.74 -18.93
N LEU C 43 -16.67 -25.48 -17.90
CA LEU C 43 -16.25 -25.69 -16.52
C LEU C 43 -17.25 -26.58 -15.78
N LYS C 44 -16.78 -27.18 -14.68
CA LYS C 44 -17.65 -28.00 -13.84
C LYS C 44 -18.30 -27.18 -12.74
N GLN C 45 -19.59 -27.42 -12.53
CA GLN C 45 -20.27 -26.90 -11.34
C GLN C 45 -21.20 -27.96 -10.74
N VAL C 46 -21.49 -27.82 -9.45
CA VAL C 46 -22.30 -28.80 -8.74
C VAL C 46 -23.45 -28.14 -8.00
N PRO C 47 -24.51 -27.82 -8.73
CA PRO C 47 -25.73 -27.28 -8.12
C PRO C 47 -26.20 -28.14 -6.96
N VAL C 48 -26.51 -27.51 -5.84
CA VAL C 48 -27.06 -28.20 -4.68
C VAL C 48 -28.59 -28.13 -4.68
N LEU C 49 -29.23 -29.29 -4.58
CA LEU C 49 -30.68 -29.37 -4.64
C LEU C 49 -31.30 -29.52 -3.26
N ASP C 50 -30.45 -29.75 -2.27
CA ASP C 50 -30.91 -29.83 -0.88
C ASP C 50 -32.00 -30.87 -0.72
N ASP C 51 -33.24 -30.41 -0.56
CA ASP C 51 -34.37 -31.30 -0.32
C ASP C 51 -34.57 -32.24 -1.51
N GLY C 52 -34.08 -31.84 -2.67
CA GLY C 52 -34.22 -32.65 -3.87
C GLY C 52 -35.58 -32.43 -4.54
N SER C 53 -36.11 -31.22 -4.39
CA SER C 53 -37.41 -30.88 -4.95
C SER C 53 -37.42 -31.00 -6.46
N LEU C 54 -36.23 -30.95 -7.05
CA LEU C 54 -36.09 -31.09 -8.50
C LEU C 54 -35.58 -32.48 -8.87
N GLU C 55 -35.59 -33.39 -7.89
CA GLU C 55 -35.04 -34.72 -8.08
C GLU C 55 -33.58 -34.66 -8.55
N ASP C 56 -33.36 -35.04 -9.80
CA ASP C 56 -32.01 -35.08 -10.35
C ASP C 56 -31.78 -33.94 -11.33
N PHE C 57 -32.70 -32.99 -11.34
CA PHE C 57 -32.64 -31.87 -12.27
C PHE C 57 -32.22 -30.59 -11.57
N THR C 58 -31.79 -29.60 -12.35
CA THR C 58 -31.42 -28.29 -11.81
C THR C 58 -31.83 -27.18 -12.75
N ASP C 59 -31.44 -25.95 -12.42
CA ASP C 59 -31.96 -24.77 -13.10
C ASP C 59 -30.89 -24.14 -13.99
N PHE C 60 -29.95 -24.95 -14.45
CA PHE C 60 -28.81 -24.46 -15.23
C PHE C 60 -28.63 -25.28 -16.50
N GLN C 61 -28.06 -24.65 -17.52
CA GLN C 61 -27.78 -25.33 -18.78
C GLN C 61 -26.57 -24.71 -19.48
N GLY C 62 -25.86 -25.53 -20.24
CA GLY C 62 -24.68 -25.06 -20.96
C GLY C 62 -25.03 -24.66 -22.39
N GLY C 63 -24.04 -24.70 -23.28
CA GLY C 63 -24.21 -24.23 -24.64
C GLY C 63 -23.67 -22.83 -24.82
N THR C 64 -23.04 -22.58 -25.95
CA THR C 64 -22.36 -21.31 -26.19
C THR C 64 -23.29 -20.13 -25.95
N LEU C 65 -22.82 -19.15 -25.19
CA LEU C 65 -23.62 -17.98 -24.83
C LEU C 65 -23.75 -17.02 -26.00
N ALA C 66 -22.63 -16.77 -26.68
CA ALA C 66 -22.64 -15.99 -27.91
C ALA C 66 -23.44 -16.68 -28.99
N GLN C 67 -23.99 -15.89 -29.91
CA GLN C 67 -24.74 -16.44 -31.04
C GLN C 67 -23.85 -17.29 -31.92
N ASP C 68 -22.59 -16.88 -32.07
CA ASP C 68 -21.64 -17.59 -32.92
C ASP C 68 -20.70 -18.45 -32.08
N ASP C 69 -20.38 -19.64 -32.59
CA ASP C 69 -19.38 -20.50 -31.96
C ASP C 69 -17.97 -20.07 -32.34
N PRO C 70 -17.14 -19.81 -31.34
CA PRO C 70 -15.76 -19.42 -31.57
C PRO C 70 -14.92 -20.61 -32.03
N PRO C 71 -13.80 -20.32 -32.69
CA PRO C 71 -12.91 -21.36 -33.18
C PRO C 71 -12.08 -21.95 -32.05
N ILE C 72 -12.18 -21.36 -30.87
CA ILE C 72 -11.44 -21.82 -29.70
C ILE C 72 -12.38 -22.20 -28.57
N ILE C 73 -12.65 -23.49 -28.43
CA ILE C 73 -13.47 -23.99 -27.33
C ILE C 73 -12.75 -25.11 -26.58
N PHE C 74 -12.61 -24.93 -25.26
CA PHE C 74 -11.94 -25.92 -24.43
C PHE C 74 -12.95 -26.74 -23.63
N GLU C 75 -13.44 -27.82 -24.24
CA GLU C 75 -14.39 -28.70 -23.57
C GLU C 75 -13.68 -29.66 -22.64
N ALA C 76 -13.17 -29.14 -21.52
CA ALA C 76 -12.22 -29.87 -20.71
C ALA C 76 -12.90 -30.97 -19.91
N SER C 77 -12.19 -32.08 -19.71
CA SER C 77 -12.54 -33.04 -18.67
C SER C 77 -11.74 -32.79 -17.39
N VAL C 78 -12.46 -32.44 -16.33
CA VAL C 78 -11.81 -32.01 -15.08
C VAL C 78 -11.84 -33.12 -14.04
N ASP C 79 -10.65 -33.57 -13.63
CA ASP C 79 -10.52 -34.70 -12.72
C ASP C 79 -10.21 -34.23 -11.31
N LEU C 80 -10.54 -32.98 -11.01
CA LEU C 80 -10.14 -32.36 -9.75
C LEU C 80 -11.34 -32.10 -8.86
N VAL C 81 -11.08 -31.85 -7.58
CA VAL C 81 -12.15 -31.62 -6.62
C VAL C 81 -12.68 -30.19 -6.72
N GLN C 82 -13.99 -30.06 -6.94
CA GLN C 82 -14.59 -28.76 -7.20
C GLN C 82 -15.35 -28.25 -5.99
N ILE C 83 -15.20 -28.96 -4.87
CA ILE C 83 -16.05 -28.72 -3.69
C ILE C 83 -15.93 -27.29 -3.21
N PRO C 84 -14.70 -26.77 -3.19
CA PRO C 84 -14.45 -25.40 -2.77
C PRO C 84 -15.21 -24.40 -3.65
N GLN C 85 -15.55 -24.84 -4.85
CA GLN C 85 -16.16 -23.95 -5.84
C GLN C 85 -17.43 -24.58 -6.44
N ALA C 86 -18.10 -25.41 -5.66
CA ALA C 86 -19.24 -26.17 -6.14
C ALA C 86 -20.25 -25.27 -6.83
N GLU C 87 -20.47 -24.09 -6.26
CA GLU C 87 -21.44 -23.15 -6.79
C GLU C 87 -20.82 -21.80 -7.07
N ALA C 88 -19.51 -21.79 -7.33
CA ALA C 88 -18.76 -20.56 -7.45
C ALA C 88 -19.31 -19.68 -8.57
N LEU C 89 -19.65 -20.31 -9.70
CA LEU C 89 -20.14 -19.58 -10.86
C LEU C 89 -21.66 -19.57 -10.88
N LEU C 90 -22.27 -20.61 -10.33
CA LEU C 90 -23.72 -20.71 -10.28
C LEU C 90 -24.35 -19.53 -9.55
N HIS C 91 -23.69 -19.09 -8.48
CA HIS C 91 -24.16 -17.94 -7.72
C HIS C 91 -24.18 -16.68 -8.56
N ALA C 92 -23.17 -16.52 -9.40
CA ALA C 92 -23.08 -15.37 -10.29
C ALA C 92 -24.24 -15.35 -11.28
N ASP C 93 -24.55 -16.51 -11.85
CA ASP C 93 -25.65 -16.64 -12.79
C ASP C 93 -26.99 -16.33 -12.12
N CYS C 94 -27.14 -16.79 -10.87
CA CYS C 94 -28.35 -16.56 -10.11
C CYS C 94 -28.46 -15.09 -9.69
N SER C 95 -27.33 -14.48 -9.40
CA SER C 95 -27.30 -13.10 -8.94
C SER C 95 -27.32 -12.13 -10.12
N GLY C 96 -27.04 -12.65 -11.31
CA GLY C 96 -27.05 -11.84 -12.52
C GLY C 96 -25.76 -11.04 -12.67
N LYS C 97 -24.70 -11.52 -12.02
CA LYS C 97 -23.42 -10.83 -12.04
C LYS C 97 -22.67 -11.12 -13.34
N GLU C 98 -21.94 -10.13 -13.84
CA GLU C 98 -21.02 -10.33 -14.95
C GLU C 98 -19.86 -11.22 -14.55
N VAL C 99 -19.52 -12.17 -15.42
CA VAL C 99 -18.35 -13.02 -15.21
C VAL C 99 -17.39 -12.91 -16.39
N THR C 100 -16.11 -12.73 -16.09
CA THR C 100 -15.10 -12.51 -17.12
C THR C 100 -13.99 -13.55 -17.03
N CYS C 101 -13.13 -13.59 -18.05
CA CYS C 101 -12.04 -14.55 -18.10
C CYS C 101 -11.04 -14.20 -19.20
N GLU C 102 -9.78 -14.53 -18.96
CA GLU C 102 -8.77 -14.49 -20.01
C GLU C 102 -8.15 -15.87 -20.22
N ILE C 103 -7.96 -16.24 -21.48
CA ILE C 103 -7.35 -17.52 -21.82
C ILE C 103 -5.96 -17.34 -22.39
N SER C 104 -5.02 -18.16 -21.93
CA SER C 104 -3.66 -18.15 -22.45
C SER C 104 -3.09 -19.56 -22.53
N ARG C 105 -1.77 -19.65 -22.69
CA ARG C 105 -1.10 -20.93 -22.86
C ARG C 105 0.36 -20.86 -22.41
N TYR C 106 1.00 -22.01 -22.33
CA TYR C 106 2.37 -22.08 -21.82
C TYR C 106 3.38 -22.14 -22.96
N PHE C 107 2.90 -21.93 -24.18
CA PHE C 107 3.76 -21.90 -25.35
C PHE C 107 3.63 -20.59 -26.11
N LEU C 108 4.44 -19.61 -25.73
CA LEU C 108 4.20 -18.21 -26.11
C LEU C 108 5.39 -17.62 -26.84
N GLN C 109 5.20 -16.43 -27.41
CA GLN C 109 6.31 -15.59 -27.83
C GLN C 109 7.14 -15.15 -26.64
N MET C 110 6.50 -15.01 -25.49
CA MET C 110 7.19 -14.63 -24.26
C MET C 110 7.70 -15.86 -23.51
N THR C 111 7.30 -17.04 -23.98
CA THR C 111 7.72 -18.29 -23.35
C THR C 111 8.25 -19.27 -24.40
N GLU C 112 9.57 -19.32 -24.52
CA GLU C 112 10.20 -20.12 -25.57
C GLU C 112 9.97 -21.61 -25.33
N THR C 113 9.75 -21.98 -24.08
CA THR C 113 9.57 -23.39 -23.72
C THR C 113 8.43 -24.01 -24.51
N THR C 114 8.72 -25.15 -25.13
CA THR C 114 7.73 -25.85 -25.95
C THR C 114 6.84 -26.74 -25.08
N VAL C 115 5.75 -27.23 -25.68
CA VAL C 115 4.84 -28.13 -24.98
C VAL C 115 4.67 -29.44 -25.73
N LYS C 116 4.59 -29.35 -27.05
CA LYS C 116 4.71 -30.52 -27.91
C LYS C 116 4.30 -31.78 -27.17
N THR C 117 2.99 -31.97 -27.00
CA THR C 117 2.44 -33.29 -26.74
C THR C 117 2.74 -33.75 -25.31
N ALA C 118 2.21 -33.01 -24.34
CA ALA C 118 0.89 -32.43 -24.46
C ALA C 118 0.97 -30.91 -24.58
N ALA C 119 0.01 -30.32 -25.29
CA ALA C 119 -0.10 -28.88 -25.38
C ALA C 119 -0.80 -28.30 -24.17
N TRP C 120 -0.08 -27.49 -23.39
CA TRP C 120 -0.58 -27.02 -22.10
C TRP C 120 -1.25 -25.66 -22.25
N PHE C 121 -2.45 -25.53 -21.71
CA PHE C 121 -3.18 -24.27 -21.74
C PHE C 121 -3.61 -23.84 -20.34
N MET C 122 -3.89 -22.55 -20.17
CA MET C 122 -4.36 -22.03 -18.90
C MET C 122 -5.39 -20.94 -19.11
N ALA C 123 -6.27 -20.76 -18.12
CA ALA C 123 -7.28 -19.70 -18.16
C ALA C 123 -7.69 -19.28 -16.76
N ASN C 124 -8.08 -18.02 -16.62
CA ASN C 124 -8.49 -17.49 -15.32
C ASN C 124 -9.93 -16.97 -15.37
N VAL C 125 -10.82 -17.67 -14.68
CA VAL C 125 -12.22 -17.28 -14.62
C VAL C 125 -12.54 -16.58 -13.30
N GLN C 126 -13.08 -15.36 -13.41
CA GLN C 126 -13.30 -14.53 -12.24
C GLN C 126 -14.67 -13.87 -12.28
N VAL C 127 -15.40 -13.94 -11.17
CA VAL C 127 -16.69 -13.28 -11.05
C VAL C 127 -16.53 -11.83 -10.62
N SER C 128 -17.22 -10.93 -11.30
CA SER C 128 -17.11 -9.50 -11.02
C SER C 128 -17.58 -9.18 -9.60
N GLY C 129 -17.12 -8.05 -9.08
CA GLY C 129 -17.47 -7.63 -7.73
C GLY C 129 -16.55 -8.28 -6.70
N GLY C 130 -15.46 -8.88 -7.17
CA GLY C 130 -14.52 -9.54 -6.29
C GLY C 130 -15.04 -10.90 -5.85
N GLY C 131 -15.78 -11.57 -6.73
CA GLY C 131 -16.40 -12.84 -6.40
C GLY C 131 -15.42 -14.00 -6.55
N PRO C 132 -15.95 -15.22 -6.57
CA PRO C 132 -15.12 -16.41 -6.62
C PRO C 132 -14.23 -16.40 -7.86
N SER C 133 -13.11 -17.11 -7.79
CA SER C 133 -12.14 -17.12 -8.88
C SER C 133 -11.56 -18.51 -9.09
N ILE C 134 -11.50 -18.94 -10.34
CA ILE C 134 -10.94 -20.25 -10.69
C ILE C 134 -9.90 -20.15 -11.78
N SER C 135 -8.74 -20.77 -11.55
CA SER C 135 -7.68 -20.80 -12.55
C SER C 135 -7.33 -22.23 -12.93
N LEU C 136 -7.50 -22.56 -14.20
CA LEU C 136 -7.35 -23.93 -14.67
C LEU C 136 -6.03 -24.12 -15.40
N VAL C 137 -5.42 -25.30 -15.21
CA VAL C 137 -4.32 -25.73 -16.06
C VAL C 137 -4.65 -27.04 -16.75
N MET C 138 -4.64 -27.02 -18.08
CA MET C 138 -5.16 -28.13 -18.86
C MET C 138 -4.18 -28.54 -19.97
N LYS C 139 -4.38 -29.74 -20.52
CA LYS C 139 -3.49 -30.25 -21.55
C LYS C 139 -4.28 -30.97 -22.63
N THR C 140 -3.73 -30.99 -23.85
CA THR C 140 -4.17 -31.93 -24.87
C THR C 140 -2.98 -32.68 -25.48
N PRO C 141 -3.04 -34.01 -25.42
CA PRO C 141 -1.96 -34.84 -25.93
C PRO C 141 -2.05 -34.97 -27.45
N ARG C 142 -1.85 -33.86 -28.16
CA ARG C 142 -1.91 -33.86 -29.61
C ARG C 142 -0.77 -34.65 -30.22
N VAL C 143 -1.10 -35.49 -31.19
CA VAL C 143 -0.09 -36.26 -31.91
C VAL C 143 0.53 -35.44 -33.03
N ALA C 144 1.85 -35.52 -33.16
CA ALA C 144 2.58 -34.78 -34.19
C ALA C 144 2.07 -35.14 -35.58
N LYS C 145 1.81 -34.11 -36.39
CA LYS C 145 1.33 -34.32 -37.75
C LYS C 145 2.13 -33.48 -38.74
N ASN C 146 1.87 -33.69 -40.03
CA ASN C 146 2.42 -32.84 -41.08
C ASN C 146 1.44 -31.75 -41.48
N GLU C 147 0.41 -31.57 -40.66
CA GLU C 147 -0.61 -30.56 -40.94
C GLU C 147 -0.12 -29.16 -40.60
N VAL C 148 -0.82 -28.15 -41.09
CA VAL C 148 -0.46 -26.76 -40.84
C VAL C 148 -0.65 -26.41 -39.36
N LEU C 149 -1.52 -27.16 -38.68
CA LEU C 149 -1.78 -26.94 -37.27
C LEU C 149 -2.23 -28.23 -36.59
N TRP C 150 -1.45 -28.67 -35.60
CA TRP C 150 -1.81 -29.84 -34.82
C TRP C 150 -1.54 -29.62 -33.33
N HIS C 151 -0.70 -28.63 -33.04
CA HIS C 151 -0.11 -28.51 -31.71
C HIS C 151 -1.18 -28.51 -30.63
N PRO C 152 -2.26 -27.78 -30.86
CA PRO C 152 -2.18 -26.52 -31.60
C PRO C 152 -1.47 -25.45 -30.80
N THR C 153 -1.15 -24.33 -31.45
CA THR C 153 -0.71 -23.14 -30.75
C THR C 153 -1.69 -21.99 -30.94
N LEU C 154 -2.94 -22.34 -31.23
CA LEU C 154 -3.96 -21.33 -31.55
C LEU C 154 -3.57 -20.56 -32.80
N ASN C 155 -3.84 -19.25 -32.78
CA ASN C 155 -3.54 -18.39 -33.92
C ASN C 155 -4.19 -18.92 -35.19
N LEU C 156 -5.50 -18.74 -35.30
CA LEU C 156 -6.35 -18.57 -34.13
C LEU C 156 -6.93 -19.90 -33.66
N PRO C 157 -7.33 -20.73 -34.61
CA PRO C 157 -8.12 -21.91 -34.31
C PRO C 157 -7.32 -22.89 -33.44
N LEU C 158 -8.04 -23.72 -32.69
CA LEU C 158 -7.46 -24.91 -32.09
C LEU C 158 -7.21 -25.99 -33.13
N SER C 159 -7.85 -25.84 -34.30
CA SER C 159 -7.76 -26.84 -35.35
C SER C 159 -8.23 -26.26 -36.69
N PRO C 160 -7.62 -26.74 -37.77
CA PRO C 160 -8.12 -26.46 -39.11
C PRO C 160 -9.63 -26.66 -39.19
N GLN C 161 -10.14 -27.59 -38.39
CA GLN C 161 -11.57 -27.84 -38.32
C GLN C 161 -12.00 -28.26 -36.93
N GLY C 162 -13.03 -27.60 -36.41
CA GLY C 162 -13.54 -27.91 -35.07
C GLY C 162 -12.54 -27.53 -34.00
N THR C 163 -12.64 -28.19 -32.85
CA THR C 163 -11.73 -27.93 -31.73
C THR C 163 -11.16 -29.24 -31.19
N VAL C 164 -10.35 -29.12 -30.13
CA VAL C 164 -9.65 -30.28 -29.57
C VAL C 164 -10.13 -30.56 -28.15
N ARG C 165 -10.09 -31.84 -27.77
CA ARG C 165 -10.42 -32.24 -26.41
C ARG C 165 -9.25 -32.00 -25.47
N THR C 166 -9.55 -31.50 -24.27
CA THR C 166 -8.53 -31.26 -23.27
C THR C 166 -8.99 -31.75 -21.89
N ALA C 167 -8.12 -31.61 -20.90
CA ALA C 167 -8.45 -32.01 -19.54
C ALA C 167 -7.62 -31.23 -18.52
N VAL C 168 -8.16 -31.08 -17.32
CA VAL C 168 -7.51 -30.29 -16.28
C VAL C 168 -6.84 -31.17 -15.25
N GLU C 169 -5.56 -30.91 -15.00
CA GLU C 169 -4.79 -31.69 -14.03
C GLU C 169 -4.46 -30.86 -12.80
N PHE C 170 -4.50 -29.55 -12.95
CA PHE C 170 -4.17 -28.65 -11.85
C PHE C 170 -5.01 -27.38 -11.91
N GLN C 171 -5.61 -27.02 -10.78
CA GLN C 171 -6.30 -25.74 -10.66
C GLN C 171 -6.16 -25.15 -9.26
N VAL C 172 -6.26 -23.84 -9.16
CA VAL C 172 -6.32 -23.16 -7.87
C VAL C 172 -7.59 -22.36 -7.72
N MET C 173 -8.08 -22.25 -6.49
CA MET C 173 -9.42 -21.73 -6.24
C MET C 173 -9.42 -20.73 -5.09
N THR C 174 -10.33 -19.76 -5.16
CA THR C 174 -10.72 -19.00 -3.98
C THR C 174 -12.20 -18.65 -4.01
N GLN C 175 -12.81 -18.52 -2.83
CA GLN C 175 -14.23 -18.19 -2.73
C GLN C 175 -14.43 -16.67 -2.73
N THR C 176 -13.33 -15.93 -2.69
CA THR C 176 -13.38 -14.47 -2.70
C THR C 176 -12.08 -13.87 -3.24
N GLN C 177 -12.17 -12.66 -3.76
CA GLN C 177 -10.99 -11.91 -4.14
C GLN C 177 -10.75 -10.74 -3.19
N SER C 178 -11.57 -10.65 -2.15
CA SER C 178 -11.50 -9.53 -1.22
C SER C 178 -12.02 -9.94 0.16
N LEU C 179 -11.57 -9.24 1.19
CA LEU C 179 -12.11 -9.40 2.53
C LEU C 179 -12.27 -8.05 3.23
N SER C 180 -13.20 -8.00 4.18
CA SER C 180 -13.40 -6.79 4.97
C SER C 180 -13.58 -7.12 6.45
N PHE C 181 -12.64 -6.68 7.27
CA PHE C 181 -12.67 -6.96 8.71
C PHE C 181 -12.43 -5.70 9.52
N LEU C 182 -12.81 -5.74 10.79
CA LEU C 182 -12.57 -4.63 11.70
C LEU C 182 -11.24 -4.79 12.44
N LEU C 183 -10.73 -3.69 12.97
CA LEU C 183 -9.48 -3.71 13.71
C LEU C 183 -9.56 -4.69 14.89
N GLY C 184 -8.55 -5.54 15.01
CA GLY C 184 -8.46 -6.46 16.13
C GLY C 184 -9.12 -7.80 15.81
N SER C 185 -9.87 -7.82 14.72
CA SER C 185 -10.55 -9.04 14.29
C SER C 185 -9.60 -9.96 13.52
N SER C 186 -9.77 -11.27 13.72
CA SER C 186 -9.00 -12.25 12.96
C SER C 186 -9.65 -12.55 11.62
N ALA C 187 -8.85 -12.98 10.66
CA ALA C 187 -9.35 -13.34 9.34
C ALA C 187 -8.62 -14.55 8.77
N SER C 188 -9.24 -15.23 7.82
CA SER C 188 -8.59 -16.30 7.08
C SER C 188 -8.56 -16.02 5.59
N LEU C 189 -7.37 -16.03 5.01
CA LEU C 189 -7.22 -15.78 3.57
C LEU C 189 -7.60 -17.02 2.76
N ASP C 190 -8.90 -17.19 2.54
CA ASP C 190 -9.41 -18.39 1.88
C ASP C 190 -8.65 -18.67 0.59
N CYS C 191 -8.10 -19.88 0.48
CA CYS C 191 -7.47 -20.33 -0.75
C CYS C 191 -7.30 -21.85 -0.76
N GLY C 192 -7.63 -22.47 -1.88
CA GLY C 192 -7.49 -23.92 -2.03
C GLY C 192 -6.96 -24.28 -3.40
N PHE C 193 -6.65 -25.57 -3.59
CA PHE C 193 -6.31 -26.08 -4.91
C PHE C 193 -6.46 -27.60 -4.96
N SER C 194 -6.31 -28.16 -6.16
CA SER C 194 -6.48 -29.60 -6.35
C SER C 194 -5.55 -30.11 -7.44
N MET C 195 -5.01 -31.31 -7.23
CA MET C 195 -4.07 -31.90 -8.18
C MET C 195 -4.54 -33.28 -8.64
N ALA C 196 -4.33 -33.57 -9.92
CA ALA C 196 -4.57 -34.92 -10.44
C ALA C 196 -3.53 -35.90 -9.93
N PRO C 197 -3.92 -37.17 -9.85
CA PRO C 197 -3.00 -38.23 -9.45
C PRO C 197 -1.72 -38.18 -10.27
N GLY C 198 -0.58 -38.32 -9.59
CA GLY C 198 0.72 -38.27 -10.26
C GLY C 198 1.34 -36.88 -10.14
N LEU C 199 0.53 -35.89 -9.79
CA LEU C 199 1.01 -34.53 -9.62
C LEU C 199 1.23 -34.20 -8.15
N ASP C 200 2.47 -33.84 -7.81
CA ASP C 200 2.86 -33.64 -6.42
C ASP C 200 2.94 -32.16 -6.07
N LEU C 201 3.07 -31.87 -4.78
CA LEU C 201 3.19 -30.50 -4.32
C LEU C 201 4.60 -30.20 -3.82
N ILE C 202 5.14 -29.06 -4.23
CA ILE C 202 6.47 -28.64 -3.79
C ILE C 202 6.36 -27.68 -2.60
N SER C 203 5.65 -26.57 -2.80
CA SER C 203 5.58 -25.52 -1.80
C SER C 203 4.39 -24.60 -2.05
N VAL C 204 3.99 -23.86 -1.03
CA VAL C 204 3.08 -22.73 -1.20
C VAL C 204 3.61 -21.49 -0.50
N GLU C 205 3.48 -20.35 -1.15
CA GLU C 205 4.06 -19.11 -0.66
C GLU C 205 3.01 -18.02 -0.53
N TRP C 206 3.02 -17.32 0.60
CA TRP C 206 2.14 -16.18 0.81
C TRP C 206 2.93 -14.88 0.93
N ARG C 207 2.60 -13.92 0.07
CA ARG C 207 3.25 -12.61 0.10
C ARG C 207 2.23 -11.49 0.15
N LEU C 208 2.64 -10.34 0.67
CA LEU C 208 1.76 -9.20 0.83
C LEU C 208 2.32 -7.96 0.13
N GLN C 209 1.49 -7.32 -0.68
CA GLN C 209 1.83 -6.03 -1.27
C GLN C 209 1.55 -4.89 -0.28
N HIS C 210 2.62 -4.28 0.22
CA HIS C 210 2.49 -3.22 1.22
C HIS C 210 3.64 -2.22 1.11
N LYS C 211 3.30 -0.98 0.77
CA LYS C 211 4.30 0.08 0.68
C LYS C 211 5.46 -0.32 -0.22
N GLY C 212 5.14 -0.90 -1.37
CA GLY C 212 6.13 -1.20 -2.38
C GLY C 212 6.80 -2.55 -2.12
N ARG C 213 6.59 -3.09 -0.93
CA ARG C 213 7.25 -4.31 -0.51
C ARG C 213 6.55 -5.54 -1.06
N GLY C 214 7.32 -6.50 -1.55
CA GLY C 214 6.79 -7.83 -1.86
C GLY C 214 6.88 -8.76 -0.65
N GLN C 215 6.30 -8.34 0.46
CA GLN C 215 6.68 -8.85 1.77
C GLN C 215 6.25 -10.30 1.94
N LEU C 216 7.20 -11.15 2.32
CA LEU C 216 6.89 -12.54 2.65
C LEU C 216 6.15 -12.64 3.98
N VAL C 217 5.06 -13.37 3.99
CA VAL C 217 4.27 -13.57 5.20
C VAL C 217 4.42 -14.98 5.74
N TYR C 218 4.33 -15.96 4.86
CA TYR C 218 4.38 -17.35 5.26
C TYR C 218 5.00 -18.22 4.17
N SER C 219 5.74 -19.25 4.57
CA SER C 219 6.36 -20.17 3.63
C SER C 219 6.08 -21.62 4.02
N TRP C 220 5.49 -22.37 3.10
CA TRP C 220 5.20 -23.78 3.33
C TRP C 220 5.88 -24.65 2.29
N THR C 221 6.84 -25.45 2.73
CA THR C 221 7.65 -26.25 1.82
C THR C 221 7.81 -27.68 2.33
N ALA C 222 7.60 -28.65 1.45
CA ALA C 222 7.93 -30.04 1.74
C ALA C 222 7.22 -30.53 2.99
N GLY C 223 5.97 -30.11 3.16
CA GLY C 223 5.12 -30.62 4.22
C GLY C 223 5.29 -29.81 5.50
N GLN C 224 6.31 -28.96 5.53
CA GLN C 224 6.52 -28.06 6.66
C GLN C 224 6.30 -26.61 6.25
N GLY C 225 6.29 -25.72 7.23
CA GLY C 225 6.19 -24.29 6.97
C GLY C 225 6.35 -23.48 8.25
N GLN C 226 6.55 -22.17 8.10
CA GLN C 226 6.68 -21.28 9.25
C GLN C 226 6.40 -19.83 8.86
N ALA C 227 5.79 -19.09 9.77
CA ALA C 227 5.53 -17.67 9.55
C ALA C 227 6.82 -16.86 9.66
N VAL C 228 6.92 -15.81 8.84
CA VAL C 228 7.99 -14.83 8.99
C VAL C 228 7.42 -13.46 9.33
N ARG C 229 6.12 -13.30 9.16
CA ARG C 229 5.42 -12.10 9.60
C ARG C 229 4.33 -12.44 10.62
N LYS C 230 3.33 -13.20 10.17
CA LYS C 230 2.22 -13.59 11.03
C LYS C 230 1.37 -14.67 10.37
N GLY C 231 0.76 -15.51 11.19
CA GLY C 231 -0.36 -16.34 10.75
C GLY C 231 0.04 -17.80 10.65
N ALA C 232 -0.89 -18.65 10.22
CA ALA C 232 -0.65 -20.07 10.13
C ALA C 232 -1.60 -20.73 9.13
N THR C 233 -1.19 -21.88 8.59
CA THR C 233 -2.03 -22.65 7.69
C THR C 233 -3.03 -23.50 8.47
N LEU C 234 -3.99 -24.09 7.76
CA LEU C 234 -5.02 -24.90 8.38
C LEU C 234 -4.71 -26.38 8.24
N GLU C 235 -5.49 -27.22 8.91
CA GLU C 235 -5.28 -28.66 8.89
C GLU C 235 -5.18 -29.19 7.46
N PRO C 236 -4.14 -29.98 7.20
CA PRO C 236 -3.94 -30.55 5.88
C PRO C 236 -5.20 -31.25 5.38
N ALA C 237 -5.51 -31.06 4.10
CA ALA C 237 -6.68 -31.68 3.51
C ALA C 237 -6.57 -33.20 3.52
N GLN C 238 -7.72 -33.87 3.64
CA GLN C 238 -7.75 -35.33 3.64
C GLN C 238 -8.08 -35.88 2.26
N LEU C 239 -7.88 -37.18 2.08
CA LEU C 239 -8.06 -37.81 0.79
C LEU C 239 -9.47 -37.58 0.26
N GLY C 240 -9.56 -37.14 -0.99
CA GLY C 240 -10.85 -36.91 -1.63
C GLY C 240 -11.25 -35.44 -1.58
N MET C 241 -10.56 -34.68 -0.74
CA MET C 241 -10.83 -33.25 -0.60
C MET C 241 -9.76 -32.42 -1.30
N ALA C 242 -10.14 -31.21 -1.72
CA ALA C 242 -9.19 -30.26 -2.27
C ALA C 242 -8.18 -29.81 -1.22
N ARG C 243 -6.98 -29.47 -1.67
CA ARG C 243 -5.94 -28.99 -0.77
C ARG C 243 -6.25 -27.60 -0.24
N ASP C 244 -5.90 -27.34 1.02
CA ASP C 244 -6.21 -26.07 1.65
C ASP C 244 -4.97 -25.19 1.74
N ALA C 245 -4.99 -24.08 1.01
CA ALA C 245 -3.86 -23.16 0.98
C ALA C 245 -4.18 -21.86 1.71
N SER C 246 -5.17 -21.92 2.59
CA SER C 246 -5.59 -20.74 3.34
C SER C 246 -4.51 -20.33 4.35
N LEU C 247 -4.42 -19.03 4.61
CA LEU C 247 -3.55 -18.52 5.66
C LEU C 247 -4.32 -17.63 6.63
N THR C 248 -4.31 -18.02 7.91
CA THR C 248 -5.04 -17.28 8.94
C THR C 248 -4.19 -16.19 9.56
N LEU C 249 -4.75 -15.00 9.68
CA LEU C 249 -4.03 -13.86 10.23
C LEU C 249 -4.76 -13.29 11.44
N PRO C 250 -4.39 -13.75 12.63
CA PRO C 250 -5.06 -13.34 13.85
C PRO C 250 -4.89 -11.84 14.09
N GLY C 251 -5.90 -11.23 14.70
CA GLY C 251 -5.75 -9.89 15.27
C GLY C 251 -5.23 -8.91 14.24
N LEU C 252 -6.04 -8.64 13.22
CA LEU C 252 -5.62 -7.79 12.11
C LEU C 252 -5.34 -6.37 12.59
N THR C 253 -4.27 -5.79 12.06
CA THR C 253 -4.01 -4.36 12.23
C THR C 253 -3.83 -3.67 10.89
N ILE C 254 -3.88 -2.34 10.90
CA ILE C 254 -3.91 -1.56 9.66
C ILE C 254 -2.68 -1.85 8.80
N GLN C 255 -1.55 -2.07 9.46
CA GLN C 255 -0.30 -2.32 8.76
C GLN C 255 -0.36 -3.60 7.95
N ASP C 256 -1.37 -4.43 8.24
CA ASP C 256 -1.53 -5.71 7.56
C ASP C 256 -2.36 -5.56 6.30
N GLU C 257 -2.91 -4.36 6.08
CA GLU C 257 -3.78 -4.11 4.94
C GLU C 257 -2.99 -4.13 3.65
N GLY C 258 -3.60 -4.70 2.60
CA GLY C 258 -2.98 -4.73 1.28
C GLY C 258 -3.40 -5.99 0.51
N THR C 259 -2.66 -6.29 -0.56
CA THR C 259 -3.01 -7.39 -1.44
C THR C 259 -2.22 -8.65 -1.09
N TYR C 260 -2.93 -9.72 -0.75
CA TYR C 260 -2.30 -10.99 -0.40
C TYR C 260 -2.32 -11.95 -1.58
N ILE C 261 -1.14 -12.42 -1.98
CA ILE C 261 -1.02 -13.35 -3.08
C ILE C 261 -0.55 -14.73 -2.60
N CYS C 262 -1.37 -15.74 -2.83
CA CYS C 262 -1.01 -17.10 -2.48
C CYS C 262 -0.58 -17.90 -3.69
N GLN C 263 0.70 -18.25 -3.75
CA GLN C 263 1.25 -18.94 -4.91
C GLN C 263 1.48 -20.42 -4.61
N ILE C 264 0.85 -21.28 -5.40
CA ILE C 264 0.99 -22.73 -5.22
C ILE C 264 1.94 -23.31 -6.25
N THR C 265 2.99 -23.97 -5.78
CA THR C 265 4.01 -24.54 -6.65
C THR C 265 3.94 -26.05 -6.67
N THR C 266 3.65 -26.62 -7.84
CA THR C 266 3.58 -28.06 -8.00
C THR C 266 4.72 -28.57 -8.90
N SER C 267 4.74 -29.88 -9.13
CA SER C 267 5.73 -30.48 -10.01
C SER C 267 5.36 -30.26 -11.48
N LEU C 268 4.23 -29.61 -11.70
CA LEU C 268 3.79 -29.29 -13.06
C LEU C 268 4.01 -27.81 -13.38
N TYR C 269 3.10 -26.97 -12.90
CA TYR C 269 3.24 -25.53 -13.06
C TYR C 269 2.91 -24.80 -11.76
N ARG C 270 3.12 -23.49 -11.75
CA ARG C 270 2.67 -22.65 -10.64
C ARG C 270 1.34 -21.99 -10.95
N ALA C 271 0.54 -21.76 -9.92
CA ALA C 271 -0.66 -20.95 -10.03
C ALA C 271 -1.02 -20.27 -8.71
N GLN C 272 -1.73 -19.15 -8.78
CA GLN C 272 -1.95 -18.31 -7.62
C GLN C 272 -3.40 -17.85 -7.55
N GLN C 273 -3.84 -17.52 -6.34
CA GLN C 273 -5.07 -16.75 -6.16
C GLN C 273 -4.86 -15.62 -5.15
N ILE C 274 -5.63 -14.55 -5.30
CA ILE C 274 -5.31 -13.28 -4.67
C ILE C 274 -6.50 -12.72 -3.91
N ILE C 275 -6.26 -12.24 -2.70
CA ILE C 275 -7.30 -11.58 -1.91
C ILE C 275 -6.86 -10.18 -1.49
N GLN C 276 -7.74 -9.20 -1.69
CA GLN C 276 -7.54 -7.86 -1.17
C GLN C 276 -8.15 -7.71 0.21
N LEU C 277 -7.31 -7.57 1.22
CA LEU C 277 -7.77 -7.52 2.61
C LEU C 277 -7.83 -6.08 3.12
N ASN C 278 -9.04 -5.60 3.39
CA ASN C 278 -9.23 -4.26 3.91
C ASN C 278 -9.56 -4.29 5.40
N ILE C 279 -8.95 -3.39 6.16
CA ILE C 279 -9.07 -3.38 7.61
C ILE C 279 -9.57 -2.03 8.11
N GLN C 280 -10.69 -2.04 8.82
CA GLN C 280 -11.26 -0.81 9.37
C GLN C 280 -10.75 -0.56 10.78
N ALA C 281 -10.53 0.71 11.10
CA ALA C 281 -9.90 1.08 12.36
C ALA C 281 -10.93 1.10 13.50
N SER C 282 -10.55 1.70 14.62
CA SER C 282 -11.37 1.67 15.82
C SER C 282 -11.62 3.08 16.35
N PRO C 283 -12.74 3.67 15.97
CA PRO C 283 -12.98 5.09 16.18
C PRO C 283 -12.91 5.44 17.67
N LYS C 284 -12.30 6.56 17.98
CA LYS C 284 -12.40 7.14 19.32
C LYS C 284 -12.30 8.68 19.26
N VAL C 285 -13.26 9.35 19.87
CA VAL C 285 -13.32 10.81 19.83
C VAL C 285 -13.56 11.39 21.21
N ARG C 286 -12.80 12.43 21.55
CA ARG C 286 -13.07 13.21 22.76
C ARG C 286 -13.15 14.69 22.45
N LEU C 287 -13.82 15.44 23.32
CA LEU C 287 -13.91 16.88 23.17
C LEU C 287 -13.79 17.59 24.52
N SER C 288 -12.90 18.56 24.59
CA SER C 288 -12.73 19.37 25.81
C SER C 288 -12.37 20.81 25.46
N LEU C 289 -11.97 21.58 26.47
CA LEU C 289 -11.63 22.98 26.28
C LEU C 289 -10.18 23.24 26.69
N ALA C 290 -9.56 24.19 26.00
CA ALA C 290 -8.21 24.63 26.35
C ALA C 290 -8.21 25.36 27.69
N ASN C 291 -7.16 25.13 28.49
CA ASN C 291 -6.93 25.91 29.69
C ASN C 291 -5.83 26.95 29.46
N GLU C 292 -5.87 28.02 30.23
CA GLU C 292 -4.87 29.08 30.13
C GLU C 292 -4.77 29.61 28.70
N ALA C 293 -5.92 29.75 28.05
CA ALA C 293 -5.96 30.27 26.68
C ALA C 293 -6.43 31.72 26.67
N LEU C 294 -6.01 32.46 25.65
CA LEU C 294 -6.50 33.81 25.42
C LEU C 294 -8.01 33.81 25.20
N LEU C 295 -8.46 33.00 24.24
CA LEU C 295 -9.89 32.82 24.00
C LEU C 295 -10.30 31.37 24.22
N PRO C 296 -11.51 31.19 24.75
CA PRO C 296 -12.09 29.85 24.87
C PRO C 296 -11.95 29.06 23.57
N THR C 297 -11.31 27.90 23.66
CA THR C 297 -10.94 27.15 22.46
C THR C 297 -11.38 25.70 22.58
N LEU C 298 -11.99 25.19 21.51
CA LEU C 298 -12.45 23.80 21.48
C LEU C 298 -11.36 22.88 20.94
N ILE C 299 -11.09 21.80 21.67
CA ILE C 299 -10.11 20.80 21.24
C ILE C 299 -10.73 19.41 21.15
N CYS C 300 -10.87 18.92 19.93
CA CYS C 300 -11.39 17.58 19.70
C CYS C 300 -10.27 16.59 19.41
N ASP C 301 -10.19 15.53 20.22
CA ASP C 301 -9.17 14.51 20.06
C ASP C 301 -9.70 13.32 19.26
N ILE C 302 -9.28 13.21 18.01
CA ILE C 302 -9.79 12.19 17.11
C ILE C 302 -8.75 11.11 16.85
N ALA C 303 -9.06 9.88 17.27
CA ALA C 303 -8.07 8.81 17.29
C ALA C 303 -8.68 7.50 16.79
N GLY C 304 -7.82 6.64 16.25
CA GLY C 304 -8.23 5.27 15.91
C GLY C 304 -8.99 5.25 14.58
N TYR C 305 -8.68 6.19 13.71
CA TYR C 305 -9.36 6.29 12.42
C TYR C 305 -8.43 5.92 11.27
N TYR C 306 -9.01 5.44 10.18
CA TYR C 306 -8.25 5.14 8.98
C TYR C 306 -9.12 5.21 7.74
N PRO C 307 -8.60 5.85 6.69
CA PRO C 307 -7.34 6.57 6.79
C PRO C 307 -7.47 7.86 7.58
N LEU C 308 -6.43 8.67 7.57
CA LEU C 308 -6.45 9.94 8.28
C LEU C 308 -7.37 10.95 7.59
N ASP C 309 -7.53 12.11 8.21
CA ASP C 309 -8.29 13.20 7.61
C ASP C 309 -9.71 12.76 7.29
N VAL C 310 -10.32 12.02 8.21
CA VAL C 310 -11.74 11.69 8.12
C VAL C 310 -12.61 12.93 8.26
N VAL C 311 -13.85 12.84 7.80
CA VAL C 311 -14.77 13.97 7.82
C VAL C 311 -15.14 14.35 9.25
N VAL C 312 -15.00 15.63 9.58
CA VAL C 312 -15.34 16.12 10.92
C VAL C 312 -16.32 17.28 10.84
N THR C 313 -17.36 17.23 11.66
CA THR C 313 -18.38 18.27 11.68
C THR C 313 -18.53 18.88 13.07
N TRP C 314 -18.57 20.21 13.13
CA TRP C 314 -18.89 20.91 14.37
C TRP C 314 -20.31 21.45 14.34
N THR C 315 -20.96 21.45 15.51
CA THR C 315 -22.25 22.12 15.66
C THR C 315 -22.27 22.98 16.91
N ARG C 316 -23.21 23.91 16.97
CA ARG C 316 -23.34 24.82 18.11
C ARG C 316 -24.80 25.00 18.51
N GLU C 317 -25.04 25.01 19.82
CA GLU C 317 -26.36 25.34 20.33
C GLU C 317 -26.29 26.48 21.33
N GLU C 318 -27.33 27.31 21.37
CA GLU C 318 -27.48 28.31 22.41
C GLU C 318 -28.96 28.49 22.77
N LEU C 319 -29.29 28.25 24.03
CA LEU C 319 -30.67 28.33 24.50
C LEU C 319 -31.59 27.45 23.67
N GLY C 320 -31.09 26.27 23.29
CA GLY C 320 -31.87 25.32 22.52
C GLY C 320 -32.02 25.76 21.07
N GLY C 321 -33.11 25.34 20.43
CA GLY C 321 -33.32 25.62 19.02
C GLY C 321 -32.58 24.61 18.14
N SER C 322 -32.76 24.74 16.83
CA SER C 322 -32.09 23.87 15.88
C SER C 322 -30.58 24.11 15.89
N PRO C 323 -29.82 23.04 16.10
CA PRO C 323 -28.36 23.13 16.11
C PRO C 323 -27.84 23.78 14.84
N ALA C 324 -26.84 24.64 14.98
CA ALA C 324 -26.20 25.28 13.83
C ALA C 324 -24.89 24.59 13.48
N GLN C 325 -24.64 24.45 12.19
CA GLN C 325 -23.37 23.88 11.72
C GLN C 325 -22.27 24.93 11.73
N VAL C 326 -21.10 24.53 12.23
CA VAL C 326 -19.97 25.45 12.34
C VAL C 326 -18.75 24.91 11.61
N SER C 327 -18.06 25.79 10.89
CA SER C 327 -16.86 25.43 10.16
C SER C 327 -15.73 26.42 10.40
N GLY C 328 -14.68 26.32 9.60
CA GLY C 328 -13.50 27.16 9.77
C GLY C 328 -12.48 26.49 10.68
N ALA C 329 -12.85 25.34 11.22
CA ALA C 329 -11.97 24.59 12.12
C ALA C 329 -10.70 24.15 11.40
N SER C 330 -9.59 24.11 12.14
CA SER C 330 -8.33 23.63 11.60
C SER C 330 -7.85 22.38 12.32
N PHE C 331 -6.91 21.67 11.72
CA PHE C 331 -6.41 20.42 12.27
C PHE C 331 -5.00 20.58 12.82
N SER C 332 -4.59 19.64 13.68
CA SER C 332 -3.22 19.58 14.14
C SER C 332 -2.88 18.21 14.73
N SER C 333 -1.61 17.99 15.04
CA SER C 333 -1.21 16.87 15.88
C SER C 333 -1.51 15.54 15.18
N LEU C 334 -1.16 15.47 13.90
CA LEU C 334 -1.27 14.21 13.15
C LEU C 334 -0.22 13.21 13.61
N ARG C 335 -0.67 11.98 13.87
CA ARG C 335 0.22 10.92 14.31
C ARG C 335 -0.39 9.55 14.06
N GLN C 336 0.40 8.50 14.31
CA GLN C 336 -0.07 7.13 14.15
C GLN C 336 0.09 6.35 15.45
N SER C 337 -0.74 5.32 15.61
CA SER C 337 -0.63 4.42 16.75
C SER C 337 -0.02 3.08 16.36
N VAL C 338 0.12 2.19 17.33
CA VAL C 338 0.80 0.91 17.11
C VAL C 338 -0.01 0.02 16.17
N ALA C 339 -1.30 0.30 16.06
CA ALA C 339 -2.19 -0.48 15.20
C ALA C 339 -2.14 0.01 13.76
N GLY C 340 -1.36 1.05 13.52
CA GLY C 340 -1.24 1.64 12.19
C GLY C 340 -2.30 2.70 11.95
N THR C 341 -3.21 2.85 12.91
CA THR C 341 -4.30 3.80 12.79
C THR C 341 -3.80 5.23 12.95
N TYR C 342 -4.61 6.18 12.52
CA TYR C 342 -4.23 7.59 12.56
C TYR C 342 -4.97 8.34 13.65
N SER C 343 -4.34 9.37 14.21
CA SER C 343 -5.00 10.30 15.11
C SER C 343 -4.72 11.74 14.73
N ILE C 344 -5.67 12.62 15.02
CA ILE C 344 -5.52 14.04 14.70
C ILE C 344 -6.44 14.90 15.56
N SER C 345 -6.01 16.13 15.81
CA SER C 345 -6.81 17.07 16.59
C SER C 345 -7.54 18.06 15.69
N SER C 346 -8.70 18.52 16.13
CA SER C 346 -9.39 19.61 15.46
C SER C 346 -9.58 20.81 16.39
N SER C 347 -9.01 21.94 16.01
CA SER C 347 -9.04 23.13 16.85
C SER C 347 -10.04 24.16 16.32
N LEU C 348 -10.94 24.60 17.18
CA LEU C 348 -11.95 25.58 16.80
C LEU C 348 -12.22 26.57 17.92
N THR C 349 -12.11 27.85 17.63
CA THR C 349 -12.41 28.90 18.59
C THR C 349 -13.90 28.90 18.95
N ALA C 350 -14.19 28.92 20.24
CA ALA C 350 -15.56 28.87 20.72
C ALA C 350 -16.20 30.26 20.68
N GLU C 351 -17.52 30.29 20.49
CA GLU C 351 -18.31 31.48 20.81
C GLU C 351 -19.21 31.21 22.01
N PRO C 352 -18.80 31.72 23.17
CA PRO C 352 -19.53 31.48 24.41
C PRO C 352 -20.98 31.93 24.29
N GLY C 353 -21.22 32.90 23.41
CA GLY C 353 -22.57 33.40 23.18
C GLY C 353 -23.00 34.36 24.29
N SER C 354 -24.30 34.64 24.34
CA SER C 354 -24.82 35.65 25.26
C SER C 354 -25.27 35.03 26.57
N ALA C 355 -25.73 33.79 26.50
CA ALA C 355 -26.24 33.09 27.67
C ALA C 355 -25.56 31.73 27.86
N GLY C 356 -24.38 31.59 27.26
CA GLY C 356 -23.67 30.32 27.28
C GLY C 356 -24.08 29.44 26.09
N ALA C 357 -23.17 28.60 25.64
CA ALA C 357 -23.38 27.80 24.44
C ALA C 357 -22.85 26.38 24.63
N THR C 358 -23.39 25.45 23.85
CA THR C 358 -22.88 24.08 23.83
C THR C 358 -22.34 23.70 22.45
N TYR C 359 -21.15 23.10 22.43
CA TYR C 359 -20.55 22.65 21.19
C TYR C 359 -20.52 21.13 21.12
N THR C 360 -20.68 20.60 19.91
CA THR C 360 -20.49 19.18 19.66
C THR C 360 -19.62 18.95 18.43
N CYS C 361 -18.70 17.99 18.52
CA CYS C 361 -17.86 17.62 17.39
C CYS C 361 -18.00 16.14 17.07
N GLN C 362 -18.46 15.83 15.86
CA GLN C 362 -18.72 14.45 15.47
C GLN C 362 -17.85 14.04 14.28
N VAL C 363 -17.50 12.77 14.22
CA VAL C 363 -16.64 12.25 13.16
C VAL C 363 -17.33 11.12 12.40
N THR C 364 -17.25 11.18 11.08
CA THR C 364 -17.91 10.19 10.23
C THR C 364 -16.91 9.14 9.74
N HIS C 365 -17.32 7.88 9.82
CA HIS C 365 -16.48 6.77 9.36
C HIS C 365 -17.31 5.55 9.02
N ILE C 366 -16.83 4.76 8.06
CA ILE C 366 -17.60 3.64 7.55
C ILE C 366 -17.87 2.61 8.64
N SER C 367 -17.01 2.58 9.64
CA SER C 367 -17.10 1.60 10.72
C SER C 367 -18.18 1.98 11.72
N LEU C 368 -18.74 3.17 11.56
CA LEU C 368 -19.75 3.67 12.48
C LEU C 368 -21.15 3.54 11.90
N GLU C 369 -22.10 3.17 12.75
CA GLU C 369 -23.52 3.28 12.40
C GLU C 369 -24.03 4.69 12.64
N GLU C 370 -23.50 5.35 13.66
CA GLU C 370 -23.82 6.75 13.93
C GLU C 370 -22.57 7.57 14.17
N PRO C 371 -22.63 8.84 13.81
CA PRO C 371 -21.50 9.75 14.02
C PRO C 371 -21.00 9.69 15.45
N LEU C 372 -19.68 9.60 15.61
CA LEU C 372 -19.08 9.50 16.93
C LEU C 372 -18.41 10.81 17.33
N GLY C 373 -18.75 11.29 18.52
CA GLY C 373 -18.29 12.61 18.96
C GLY C 373 -18.68 12.86 20.42
N ALA C 374 -18.49 14.10 20.86
CA ALA C 374 -18.76 14.46 22.25
C ALA C 374 -19.13 15.94 22.38
N SER C 375 -19.70 16.31 23.52
CA SER C 375 -20.17 17.67 23.73
C SER C 375 -19.40 18.35 24.84
N THR C 376 -19.35 19.69 24.79
CA THR C 376 -18.84 20.48 25.91
C THR C 376 -19.54 21.82 26.00
N GLN C 377 -19.67 22.34 27.22
CA GLN C 377 -20.35 23.62 27.44
C GLN C 377 -19.33 24.75 27.56
N VAL C 378 -19.65 25.88 26.93
CA VAL C 378 -18.81 27.06 27.02
C VAL C 378 -19.58 28.23 27.63
N VAL C 379 -19.06 28.76 28.73
CA VAL C 379 -19.75 29.83 29.47
C VAL C 379 -18.88 31.08 29.58
N PRO C 380 -19.43 32.21 29.18
CA PRO C 380 -18.73 33.49 29.27
C PRO C 380 -18.63 33.95 30.71
N PRO C 381 -17.68 34.85 30.97
CA PRO C 381 -17.47 35.36 32.32
C PRO C 381 -18.68 36.13 32.82
N GLU C 382 -19.54 36.54 31.89
CA GLU C 382 -20.73 37.31 32.25
C GLU C 382 -21.85 36.40 32.74
N ARG C 383 -21.63 35.10 32.64
CA ARG C 383 -22.65 34.12 33.02
C ARG C 383 -22.09 33.11 34.01
N ARG C 384 -21.06 33.51 34.74
CA ARG C 384 -20.46 32.66 35.76
C ARG C 384 -20.75 33.20 37.16
C4 30W D . 20.65 5.26 -12.11
C6 30W D . 22.74 8.13 -11.21
C11 30W D . 22.03 0.50 -14.86
C7 30W D . 24.02 7.61 -11.46
C9 30W D . 22.59 9.50 -10.73
C10 30W D . 21.68 1.83 -14.25
N1 30W D . 23.23 4.35 -12.54
N2 30W D . 22.38 2.30 -13.21
N3 30W D . 20.90 4.00 -12.56
O10 30W D . 20.77 2.49 -14.71
C2 30W D . 22.17 3.58 -12.76
C8A 30W D . 23.10 5.60 -12.10
N8 30W D . 24.18 6.37 -11.88
N5 30W D . 21.66 7.37 -11.42
C4A 30W D . 21.81 6.13 -11.86
O4 30W D . 19.51 5.65 -11.93
H1 30W D . 21.44 -0.30 -14.35
H2 30W D . 23.11 0.29 -14.73
H3 30W D . 21.76 0.50 -15.94
H4 30W D . 24.86 8.29 -11.25
O9 30W D . 23.45 10.33 -10.97
H5 30W D . 21.68 9.77 -10.15
H8 30W D . 23.06 1.76 -12.73
H9 30W D . 20.18 3.34 -12.75
N HIS A 4 21.81 2.84 6.32
CA HIS A 4 21.98 3.79 5.23
C HIS A 4 21.22 3.35 3.98
N SER A 5 20.69 4.32 3.24
CA SER A 5 19.79 4.03 2.13
C SER A 5 20.16 4.84 0.90
N LEU A 6 20.26 4.16 -0.24
CA LEU A 6 20.33 4.81 -1.53
C LEU A 6 19.00 4.73 -2.27
N ARG A 7 18.53 5.85 -2.78
CA ARG A 7 17.25 5.91 -3.46
C ARG A 7 17.36 6.68 -4.78
N TYR A 8 16.66 6.19 -5.80
CA TYR A 8 16.37 7.00 -6.98
C TYR A 8 14.87 7.00 -7.30
N PHE A 9 14.37 8.16 -7.70
CA PHE A 9 12.99 8.26 -8.16
C PHE A 9 12.91 8.71 -9.61
N ARG A 10 12.21 7.93 -10.43
CA ARG A 10 11.99 8.30 -11.83
C ARG A 10 10.50 8.45 -12.13
N LEU A 11 10.18 9.47 -12.92
CA LEU A 11 8.81 9.64 -13.41
C LEU A 11 8.81 10.07 -14.87
N GLY A 12 8.10 9.29 -15.70
CA GLY A 12 7.93 9.65 -17.10
C GLY A 12 6.50 10.09 -17.38
N VAL A 13 6.34 10.99 -18.34
CA VAL A 13 5.01 11.47 -18.73
C VAL A 13 4.72 11.17 -20.20
N SER A 14 3.63 10.46 -20.45
CA SER A 14 3.23 10.14 -21.81
C SER A 14 2.25 11.17 -22.36
N ASP A 15 2.57 11.73 -23.52
CA ASP A 15 1.82 12.86 -24.06
C ASP A 15 1.62 13.95 -23.01
N PRO A 16 2.72 14.61 -22.63
CA PRO A 16 2.68 15.61 -21.57
C PRO A 16 1.75 16.76 -21.93
N ILE A 17 1.12 17.35 -20.92
CA ILE A 17 0.47 18.65 -21.06
C ILE A 17 1.49 19.78 -21.01
N HIS A 18 1.34 20.75 -21.90
CA HIS A 18 2.26 21.88 -21.96
C HIS A 18 2.56 22.42 -20.57
N GLY A 19 3.86 22.49 -20.25
CA GLY A 19 4.29 22.96 -18.94
C GLY A 19 4.69 21.81 -18.04
N VAL A 20 4.31 20.59 -18.43
CA VAL A 20 4.66 19.40 -17.69
C VAL A 20 5.93 18.76 -18.23
N PRO A 21 6.93 18.63 -17.38
CA PRO A 21 8.20 18.03 -17.78
C PRO A 21 8.00 16.65 -18.38
N GLU A 22 8.76 16.34 -19.43
CA GLU A 22 8.70 15.02 -20.06
C GLU A 22 9.20 13.94 -19.11
N PHE A 23 10.18 14.30 -18.28
CA PHE A 23 10.83 13.33 -17.39
C PHE A 23 11.36 14.00 -16.13
N ILE A 24 11.17 13.34 -15.00
CA ILE A 24 11.72 13.83 -13.74
C ILE A 24 12.54 12.74 -13.04
N SER A 25 13.69 13.13 -12.51
CA SER A 25 14.54 12.22 -11.75
C SER A 25 15.26 12.95 -10.62
N VAL A 26 15.20 12.38 -9.42
CA VAL A 26 15.99 12.88 -8.30
C VAL A 26 16.58 11.73 -7.49
N GLY A 27 17.84 11.87 -7.09
CA GLY A 27 18.54 10.84 -6.35
C GLY A 27 18.77 11.26 -4.91
N TYR A 28 18.71 10.29 -3.99
CA TYR A 28 18.87 10.58 -2.57
C TYR A 28 19.82 9.59 -1.91
N VAL A 29 20.49 10.04 -0.85
CA VAL A 29 21.04 9.13 0.15
C VAL A 29 20.55 9.49 1.54
N ASP A 30 19.97 8.51 2.24
CA ASP A 30 19.34 8.75 3.53
C ASP A 30 18.35 9.90 3.44
N SER A 31 18.66 11.00 4.15
CA SER A 31 17.78 12.16 4.19
C SER A 31 18.38 13.32 3.41
N HIS A 32 19.43 13.04 2.64
CA HIS A 32 20.18 14.08 1.96
C HIS A 32 20.23 13.82 0.46
N PRO A 33 19.46 14.60 -0.29
CA PRO A 33 19.49 14.53 -1.75
C PRO A 33 20.90 14.67 -2.29
N ILE A 34 21.21 13.95 -3.35
CA ILE A 34 22.55 13.93 -3.92
C ILE A 34 22.54 14.46 -5.36
N THR A 35 21.46 14.16 -6.08
CA THR A 35 21.38 14.51 -7.50
C THR A 35 20.01 15.07 -7.85
N THR A 36 19.95 15.86 -8.90
CA THR A 36 18.68 16.31 -9.46
C THR A 36 18.75 16.42 -10.98
N TYR A 37 17.63 16.15 -11.64
CA TYR A 37 17.54 16.27 -13.09
C TYR A 37 17.32 17.72 -13.51
N ASP A 38 18.14 18.20 -14.43
CA ASP A 38 17.99 19.54 -14.97
C ASP A 38 17.27 19.52 -16.32
N SER A 39 16.02 19.96 -16.32
CA SER A 39 15.11 19.67 -17.42
C SER A 39 15.37 20.58 -18.61
N VAL A 40 16.23 21.56 -18.42
CA VAL A 40 16.48 22.57 -19.44
C VAL A 40 17.94 22.50 -19.93
N THR A 41 18.65 21.46 -19.50
CA THR A 41 19.95 21.15 -20.05
C THR A 41 20.08 19.67 -20.38
N ARG A 42 19.13 18.88 -19.90
CA ARG A 42 19.22 17.43 -20.00
C ARG A 42 20.49 16.91 -19.33
N GLN A 43 20.75 17.39 -18.12
CA GLN A 43 21.91 16.96 -17.36
C GLN A 43 21.55 16.66 -15.91
N LYS A 44 22.48 16.04 -15.19
CA LYS A 44 22.32 15.83 -13.75
C LYS A 44 23.20 16.79 -12.96
N GLU A 45 22.64 17.34 -11.89
CA GLU A 45 23.38 18.26 -11.03
C GLU A 45 23.39 17.77 -9.59
N PRO A 46 24.40 18.21 -8.84
CA PRO A 46 24.52 17.84 -7.43
C PRO A 46 23.44 18.50 -6.59
N ARG A 47 23.08 17.87 -5.48
CA ARG A 47 22.26 18.52 -4.46
C ARG A 47 23.02 18.68 -3.15
N ALA A 48 24.29 18.28 -3.17
CA ALA A 48 25.10 18.27 -1.96
C ALA A 48 26.54 18.65 -2.25
N PRO A 49 27.20 19.25 -1.27
CA PRO A 49 28.60 19.64 -1.42
C PRO A 49 29.45 18.47 -1.92
N TRP A 50 29.39 17.36 -1.20
CA TRP A 50 30.34 16.27 -1.40
C TRP A 50 30.16 15.62 -2.77
N MET A 51 28.98 15.80 -3.35
CA MET A 51 28.68 15.26 -4.67
C MET A 51 29.40 16.04 -5.76
N ALA A 52 29.77 17.28 -5.45
CA ALA A 52 30.53 18.11 -6.37
C ALA A 52 32.03 17.98 -6.12
N GLU A 53 32.40 17.74 -4.87
CA GLU A 53 33.80 17.77 -4.46
C GLU A 53 34.48 16.43 -4.72
N ASN A 54 33.85 15.35 -4.23
CA ASN A 54 34.52 14.06 -4.14
C ASN A 54 34.12 13.16 -5.28
N LEU A 55 33.33 13.69 -6.21
CA LEU A 55 32.91 12.94 -7.39
C LEU A 55 33.41 13.59 -8.67
N ALA A 56 34.30 12.89 -9.36
CA ALA A 56 35.03 13.49 -10.48
C ALA A 56 34.07 13.92 -11.59
N PRO A 57 34.42 15.03 -12.26
CA PRO A 57 33.66 15.47 -13.43
C PRO A 57 33.44 14.32 -14.41
N ASP A 58 34.40 13.40 -14.45
CA ASP A 58 34.31 12.25 -15.35
C ASP A 58 33.03 11.45 -15.11
N HIS A 59 32.63 11.37 -13.85
CA HIS A 59 31.43 10.64 -13.47
C HIS A 59 30.17 11.42 -13.82
N TRP A 60 30.24 12.74 -13.66
CA TRP A 60 29.12 13.62 -13.98
C TRP A 60 28.86 13.64 -15.47
N GLU A 61 29.92 13.51 -16.26
CA GLU A 61 29.80 13.35 -17.70
C GLU A 61 29.13 12.03 -18.05
N ARG A 62 29.53 10.97 -17.36
CA ARG A 62 28.92 9.66 -17.53
C ARG A 62 27.45 9.69 -17.13
N TYR A 63 27.15 10.40 -16.04
CA TYR A 63 25.77 10.57 -15.60
C TYR A 63 24.91 11.17 -16.69
N THR A 64 25.43 12.18 -17.37
CA THR A 64 24.71 12.83 -18.46
C THR A 64 24.50 11.88 -19.63
N GLN A 65 25.56 11.17 -19.99
CA GLN A 65 25.50 10.21 -21.10
C GLN A 65 24.46 9.15 -20.84
N LEU A 66 24.46 8.60 -19.63
CA LEU A 66 23.48 7.60 -19.23
C LEU A 66 22.08 8.19 -19.18
N LEU A 67 21.97 9.38 -18.58
CA LEU A 67 20.69 10.07 -18.48
C LEU A 67 20.01 10.19 -19.84
N ARG A 68 20.70 10.82 -20.78
CA ARG A 68 20.11 11.15 -22.08
C ARG A 68 19.78 9.88 -22.86
N GLY A 69 20.66 8.88 -22.75
CA GLY A 69 20.40 7.58 -23.36
C GLY A 69 19.17 6.92 -22.75
N TRP A 70 19.04 7.02 -21.43
CA TRP A 70 17.92 6.43 -20.72
C TRP A 70 16.61 7.11 -21.10
N GLN A 71 16.67 8.43 -21.31
CA GLN A 71 15.49 9.20 -21.67
C GLN A 71 14.89 8.71 -22.98
N GLN A 72 15.77 8.38 -23.94
CA GLN A 72 15.33 7.79 -25.20
C GLN A 72 14.63 6.45 -24.97
N MET A 73 15.19 5.64 -24.09
CA MET A 73 14.57 4.38 -23.69
C MET A 73 13.22 4.63 -23.03
N PHE A 74 13.16 5.62 -22.14
CA PHE A 74 11.95 5.91 -21.39
C PHE A 74 10.80 6.28 -22.31
N LYS A 75 11.11 7.05 -23.35
CA LYS A 75 10.12 7.43 -24.34
C LYS A 75 9.52 6.22 -25.04
N VAL A 76 10.37 5.24 -25.34
CA VAL A 76 9.92 3.98 -25.91
C VAL A 76 9.03 3.22 -24.94
N GLU A 77 9.45 3.16 -23.68
CA GLU A 77 8.67 2.49 -22.64
C GLU A 77 7.29 3.12 -22.51
N LEU A 78 7.24 4.44 -22.50
CA LEU A 78 5.99 5.17 -22.30
C LEU A 78 5.01 4.87 -23.42
N LYS A 79 5.51 4.82 -24.65
CA LYS A 79 4.69 4.50 -25.81
C LYS A 79 4.13 3.09 -25.73
N ARG A 80 4.99 2.15 -25.33
CA ARG A 80 4.57 0.77 -25.17
C ARG A 80 3.59 0.61 -24.02
N LEU A 81 3.84 1.34 -22.93
CA LEU A 81 2.97 1.27 -21.75
C LEU A 81 1.58 1.81 -22.07
N GLN A 82 1.54 2.99 -22.69
CA GLN A 82 0.28 3.61 -23.07
C GLN A 82 -0.59 2.66 -23.88
N ARG A 83 0.04 1.95 -24.82
CA ARG A 83 -0.64 0.91 -25.57
C ARG A 83 -1.05 -0.24 -24.68
N HIS A 84 -0.20 -0.58 -23.71
CA HIS A 84 -0.44 -1.71 -22.82
C HIS A 84 -1.68 -1.47 -21.96
N TYR A 85 -1.99 -0.20 -21.74
CA TYR A 85 -3.18 0.17 -20.97
C TYR A 85 -4.34 0.54 -21.87
N ASN A 86 -4.13 0.41 -23.17
CA ASN A 86 -5.13 0.82 -24.16
C ASN A 86 -5.59 2.26 -23.90
N HIS A 87 -4.64 3.14 -23.62
CA HIS A 87 -4.96 4.54 -23.36
C HIS A 87 -4.49 5.43 -24.51
N SER A 88 -5.03 6.64 -24.57
CA SER A 88 -4.60 7.63 -25.56
C SER A 88 -4.49 9.01 -24.94
N GLY A 89 -4.71 9.09 -23.64
CA GLY A 89 -4.69 10.37 -22.93
C GLY A 89 -3.33 10.62 -22.27
N SER A 90 -3.27 11.63 -21.42
CA SER A 90 -2.03 11.99 -20.74
C SER A 90 -1.88 11.21 -19.43
N HIS A 91 -0.83 10.43 -19.33
CA HIS A 91 -0.64 9.52 -18.20
C HIS A 91 0.81 9.47 -17.76
N THR A 92 1.04 9.05 -16.52
CA THR A 92 2.38 9.05 -15.94
C THR A 92 2.79 7.64 -15.52
N TYR A 93 4.09 7.40 -15.46
CA TYR A 93 4.62 6.12 -15.02
C TYR A 93 5.82 6.31 -14.11
N GLN A 94 5.82 5.62 -12.98
CA GLN A 94 6.79 5.84 -11.92
C GLN A 94 7.66 4.62 -11.68
N ARG A 95 8.92 4.84 -11.32
CA ARG A 95 9.81 3.76 -10.94
C ARG A 95 10.66 4.15 -9.74
N MET A 96 10.85 3.20 -8.83
CA MET A 96 11.79 3.38 -7.72
C MET A 96 12.86 2.30 -7.72
N ILE A 97 14.10 2.71 -7.51
CA ILE A 97 15.22 1.77 -7.37
C ILE A 97 16.26 2.29 -6.39
N GLY A 98 16.86 1.37 -5.63
CA GLY A 98 17.94 1.73 -4.73
C GLY A 98 18.37 0.53 -3.89
N CYS A 99 19.03 0.80 -2.77
CA CYS A 99 19.63 -0.25 -1.96
C CYS A 99 19.81 0.20 -0.51
N GLU A 100 20.14 -0.75 0.36
CA GLU A 100 20.31 -0.46 1.77
C GLU A 100 21.58 -1.09 2.32
N LEU A 101 22.18 -0.45 3.32
CA LEU A 101 23.18 -1.09 4.16
C LEU A 101 22.64 -1.35 5.56
N LEU A 102 22.59 -2.63 5.94
CA LEU A 102 21.94 -3.03 7.18
C LEU A 102 22.93 -3.12 8.32
N GLU A 103 22.42 -3.12 9.55
CA GLU A 103 23.27 -3.07 10.73
C GLU A 103 24.19 -4.28 10.80
N ASP A 104 23.68 -5.42 10.34
CA ASP A 104 24.42 -6.68 10.45
C ASP A 104 25.41 -6.85 9.31
N GLY A 105 25.57 -5.81 8.51
CA GLY A 105 26.61 -5.76 7.50
C GLY A 105 26.10 -6.26 6.15
N SER A 106 24.89 -6.80 6.16
CA SER A 106 24.28 -7.35 4.94
C SER A 106 23.80 -6.23 4.03
N THR A 107 23.46 -6.57 2.79
CA THR A 107 23.00 -5.60 1.81
C THR A 107 21.69 -6.02 1.19
N THR A 108 20.88 -5.04 0.80
CA THR A 108 19.65 -5.30 0.05
C THR A 108 19.47 -4.32 -1.09
N GLY A 109 18.73 -4.73 -2.11
CA GLY A 109 18.16 -3.80 -3.08
C GLY A 109 16.65 -3.72 -2.95
N PHE A 110 16.03 -2.83 -3.70
CA PHE A 110 14.58 -2.78 -3.83
C PHE A 110 14.16 -2.14 -5.15
N LEU A 111 12.94 -2.45 -5.58
CA LEU A 111 12.49 -2.11 -6.91
C LEU A 111 10.97 -2.08 -7.01
N GLN A 112 10.43 -0.93 -7.39
CA GLN A 112 8.99 -0.72 -7.38
C GLN A 112 8.52 0.00 -8.64
N TYR A 113 7.36 -0.38 -9.14
CA TYR A 113 6.75 0.31 -10.26
C TYR A 113 5.33 0.76 -9.93
N ALA A 114 4.90 1.85 -10.55
CA ALA A 114 3.52 2.32 -10.41
C ALA A 114 3.03 2.99 -11.69
N TYR A 115 1.72 2.97 -11.91
CA TYR A 115 1.12 3.69 -13.02
C TYR A 115 0.10 4.70 -12.54
N ASP A 116 0.34 5.97 -12.83
CA ASP A 116 -0.43 7.06 -12.25
C ASP A 116 -0.56 6.90 -10.73
N GLY A 117 0.54 6.54 -10.09
CA GLY A 117 0.62 6.59 -8.64
C GLY A 117 0.16 5.28 -8.02
N GLN A 118 -0.32 4.37 -8.85
CA GLN A 118 -0.83 3.08 -8.38
C GLN A 118 0.14 1.95 -8.71
N ASP A 119 0.53 1.20 -7.67
CA ASP A 119 1.46 0.09 -7.85
C ASP A 119 0.99 -0.86 -8.94
N PHE A 120 1.90 -1.18 -9.86
CA PHE A 120 1.53 -1.93 -11.06
C PHE A 120 2.30 -3.25 -11.14
N LEU A 121 3.61 -3.14 -11.34
CA LEU A 121 4.41 -4.28 -11.79
C LEU A 121 5.15 -4.92 -10.63
N ILE A 122 4.93 -6.21 -10.44
CA ILE A 122 5.62 -6.97 -9.40
C ILE A 122 6.90 -7.58 -9.95
N PHE A 123 7.98 -7.49 -9.18
CA PHE A 123 9.23 -8.18 -9.49
C PHE A 123 9.50 -9.31 -8.51
N ASN A 124 9.49 -10.54 -9.03
CA ASN A 124 9.81 -11.71 -8.22
C ASN A 124 11.27 -12.10 -8.39
N LYS A 125 12.15 -11.45 -7.63
CA LYS A 125 13.59 -11.60 -7.83
C LYS A 125 14.01 -13.06 -7.70
N ASP A 126 13.29 -13.82 -6.88
CA ASP A 126 13.62 -15.21 -6.63
C ASP A 126 13.70 -16.01 -7.92
N THR A 127 12.85 -15.65 -8.88
CA THR A 127 12.80 -16.33 -10.16
C THR A 127 13.01 -15.36 -11.32
N LEU A 128 13.14 -14.08 -11.00
CA LEU A 128 13.26 -13.04 -12.01
C LEU A 128 12.04 -13.02 -12.92
N SER A 129 10.87 -13.22 -12.33
CA SER A 129 9.62 -13.22 -13.09
C SER A 129 8.93 -11.86 -13.00
N TRP A 130 8.13 -11.55 -14.02
CA TRP A 130 7.43 -10.27 -14.06
C TRP A 130 5.92 -10.48 -14.19
N LEU A 131 5.16 -9.70 -13.42
CA LEU A 131 3.70 -9.74 -13.51
C LEU A 131 3.09 -8.49 -12.88
N ALA A 132 1.93 -8.09 -13.40
CA ALA A 132 1.12 -7.07 -12.75
C ALA A 132 0.39 -7.64 -11.54
N VAL A 133 -0.06 -6.76 -10.66
CA VAL A 133 -0.86 -7.17 -9.51
C VAL A 133 -2.12 -7.92 -9.95
N ASP A 134 -2.78 -7.40 -10.97
CA ASP A 134 -4.07 -7.95 -11.41
C ASP A 134 -4.14 -8.03 -12.93
N ASN A 135 -4.53 -6.93 -13.56
CA ASN A 135 -5.37 -6.98 -14.75
C ASN A 135 -4.64 -7.67 -15.90
N VAL A 136 -3.34 -7.41 -16.00
CA VAL A 136 -2.56 -7.85 -17.16
C VAL A 136 -1.41 -8.75 -16.74
N ALA A 137 -1.56 -9.39 -15.58
CA ALA A 137 -0.49 -10.21 -15.03
C ALA A 137 -0.08 -11.31 -16.00
N HIS A 138 -1.06 -11.88 -16.69
CA HIS A 138 -0.82 -13.05 -17.53
C HIS A 138 -0.08 -12.67 -18.81
N THR A 139 -0.46 -11.54 -19.39
CA THR A 139 0.18 -11.05 -20.60
C THR A 139 1.66 -10.73 -20.35
N ILE A 140 1.93 -10.06 -19.24
CA ILE A 140 3.29 -9.65 -18.90
C ILE A 140 4.20 -10.86 -18.76
N LYS A 141 3.71 -11.90 -18.11
CA LYS A 141 4.48 -13.13 -17.93
C LYS A 141 4.90 -13.71 -19.27
N GLN A 142 4.02 -13.59 -20.27
CA GLN A 142 4.28 -14.14 -21.60
C GLN A 142 4.98 -13.13 -22.49
N ALA A 143 4.90 -11.86 -22.10
CA ALA A 143 5.42 -10.78 -22.94
C ALA A 143 6.81 -10.36 -22.49
N TRP A 144 6.91 -9.88 -21.25
CA TRP A 144 8.06 -9.10 -20.82
C TRP A 144 9.15 -9.99 -20.24
N GLU A 145 8.87 -11.30 -20.19
CA GLU A 145 9.87 -12.28 -19.81
C GLU A 145 10.54 -12.89 -21.03
N ALA A 146 10.23 -12.35 -22.20
CA ALA A 146 10.80 -12.83 -23.46
C ALA A 146 12.32 -12.79 -23.42
N ASN A 147 12.86 -11.78 -22.75
CA ASN A 147 14.31 -11.64 -22.63
C ASN A 147 14.86 -12.51 -21.50
N GLN A 148 15.39 -13.67 -21.88
CA GLN A 148 15.79 -14.67 -20.90
C GLN A 148 17.30 -14.67 -20.71
N HIS A 149 17.95 -13.59 -21.15
CA HIS A 149 19.41 -13.52 -21.12
C HIS A 149 19.89 -12.57 -20.03
N GLU A 150 18.99 -12.24 -19.10
CA GLU A 150 19.31 -11.31 -18.02
C GLU A 150 19.39 -12.02 -16.68
N LEU A 151 19.75 -13.29 -16.71
CA LEU A 151 19.82 -14.11 -15.51
C LEU A 151 20.61 -13.41 -14.41
N LEU A 152 21.77 -12.87 -14.77
CA LEU A 152 22.66 -12.24 -13.81
C LEU A 152 22.53 -10.72 -13.86
N TYR A 153 22.10 -10.20 -15.00
CA TYR A 153 22.04 -8.76 -15.22
C TYR A 153 21.16 -8.09 -14.19
N GLN A 154 19.94 -8.58 -14.04
CA GLN A 154 18.95 -7.93 -13.19
C GLN A 154 19.43 -7.86 -11.75
N LYS A 155 20.13 -8.90 -11.30
CA LYS A 155 20.59 -8.97 -9.92
C LYS A 155 21.71 -7.97 -9.66
N ASN A 156 22.65 -7.90 -10.58
CA ASN A 156 23.75 -6.94 -10.48
C ASN A 156 23.26 -5.51 -10.72
N TRP A 157 22.39 -5.35 -11.71
CA TRP A 157 21.82 -4.05 -12.03
C TRP A 157 21.05 -3.48 -10.84
N LEU A 158 20.23 -4.32 -10.23
CA LEU A 158 19.35 -3.89 -9.15
C LEU A 158 20.14 -3.64 -7.87
N GLU A 159 20.84 -4.66 -7.40
CA GLU A 159 21.34 -4.68 -6.03
C GLU A 159 22.80 -4.26 -5.97
N GLU A 160 23.64 -4.94 -6.74
CA GLU A 160 25.09 -4.86 -6.56
C GLU A 160 25.61 -3.48 -6.93
N GLU A 161 25.23 -3.00 -8.11
CA GLU A 161 25.73 -1.73 -8.61
C GLU A 161 25.29 -0.58 -7.72
N CYS A 162 24.07 -0.67 -7.20
CA CYS A 162 23.54 0.36 -6.32
C CYS A 162 24.32 0.45 -5.02
N ILE A 163 24.64 -0.72 -4.46
CA ILE A 163 25.43 -0.78 -3.23
C ILE A 163 26.79 -0.13 -3.42
N ALA A 164 27.42 -0.39 -4.57
CA ALA A 164 28.70 0.20 -4.89
C ALA A 164 28.65 1.73 -4.81
N TRP A 165 27.60 2.30 -5.39
CA TRP A 165 27.44 3.75 -5.42
C TRP A 165 27.13 4.30 -4.03
N LEU A 166 26.30 3.57 -3.29
CA LEU A 166 25.92 3.99 -1.95
C LEU A 166 27.13 4.11 -1.04
N LYS A 167 27.97 3.06 -1.04
CA LYS A 167 29.17 3.04 -0.23
C LYS A 167 30.10 4.19 -0.61
N ARG A 168 30.22 4.45 -1.90
CA ARG A 168 31.03 5.55 -2.40
C ARG A 168 30.47 6.90 -1.96
N PHE A 169 29.15 7.05 -2.09
CA PHE A 169 28.49 8.30 -1.74
C PHE A 169 28.61 8.60 -0.26
N LEU A 170 28.53 7.55 0.56
CA LEU A 170 28.71 7.68 2.01
C LEU A 170 30.14 8.08 2.35
N GLU A 171 31.10 7.50 1.63
CA GLU A 171 32.49 7.88 1.80
C GLU A 171 32.72 9.34 1.48
N TYR A 172 31.95 9.86 0.53
CA TYR A 172 31.98 11.28 0.19
C TYR A 172 31.26 12.11 1.26
N GLY A 173 30.05 11.70 1.59
CA GLY A 173 29.22 12.45 2.53
C GLY A 173 29.52 12.08 3.97
N LYS A 174 30.76 12.32 4.39
CA LYS A 174 31.20 11.95 5.73
C LYS A 174 30.41 12.70 6.80
N ASP A 175 29.83 13.83 6.41
CA ASP A 175 29.04 14.64 7.33
C ASP A 175 27.85 13.86 7.86
N THR A 176 27.48 12.79 7.15
CA THR A 176 26.42 11.89 7.61
C THR A 176 27.01 10.57 8.11
N LEU A 177 27.88 9.98 7.31
CA LEU A 177 28.41 8.65 7.60
C LEU A 177 29.05 8.60 8.97
N GLN A 178 29.89 9.58 9.27
CA GLN A 178 30.72 9.54 10.46
C GLN A 178 30.10 10.35 11.60
N ARG A 179 28.87 10.81 11.38
CA ARG A 179 28.21 11.71 12.33
C ARG A 179 27.18 10.96 13.17
N THR A 180 27.25 11.14 14.47
CA THR A 180 26.21 10.66 15.37
C THR A 180 26.09 11.54 16.61
N GLU A 181 24.86 11.89 16.97
CA GLU A 181 24.62 12.78 18.10
C GLU A 181 23.55 12.20 19.03
N PRO A 182 23.93 11.92 20.27
CA PRO A 182 22.98 11.47 21.27
C PRO A 182 21.82 12.45 21.44
N PRO A 183 20.67 11.95 21.83
CA PRO A 183 19.50 12.79 22.05
C PRO A 183 19.60 13.53 23.38
N LYS A 184 18.89 14.66 23.48
CA LYS A 184 18.55 15.23 24.78
C LYS A 184 17.06 15.07 25.08
N VAL A 185 16.77 14.63 26.30
CA VAL A 185 15.42 14.19 26.64
C VAL A 185 14.90 14.91 27.89
N ARG A 186 13.66 15.37 27.82
CA ARG A 186 13.03 16.03 28.96
C ARG A 186 11.65 15.46 29.23
N VAL A 187 11.18 15.59 30.46
CA VAL A 187 9.87 15.11 30.84
C VAL A 187 9.04 16.21 31.51
N ASN A 188 7.74 16.22 31.23
CA ASN A 188 6.85 17.22 31.80
C ASN A 188 5.41 16.73 31.80
N HIS A 189 4.52 17.54 32.36
CA HIS A 189 3.09 17.22 32.38
C HIS A 189 2.30 18.16 31.48
N LYS A 190 1.13 17.70 31.04
CA LYS A 190 0.21 18.56 30.31
C LYS A 190 -1.22 18.03 30.42
N GLU A 191 -2.17 18.77 29.83
CA GLU A 191 -3.54 18.30 29.72
C GLU A 191 -3.93 18.05 28.27
N THR A 192 -4.48 16.87 28.01
CA THR A 192 -5.10 16.58 26.72
C THR A 192 -6.63 16.65 26.83
N PHE A 193 -7.15 16.25 27.97
CA PHE A 193 -8.60 16.15 28.16
C PHE A 193 -8.97 16.23 29.63
N PRO A 194 -9.95 17.06 29.95
CA PRO A 194 -10.37 17.28 31.34
C PRO A 194 -10.61 15.96 32.05
N GLY A 195 -10.08 15.84 33.26
CA GLY A 195 -10.25 14.62 34.06
C GLY A 195 -9.07 13.69 33.90
N ILE A 196 -8.32 13.86 32.82
CA ILE A 196 -7.21 12.97 32.50
C ILE A 196 -5.88 13.70 32.57
N THR A 197 -4.88 13.04 33.17
CA THR A 197 -3.55 13.60 33.28
C THR A 197 -2.63 13.04 32.19
N THR A 198 -2.00 13.93 31.45
CA THR A 198 -1.14 13.53 30.32
C THR A 198 0.33 13.62 30.71
N LEU A 199 1.03 12.51 30.53
CA LEU A 199 2.48 12.47 30.79
C LEU A 199 3.27 12.55 29.49
N TYR A 200 4.08 13.59 29.37
CA TYR A 200 4.70 13.95 28.10
C TYR A 200 6.21 13.96 28.20
N CYS A 201 6.88 13.43 27.17
CA CYS A 201 8.33 13.42 27.13
C CYS A 201 8.84 13.84 25.76
N ARG A 202 9.80 14.77 25.75
CA ARG A 202 10.32 15.31 24.50
C ARG A 202 11.78 14.91 24.31
N ALA A 203 12.13 14.54 23.08
CA ALA A 203 13.51 14.20 22.76
C ALA A 203 13.95 14.89 21.47
N TYR A 204 15.09 15.58 21.53
CA TYR A 204 15.52 16.46 20.45
C TYR A 204 17.03 16.44 20.28
N GLY A 205 17.49 16.76 19.08
CA GLY A 205 18.88 17.14 18.88
C GLY A 205 19.75 15.93 18.59
N PHE A 206 19.15 14.90 18.01
CA PHE A 206 19.86 13.66 17.71
C PHE A 206 20.03 13.47 16.22
N TYR A 207 21.03 12.68 15.83
CA TYR A 207 21.29 12.39 14.43
C TYR A 207 22.15 11.15 14.27
N PRO A 208 21.90 10.40 13.20
CA PRO A 208 20.62 10.47 12.50
C PRO A 208 19.47 10.07 13.41
N PRO A 209 18.25 10.14 12.88
CA PRO A 209 17.06 9.85 13.67
C PRO A 209 16.85 8.35 13.83
N GLU A 210 17.82 7.68 14.45
CA GLU A 210 17.69 6.28 14.79
C GLU A 210 17.24 6.09 16.24
N ILE A 211 15.99 6.43 16.52
CA ILE A 211 15.53 6.61 17.89
C ILE A 211 14.22 5.87 18.13
N SER A 212 14.08 5.30 19.32
CA SER A 212 12.83 4.67 19.73
C SER A 212 12.54 4.93 21.21
N ILE A 213 11.31 5.32 21.50
CA ILE A 213 10.91 5.63 22.87
C ILE A 213 9.61 4.93 23.24
N ASN A 214 9.59 4.30 24.41
CA ASN A 214 8.38 3.65 24.91
C ASN A 214 8.22 3.87 26.41
N TRP A 215 6.97 3.87 26.87
CA TRP A 215 6.68 3.95 28.30
C TRP A 215 6.64 2.56 28.92
N MET A 216 7.30 2.41 30.06
CA MET A 216 7.42 1.12 30.71
C MET A 216 6.94 1.18 32.15
N LYS A 217 6.54 0.02 32.68
CA LYS A 217 6.27 -0.11 34.11
C LYS A 217 6.81 -1.43 34.65
N ASN A 218 7.73 -1.34 35.61
CA ASN A 218 8.34 -2.53 36.19
C ASN A 218 9.03 -3.37 35.13
N GLY A 219 9.51 -2.71 34.08
CA GLY A 219 10.31 -3.37 33.06
C GLY A 219 9.42 -3.90 31.93
N GLU A 220 8.11 -3.85 32.13
CA GLU A 220 7.17 -4.32 31.14
C GLU A 220 6.50 -3.17 30.42
N GLU A 221 6.09 -3.41 29.17
CA GLU A 221 5.36 -2.41 28.40
C GLU A 221 4.01 -2.10 29.04
N ILE A 222 3.65 -0.82 29.07
CA ILE A 222 2.37 -0.40 29.61
C ILE A 222 1.23 -0.73 28.64
N PHE A 223 0.02 -0.87 29.17
CA PHE A 223 -1.13 -1.24 28.36
C PHE A 223 -2.11 -0.07 28.26
N GLN A 224 -1.61 1.15 28.46
CA GLN A 224 -2.42 2.35 28.30
C GLN A 224 -2.19 3.00 26.95
N ASP A 225 -3.14 3.82 26.53
CA ASP A 225 -3.03 4.55 25.27
C ASP A 225 -1.75 5.38 25.23
N THR A 226 -0.96 5.17 24.18
CA THR A 226 0.30 5.90 24.03
C THR A 226 0.37 6.60 22.67
N ASP A 227 0.78 7.86 22.69
CA ASP A 227 0.91 8.64 21.46
C ASP A 227 2.37 8.72 21.02
N TYR A 228 2.59 8.60 19.70
CA TYR A 228 3.93 8.73 19.14
C TYR A 228 3.97 9.84 18.09
N GLY A 229 4.90 10.77 18.26
CA GLY A 229 5.04 11.88 17.33
C GLY A 229 5.68 11.45 16.03
N GLY A 230 6.51 10.40 16.10
CA GLY A 230 7.36 10.01 14.97
C GLY A 230 8.55 10.95 14.86
N ILE A 231 9.24 10.87 13.72
CA ILE A 231 10.45 11.67 13.49
C ILE A 231 10.10 13.04 12.94
N LEU A 232 10.37 14.09 13.72
CA LEU A 232 10.00 15.44 13.35
C LEU A 232 11.22 16.32 13.16
N PRO A 233 11.54 16.61 11.90
CA PRO A 233 12.71 17.42 11.57
C PRO A 233 12.66 18.77 12.29
N SER A 234 13.80 19.20 12.81
CA SER A 234 13.89 20.49 13.48
C SER A 234 14.23 21.60 12.50
N GLY A 235 14.95 21.25 11.44
CA GLY A 235 15.37 22.22 10.43
C GLY A 235 16.77 22.75 10.74
N ASP A 236 17.28 22.41 11.92
CA ASP A 236 18.60 22.86 12.34
C ASP A 236 19.67 21.83 12.00
N GLY A 237 19.30 20.85 11.20
CA GLY A 237 20.25 19.82 10.76
C GLY A 237 20.03 18.52 11.52
N THR A 238 19.28 18.59 12.62
CA THR A 238 18.98 17.42 13.42
C THR A 238 17.48 17.17 13.50
N TYR A 239 17.09 16.13 14.22
CA TYR A 239 15.69 15.75 14.34
C TYR A 239 15.24 15.78 15.80
N GLN A 240 13.92 15.76 16.01
CA GLN A 240 13.36 15.56 17.34
C GLN A 240 12.11 14.71 17.27
N THR A 241 11.75 14.10 18.41
CA THR A 241 10.49 13.38 18.53
C THR A 241 9.85 13.60 19.90
N TRP A 242 8.79 12.87 20.17
CA TRP A 242 8.14 12.90 21.48
C TRP A 242 7.20 11.72 21.67
N VAL A 243 6.94 11.36 22.92
CA VAL A 243 5.87 10.43 23.24
C VAL A 243 5.00 10.94 24.38
N SER A 244 3.81 10.38 24.52
CA SER A 244 2.92 10.74 25.61
C SER A 244 2.01 9.57 26.00
N VAL A 245 1.70 9.46 27.28
CA VAL A 245 0.74 8.48 27.76
C VAL A 245 -0.32 9.12 28.65
N GLU A 246 -1.57 8.72 28.46
CA GLU A 246 -2.66 9.23 29.27
C GLU A 246 -2.82 8.44 30.56
N LEU A 247 -2.85 9.14 31.69
CA LEU A 247 -2.91 8.50 32.99
C LEU A 247 -4.34 8.52 33.55
N ASP A 248 -4.75 7.42 34.16
CA ASP A 248 -6.10 7.28 34.66
C ASP A 248 -6.44 8.39 35.65
N PRO A 249 -7.65 8.93 35.52
CA PRO A 249 -8.12 9.97 36.43
C PRO A 249 -7.89 9.58 37.88
N GLN A 250 -7.99 8.29 38.16
CA GLN A 250 -7.95 7.80 39.53
C GLN A 250 -6.56 7.31 39.91
N ASN A 251 -5.62 7.43 38.96
CA ASN A 251 -4.27 6.93 39.16
C ASN A 251 -3.28 7.65 38.26
N GLY A 252 -2.60 8.65 38.82
CA GLY A 252 -1.74 9.53 38.04
C GLY A 252 -0.28 9.08 38.11
N ASP A 253 -0.07 7.80 38.35
CA ASP A 253 1.27 7.24 38.47
C ASP A 253 2.11 7.55 37.23
N ILE A 254 3.32 8.06 37.45
CA ILE A 254 4.20 8.43 36.35
C ILE A 254 4.93 7.20 35.81
N TYR A 255 4.77 6.94 34.52
CA TYR A 255 5.42 5.80 33.88
C TYR A 255 6.86 6.13 33.51
N SER A 256 7.70 5.10 33.43
CA SER A 256 9.09 5.27 33.09
C SER A 256 9.28 5.44 31.59
N CYS A 257 10.12 6.40 31.20
CA CYS A 257 10.41 6.64 29.80
C CYS A 257 11.76 6.05 29.41
N HIS A 258 11.75 5.06 28.54
CA HIS A 258 12.98 4.44 28.06
C HIS A 258 13.33 4.92 26.66
N VAL A 259 14.49 5.55 26.54
CA VAL A 259 14.92 6.13 25.27
C VAL A 259 16.15 5.43 24.73
N GLU A 260 16.05 4.94 23.49
CA GLU A 260 17.19 4.31 22.83
C GLU A 260 17.52 5.03 21.53
N HIS A 261 18.81 5.26 21.29
CA HIS A 261 19.27 5.86 20.05
C HIS A 261 20.73 5.54 19.79
N GLY A 262 21.06 5.22 18.53
CA GLY A 262 22.43 4.96 18.14
C GLY A 262 23.06 3.89 19.03
N GLY A 263 24.14 4.25 19.71
CA GLY A 263 24.83 3.32 20.60
C GLY A 263 24.64 3.71 22.06
N VAL A 264 23.65 4.56 22.32
CA VAL A 264 23.42 5.09 23.66
C VAL A 264 21.96 4.91 24.08
N HIS A 265 21.70 5.09 25.37
CA HIS A 265 20.33 5.06 25.87
C HIS A 265 20.21 5.81 27.19
N MET A 266 18.99 6.11 27.59
CA MET A 266 18.72 6.70 28.90
C MET A 266 17.30 6.40 29.37
N VAL A 267 17.08 6.51 30.68
CA VAL A 267 15.75 6.33 31.24
C VAL A 267 15.37 7.51 32.13
N LEU A 268 14.17 8.04 31.90
CA LEU A 268 13.65 9.13 32.72
C LEU A 268 12.50 8.66 33.60
N GLN A 269 12.53 9.03 34.87
CA GLN A 269 11.49 8.63 35.81
C GLN A 269 11.04 9.82 36.66
N GLY A 270 9.77 9.82 37.03
CA GLY A 270 9.24 10.79 37.97
C GLY A 270 9.17 12.19 37.34
N PHE A 271 9.05 13.21 38.19
CA PHE A 271 8.95 14.58 37.72
C PHE A 271 8.92 15.56 38.88
N GLN B 3 -5.19 9.28 -5.55
CA GLN B 3 -5.05 10.61 -4.99
C GLN B 3 -4.89 10.57 -3.49
N ARG B 4 -3.75 11.06 -3.01
CA ARG B 4 -3.36 10.87 -1.61
C ARG B 4 -3.23 12.21 -0.89
N PRO B 5 -4.20 12.52 -0.05
CA PRO B 5 -4.19 13.77 0.71
C PRO B 5 -2.93 13.89 1.54
N PRO B 6 -2.54 15.13 1.82
CA PRO B 6 -1.34 15.39 2.62
C PRO B 6 -1.46 14.79 4.01
N LYS B 7 -0.33 14.39 4.58
CA LYS B 7 -0.24 14.12 6.01
C LYS B 7 0.52 15.22 6.74
N ILE B 8 -0.20 16.02 7.52
CA ILE B 8 0.32 17.29 8.01
C ILE B 8 0.52 17.25 9.52
N GLN B 9 1.76 17.46 9.95
CA GLN B 9 2.05 17.64 11.37
C GLN B 9 2.57 19.03 11.65
N VAL B 10 2.15 19.61 12.78
CA VAL B 10 2.58 20.95 13.16
C VAL B 10 3.18 20.95 14.56
N TYR B 11 4.32 21.61 14.72
CA TYR B 11 5.05 21.60 15.98
C TYR B 11 6.04 22.76 16.06
N SER B 12 6.57 22.99 17.25
CA SER B 12 7.65 23.96 17.43
C SER B 12 9.02 23.28 17.43
N ARG B 13 10.06 24.05 17.15
CA ARG B 13 11.42 23.60 17.37
C ARG B 13 11.78 23.58 18.84
N HIS B 14 11.44 24.67 19.54
CA HIS B 14 11.77 24.81 20.95
C HIS B 14 10.51 24.91 21.81
N PRO B 15 10.66 24.59 23.09
CA PRO B 15 9.55 24.75 24.04
C PRO B 15 8.92 26.14 23.93
N PRO B 16 7.64 26.23 24.26
CA PRO B 16 6.89 27.47 24.08
C PRO B 16 7.18 28.45 25.19
N GLU B 17 8.40 28.99 25.20
CA GLU B 17 8.79 30.00 26.17
C GLU B 17 8.41 31.40 25.70
N ASP B 18 7.40 31.98 26.33
CA ASP B 18 6.87 33.27 25.90
C ASP B 18 7.96 34.35 25.93
N GLY B 19 7.98 35.18 24.89
CA GLY B 19 8.89 36.33 24.86
C GLY B 19 10.22 35.95 24.21
N LYS B 20 10.44 34.65 24.03
CA LYS B 20 11.67 34.17 23.42
C LYS B 20 11.44 33.75 21.97
N PRO B 21 12.50 33.82 21.17
CA PRO B 21 12.43 33.43 19.77
C PRO B 21 12.17 31.94 19.62
N ASN B 22 11.47 31.56 18.57
CA ASN B 22 11.17 30.15 18.30
C ASN B 22 10.96 29.91 16.81
N TYR B 23 10.85 28.64 16.44
CA TYR B 23 10.56 28.28 15.06
C TYR B 23 9.28 27.44 14.97
N LEU B 24 8.37 27.85 14.10
CA LEU B 24 7.15 27.09 13.86
C LEU B 24 7.31 26.16 12.67
N ASN B 25 7.31 24.85 12.94
CA ASN B 25 7.62 23.85 11.93
C ASN B 25 6.35 23.19 11.40
N CYS B 26 6.34 22.92 10.10
CA CYS B 26 5.27 22.12 9.50
C CYS B 26 5.84 20.99 8.66
N TYR B 27 5.48 19.76 8.99
CA TYR B 27 6.06 18.58 8.37
C TYR B 27 5.00 17.81 7.57
N VAL B 28 5.12 17.86 6.25
CA VAL B 28 4.10 17.31 5.37
C VAL B 28 4.68 16.22 4.47
N TYR B 29 3.96 15.11 4.34
CA TYR B 29 4.43 13.97 3.58
C TYR B 29 3.27 13.09 3.12
N GLY B 30 3.55 12.17 2.20
CA GLY B 30 2.59 11.14 1.84
C GLY B 30 1.62 11.64 0.77
N PHE B 31 1.83 12.87 0.32
CA PHE B 31 0.95 13.48 -0.66
C PHE B 31 1.27 13.01 -2.07
N HIS B 32 0.23 12.83 -2.89
CA HIS B 32 0.42 12.48 -4.29
C HIS B 32 -0.71 13.05 -5.15
N PRO B 33 -0.35 13.74 -6.23
CA PRO B 33 1.05 13.79 -6.67
C PRO B 33 1.83 14.82 -5.86
N PRO B 34 3.15 14.77 -5.99
CA PRO B 34 4.02 15.60 -5.16
C PRO B 34 4.05 17.03 -5.65
N GLN B 35 2.94 17.74 -5.49
CA GLN B 35 2.85 19.13 -5.88
C GLN B 35 2.31 19.99 -4.75
N ILE B 36 3.21 20.65 -4.02
CA ILE B 36 2.87 21.25 -2.73
C ILE B 36 3.54 22.60 -2.56
N GLU B 37 2.86 23.52 -1.88
CA GLU B 37 3.51 24.69 -1.30
C GLU B 37 2.93 25.02 0.06
N ILE B 38 3.80 25.18 1.06
CA ILE B 38 3.37 25.36 2.44
C ILE B 38 3.52 26.82 2.86
N ASP B 39 2.46 27.38 3.43
CA ASP B 39 2.52 28.68 4.07
C ASP B 39 2.51 28.55 5.59
N LEU B 40 3.18 29.48 6.26
CA LEU B 40 3.10 29.58 7.72
C LEU B 40 2.62 30.96 8.15
N LEU B 41 1.57 30.99 8.98
CA LEU B 41 0.84 32.22 9.24
C LEU B 41 0.62 32.41 10.73
N LYS B 42 0.32 33.66 11.12
CA LYS B 42 -0.29 33.93 12.42
C LYS B 42 -1.38 34.99 12.30
N ASN B 43 -2.50 34.76 12.97
CA ASN B 43 -3.63 35.68 12.92
C ASN B 43 -4.11 35.87 11.49
N GLY B 44 -3.86 34.89 10.64
CA GLY B 44 -4.34 34.91 9.26
C GLY B 44 -3.32 35.52 8.33
N GLU B 45 -2.28 36.11 8.90
CA GLU B 45 -1.25 36.79 8.11
C GLU B 45 -0.01 35.91 7.96
N LYS B 46 0.55 35.89 6.75
CA LYS B 46 1.74 35.09 6.47
C LYS B 46 2.98 35.75 7.04
N ILE B 47 3.87 34.94 7.61
CA ILE B 47 5.10 35.44 8.22
C ILE B 47 6.33 34.85 7.54
N LYS B 48 7.50 35.42 7.84
CA LYS B 48 8.75 34.93 7.29
C LYS B 48 8.86 33.43 7.45
N SER B 49 9.11 32.73 6.34
CA SER B 49 9.15 31.29 6.33
C SER B 49 10.09 30.76 5.25
N GLU B 50 10.59 29.55 5.45
CA GLU B 50 11.35 28.85 4.42
C GLU B 50 10.85 27.41 4.25
N GLN B 51 11.16 26.83 3.08
CA GLN B 51 10.76 25.46 2.79
C GLN B 51 11.93 24.64 2.29
N SER B 52 11.96 23.36 2.66
CA SER B 52 13.04 22.46 2.25
C SER B 52 12.78 21.91 0.86
N ASP B 53 13.75 21.16 0.34
CA ASP B 53 13.54 20.33 -0.85
C ASP B 53 12.69 19.12 -0.53
N LEU B 54 12.29 18.38 -1.56
CA LEU B 54 11.39 17.25 -1.41
C LEU B 54 12.17 15.95 -1.33
N SER B 55 12.15 15.32 -0.16
CA SER B 55 12.80 14.03 0.03
C SER B 55 11.85 12.88 -0.30
N PHE B 56 12.20 12.11 -1.32
CA PHE B 56 11.28 11.13 -1.90
C PHE B 56 10.91 10.05 -0.90
N SER B 57 9.62 9.71 -0.85
CA SER B 57 9.16 8.61 -0.03
C SER B 57 8.88 7.37 -0.87
N LYS B 58 9.08 6.20 -0.27
CA LYS B 58 8.88 4.94 -0.98
C LYS B 58 7.44 4.80 -1.44
N ASP B 59 6.54 5.59 -0.85
CA ASP B 59 5.13 5.54 -1.19
C ASP B 59 4.78 6.58 -2.25
N TRP B 60 5.74 6.86 -3.14
CA TRP B 60 5.48 7.73 -4.28
C TRP B 60 5.14 9.15 -3.81
N SER B 61 5.87 9.64 -2.83
CA SER B 61 5.59 10.95 -2.24
C SER B 61 6.87 11.64 -1.80
N PHE B 62 6.76 12.54 -0.84
CA PHE B 62 7.88 13.35 -0.39
C PHE B 62 7.88 13.53 1.12
N TYR B 63 8.99 14.02 1.66
CA TYR B 63 9.00 14.64 2.98
C TYR B 63 9.45 16.09 2.90
N LEU B 64 8.57 17.00 3.30
CA LEU B 64 8.84 18.43 3.17
C LEU B 64 8.71 19.14 4.51
N LEU B 65 9.75 19.91 4.86
CA LEU B 65 9.71 20.72 6.06
C LEU B 65 9.56 22.20 5.72
N SER B 66 8.67 22.88 6.44
CA SER B 66 8.67 24.34 6.47
C SER B 66 8.84 24.87 7.88
N HIS B 67 9.53 25.99 8.01
CA HIS B 67 9.74 26.62 9.32
C HIS B 67 9.63 28.14 9.23
N ALA B 68 9.14 28.75 10.30
CA ALA B 68 9.05 30.20 10.38
C ALA B 68 9.50 30.71 11.73
N GLU B 69 10.14 31.88 11.74
CA GLU B 69 10.57 32.51 12.99
C GLU B 69 9.43 33.30 13.62
N PHE B 70 9.20 33.07 14.92
CA PHE B 70 8.13 33.75 15.64
C PHE B 70 8.45 33.84 17.13
N THR B 71 7.71 34.68 17.84
CA THR B 71 7.73 34.68 19.30
C THR B 71 6.39 34.25 19.86
N PRO B 72 6.40 33.20 20.67
CA PRO B 72 5.19 32.69 21.29
C PRO B 72 4.47 33.80 22.07
N ASN B 73 3.15 33.84 21.95
CA ASN B 73 2.35 34.86 22.61
C ASN B 73 0.88 34.49 22.60
N SER B 74 0.22 34.62 23.76
CA SER B 74 -1.16 34.18 23.91
C SER B 74 -2.09 34.96 23.01
N LYS B 75 -1.65 36.13 22.56
CA LYS B 75 -2.48 37.01 21.75
C LYS B 75 -2.42 36.62 20.28
N ASP B 76 -1.38 35.87 19.92
CA ASP B 76 -1.14 35.52 18.53
C ASP B 76 -1.46 34.06 18.25
N GLN B 77 -2.41 33.84 17.33
CA GLN B 77 -2.85 32.48 17.02
C GLN B 77 -2.09 31.93 15.82
N TYR B 78 -1.22 30.96 16.07
CA TYR B 78 -0.33 30.43 15.05
C TYR B 78 -0.91 29.19 14.38
N SER B 79 -0.79 29.12 13.06
CA SER B 79 -1.33 28.00 12.30
C SER B 79 -0.55 27.79 11.01
N CYS B 80 -0.71 26.62 10.42
CA CYS B 80 -0.06 26.30 9.15
C CYS B 80 -1.09 26.07 8.05
N ARG B 81 -0.71 26.42 6.81
CA ARG B 81 -1.59 26.24 5.66
C ARG B 81 -0.86 25.51 4.54
N VAL B 82 -1.46 24.43 4.06
CA VAL B 82 -0.87 23.62 2.99
C VAL B 82 -1.71 23.68 1.73
N LYS B 83 -1.16 24.27 0.68
CA LYS B 83 -1.84 24.32 -0.61
C LYS B 83 -1.19 23.37 -1.61
N HIS B 84 -2.03 22.70 -2.39
CA HIS B 84 -1.53 21.73 -3.37
C HIS B 84 -2.40 21.73 -4.62
N VAL B 85 -1.98 20.98 -5.64
CA VAL B 85 -2.62 21.00 -6.94
C VAL B 85 -3.97 20.29 -6.90
N THR B 86 -4.09 19.30 -6.01
CA THR B 86 -5.22 18.39 -6.03
C THR B 86 -6.53 19.12 -5.73
N LEU B 87 -6.53 19.88 -4.64
CA LEU B 87 -7.71 20.63 -4.24
C LEU B 87 -7.44 22.13 -4.28
N GLU B 88 -8.46 22.90 -4.64
CA GLU B 88 -8.42 24.35 -4.52
C GLU B 88 -8.41 24.77 -3.05
N GLN B 89 -9.11 23.99 -2.22
CA GLN B 89 -9.19 24.29 -0.79
C GLN B 89 -7.95 23.80 -0.05
N PRO B 90 -7.23 24.74 0.55
CA PRO B 90 -6.04 24.41 1.32
C PRO B 90 -6.41 23.79 2.67
N ARG B 91 -5.50 23.01 3.24
CA ARG B 91 -5.72 22.40 4.54
C ARG B 91 -5.11 23.24 5.66
N ILE B 92 -5.86 23.43 6.73
CA ILE B 92 -5.42 24.24 7.84
C ILE B 92 -5.17 23.41 9.08
N VAL B 93 -3.97 23.51 9.65
CA VAL B 93 -3.63 22.81 10.88
C VAL B 93 -3.00 23.77 11.89
N LYS B 94 -3.66 23.90 13.04
CA LYS B 94 -3.25 24.90 14.04
C LYS B 94 -2.17 24.36 14.94
N TRP B 95 -1.29 25.25 15.41
CA TRP B 95 -0.31 24.91 16.42
C TRP B 95 -0.96 24.69 17.78
N ASP B 96 -0.69 23.54 18.38
CA ASP B 96 -1.36 23.16 19.63
C ASP B 96 -0.66 23.76 20.83
N ARG B 97 0.32 24.64 20.58
CA ARG B 97 0.96 25.39 21.64
C ARG B 97 1.84 24.50 22.51
N ASP B 98 2.01 23.26 22.08
CA ASP B 98 2.91 22.33 22.77
C ASP B 98 2.57 22.24 24.25
N LEU B 99 3.56 22.46 25.10
CA LEU B 99 3.35 22.44 26.54
C LEU B 99 2.88 23.81 27.04
N PRO C 2 -15.38 -23.63 2.28
CA PRO C 2 -16.54 -24.23 1.62
C PRO C 2 -16.84 -25.61 2.21
N HIS C 3 -18.11 -25.87 2.49
CA HIS C 3 -18.53 -27.15 3.05
C HIS C 3 -19.78 -27.67 2.35
N PRO C 4 -19.99 -28.98 2.40
CA PRO C 4 -21.21 -29.59 1.87
C PRO C 4 -22.45 -28.90 2.41
N ALA C 5 -23.45 -28.74 1.56
CA ALA C 5 -24.69 -28.06 1.93
C ALA C 5 -25.39 -28.79 3.07
N GLU C 6 -26.00 -28.03 3.97
CA GLU C 6 -26.85 -28.60 5.01
C GLU C 6 -28.10 -29.25 4.42
N GLY C 7 -28.60 -28.67 3.33
CA GLY C 7 -29.79 -29.18 2.68
C GLY C 7 -29.48 -29.80 1.33
N GLN C 8 -30.36 -29.59 0.36
CA GLN C 8 -30.20 -30.18 -0.96
C GLN C 8 -29.32 -29.32 -1.86
N TRP C 9 -28.57 -29.97 -2.74
CA TRP C 9 -27.73 -29.27 -3.70
C TRP C 9 -27.81 -29.91 -5.08
N ARG C 10 -27.34 -29.19 -6.09
CA ARG C 10 -27.34 -29.70 -7.46
C ARG C 10 -25.94 -29.64 -8.06
N ALA C 11 -25.69 -30.52 -9.03
CA ALA C 11 -24.50 -30.40 -9.88
C ALA C 11 -24.88 -29.96 -11.28
N VAL C 12 -24.34 -28.82 -11.70
CA VAL C 12 -24.77 -28.18 -12.94
C VAL C 12 -23.57 -27.86 -13.83
N ASP C 13 -23.69 -28.20 -15.11
CA ASP C 13 -22.71 -27.77 -16.11
C ASP C 13 -23.05 -26.36 -16.61
N VAL C 14 -22.02 -25.52 -16.69
CA VAL C 14 -22.20 -24.16 -17.20
C VAL C 14 -21.12 -23.82 -18.22
N VAL C 15 -21.55 -23.18 -19.31
CA VAL C 15 -20.61 -22.75 -20.35
C VAL C 15 -20.30 -21.27 -20.22
N LEU C 16 -19.03 -20.96 -19.96
CA LEU C 16 -18.62 -19.58 -19.70
C LEU C 16 -17.84 -19.01 -20.88
N ASP C 17 -18.21 -17.81 -21.30
CA ASP C 17 -17.45 -17.08 -22.31
C ASP C 17 -16.04 -16.79 -21.84
N CYS C 18 -15.07 -16.92 -22.73
CA CYS C 18 -13.67 -16.67 -22.41
C CYS C 18 -12.99 -15.88 -23.52
N PHE C 19 -11.79 -15.39 -23.24
CA PHE C 19 -10.98 -14.71 -24.24
C PHE C 19 -9.60 -15.34 -24.34
N LEU C 20 -9.00 -15.26 -25.52
CA LEU C 20 -7.67 -15.81 -25.76
C LEU C 20 -6.58 -14.85 -25.30
N VAL C 21 -5.50 -15.40 -24.76
CA VAL C 21 -4.31 -14.62 -24.46
C VAL C 21 -3.30 -14.70 -25.61
N LYS C 22 -2.83 -13.54 -26.04
CA LYS C 22 -1.84 -13.47 -27.12
C LYS C 22 -0.47 -13.92 -26.63
N ASP C 23 0.28 -14.60 -27.50
CA ASP C 23 1.58 -15.13 -27.15
C ASP C 23 2.63 -14.02 -27.11
N GLY C 24 2.54 -13.14 -26.12
CA GLY C 24 3.49 -12.05 -25.97
C GLY C 24 2.94 -10.76 -26.57
N ALA C 25 3.43 -9.62 -26.09
CA ALA C 25 3.02 -8.33 -26.61
C ALA C 25 3.41 -8.17 -28.07
N HIS C 26 2.56 -7.49 -28.84
CA HIS C 26 2.88 -7.17 -30.23
C HIS C 26 3.53 -5.79 -30.33
N ARG C 27 4.40 -5.64 -31.34
CA ARG C 27 5.14 -4.39 -31.52
C ARG C 27 4.19 -3.21 -31.71
N GLY C 28 3.05 -3.46 -32.33
CA GLY C 28 2.11 -2.41 -32.66
C GLY C 28 0.98 -2.32 -31.63
N ALA C 29 1.03 -3.22 -30.66
CA ALA C 29 -0.04 -3.32 -29.66
C ALA C 29 0.38 -4.22 -28.50
CAC 3X9 C 30 8.15 -3.90 -27.47
CAS 3X9 C 30 7.45 -5.26 -27.23
CAD 3X9 C 30 6.68 -5.73 -28.48
NAQ 3X9 C 30 8.51 -6.28 -26.96
OAH 3X9 C 30 9.48 -6.47 -27.77
CAR 3X9 C 30 8.23 -7.17 -25.80
CAA 3X9 C 30 9.46 -7.26 -24.89
CAB 3X9 C 30 7.76 -8.56 -26.30
CAI 3X9 C 30 7.13 -6.38 -25.19
CAO 3X9 C 30 6.71 -5.33 -25.90
CAJ 3X9 C 30 5.65 -4.33 -25.50
SAL 3X9 C 30 4.39 -4.03 -26.77
N 3X9 C 30 0.45 -3.63 -27.31
CA 3X9 C 30 0.86 -4.37 -26.12
CB 3X9 C 30 1.67 -3.39 -25.23
SG 3X9 C 30 3.11 -2.63 -26.07
C 3X9 C 30 -0.34 -4.89 -25.35
O 3X9 C 30 -0.19 -5.64 -24.38
H1 3X9 C 30 8.78 -3.97 -28.39
H2 3X9 C 30 7.40 -3.10 -27.62
H3 3X9 C 30 8.81 -3.64 -26.62
H4 3X9 C 30 7.38 -5.85 -29.35
H5 3X9 C 30 6.18 -6.71 -28.31
H6 3X9 C 30 5.91 -4.99 -28.77
H7 3X9 C 30 10.32 -7.70 -25.44
H8 3X9 C 30 9.77 -6.25 -24.53
H9 3X9 C 30 9.25 -7.89 -24.01
H10 3X9 C 30 8.56 -9.04 -26.90
H11 3X9 C 30 7.54 -9.22 -25.44
H12 3X9 C 30 6.86 -8.48 -26.94
H13 3X9 C 30 6.76 -6.72 -24.23
H16 3X9 C 30 6.14 -3.35 -25.26
H17 3X9 C 30 5.13 -4.65 -24.56
H 3X9 C 30 0.29 -2.66 -27.19
HA 3X9 C 30 1.47 -5.23 -26.40
HB2 3X9 C 30 1.01 -2.57 -24.90
HB3 3X9 C 30 2.02 -3.93 -24.33
N ALA C 31 -1.54 -4.51 -25.78
CA ALA C 31 -2.77 -4.94 -25.15
C ALA C 31 -3.98 -4.67 -26.03
N SER C 32 -5.06 -5.41 -25.81
CA SER C 32 -6.32 -5.18 -26.51
C SER C 32 -7.49 -5.72 -25.71
N SER C 33 -8.70 -5.33 -26.12
CA SER C 33 -9.91 -5.80 -25.47
C SER C 33 -11.10 -5.75 -26.43
N GLU C 34 -12.01 -6.72 -26.28
CA GLU C 34 -13.21 -6.76 -27.10
C GLU C 34 -14.35 -7.46 -26.37
N ASP C 35 -15.58 -7.04 -26.67
CA ASP C 35 -16.75 -7.58 -26.01
C ASP C 35 -16.99 -9.04 -26.42
N ARG C 36 -16.62 -9.36 -27.65
CA ARG C 36 -16.92 -10.66 -28.23
C ARG C 36 -15.94 -11.72 -27.75
N ALA C 37 -16.48 -12.83 -27.24
CA ALA C 37 -15.66 -13.92 -26.74
C ALA C 37 -14.81 -14.53 -27.85
N ARG C 38 -13.61 -14.98 -27.50
CA ARG C 38 -12.74 -15.66 -28.45
C ARG C 38 -12.55 -17.12 -28.06
N ALA C 39 -13.01 -17.48 -26.87
CA ALA C 39 -12.91 -18.86 -26.39
C ALA C 39 -14.04 -19.18 -25.42
N SER C 40 -14.20 -20.47 -25.11
CA SER C 40 -15.20 -20.90 -24.14
C SER C 40 -14.68 -22.07 -23.31
N LEU C 41 -15.10 -22.12 -22.06
CA LEU C 41 -14.71 -23.22 -21.16
C LEU C 41 -15.89 -23.69 -20.33
N VAL C 42 -16.10 -25.00 -20.31
CA VAL C 42 -17.15 -25.60 -19.50
C VAL C 42 -16.69 -25.79 -18.05
N LEU C 43 -17.48 -25.25 -17.12
CA LEU C 43 -17.15 -25.33 -15.70
C LEU C 43 -18.17 -26.18 -14.95
N LYS C 44 -17.69 -26.88 -13.92
CA LYS C 44 -18.58 -27.54 -12.96
C LYS C 44 -18.97 -26.59 -11.84
N GLN C 45 -20.25 -26.53 -11.52
CA GLN C 45 -20.74 -25.74 -10.41
C GLN C 45 -21.68 -26.55 -9.53
N VAL C 46 -21.80 -26.16 -8.26
CA VAL C 46 -22.67 -26.84 -7.32
C VAL C 46 -23.57 -25.86 -6.59
N PRO C 47 -24.65 -25.44 -7.26
CA PRO C 47 -25.65 -24.59 -6.64
C PRO C 47 -26.22 -25.23 -5.38
N VAL C 48 -26.49 -24.40 -4.37
CA VAL C 48 -27.09 -24.88 -3.13
C VAL C 48 -28.50 -24.34 -2.95
N LEU C 49 -29.44 -25.24 -2.69
CA LEU C 49 -30.85 -24.91 -2.70
C LEU C 49 -31.31 -24.43 -1.32
N ASP C 50 -30.77 -23.31 -0.88
CA ASP C 50 -31.08 -22.78 0.45
C ASP C 50 -32.45 -22.12 0.45
N ASP C 51 -33.15 -22.19 -0.67
CA ASP C 51 -34.50 -21.66 -0.78
C ASP C 51 -35.42 -22.31 0.25
N GLY C 52 -35.15 -23.57 0.58
CA GLY C 52 -35.94 -24.31 1.56
C GLY C 52 -37.32 -24.65 1.01
N SER C 53 -37.37 -24.89 -0.30
CA SER C 53 -38.64 -25.18 -0.97
C SER C 53 -38.49 -26.34 -1.95
N LEU C 54 -38.19 -25.99 -3.21
CA LEU C 54 -38.06 -26.99 -4.26
C LEU C 54 -36.69 -27.66 -4.22
N GLU C 55 -36.68 -28.97 -4.48
CA GLU C 55 -35.44 -29.74 -4.46
C GLU C 55 -34.96 -30.04 -5.88
N ASP C 56 -35.90 -30.09 -6.81
CA ASP C 56 -35.59 -30.52 -8.17
C ASP C 56 -35.43 -29.33 -9.10
N PHE C 57 -35.51 -28.13 -8.55
CA PHE C 57 -35.49 -26.91 -9.34
C PHE C 57 -34.52 -25.88 -8.76
N THR C 58 -34.02 -24.99 -9.62
CA THR C 58 -33.21 -23.87 -9.17
C THR C 58 -33.35 -22.68 -10.11
N ASP C 59 -33.13 -21.49 -9.58
CA ASP C 59 -33.11 -20.28 -10.39
C ASP C 59 -31.69 -19.98 -10.89
N PHE C 60 -30.74 -20.81 -10.49
CA PHE C 60 -29.35 -20.64 -10.89
C PHE C 60 -29.22 -20.55 -12.40
N GLN C 61 -28.54 -19.52 -12.88
CA GLN C 61 -28.34 -19.33 -14.31
C GLN C 61 -27.22 -20.22 -14.84
N GLY C 62 -27.51 -21.51 -14.93
CA GLY C 62 -26.53 -22.47 -15.46
C GLY C 62 -26.78 -22.75 -16.94
N GLY C 63 -26.22 -23.85 -17.43
CA GLY C 63 -26.33 -24.19 -18.85
C GLY C 63 -25.45 -23.28 -19.70
N THR C 64 -25.87 -23.07 -20.94
CA THR C 64 -25.09 -22.27 -21.88
C THR C 64 -25.36 -20.79 -21.71
N LEU C 65 -24.34 -20.05 -21.27
CA LEU C 65 -24.47 -18.61 -21.07
C LEU C 65 -23.78 -17.83 -22.18
N ALA C 66 -23.11 -18.56 -23.06
CA ALA C 66 -22.24 -17.93 -24.05
C ALA C 66 -23.03 -17.06 -25.02
N GLN C 67 -22.45 -15.93 -25.41
CA GLN C 67 -23.03 -15.09 -26.44
C GLN C 67 -22.95 -15.76 -27.81
N ASP C 68 -22.05 -16.73 -27.94
CA ASP C 68 -21.79 -17.38 -29.21
C ASP C 68 -21.05 -18.70 -29.03
N ASP C 69 -20.71 -19.34 -30.14
CA ASP C 69 -19.82 -20.50 -30.11
C ASP C 69 -18.46 -20.16 -30.71
N PRO C 70 -17.52 -19.80 -29.85
CA PRO C 70 -16.16 -19.46 -30.29
C PRO C 70 -15.51 -20.63 -31.01
N PRO C 71 -14.51 -20.33 -31.82
CA PRO C 71 -13.72 -21.36 -32.48
C PRO C 71 -12.93 -22.18 -31.46
N ILE C 72 -12.70 -21.61 -30.29
CA ILE C 72 -11.94 -22.28 -29.24
C ILE C 72 -12.83 -22.67 -28.08
N ILE C 73 -13.25 -23.92 -28.06
CA ILE C 73 -14.16 -24.42 -27.03
C ILE C 73 -13.58 -25.66 -26.35
N PHE C 74 -13.43 -25.59 -25.02
CA PHE C 74 -12.94 -26.72 -24.25
C PHE C 74 -14.04 -27.32 -23.39
N GLU C 75 -14.55 -28.47 -23.81
CA GLU C 75 -15.57 -29.18 -23.05
C GLU C 75 -14.96 -29.97 -21.89
N ALA C 76 -14.65 -29.26 -20.81
CA ALA C 76 -13.84 -29.83 -19.74
C ALA C 76 -14.66 -30.77 -18.86
N SER C 77 -14.04 -31.85 -18.41
CA SER C 77 -14.55 -32.63 -17.30
C SER C 77 -13.62 -32.54 -16.09
N VAL C 78 -14.17 -32.11 -14.95
CA VAL C 78 -13.37 -31.85 -13.76
C VAL C 78 -13.46 -32.99 -12.76
N ASP C 79 -12.32 -33.58 -12.43
CA ASP C 79 -12.28 -34.72 -11.52
C ASP C 79 -11.93 -34.28 -10.10
N LEU C 80 -11.92 -32.98 -9.88
CA LEU C 80 -11.54 -32.42 -8.59
C LEU C 80 -12.78 -32.09 -7.75
N VAL C 81 -12.56 -31.68 -6.51
CA VAL C 81 -13.65 -31.26 -5.64
C VAL C 81 -14.44 -30.11 -6.24
N GLN C 82 -15.76 -30.18 -6.11
CA GLN C 82 -16.64 -29.32 -6.89
C GLN C 82 -17.16 -28.16 -6.05
N ILE C 83 -17.31 -28.39 -4.75
CA ILE C 83 -18.08 -27.51 -3.89
C ILE C 83 -17.43 -26.13 -3.80
N PRO C 84 -16.11 -26.11 -3.65
CA PRO C 84 -15.36 -24.85 -3.57
C PRO C 84 -15.60 -24.00 -4.81
N GLN C 85 -15.32 -24.57 -5.98
CA GLN C 85 -15.30 -23.81 -7.21
C GLN C 85 -16.71 -23.41 -7.64
N ALA C 86 -17.70 -24.00 -6.98
CA ALA C 86 -19.11 -23.65 -7.23
C ALA C 86 -19.33 -22.15 -7.09
N GLU C 87 -18.55 -21.52 -6.23
CA GLU C 87 -18.72 -20.10 -5.95
C GLU C 87 -18.42 -19.25 -7.18
N ALA C 88 -17.61 -19.79 -8.08
CA ALA C 88 -17.05 -19.01 -9.17
C ALA C 88 -18.15 -18.28 -9.95
N LEU C 89 -19.22 -19.00 -10.25
CA LEU C 89 -20.34 -18.41 -10.98
C LEU C 89 -21.55 -18.25 -10.07
N LEU C 90 -21.65 -19.11 -9.06
CA LEU C 90 -22.81 -19.10 -8.15
C LEU C 90 -22.89 -17.78 -7.40
N HIS C 91 -21.76 -17.33 -6.88
CA HIS C 91 -21.69 -16.03 -6.21
C HIS C 91 -22.06 -14.90 -7.17
N ALA C 92 -21.40 -14.88 -8.33
CA ALA C 92 -21.61 -13.82 -9.31
C ALA C 92 -23.07 -13.78 -9.76
N ASP C 93 -23.64 -14.96 -9.99
CA ASP C 93 -25.04 -15.06 -10.39
C ASP C 93 -25.97 -14.44 -9.35
N CYS C 94 -25.80 -14.86 -8.10
CA CYS C 94 -26.66 -14.38 -7.02
C CYS C 94 -26.52 -12.87 -6.83
N SER C 95 -25.30 -12.37 -7.01
CA SER C 95 -25.01 -10.96 -6.77
C SER C 95 -25.18 -10.14 -8.04
N GLY C 96 -25.29 -10.83 -9.17
CA GLY C 96 -25.50 -10.16 -10.45
C GLY C 96 -24.20 -9.56 -10.97
N LYS C 97 -23.08 -10.16 -10.59
CA LYS C 97 -21.76 -9.66 -11.00
C LYS C 97 -21.35 -10.25 -12.34
N GLU C 98 -20.41 -9.59 -13.01
CA GLU C 98 -19.87 -10.08 -14.27
C GLU C 98 -18.70 -11.03 -14.04
N VAL C 99 -18.53 -12.00 -14.92
CA VAL C 99 -17.42 -12.93 -14.84
C VAL C 99 -16.63 -12.97 -16.14
N THR C 100 -15.31 -12.93 -16.03
CA THR C 100 -14.43 -12.96 -17.20
C THR C 100 -13.40 -14.07 -17.08
N CYS C 101 -13.20 -14.81 -18.16
CA CYS C 101 -12.20 -15.87 -18.18
C CYS C 101 -11.23 -15.69 -19.34
N GLU C 102 -9.97 -16.07 -19.11
CA GLU C 102 -8.97 -16.08 -20.18
C GLU C 102 -8.45 -17.49 -20.42
N ILE C 103 -8.20 -17.81 -21.68
CA ILE C 103 -7.65 -19.11 -22.05
C ILE C 103 -6.26 -18.97 -22.66
N SER C 104 -5.34 -19.83 -22.24
CA SER C 104 -4.00 -19.87 -22.82
C SER C 104 -3.47 -21.30 -22.88
N ARG C 105 -2.19 -21.44 -23.20
CA ARG C 105 -1.61 -22.74 -23.47
C ARG C 105 -0.19 -22.84 -22.92
N TYR C 106 0.28 -24.06 -22.73
CA TYR C 106 1.64 -24.30 -22.27
C TYR C 106 2.58 -24.57 -23.45
N PHE C 107 2.19 -24.11 -24.63
CA PHE C 107 3.01 -24.29 -25.82
C PHE C 107 3.29 -22.96 -26.51
N LEU C 108 4.14 -22.15 -25.88
CA LEU C 108 4.38 -20.79 -26.35
C LEU C 108 5.73 -20.68 -27.05
N GLN C 109 5.90 -19.62 -27.84
CA GLN C 109 7.14 -19.41 -28.57
C GLN C 109 8.31 -19.17 -27.62
N MET C 110 8.03 -18.52 -26.50
CA MET C 110 9.06 -18.16 -25.54
C MET C 110 9.39 -19.31 -24.60
N THR C 111 8.40 -20.17 -24.38
CA THR C 111 8.52 -21.23 -23.37
C THR C 111 7.41 -22.26 -23.53
N GLU C 112 7.69 -23.49 -23.10
CA GLU C 112 6.69 -24.54 -23.09
C GLU C 112 6.86 -25.46 -21.88
N THR C 113 5.75 -26.04 -21.43
CA THR C 113 5.80 -27.04 -20.36
C THR C 113 4.83 -28.18 -20.65
N THR C 114 5.37 -29.40 -20.72
CA THR C 114 4.56 -30.58 -20.98
C THR C 114 5.01 -31.76 -20.13
N VAL C 115 4.06 -32.59 -19.72
CA VAL C 115 4.37 -33.83 -19.03
C VAL C 115 3.82 -35.04 -19.78
N LYS C 116 3.42 -34.82 -21.03
CA LYS C 116 2.78 -35.86 -21.82
C LYS C 116 1.54 -36.41 -21.12
N THR C 117 0.98 -37.48 -21.67
CA THR C 117 0.81 -37.59 -23.11
C THR C 117 -0.46 -36.89 -23.58
N ALA C 118 -0.39 -35.56 -23.70
CA ALA C 118 -1.56 -34.76 -23.97
C ALA C 118 -1.17 -33.32 -24.31
N ALA C 119 -2.10 -32.59 -24.93
CA ALA C 119 -1.97 -31.15 -25.06
C ALA C 119 -2.47 -30.43 -23.81
N TRP C 120 -1.59 -29.68 -23.17
CA TRP C 120 -1.88 -29.07 -21.89
C TRP C 120 -2.23 -27.59 -22.04
N PHE C 121 -3.29 -27.16 -21.36
CA PHE C 121 -3.74 -25.78 -21.44
C PHE C 121 -3.99 -25.20 -20.04
N MET C 122 -4.27 -23.91 -19.98
CA MET C 122 -4.63 -23.26 -18.72
C MET C 122 -5.81 -22.33 -18.90
N ALA C 123 -6.54 -22.07 -17.81
CA ALA C 123 -7.63 -21.11 -17.82
C ALA C 123 -7.72 -20.37 -16.51
N ASN C 124 -8.12 -19.10 -16.57
CA ASN C 124 -8.24 -18.26 -15.39
C ASN C 124 -9.60 -17.58 -15.34
N VAL C 125 -10.39 -17.92 -14.32
CA VAL C 125 -11.73 -17.36 -14.16
C VAL C 125 -11.80 -16.43 -12.96
N GLN C 126 -12.19 -15.19 -13.21
CA GLN C 126 -12.27 -14.19 -12.16
C GLN C 126 -13.65 -13.54 -12.11
N VAL C 127 -14.15 -13.31 -10.91
CA VAL C 127 -15.36 -12.52 -10.72
C VAL C 127 -15.04 -11.06 -10.47
N SER C 128 -15.69 -10.18 -11.22
CA SER C 128 -15.44 -8.75 -11.13
C SER C 128 -15.67 -8.25 -9.71
N GLY C 129 -14.81 -7.32 -9.27
CA GLY C 129 -14.95 -6.71 -7.96
C GLY C 129 -14.07 -7.41 -6.93
N GLY C 130 -13.17 -8.25 -7.41
CA GLY C 130 -12.25 -8.97 -6.53
C GLY C 130 -12.95 -10.14 -5.85
N GLY C 131 -13.92 -10.73 -6.53
CA GLY C 131 -14.69 -11.83 -5.97
C GLY C 131 -13.96 -13.15 -6.11
N PRO C 132 -14.71 -14.25 -6.08
CA PRO C 132 -14.13 -15.58 -6.19
C PRO C 132 -13.29 -15.72 -7.46
N SER C 133 -12.25 -16.55 -7.40
CA SER C 133 -11.36 -16.76 -8.53
C SER C 133 -10.83 -18.18 -8.56
N ILE C 134 -10.66 -18.72 -9.75
CA ILE C 134 -10.10 -20.06 -9.92
C ILE C 134 -9.19 -20.14 -11.13
N SER C 135 -8.06 -20.80 -10.97
CA SER C 135 -7.20 -21.14 -12.10
C SER C 135 -7.20 -22.65 -12.37
N LEU C 136 -7.28 -23.02 -13.65
CA LEU C 136 -7.42 -24.41 -14.03
C LEU C 136 -6.25 -24.86 -14.90
N VAL C 137 -5.80 -26.09 -14.68
CA VAL C 137 -4.89 -26.75 -15.63
C VAL C 137 -5.53 -28.00 -16.21
N MET C 138 -5.57 -28.06 -17.55
CA MET C 138 -6.36 -29.08 -18.24
C MET C 138 -5.57 -29.70 -19.38
N LYS C 139 -5.98 -30.89 -19.80
CA LYS C 139 -5.29 -31.62 -20.86
C LYS C 139 -6.28 -32.29 -21.81
N THR C 140 -5.86 -32.45 -23.06
CA THR C 140 -6.59 -33.31 -24.00
C THR C 140 -5.64 -34.30 -24.66
N PRO C 141 -5.94 -35.59 -24.49
CA PRO C 141 -5.09 -36.65 -25.02
C PRO C 141 -5.33 -36.85 -26.51
N ARG C 142 -4.83 -35.93 -27.32
CA ARG C 142 -4.98 -36.02 -28.77
C ARG C 142 -3.96 -36.97 -29.37
N VAL C 143 -4.28 -37.50 -30.55
CA VAL C 143 -3.33 -38.32 -31.30
C VAL C 143 -3.06 -37.73 -32.67
N ALA C 144 -1.96 -38.17 -33.29
CA ALA C 144 -1.53 -37.61 -34.57
C ALA C 144 -2.61 -37.76 -35.62
N LYS C 145 -2.85 -36.69 -36.38
CA LYS C 145 -3.79 -36.74 -37.49
C LYS C 145 -3.14 -36.24 -38.78
N ASN C 146 -3.90 -36.30 -39.87
CA ASN C 146 -3.47 -35.71 -41.13
C ASN C 146 -4.04 -34.31 -41.29
N GLU C 147 -4.65 -33.79 -40.24
CA GLU C 147 -5.27 -32.47 -40.27
C GLU C 147 -4.23 -31.38 -40.08
N VAL C 148 -4.58 -30.15 -40.47
CA VAL C 148 -3.72 -29.00 -40.27
C VAL C 148 -3.46 -28.75 -38.79
N LEU C 149 -4.51 -28.85 -37.98
CA LEU C 149 -4.39 -28.67 -36.54
C LEU C 149 -5.14 -29.75 -35.78
N TRP C 150 -4.40 -30.54 -35.02
CA TRP C 150 -4.98 -31.63 -34.25
C TRP C 150 -4.49 -31.61 -32.80
N HIS C 151 -3.47 -30.81 -32.54
CA HIS C 151 -2.69 -30.93 -31.31
C HIS C 151 -3.60 -30.88 -30.09
N PRO C 152 -4.57 -29.98 -30.12
CA PRO C 152 -4.38 -28.65 -30.70
C PRO C 152 -3.41 -27.83 -29.88
N THR C 153 -3.03 -26.66 -30.41
CA THR C 153 -2.32 -25.66 -29.63
C THR C 153 -3.00 -24.30 -29.73
N LEU C 154 -4.31 -24.28 -29.57
CA LEU C 154 -5.11 -23.10 -29.89
C LEU C 154 -4.85 -22.66 -31.33
N ASN C 155 -5.04 -21.36 -31.57
CA ASN C 155 -4.73 -20.79 -32.88
C ASN C 155 -5.61 -21.39 -33.96
N LEU C 156 -6.78 -20.79 -34.17
CA LEU C 156 -7.78 -21.35 -35.09
C LEU C 156 -8.56 -22.48 -34.41
N PRO C 157 -9.67 -22.88 -35.03
CA PRO C 157 -10.59 -23.81 -34.41
C PRO C 157 -9.88 -25.09 -33.96
N LEU C 158 -10.26 -25.59 -32.81
CA LEU C 158 -9.57 -26.72 -32.19
C LEU C 158 -9.84 -28.01 -32.94
N SER C 159 -10.82 -27.97 -33.84
CA SER C 159 -11.21 -29.15 -34.61
C SER C 159 -11.83 -28.76 -35.95
N PRO C 160 -11.57 -29.57 -36.97
CA PRO C 160 -12.22 -29.39 -38.26
C PRO C 160 -13.73 -29.60 -38.16
N GLN C 161 -14.16 -30.24 -37.08
CA GLN C 161 -15.58 -30.46 -36.84
C GLN C 161 -15.91 -30.31 -35.36
N GLY C 162 -16.86 -29.44 -35.06
CA GLY C 162 -17.23 -29.16 -33.68
C GLY C 162 -16.04 -28.63 -32.88
N THR C 163 -15.79 -29.25 -31.73
CA THR C 163 -14.66 -28.86 -30.89
C THR C 163 -14.06 -30.07 -30.17
N VAL C 164 -13.20 -29.80 -29.20
CA VAL C 164 -12.50 -30.87 -28.49
C VAL C 164 -12.89 -30.90 -27.02
N ARG C 165 -12.85 -32.09 -26.42
CA ARG C 165 -13.06 -32.23 -24.99
C ARG C 165 -11.75 -32.22 -24.23
N THR C 166 -11.81 -31.89 -22.95
CA THR C 166 -10.63 -31.90 -22.09
C THR C 166 -10.98 -32.32 -20.67
N ALA C 167 -9.98 -32.32 -19.79
CA ALA C 167 -10.19 -32.67 -18.40
C ALA C 167 -9.26 -31.86 -17.49
N VAL C 168 -9.72 -31.61 -16.26
CA VAL C 168 -8.97 -30.78 -15.33
C VAL C 168 -8.39 -31.62 -14.19
N GLU C 169 -7.09 -31.50 -13.97
CA GLU C 169 -6.40 -32.30 -12.97
C GLU C 169 -5.95 -31.45 -11.80
N PHE C 170 -5.81 -30.14 -12.03
CA PHE C 170 -5.29 -29.24 -11.02
C PHE C 170 -6.04 -27.91 -11.04
N GLN C 171 -6.53 -27.50 -9.87
CA GLN C 171 -7.17 -26.19 -9.73
C GLN C 171 -6.64 -25.45 -8.51
N VAL C 172 -6.54 -24.13 -8.62
CA VAL C 172 -6.32 -23.28 -7.47
C VAL C 172 -7.45 -22.27 -7.30
N MET C 173 -7.97 -22.17 -6.08
CA MET C 173 -9.23 -21.48 -5.84
C MET C 173 -9.08 -20.47 -4.71
N THR C 174 -9.83 -19.37 -4.81
CA THR C 174 -10.05 -18.50 -3.65
C THR C 174 -11.48 -17.95 -3.65
N GLN C 175 -12.00 -17.69 -2.46
CA GLN C 175 -13.35 -17.17 -2.33
C GLN C 175 -13.40 -15.67 -2.58
N THR C 176 -12.25 -15.01 -2.43
CA THR C 176 -12.17 -13.56 -2.52
C THR C 176 -10.74 -13.09 -2.73
N GLN C 177 -10.55 -12.19 -3.68
CA GLN C 177 -9.23 -11.63 -3.96
C GLN C 177 -9.03 -10.30 -3.26
N SER C 178 -10.12 -9.62 -2.96
CA SER C 178 -10.08 -8.34 -2.28
C SER C 178 -10.57 -8.46 -0.83
N LEU C 179 -9.65 -8.39 0.11
CA LEU C 179 -9.97 -8.56 1.52
C LEU C 179 -9.83 -7.25 2.27
N SER C 180 -10.53 -7.14 3.40
CA SER C 180 -10.44 -5.96 4.25
C SER C 180 -10.51 -6.34 5.72
N PHE C 181 -9.50 -5.91 6.48
CA PHE C 181 -9.48 -6.15 7.92
C PHE C 181 -9.15 -4.88 8.68
N LEU C 182 -9.21 -4.97 10.01
CA LEU C 182 -8.92 -3.82 10.86
C LEU C 182 -7.48 -3.86 11.37
N LEU C 183 -6.85 -2.69 11.45
CA LEU C 183 -5.50 -2.59 11.98
C LEU C 183 -5.44 -3.06 13.43
N GLY C 184 -4.47 -3.92 13.73
CA GLY C 184 -4.30 -4.44 15.08
C GLY C 184 -5.02 -5.77 15.25
N SER C 185 -5.85 -6.12 14.28
CA SER C 185 -6.58 -7.38 14.30
C SER C 185 -5.97 -8.39 13.33
N SER C 186 -6.20 -9.67 13.60
CA SER C 186 -5.66 -10.73 12.77
C SER C 186 -6.38 -10.79 11.41
N ALA C 187 -5.83 -11.55 10.49
CA ALA C 187 -6.40 -11.67 9.15
C ALA C 187 -6.17 -13.06 8.57
N SER C 188 -6.93 -13.39 7.53
CA SER C 188 -6.79 -14.69 6.87
C SER C 188 -6.87 -14.54 5.35
N LEU C 189 -5.82 -15.00 4.67
CA LEU C 189 -5.76 -14.92 3.21
C LEU C 189 -6.34 -16.16 2.57
N ASP C 190 -7.63 -16.10 2.23
CA ASP C 190 -8.36 -17.29 1.80
C ASP C 190 -7.81 -17.83 0.49
N CYS C 191 -7.47 -19.12 0.48
CA CYS C 191 -6.99 -19.78 -0.72
C CYS C 191 -6.87 -21.28 -0.52
N GLY C 192 -7.13 -22.05 -1.56
CA GLY C 192 -6.93 -23.50 -1.53
C GLY C 192 -6.77 -24.07 -2.93
N PHE C 193 -6.63 -25.38 -3.01
CA PHE C 193 -6.47 -26.06 -4.29
C PHE C 193 -6.93 -27.50 -4.22
N SER C 194 -7.01 -28.16 -5.37
CA SER C 194 -7.40 -29.57 -5.43
C SER C 194 -6.66 -30.30 -6.55
N MET C 195 -6.38 -31.58 -6.33
CA MET C 195 -5.63 -32.37 -7.30
C MET C 195 -6.36 -33.66 -7.63
N ALA C 196 -6.30 -34.06 -8.90
CA ALA C 196 -6.76 -35.38 -9.32
C ALA C 196 -5.81 -36.47 -8.83
N PRO C 197 -6.35 -37.67 -8.62
CA PRO C 197 -5.55 -38.81 -8.24
C PRO C 197 -4.36 -38.99 -9.18
N GLY C 198 -3.19 -39.26 -8.61
CA GLY C 198 -1.98 -39.44 -9.40
C GLY C 198 -1.17 -38.14 -9.44
N LEU C 199 -1.77 -37.04 -9.01
CA LEU C 199 -1.09 -35.77 -8.95
C LEU C 199 -0.72 -35.41 -7.52
N ASP C 200 0.58 -35.22 -7.28
CA ASP C 200 1.10 -35.02 -5.94
C ASP C 200 1.43 -33.55 -5.70
N LEU C 201 1.42 -33.15 -4.43
CA LEU C 201 1.84 -31.80 -4.06
C LEU C 201 3.34 -31.75 -3.79
N ILE C 202 3.98 -30.68 -4.24
CA ILE C 202 5.38 -30.42 -3.91
C ILE C 202 5.50 -29.45 -2.75
N SER C 203 4.95 -28.25 -2.93
CA SER C 203 5.02 -27.22 -1.91
C SER C 203 4.05 -26.08 -2.21
N VAL C 204 3.71 -25.31 -1.18
CA VAL C 204 3.05 -24.02 -1.37
C VAL C 204 3.83 -22.90 -0.69
N GLU C 205 3.96 -21.77 -1.37
CA GLU C 205 4.73 -20.64 -0.86
C GLU C 205 3.90 -19.37 -0.84
N TRP C 206 4.09 -18.56 0.19
CA TRP C 206 3.42 -17.27 0.29
C TRP C 206 4.44 -16.13 0.29
N ARG C 207 4.21 -15.15 -0.58
CA ARG C 207 5.10 -13.99 -0.66
C ARG C 207 4.31 -12.69 -0.51
N LEU C 208 4.95 -11.68 0.06
CA LEU C 208 4.34 -10.37 0.21
C LEU C 208 5.10 -9.31 -0.58
N GLN C 209 4.35 -8.53 -1.37
CA GLN C 209 4.93 -7.39 -2.07
C GLN C 209 4.49 -6.07 -1.45
N HIS C 210 5.46 -5.31 -0.95
CA HIS C 210 5.18 -4.01 -0.35
C HIS C 210 6.42 -3.14 -0.29
N LYS C 211 6.25 -1.83 -0.44
CA LYS C 211 7.33 -0.88 -0.23
C LYS C 211 8.51 -1.18 -1.13
N GLY C 212 8.24 -1.75 -2.29
CA GLY C 212 9.26 -1.95 -3.31
C GLY C 212 10.08 -3.20 -3.03
N ARG C 213 9.62 -4.01 -2.08
CA ARG C 213 10.33 -5.22 -1.69
C ARG C 213 9.39 -6.42 -1.63
N GLY C 214 9.84 -7.54 -2.18
CA GLY C 214 9.17 -8.82 -1.95
C GLY C 214 9.88 -9.61 -0.86
N GLN C 215 9.10 -10.38 -0.10
CA GLN C 215 9.66 -11.27 0.91
C GLN C 215 8.88 -12.58 0.98
N LEU C 216 9.58 -13.66 1.32
CA LEU C 216 8.92 -14.93 1.59
C LEU C 216 8.38 -15.00 3.01
N VAL C 217 7.08 -15.18 3.14
CA VAL C 217 6.41 -15.09 4.44
C VAL C 217 6.24 -16.45 5.07
N TYR C 218 5.88 -17.43 4.26
CA TYR C 218 5.53 -18.76 4.76
C TYR C 218 5.83 -19.84 3.73
N SER C 219 6.19 -21.02 4.21
CA SER C 219 6.41 -22.17 3.34
C SER C 219 5.63 -23.39 3.82
N TRP C 220 5.04 -24.12 2.87
CA TRP C 220 4.44 -25.41 3.17
C TRP C 220 4.99 -26.50 2.26
N THR C 221 6.00 -27.22 2.75
CA THR C 221 6.80 -28.08 1.90
C THR C 221 6.75 -29.53 2.36
N ALA C 222 6.38 -30.42 1.45
CA ALA C 222 6.26 -31.83 1.77
C ALA C 222 5.31 -32.06 2.94
N GLY C 223 4.36 -31.14 3.11
CA GLY C 223 3.34 -31.27 4.15
C GLY C 223 3.77 -30.55 5.42
N GLN C 224 5.04 -30.18 5.49
CA GLN C 224 5.59 -29.52 6.68
C GLN C 224 5.53 -28.00 6.54
N GLY C 225 4.84 -27.36 7.47
CA GLY C 225 4.73 -25.91 7.48
C GLY C 225 5.94 -25.26 8.13
N GLN C 226 6.26 -24.04 7.71
CA GLN C 226 7.32 -23.27 8.34
C GLN C 226 7.00 -21.77 8.30
N ALA C 227 7.03 -21.14 9.47
CA ALA C 227 6.84 -19.70 9.56
C ALA C 227 8.11 -18.95 9.17
N VAL C 228 8.35 -18.83 7.87
CA VAL C 228 9.58 -18.23 7.37
C VAL C 228 9.79 -16.83 7.94
N ARG C 229 8.72 -16.05 7.97
CA ARG C 229 8.73 -14.77 8.69
C ARG C 229 7.60 -14.70 9.70
N LYS C 230 6.43 -15.19 9.31
CA LYS C 230 5.24 -15.09 10.16
C LYS C 230 4.09 -15.94 9.60
N GLY C 231 3.08 -16.17 10.42
CA GLY C 231 1.82 -16.73 9.96
C GLY C 231 1.74 -18.22 10.25
N ALA C 232 0.60 -18.82 9.91
CA ALA C 232 0.38 -20.24 10.16
C ALA C 232 -0.57 -20.83 9.12
N THR C 233 -0.37 -22.10 8.79
CA THR C 233 -1.30 -22.85 7.96
C THR C 233 -1.80 -24.09 8.68
N LEU C 234 -2.87 -24.69 8.16
CA LEU C 234 -3.47 -25.86 8.79
C LEU C 234 -3.40 -27.07 7.88
N GLU C 235 -3.40 -28.25 8.47
CA GLU C 235 -3.58 -29.50 7.72
C GLU C 235 -5.05 -29.78 7.45
N PRO C 236 -5.39 -29.90 6.17
CA PRO C 236 -6.76 -30.17 5.77
C PRO C 236 -7.31 -31.40 6.47
N ALA C 237 -8.52 -31.29 7.00
CA ALA C 237 -9.18 -32.41 7.67
C ALA C 237 -10.69 -32.18 7.78
N GLN C 238 -11.29 -31.70 6.69
CA GLN C 238 -12.71 -31.37 6.70
C GLN C 238 -13.37 -31.83 5.41
N LEU C 239 -14.65 -32.19 5.50
CA LEU C 239 -15.39 -32.67 4.35
C LEU C 239 -15.60 -31.55 3.33
N GLY C 240 -15.34 -31.84 2.07
CA GLY C 240 -15.60 -30.91 0.98
C GLY C 240 -14.51 -29.84 0.90
N MET C 241 -13.53 -29.92 1.80
CA MET C 241 -12.49 -28.92 1.89
C MET C 241 -11.47 -29.08 0.77
N ALA C 242 -11.10 -27.97 0.15
CA ALA C 242 -9.96 -27.94 -0.76
C ALA C 242 -8.65 -27.82 0.01
N ARG C 243 -7.57 -28.33 -0.57
CA ARG C 243 -6.28 -28.35 0.10
C ARG C 243 -5.84 -26.94 0.47
N ASP C 244 -5.35 -26.78 1.70
CA ASP C 244 -5.10 -25.46 2.27
C ASP C 244 -3.98 -24.74 1.54
N ALA C 245 -4.30 -23.59 0.94
CA ALA C 245 -3.28 -22.68 0.44
C ALA C 245 -3.45 -21.28 1.03
N SER C 246 -4.20 -21.20 2.13
CA SER C 246 -4.39 -19.93 2.82
C SER C 246 -3.23 -19.63 3.75
N LEU C 247 -3.22 -18.42 4.31
CA LEU C 247 -2.27 -18.07 5.36
C LEU C 247 -2.92 -17.20 6.43
N THR C 248 -2.80 -17.62 7.68
CA THR C 248 -3.26 -16.82 8.81
C THR C 248 -2.21 -15.80 9.22
N LEU C 249 -2.61 -14.54 9.29
CA LEU C 249 -1.68 -13.45 9.60
C LEU C 249 -1.86 -12.96 11.02
N PRO C 250 -0.75 -12.72 11.71
CA PRO C 250 -0.77 -12.05 13.00
C PRO C 250 -1.51 -10.72 12.92
N GLY C 251 -1.85 -10.17 14.08
CA GLY C 251 -2.45 -8.83 14.15
C GLY C 251 -1.74 -7.87 13.20
N LEU C 252 -2.50 -7.34 12.25
CA LEU C 252 -1.93 -6.60 11.14
C LEU C 252 -1.30 -5.29 11.61
N THR C 253 -0.15 -4.95 11.04
CA THR C 253 0.44 -3.63 11.25
C THR C 253 0.38 -2.80 9.97
N ILE C 254 0.88 -1.56 10.06
CA ILE C 254 0.83 -0.64 8.92
C ILE C 254 1.52 -1.24 7.70
N GLN C 255 2.65 -1.90 7.94
CA GLN C 255 3.53 -2.33 6.84
C GLN C 255 3.00 -3.60 6.19
N ASP C 256 1.93 -4.15 6.74
CA ASP C 256 1.40 -5.42 6.27
C ASP C 256 0.35 -5.22 5.19
N GLU C 257 0.03 -3.96 4.91
CA GLU C 257 -0.89 -3.62 3.84
C GLU C 257 -0.20 -3.64 2.48
N GLY C 258 -0.77 -4.40 1.54
CA GLY C 258 -0.13 -4.61 0.25
C GLY C 258 -0.68 -5.86 -0.43
N THR C 259 0.14 -6.47 -1.29
CA THR C 259 -0.32 -7.56 -2.13
C THR C 259 0.34 -8.88 -1.74
N TYR C 260 -0.48 -9.90 -1.54
CA TYR C 260 0.03 -11.22 -1.20
C TYR C 260 -0.15 -12.20 -2.36
N ILE C 261 0.90 -12.97 -2.64
CA ILE C 261 0.87 -13.93 -3.73
C ILE C 261 1.12 -15.35 -3.22
N CYS C 262 0.20 -16.26 -3.53
CA CYS C 262 0.34 -17.65 -3.14
C CYS C 262 0.57 -18.55 -4.34
N GLN C 263 1.65 -19.32 -4.30
CA GLN C 263 1.99 -20.24 -5.38
C GLN C 263 1.85 -21.70 -4.94
N ILE C 264 1.08 -22.46 -5.70
CA ILE C 264 0.95 -23.90 -5.45
C ILE C 264 1.66 -24.70 -6.53
N THR C 265 2.62 -25.52 -6.11
CA THR C 265 3.40 -26.32 -7.05
C THR C 265 3.11 -27.81 -6.87
N THR C 266 2.71 -28.46 -7.96
CA THR C 266 2.44 -29.89 -7.93
C THR C 266 3.51 -30.66 -8.71
N SER C 267 3.34 -31.97 -8.80
CA SER C 267 4.32 -32.84 -9.43
C SER C 267 4.35 -32.64 -10.94
N LEU C 268 3.32 -31.96 -11.46
CA LEU C 268 3.21 -31.74 -12.89
C LEU C 268 3.25 -30.25 -13.22
N TYR C 269 2.39 -29.48 -12.58
CA TYR C 269 2.22 -28.07 -12.92
C TYR C 269 2.05 -27.22 -11.66
N ARG C 270 2.07 -25.90 -11.86
CA ARG C 270 1.86 -24.96 -10.76
C ARG C 270 0.94 -23.82 -11.18
N ALA C 271 0.36 -23.14 -10.20
CA ALA C 271 -0.47 -21.97 -10.45
C ALA C 271 -0.45 -21.00 -9.28
N GLN C 272 -0.81 -19.76 -9.54
CA GLN C 272 -0.77 -18.72 -8.53
C GLN C 272 -2.13 -18.07 -8.34
N GLN C 273 -2.36 -17.52 -7.15
CA GLN C 273 -3.42 -16.54 -6.95
C GLN C 273 -2.92 -15.33 -6.18
N ILE C 274 -3.50 -14.16 -6.47
CA ILE C 274 -3.07 -12.92 -5.85
C ILE C 274 -4.19 -12.32 -5.01
N ILE C 275 -3.85 -11.96 -3.77
CA ILE C 275 -4.83 -11.40 -2.85
C ILE C 275 -4.41 -10.02 -2.36
N GLN C 276 -5.32 -9.06 -2.45
CA GLN C 276 -5.07 -7.71 -1.95
C GLN C 276 -5.58 -7.55 -0.53
N LEU C 277 -4.70 -7.10 0.37
CA LEU C 277 -5.05 -6.94 1.77
C LEU C 277 -5.14 -5.46 2.14
N ASN C 278 -6.37 -5.00 2.37
CA ASN C 278 -6.60 -3.62 2.81
C ASN C 278 -6.80 -3.56 4.32
N ILE C 279 -6.37 -2.46 4.93
CA ILE C 279 -6.50 -2.27 6.37
C ILE C 279 -7.21 -0.97 6.70
N GLN C 280 -8.17 -1.04 7.61
CA GLN C 280 -8.85 0.15 8.11
C GLN C 280 -8.88 0.18 9.63
N ALA C 281 -9.36 1.28 10.18
CA ALA C 281 -9.74 1.34 11.59
C ALA C 281 -10.74 2.45 11.86
N SER C 282 -11.62 2.24 12.84
CA SER C 282 -12.63 3.23 13.19
C SER C 282 -12.20 4.04 14.41
N PRO C 283 -12.56 5.32 14.41
CA PRO C 283 -12.15 6.22 15.48
C PRO C 283 -13.00 6.00 16.72
N LYS C 284 -12.47 6.41 17.87
CA LYS C 284 -13.30 6.84 18.99
C LYS C 284 -13.25 8.36 19.15
N VAL C 285 -14.32 8.92 19.70
CA VAL C 285 -14.53 10.37 19.66
C VAL C 285 -14.89 10.90 21.04
N ARG C 286 -14.27 12.01 21.42
CA ARG C 286 -14.64 12.73 22.63
C ARG C 286 -14.56 14.24 22.42
N LEU C 287 -15.33 14.98 23.22
CA LEU C 287 -15.43 16.42 23.04
C LEU C 287 -15.52 17.13 24.40
N SER C 288 -14.76 18.20 24.54
CA SER C 288 -14.84 19.04 25.74
C SER C 288 -14.40 20.47 25.44
N LEU C 289 -14.55 21.34 26.43
CA LEU C 289 -14.14 22.73 26.28
C LEU C 289 -12.63 22.87 26.43
N ALA C 290 -12.05 23.79 25.66
CA ALA C 290 -10.63 24.11 25.78
C ALA C 290 -10.35 24.93 27.03
N ASN C 291 -9.17 24.73 27.61
CA ASN C 291 -8.72 25.54 28.73
C ASN C 291 -7.62 26.51 28.30
N GLU C 292 -7.50 27.62 29.02
CA GLU C 292 -6.42 28.57 28.79
C GLU C 292 -6.40 29.03 27.34
N ALA C 293 -7.58 29.27 26.77
CA ALA C 293 -7.69 29.75 25.40
C ALA C 293 -7.95 31.25 25.37
N LEU C 294 -7.46 31.90 24.31
CA LEU C 294 -7.76 33.31 24.07
C LEU C 294 -9.26 33.53 23.87
N LEU C 295 -9.85 32.77 22.96
CA LEU C 295 -11.28 32.82 22.73
C LEU C 295 -11.95 31.51 23.13
N PRO C 296 -13.23 31.59 23.50
CA PRO C 296 -14.01 30.40 23.79
C PRO C 296 -13.88 29.36 22.69
N THR C 297 -13.26 28.23 23.02
CA THR C 297 -12.87 27.24 22.02
C THR C 297 -13.24 25.83 22.46
N LEU C 298 -13.71 25.02 21.52
CA LEU C 298 -13.92 23.60 21.77
C LEU C 298 -12.90 22.76 21.04
N ILE C 299 -12.51 21.64 21.65
CA ILE C 299 -11.61 20.68 21.02
C ILE C 299 -12.20 19.27 21.02
N CYS C 300 -12.29 18.68 19.84
CA CYS C 300 -12.72 17.29 19.72
C CYS C 300 -11.55 16.37 19.36
N ASP C 301 -11.41 15.31 20.13
CA ASP C 301 -10.34 14.33 19.90
C ASP C 301 -10.85 13.14 19.11
N ILE C 302 -10.24 12.88 17.95
CA ILE C 302 -10.60 11.73 17.14
C ILE C 302 -9.40 10.78 16.99
N ALA C 303 -9.51 9.59 17.57
CA ALA C 303 -8.36 8.73 17.76
C ALA C 303 -8.68 7.29 17.38
N GLY C 304 -7.70 6.60 16.80
CA GLY C 304 -7.75 5.14 16.69
C GLY C 304 -8.29 4.72 15.32
N TYR C 305 -8.11 5.59 14.33
CA TYR C 305 -8.67 5.36 13.00
C TYR C 305 -7.58 5.19 11.96
N TYR C 306 -7.93 4.59 10.83
CA TYR C 306 -6.96 4.28 9.79
C TYR C 306 -7.64 4.03 8.45
N PRO C 307 -7.13 4.66 7.40
CA PRO C 307 -5.90 5.44 7.50
C PRO C 307 -6.18 6.86 7.97
N LEU C 308 -5.18 7.72 7.87
CA LEU C 308 -5.32 9.11 8.25
C LEU C 308 -6.32 9.83 7.37
N ASP C 309 -6.68 11.06 7.74
CA ASP C 309 -7.60 11.86 6.96
C ASP C 309 -9.06 11.51 7.30
N VAL C 310 -9.48 11.91 8.50
CA VAL C 310 -10.87 11.76 8.90
C VAL C 310 -11.64 13.07 8.79
N VAL C 311 -12.88 12.99 8.35
CA VAL C 311 -13.70 14.18 8.13
C VAL C 311 -14.58 14.48 9.32
N VAL C 312 -14.57 15.74 9.75
CA VAL C 312 -15.34 16.17 10.92
C VAL C 312 -16.22 17.37 10.59
N THR C 313 -17.31 17.51 11.33
CA THR C 313 -18.16 18.70 11.21
C THR C 313 -18.80 19.05 12.56
N TRP C 314 -19.10 20.33 12.74
CA TRP C 314 -19.62 20.82 14.01
C TRP C 314 -21.05 21.31 13.87
N THR C 315 -21.86 21.06 14.89
CA THR C 315 -23.22 21.58 14.93
C THR C 315 -23.54 22.17 16.30
N ARG C 316 -24.21 23.31 16.31
CA ARG C 316 -24.55 24.00 17.55
C ARG C 316 -26.07 24.07 17.74
N GLU C 317 -26.50 24.03 18.99
CA GLU C 317 -27.90 24.30 19.32
C GLU C 317 -28.01 25.39 20.39
N GLU C 318 -29.03 26.24 20.25
CA GLU C 318 -29.25 27.31 21.21
C GLU C 318 -30.74 27.47 21.51
N LEU C 319 -31.06 27.55 22.80
CA LEU C 319 -32.45 27.69 23.23
C LEU C 319 -33.32 26.55 22.71
N GLY C 320 -32.67 25.45 22.34
CA GLY C 320 -33.39 24.24 21.93
C GLY C 320 -33.97 24.41 20.54
N GLY C 321 -33.49 25.41 19.82
CA GLY C 321 -33.98 25.70 18.47
C GLY C 321 -33.35 24.78 17.44
N SER C 322 -33.59 25.07 16.16
CA SER C 322 -33.10 24.22 15.09
C SER C 322 -31.58 24.19 15.07
N PRO C 323 -31.02 22.99 15.06
CA PRO C 323 -29.57 22.81 14.99
C PRO C 323 -28.99 23.57 13.80
N ALA C 324 -27.82 24.18 14.01
CA ALA C 324 -27.14 24.92 12.94
C ALA C 324 -25.75 24.38 12.71
N GLN C 325 -25.43 24.10 11.44
CA GLN C 325 -24.09 23.64 11.08
C GLN C 325 -23.13 24.80 10.97
N VAL C 326 -21.94 24.62 11.55
CA VAL C 326 -20.92 25.67 11.55
C VAL C 326 -19.60 25.16 11.01
N SER C 327 -18.73 26.09 10.64
CA SER C 327 -17.42 25.74 10.09
C SER C 327 -16.34 26.71 10.56
N GLY C 328 -15.20 26.68 9.87
CA GLY C 328 -14.04 27.46 10.30
C GLY C 328 -13.14 26.65 11.23
N ALA C 329 -13.45 25.37 11.38
CA ALA C 329 -12.67 24.49 12.24
C ALA C 329 -11.33 24.15 11.60
N SER C 330 -10.35 23.84 12.44
CA SER C 330 -9.06 23.36 11.96
C SER C 330 -8.55 22.18 12.78
N PHE C 331 -7.57 21.46 12.26
CA PHE C 331 -7.00 20.32 12.95
C PHE C 331 -5.74 20.70 13.70
N SER C 332 -5.33 19.86 14.65
CA SER C 332 -4.05 20.02 15.33
C SER C 332 -3.60 18.71 15.96
N SER C 333 -2.33 18.66 16.34
CA SER C 333 -1.84 17.57 17.18
C SER C 333 -2.03 16.22 16.50
N LEU C 334 -1.53 16.09 15.29
CA LEU C 334 -1.54 14.81 14.59
C LEU C 334 -0.47 13.86 15.14
N ARG C 335 -0.88 12.66 15.50
CA ARG C 335 0.04 11.66 16.05
C ARG C 335 -0.47 10.25 15.79
N GLN C 336 0.43 9.27 15.95
CA GLN C 336 0.04 7.87 15.84
C GLN C 336 -0.06 7.22 17.21
N SER C 337 -0.82 6.13 17.28
CA SER C 337 -0.92 5.34 18.51
C SER C 337 -0.03 4.10 18.44
N VAL C 338 0.07 3.39 19.56
CA VAL C 338 0.85 2.16 19.62
C VAL C 338 0.31 1.12 18.64
N ALA C 339 -0.96 1.27 18.28
CA ALA C 339 -1.62 0.29 17.41
C ALA C 339 -1.32 0.56 15.95
N GLY C 340 -0.64 1.68 15.68
CA GLY C 340 -0.36 2.09 14.32
C GLY C 340 -1.48 2.96 13.76
N THR C 341 -2.53 3.12 14.54
CA THR C 341 -3.66 3.96 14.15
C THR C 341 -3.33 5.44 14.30
N TYR C 342 -4.17 6.29 13.71
CA TYR C 342 -3.93 7.73 13.74
C TYR C 342 -4.83 8.42 14.76
N SER C 343 -4.37 9.55 15.28
CA SER C 343 -5.21 10.41 16.10
C SER C 343 -4.98 11.88 15.78
N ILE C 344 -6.05 12.65 15.73
CA ILE C 344 -5.97 14.08 15.46
C ILE C 344 -7.10 14.84 16.14
N SER C 345 -6.84 16.09 16.50
CA SER C 345 -7.80 16.90 17.22
C SER C 345 -8.38 17.99 16.33
N SER C 346 -9.66 18.29 16.51
CA SER C 346 -10.31 19.37 15.78
C SER C 346 -10.69 20.51 16.72
N SER C 347 -10.25 21.72 16.38
CA SER C 347 -10.49 22.89 17.22
C SER C 347 -11.38 23.91 16.52
N LEU C 348 -12.37 24.43 17.24
CA LEU C 348 -13.28 25.42 16.70
C LEU C 348 -13.70 26.43 17.74
N THR C 349 -13.58 27.72 17.41
CA THR C 349 -14.12 28.78 18.25
C THR C 349 -15.63 28.68 18.36
N ALA C 350 -16.14 28.73 19.58
CA ALA C 350 -17.56 28.50 19.84
C ALA C 350 -18.23 29.73 20.42
N GLU C 351 -19.52 29.88 20.16
CA GLU C 351 -20.32 30.92 20.79
C GLU C 351 -21.21 30.33 21.89
N PRO C 352 -20.97 30.76 23.13
CA PRO C 352 -21.72 30.25 24.27
C PRO C 352 -23.22 30.35 24.03
N GLY C 353 -23.62 31.38 23.27
CA GLY C 353 -25.03 31.60 22.99
C GLY C 353 -25.67 32.54 24.00
N SER C 354 -26.80 33.12 23.63
CA SER C 354 -27.41 34.19 24.42
C SER C 354 -27.81 33.68 25.80
N ALA C 355 -28.03 32.38 25.91
CA ALA C 355 -28.44 31.77 27.17
C ALA C 355 -27.77 30.41 27.35
N GLY C 356 -26.60 30.24 26.78
CA GLY C 356 -25.91 28.95 26.78
C GLY C 356 -26.26 28.15 25.54
N ALA C 357 -25.38 27.21 25.17
CA ALA C 357 -25.53 26.46 23.93
C ALA C 357 -24.99 25.04 24.08
N THR C 358 -25.41 24.14 23.20
CA THR C 358 -24.85 22.80 23.14
C THR C 358 -24.17 22.56 21.79
N TYR C 359 -22.97 21.99 21.84
CA TYR C 359 -22.18 21.74 20.64
C TYR C 359 -21.93 20.25 20.46
N THR C 360 -22.02 19.78 19.22
CA THR C 360 -21.69 18.40 18.89
C THR C 360 -20.74 18.33 17.70
N CYS C 361 -19.71 17.49 17.82
CA CYS C 361 -18.81 17.23 16.70
C CYS C 361 -19.04 15.84 16.12
N GLN C 362 -19.41 15.79 14.85
CA GLN C 362 -19.63 14.52 14.17
C GLN C 362 -18.39 14.09 13.39
N VAL C 363 -18.17 12.78 13.29
CA VAL C 363 -16.99 12.25 12.64
C VAL C 363 -17.36 11.27 11.53
N THR C 364 -16.78 11.45 10.36
CA THR C 364 -17.08 10.60 9.22
C THR C 364 -15.83 9.87 8.73
N HIS C 365 -15.96 8.57 8.50
CA HIS C 365 -14.83 7.74 8.08
C HIS C 365 -15.30 6.52 7.30
N ILE C 366 -14.47 6.07 6.36
CA ILE C 366 -14.84 4.98 5.48
C ILE C 366 -15.16 3.71 6.26
N SER C 367 -14.57 3.59 7.44
CA SER C 367 -14.72 2.39 8.27
C SER C 367 -16.01 2.44 9.07
N LEU C 368 -16.67 3.58 9.05
CA LEU C 368 -17.87 3.79 9.86
C LEU C 368 -19.14 3.56 9.04
N GLU C 369 -20.11 2.89 9.64
CA GLU C 369 -21.42 2.71 9.02
C GLU C 369 -22.48 3.53 9.73
N GLU C 370 -22.25 3.84 10.99
CA GLU C 370 -23.24 4.50 11.83
C GLU C 370 -22.77 5.87 12.29
N PRO C 371 -23.71 6.75 12.58
CA PRO C 371 -23.38 8.08 13.08
C PRO C 371 -22.47 7.99 14.30
N LEU C 372 -21.50 8.91 14.37
CA LEU C 372 -20.55 8.93 15.46
C LEU C 372 -20.07 10.35 15.76
N GLY C 373 -20.06 10.71 17.04
CA GLY C 373 -19.62 12.04 17.45
C GLY C 373 -19.69 12.19 18.97
N ALA C 374 -19.44 13.40 19.45
CA ALA C 374 -19.47 13.69 20.88
C ALA C 374 -20.03 15.08 21.16
N SER C 375 -20.65 15.23 22.33
CA SER C 375 -21.34 16.47 22.66
C SER C 375 -20.75 17.12 23.91
N THR C 376 -20.91 18.42 24.03
CA THR C 376 -20.58 19.12 25.26
C THR C 376 -21.47 20.35 25.45
N GLN C 377 -21.73 20.69 26.70
CA GLN C 377 -22.46 21.92 27.03
C GLN C 377 -21.51 23.10 27.17
N VAL C 378 -21.88 24.23 26.57
CA VAL C 378 -21.06 25.43 26.62
C VAL C 378 -21.80 26.58 27.28
N VAL C 379 -21.15 27.22 28.24
CA VAL C 379 -21.74 28.36 28.95
C VAL C 379 -20.82 29.58 28.91
N PRO C 380 -21.41 30.75 29.07
CA PRO C 380 -20.64 31.99 29.13
C PRO C 380 -19.53 31.90 30.17
N PRO C 381 -18.48 32.69 29.97
CA PRO C 381 -17.36 32.73 30.91
C PRO C 381 -17.80 33.23 32.27
N GLU C 382 -18.94 33.92 32.31
CA GLU C 382 -19.50 34.43 33.56
C GLU C 382 -20.31 33.36 34.27
N ARG C 383 -20.44 32.19 33.63
CA ARG C 383 -21.20 31.09 34.21
C ARG C 383 -20.39 29.80 34.19
N ARG C 384 -19.10 29.93 33.94
CA ARG C 384 -18.22 28.76 33.80
C ARG C 384 -17.33 28.60 35.02
C4 30W D . 20.91 5.12 -11.89
C6 30W D . 23.61 7.24 -10.62
C11 30W D . 21.93 0.56 -10.74
C7 30W D . 24.71 6.37 -10.71
C9 30W D . 23.80 8.60 -10.11
C10 30W D . 22.33 0.76 -12.17
N1 30W D . 23.14 3.49 -12.04
N2 30W D . 21.84 1.79 -12.89
N3 30W D . 20.84 3.85 -12.36
O10 30W D . 23.11 -0.02 -12.69
C2 30W D . 21.96 3.06 -12.41
C8A 30W D . 23.34 4.73 -11.56
N8 30W D . 24.54 5.15 -11.17
N5 30W D . 22.39 6.84 -11.00
C4A 30W D . 22.23 5.62 -11.46
O4 30W D . 19.92 5.83 -11.84
H1 30W D . 20.87 0.24 -10.69
H2 30W D . 22.04 1.52 -10.19
H3 30W D . 22.56 -0.22 -10.27
H4 30W D . 25.67 6.76 -10.39
O9 30W D . 23.05 9.49 -10.45
H5 30W D . 24.63 8.81 -9.40
H8 30W D . 21.38 1.67 -13.76
H9 30W D . 19.99 3.43 -12.67
N HIS A 4 21.17 1.34 6.59
CA HIS A 4 21.58 2.18 5.47
C HIS A 4 20.84 1.80 4.19
N SER A 5 20.62 2.78 3.33
CA SER A 5 19.80 2.57 2.13
C SER A 5 20.29 3.44 0.98
N LEU A 6 20.41 2.84 -0.19
CA LEU A 6 20.59 3.60 -1.42
C LEU A 6 19.37 3.47 -2.33
N ARG A 7 18.84 4.61 -2.77
CA ARG A 7 17.58 4.63 -3.51
C ARG A 7 17.68 5.50 -4.75
N TYR A 8 17.09 5.04 -5.85
CA TYR A 8 17.01 5.84 -7.06
C TYR A 8 15.56 5.99 -7.52
N PHE A 9 15.18 7.21 -7.88
CA PHE A 9 13.79 7.52 -8.20
C PHE A 9 13.68 8.11 -9.61
N ARG A 10 12.88 7.46 -10.44
CA ARG A 10 12.69 7.89 -11.82
C ARG A 10 11.23 8.19 -12.12
N LEU A 11 10.90 9.47 -12.22
CA LEU A 11 9.51 9.90 -12.33
C LEU A 11 9.28 10.71 -13.60
N GLY A 12 8.07 10.61 -14.15
CA GLY A 12 7.64 11.50 -15.22
C GLY A 12 6.12 11.56 -15.32
N VAL A 13 5.63 12.47 -16.14
CA VAL A 13 4.19 12.75 -16.20
C VAL A 13 3.67 12.66 -17.63
N SER A 14 2.51 12.04 -17.79
CA SER A 14 1.82 12.02 -19.08
C SER A 14 1.15 13.35 -19.36
N ASP A 15 1.48 13.94 -20.50
CA ASP A 15 0.95 15.26 -20.86
C ASP A 15 1.08 16.24 -19.71
N PRO A 16 2.31 16.63 -19.40
CA PRO A 16 2.57 17.54 -18.30
C PRO A 16 1.86 18.87 -18.50
N ILE A 17 1.51 19.53 -17.40
CA ILE A 17 0.98 20.89 -17.45
C ILE A 17 1.86 21.86 -16.69
N HIS A 18 1.55 23.14 -16.77
CA HIS A 18 2.35 24.18 -16.13
C HIS A 18 2.53 23.89 -14.64
N GLY A 19 3.77 23.95 -14.18
CA GLY A 19 4.07 23.75 -12.77
C GLY A 19 4.33 22.29 -12.45
N VAL A 20 4.15 21.43 -13.45
CA VAL A 20 4.34 19.99 -13.28
C VAL A 20 5.54 19.50 -14.06
N PRO A 21 6.54 19.00 -13.35
CA PRO A 21 7.76 18.50 -13.99
C PRO A 21 7.44 17.43 -15.02
N GLU A 22 8.22 17.41 -16.10
CA GLU A 22 8.05 16.39 -17.13
C GLU A 22 8.73 15.09 -16.74
N PHE A 23 9.97 15.19 -16.27
CA PHE A 23 10.78 14.01 -15.97
C PHE A 23 11.93 14.36 -15.06
N ILE A 24 12.18 13.50 -14.07
CA ILE A 24 13.34 13.64 -13.19
C ILE A 24 14.01 12.31 -12.95
N SER A 25 15.30 12.34 -12.62
CA SER A 25 16.00 11.16 -12.13
C SER A 25 16.97 11.53 -11.00
N VAL A 26 16.61 11.15 -9.78
CA VAL A 26 17.35 11.57 -8.60
C VAL A 26 17.75 10.38 -7.74
N GLY A 27 18.68 10.62 -6.81
CA GLY A 27 19.21 9.54 -5.98
C GLY A 27 19.40 10.00 -4.54
N TYR A 28 19.19 9.09 -3.60
CA TYR A 28 19.39 9.39 -2.19
C TYR A 28 20.29 8.35 -1.53
N VAL A 29 20.98 8.76 -0.47
CA VAL A 29 21.56 7.83 0.49
C VAL A 29 21.09 8.13 1.90
N ASP A 30 20.44 7.14 2.52
CA ASP A 30 19.80 7.35 3.81
C ASP A 30 18.92 8.59 3.80
N SER A 31 19.34 9.63 4.53
CA SER A 31 18.54 10.83 4.68
C SER A 31 19.19 12.01 3.94
N HIS A 32 20.21 11.71 3.15
CA HIS A 32 21.01 12.75 2.49
C HIS A 32 21.02 12.55 0.99
N PRO A 33 20.27 13.37 0.27
CA PRO A 33 20.27 13.35 -1.18
C PRO A 33 21.68 13.50 -1.73
N ILE A 34 21.97 12.79 -2.82
CA ILE A 34 23.31 12.78 -3.39
C ILE A 34 23.32 13.37 -4.80
N THR A 35 22.24 13.12 -5.54
CA THR A 35 22.18 13.49 -6.95
C THR A 35 20.88 14.20 -7.28
N THR A 36 20.91 15.05 -8.30
CA THR A 36 19.71 15.71 -8.78
C THR A 36 19.71 15.81 -10.31
N TYR A 37 18.53 15.92 -10.89
CA TYR A 37 18.39 16.03 -12.34
C TYR A 37 18.01 17.44 -12.76
N ASP A 38 18.75 17.99 -13.71
CA ASP A 38 18.43 19.29 -14.27
C ASP A 38 17.43 19.17 -15.41
N SER A 39 16.17 19.52 -15.13
CA SER A 39 15.09 19.29 -16.07
C SER A 39 15.12 20.32 -17.20
N VAL A 40 15.98 21.32 -17.06
CA VAL A 40 16.10 22.37 -18.07
C VAL A 40 17.14 22.02 -19.12
N THR A 41 18.31 21.62 -18.67
CA THR A 41 19.39 21.21 -19.57
C THR A 41 19.44 19.69 -19.70
N ARG A 42 18.60 19.00 -18.94
CA ARG A 42 18.45 17.56 -19.08
C ARG A 42 19.77 16.83 -18.86
N GLN A 43 20.37 17.06 -17.69
CA GLN A 43 21.60 16.37 -17.32
C GLN A 43 21.63 16.07 -15.82
N LYS A 44 22.40 15.05 -15.45
CA LYS A 44 22.60 14.73 -14.04
C LYS A 44 23.64 15.64 -13.41
N GLU A 45 23.37 16.04 -12.17
CA GLU A 45 24.34 16.83 -11.40
C GLU A 45 24.41 16.34 -9.95
N PRO A 46 25.58 16.49 -9.34
CA PRO A 46 25.74 16.20 -7.92
C PRO A 46 25.04 17.24 -7.05
N ARG A 47 24.67 16.84 -5.85
CA ARG A 47 24.19 17.78 -4.84
C ARG A 47 25.26 18.05 -3.79
N ALA A 48 26.44 17.48 -4.00
CA ALA A 48 27.54 17.65 -3.06
C ALA A 48 28.88 17.41 -3.75
N PRO A 49 29.91 18.14 -3.30
CA PRO A 49 31.26 17.95 -3.81
C PRO A 49 31.79 16.55 -3.49
N TRP A 50 31.20 15.93 -2.48
CA TRP A 50 31.58 14.58 -2.08
C TRP A 50 31.26 13.56 -3.18
N MET A 51 30.28 13.91 -4.01
CA MET A 51 29.97 13.10 -5.20
C MET A 51 30.83 13.52 -6.38
N ALA A 52 30.97 14.83 -6.57
CA ALA A 52 31.67 15.36 -7.74
C ALA A 52 33.11 14.88 -7.80
N GLU A 53 33.73 14.78 -6.63
CA GLU A 53 35.16 14.47 -6.56
C GLU A 53 35.41 12.98 -6.78
N ASN A 54 34.41 12.17 -6.46
CA ASN A 54 34.60 10.72 -6.42
C ASN A 54 33.97 10.06 -7.65
N LEU A 55 32.91 10.66 -8.17
CA LEU A 55 32.21 10.11 -9.32
C LEU A 55 32.70 10.75 -10.61
N ALA A 56 33.35 9.97 -11.45
CA ALA A 56 34.01 10.49 -12.64
C ALA A 56 33.01 11.13 -13.59
N PRO A 57 33.45 12.16 -14.30
CA PRO A 57 32.64 12.77 -15.35
C PRO A 57 32.02 11.72 -16.25
N ASP A 58 32.76 10.65 -16.50
CA ASP A 58 32.29 9.57 -17.37
C ASP A 58 31.02 8.94 -16.82
N HIS A 59 30.91 8.89 -15.50
CA HIS A 59 29.76 8.26 -14.85
C HIS A 59 28.52 9.12 -14.99
N TRP A 60 28.67 10.43 -14.85
CA TRP A 60 27.56 11.35 -15.00
C TRP A 60 27.08 11.40 -16.45
N GLU A 61 28.03 11.47 -17.38
CA GLU A 61 27.71 11.57 -18.79
C GLU A 61 27.11 10.28 -19.32
N ARG A 62 27.70 9.16 -18.93
CA ARG A 62 27.22 7.85 -19.37
C ARG A 62 25.75 7.67 -19.04
N TYR A 63 25.40 7.85 -17.77
CA TYR A 63 24.02 7.69 -17.33
C TYR A 63 23.09 8.67 -18.03
N THR A 64 23.52 9.92 -18.12
CA THR A 64 22.71 10.97 -18.74
C THR A 64 22.34 10.62 -20.16
N GLN A 65 23.31 10.17 -20.93
CA GLN A 65 23.08 9.75 -22.32
C GLN A 65 22.10 8.58 -22.38
N LEU A 66 22.30 7.59 -21.51
CA LEU A 66 21.40 6.45 -21.41
C LEU A 66 20.01 6.88 -20.96
N LEU A 67 19.96 7.81 -20.03
CA LEU A 67 18.69 8.28 -19.48
C LEU A 67 17.83 8.94 -20.56
N ARG A 68 18.45 9.81 -21.36
CA ARG A 68 17.75 10.51 -22.43
C ARG A 68 17.15 9.52 -23.41
N GLY A 69 17.87 8.43 -23.69
CA GLY A 69 17.33 7.33 -24.46
C GLY A 69 16.17 6.66 -23.74
N TRP A 70 16.38 6.36 -22.46
CA TRP A 70 15.36 5.67 -21.68
C TRP A 70 14.08 6.50 -21.58
N GLN A 71 14.23 7.82 -21.60
CA GLN A 71 13.09 8.72 -21.55
C GLN A 71 12.16 8.51 -22.74
N GLN A 72 12.74 8.13 -23.88
CA GLN A 72 11.96 7.85 -25.07
C GLN A 72 11.09 6.60 -24.88
N MET A 73 11.67 5.58 -24.28
CA MET A 73 10.93 4.36 -23.96
C MET A 73 9.95 4.58 -22.81
N PHE A 74 10.31 5.49 -21.91
CA PHE A 74 9.41 5.92 -20.84
C PHE A 74 8.12 6.48 -21.40
N LYS A 75 8.24 7.36 -22.39
CA LYS A 75 7.08 7.98 -23.02
C LYS A 75 6.20 6.94 -23.70
N VAL A 76 6.84 5.92 -24.28
CA VAL A 76 6.12 4.80 -24.87
C VAL A 76 5.26 4.09 -23.83
N GLU A 77 5.82 3.89 -22.65
CA GLU A 77 5.09 3.27 -21.55
C GLU A 77 3.92 4.15 -21.10
N LEU A 78 4.14 5.45 -21.12
CA LEU A 78 3.09 6.41 -20.75
C LEU A 78 1.90 6.30 -21.69
N LYS A 79 2.18 6.12 -22.98
CA LYS A 79 1.13 5.94 -23.98
C LYS A 79 0.34 4.66 -23.74
N ARG A 80 1.06 3.59 -23.38
CA ARG A 80 0.42 2.32 -23.05
C ARG A 80 -0.53 2.48 -21.86
N LEU A 81 -0.11 3.28 -20.89
CA LEU A 81 -0.92 3.51 -19.69
C LEU A 81 -2.17 4.33 -20.02
N GLN A 82 -1.99 5.35 -20.84
CA GLN A 82 -3.11 6.19 -21.26
C GLN A 82 -4.16 5.38 -22.00
N ARG A 83 -3.72 4.48 -22.85
CA ARG A 83 -4.62 3.60 -23.59
C ARG A 83 -5.34 2.65 -22.65
N HIS A 84 -4.63 2.14 -21.65
CA HIS A 84 -5.21 1.21 -20.70
C HIS A 84 -6.28 1.88 -19.84
N TYR A 85 -5.94 3.03 -19.26
CA TYR A 85 -6.77 3.66 -18.25
C TYR A 85 -7.65 4.74 -18.86
N ASN A 86 -7.62 4.85 -20.19
CA ASN A 86 -8.43 5.83 -20.90
C ASN A 86 -8.20 7.24 -20.36
N HIS A 87 -6.93 7.61 -20.25
CA HIS A 87 -6.57 8.91 -19.68
C HIS A 87 -6.11 9.87 -20.76
N SER A 88 -6.37 11.17 -20.56
CA SER A 88 -5.86 12.20 -21.45
C SER A 88 -5.43 13.44 -20.66
N GLY A 89 -5.45 13.32 -19.34
CA GLY A 89 -5.07 14.43 -18.47
C GLY A 89 -3.64 14.30 -17.99
N SER A 90 -3.29 15.06 -16.96
CA SER A 90 -1.95 15.02 -16.40
C SER A 90 -1.83 13.97 -15.30
N HIS A 91 -1.07 12.92 -15.56
CA HIS A 91 -0.99 11.79 -14.65
C HIS A 91 0.47 11.37 -14.43
N THR A 92 0.84 11.12 -13.19
CA THR A 92 2.22 10.82 -12.84
C THR A 92 2.49 9.32 -12.93
N TYR A 93 3.63 8.97 -13.52
CA TYR A 93 4.07 7.58 -13.55
C TYR A 93 5.42 7.42 -12.85
N GLN A 94 5.49 6.51 -11.90
CA GLN A 94 6.63 6.40 -11.01
C GLN A 94 7.37 5.08 -11.20
N ARG A 95 8.70 5.14 -11.17
CA ARG A 95 9.52 3.95 -11.00
C ARG A 95 10.52 4.13 -9.87
N MET A 96 10.55 3.18 -8.94
CA MET A 96 11.38 3.28 -7.76
C MET A 96 12.21 2.02 -7.56
N ILE A 97 13.52 2.19 -7.36
CA ILE A 97 14.40 1.08 -7.03
C ILE A 97 15.34 1.45 -5.89
N GLY A 98 16.00 0.44 -5.33
CA GLY A 98 17.12 0.67 -4.42
C GLY A 98 17.52 -0.61 -3.71
N CYS A 99 18.37 -0.48 -2.70
CA CYS A 99 18.84 -1.63 -1.93
C CYS A 99 19.26 -1.23 -0.53
N GLU A 100 18.85 -2.02 0.46
CA GLU A 100 19.19 -1.76 1.85
C GLU A 100 20.43 -2.53 2.27
N LEU A 101 21.18 -2.00 3.23
CA LEU A 101 22.32 -2.69 3.80
C LEU A 101 22.24 -2.72 5.33
N LEU A 102 22.31 -3.92 5.89
CA LEU A 102 22.18 -4.09 7.33
C LEU A 102 23.54 -4.31 7.98
N GLU A 103 23.59 -4.23 9.30
CA GLU A 103 24.84 -4.31 10.04
C GLU A 103 25.54 -5.65 9.80
N ASP A 104 24.74 -6.70 9.61
CA ASP A 104 25.27 -8.05 9.45
C ASP A 104 25.75 -8.29 8.03
N GLY A 105 25.70 -7.24 7.20
CA GLY A 105 26.31 -7.28 5.88
C GLY A 105 25.30 -7.71 4.82
N SER A 106 24.14 -8.16 5.28
CA SER A 106 23.09 -8.63 4.36
C SER A 106 22.46 -7.48 3.60
N THR A 107 21.87 -7.79 2.45
CA THR A 107 21.28 -6.76 1.59
C THR A 107 19.91 -7.19 1.10
N THR A 108 19.12 -6.22 0.66
CA THR A 108 17.85 -6.50 0.00
C THR A 108 17.47 -5.38 -0.97
N GLY A 109 17.23 -5.74 -2.22
CA GLY A 109 16.77 -4.79 -3.22
C GLY A 109 15.25 -4.72 -3.28
N PHE A 110 14.73 -3.77 -4.03
CA PHE A 110 13.29 -3.69 -4.28
C PHE A 110 13.00 -3.03 -5.61
N LEU A 111 11.84 -3.34 -6.18
CA LEU A 111 11.41 -2.72 -7.43
C LEU A 111 9.89 -2.63 -7.51
N GLN A 112 9.39 -1.45 -7.86
CA GLN A 112 7.95 -1.26 -8.07
C GLN A 112 7.69 -0.05 -8.96
N TYR A 113 6.53 -0.06 -9.62
CA TYR A 113 6.03 1.13 -10.29
C TYR A 113 4.72 1.61 -9.66
N ALA A 114 4.24 2.76 -10.11
CA ALA A 114 2.88 3.18 -9.82
C ALA A 114 2.38 4.18 -10.87
N TYR A 115 1.08 4.18 -11.11
CA TYR A 115 0.47 5.14 -12.03
C TYR A 115 -0.78 5.76 -11.43
N ASP A 116 -0.79 7.08 -11.33
CA ASP A 116 -1.91 7.80 -10.75
C ASP A 116 -2.14 7.39 -9.31
N GLY A 117 -1.09 6.87 -8.67
CA GLY A 117 -1.16 6.48 -7.27
C GLY A 117 -1.47 5.01 -7.12
N GLN A 118 -1.88 4.39 -8.22
CA GLN A 118 -2.26 2.97 -8.22
C GLN A 118 -1.03 2.07 -8.38
N ASP A 119 -0.95 1.04 -7.56
CA ASP A 119 0.14 0.07 -7.66
C ASP A 119 0.26 -0.49 -9.06
N PHE A 120 1.48 -0.57 -9.56
CA PHE A 120 1.74 -1.02 -10.93
C PHE A 120 3.05 -1.78 -11.03
N LEU A 121 3.03 -2.91 -11.74
CA LEU A 121 4.23 -3.70 -11.96
C LEU A 121 5.01 -3.89 -10.67
N ILE A 122 4.40 -4.53 -9.69
CA ILE A 122 5.04 -4.80 -8.41
C ILE A 122 5.82 -6.11 -8.45
N PHE A 123 7.13 -6.02 -8.27
CA PHE A 123 8.02 -7.13 -8.58
C PHE A 123 8.27 -8.01 -7.35
N ASN A 124 8.09 -9.31 -7.51
CA ASN A 124 8.40 -10.26 -6.45
C ASN A 124 9.69 -11.01 -6.75
N LYS A 125 10.77 -10.61 -6.08
CA LYS A 125 12.10 -11.05 -6.44
C LYS A 125 12.27 -12.55 -6.21
N ASP A 126 11.44 -13.11 -5.33
CA ASP A 126 11.61 -14.48 -4.88
C ASP A 126 11.05 -15.47 -5.90
N THR A 127 10.12 -15.00 -6.72
CA THR A 127 9.38 -15.88 -7.61
C THR A 127 9.46 -15.40 -9.06
N LEU A 128 10.08 -14.24 -9.24
CA LEU A 128 10.10 -13.58 -10.56
C LEU A 128 8.69 -13.33 -11.07
N SER A 129 7.84 -12.79 -10.19
CA SER A 129 6.45 -12.52 -10.53
C SER A 129 6.17 -11.02 -10.56
N TRP A 130 5.12 -10.63 -11.27
CA TRP A 130 4.65 -9.25 -11.26
C TRP A 130 3.20 -9.16 -10.80
N LEU A 131 2.93 -8.22 -9.90
CA LEU A 131 1.62 -8.12 -9.27
C LEU A 131 0.93 -6.81 -9.64
N ALA A 132 -0.40 -6.83 -9.63
CA ALA A 132 -1.18 -5.61 -9.84
C ALA A 132 -2.47 -5.65 -9.03
N VAL A 133 -3.10 -4.49 -8.91
CA VAL A 133 -4.28 -4.35 -8.04
C VAL A 133 -5.51 -4.00 -8.86
N ASP A 134 -5.44 -4.22 -10.16
CA ASP A 134 -6.56 -3.92 -11.06
C ASP A 134 -7.40 -5.16 -11.33
N ASN A 135 -8.44 -4.99 -12.13
CA ASN A 135 -9.33 -6.10 -12.47
C ASN A 135 -8.80 -6.89 -13.67
N VAL A 136 -8.19 -6.17 -14.61
CA VAL A 136 -7.59 -6.81 -15.78
C VAL A 136 -6.12 -6.44 -15.92
N ALA A 137 -5.26 -7.30 -15.39
CA ALA A 137 -3.81 -7.05 -15.42
C ALA A 137 -3.04 -8.34 -15.63
N HIS A 138 -3.73 -9.38 -16.08
CA HIS A 138 -3.09 -10.66 -16.39
C HIS A 138 -2.33 -10.59 -17.71
N THR A 139 -2.80 -9.72 -18.61
CA THR A 139 -2.00 -9.30 -19.75
C THR A 139 -0.61 -8.83 -19.31
N ILE A 140 -0.58 -7.95 -18.31
CA ILE A 140 0.68 -7.43 -17.79
C ILE A 140 1.49 -8.53 -17.11
N LYS A 141 0.84 -9.28 -16.23
CA LYS A 141 1.49 -10.37 -15.52
C LYS A 141 2.16 -11.34 -16.49
N GLN A 142 1.38 -11.90 -17.40
CA GLN A 142 1.85 -12.96 -18.28
C GLN A 142 2.90 -12.43 -19.26
N ALA A 143 2.68 -11.23 -19.76
CA ALA A 143 3.57 -10.63 -20.74
C ALA A 143 4.97 -10.40 -20.14
N TRP A 144 4.99 -9.96 -18.88
CA TRP A 144 6.24 -9.60 -18.23
C TRP A 144 6.93 -10.83 -17.64
N GLU A 145 6.12 -11.79 -17.19
CA GLU A 145 6.64 -13.00 -16.55
C GLU A 145 7.12 -14.01 -17.58
N ALA A 146 6.84 -13.72 -18.85
CA ALA A 146 7.23 -14.62 -19.94
C ALA A 146 8.74 -14.85 -19.95
N ASN A 147 9.50 -13.81 -19.59
CA ASN A 147 10.95 -13.87 -19.64
C ASN A 147 11.54 -14.18 -18.27
N GLN A 148 11.71 -15.47 -17.97
CA GLN A 148 12.18 -15.90 -16.67
C GLN A 148 13.71 -15.90 -16.61
N HIS A 149 14.33 -15.32 -17.62
CA HIS A 149 15.78 -15.24 -17.69
C HIS A 149 16.30 -13.92 -17.11
N GLU A 150 15.36 -13.08 -16.67
CA GLU A 150 15.72 -11.79 -16.09
C GLU A 150 16.13 -11.93 -14.64
N LEU A 151 16.20 -13.16 -14.16
CA LEU A 151 16.62 -13.44 -12.79
C LEU A 151 17.86 -12.63 -12.42
N LEU A 152 18.94 -12.84 -13.18
CA LEU A 152 20.23 -12.25 -12.85
C LEU A 152 20.30 -10.78 -13.24
N TYR A 153 19.45 -10.40 -14.19
CA TYR A 153 19.43 -9.02 -14.67
C TYR A 153 18.77 -8.09 -13.66
N GLN A 154 17.62 -8.51 -13.13
CA GLN A 154 16.92 -7.75 -12.11
C GLN A 154 17.75 -7.64 -10.83
N LYS A 155 18.44 -8.74 -10.49
CA LYS A 155 19.33 -8.75 -9.33
C LYS A 155 20.46 -7.73 -9.50
N ASN A 156 21.09 -7.75 -10.66
CA ASN A 156 22.16 -6.81 -10.97
C ASN A 156 21.64 -5.37 -10.98
N TRP A 157 20.51 -5.17 -11.64
CA TRP A 157 19.98 -3.82 -11.84
C TRP A 157 19.54 -3.20 -10.52
N LEU A 158 19.02 -4.03 -9.63
CA LEU A 158 18.41 -3.54 -8.40
C LEU A 158 19.40 -3.57 -7.24
N GLU A 159 20.06 -4.72 -7.07
CA GLU A 159 20.88 -4.95 -5.89
C GLU A 159 22.35 -4.66 -6.17
N GLU A 160 22.94 -5.44 -7.07
CA GLU A 160 24.39 -5.52 -7.18
C GLU A 160 25.00 -4.15 -7.44
N GLU A 161 24.43 -3.42 -8.37
CA GLU A 161 24.90 -2.08 -8.70
C GLU A 161 24.75 -1.14 -7.51
N CYS A 162 23.63 -1.27 -6.81
CA CYS A 162 23.31 -0.36 -5.70
C CYS A 162 24.18 -0.67 -4.49
N ILE A 163 24.43 -1.95 -4.25
CA ILE A 163 25.24 -2.39 -3.12
C ILE A 163 26.65 -1.82 -3.20
N ALA A 164 27.25 -1.92 -4.38
CA ALA A 164 28.58 -1.36 -4.62
C ALA A 164 28.59 0.14 -4.40
N TRP A 165 27.58 0.82 -4.93
CA TRP A 165 27.49 2.28 -4.83
C TRP A 165 27.29 2.72 -3.38
N LEU A 166 26.38 2.03 -2.69
CA LEU A 166 26.04 2.39 -1.32
C LEU A 166 27.26 2.34 -0.41
N LYS A 167 28.00 1.22 -0.48
CA LYS A 167 29.19 1.04 0.35
C LYS A 167 30.22 2.12 0.08
N ARG A 168 30.32 2.55 -1.18
CA ARG A 168 31.19 3.66 -1.54
C ARG A 168 30.63 4.98 -1.03
N PHE A 169 29.33 5.16 -1.18
CA PHE A 169 28.68 6.41 -0.77
C PHE A 169 28.83 6.65 0.72
N LEU A 170 28.72 5.59 1.50
CA LEU A 170 28.76 5.69 2.96
C LEU A 170 30.10 6.26 3.43
N GLU A 171 31.14 6.05 2.63
CA GLU A 171 32.45 6.62 2.91
C GLU A 171 32.54 8.05 2.37
N TYR A 172 32.05 8.24 1.14
CA TYR A 172 32.16 9.53 0.47
C TYR A 172 31.48 10.63 1.28
N GLY A 173 30.31 10.31 1.84
CA GLY A 173 29.55 11.27 2.63
C GLY A 173 29.61 10.93 4.11
N LYS A 174 30.71 10.29 4.53
CA LYS A 174 30.81 9.74 5.87
C LYS A 174 30.39 10.76 6.93
N ASP A 175 30.66 12.03 6.65
CA ASP A 175 30.47 13.08 7.63
C ASP A 175 28.99 13.30 7.93
N THR A 176 28.14 12.80 7.04
CA THR A 176 26.70 12.95 7.20
C THR A 176 26.01 11.60 7.21
N LEU A 177 26.77 10.54 6.94
CA LEU A 177 26.21 9.19 6.82
C LEU A 177 26.69 8.29 7.94
N GLN A 178 27.95 8.45 8.33
CA GLN A 178 28.51 7.68 9.43
C GLN A 178 28.47 8.47 10.74
N ARG A 179 27.94 9.69 10.66
CA ARG A 179 27.87 10.55 11.84
C ARG A 179 26.63 10.25 12.67
N THR A 180 26.84 9.88 13.93
CA THR A 180 25.75 9.54 14.82
C THR A 180 25.82 10.34 16.12
N GLU A 181 24.71 10.97 16.48
CA GLU A 181 24.63 11.74 17.72
C GLU A 181 23.37 11.40 18.51
N PRO A 182 23.57 10.89 19.72
CA PRO A 182 22.45 10.52 20.58
C PRO A 182 21.50 11.69 20.81
N PRO A 183 20.24 11.39 21.05
CA PRO A 183 19.24 12.43 21.31
C PRO A 183 19.44 13.04 22.70
N LYS A 184 18.97 14.27 22.87
CA LYS A 184 18.72 14.80 24.20
C LYS A 184 17.25 14.68 24.59
N VAL A 185 17.00 14.00 25.70
CA VAL A 185 15.65 13.54 26.03
C VAL A 185 15.19 14.11 27.37
N ARG A 186 13.97 14.64 27.40
CA ARG A 186 13.42 15.21 28.61
C ARG A 186 11.97 14.74 28.82
N VAL A 187 11.60 14.51 30.08
CA VAL A 187 10.26 14.07 30.41
C VAL A 187 9.49 15.13 31.18
N ASN A 188 8.23 15.32 30.83
CA ASN A 188 7.40 16.34 31.47
C ASN A 188 5.93 15.94 31.45
N HIS A 189 5.08 16.79 32.01
CA HIS A 189 3.64 16.57 31.98
C HIS A 189 3.00 17.27 30.79
N LYS A 190 1.84 16.79 30.38
CA LYS A 190 1.04 17.48 29.37
C LYS A 190 -0.45 17.33 29.65
N GLU A 191 -1.20 18.41 29.44
CA GLU A 191 -2.65 18.33 29.37
C GLU A 191 -3.15 18.47 27.94
N THR A 192 -3.72 17.39 27.40
CA THR A 192 -4.20 17.38 26.03
C THR A 192 -5.73 17.45 25.98
N PHE A 193 -6.36 17.08 27.09
CA PHE A 193 -7.82 17.02 27.14
C PHE A 193 -8.32 16.99 28.58
N PRO A 194 -9.27 17.87 28.89
CA PRO A 194 -9.84 17.93 30.23
C PRO A 194 -10.30 16.56 30.70
N GLY A 195 -9.96 16.23 31.94
CA GLY A 195 -10.39 14.98 32.55
C GLY A 195 -9.45 13.83 32.16
N ILE A 196 -8.45 14.14 31.34
CA ILE A 196 -7.50 13.14 30.88
C ILE A 196 -6.08 13.52 31.24
N THR A 197 -5.30 12.54 31.69
CA THR A 197 -3.88 12.75 31.96
C THR A 197 -3.02 12.31 30.80
N THR A 198 -2.03 13.13 30.45
CA THR A 198 -1.07 12.76 29.42
C THR A 198 0.36 12.86 29.95
N LEU A 199 1.15 11.84 29.69
CA LEU A 199 2.58 11.87 29.99
C LEU A 199 3.41 12.03 28.72
N TYR A 200 4.28 13.04 28.71
CA TYR A 200 4.87 13.53 27.48
C TYR A 200 6.38 13.64 27.61
N CYS A 201 7.10 13.13 26.60
CA CYS A 201 8.55 13.19 26.59
C CYS A 201 9.07 13.70 25.26
N ARG A 202 10.01 14.64 25.31
CA ARG A 202 10.57 15.25 24.11
C ARG A 202 12.00 14.78 23.87
N ALA A 203 12.33 14.51 22.61
CA ALA A 203 13.69 14.17 22.23
C ALA A 203 14.15 14.98 21.03
N TYR A 204 15.27 15.67 21.16
CA TYR A 204 15.72 16.62 20.16
C TYR A 204 17.22 16.51 19.92
N GLY A 205 17.66 16.91 18.73
CA GLY A 205 19.07 17.16 18.48
C GLY A 205 19.81 15.87 18.15
N PHE A 206 19.13 14.95 17.48
CA PHE A 206 19.70 13.67 17.13
C PHE A 206 19.95 13.56 15.63
N TYR A 207 20.87 12.68 15.24
CA TYR A 207 21.19 12.47 13.84
C TYR A 207 21.95 11.17 13.64
N PRO A 208 21.68 10.50 12.53
CA PRO A 208 20.50 10.78 11.72
C PRO A 208 19.22 10.41 12.46
N PRO A 209 18.09 10.79 11.89
CA PRO A 209 16.80 10.55 12.52
C PRO A 209 16.36 9.10 12.37
N GLU A 210 17.09 8.19 13.01
CA GLU A 210 16.68 6.80 13.11
C GLU A 210 16.24 6.46 14.54
N ILE A 211 15.12 7.04 14.96
CA ILE A 211 14.75 7.08 16.36
C ILE A 211 13.32 6.62 16.58
N SER A 212 13.11 5.83 17.63
CA SER A 212 11.77 5.42 18.02
C SER A 212 11.65 5.35 19.54
N ILE A 213 10.53 5.87 20.07
CA ILE A 213 10.35 5.99 21.50
C ILE A 213 9.03 5.38 21.95
N ASN A 214 9.08 4.67 23.07
CA ASN A 214 7.86 4.13 23.68
C ASN A 214 7.93 4.20 25.20
N TRP A 215 6.80 3.92 25.85
CA TRP A 215 6.73 3.95 27.31
C TRP A 215 6.75 2.53 27.89
N MET A 216 7.50 2.36 28.97
CA MET A 216 7.65 1.05 29.59
C MET A 216 7.50 1.14 31.10
N LYS A 217 7.16 0.02 31.72
CA LYS A 217 7.08 -0.07 33.18
C LYS A 217 7.73 -1.35 33.69
N ASN A 218 8.63 -1.21 34.65
CA ASN A 218 9.32 -2.35 35.24
C ASN A 218 10.05 -3.16 34.18
N GLY A 219 10.52 -2.48 33.15
CA GLY A 219 11.36 -3.11 32.13
C GLY A 219 10.53 -3.79 31.06
N GLU A 220 9.20 -3.71 31.21
CA GLU A 220 8.28 -4.32 30.25
C GLU A 220 7.41 -3.26 29.59
N GLU A 221 7.06 -3.51 28.33
CA GLU A 221 6.16 -2.61 27.60
C GLU A 221 4.82 -2.49 28.31
N ILE A 222 4.32 -1.27 28.43
CA ILE A 222 3.06 -1.01 29.11
C ILE A 222 1.89 -1.62 28.36
N PHE A 223 0.74 -1.71 29.01
CA PHE A 223 -0.43 -2.35 28.44
C PHE A 223 -1.37 -1.30 27.83
N GLN A 224 -0.84 -0.12 27.54
CA GLN A 224 -1.60 0.92 26.87
C GLN A 224 -0.94 1.35 25.58
N ASP A 225 -1.75 1.68 24.58
CA ASP A 225 -1.25 2.22 23.32
C ASP A 225 -0.62 3.59 23.52
N THR A 226 0.41 3.87 22.74
CA THR A 226 1.05 5.19 22.76
C THR A 226 1.07 5.80 21.37
N ASP A 227 1.19 7.13 21.30
CA ASP A 227 1.33 7.83 20.04
C ASP A 227 2.72 8.42 19.88
N TYR A 228 3.14 8.62 18.64
CA TYR A 228 4.53 8.98 18.36
C TYR A 228 4.61 10.06 17.28
N GLY A 229 5.37 11.11 17.57
CA GLY A 229 5.37 12.30 16.73
C GLY A 229 6.02 12.04 15.38
N GLY A 230 6.79 10.95 15.31
CA GLY A 230 7.59 10.66 14.12
C GLY A 230 8.81 11.57 14.04
N ILE A 231 9.31 11.77 12.82
CA ILE A 231 10.50 12.57 12.61
C ILE A 231 10.14 14.01 12.24
N LEU A 232 10.53 14.94 13.10
CA LEU A 232 10.19 16.35 12.91
C LEU A 232 11.44 17.21 12.79
N PRO A 233 11.84 17.50 11.56
CA PRO A 233 13.07 18.23 11.30
C PRO A 233 13.05 19.60 11.98
N SER A 234 14.20 20.03 12.49
CA SER A 234 14.33 21.36 13.05
C SER A 234 14.60 22.39 11.97
N GLY A 235 15.19 21.94 10.87
CA GLY A 235 15.61 22.85 9.79
C GLY A 235 17.00 23.40 10.04
N ASP A 236 17.61 22.96 11.14
CA ASP A 236 18.95 23.43 11.51
C ASP A 236 19.98 22.32 11.37
N GLY A 237 19.58 21.24 10.69
CA GLY A 237 20.50 20.13 10.43
C GLY A 237 20.21 18.94 11.33
N THR A 238 19.49 19.21 12.43
CA THR A 238 19.11 18.15 13.36
C THR A 238 17.62 17.89 13.32
N TYR A 239 17.18 16.84 14.01
CA TYR A 239 15.78 16.43 13.99
C TYR A 239 15.23 16.31 15.40
N GLN A 240 13.90 16.37 15.52
CA GLN A 240 13.24 16.22 16.81
C GLN A 240 12.14 15.17 16.75
N THR A 241 11.81 14.59 17.89
CA THR A 241 10.60 13.78 18.02
C THR A 241 10.04 13.84 19.43
N TRP A 242 9.01 13.04 19.70
CA TRP A 242 8.40 12.98 21.02
C TRP A 242 7.42 11.81 21.12
N VAL A 243 7.08 11.45 22.35
CA VAL A 243 6.10 10.38 22.59
C VAL A 243 5.06 10.81 23.61
N SER A 244 3.83 10.36 23.42
CA SER A 244 2.73 10.74 24.30
C SER A 244 1.82 9.54 24.58
N VAL A 245 1.49 9.33 25.84
CA VAL A 245 0.60 8.25 26.23
C VAL A 245 -0.64 8.78 26.95
N GLU A 246 -1.80 8.25 26.58
CA GLU A 246 -3.05 8.62 27.23
C GLU A 246 -3.25 7.84 28.54
N LEU A 247 -3.38 8.58 29.64
CA LEU A 247 -3.44 7.95 30.95
C LEU A 247 -4.75 8.28 31.65
N ASP A 248 -5.24 7.34 32.46
CA ASP A 248 -6.38 7.60 33.33
C ASP A 248 -6.10 8.75 34.28
N PRO A 249 -7.10 9.60 34.50
CA PRO A 249 -6.96 10.76 35.38
C PRO A 249 -6.64 10.32 36.80
N GLN A 250 -6.95 9.06 37.12
CA GLN A 250 -6.69 8.53 38.45
C GLN A 250 -5.35 7.80 38.50
N ASN A 251 -4.65 7.79 37.36
CA ASN A 251 -3.38 7.09 37.26
C ASN A 251 -2.33 7.71 38.16
N GLY A 252 -1.66 6.87 38.95
CA GLY A 252 -0.59 7.34 39.82
C GLY A 252 0.77 6.84 39.35
N ASP A 253 0.78 6.09 38.24
CA ASP A 253 1.98 5.47 37.73
C ASP A 253 2.61 6.31 36.62
N ILE A 254 3.85 6.72 36.83
CA ILE A 254 4.61 7.40 35.79
C ILE A 254 5.51 6.44 35.04
N TYR A 255 5.26 6.29 33.74
CA TYR A 255 5.99 5.32 32.92
C TYR A 255 7.40 5.80 32.64
N SER A 256 8.31 4.85 32.42
CA SER A 256 9.67 5.17 31.99
C SER A 256 9.75 5.33 30.49
N CYS A 257 10.63 6.21 30.03
CA CYS A 257 10.78 6.49 28.61
C CYS A 257 11.91 5.68 28.00
N HIS A 258 11.57 4.81 27.05
CA HIS A 258 12.56 3.98 26.37
C HIS A 258 12.89 4.53 24.99
N VAL A 259 14.12 4.96 24.81
CA VAL A 259 14.53 5.63 23.58
C VAL A 259 15.57 4.82 22.82
N GLU A 260 15.26 4.48 21.58
CA GLU A 260 16.21 3.79 20.71
C GLU A 260 16.58 4.64 19.50
N HIS A 261 17.87 4.84 19.30
CA HIS A 261 18.35 5.67 18.20
C HIS A 261 19.63 5.10 17.59
N GLY A 262 19.56 4.75 16.31
CA GLY A 262 20.71 4.21 15.60
C GLY A 262 21.29 3.01 16.33
N GLY A 263 22.55 3.12 16.74
CA GLY A 263 23.24 2.01 17.41
C GLY A 263 23.30 2.23 18.91
N VAL A 264 22.58 3.23 19.40
CA VAL A 264 22.58 3.58 20.81
C VAL A 264 21.16 3.65 21.37
N HIS A 265 21.05 3.68 22.69
CA HIS A 265 19.76 3.80 23.35
C HIS A 265 19.91 4.39 24.75
N MET A 266 18.79 4.80 25.33
CA MET A 266 18.78 5.29 26.70
C MET A 266 17.40 5.11 27.34
N VAL A 267 17.38 5.07 28.67
CA VAL A 267 16.12 5.02 29.41
C VAL A 267 16.05 6.13 30.44
N LEU A 268 14.94 6.87 30.44
CA LEU A 268 14.73 7.93 31.42
C LEU A 268 13.58 7.59 32.37
N GLN A 269 13.80 7.79 33.66
CA GLN A 269 12.78 7.51 34.66
C GLN A 269 12.35 8.78 35.37
N GLY A 270 11.08 8.82 35.77
CA GLY A 270 10.54 9.97 36.49
C GLY A 270 10.62 11.24 35.65
N PHE A 271 11.15 12.30 36.24
CA PHE A 271 11.26 13.58 35.56
C PHE A 271 12.62 14.23 35.80
N GLN B 3 -5.67 10.04 -5.42
CA GLN B 3 -5.41 11.06 -4.41
C GLN B 3 -5.00 10.43 -3.09
N ARG B 4 -3.76 10.66 -2.68
CA ARG B 4 -3.25 10.13 -1.42
C ARG B 4 -3.65 11.03 -0.25
N PRO B 5 -4.05 10.40 0.85
CA PRO B 5 -4.42 11.13 2.06
C PRO B 5 -3.31 12.08 2.49
N PRO B 6 -3.63 13.36 2.58
CA PRO B 6 -2.69 14.36 3.07
C PRO B 6 -2.17 14.00 4.45
N LYS B 7 -0.90 14.30 4.70
CA LYS B 7 -0.34 14.23 6.04
C LYS B 7 0.44 15.49 6.38
N ILE B 8 -0.10 16.30 7.28
CA ILE B 8 0.48 17.60 7.59
C ILE B 8 0.72 17.76 9.09
N GLN B 9 1.98 17.95 9.45
CA GLN B 9 2.36 18.18 10.84
C GLN B 9 2.87 19.60 11.03
N VAL B 10 2.41 20.26 12.10
CA VAL B 10 2.85 21.61 12.42
C VAL B 10 3.42 21.68 13.83
N TYR B 11 4.59 22.30 13.95
CA TYR B 11 5.32 22.32 15.21
C TYR B 11 6.32 23.47 15.26
N SER B 12 6.83 23.75 16.45
CA SER B 12 7.89 24.74 16.62
C SER B 12 9.25 24.09 16.79
N ARG B 13 10.30 24.84 16.51
CA ARG B 13 11.66 24.37 16.79
C ARG B 13 11.98 24.46 18.27
N HIS B 14 11.60 25.57 18.90
CA HIS B 14 11.92 25.81 20.30
C HIS B 14 10.67 25.90 21.15
N PRO B 15 10.83 25.69 22.46
CA PRO B 15 9.71 25.78 23.39
C PRO B 15 8.91 27.06 23.19
N PRO B 16 7.59 26.95 23.29
CA PRO B 16 6.71 28.08 23.02
C PRO B 16 6.66 29.05 24.19
N GLU B 17 7.75 29.79 24.37
CA GLU B 17 7.83 30.78 25.44
C GLU B 17 7.66 32.20 24.91
N ASP B 18 6.79 32.96 25.56
CA ASP B 18 6.44 34.29 25.08
C ASP B 18 7.67 35.19 24.99
N GLY B 19 7.76 35.95 23.91
CA GLY B 19 8.69 37.08 23.84
C GLY B 19 10.07 36.62 23.38
N LYS B 20 10.21 35.32 23.15
CA LYS B 20 11.49 34.76 22.74
C LYS B 20 11.48 34.34 21.27
N PRO B 21 12.62 34.43 20.63
CA PRO B 21 12.77 34.01 19.24
C PRO B 21 12.35 32.55 19.07
N ASN B 22 11.81 32.23 17.89
CA ASN B 22 11.45 30.86 17.56
C ASN B 22 11.30 30.68 16.06
N TYR B 23 11.17 29.42 15.63
CA TYR B 23 10.92 29.13 14.23
C TYR B 23 9.76 28.14 14.08
N LEU B 24 8.80 28.49 13.23
CA LEU B 24 7.62 27.65 13.02
C LEU B 24 7.81 26.71 11.85
N ASN B 25 7.74 25.41 12.12
CA ASN B 25 8.03 24.39 11.11
C ASN B 25 6.78 23.66 10.68
N CYS B 26 6.78 23.14 9.46
CA CYS B 26 5.76 22.20 9.02
C CYS B 26 6.37 21.09 8.17
N TYR B 27 5.96 19.85 8.45
CA TYR B 27 6.52 18.69 7.76
C TYR B 27 5.43 17.86 7.09
N VAL B 28 5.40 17.88 5.77
CA VAL B 28 4.32 17.26 5.02
C VAL B 28 4.84 16.11 4.15
N TYR B 29 4.01 15.08 4.01
CA TYR B 29 4.41 13.90 3.24
C TYR B 29 3.19 13.04 2.89
N GLY B 30 3.39 12.06 2.03
CA GLY B 30 2.34 11.12 1.67
C GLY B 30 1.45 11.69 0.57
N PHE B 31 1.90 12.79 -0.03
CA PHE B 31 1.12 13.47 -1.06
C PHE B 31 1.39 12.90 -2.43
N HIS B 32 0.39 12.90 -3.29
CA HIS B 32 0.56 12.52 -4.69
C HIS B 32 -0.68 12.89 -5.51
N PRO B 33 -0.45 13.51 -6.66
CA PRO B 33 0.91 13.74 -7.15
C PRO B 33 1.56 14.92 -6.43
N PRO B 34 2.86 15.08 -6.63
CA PRO B 34 3.62 16.11 -5.93
C PRO B 34 3.33 17.49 -6.52
N GLN B 35 2.11 17.97 -6.31
CA GLN B 35 1.76 19.36 -6.62
C GLN B 35 1.37 20.12 -5.36
N ILE B 36 2.36 20.71 -4.70
CA ILE B 36 2.20 21.14 -3.31
C ILE B 36 2.93 22.45 -3.06
N GLU B 37 2.34 23.28 -2.21
CA GLU B 37 3.03 24.49 -1.72
C GLU B 37 2.58 24.85 -0.31
N ILE B 38 3.53 25.18 0.54
CA ILE B 38 3.24 25.45 1.95
C ILE B 38 3.29 26.94 2.25
N ASP B 39 2.22 27.45 2.86
CA ASP B 39 2.22 28.81 3.38
C ASP B 39 2.00 28.83 4.88
N LEU B 40 3.00 29.29 5.61
CA LEU B 40 2.91 29.40 7.06
C LEU B 40 2.37 30.76 7.48
N LEU B 41 1.32 30.74 8.30
CA LEU B 41 0.52 31.94 8.55
C LEU B 41 0.70 32.43 9.98
N LYS B 42 0.61 33.74 10.18
CA LYS B 42 0.35 34.31 11.49
C LYS B 42 -1.00 35.02 11.53
N ASN B 43 -1.90 34.52 12.38
CA ASN B 43 -3.23 35.08 12.48
C ASN B 43 -3.90 35.18 11.12
N GLY B 44 -3.63 34.20 10.26
CA GLY B 44 -4.31 34.12 8.97
C GLY B 44 -3.49 34.75 7.86
N GLU B 45 -2.51 35.56 8.26
CA GLU B 45 -1.66 36.26 7.30
C GLU B 45 -0.33 35.53 7.11
N LYS B 46 0.18 35.56 5.88
CA LYS B 46 1.41 34.87 5.55
C LYS B 46 2.63 35.60 6.12
N ILE B 47 3.59 34.85 6.63
CA ILE B 47 4.84 35.42 7.12
C ILE B 47 6.04 34.88 6.36
N LYS B 48 7.19 35.50 6.55
CA LYS B 48 8.43 35.05 5.91
C LYS B 48 8.65 33.57 6.17
N SER B 49 8.86 32.81 5.08
CA SER B 49 9.02 31.37 5.18
C SER B 49 9.89 30.83 4.05
N GLU B 50 10.43 29.63 4.24
CA GLU B 50 11.15 28.95 3.19
C GLU B 50 10.69 27.50 3.05
N GLN B 51 10.93 26.91 1.88
CA GLN B 51 10.52 25.53 1.62
C GLN B 51 11.67 24.74 1.02
N SER B 52 11.76 23.47 1.40
CA SER B 52 12.84 22.60 0.93
C SER B 52 12.50 21.99 -0.43
N ASP B 53 13.47 21.30 -1.01
CA ASP B 53 13.19 20.39 -2.13
C ASP B 53 12.39 19.19 -1.67
N LEU B 54 11.95 18.38 -2.64
CA LEU B 54 11.16 17.19 -2.34
C LEU B 54 12.04 15.96 -2.21
N SER B 55 11.85 15.20 -1.14
CA SER B 55 12.59 13.96 -0.93
C SER B 55 11.68 12.75 -1.11
N PHE B 56 11.87 12.04 -2.22
CA PHE B 56 10.96 10.97 -2.61
C PHE B 56 10.98 9.83 -1.61
N SER B 57 9.83 9.18 -1.41
CA SER B 57 9.72 8.08 -0.47
C SER B 57 9.39 6.77 -1.17
N LYS B 58 9.77 5.66 -0.56
CA LYS B 58 9.52 4.34 -1.13
C LYS B 58 8.03 4.13 -1.41
N ASP B 59 7.19 4.82 -0.64
CA ASP B 59 5.75 4.59 -0.70
C ASP B 59 5.09 5.50 -1.72
N TRP B 60 5.80 5.80 -2.80
CA TRP B 60 5.23 6.50 -3.94
C TRP B 60 4.83 7.92 -3.57
N SER B 61 5.66 8.56 -2.75
CA SER B 61 5.40 9.94 -2.33
C SER B 61 6.70 10.68 -2.06
N PHE B 62 6.64 11.68 -1.18
CA PHE B 62 7.78 12.53 -0.90
C PHE B 62 7.68 13.15 0.48
N TYR B 63 8.78 13.75 0.95
CA TYR B 63 8.74 14.64 2.09
C TYR B 63 9.04 16.08 1.68
N LEU B 64 8.38 17.03 2.34
CA LEU B 64 8.68 18.44 2.14
C LEU B 64 8.68 19.19 3.46
N LEU B 65 9.74 19.96 3.70
CA LEU B 65 9.89 20.72 4.93
C LEU B 65 9.75 22.22 4.69
N SER B 66 9.00 22.88 5.55
CA SER B 66 8.94 24.35 5.55
C SER B 66 9.17 24.91 6.94
N HIS B 67 9.76 26.12 6.99
CA HIS B 67 9.97 26.80 8.26
C HIS B 67 9.74 28.29 8.12
N ALA B 68 9.46 28.95 9.25
CA ALA B 68 9.31 30.40 9.26
C ALA B 68 9.76 30.99 10.59
N GLU B 69 10.14 32.27 10.56
CA GLU B 69 10.51 32.98 11.78
C GLU B 69 9.29 33.64 12.42
N PHE B 70 9.09 33.38 13.71
CA PHE B 70 7.92 33.88 14.41
C PHE B 70 8.19 34.01 15.91
N THR B 71 7.34 34.79 16.58
CA THR B 71 7.34 34.81 18.04
C THR B 71 6.11 34.10 18.60
N PRO B 72 6.35 33.10 19.44
CA PRO B 72 5.27 32.25 19.94
C PRO B 72 4.52 32.91 21.08
N ASN B 73 3.90 34.05 20.80
CA ASN B 73 3.12 34.76 21.81
C ASN B 73 1.80 34.04 22.10
N SER B 74 1.46 33.93 23.38
CA SER B 74 0.18 33.37 23.78
C SER B 74 -0.97 34.00 23.01
N LYS B 75 -0.85 35.29 22.74
CA LYS B 75 -1.97 36.07 22.21
C LYS B 75 -1.99 36.05 20.69
N ASP B 76 -1.02 35.37 20.10
CA ASP B 76 -0.93 35.25 18.65
C ASP B 76 -1.15 33.82 18.19
N GLN B 77 -2.09 33.63 17.27
CA GLN B 77 -2.41 32.31 16.76
C GLN B 77 -1.65 32.01 15.46
N TYR B 78 -1.17 30.78 15.33
CA TYR B 78 -0.41 30.39 14.15
C TYR B 78 -0.95 29.11 13.54
N SER B 79 -0.82 28.98 12.23
CA SER B 79 -1.31 27.81 11.52
C SER B 79 -0.58 27.62 10.20
N CYS B 80 -0.73 26.43 9.61
CA CYS B 80 -0.17 26.15 8.29
C CYS B 80 -1.29 26.02 7.25
N ARG B 81 -1.06 26.63 6.09
CA ARG B 81 -1.95 26.44 4.95
C ARG B 81 -1.23 25.75 3.79
N VAL B 82 -1.71 24.57 3.42
CA VAL B 82 -1.08 23.78 2.38
C VAL B 82 -1.95 23.70 1.14
N LYS B 83 -1.43 24.21 0.03
CA LYS B 83 -2.10 24.07 -1.26
C LYS B 83 -1.72 22.76 -1.95
N HIS B 84 -2.69 22.15 -2.63
CA HIS B 84 -2.49 20.83 -3.21
C HIS B 84 -3.37 20.64 -4.44
N VAL B 85 -2.76 20.13 -5.51
CA VAL B 85 -3.46 19.99 -6.78
C VAL B 85 -4.58 21.01 -6.92
N THR B 86 -5.77 20.53 -7.27
CA THR B 86 -6.90 21.39 -7.55
C THR B 86 -8.01 21.21 -6.52
N LEU B 87 -7.61 21.07 -5.26
CA LEU B 87 -8.57 20.93 -4.16
C LEU B 87 -9.43 22.19 -4.03
N GLU B 88 -10.67 21.99 -3.59
CA GLU B 88 -11.61 23.10 -3.46
C GLU B 88 -11.10 24.15 -2.49
N GLN B 89 -10.44 23.70 -1.43
CA GLN B 89 -9.95 24.59 -0.39
C GLN B 89 -8.65 24.07 0.21
N PRO B 90 -7.66 24.96 0.32
CA PRO B 90 -6.40 24.62 0.98
C PRO B 90 -6.64 24.04 2.37
N ARG B 91 -5.81 23.08 2.76
CA ARG B 91 -5.94 22.42 4.05
C ARG B 91 -5.28 23.24 5.15
N ILE B 92 -6.03 23.52 6.21
CA ILE B 92 -5.54 24.35 7.30
C ILE B 92 -5.24 23.51 8.54
N VAL B 93 -4.02 23.64 9.06
CA VAL B 93 -3.61 22.91 10.25
C VAL B 93 -3.08 23.86 11.32
N LYS B 94 -3.75 23.88 12.47
CA LYS B 94 -3.44 24.83 13.52
C LYS B 94 -2.23 24.37 14.34
N TRP B 95 -1.39 25.32 14.72
CA TRP B 95 -0.28 25.04 15.64
C TRP B 95 -0.81 24.83 17.06
N ASP B 96 -0.53 23.66 17.62
CA ASP B 96 -1.09 23.28 18.91
C ASP B 96 -0.14 23.62 20.05
N ARG B 97 0.91 24.38 19.73
CA ARG B 97 1.86 24.84 20.73
C ARG B 97 2.55 23.66 21.41
N ASP B 98 2.63 22.53 20.71
CA ASP B 98 3.47 21.41 21.12
C ASP B 98 3.27 21.09 22.59
N LEU B 99 4.30 21.31 23.39
CA LEU B 99 4.27 20.97 24.81
C LEU B 99 3.87 22.17 25.65
N PRO C 2 -15.34 -27.40 3.97
CA PRO C 2 -16.50 -27.83 3.19
C PRO C 2 -16.33 -29.26 2.71
N HIS C 3 -17.44 -29.92 2.43
CA HIS C 3 -17.44 -31.35 2.13
C HIS C 3 -18.17 -31.64 0.82
N PRO C 4 -17.85 -32.77 0.21
CA PRO C 4 -18.55 -33.22 -1.00
C PRO C 4 -20.05 -33.23 -0.78
N ALA C 5 -20.79 -32.80 -1.80
CA ALA C 5 -22.25 -32.76 -1.74
C ALA C 5 -22.82 -34.16 -1.57
N GLU C 6 -23.89 -34.28 -0.78
CA GLU C 6 -24.56 -35.55 -0.58
C GLU C 6 -25.61 -35.78 -1.66
N GLY C 7 -25.64 -37.00 -2.19
CA GLY C 7 -26.61 -37.38 -3.22
C GLY C 7 -25.97 -37.35 -4.60
N GLN C 8 -26.80 -37.43 -5.63
CA GLN C 8 -26.31 -37.44 -7.01
C GLN C 8 -26.16 -36.04 -7.56
N TRP C 9 -24.95 -35.67 -7.93
CA TRP C 9 -24.66 -34.35 -8.46
C TRP C 9 -23.78 -34.42 -9.71
N ARG C 10 -24.03 -33.53 -10.66
CA ARG C 10 -23.16 -33.37 -11.81
C ARG C 10 -22.84 -31.90 -12.06
N ALA C 11 -21.59 -31.62 -12.45
CA ALA C 11 -21.17 -30.26 -12.73
C ALA C 11 -21.77 -29.76 -14.03
N VAL C 12 -21.84 -28.44 -14.18
CA VAL C 12 -22.29 -27.83 -15.43
C VAL C 12 -21.16 -27.07 -16.10
N ASP C 13 -21.26 -26.92 -17.42
CA ASP C 13 -20.22 -26.25 -18.20
C ASP C 13 -20.42 -24.73 -18.18
N VAL C 14 -19.49 -24.03 -17.57
CA VAL C 14 -19.51 -22.57 -17.54
C VAL C 14 -18.45 -21.98 -18.45
N VAL C 15 -18.87 -21.18 -19.43
CA VAL C 15 -18.00 -20.75 -20.51
C VAL C 15 -17.71 -19.26 -20.43
N LEU C 16 -16.43 -18.91 -20.31
CA LEU C 16 -16.04 -17.53 -20.10
C LEU C 16 -15.37 -16.95 -21.35
N ASP C 17 -15.55 -15.65 -21.56
CA ASP C 17 -14.71 -14.91 -22.48
C ASP C 17 -13.26 -14.88 -22.01
N CYS C 18 -12.33 -14.89 -22.96
CA CYS C 18 -10.91 -14.91 -22.64
C CYS C 18 -10.10 -14.12 -23.67
N PHE C 19 -8.98 -13.56 -23.24
CA PHE C 19 -8.03 -12.94 -24.15
C PHE C 19 -6.68 -13.65 -24.11
N LEU C 20 -5.91 -13.51 -25.19
CA LEU C 20 -4.58 -14.09 -25.26
C LEU C 20 -3.51 -13.02 -25.14
N VAL C 21 -2.35 -13.40 -24.60
CA VAL C 21 -1.32 -12.43 -24.24
C VAL C 21 -0.02 -12.70 -24.99
N LYS C 22 0.61 -11.63 -25.47
CA LYS C 22 1.86 -11.75 -26.22
C LYS C 22 3.06 -11.65 -25.30
N ASP C 23 4.23 -11.97 -25.84
CA ASP C 23 5.47 -11.93 -25.06
C ASP C 23 6.02 -10.50 -25.01
N GLY C 24 6.14 -9.97 -23.79
CA GLY C 24 6.57 -8.59 -23.60
C GLY C 24 5.40 -7.63 -23.67
N ALA C 25 5.63 -6.39 -23.28
CA ALA C 25 4.57 -5.38 -23.25
C ALA C 25 3.93 -5.21 -24.61
N HIS C 26 2.61 -5.07 -24.63
CA HIS C 26 1.86 -4.87 -25.86
C HIS C 26 2.11 -3.48 -26.43
N ARG C 27 2.00 -3.35 -27.74
CA ARG C 27 2.14 -2.06 -28.40
C ARG C 27 1.00 -1.13 -28.04
N GLY C 28 -0.16 -1.71 -27.73
CA GLY C 28 -1.34 -0.93 -27.38
C GLY C 28 -1.43 -0.72 -25.87
N ALA C 29 -2.60 -0.96 -25.30
CA ALA C 29 -2.82 -0.79 -23.88
C ALA C 29 -1.93 -1.71 -23.06
CAC 3X9 C 30 4.31 -4.35 -18.13
CAS 3X9 C 30 3.96 -3.66 -19.48
CAD 3X9 C 30 5.15 -2.88 -20.03
NAQ 3X9 C 30 3.39 -4.59 -20.52
OAH 3X9 C 30 3.47 -5.84 -20.33
CAR 3X9 C 30 2.07 -4.20 -21.08
CAA 3X9 C 30 1.34 -5.48 -21.60
CAB 3X9 C 30 2.18 -3.16 -22.23
CAI 3X9 C 30 1.72 -3.36 -19.91
CAO 3X9 C 30 2.75 -2.86 -19.30
CAJ 3X9 C 30 2.90 -1.64 -18.49
SAL 3X9 C 30 1.56 -0.44 -18.42
N 3X9 C 30 -1.54 -1.26 -21.87
CA 3X9 C 30 -0.80 -2.10 -20.94
CB 3X9 C 30 -1.05 -1.07 -19.77
SG 3X9 C 30 -0.43 -0.90 -18.09
C 3X9 C 30 -1.51 -3.42 -20.70
O 3X9 C 30 -0.86 -4.45 -20.47
H1 3X9 C 30 5.40 -4.31 -17.97
H2 3X9 C 30 3.84 -3.86 -17.26
H3 3X9 C 30 4.00 -5.41 -18.09
H4 3X9 C 30 4.86 -2.19 -20.86
H5 3X9 C 30 5.95 -3.54 -20.35
H6 3X9 C 30 5.57 -2.26 -19.21
H7 3X9 C 30 1.96 -6.16 -22.20
H8 3X9 C 30 0.95 -6.07 -20.74
H9 3X9 C 30 0.47 -5.20 -22.24
H10 3X9 C 30 2.96 -3.38 -22.95
H11 3X9 C 30 1.22 -3.14 -22.80
H12 3X9 C 30 2.39 -2.12 -21.89
H13 3X9 C 30 0.71 -3.19 -19.59
H16 3X9 C 30 3.73 -1.04 -18.91
H17 3X9 C 30 3.27 -1.94 -17.52
H 3X9 C 30 -1.73 -0.32 -21.61
HA 3X9 C 30 0.19 -2.16 -21.31
HB2 3X9 C 30 -0.83 -0.06 -20.17
HB3 3X9 C 30 -2.14 -1.11 -19.56
N ALA C 31 -2.83 -3.39 -20.75
CA ALA C 31 -3.64 -4.60 -20.53
C ALA C 31 -4.80 -4.67 -21.51
N SER C 32 -5.25 -5.89 -21.81
CA SER C 32 -6.29 -6.10 -22.79
C SER C 32 -7.49 -5.20 -22.53
N SER C 33 -7.96 -4.53 -23.58
CA SER C 33 -9.11 -3.64 -23.46
C SER C 33 -9.98 -3.69 -24.71
N GLU C 34 -9.96 -4.83 -25.39
CA GLU C 34 -10.64 -4.98 -26.66
C GLU C 34 -12.13 -5.24 -26.45
N ASP C 35 -12.91 -5.06 -27.52
CA ASP C 35 -14.37 -5.14 -27.42
C ASP C 35 -14.85 -6.58 -27.55
N ARG C 36 -14.00 -7.43 -28.14
CA ARG C 36 -14.39 -8.80 -28.44
C ARG C 36 -13.31 -9.78 -28.02
N ALA C 37 -13.73 -10.93 -27.46
CA ALA C 37 -12.80 -11.91 -26.95
C ALA C 37 -11.95 -12.51 -28.07
N ARG C 38 -10.75 -12.95 -27.72
CA ARG C 38 -9.90 -13.68 -28.66
C ARG C 38 -9.96 -15.18 -28.39
N ALA C 39 -10.42 -15.55 -27.20
CA ALA C 39 -10.52 -16.95 -26.81
C ALA C 39 -11.66 -17.19 -25.84
N SER C 40 -11.93 -18.45 -25.53
CA SER C 40 -12.89 -18.80 -24.50
C SER C 40 -12.42 -20.00 -23.68
N LEU C 41 -12.81 -20.01 -22.40
CA LEU C 41 -12.40 -21.09 -21.50
C LEU C 41 -13.62 -21.74 -20.85
N VAL C 42 -13.66 -23.08 -20.90
CA VAL C 42 -14.75 -23.83 -20.29
C VAL C 42 -14.33 -24.44 -18.96
N LEU C 43 -15.11 -24.14 -17.91
CA LEU C 43 -14.79 -24.63 -16.58
C LEU C 43 -15.97 -25.39 -15.99
N LYS C 44 -15.67 -26.42 -15.18
CA LYS C 44 -16.70 -27.15 -14.47
C LYS C 44 -17.11 -26.43 -13.19
N GLN C 45 -18.42 -26.35 -12.96
CA GLN C 45 -18.95 -25.80 -11.72
C GLN C 45 -20.07 -26.67 -11.17
N VAL C 46 -20.24 -26.64 -9.85
CA VAL C 46 -21.22 -27.49 -9.19
C VAL C 46 -22.28 -26.64 -8.47
N PRO C 47 -23.47 -26.58 -9.05
CA PRO C 47 -24.56 -25.79 -8.48
C PRO C 47 -25.19 -26.49 -7.30
N VAL C 48 -25.84 -25.72 -6.44
CA VAL C 48 -26.77 -26.27 -5.46
C VAL C 48 -28.22 -26.04 -5.89
N LEU C 49 -28.88 -27.12 -6.28
CA LEU C 49 -30.19 -27.03 -6.94
C LEU C 49 -31.26 -27.77 -6.14
N ASP C 50 -32.50 -27.34 -6.30
CA ASP C 50 -33.60 -27.86 -5.50
C ASP C 50 -33.73 -29.36 -5.66
N ASP C 51 -33.66 -29.83 -6.90
CA ASP C 51 -33.80 -31.25 -7.21
C ASP C 51 -32.46 -31.88 -7.56
N GLY C 52 -31.38 -31.21 -7.16
CA GLY C 52 -30.04 -31.71 -7.45
C GLY C 52 -29.66 -31.48 -8.90
N SER C 53 -28.46 -31.91 -9.27
CA SER C 53 -28.00 -31.83 -10.65
C SER C 53 -27.66 -33.19 -11.21
N LEU C 54 -28.57 -33.75 -12.01
CA LEU C 54 -28.47 -35.14 -12.42
C LEU C 54 -28.15 -35.26 -13.90
N GLU C 55 -27.67 -36.42 -14.32
CA GLU C 55 -27.47 -36.71 -15.73
C GLU C 55 -28.79 -36.69 -16.49
N ASP C 56 -29.86 -37.10 -15.83
CA ASP C 56 -31.17 -37.17 -16.46
C ASP C 56 -31.78 -35.78 -16.60
N PHE C 57 -31.55 -34.92 -15.61
CA PHE C 57 -32.12 -33.59 -15.60
C PHE C 57 -31.36 -32.67 -14.64
N THR C 58 -31.47 -31.36 -14.87
CA THR C 58 -30.93 -30.38 -13.95
C THR C 58 -31.76 -29.10 -13.96
N ASP C 59 -31.71 -28.37 -12.85
CA ASP C 59 -32.45 -27.12 -12.74
C ASP C 59 -31.66 -25.96 -13.37
N PHE C 60 -30.38 -26.19 -13.62
CA PHE C 60 -29.49 -25.14 -14.09
C PHE C 60 -28.74 -25.57 -15.34
N GLN C 61 -28.92 -24.83 -16.42
CA GLN C 61 -28.19 -25.11 -17.66
C GLN C 61 -26.92 -24.29 -17.75
N GLY C 62 -25.92 -24.83 -18.44
CA GLY C 62 -24.63 -24.16 -18.58
C GLY C 62 -24.65 -23.19 -19.75
N GLY C 63 -23.46 -22.81 -20.23
CA GLY C 63 -23.34 -21.83 -21.29
C GLY C 63 -22.65 -20.57 -20.79
N THR C 64 -22.92 -19.45 -21.46
CA THR C 64 -22.26 -18.19 -21.15
C THR C 64 -23.25 -17.03 -21.17
N LEU C 65 -22.74 -15.82 -20.98
CA LEU C 65 -23.52 -14.61 -21.19
C LEU C 65 -23.12 -13.90 -22.47
N ALA C 66 -21.93 -14.19 -22.96
CA ALA C 66 -21.37 -13.49 -24.11
C ALA C 66 -21.97 -14.02 -25.41
N GLN C 67 -21.92 -13.19 -26.44
CA GLN C 67 -22.38 -13.60 -27.78
C GLN C 67 -21.21 -13.97 -28.67
N ASP C 68 -19.99 -13.85 -28.13
CA ASP C 68 -18.78 -14.13 -28.89
C ASP C 68 -18.67 -15.61 -29.23
N ASP C 69 -17.99 -15.92 -30.31
CA ASP C 69 -17.60 -17.29 -30.62
C ASP C 69 -16.15 -17.37 -31.08
N PRO C 70 -15.23 -17.30 -30.12
CA PRO C 70 -13.81 -17.20 -30.42
C PRO C 70 -13.30 -18.45 -31.13
N PRO C 71 -12.34 -18.26 -32.02
CA PRO C 71 -11.77 -19.38 -32.77
C PRO C 71 -10.85 -20.22 -31.88
N ILE C 72 -10.59 -19.73 -30.68
CA ILE C 72 -9.94 -20.53 -29.65
C ILE C 72 -10.88 -20.78 -28.47
N ILE C 73 -11.36 -22.01 -28.36
CA ILE C 73 -12.23 -22.39 -27.26
C ILE C 73 -11.70 -23.63 -26.54
N PHE C 74 -11.35 -23.45 -25.27
CA PHE C 74 -10.74 -24.53 -24.49
C PHE C 74 -11.81 -25.36 -23.77
N GLU C 75 -12.37 -26.33 -24.48
CA GLU C 75 -13.34 -27.24 -23.88
C GLU C 75 -12.68 -28.20 -22.91
N ALA C 76 -12.45 -27.73 -21.68
CA ALA C 76 -11.67 -28.47 -20.71
C ALA C 76 -12.52 -29.53 -20.01
N SER C 77 -11.90 -30.67 -19.69
CA SER C 77 -12.46 -31.59 -18.71
C SER C 77 -11.64 -31.59 -17.43
N VAL C 78 -12.31 -31.27 -16.31
CA VAL C 78 -11.62 -31.05 -15.05
C VAL C 78 -11.79 -32.24 -14.12
N ASP C 79 -10.68 -32.84 -13.72
CA ASP C 79 -10.70 -34.04 -12.89
C ASP C 79 -10.35 -33.72 -11.44
N LEU C 80 -10.65 -32.50 -11.02
CA LEU C 80 -10.20 -31.99 -9.73
C LEU C 80 -11.38 -31.61 -8.85
N VAL C 81 -11.11 -31.41 -7.56
CA VAL C 81 -12.16 -31.07 -6.60
C VAL C 81 -12.54 -29.61 -6.71
N GLN C 82 -13.82 -29.35 -6.97
CA GLN C 82 -14.29 -28.00 -7.25
C GLN C 82 -15.01 -27.40 -6.05
N ILE C 83 -15.01 -28.14 -4.94
CA ILE C 83 -15.91 -27.86 -3.83
C ILE C 83 -15.69 -26.45 -3.29
N PRO C 84 -14.43 -26.06 -3.16
CA PRO C 84 -14.08 -24.73 -2.66
C PRO C 84 -14.63 -23.64 -3.58
N GLN C 85 -14.87 -24.00 -4.84
CA GLN C 85 -15.28 -23.03 -5.85
C GLN C 85 -16.59 -23.46 -6.52
N ALA C 86 -17.36 -24.28 -5.82
CA ALA C 86 -18.50 -24.97 -6.43
C ALA C 86 -19.34 -24.01 -7.26
N GLU C 87 -19.61 -22.83 -6.70
CA GLU C 87 -20.50 -21.87 -7.34
C GLU C 87 -19.79 -20.55 -7.61
N ALA C 88 -18.46 -20.62 -7.70
CA ALA C 88 -17.63 -19.42 -7.78
C ALA C 88 -18.01 -18.57 -8.99
N LEU C 89 -18.24 -19.23 -10.12
CA LEU C 89 -18.58 -18.54 -11.36
C LEU C 89 -20.08 -18.44 -11.54
N LEU C 90 -20.81 -19.39 -10.96
CA LEU C 90 -22.25 -19.49 -11.18
C LEU C 90 -22.98 -18.28 -10.61
N HIS C 91 -22.54 -17.81 -9.45
CA HIS C 91 -23.11 -16.63 -8.84
C HIS C 91 -22.71 -15.36 -9.59
N ALA C 92 -21.49 -15.36 -10.11
CA ALA C 92 -21.00 -14.25 -10.93
C ALA C 92 -21.85 -14.06 -12.18
N ASP C 93 -22.15 -15.17 -12.84
CA ASP C 93 -23.00 -15.15 -14.03
C ASP C 93 -24.41 -14.68 -13.68
N CYS C 94 -24.98 -15.25 -12.62
CA CYS C 94 -26.34 -14.92 -12.21
C CYS C 94 -26.45 -13.46 -11.77
N SER C 95 -25.35 -12.92 -11.27
CA SER C 95 -25.32 -11.54 -10.80
C SER C 95 -25.02 -10.58 -11.94
N GLY C 96 -24.71 -11.14 -13.11
CA GLY C 96 -24.42 -10.33 -14.29
C GLY C 96 -23.06 -9.66 -14.18
N LYS C 97 -22.17 -10.26 -13.41
CA LYS C 97 -20.83 -9.71 -13.19
C LYS C 97 -19.91 -10.07 -14.34
N GLU C 98 -18.98 -9.18 -14.66
CA GLU C 98 -17.91 -9.48 -15.60
C GLU C 98 -16.85 -10.38 -14.96
N VAL C 99 -16.41 -11.38 -15.72
CA VAL C 99 -15.35 -12.28 -15.25
C VAL C 99 -14.15 -12.24 -16.18
N THR C 100 -12.96 -12.06 -15.61
CA THR C 100 -11.75 -11.93 -16.40
C THR C 100 -11.05 -13.28 -16.59
N CYS C 101 -10.62 -13.54 -17.82
CA CYS C 101 -9.82 -14.73 -18.11
C CYS C 101 -8.77 -14.43 -19.17
N GLU C 102 -7.54 -14.87 -18.91
CA GLU C 102 -6.48 -14.79 -19.90
C GLU C 102 -5.62 -16.05 -19.90
N ILE C 103 -5.17 -16.46 -21.08
CA ILE C 103 -4.52 -17.75 -21.26
C ILE C 103 -3.19 -17.60 -21.97
N SER C 104 -2.18 -18.32 -21.50
CA SER C 104 -0.90 -18.41 -22.20
C SER C 104 -0.54 -19.84 -22.52
N ARG C 105 0.76 -20.11 -22.63
CA ARG C 105 1.24 -21.47 -22.91
C ARG C 105 2.54 -21.76 -22.16
N TYR C 106 2.83 -23.04 -21.98
CA TYR C 106 4.05 -23.46 -21.30
C TYR C 106 5.13 -23.83 -22.32
N PHE C 107 4.86 -23.55 -23.59
CA PHE C 107 5.86 -23.74 -24.64
C PHE C 107 6.29 -22.41 -25.23
N LEU C 108 7.48 -21.95 -24.85
CA LEU C 108 7.99 -20.67 -25.31
C LEU C 108 9.35 -20.83 -25.99
N GLN C 109 9.74 -19.82 -26.76
CA GLN C 109 11.10 -19.77 -27.31
C GLN C 109 12.12 -19.52 -26.22
N MET C 110 11.65 -19.08 -25.06
CA MET C 110 12.54 -18.73 -23.96
C MET C 110 12.66 -19.88 -22.96
N THR C 111 11.57 -20.63 -22.80
CA THR C 111 11.49 -21.63 -21.75
C THR C 111 10.39 -22.65 -22.05
N GLU C 112 10.51 -23.84 -21.46
CA GLU C 112 9.54 -24.89 -21.67
C GLU C 112 9.39 -25.76 -20.42
N THR C 113 8.15 -26.01 -20.02
CA THR C 113 7.86 -26.93 -18.94
C THR C 113 6.76 -27.92 -19.32
N THR C 114 7.11 -29.19 -19.42
CA THR C 114 6.21 -30.21 -19.92
C THR C 114 6.71 -31.62 -19.60
N VAL C 115 5.81 -32.58 -19.63
CA VAL C 115 6.19 -33.99 -19.57
C VAL C 115 6.22 -34.61 -20.96
N LYS C 116 5.56 -33.95 -21.90
CA LYS C 116 5.37 -34.52 -23.24
C LYS C 116 4.71 -35.90 -23.16
N THR C 117 4.22 -36.37 -24.30
CA THR C 117 3.91 -35.51 -25.43
C THR C 117 2.54 -34.86 -25.27
N ALA C 118 2.53 -33.53 -25.18
CA ALA C 118 1.29 -32.79 -24.99
C ALA C 118 1.51 -31.29 -25.13
N ALA C 119 0.43 -30.57 -25.40
CA ALA C 119 0.45 -29.11 -25.33
C ALA C 119 -0.10 -28.61 -24.00
N TRP C 120 0.71 -27.86 -23.26
CA TRP C 120 0.33 -27.40 -21.94
C TRP C 120 0.05 -25.91 -21.92
N PHE C 121 -1.01 -25.51 -21.21
CA PHE C 121 -1.44 -24.13 -21.19
C PHE C 121 -1.68 -23.65 -19.77
N MET C 122 -1.46 -22.35 -19.55
CA MET C 122 -1.82 -21.72 -18.28
C MET C 122 -3.04 -20.81 -18.45
N ALA C 123 -3.99 -20.93 -17.54
CA ALA C 123 -5.19 -20.09 -17.57
C ALA C 123 -5.46 -19.47 -16.20
N ASN C 124 -5.82 -18.19 -16.20
CA ASN C 124 -6.13 -17.48 -14.96
C ASN C 124 -7.50 -16.84 -15.02
N VAL C 125 -8.38 -17.25 -14.10
CA VAL C 125 -9.74 -16.72 -14.06
C VAL C 125 -10.01 -16.02 -12.74
N GLN C 126 -10.64 -14.85 -12.82
CA GLN C 126 -11.04 -14.11 -11.63
C GLN C 126 -12.30 -13.30 -11.88
N VAL C 127 -13.17 -13.23 -10.87
CA VAL C 127 -14.39 -12.44 -10.97
C VAL C 127 -14.12 -10.99 -10.59
N SER C 128 -14.60 -10.08 -11.43
CA SER C 128 -14.34 -8.65 -11.24
C SER C 128 -14.90 -8.17 -9.92
N GLY C 129 -14.29 -7.12 -9.36
CA GLY C 129 -14.72 -6.57 -8.09
C GLY C 129 -13.93 -7.17 -6.93
N GLY C 130 -13.22 -8.26 -7.22
CA GLY C 130 -12.39 -8.91 -6.21
C GLY C 130 -13.04 -10.18 -5.71
N GLY C 131 -13.83 -10.82 -6.56
CA GLY C 131 -14.54 -12.04 -6.19
C GLY C 131 -13.63 -13.25 -6.25
N PRO C 132 -14.22 -14.44 -6.16
CA PRO C 132 -13.45 -15.68 -6.20
C PRO C 132 -12.63 -15.79 -7.47
N SER C 133 -11.53 -16.53 -7.40
CA SER C 133 -10.64 -16.69 -8.54
C SER C 133 -9.99 -18.07 -8.54
N ILE C 134 -9.47 -18.48 -9.69
CA ILE C 134 -8.82 -19.77 -9.82
C ILE C 134 -7.79 -19.75 -10.95
N SER C 135 -6.62 -20.33 -10.67
CA SER C 135 -5.57 -20.46 -11.68
C SER C 135 -5.22 -21.91 -11.95
N LEU C 136 -5.35 -22.33 -13.20
CA LEU C 136 -5.34 -23.74 -13.55
C LEU C 136 -4.28 -24.04 -14.60
N VAL C 137 -3.79 -25.28 -14.60
CA VAL C 137 -2.95 -25.77 -15.69
C VAL C 137 -3.63 -26.90 -16.44
N MET C 138 -3.63 -26.81 -17.76
CA MET C 138 -4.38 -27.75 -18.59
C MET C 138 -3.51 -28.28 -19.73
N LYS C 139 -3.89 -29.44 -20.27
CA LYS C 139 -3.11 -30.08 -21.32
C LYS C 139 -4.02 -30.58 -22.44
N THR C 140 -3.48 -30.59 -23.66
CA THR C 140 -4.09 -31.35 -24.75
C THR C 140 -3.08 -32.32 -25.36
N PRO C 141 -3.48 -33.58 -25.51
CA PRO C 141 -2.60 -34.60 -26.04
C PRO C 141 -2.42 -34.44 -27.55
N ARG C 142 -1.74 -33.38 -27.95
CA ARG C 142 -1.47 -33.12 -29.36
C ARG C 142 -0.35 -34.04 -29.88
N VAL C 143 -0.45 -34.40 -31.16
CA VAL C 143 0.54 -35.27 -31.78
C VAL C 143 1.73 -34.46 -32.30
N ALA C 144 2.93 -34.85 -31.88
CA ALA C 144 4.14 -34.17 -32.31
C ALA C 144 4.35 -34.32 -33.81
N LYS C 145 4.87 -33.27 -34.44
CA LYS C 145 5.10 -33.28 -35.88
C LYS C 145 6.11 -32.20 -36.28
N ASN C 146 6.40 -32.12 -37.57
CA ASN C 146 7.45 -31.25 -38.07
C ASN C 146 6.90 -29.87 -38.44
N GLU C 147 5.64 -29.64 -38.09
CA GLU C 147 5.03 -28.33 -38.30
C GLU C 147 5.43 -27.35 -37.20
N VAL C 148 5.40 -26.06 -37.53
CA VAL C 148 5.83 -25.03 -36.59
C VAL C 148 4.90 -24.94 -35.39
N LEU C 149 3.60 -24.90 -35.66
CA LEU C 149 2.60 -24.78 -34.61
C LEU C 149 1.66 -25.98 -34.60
N TRP C 150 2.03 -27.00 -33.82
CA TRP C 150 1.17 -28.15 -33.63
C TRP C 150 0.65 -28.22 -32.20
N HIS C 151 1.08 -27.27 -31.38
CA HIS C 151 0.72 -27.25 -29.96
C HIS C 151 -0.71 -26.74 -29.77
N PRO C 152 -1.09 -25.76 -30.57
CA PRO C 152 -0.19 -24.67 -30.94
C PRO C 152 0.17 -23.82 -29.73
N THR C 153 1.07 -22.88 -29.92
CA THR C 153 1.37 -21.87 -28.90
C THR C 153 0.34 -20.76 -28.90
N LEU C 154 -0.83 -21.04 -29.47
CA LEU C 154 -1.90 -20.06 -29.53
C LEU C 154 -1.48 -18.82 -30.29
N ASN C 155 -2.23 -17.73 -30.13
CA ASN C 155 -2.36 -16.72 -31.16
C ASN C 155 -2.83 -17.33 -32.48
N LEU C 156 -3.53 -18.47 -32.38
CA LEU C 156 -3.93 -19.21 -33.56
C LEU C 156 -5.18 -20.05 -33.27
N PRO C 157 -6.13 -20.01 -34.20
CA PRO C 157 -7.33 -20.85 -34.11
C PRO C 157 -6.96 -22.30 -33.83
N LEU C 158 -7.65 -22.92 -32.88
CA LEU C 158 -7.32 -24.27 -32.45
C LEU C 158 -7.67 -25.29 -33.52
N SER C 159 -8.66 -24.96 -34.34
CA SER C 159 -9.11 -25.87 -35.40
C SER C 159 -9.85 -25.11 -36.50
N PRO C 160 -9.69 -25.58 -37.74
CA PRO C 160 -10.46 -25.05 -38.86
C PRO C 160 -11.94 -25.37 -38.70
N GLN C 161 -12.25 -26.33 -37.84
CA GLN C 161 -13.63 -26.70 -37.59
C GLN C 161 -13.85 -27.01 -36.11
N GLY C 162 -14.84 -26.34 -35.52
CA GLY C 162 -15.07 -26.43 -34.08
C GLY C 162 -13.86 -25.93 -33.29
N THR C 163 -13.44 -26.71 -32.31
CA THR C 163 -12.28 -26.37 -31.50
C THR C 163 -11.57 -27.62 -30.99
N VAL C 164 -10.60 -27.43 -30.10
CA VAL C 164 -9.81 -28.54 -29.57
C VAL C 164 -9.98 -28.66 -28.06
N ARG C 165 -10.27 -29.87 -27.59
CA ARG C 165 -10.57 -30.10 -26.19
C ARG C 165 -9.31 -30.20 -25.35
N THR C 166 -9.44 -29.98 -24.05
CA THR C 166 -8.32 -30.09 -23.13
C THR C 166 -8.75 -30.69 -21.80
N ALA C 167 -7.82 -30.73 -20.84
CA ALA C 167 -8.11 -31.26 -19.51
C ALA C 167 -7.26 -30.57 -18.45
N VAL C 168 -7.79 -30.51 -17.23
CA VAL C 168 -7.12 -29.79 -16.15
C VAL C 168 -6.63 -30.75 -15.07
N GLU C 169 -5.35 -30.64 -14.74
CA GLU C 169 -4.73 -31.57 -13.81
C GLU C 169 -4.26 -30.85 -12.55
N PHE C 170 -4.17 -29.54 -12.62
CA PHE C 170 -3.69 -28.73 -11.49
C PHE C 170 -4.46 -27.42 -11.37
N GLN C 171 -4.98 -27.16 -10.18
CA GLN C 171 -5.67 -25.91 -9.91
C GLN C 171 -5.25 -25.32 -8.57
N VAL C 172 -5.09 -24.01 -8.53
CA VAL C 172 -5.01 -23.27 -7.27
C VAL C 172 -6.08 -22.20 -7.19
N MET C 173 -6.77 -22.13 -6.07
CA MET C 173 -8.02 -21.37 -5.97
C MET C 173 -8.08 -20.58 -4.67
N THR C 174 -8.90 -19.54 -4.65
CA THR C 174 -9.13 -18.76 -3.43
C THR C 174 -10.60 -18.40 -3.29
N GLN C 175 -11.04 -18.23 -2.05
CA GLN C 175 -12.41 -17.80 -1.77
C GLN C 175 -12.62 -16.35 -2.20
N THR C 176 -11.54 -15.57 -2.19
CA THR C 176 -11.63 -14.13 -2.42
C THR C 176 -10.29 -13.57 -2.88
N GLN C 177 -10.34 -12.39 -3.49
CA GLN C 177 -9.12 -11.65 -3.81
C GLN C 177 -8.83 -10.59 -2.76
N SER C 178 -9.74 -10.45 -1.80
CA SER C 178 -9.64 -9.38 -0.81
C SER C 178 -10.35 -9.77 0.48
N LEU C 179 -9.79 -9.37 1.61
CA LEU C 179 -10.44 -9.53 2.90
C LEU C 179 -10.42 -8.22 3.69
N SER C 180 -11.46 -8.01 4.50
CA SER C 180 -11.57 -6.79 5.30
C SER C 180 -11.62 -7.12 6.79
N PHE C 181 -10.79 -6.44 7.56
CA PHE C 181 -10.73 -6.65 9.00
C PHE C 181 -10.82 -5.34 9.77
N LEU C 182 -11.13 -5.42 11.05
CA LEU C 182 -10.95 -4.30 11.97
C LEU C 182 -9.67 -4.46 12.78
N LEU C 183 -9.09 -3.33 13.18
CA LEU C 183 -7.89 -3.34 14.01
C LEU C 183 -8.04 -4.31 15.18
N GLY C 184 -7.05 -5.18 15.35
CA GLY C 184 -7.02 -6.08 16.50
C GLY C 184 -7.59 -7.45 16.14
N SER C 185 -8.29 -7.51 15.02
CA SER C 185 -8.89 -8.76 14.55
C SER C 185 -7.84 -9.73 14.05
N SER C 186 -8.07 -11.02 14.29
CA SER C 186 -7.33 -12.07 13.60
C SER C 186 -7.66 -12.09 12.11
N ALA C 187 -6.88 -12.84 11.35
CA ALA C 187 -7.04 -12.90 9.90
C ALA C 187 -6.69 -14.28 9.35
N SER C 188 -7.07 -14.53 8.10
CA SER C 188 -6.73 -15.79 7.45
C SER C 188 -6.48 -15.57 5.96
N LEU C 189 -5.70 -16.47 5.35
CA LEU C 189 -5.61 -16.55 3.90
C LEU C 189 -6.34 -17.77 3.37
N ASP C 190 -7.48 -17.54 2.73
CA ASP C 190 -8.40 -18.63 2.40
C ASP C 190 -8.07 -19.26 1.06
N CYS C 191 -6.94 -19.96 1.01
CA CYS C 191 -6.45 -20.51 -0.25
C CYS C 191 -6.44 -22.03 -0.22
N GLY C 192 -6.50 -22.65 -1.39
CA GLY C 192 -6.35 -24.08 -1.52
C GLY C 192 -6.07 -24.49 -2.96
N PHE C 193 -5.92 -25.80 -3.19
CA PHE C 193 -5.58 -26.31 -4.50
C PHE C 193 -5.98 -27.77 -4.64
N SER C 194 -5.86 -28.30 -5.86
CA SER C 194 -6.17 -29.69 -6.12
C SER C 194 -5.31 -30.25 -7.24
N MET C 195 -4.89 -31.50 -7.08
CA MET C 195 -4.00 -32.15 -8.05
C MET C 195 -4.62 -33.43 -8.60
N ALA C 196 -4.39 -33.71 -9.87
CA ALA C 196 -4.69 -35.01 -10.44
C ALA C 196 -3.64 -36.05 -10.05
N PRO C 197 -4.05 -37.31 -10.00
CA PRO C 197 -3.14 -38.41 -9.72
C PRO C 197 -1.91 -38.34 -10.63
N GLY C 198 -0.75 -38.58 -10.04
CA GLY C 198 0.51 -38.52 -10.79
C GLY C 198 1.24 -37.21 -10.53
N LEU C 199 0.51 -36.23 -9.99
CA LEU C 199 1.11 -34.95 -9.63
C LEU C 199 1.24 -34.81 -8.13
N ASP C 200 2.47 -34.67 -7.65
CA ASP C 200 2.75 -34.67 -6.22
C ASP C 200 2.97 -33.25 -5.69
N LEU C 201 2.70 -33.06 -4.40
CA LEU C 201 2.99 -31.79 -3.75
C LEU C 201 4.39 -31.77 -3.16
N ILE C 202 5.08 -30.64 -3.31
CA ILE C 202 6.35 -30.42 -2.64
C ILE C 202 6.19 -29.45 -1.46
N SER C 203 5.81 -28.22 -1.77
CA SER C 203 5.79 -27.15 -0.78
C SER C 203 4.61 -26.22 -0.99
N VAL C 204 4.16 -25.59 0.08
CA VAL C 204 3.34 -24.38 -0.01
C VAL C 204 3.97 -23.22 0.75
N GLU C 205 4.02 -22.06 0.12
CA GLU C 205 4.69 -20.90 0.70
C GLU C 205 3.77 -19.70 0.72
N TRP C 206 3.86 -18.90 1.79
CA TRP C 206 3.11 -17.65 1.88
C TRP C 206 4.05 -16.47 2.03
N ARG C 207 3.82 -15.43 1.23
CA ARG C 207 4.66 -14.24 1.25
C ARG C 207 3.83 -12.96 1.38
N LEU C 208 4.42 -11.93 1.99
CA LEU C 208 3.82 -10.61 2.02
C LEU C 208 4.56 -9.66 1.08
N GLN C 209 3.83 -9.09 0.12
CA GLN C 209 4.42 -8.18 -0.85
C GLN C 209 4.20 -6.73 -0.44
N HIS C 210 5.30 -5.99 -0.34
CA HIS C 210 5.24 -4.59 0.07
C HIS C 210 6.50 -3.84 -0.33
N LYS C 211 6.36 -2.55 -0.61
CA LYS C 211 7.51 -1.66 -0.80
C LYS C 211 8.50 -2.26 -1.80
N GLY C 212 7.97 -2.89 -2.84
CA GLY C 212 8.78 -3.30 -3.98
C GLY C 212 9.53 -4.60 -3.69
N ARG C 213 9.23 -5.20 -2.55
CA ARG C 213 9.88 -6.45 -2.15
C ARG C 213 8.89 -7.38 -1.45
N GLY C 214 9.27 -8.66 -1.35
CA GLY C 214 8.47 -9.63 -0.61
C GLY C 214 9.22 -10.12 0.62
N GLN C 215 8.47 -10.57 1.62
CA GLN C 215 9.03 -11.34 2.72
C GLN C 215 8.26 -12.64 2.95
N LEU C 216 8.99 -13.72 3.17
CA LEU C 216 8.37 -14.99 3.54
C LEU C 216 7.67 -14.90 4.89
N VAL C 217 6.45 -15.40 4.95
CA VAL C 217 5.69 -15.42 6.19
C VAL C 217 5.67 -16.81 6.82
N TYR C 218 5.46 -17.83 5.98
CA TYR C 218 5.35 -19.20 6.46
C TYR C 218 5.80 -20.19 5.39
N SER C 219 6.41 -21.28 5.82
CA SER C 219 6.86 -22.32 4.91
C SER C 219 6.31 -23.68 5.31
N TRP C 220 5.55 -24.30 4.40
CA TRP C 220 4.97 -25.61 4.65
C TRP C 220 5.47 -26.65 3.65
N THR C 221 6.31 -27.56 4.11
CA THR C 221 6.98 -28.50 3.23
C THR C 221 6.87 -29.93 3.75
N ALA C 222 6.48 -30.86 2.88
CA ALA C 222 6.54 -32.27 3.19
C ALA C 222 5.76 -32.60 4.46
N GLY C 223 4.62 -31.94 4.62
CA GLY C 223 3.70 -32.27 5.71
C GLY C 223 4.05 -31.50 6.98
N GLN C 224 5.22 -30.87 6.97
CA GLN C 224 5.63 -30.01 8.08
C GLN C 224 5.69 -28.55 7.66
N GLY C 225 5.97 -27.66 8.61
CA GLY C 225 6.17 -26.25 8.32
C GLY C 225 6.48 -25.47 9.58
N GLN C 226 6.89 -24.22 9.42
CA GLN C 226 7.15 -23.34 10.55
C GLN C 226 7.10 -21.87 10.14
N ALA C 227 6.69 -21.01 11.06
CA ALA C 227 6.62 -19.57 10.80
C ALA C 227 8.01 -18.95 10.75
N VAL C 228 8.18 -17.98 9.87
CA VAL C 228 9.39 -17.16 9.86
C VAL C 228 9.07 -15.70 10.14
N ARG C 229 7.79 -15.35 10.03
CA ARG C 229 7.31 -14.06 10.50
C ARG C 229 6.11 -14.24 11.42
N LYS C 230 5.13 -15.00 10.98
CA LYS C 230 3.91 -15.23 11.75
C LYS C 230 3.02 -16.28 11.08
N GLY C 231 2.10 -16.84 11.85
CA GLY C 231 0.98 -17.59 11.30
C GLY C 231 1.19 -19.09 11.44
N ALA C 232 0.14 -19.86 11.16
CA ALA C 232 0.21 -21.31 11.25
C ALA C 232 -0.80 -21.97 10.32
N THR C 233 -0.53 -23.21 9.93
CA THR C 233 -1.40 -23.95 9.04
C THR C 233 -1.33 -25.45 9.32
N LEU C 234 -2.32 -26.19 8.83
CA LEU C 234 -2.32 -27.64 8.94
C LEU C 234 -3.29 -28.27 7.94
N GLU C 235 -2.80 -29.24 7.19
CA GLU C 235 -3.63 -29.97 6.24
C GLU C 235 -4.62 -30.88 6.95
N PRO C 236 -5.82 -30.99 6.39
CA PRO C 236 -6.86 -31.85 6.95
C PRO C 236 -6.51 -33.32 6.73
N ALA C 237 -7.01 -34.17 7.62
CA ALA C 237 -6.86 -35.62 7.46
C ALA C 237 -8.05 -36.22 6.74
N GLN C 238 -9.00 -35.37 6.36
CA GLN C 238 -10.25 -35.83 5.76
C GLN C 238 -10.09 -36.03 4.26
N LEU C 239 -10.85 -36.97 3.70
CA LEU C 239 -10.76 -37.29 2.29
C LEU C 239 -11.89 -36.63 1.50
N GLY C 240 -11.67 -36.43 0.21
CA GLY C 240 -12.69 -35.86 -0.67
C GLY C 240 -12.52 -34.36 -0.80
N MET C 241 -11.71 -33.78 0.07
CA MET C 241 -11.46 -32.34 0.05
C MET C 241 -10.37 -31.98 -0.94
N ALA C 242 -10.43 -30.76 -1.46
CA ALA C 242 -9.28 -30.13 -2.08
C ALA C 242 -8.18 -29.86 -1.05
N ARG C 243 -6.93 -29.87 -1.52
CA ARG C 243 -5.79 -29.63 -0.64
C ARG C 243 -5.85 -28.25 -0.02
N ASP C 244 -5.67 -28.17 1.29
CA ASP C 244 -5.70 -26.90 2.00
C ASP C 244 -4.37 -26.16 1.86
N ALA C 245 -4.44 -24.88 1.54
CA ALA C 245 -3.26 -24.03 1.52
C ALA C 245 -3.49 -22.74 2.29
N SER C 246 -4.28 -22.83 3.36
CA SER C 246 -4.64 -21.65 4.15
C SER C 246 -3.51 -21.26 5.09
N LEU C 247 -3.59 -20.04 5.62
CA LEU C 247 -2.72 -19.62 6.71
C LEU C 247 -3.46 -18.75 7.71
N THR C 248 -3.41 -19.16 8.98
CA THR C 248 -4.04 -18.39 10.05
C THR C 248 -3.09 -17.37 10.64
N LEU C 249 -3.54 -16.12 10.71
CA LEU C 249 -2.69 -15.02 11.16
C LEU C 249 -3.15 -14.47 12.51
N PRO C 250 -2.20 -14.19 13.39
CA PRO C 250 -2.49 -13.55 14.66
C PRO C 250 -3.22 -12.23 14.44
N GLY C 251 -3.80 -11.69 15.52
CA GLY C 251 -4.37 -10.35 15.49
C GLY C 251 -3.43 -9.37 14.80
N LEU C 252 -3.94 -8.69 13.77
CA LEU C 252 -3.11 -7.86 12.91
C LEU C 252 -3.27 -6.38 13.27
N THR C 253 -2.21 -5.62 13.03
CA THR C 253 -2.28 -4.16 13.12
C THR C 253 -2.33 -3.54 11.73
N ILE C 254 -2.47 -2.21 11.68
CA ILE C 254 -2.60 -1.50 10.43
C ILE C 254 -1.40 -1.75 9.52
N GLN C 255 -0.22 -1.82 10.12
CA GLN C 255 1.02 -1.93 9.36
C GLN C 255 1.29 -3.37 8.93
N ASP C 256 0.33 -4.25 9.21
CA ASP C 256 0.34 -5.59 8.64
C ASP C 256 -0.44 -5.63 7.34
N GLU C 257 -1.14 -4.54 7.03
CA GLU C 257 -1.89 -4.42 5.79
C GLU C 257 -0.97 -4.52 4.58
N GLY C 258 -1.41 -5.26 3.56
CA GLY C 258 -0.62 -5.44 2.35
C GLY C 258 -1.14 -6.62 1.53
N THR C 259 -0.34 -7.03 0.55
CA THR C 259 -0.76 -8.07 -0.38
C THR C 259 -0.15 -9.42 0.00
N TYR C 260 -1.02 -10.39 0.29
CA TYR C 260 -0.57 -11.72 0.71
C TYR C 260 -0.71 -12.73 -0.42
N ILE C 261 0.38 -13.46 -0.69
CA ILE C 261 0.41 -14.38 -1.81
C ILE C 261 0.67 -15.81 -1.35
N CYS C 262 -0.18 -16.73 -1.78
CA CYS C 262 0.03 -18.15 -1.53
C CYS C 262 0.49 -18.87 -2.80
N GLN C 263 1.67 -19.48 -2.73
CA GLN C 263 2.24 -20.18 -3.87
C GLN C 263 2.21 -21.69 -3.65
N ILE C 264 1.73 -22.42 -4.65
CA ILE C 264 1.73 -23.88 -4.60
C ILE C 264 2.81 -24.46 -5.48
N THR C 265 3.67 -25.29 -4.90
CA THR C 265 4.76 -25.92 -5.63
C THR C 265 4.56 -27.43 -5.74
N THR C 266 4.36 -27.90 -6.96
CA THR C 266 4.17 -29.33 -7.21
C THR C 266 5.38 -29.95 -7.89
N SER C 267 5.27 -31.22 -8.24
CA SER C 267 6.39 -31.95 -8.82
C SER C 267 6.60 -31.57 -10.28
N LEU C 268 5.66 -30.81 -10.83
CA LEU C 268 5.71 -30.44 -12.24
C LEU C 268 5.53 -28.95 -12.43
N TYR C 269 4.49 -28.39 -11.81
CA TYR C 269 4.10 -27.01 -12.06
C TYR C 269 3.96 -26.24 -10.75
N ARG C 270 3.82 -24.93 -10.86
CA ARG C 270 3.45 -24.10 -9.71
C ARG C 270 2.47 -23.01 -10.11
N ALA C 271 1.72 -22.49 -9.13
CA ALA C 271 0.78 -21.41 -9.37
C ALA C 271 0.53 -20.60 -8.11
N GLN C 272 0.02 -19.39 -8.27
CA GLN C 272 -0.19 -18.47 -7.15
C GLN C 272 -1.64 -18.04 -7.06
N GLN C 273 -2.08 -17.70 -5.85
CA GLN C 273 -3.28 -16.90 -5.67
C GLN C 273 -3.04 -15.77 -4.68
N ILE C 274 -3.68 -14.63 -4.90
CA ILE C 274 -3.35 -13.41 -4.19
C ILE C 274 -4.58 -12.86 -3.46
N ILE C 275 -4.40 -12.51 -2.19
CA ILE C 275 -5.46 -11.88 -1.42
C ILE C 275 -4.99 -10.57 -0.80
N GLN C 276 -5.78 -9.52 -0.98
CA GLN C 276 -5.48 -8.22 -0.38
C GLN C 276 -6.16 -8.07 0.97
N LEU C 277 -5.35 -7.97 2.02
CA LEU C 277 -5.88 -7.92 3.39
C LEU C 277 -5.83 -6.51 3.95
N ASN C 278 -7.00 -5.89 4.08
CA ASN C 278 -7.09 -4.51 4.53
C ASN C 278 -7.65 -4.42 5.95
N ILE C 279 -7.08 -3.52 6.74
CA ILE C 279 -7.46 -3.40 8.15
C ILE C 279 -7.88 -1.99 8.50
N GLN C 280 -9.11 -1.85 8.99
CA GLN C 280 -9.67 -0.53 9.29
C GLN C 280 -9.60 -0.24 10.79
N ALA C 281 -9.78 1.03 11.13
CA ALA C 281 -9.88 1.43 12.53
C ALA C 281 -10.87 2.58 12.71
N SER C 282 -11.73 2.46 13.71
CA SER C 282 -12.78 3.46 13.92
C SER C 282 -12.29 4.60 14.79
N PRO C 283 -12.52 5.83 14.32
CA PRO C 283 -12.10 7.01 15.05
C PRO C 283 -12.66 7.02 16.47
N LYS C 284 -11.86 7.50 17.42
CA LYS C 284 -12.35 7.79 18.76
C LYS C 284 -12.50 9.29 18.97
N VAL C 285 -13.71 9.72 19.28
CA VAL C 285 -14.07 11.14 19.23
C VAL C 285 -14.49 11.64 20.61
N ARG C 286 -13.88 12.74 21.05
CA ARG C 286 -14.28 13.40 22.28
C ARG C 286 -14.08 14.91 22.20
N LEU C 287 -14.95 15.65 22.86
CA LEU C 287 -14.94 17.11 22.76
C LEU C 287 -15.07 17.75 24.13
N SER C 288 -14.24 18.75 24.40
CA SER C 288 -14.38 19.57 25.60
C SER C 288 -13.71 20.93 25.42
N LEU C 289 -14.21 21.93 26.13
CA LEU C 289 -13.60 23.25 26.14
C LEU C 289 -12.21 23.20 26.76
N ALA C 290 -11.28 23.96 26.18
CA ALA C 290 -9.94 24.09 26.73
C ALA C 290 -9.97 24.74 28.11
N ASN C 291 -9.08 24.29 28.99
CA ASN C 291 -8.89 24.94 30.28
C ASN C 291 -7.89 26.08 30.20
N GLU C 292 -8.11 27.10 31.03
CA GLU C 292 -7.16 28.20 31.15
C GLU C 292 -6.84 28.81 29.78
N ALA C 293 -7.87 28.93 28.94
CA ALA C 293 -7.72 29.54 27.63
C ALA C 293 -7.92 31.06 27.71
N LEU C 294 -7.31 31.78 26.77
CA LEU C 294 -7.58 33.20 26.60
C LEU C 294 -9.03 33.43 26.19
N LEU C 295 -9.57 32.52 25.41
CA LEU C 295 -10.98 32.57 25.01
C LEU C 295 -11.58 31.18 24.87
N PRO C 296 -12.89 31.10 24.99
CA PRO C 296 -13.60 29.82 24.87
C PRO C 296 -13.16 29.08 23.62
N THR C 297 -12.47 27.96 23.80
CA THR C 297 -11.89 27.22 22.69
C THR C 297 -12.34 25.76 22.71
N LEU C 298 -12.82 25.29 21.57
CA LEU C 298 -13.28 23.89 21.46
C LEU C 298 -12.16 23.00 20.93
N ILE C 299 -11.80 21.99 21.71
CA ILE C 299 -10.82 21.01 21.29
C ILE C 299 -11.42 19.61 21.23
N CYS C 300 -11.35 18.99 20.05
CA CYS C 300 -11.85 17.63 19.88
C CYS C 300 -10.75 16.69 19.41
N ASP C 301 -10.60 15.56 20.09
CA ASP C 301 -9.65 14.54 19.70
C ASP C 301 -10.31 13.47 18.83
N ILE C 302 -9.74 13.23 17.66
CA ILE C 302 -10.22 12.17 16.78
C ILE C 302 -9.12 11.17 16.46
N ALA C 303 -9.06 10.11 17.25
CA ALA C 303 -7.85 9.29 17.33
C ALA C 303 -8.09 7.88 16.80
N GLY C 304 -7.06 7.28 16.23
CA GLY C 304 -7.03 5.84 16.02
C GLY C 304 -7.85 5.45 14.80
N TYR C 305 -7.59 6.12 13.69
CA TYR C 305 -8.42 5.96 12.49
C TYR C 305 -7.63 5.32 11.36
N TYR C 306 -8.30 4.51 10.55
CA TYR C 306 -7.72 4.00 9.31
C TYR C 306 -8.79 3.41 8.40
N PRO C 307 -8.62 3.58 7.10
CA PRO C 307 -7.63 4.53 6.58
C PRO C 307 -8.04 5.96 6.89
N LEU C 308 -7.43 6.90 6.17
CA LEU C 308 -6.95 8.13 6.78
C LEU C 308 -7.78 9.34 6.34
N ASP C 309 -7.46 10.50 6.89
CA ASP C 309 -8.16 11.73 6.52
C ASP C 309 -9.62 11.68 6.89
N VAL C 310 -9.90 11.47 8.18
CA VAL C 310 -11.27 11.51 8.68
C VAL C 310 -11.94 12.84 8.38
N VAL C 311 -13.18 12.78 7.89
CA VAL C 311 -13.94 13.98 7.58
C VAL C 311 -14.58 14.56 8.83
N VAL C 312 -14.12 15.74 9.24
CA VAL C 312 -14.52 16.33 10.50
C VAL C 312 -15.27 17.64 10.28
N THR C 313 -16.41 17.78 10.95
CA THR C 313 -17.18 19.01 10.88
C THR C 313 -17.76 19.39 12.24
N TRP C 314 -18.47 20.51 12.29
CA TRP C 314 -18.96 21.05 13.56
C TRP C 314 -20.41 21.52 13.42
N THR C 315 -21.18 21.34 14.48
CA THR C 315 -22.57 21.82 14.51
C THR C 315 -22.81 22.71 15.73
N ARG C 316 -23.54 23.80 15.51
CA ARG C 316 -23.78 24.77 16.57
C ARG C 316 -25.27 24.98 16.78
N GLU C 317 -25.68 25.08 18.04
CA GLU C 317 -27.02 25.51 18.38
C GLU C 317 -27.00 26.59 19.47
N GLU C 318 -27.86 27.58 19.34
CA GLU C 318 -27.90 28.70 20.27
C GLU C 318 -29.16 28.68 21.12
N LEU C 319 -28.98 28.70 22.44
CA LEU C 319 -30.10 28.59 23.36
C LEU C 319 -30.96 27.38 23.04
N GLY C 320 -30.34 26.35 22.48
CA GLY C 320 -31.05 25.11 22.18
C GLY C 320 -31.92 25.26 20.94
N GLY C 321 -31.63 26.28 20.14
CA GLY C 321 -32.39 26.55 18.93
C GLY C 321 -31.96 25.62 17.80
N SER C 322 -32.45 25.89 16.59
CA SER C 322 -32.22 25.02 15.46
C SER C 322 -30.73 24.88 15.16
N PRO C 323 -30.21 23.66 15.26
CA PRO C 323 -28.82 23.38 14.97
C PRO C 323 -28.45 23.82 13.56
N ALA C 324 -27.22 24.26 13.38
CA ALA C 324 -26.71 24.60 12.06
C ALA C 324 -25.24 24.20 11.92
N GLN C 325 -24.84 23.85 10.71
CA GLN C 325 -23.45 23.51 10.42
C GLN C 325 -22.57 24.76 10.42
N VAL C 326 -21.41 24.66 11.05
CA VAL C 326 -20.45 25.76 11.09
C VAL C 326 -19.07 25.31 10.62
N SER C 327 -18.21 26.28 10.35
CA SER C 327 -16.87 26.00 9.86
C SER C 327 -15.84 26.94 10.48
N GLY C 328 -14.65 26.98 9.89
CA GLY C 328 -13.54 27.75 10.44
C GLY C 328 -12.63 26.88 11.30
N ALA C 329 -13.07 25.66 11.56
CA ALA C 329 -12.28 24.71 12.35
C ALA C 329 -11.00 24.33 11.64
N SER C 330 -9.94 24.09 12.41
CA SER C 330 -8.66 23.65 11.86
C SER C 330 -8.23 22.33 12.48
N PHE C 331 -7.31 21.65 11.80
CA PHE C 331 -6.73 20.42 12.33
C PHE C 331 -5.42 20.69 13.06
N SER C 332 -5.01 19.74 13.90
CA SER C 332 -3.72 19.82 14.58
C SER C 332 -3.32 18.47 15.13
N SER C 333 -2.07 18.37 15.60
CA SER C 333 -1.67 17.29 16.48
C SER C 333 -1.67 15.95 15.77
N LEU C 334 -1.37 15.98 14.47
CA LEU C 334 -1.22 14.75 13.70
C LEU C 334 -0.06 13.92 14.21
N ARG C 335 -0.33 12.64 14.48
CA ARG C 335 0.68 11.75 15.03
C ARG C 335 0.38 10.29 14.70
N GLN C 336 1.39 9.44 14.80
CA GLN C 336 1.23 8.01 14.54
C GLN C 336 0.99 7.25 15.83
N SER C 337 0.23 6.16 15.74
CA SER C 337 0.02 5.26 16.86
C SER C 337 0.87 4.00 16.71
N VAL C 338 1.25 3.42 17.85
CA VAL C 338 1.93 2.13 17.85
C VAL C 338 1.03 1.03 17.30
N ALA C 339 -0.27 1.32 17.24
CA ALA C 339 -1.23 0.38 16.66
C ALA C 339 -1.22 0.47 15.14
N GLY C 340 -0.43 1.39 14.61
CA GLY C 340 -0.32 1.57 13.16
C GLY C 340 -1.35 2.57 12.65
N THR C 341 -2.26 2.98 13.52
CA THR C 341 -3.26 3.98 13.17
C THR C 341 -2.70 5.39 13.28
N TYR C 342 -3.50 6.38 12.88
CA TYR C 342 -3.14 7.78 13.07
C TYR C 342 -4.09 8.46 14.06
N SER C 343 -3.61 9.54 14.66
CA SER C 343 -4.46 10.39 15.50
C SER C 343 -4.44 11.84 15.03
N ILE C 344 -5.57 12.50 15.11
CA ILE C 344 -5.63 13.95 14.88
C ILE C 344 -6.52 14.63 15.92
N SER C 345 -6.47 15.96 15.95
CA SER C 345 -7.43 16.75 16.69
C SER C 345 -8.00 17.88 15.84
N SER C 346 -9.15 18.41 16.26
CA SER C 346 -9.73 19.57 15.60
C SER C 346 -10.00 20.68 16.61
N SER C 347 -9.78 21.93 16.18
CA SER C 347 -9.94 23.08 17.06
C SER C 347 -10.87 24.12 16.44
N LEU C 348 -11.82 24.60 17.23
CA LEU C 348 -12.76 25.62 16.77
C LEU C 348 -13.01 26.67 17.85
N THR C 349 -12.96 27.93 17.46
CA THR C 349 -13.33 29.03 18.35
C THR C 349 -14.83 29.03 18.62
N ALA C 350 -15.20 29.13 19.89
CA ALA C 350 -16.60 29.19 20.28
C ALA C 350 -17.05 30.63 20.48
N GLU C 351 -18.32 30.91 20.17
CA GLU C 351 -18.89 32.23 20.36
C GLU C 351 -20.27 32.16 20.97
N PRO C 352 -20.33 32.12 22.29
CA PRO C 352 -21.61 32.04 23.00
C PRO C 352 -22.30 33.40 23.03
N GLY C 353 -21.57 34.45 22.65
CA GLY C 353 -22.05 35.81 22.82
C GLY C 353 -22.50 36.08 24.24
N SER C 354 -23.71 36.62 24.38
CA SER C 354 -24.30 36.84 25.70
C SER C 354 -25.44 35.86 25.94
N ALA C 355 -25.61 34.90 25.05
CA ALA C 355 -26.75 33.99 25.09
C ALA C 355 -26.37 32.63 25.64
N GLY C 356 -25.29 32.06 25.11
CA GLY C 356 -24.92 30.69 25.42
C GLY C 356 -25.29 29.74 24.29
N ALA C 357 -24.45 28.74 24.06
CA ALA C 357 -24.62 27.85 22.92
C ALA C 357 -24.01 26.48 23.20
N THR C 358 -24.44 25.48 22.43
CA THR C 358 -23.86 24.14 22.51
C THR C 358 -23.21 23.75 21.19
N TYR C 359 -22.01 23.18 21.27
CA TYR C 359 -21.27 22.78 20.08
C TYR C 359 -21.10 21.26 20.01
N THR C 360 -21.20 20.71 18.81
CA THR C 360 -20.92 19.30 18.59
C THR C 360 -19.89 19.11 17.48
N CYS C 361 -18.92 18.24 17.72
CA CYS C 361 -17.97 17.84 16.69
C CYS C 361 -18.30 16.45 16.14
N GLN C 362 -18.48 16.37 14.83
CA GLN C 362 -18.93 15.14 14.19
C GLN C 362 -17.93 14.65 13.16
N VAL C 363 -17.86 13.34 12.98
CA VAL C 363 -16.93 12.74 12.03
C VAL C 363 -17.66 11.80 11.06
N THR C 364 -17.09 11.63 9.88
CA THR C 364 -17.53 10.59 8.96
C THR C 364 -16.37 9.69 8.53
N HIS C 365 -16.60 8.39 8.57
CA HIS C 365 -15.56 7.41 8.25
C HIS C 365 -16.16 6.08 7.82
N ILE C 366 -15.44 5.38 6.95
CA ILE C 366 -15.99 4.20 6.29
C ILE C 366 -16.34 3.11 7.30
N SER C 367 -15.64 3.11 8.42
CA SER C 367 -15.80 2.06 9.43
C SER C 367 -16.98 2.35 10.34
N LEU C 368 -17.58 3.52 10.18
CA LEU C 368 -18.64 3.97 11.06
C LEU C 368 -20.02 3.79 10.41
N GLU C 369 -20.77 2.81 10.90
CA GLU C 369 -22.12 2.56 10.39
C GLU C 369 -23.14 3.47 11.04
N GLU C 370 -22.73 4.14 12.12
CA GLU C 370 -23.63 5.01 12.87
C GLU C 370 -22.99 6.37 13.10
N PRO C 371 -23.83 7.40 13.27
CA PRO C 371 -23.35 8.73 13.56
C PRO C 371 -22.41 8.73 14.76
N LEU C 372 -21.35 9.52 14.69
CA LEU C 372 -20.38 9.62 15.78
C LEU C 372 -19.92 11.05 15.98
N GLY C 373 -19.93 11.51 17.22
CA GLY C 373 -19.51 12.86 17.56
C GLY C 373 -19.55 13.10 19.06
N ALA C 374 -19.17 14.30 19.47
CA ALA C 374 -19.16 14.66 20.89
C ALA C 374 -19.57 16.11 21.10
N SER C 375 -20.16 16.39 22.26
CA SER C 375 -20.78 17.68 22.51
C SER C 375 -20.15 18.36 23.72
N THR C 376 -20.24 19.69 23.77
CA THR C 376 -19.95 20.43 24.99
C THR C 376 -20.76 21.72 25.04
N GLN C 377 -21.13 22.13 26.25
CA GLN C 377 -21.84 23.39 26.45
C GLN C 377 -20.87 24.55 26.60
N VAL C 378 -21.20 25.67 25.96
CA VAL C 378 -20.41 26.89 26.08
C VAL C 378 -21.23 28.03 26.67
N VAL C 379 -20.67 28.71 27.66
CA VAL C 379 -21.37 29.78 28.35
C VAL C 379 -20.68 31.13 28.13
N PRO C 380 -21.45 32.20 28.18
CA PRO C 380 -20.90 33.55 28.04
C PRO C 380 -19.80 33.81 29.06
N PRO C 381 -18.89 34.70 28.73
CA PRO C 381 -17.85 35.12 29.66
C PRO C 381 -18.44 35.80 30.89
N GLU C 382 -19.69 36.25 30.77
CA GLU C 382 -20.38 36.88 31.88
C GLU C 382 -21.00 35.84 32.80
N ARG C 383 -20.87 34.57 32.42
CA ARG C 383 -21.40 33.47 33.22
C ARG C 383 -20.35 32.40 33.45
N ARG C 384 -19.08 32.79 33.38
CA ARG C 384 -17.97 31.84 33.45
C ARG C 384 -17.07 32.14 34.63
C4 30W D . 20.70 4.48 -11.28
C6 30W D . 23.63 6.65 -10.95
C11 30W D . 19.52 -0.28 -13.67
C7 30W D . 24.62 5.85 -11.55
C9 30W D . 23.97 7.97 -10.42
C10 30W D . 20.13 1.09 -13.61
N1 30W D . 22.73 3.00 -12.43
N2 30W D . 21.25 1.30 -12.86
N3 30W D . 20.48 3.25 -11.80
O10 30W D . 19.64 2.01 -14.22
C2 30W D . 21.51 2.54 -12.35
C8A 30W D . 23.07 4.21 -11.94
N8 30W D . 24.33 4.67 -12.03
N5 30W D . 22.37 6.20 -10.87
C4A 30W D . 22.07 5.02 -11.35
O4 30W D . 19.79 5.12 -10.78
H1 30W D . 18.90 -0.45 -12.75
H2 30W D . 20.31 -1.05 -13.71
H3 30W D . 18.86 -0.36 -14.56
H4 30W D . 25.63 6.29 -11.58
O9 30W D . 23.09 8.78 -10.19
H5 30W D . 25.04 8.22 -10.24
H8 30W D . 21.90 0.57 -12.67
H9 30W D . 19.59 2.80 -11.79
N HIS A 4 21.23 0.23 4.99
CA HIS A 4 21.54 1.32 4.08
C HIS A 4 20.97 1.06 2.68
N SER A 5 20.11 1.97 2.22
CA SER A 5 19.39 1.78 0.97
C SER A 5 19.83 2.80 -0.07
N LEU A 6 19.79 2.38 -1.33
CA LEU A 6 19.85 3.32 -2.44
C LEU A 6 18.66 3.15 -3.38
N ARG A 7 17.97 4.26 -3.65
CA ARG A 7 16.73 4.22 -4.42
C ARG A 7 16.70 5.34 -5.45
N TYR A 8 16.06 5.07 -6.59
CA TYR A 8 15.83 6.11 -7.59
C TYR A 8 14.34 6.24 -7.90
N PHE A 9 13.94 7.44 -8.32
CA PHE A 9 12.54 7.71 -8.64
C PHE A 9 12.41 8.47 -9.94
N ARG A 10 11.44 8.09 -10.76
CA ARG A 10 11.15 8.78 -12.00
C ARG A 10 9.66 9.11 -12.12
N LEU A 11 9.36 10.30 -12.61
CA LEU A 11 7.97 10.71 -12.84
C LEU A 11 7.84 11.50 -14.12
N GLY A 12 6.78 11.22 -14.87
CA GLY A 12 6.39 12.06 -16.00
C GLY A 12 4.90 11.92 -16.31
N VAL A 13 4.45 12.65 -17.32
CA VAL A 13 3.03 12.73 -17.63
C VAL A 13 2.79 12.87 -19.13
N SER A 14 1.79 12.14 -19.63
CA SER A 14 1.40 12.26 -21.03
C SER A 14 0.73 13.61 -21.30
N ASP A 15 0.86 14.10 -22.52
CA ASP A 15 0.29 15.39 -22.90
C ASP A 15 0.27 16.35 -21.73
N PRO A 16 1.44 16.83 -21.35
CA PRO A 16 1.64 17.43 -20.03
C PRO A 16 0.70 18.62 -19.83
N ILE A 17 0.21 18.79 -18.61
CA ILE A 17 -0.65 19.91 -18.27
C ILE A 17 -0.11 20.67 -17.07
N HIS A 18 -0.62 21.88 -16.86
CA HIS A 18 -0.22 22.70 -15.72
C HIS A 18 -0.54 21.99 -14.40
N GLY A 19 0.38 22.08 -13.45
CA GLY A 19 0.16 21.52 -12.12
C GLY A 19 0.82 20.15 -11.99
N VAL A 20 1.27 19.60 -13.11
CA VAL A 20 1.94 18.31 -13.12
C VAL A 20 3.38 18.44 -13.57
N PRO A 21 4.30 17.89 -12.77
CA PRO A 21 5.73 17.95 -13.09
C PRO A 21 5.99 17.41 -14.49
N GLU A 22 6.94 18.03 -15.19
CA GLU A 22 7.28 17.63 -16.55
C GLU A 22 8.05 16.31 -16.56
N PHE A 23 9.13 16.26 -15.80
CA PHE A 23 9.96 15.05 -15.72
C PHE A 23 10.86 15.09 -14.49
N ILE A 24 10.76 14.05 -13.66
CA ILE A 24 11.59 13.94 -12.46
C ILE A 24 12.55 12.76 -12.57
N SER A 25 13.80 12.99 -12.17
CA SER A 25 14.77 11.90 -12.02
C SER A 25 15.72 12.16 -10.85
N VAL A 26 15.52 11.42 -9.76
CA VAL A 26 16.22 11.69 -8.52
C VAL A 26 16.79 10.41 -7.92
N GLY A 27 17.81 10.55 -7.08
CA GLY A 27 18.40 9.41 -6.39
C GLY A 27 18.77 9.78 -4.96
N TYR A 28 18.50 8.87 -4.03
CA TYR A 28 18.76 9.11 -2.61
C TYR A 28 19.40 7.89 -1.95
N VAL A 29 20.27 8.13 -0.98
CA VAL A 29 20.73 7.08 -0.08
C VAL A 29 20.22 7.30 1.34
N ASP A 30 19.37 6.39 1.80
CA ASP A 30 18.63 6.59 3.03
C ASP A 30 18.06 8.00 3.12
N SER A 31 18.53 8.76 4.09
CA SER A 31 18.07 10.14 4.29
C SER A 31 18.92 11.12 3.50
N HIS A 32 20.07 10.65 3.03
CA HIS A 32 21.03 11.52 2.37
C HIS A 32 20.79 11.57 0.86
N PRO A 33 20.67 12.77 0.32
CA PRO A 33 20.44 12.96 -1.11
C PRO A 33 21.73 12.75 -1.90
N ILE A 34 21.58 12.28 -3.14
CA ILE A 34 22.72 12.16 -4.04
C ILE A 34 22.63 13.18 -5.17
N THR A 35 21.57 13.13 -5.94
CA THR A 35 21.43 13.95 -7.13
C THR A 35 19.96 14.15 -7.51
N THR A 36 19.67 15.28 -8.14
CA THR A 36 18.33 15.53 -8.65
C THR A 36 18.38 16.05 -10.09
N TYR A 37 17.22 16.08 -10.74
CA TYR A 37 17.13 16.56 -12.12
C TYR A 37 16.34 17.86 -12.19
N ASP A 38 16.94 18.89 -12.77
CA ASP A 38 16.29 20.19 -12.90
C ASP A 38 15.57 20.31 -14.24
N SER A 39 14.25 20.40 -14.18
CA SER A 39 13.43 20.38 -15.40
C SER A 39 13.52 21.71 -16.13
N VAL A 40 14.03 22.74 -15.45
CA VAL A 40 14.14 24.07 -16.02
C VAL A 40 15.36 24.19 -16.92
N THR A 41 16.51 23.79 -16.39
CA THR A 41 17.75 23.80 -17.15
C THR A 41 18.04 22.44 -17.77
N ARG A 42 17.22 21.45 -17.42
CA ARG A 42 17.30 20.14 -18.04
C ARG A 42 18.68 19.53 -17.86
N GLN A 43 19.13 19.43 -16.61
CA GLN A 43 20.42 18.83 -16.29
C GLN A 43 20.39 18.17 -14.92
N LYS A 44 21.31 17.24 -14.69
CA LYS A 44 21.48 16.63 -13.38
C LYS A 44 22.43 17.44 -12.51
N GLU A 45 22.09 17.55 -11.22
CA GLU A 45 22.92 18.29 -10.28
C GLU A 45 23.10 17.50 -8.98
N PRO A 46 24.27 17.66 -8.36
CA PRO A 46 24.54 17.04 -7.08
C PRO A 46 23.73 17.70 -5.96
N ARG A 47 23.47 16.95 -4.90
CA ARG A 47 22.86 17.50 -3.70
C ARG A 47 23.74 17.31 -2.47
N ALA A 48 25.02 17.01 -2.73
CA ALA A 48 25.97 16.78 -1.65
C ALA A 48 27.39 17.16 -2.07
N PRO A 49 28.17 17.65 -1.12
CA PRO A 49 29.54 18.09 -1.40
C PRO A 49 30.42 16.90 -1.81
N TRP A 50 30.04 15.71 -1.35
CA TRP A 50 30.81 14.51 -1.66
C TRP A 50 30.40 13.91 -2.99
N MET A 51 29.47 14.57 -3.67
CA MET A 51 29.19 14.27 -5.07
C MET A 51 29.78 15.33 -5.98
N ALA A 52 29.66 16.59 -5.59
CA ALA A 52 30.12 17.70 -6.42
C ALA A 52 31.62 17.64 -6.63
N GLU A 53 32.36 17.25 -5.58
CA GLU A 53 33.81 17.26 -5.61
C GLU A 53 34.35 16.01 -6.28
N ASN A 54 33.59 14.93 -6.21
CA ASN A 54 34.07 13.62 -6.65
C ASN A 54 33.74 13.39 -8.12
N LEU A 55 32.59 13.89 -8.55
CA LEU A 55 32.15 13.73 -9.93
C LEU A 55 32.37 15.01 -10.73
N ALA A 56 33.32 14.97 -11.66
CA ALA A 56 33.64 16.14 -12.48
C ALA A 56 32.45 16.52 -13.36
N PRO A 57 32.37 17.81 -13.70
CA PRO A 57 31.36 18.29 -14.63
C PRO A 57 31.28 17.41 -15.87
N ASP A 58 32.43 16.88 -16.29
CA ASP A 58 32.50 16.01 -17.45
C ASP A 58 31.59 14.80 -17.28
N HIS A 59 31.55 14.27 -16.07
CA HIS A 59 30.75 13.08 -15.78
C HIS A 59 29.27 13.42 -15.67
N TRP A 60 28.98 14.57 -15.07
CA TRP A 60 27.60 15.00 -14.90
C TRP A 60 26.94 15.24 -16.24
N GLU A 61 27.69 15.78 -17.20
CA GLU A 61 27.20 15.96 -18.56
C GLU A 61 26.89 14.62 -19.22
N ARG A 62 27.80 13.66 -19.06
CA ARG A 62 27.61 12.33 -19.62
C ARG A 62 26.39 11.65 -19.02
N TYR A 63 26.21 11.80 -17.71
CA TYR A 63 25.08 11.21 -17.00
C TYR A 63 23.78 11.90 -17.38
N THR A 64 23.85 13.21 -17.61
CA THR A 64 22.69 13.96 -18.05
C THR A 64 22.23 13.50 -19.43
N GLN A 65 23.18 13.34 -20.34
CA GLN A 65 22.87 12.86 -21.69
C GLN A 65 22.28 11.46 -21.65
N LEU A 66 22.82 10.61 -20.78
CA LEU A 66 22.26 9.30 -20.55
C LEU A 66 20.80 9.38 -20.10
N LEU A 67 20.54 10.24 -19.12
CA LEU A 67 19.19 10.44 -18.62
C LEU A 67 18.26 10.93 -19.74
N ARG A 68 18.74 11.89 -20.52
CA ARG A 68 17.96 12.44 -21.62
C ARG A 68 17.52 11.36 -22.59
N GLY A 69 18.41 10.40 -22.83
CA GLY A 69 18.06 9.21 -23.60
C GLY A 69 16.89 8.47 -22.96
N TRP A 70 16.97 8.24 -21.65
CA TRP A 70 15.91 7.59 -20.91
C TRP A 70 14.63 8.41 -20.95
N GLN A 71 14.77 9.72 -20.88
CA GLN A 71 13.63 10.63 -20.93
C GLN A 71 12.83 10.45 -22.21
N GLN A 72 13.54 10.39 -23.34
CA GLN A 72 12.91 10.17 -24.63
C GLN A 72 12.19 8.81 -24.67
N MET A 73 12.84 7.80 -24.12
CA MET A 73 12.21 6.49 -23.96
C MET A 73 10.93 6.58 -23.13
N PHE A 74 11.01 7.31 -22.02
CA PHE A 74 9.88 7.45 -21.11
C PHE A 74 8.69 8.07 -21.81
N LYS A 75 8.95 9.08 -22.64
CA LYS A 75 7.90 9.74 -23.40
C LYS A 75 7.15 8.76 -24.29
N VAL A 76 7.89 7.83 -24.89
CA VAL A 76 7.29 6.78 -25.69
C VAL A 76 6.41 5.88 -24.84
N GLU A 77 6.88 5.52 -23.66
CA GLU A 77 6.13 4.68 -22.74
C GLU A 77 4.82 5.35 -22.35
N LEU A 78 4.87 6.67 -22.13
CA LEU A 78 3.69 7.41 -21.73
C LEU A 78 2.60 7.34 -22.79
N LYS A 79 3.01 7.40 -24.06
CA LYS A 79 2.08 7.30 -25.16
C LYS A 79 1.48 5.91 -25.27
N ARG A 80 2.30 4.90 -24.97
CA ARG A 80 1.85 3.51 -24.95
C ARG A 80 0.88 3.27 -23.79
N LEU A 81 1.16 3.90 -22.66
CA LEU A 81 0.31 3.76 -21.48
C LEU A 81 -1.08 4.33 -21.73
N GLN A 82 -1.15 5.43 -22.46
CA GLN A 82 -2.42 5.98 -22.92
C GLN A 82 -3.23 4.93 -23.67
N ARG A 83 -2.60 4.27 -24.62
CA ARG A 83 -3.23 3.18 -25.35
C ARG A 83 -3.61 2.03 -24.40
N HIS A 84 -2.68 1.67 -23.53
CA HIS A 84 -2.86 0.52 -22.66
C HIS A 84 -4.16 0.62 -21.87
N TYR A 85 -4.38 1.77 -21.24
CA TYR A 85 -5.50 1.96 -20.34
C TYR A 85 -6.72 2.48 -21.06
N ASN A 86 -6.65 2.50 -22.39
CA ASN A 86 -7.72 3.06 -23.21
C ASN A 86 -8.02 4.50 -22.82
N HIS A 87 -6.97 5.27 -22.58
CA HIS A 87 -7.11 6.66 -22.16
C HIS A 87 -6.68 7.61 -23.27
N SER A 88 -7.20 8.84 -23.22
CA SER A 88 -6.83 9.88 -24.17
C SER A 88 -6.54 11.19 -23.48
N GLY A 89 -6.45 11.16 -22.16
CA GLY A 89 -6.22 12.36 -21.36
C GLY A 89 -4.77 12.44 -20.88
N SER A 90 -4.51 13.36 -19.98
CA SER A 90 -3.17 13.53 -19.42
C SER A 90 -3.01 12.73 -18.13
N HIS A 91 -2.15 11.71 -18.18
CA HIS A 91 -2.02 10.78 -17.06
C HIS A 91 -0.56 10.58 -16.68
N THR A 92 -0.31 10.35 -15.40
CA THR A 92 1.05 10.28 -14.88
C THR A 92 1.54 8.85 -14.79
N TYR A 93 2.86 8.68 -14.72
CA TYR A 93 3.45 7.36 -14.54
C TYR A 93 4.67 7.42 -13.63
N GLN A 94 4.75 6.48 -12.68
CA GLN A 94 5.80 6.50 -11.68
C GLN A 94 6.67 5.26 -11.76
N ARG A 95 7.95 5.42 -11.46
CA ARG A 95 8.86 4.28 -11.34
C ARG A 95 9.72 4.39 -10.10
N MET A 96 9.79 3.31 -9.33
CA MET A 96 10.64 3.25 -8.15
C MET A 96 11.50 1.99 -8.14
N ILE A 97 12.81 2.18 -7.97
CA ILE A 97 13.74 1.06 -7.93
C ILE A 97 14.87 1.33 -6.95
N GLY A 98 15.31 0.28 -6.28
CA GLY A 98 16.46 0.38 -5.37
C GLY A 98 16.72 -0.94 -4.66
N CYS A 99 17.58 -0.91 -3.65
CA CYS A 99 17.90 -2.09 -2.87
C CYS A 99 18.37 -1.72 -1.47
N GLU A 100 18.40 -2.72 -0.58
CA GLU A 100 18.98 -2.53 0.75
C GLU A 100 20.26 -3.35 0.90
N LEU A 101 21.29 -2.73 1.48
CA LEU A 101 22.48 -3.45 1.90
C LEU A 101 22.48 -3.66 3.42
N LEU A 102 22.58 -4.92 3.83
CA LEU A 102 22.42 -5.27 5.23
C LEU A 102 23.77 -5.42 5.92
N GLU A 103 23.75 -5.41 7.25
CA GLU A 103 24.99 -5.46 8.03
C GLU A 103 25.78 -6.72 7.74
N ASP A 104 25.07 -7.81 7.48
CA ASP A 104 25.70 -9.11 7.27
C ASP A 104 26.17 -9.27 5.84
N GLY A 105 26.06 -8.20 5.05
CA GLY A 105 26.63 -8.17 3.71
C GLY A 105 25.61 -8.60 2.67
N SER A 106 24.47 -9.10 3.13
CA SER A 106 23.42 -9.56 2.23
C SER A 106 22.70 -8.39 1.57
N THR A 107 21.97 -8.69 0.49
CA THR A 107 21.28 -7.65 -0.27
C THR A 107 19.84 -8.03 -0.53
N THR A 108 18.98 -7.03 -0.66
CA THR A 108 17.61 -7.24 -1.12
C THR A 108 17.15 -6.11 -2.03
N GLY A 109 16.86 -6.44 -3.28
CA GLY A 109 16.38 -5.45 -4.25
C GLY A 109 14.87 -5.33 -4.21
N PHE A 110 14.35 -4.26 -4.80
CA PHE A 110 12.92 -4.12 -5.02
C PHE A 110 12.62 -3.25 -6.24
N LEU A 111 11.44 -3.42 -6.80
CA LEU A 111 11.03 -2.66 -7.98
C LEU A 111 9.52 -2.55 -8.07
N GLN A 112 9.03 -1.33 -8.30
CA GLN A 112 7.60 -1.09 -8.44
C GLN A 112 7.33 0.09 -9.36
N TYR A 113 6.25 0.00 -10.13
CA TYR A 113 5.72 1.15 -10.84
C TYR A 113 4.36 1.58 -10.29
N ALA A 114 3.83 2.68 -10.80
CA ALA A 114 2.46 3.07 -10.51
C ALA A 114 1.87 3.90 -11.65
N TYR A 115 0.55 3.86 -11.79
CA TYR A 115 -0.14 4.66 -12.79
C TYR A 115 -1.17 5.58 -12.16
N ASP A 116 -0.89 6.88 -12.20
CA ASP A 116 -1.64 7.85 -11.40
C ASP A 116 -1.71 7.41 -9.95
N GLY A 117 -0.60 6.91 -9.42
CA GLY A 117 -0.49 6.59 -8.01
C GLY A 117 -1.00 5.19 -7.71
N GLN A 118 -1.55 4.54 -8.73
CA GLN A 118 -2.07 3.19 -8.58
C GLN A 118 -0.98 2.15 -8.86
N ASP A 119 -0.77 1.26 -7.90
CA ASP A 119 0.34 0.32 -7.95
C ASP A 119 0.34 -0.46 -9.26
N PHE A 120 1.52 -0.61 -9.86
CA PHE A 120 1.63 -1.19 -11.19
C PHE A 120 2.95 -1.94 -11.36
N LEU A 121 2.87 -3.15 -11.90
CA LEU A 121 4.06 -3.95 -12.18
C LEU A 121 4.91 -4.12 -10.93
N ILE A 122 4.33 -4.74 -9.90
CA ILE A 122 5.08 -5.11 -8.71
C ILE A 122 5.92 -6.35 -8.97
N PHE A 123 7.24 -6.20 -8.87
CA PHE A 123 8.17 -7.24 -9.32
C PHE A 123 8.59 -8.13 -8.17
N ASN A 124 8.44 -9.44 -8.35
CA ASN A 124 8.95 -10.41 -7.39
C ASN A 124 10.02 -11.30 -8.04
N LYS A 125 11.28 -10.97 -7.79
CA LYS A 125 12.40 -11.63 -8.46
C LYS A 125 12.42 -13.13 -8.14
N ASP A 126 11.87 -13.49 -6.99
CA ASP A 126 11.98 -14.85 -6.49
C ASP A 126 11.17 -15.83 -7.35
N THR A 127 10.12 -15.31 -7.98
CA THR A 127 9.23 -16.14 -8.79
C THR A 127 8.97 -15.52 -10.15
N LEU A 128 9.62 -14.38 -10.40
CA LEU A 128 9.43 -13.65 -11.66
C LEU A 128 7.96 -13.31 -11.87
N SER A 129 7.30 -12.85 -10.82
CA SER A 129 5.89 -12.48 -10.90
C SER A 129 5.73 -10.97 -11.06
N TRP A 130 4.69 -10.56 -11.78
CA TRP A 130 4.35 -9.15 -11.92
C TRP A 130 2.88 -8.91 -11.62
N LEU A 131 2.60 -7.90 -10.79
CA LEU A 131 1.24 -7.62 -10.35
C LEU A 131 0.80 -6.23 -10.79
N ALA A 132 -0.51 -6.01 -10.82
CA ALA A 132 -1.06 -4.68 -11.01
C ALA A 132 -2.44 -4.55 -10.37
N VAL A 133 -2.82 -3.33 -10.03
CA VAL A 133 -4.13 -3.08 -9.44
C VAL A 133 -5.24 -3.27 -10.47
N ASP A 134 -5.04 -2.73 -11.65
CA ASP A 134 -6.07 -2.73 -12.69
C ASP A 134 -6.24 -4.11 -13.30
N ASN A 135 -7.32 -4.29 -14.05
CA ASN A 135 -7.64 -5.59 -14.65
C ASN A 135 -6.79 -5.86 -15.89
N VAL A 136 -5.47 -5.82 -15.71
CA VAL A 136 -4.54 -6.01 -16.82
C VAL A 136 -3.48 -7.04 -16.48
N ALA A 137 -3.63 -7.69 -15.33
CA ALA A 137 -2.61 -8.59 -14.81
C ALA A 137 -2.31 -9.71 -15.79
N HIS A 138 -3.34 -10.15 -16.51
CA HIS A 138 -3.19 -11.26 -17.45
C HIS A 138 -2.40 -10.83 -18.68
N THR A 139 -2.63 -9.60 -19.13
CA THR A 139 -1.82 -9.01 -20.19
C THR A 139 -0.37 -8.85 -19.75
N ILE A 140 -0.18 -8.38 -18.52
CA ILE A 140 1.15 -8.25 -17.95
C ILE A 140 1.84 -9.60 -17.87
N LYS A 141 1.13 -10.61 -17.38
CA LYS A 141 1.67 -11.95 -17.24
C LYS A 141 2.37 -12.40 -18.51
N GLN A 142 1.61 -12.48 -19.60
CA GLN A 142 2.12 -13.01 -20.86
C GLN A 142 3.22 -12.11 -21.43
N ALA A 143 3.11 -10.82 -21.16
CA ALA A 143 4.08 -9.85 -21.66
C ALA A 143 5.39 -9.95 -20.89
N TRP A 144 5.29 -10.11 -19.57
CA TRP A 144 6.46 -10.00 -18.70
C TRP A 144 6.93 -11.37 -18.23
N GLU A 145 6.03 -12.13 -17.60
CA GLU A 145 6.42 -13.34 -16.90
C GLU A 145 6.89 -14.41 -17.87
N ALA A 146 6.42 -14.34 -19.11
CA ALA A 146 6.89 -15.21 -20.17
C ALA A 146 8.39 -15.05 -20.39
N ASN A 147 8.89 -13.84 -20.18
CA ASN A 147 10.29 -13.52 -20.45
C ASN A 147 11.20 -14.01 -19.34
N GLN A 148 11.57 -15.28 -19.41
CA GLN A 148 12.40 -15.90 -18.37
C GLN A 148 13.70 -15.14 -18.17
N HIS A 149 14.21 -14.58 -19.26
CA HIS A 149 15.48 -13.86 -19.23
C HIS A 149 15.38 -12.57 -18.43
N GLU A 150 14.15 -12.13 -18.20
CA GLU A 150 13.91 -10.90 -17.44
C GLU A 150 14.66 -10.90 -16.14
N LEU A 151 14.75 -12.07 -15.50
CA LEU A 151 15.43 -12.19 -14.21
C LEU A 151 16.89 -11.82 -14.32
N LEU A 152 17.51 -12.15 -15.46
CA LEU A 152 18.93 -11.89 -15.67
C LEU A 152 19.21 -10.40 -15.71
N TYR A 153 18.28 -9.63 -16.29
CA TYR A 153 18.44 -8.19 -16.39
C TYR A 153 18.04 -7.50 -15.10
N GLN A 154 16.93 -7.93 -14.51
CA GLN A 154 16.39 -7.30 -13.32
C GLN A 154 17.35 -7.43 -12.14
N LYS A 155 18.00 -8.59 -12.04
CA LYS A 155 18.96 -8.84 -10.97
C LYS A 155 20.00 -7.73 -10.90
N ASN A 156 20.48 -7.31 -12.06
CA ASN A 156 21.49 -6.24 -12.13
C ASN A 156 20.86 -4.88 -11.87
N TRP A 157 19.70 -4.64 -12.49
CA TRP A 157 19.04 -3.35 -12.39
C TRP A 157 18.63 -3.04 -10.95
N LEU A 158 18.19 -4.08 -10.24
CA LEU A 158 17.75 -3.91 -8.86
C LEU A 158 18.94 -3.75 -7.92
N GLU A 159 19.73 -4.81 -7.80
CA GLU A 159 20.66 -4.94 -6.67
C GLU A 159 22.07 -4.55 -7.07
N GLU A 160 22.65 -5.29 -8.01
CA GLU A 160 24.07 -5.20 -8.28
C GLU A 160 24.47 -3.79 -8.70
N GLU A 161 23.66 -3.18 -9.55
CA GLU A 161 23.87 -1.79 -9.96
C GLU A 161 23.87 -0.86 -8.76
N CYS A 162 22.86 -0.99 -7.91
CA CYS A 162 22.63 -0.05 -6.83
C CYS A 162 23.63 -0.25 -5.69
N ILE A 163 23.95 -1.52 -5.42
CA ILE A 163 24.88 -1.87 -4.35
C ILE A 163 26.26 -1.28 -4.62
N ALA A 164 26.71 -1.38 -5.87
CA ALA A 164 28.00 -0.84 -6.27
C ALA A 164 28.07 0.66 -6.00
N TRP A 165 27.03 1.39 -6.40
CA TRP A 165 26.96 2.83 -6.20
C TRP A 165 26.73 3.16 -4.73
N LEU A 166 25.91 2.35 -4.06
CA LEU A 166 25.61 2.55 -2.65
C LEU A 166 26.88 2.54 -1.81
N LYS A 167 27.70 1.50 -2.01
CA LYS A 167 28.95 1.37 -1.27
C LYS A 167 29.86 2.57 -1.52
N ARG A 168 29.89 3.04 -2.76
CA ARG A 168 30.63 4.25 -3.10
C ARG A 168 30.07 5.47 -2.38
N PHE A 169 28.75 5.58 -2.37
CA PHE A 169 28.08 6.71 -1.74
C PHE A 169 28.31 6.71 -0.23
N LEU A 170 28.26 5.53 0.37
CA LEU A 170 28.47 5.39 1.80
C LEU A 170 29.89 5.78 2.19
N GLU A 171 30.85 5.42 1.35
CA GLU A 171 32.23 5.87 1.52
C GLU A 171 32.33 7.39 1.35
N TYR A 172 31.70 7.91 0.31
CA TYR A 172 31.79 9.33 0.00
C TYR A 172 31.27 10.18 1.15
N GLY A 173 30.18 9.73 1.77
CA GLY A 173 29.53 10.50 2.83
C GLY A 173 29.91 9.97 4.20
N LYS A 174 31.00 9.20 4.25
CA LYS A 174 31.41 8.55 5.49
C LYS A 174 31.61 9.55 6.62
N ASP A 175 31.98 10.77 6.24
CA ASP A 175 32.35 11.78 7.22
C ASP A 175 31.13 12.29 7.99
N THR A 176 29.95 11.99 7.47
CA THR A 176 28.71 12.33 8.15
C THR A 176 28.07 11.10 8.78
N LEU A 177 28.19 9.96 8.10
CA LEU A 177 27.56 8.73 8.55
C LEU A 177 28.15 8.27 9.89
N GLN A 178 29.40 8.64 10.14
CA GLN A 178 30.08 8.23 11.36
C GLN A 178 29.75 9.17 12.52
N ARG A 179 28.88 10.14 12.25
CA ARG A 179 28.43 11.07 13.28
C ARG A 179 27.43 10.43 14.23
N THR A 180 27.69 10.54 15.52
CA THR A 180 26.77 10.02 16.52
C THR A 180 26.58 11.02 17.67
N GLU A 181 25.32 11.30 18.00
CA GLU A 181 25.01 12.21 19.09
C GLU A 181 23.84 11.69 19.93
N PRO A 182 24.10 11.47 21.21
CA PRO A 182 23.04 11.09 22.14
C PRO A 182 21.92 12.12 22.15
N PRO A 183 20.72 11.68 22.50
CA PRO A 183 19.56 12.56 22.55
C PRO A 183 19.58 13.44 23.79
N LYS A 184 18.91 14.58 23.72
CA LYS A 184 18.46 15.29 24.91
C LYS A 184 16.96 15.10 25.13
N VAL A 185 16.60 14.72 26.35
CA VAL A 185 15.24 14.29 26.65
C VAL A 185 14.66 15.06 27.82
N ARG A 186 13.35 15.33 27.78
CA ARG A 186 12.66 15.97 28.89
C ARG A 186 11.25 15.41 29.04
N VAL A 187 10.76 15.37 30.27
CA VAL A 187 9.44 14.82 30.56
C VAL A 187 8.66 15.73 31.50
N ASN A 188 7.37 15.87 31.23
CA ASN A 188 6.47 16.62 32.11
C ASN A 188 5.02 16.24 31.87
N HIS A 189 4.13 16.82 32.66
CA HIS A 189 2.69 16.67 32.44
C HIS A 189 2.23 17.51 31.26
N LYS A 190 1.19 17.05 30.58
CA LYS A 190 0.65 17.75 29.41
C LYS A 190 -0.86 17.66 29.36
N GLU A 191 -1.52 18.81 29.29
CA GLU A 191 -2.97 18.86 29.16
C GLU A 191 -3.39 19.82 28.04
N THR A 192 -3.92 19.25 26.96
CA THR A 192 -4.48 20.05 25.88
C THR A 192 -5.98 19.81 25.74
N PHE A 193 -6.47 18.74 26.37
CA PHE A 193 -7.87 18.37 26.27
C PHE A 193 -8.47 18.13 27.65
N PRO A 194 -9.14 19.15 28.19
CA PRO A 194 -9.70 19.06 29.53
C PRO A 194 -10.57 17.83 29.69
N GLY A 195 -10.40 17.12 30.81
CA GLY A 195 -11.05 15.84 31.02
C GLY A 195 -10.07 14.69 30.90
N ILE A 196 -8.97 14.92 30.19
CA ILE A 196 -7.92 13.93 30.06
C ILE A 196 -6.56 14.51 30.42
N THR A 197 -5.85 13.83 31.30
CA THR A 197 -4.49 14.21 31.65
C THR A 197 -3.47 13.23 31.08
N THR A 198 -2.43 13.78 30.45
CA THR A 198 -1.41 12.95 29.82
C THR A 198 -0.02 13.30 30.33
N LEU A 199 0.95 12.44 30.05
CA LEU A 199 2.36 12.80 30.14
C LEU A 199 2.97 12.98 28.76
N TYR A 200 3.98 13.85 28.68
CA TYR A 200 4.64 14.14 27.41
C TYR A 200 6.14 14.06 27.54
N CYS A 201 6.76 13.24 26.68
CA CYS A 201 8.22 13.09 26.68
C CYS A 201 8.83 13.63 25.40
N ARG A 202 9.64 14.67 25.52
CA ARG A 202 10.32 15.25 24.37
C ARG A 202 11.71 14.66 24.18
N ALA A 203 12.11 14.48 22.93
CA ALA A 203 13.49 14.15 22.60
C ALA A 203 13.94 14.86 21.34
N TYR A 204 15.16 15.40 21.37
CA TYR A 204 15.70 16.13 20.24
C TYR A 204 17.23 16.07 20.22
N GLY A 205 17.80 16.28 19.04
CA GLY A 205 19.22 16.63 18.93
C GLY A 205 20.09 15.39 18.87
N PHE A 206 19.53 14.29 18.36
CA PHE A 206 20.25 13.03 18.27
C PHE A 206 20.58 12.70 16.82
N TYR A 207 21.61 11.88 16.63
CA TYR A 207 22.06 11.51 15.29
C TYR A 207 22.87 10.22 15.32
N PRO A 208 22.77 9.44 14.25
CA PRO A 208 21.62 9.53 13.34
C PRO A 208 20.32 9.28 14.07
N PRO A 209 19.22 9.32 13.33
CA PRO A 209 17.88 9.25 13.94
C PRO A 209 17.57 7.83 14.38
N GLU A 210 18.27 7.35 15.40
CA GLU A 210 17.87 6.15 16.12
C GLU A 210 17.49 6.47 17.56
N ILE A 211 16.22 6.29 17.90
CA ILE A 211 15.73 6.53 19.25
C ILE A 211 14.46 5.75 19.53
N SER A 212 14.34 5.23 20.75
CA SER A 212 13.12 4.57 21.19
C SER A 212 12.74 5.01 22.59
N ILE A 213 11.51 5.48 22.74
CA ILE A 213 11.03 5.97 24.03
C ILE A 213 9.82 5.19 24.52
N ASN A 214 9.87 4.77 25.78
CA ASN A 214 8.78 3.99 26.37
C ASN A 214 8.40 4.53 27.74
N TRP A 215 7.18 4.22 28.17
CA TRP A 215 6.74 4.57 29.52
C TRP A 215 6.68 3.33 30.41
N MET A 216 6.96 3.52 31.70
CA MET A 216 7.10 2.41 32.63
C MET A 216 6.56 2.76 34.00
N LYS A 217 6.28 1.73 34.80
CA LYS A 217 5.95 1.92 36.21
C LYS A 217 6.68 0.92 37.09
N ASN A 218 7.46 1.44 38.04
CA ASN A 218 8.27 0.59 38.90
C ASN A 218 9.26 -0.24 38.08
N GLY A 219 9.66 0.30 36.93
CA GLY A 219 10.69 -0.33 36.12
C GLY A 219 10.09 -1.20 35.03
N GLU A 220 8.79 -1.47 35.15
CA GLU A 220 8.09 -2.34 34.21
C GLU A 220 7.38 -1.52 33.14
N GLU A 221 7.51 -1.95 31.89
CA GLU A 221 6.91 -1.25 30.76
C GLU A 221 5.39 -1.37 30.81
N ILE A 222 4.70 -0.35 30.32
CA ILE A 222 3.25 -0.38 30.20
C ILE A 222 2.82 -0.70 28.78
N PHE A 223 1.63 -1.28 28.64
CA PHE A 223 1.14 -1.71 27.34
C PHE A 223 -0.09 -0.90 26.92
N GLN A 224 -0.12 0.36 27.33
CA GLN A 224 -1.21 1.26 26.95
C GLN A 224 -1.05 1.73 25.51
N ASP A 225 -2.14 2.24 24.94
CA ASP A 225 -2.11 2.83 23.61
C ASP A 225 -1.47 4.21 23.64
N THR A 226 -0.14 4.24 23.70
CA THR A 226 0.59 5.50 23.78
C THR A 226 0.72 6.15 22.40
N ASP A 227 1.05 7.43 22.39
CA ASP A 227 1.18 8.18 21.14
C ASP A 227 2.63 8.19 20.66
N TYR A 228 2.80 8.05 19.35
CA TYR A 228 4.13 8.18 18.74
C TYR A 228 4.11 9.17 17.58
N GLY A 229 4.93 10.21 17.69
CA GLY A 229 4.97 11.24 16.66
C GLY A 229 5.86 10.83 15.49
N GLY A 230 6.71 9.84 15.73
CA GLY A 230 7.74 9.47 14.76
C GLY A 230 8.96 10.37 14.88
N ILE A 231 9.98 10.07 14.07
CA ILE A 231 11.24 10.81 14.14
C ILE A 231 11.36 11.78 12.98
N LEU A 232 11.38 13.08 13.29
CA LEU A 232 11.36 14.12 12.27
C LEU A 232 12.59 15.01 12.36
N PRO A 233 12.98 15.57 11.22
CA PRO A 233 14.14 16.46 11.17
C PRO A 233 13.86 17.76 11.91
N SER A 234 14.89 18.29 12.57
CA SER A 234 14.78 19.58 13.24
C SER A 234 15.22 20.72 12.33
N GLY A 235 15.94 20.39 11.27
CA GLY A 235 16.42 21.38 10.31
C GLY A 235 17.81 21.87 10.69
N ASP A 236 18.26 21.49 11.88
CA ASP A 236 19.58 21.91 12.38
C ASP A 236 20.62 20.81 12.17
N GLY A 237 20.27 19.81 11.39
CA GLY A 237 21.20 18.74 11.06
C GLY A 237 20.92 17.49 11.88
N THR A 238 20.11 17.64 12.92
CA THR A 238 19.74 16.53 13.79
C THR A 238 18.24 16.26 13.74
N TYR A 239 17.80 15.23 14.45
CA TYR A 239 16.40 14.82 14.41
C TYR A 239 15.76 14.93 15.79
N GLN A 240 14.43 14.87 15.82
CA GLN A 240 13.69 14.95 17.07
C GLN A 240 12.46 14.06 17.03
N THR A 241 11.95 13.70 18.21
CA THR A 241 10.72 12.93 18.31
C THR A 241 9.99 13.24 19.62
N TRP A 242 8.90 12.50 19.87
CA TRP A 242 8.16 12.64 21.12
C TRP A 242 7.18 11.49 21.29
N VAL A 243 6.84 11.19 22.55
CA VAL A 243 5.71 10.32 22.85
C VAL A 243 4.87 10.92 23.98
N SER A 244 3.67 10.36 24.15
CA SER A 244 2.81 10.74 25.26
C SER A 244 1.91 9.59 25.69
N VAL A 245 1.40 9.67 26.92
CA VAL A 245 0.58 8.60 27.47
C VAL A 245 -0.55 9.16 28.32
N GLU A 246 -1.74 8.57 28.18
CA GLU A 246 -2.89 8.96 28.99
C GLU A 246 -2.80 8.37 30.39
N LEU A 247 -3.15 9.17 31.39
CA LEU A 247 -3.18 8.70 32.77
C LEU A 247 -4.61 8.42 33.23
N ASP A 248 -4.74 7.56 34.23
CA ASP A 248 -6.01 7.40 34.94
C ASP A 248 -5.86 7.73 36.41
N PRO A 249 -6.21 8.97 36.78
CA PRO A 249 -5.96 9.47 38.12
C PRO A 249 -6.68 8.62 39.18
N GLN A 250 -7.67 7.86 38.73
CA GLN A 250 -8.56 7.15 39.64
C GLN A 250 -8.11 5.70 39.83
N ASN A 251 -7.77 5.05 38.72
CA ASN A 251 -7.47 3.62 38.74
C ASN A 251 -5.98 3.37 38.49
N GLY A 252 -5.30 4.36 37.95
CA GLY A 252 -3.92 4.21 37.52
C GLY A 252 -2.98 5.11 38.33
N ASP A 253 -1.95 5.62 37.67
CA ASP A 253 -0.93 6.41 38.34
C ASP A 253 -0.08 7.17 37.34
N ILE A 254 0.78 8.04 37.85
CA ILE A 254 1.77 8.73 37.02
C ILE A 254 2.89 7.77 36.60
N TYR A 255 3.20 7.76 35.32
CA TYR A 255 4.20 6.84 34.77
C TYR A 255 5.55 7.50 34.65
N SER A 256 6.60 6.69 34.66
CA SER A 256 7.95 7.16 34.32
C SER A 256 8.29 6.86 32.88
N CYS A 257 9.52 7.15 32.49
CA CYS A 257 9.91 7.13 31.08
C CYS A 257 11.41 6.86 30.93
N HIS A 258 11.77 6.13 29.89
CA HIS A 258 13.17 5.86 29.58
C HIS A 258 13.42 5.83 28.09
N VAL A 259 14.68 6.04 27.70
CA VAL A 259 15.02 6.22 26.30
C VAL A 259 16.22 5.36 25.92
N GLU A 260 16.16 4.76 24.73
CA GLU A 260 17.26 3.95 24.22
C GLU A 260 17.87 4.57 22.97
N HIS A 261 19.20 4.65 22.92
CA HIS A 261 19.90 5.13 21.75
C HIS A 261 21.23 4.40 21.57
N GLY A 262 21.32 3.58 20.54
CA GLY A 262 22.50 2.76 20.30
C GLY A 262 22.83 1.89 21.50
N GLY A 263 24.04 2.04 22.02
CA GLY A 263 24.48 1.27 23.18
C GLY A 263 24.20 2.03 24.48
N VAL A 264 23.48 3.13 24.38
CA VAL A 264 23.21 3.99 25.52
C VAL A 264 21.76 3.89 25.96
N HIS A 265 21.55 3.75 27.26
CA HIS A 265 20.20 3.76 27.82
C HIS A 265 20.12 4.70 29.02
N MET A 266 19.06 5.50 29.07
CA MET A 266 18.89 6.49 30.13
C MET A 266 17.48 6.47 30.69
N VAL A 267 17.36 6.72 31.98
CA VAL A 267 16.05 6.97 32.60
C VAL A 267 15.85 8.46 32.85
N LEU A 268 14.67 8.95 32.45
CA LEU A 268 14.40 10.39 32.49
C LEU A 268 14.13 10.85 33.92
N GLN A 269 14.82 11.91 34.32
CA GLN A 269 14.60 12.52 35.64
C GLN A 269 14.46 14.03 35.53
N GLY A 270 13.74 14.62 36.48
CA GLY A 270 13.51 16.06 36.48
C GLY A 270 12.50 16.46 35.43
N PHE A 271 12.55 17.73 35.03
CA PHE A 271 11.56 18.27 34.09
C PHE A 271 12.23 19.14 33.03
N GLN B 3 -5.48 12.20 -6.61
CA GLN B 3 -5.01 12.97 -5.46
C GLN B 3 -4.44 12.05 -4.38
N ARG B 4 -3.31 12.44 -3.81
CA ARG B 4 -2.90 11.96 -2.49
C ARG B 4 -2.72 13.11 -1.51
N PRO B 5 -3.70 13.28 -0.63
CA PRO B 5 -3.64 14.33 0.38
C PRO B 5 -2.35 14.27 1.18
N PRO B 6 -1.84 15.43 1.57
CA PRO B 6 -0.56 15.51 2.28
C PRO B 6 -0.70 15.01 3.71
N LYS B 7 0.39 14.46 4.24
CA LYS B 7 0.49 14.23 5.67
C LYS B 7 1.32 15.32 6.35
N ILE B 8 0.68 16.08 7.22
CA ILE B 8 1.27 17.31 7.75
C ILE B 8 1.50 17.22 9.25
N GLN B 9 2.72 17.51 9.68
CA GLN B 9 3.04 17.59 11.10
C GLN B 9 3.72 18.91 11.44
N VAL B 10 3.42 19.44 12.62
CA VAL B 10 3.98 20.71 13.05
C VAL B 10 4.60 20.59 14.44
N TYR B 11 5.78 21.18 14.61
CA TYR B 11 6.53 21.04 15.85
C TYR B 11 7.56 22.15 16.00
N SER B 12 8.10 22.29 17.20
CA SER B 12 9.17 23.26 17.46
C SER B 12 10.53 22.58 17.46
N ARG B 13 11.58 23.37 17.23
CA ARG B 13 12.95 22.87 17.32
C ARG B 13 13.41 22.79 18.77
N HIS B 14 13.49 23.94 19.43
CA HIS B 14 13.76 24.00 20.86
C HIS B 14 12.48 23.97 21.67
N PRO B 15 12.56 23.46 22.90
CA PRO B 15 11.45 23.53 23.84
C PRO B 15 10.82 24.93 23.85
N PRO B 16 9.50 24.97 23.90
CA PRO B 16 8.76 26.22 23.77
C PRO B 16 8.79 27.02 25.07
N GLU B 17 9.98 27.49 25.44
CA GLU B 17 10.14 28.34 26.62
C GLU B 17 9.86 29.80 26.28
N ASP B 18 8.93 30.40 27.01
CA ASP B 18 8.45 31.74 26.68
C ASP B 18 9.59 32.74 26.70
N GLY B 19 9.65 33.58 25.66
CA GLY B 19 10.62 34.67 25.61
C GLY B 19 11.93 34.21 24.99
N LYS B 20 12.08 32.90 24.85
CA LYS B 20 13.32 32.32 24.34
C LYS B 20 13.29 32.19 22.83
N PRO B 21 14.29 32.75 22.16
CA PRO B 21 14.41 32.64 20.71
C PRO B 21 14.31 31.18 20.27
N ASN B 22 13.61 30.95 19.17
CA ASN B 22 13.33 29.59 18.70
C ASN B 22 12.98 29.58 17.23
N TYR B 23 12.96 28.39 16.63
CA TYR B 23 12.38 28.20 15.32
C TYR B 23 11.28 27.14 15.35
N LEU B 24 10.25 27.36 14.54
CA LEU B 24 9.15 26.40 14.44
C LEU B 24 9.14 25.72 13.07
N ASN B 25 8.84 24.43 13.06
CA ASN B 25 8.98 23.62 11.85
C ASN B 25 7.62 23.19 11.31
N CYS B 26 7.55 23.01 9.99
CA CYS B 26 6.44 22.29 9.38
C CYS B 26 6.95 21.22 8.41
N TYR B 27 6.46 20.01 8.59
CA TYR B 27 7.00 18.85 7.88
C TYR B 27 5.90 18.10 7.14
N VAL B 28 6.00 18.08 5.81
CA VAL B 28 4.94 17.54 4.98
C VAL B 28 5.47 16.48 4.02
N TYR B 29 4.70 15.41 3.84
CA TYR B 29 5.10 14.31 2.97
C TYR B 29 3.90 13.50 2.51
N GLY B 30 4.09 12.68 1.48
CA GLY B 30 3.10 11.69 1.10
C GLY B 30 2.03 12.30 0.20
N PHE B 31 2.40 13.31 -0.56
CA PHE B 31 1.47 14.01 -1.42
C PHE B 31 1.76 13.75 -2.89
N HIS B 32 0.73 13.82 -3.72
CA HIS B 32 0.85 13.49 -5.14
C HIS B 32 -0.23 14.18 -5.95
N PRO B 33 0.17 14.80 -7.05
CA PRO B 33 1.56 14.77 -7.49
C PRO B 33 2.43 15.68 -6.62
N PRO B 34 3.74 15.54 -6.76
CA PRO B 34 4.69 16.16 -5.84
C PRO B 34 4.88 17.64 -6.18
N GLN B 35 3.85 18.43 -5.93
CA GLN B 35 4.00 19.88 -5.91
C GLN B 35 3.41 20.48 -4.64
N ILE B 36 4.22 21.25 -3.93
CA ILE B 36 3.87 21.70 -2.58
C ILE B 36 4.42 23.09 -2.30
N GLU B 37 3.65 23.90 -1.60
CA GLU B 37 4.17 25.12 -0.97
C GLU B 37 3.76 25.20 0.49
N ILE B 38 4.71 25.57 1.34
CA ILE B 38 4.46 25.68 2.77
C ILE B 38 4.70 27.10 3.27
N ASP B 39 3.68 27.68 3.89
CA ASP B 39 3.84 28.96 4.57
C ASP B 39 3.77 28.81 6.08
N LEU B 40 4.46 29.68 6.80
CA LEU B 40 4.40 29.70 8.26
C LEU B 40 3.87 31.03 8.77
N LEU B 41 2.70 30.99 9.41
CA LEU B 41 1.92 32.19 9.66
C LEU B 41 1.91 32.54 11.14
N LYS B 42 1.96 33.84 11.43
CA LYS B 42 1.66 34.33 12.78
C LYS B 42 0.53 35.35 12.75
N ASN B 43 -0.56 35.02 13.43
CA ASN B 43 -1.76 35.86 13.40
C ASN B 43 -2.22 36.10 11.97
N GLY B 44 -1.97 35.12 11.10
CA GLY B 44 -2.47 35.18 9.73
C GLY B 44 -1.42 35.75 8.78
N GLU B 45 -0.39 36.38 9.35
CA GLU B 45 0.65 37.01 8.55
C GLU B 45 1.85 36.09 8.39
N LYS B 46 2.45 36.11 7.21
CA LYS B 46 3.53 35.20 6.87
C LYS B 46 4.86 35.70 7.44
N ILE B 47 5.61 34.80 8.06
CA ILE B 47 6.97 35.10 8.50
C ILE B 47 7.99 34.56 7.51
N LYS B 48 8.99 35.39 7.20
CA LYS B 48 10.08 34.97 6.33
C LYS B 48 10.61 33.59 6.72
N SER B 49 10.65 32.68 5.75
CA SER B 49 10.90 31.27 6.04
C SER B 49 11.84 30.66 4.99
N GLU B 50 12.40 29.50 5.31
CA GLU B 50 13.17 28.73 4.35
C GLU B 50 12.56 27.35 4.11
N GLN B 51 12.80 26.79 2.94
CA GLN B 51 12.34 25.46 2.61
C GLN B 51 13.49 24.54 2.24
N SER B 52 13.44 23.30 2.72
CA SER B 52 14.51 22.34 2.48
C SER B 52 14.42 21.75 1.08
N ASP B 53 15.47 21.05 0.66
CA ASP B 53 15.42 20.23 -0.55
C ASP B 53 14.43 19.08 -0.38
N LEU B 54 13.81 18.68 -1.49
CA LEU B 54 12.89 17.56 -1.48
C LEU B 54 13.62 16.23 -1.35
N SER B 55 13.04 15.31 -0.60
CA SER B 55 13.58 13.96 -0.47
C SER B 55 12.52 12.91 -0.74
N PHE B 56 12.79 12.04 -1.70
CA PHE B 56 11.77 11.13 -2.23
C PHE B 56 11.23 10.22 -1.13
N SER B 57 9.91 10.06 -1.09
CA SER B 57 9.29 9.09 -0.21
C SER B 57 8.70 7.92 -1.00
N LYS B 58 8.71 6.74 -0.41
CA LYS B 58 8.23 5.54 -1.08
C LYS B 58 6.72 5.58 -1.26
N ASP B 59 6.09 6.63 -0.73
CA ASP B 59 4.68 6.88 -0.96
C ASP B 59 4.47 7.71 -2.22
N TRP B 60 5.42 7.63 -3.15
CA TRP B 60 5.31 8.32 -4.42
C TRP B 60 5.27 9.84 -4.22
N SER B 61 6.11 10.34 -3.32
CA SER B 61 6.09 11.74 -2.95
C SER B 61 7.48 12.21 -2.51
N PHE B 62 7.51 13.36 -1.84
CA PHE B 62 8.76 13.88 -1.29
C PHE B 62 8.55 14.42 0.12
N TYR B 63 9.62 14.39 0.92
CA TYR B 63 9.63 15.10 2.20
C TYR B 63 10.06 16.55 2.01
N LEU B 64 9.38 17.45 2.71
CA LEU B 64 9.76 18.86 2.71
C LEU B 64 9.68 19.46 4.11
N LEU B 65 10.76 20.10 4.54
CA LEU B 65 10.78 20.79 5.82
C LEU B 65 10.82 22.31 5.63
N SER B 66 9.97 23.02 6.34
CA SER B 66 10.01 24.47 6.36
C SER B 66 10.14 25.00 7.78
N HIS B 67 10.93 26.06 7.94
CA HIS B 67 11.19 26.63 9.26
C HIS B 67 11.21 28.15 9.22
N ALA B 68 10.85 28.77 10.33
CA ALA B 68 11.00 30.22 10.48
C ALA B 68 11.20 30.60 11.94
N GLU B 69 11.83 31.75 12.16
CA GLU B 69 12.04 32.26 13.51
C GLU B 69 10.71 32.60 14.19
N PHE B 70 10.58 32.18 15.44
CA PHE B 70 9.38 32.48 16.23
C PHE B 70 9.65 32.32 17.71
N THR B 71 9.34 33.37 18.48
CA THR B 71 9.54 33.34 19.92
C THR B 71 8.22 33.07 20.64
N PRO B 72 8.15 31.95 21.36
CA PRO B 72 6.95 31.57 22.08
C PRO B 72 6.51 32.67 23.03
N ASN B 73 5.20 32.91 23.09
CA ASN B 73 4.64 33.88 24.01
C ASN B 73 3.17 33.60 24.28
N SER B 74 2.52 34.50 25.01
CA SER B 74 1.13 34.32 25.41
C SER B 74 0.22 35.36 24.77
N LYS B 75 0.70 35.98 23.70
CA LYS B 75 -0.03 37.05 23.05
C LYS B 75 -0.42 36.67 21.62
N ASP B 76 0.49 35.97 20.94
CA ASP B 76 0.31 35.67 19.52
C ASP B 76 -0.25 34.27 19.32
N GLN B 77 -0.90 34.05 18.18
CA GLN B 77 -1.21 32.71 17.71
C GLN B 77 -0.36 32.33 16.51
N TYR B 78 -0.16 31.03 16.31
CA TYR B 78 0.72 30.55 15.26
C TYR B 78 0.13 29.31 14.59
N SER B 79 0.24 29.26 13.26
CA SER B 79 -0.24 28.11 12.50
C SER B 79 0.54 27.94 11.20
N CYS B 80 0.45 26.76 10.61
CA CYS B 80 1.12 26.49 9.34
C CYS B 80 0.09 26.32 8.22
N ARG B 81 0.48 26.71 7.01
CA ARG B 81 -0.39 26.59 5.85
C ARG B 81 0.29 25.83 4.71
N VAL B 82 -0.36 24.78 4.25
CA VAL B 82 0.22 23.92 3.23
C VAL B 82 -0.67 23.86 1.99
N LYS B 83 -0.12 24.25 0.84
CA LYS B 83 -0.86 24.22 -0.40
C LYS B 83 -0.59 22.94 -1.18
N HIS B 84 -1.66 22.22 -1.51
CA HIS B 84 -1.52 20.94 -2.21
C HIS B 84 -1.62 21.12 -3.71
N VAL B 85 -0.49 21.02 -4.39
CA VAL B 85 -0.43 21.25 -5.83
C VAL B 85 -1.31 22.44 -6.23
N THR B 86 -2.47 22.13 -6.80
CA THR B 86 -3.43 23.16 -7.16
C THR B 86 -4.85 22.75 -6.77
N LEU B 87 -4.95 21.82 -5.83
CA LEU B 87 -6.23 21.19 -5.52
C LEU B 87 -6.85 21.78 -4.27
N GLU B 88 -8.18 21.89 -4.27
CA GLU B 88 -8.91 22.34 -3.09
C GLU B 88 -8.32 23.62 -2.53
N GLN B 89 -8.29 23.72 -1.20
CA GLN B 89 -7.72 24.88 -0.53
C GLN B 89 -6.55 24.48 0.35
N PRO B 90 -5.63 25.41 0.57
CA PRO B 90 -4.51 25.19 1.49
C PRO B 90 -5.00 24.70 2.85
N ARG B 91 -4.27 23.76 3.44
CA ARG B 91 -4.64 23.18 4.72
C ARG B 91 -3.97 23.93 5.87
N ILE B 92 -4.71 24.11 6.95
CA ILE B 92 -4.21 24.84 8.11
C ILE B 92 -3.98 23.92 9.30
N VAL B 93 -2.80 23.98 9.90
CA VAL B 93 -2.48 23.19 11.07
C VAL B 93 -1.99 24.08 12.21
N LYS B 94 -2.66 24.00 13.35
CA LYS B 94 -2.37 24.86 14.48
C LYS B 94 -1.24 24.28 15.34
N TRP B 95 -0.40 25.17 15.87
CA TRP B 95 0.60 24.77 16.85
C TRP B 95 0.08 24.99 18.27
N ASP B 96 0.03 23.90 19.05
CA ASP B 96 -0.51 23.96 20.40
C ASP B 96 0.58 23.79 21.44
N ARG B 97 1.79 24.20 21.09
CA ARG B 97 2.94 24.07 21.98
C ARG B 97 3.25 22.60 22.26
N ASP B 98 4.52 22.24 22.15
CA ASP B 98 4.94 20.86 22.33
C ASP B 98 4.97 20.48 23.82
N LEU B 99 5.40 21.42 24.64
CA LEU B 99 5.43 21.22 26.09
C LEU B 99 4.59 22.26 26.81
N PRO C 2 -15.01 -27.80 3.41
CA PRO C 2 -16.08 -28.66 2.94
C PRO C 2 -15.53 -30.01 2.48
N HIS C 3 -15.69 -31.03 3.32
CA HIS C 3 -15.55 -32.41 2.88
C HIS C 3 -16.49 -32.72 1.72
N PRO C 4 -15.99 -33.47 0.74
CA PRO C 4 -16.78 -33.86 -0.41
C PRO C 4 -18.14 -34.39 0.02
N ALA C 5 -19.18 -34.05 -0.74
CA ALA C 5 -20.55 -34.40 -0.38
C ALA C 5 -20.73 -35.91 -0.31
N GLU C 6 -21.62 -36.35 0.57
CA GLU C 6 -21.99 -37.76 0.65
C GLU C 6 -22.97 -38.13 -0.46
N GLY C 7 -23.02 -39.42 -0.78
CA GLY C 7 -23.91 -39.91 -1.84
C GLY C 7 -23.26 -39.71 -3.21
N GLN C 8 -24.10 -39.62 -4.24
CA GLN C 8 -23.63 -39.51 -5.61
C GLN C 8 -23.94 -38.14 -6.20
N TRP C 9 -22.90 -37.35 -6.42
CA TRP C 9 -23.05 -36.04 -7.07
C TRP C 9 -22.70 -36.12 -8.55
N ARG C 10 -23.08 -35.09 -9.29
CA ARG C 10 -22.88 -35.07 -10.74
C ARG C 10 -22.36 -33.72 -11.21
N ALA C 11 -21.35 -33.74 -12.07
CA ALA C 11 -20.76 -32.51 -12.59
C ALA C 11 -21.55 -32.00 -13.79
N VAL C 12 -21.48 -30.69 -14.03
CA VAL C 12 -22.09 -30.09 -15.20
C VAL C 12 -21.07 -29.29 -16.01
N ASP C 13 -21.14 -29.41 -17.33
CA ASP C 13 -20.19 -28.75 -18.21
C ASP C 13 -20.61 -27.31 -18.48
N VAL C 14 -19.79 -26.37 -18.01
CA VAL C 14 -20.10 -24.95 -18.13
C VAL C 14 -19.14 -24.25 -19.09
N VAL C 15 -19.71 -23.58 -20.08
CA VAL C 15 -18.90 -22.93 -21.11
C VAL C 15 -18.52 -21.51 -20.71
N LEU C 16 -17.22 -21.22 -20.75
CA LEU C 16 -16.73 -19.88 -20.46
C LEU C 16 -16.24 -19.18 -21.71
N ASP C 17 -16.40 -17.86 -21.76
CA ASP C 17 -15.81 -17.05 -22.81
C ASP C 17 -14.36 -16.70 -22.50
N CYS C 18 -13.45 -17.07 -23.39
CA CYS C 18 -12.02 -16.97 -23.12
C CYS C 18 -11.35 -16.03 -24.09
N PHE C 19 -10.24 -15.42 -23.67
CA PHE C 19 -9.40 -14.64 -24.56
C PHE C 19 -7.95 -15.12 -24.49
N LEU C 20 -7.21 -14.89 -25.58
CA LEU C 20 -5.79 -15.22 -25.62
C LEU C 20 -4.93 -13.96 -25.68
N VAL C 21 -3.72 -14.04 -25.15
CA VAL C 21 -2.84 -12.90 -25.09
C VAL C 21 -1.56 -13.13 -25.90
N LYS C 22 -1.17 -12.13 -26.67
CA LYS C 22 0.04 -12.22 -27.48
C LYS C 22 1.30 -12.10 -26.61
N ASP C 23 2.34 -12.83 -27.00
CA ASP C 23 3.59 -12.83 -26.25
C ASP C 23 4.22 -11.44 -26.26
N GLY C 24 4.90 -11.09 -25.16
CA GLY C 24 5.79 -9.95 -25.13
C GLY C 24 5.04 -8.66 -24.83
N ALA C 25 5.77 -7.57 -24.66
CA ALA C 25 5.17 -6.26 -24.39
C ALA C 25 4.33 -5.79 -25.58
N HIS C 26 3.23 -5.11 -25.27
CA HIS C 26 2.35 -4.59 -26.30
C HIS C 26 2.59 -3.11 -26.54
N ARG C 27 2.30 -2.65 -27.75
CA ARG C 27 2.27 -1.22 -28.05
C ARG C 27 0.85 -0.73 -28.27
N GLY C 28 -0.13 -1.60 -28.01
CA GLY C 28 -1.53 -1.26 -28.21
C GLY C 28 -2.28 -1.26 -26.87
N ALA C 29 -3.59 -1.44 -26.94
CA ALA C 29 -4.44 -1.39 -25.75
C ALA C 29 -4.47 -2.75 -25.05
CAC 3X9 C 30 0.63 -2.60 -23.31
CAS 3X9 C 30 0.82 -3.84 -22.42
CAD 3X9 C 30 0.73 -5.23 -23.06
NAQ 3X9 C 30 2.11 -3.72 -21.70
OAH 3X9 C 30 3.21 -3.76 -22.34
CAR 3X9 C 30 1.99 -4.04 -20.24
CAA 3X9 C 30 2.75 -2.96 -19.44
CAB 3X9 C 30 2.53 -5.45 -20.01
CAI 3X9 C 30 0.51 -3.98 -20.12
CAO 3X9 C 30 -0.13 -3.83 -21.28
CAJ 3X9 C 30 -1.57 -3.66 -21.69
SAL 3X9 C 30 -2.68 -4.18 -20.38
N 3X9 C 30 -4.81 -2.72 -23.77
CA 3X9 C 30 -5.10 -3.95 -23.03
CB 3X9 C 30 -5.45 -3.64 -21.55
SG 3X9 C 30 -4.21 -2.90 -20.51
C 3X9 C 30 -6.44 -4.54 -23.46
O 3X9 C 30 -6.73 -5.70 -23.17
H1 3X9 C 30 0.60 -1.67 -22.71
H2 3X9 C 30 1.46 -2.52 -24.02
H3 3X9 C 30 -0.33 -2.65 -23.88
H4 3X9 C 30 1.47 -5.39 -23.83
H5 3X9 C 30 -0.26 -5.40 -23.53
H6 3X9 C 30 0.90 -6.04 -22.34
H7 3X9 C 30 3.82 -2.94 -19.73
H8 3X9 C 30 2.32 -1.96 -19.61
H9 3X9 C 30 2.70 -3.20 -18.35
H10 3X9 C 30 1.86 -6.23 -20.43
H11 3X9 C 30 3.53 -5.59 -20.46
H12 3X9 C 30 2.60 -5.64 -18.91
H13 3X9 C 30 0.08 -4.06 -19.11
H16 3X9 C 30 -1.83 -4.23 -22.60
H17 3X9 C 30 -1.78 -2.59 -21.91
H 3X9 C 30 -4.95 -1.87 -23.24
HA 3X9 C 30 -4.31 -4.68 -23.14
HB2 3X9 C 30 -6.33 -2.96 -21.49
HB3 3X9 C 30 -5.74 -4.59 -21.03
N ALA C 31 -7.23 -3.74 -24.16
CA ALA C 31 -8.54 -4.18 -24.63
C ALA C 31 -8.94 -3.46 -25.92
N SER C 32 -9.58 -4.19 -26.82
CA SER C 32 -10.04 -3.60 -28.08
C SER C 32 -11.56 -3.49 -28.11
N SER C 33 -12.18 -3.70 -26.95
CA SER C 33 -13.64 -3.65 -26.84
C SER C 33 -14.30 -4.53 -27.89
N GLU C 34 -13.91 -5.80 -27.92
CA GLU C 34 -14.44 -6.73 -28.89
C GLU C 34 -15.86 -7.18 -28.53
N ASP C 35 -16.62 -7.58 -29.54
CA ASP C 35 -18.02 -7.95 -29.34
C ASP C 35 -18.15 -9.40 -28.87
N ARG C 36 -17.21 -10.24 -29.30
CA ARG C 36 -17.26 -11.66 -29.01
C ARG C 36 -15.89 -12.20 -28.64
N ALA C 37 -15.85 -13.18 -27.74
CA ALA C 37 -14.63 -13.89 -27.41
C ALA C 37 -14.11 -14.68 -28.61
N ARG C 38 -12.79 -14.80 -28.69
CA ARG C 38 -12.16 -15.56 -29.77
C ARG C 38 -11.85 -16.99 -29.32
N ALA C 39 -12.23 -17.30 -28.08
CA ALA C 39 -11.93 -18.61 -27.51
C ALA C 39 -12.98 -19.01 -26.48
N SER C 40 -12.99 -20.28 -26.10
CA SER C 40 -13.90 -20.77 -25.08
C SER C 40 -13.30 -21.97 -24.34
N LEU C 41 -13.71 -22.14 -23.09
CA LEU C 41 -13.23 -23.24 -22.27
C LEU C 41 -14.36 -23.85 -21.44
N VAL C 42 -14.43 -25.17 -21.44
CA VAL C 42 -15.44 -25.88 -20.65
C VAL C 42 -14.86 -26.39 -19.34
N LEU C 43 -15.41 -25.92 -18.23
CA LEU C 43 -15.01 -26.40 -16.91
C LEU C 43 -16.19 -27.05 -16.19
N LYS C 44 -15.88 -27.96 -15.27
CA LYS C 44 -16.90 -28.79 -14.63
C LYS C 44 -17.28 -28.23 -13.26
N GLN C 45 -18.55 -27.89 -13.09
CA GLN C 45 -19.08 -27.51 -11.79
C GLN C 45 -19.98 -28.61 -11.22
N VAL C 46 -20.31 -28.49 -9.95
CA VAL C 46 -21.14 -29.47 -9.28
C VAL C 46 -22.28 -28.81 -8.52
N PRO C 47 -23.48 -28.85 -9.11
CA PRO C 47 -24.67 -28.31 -8.46
C PRO C 47 -25.18 -29.25 -7.37
N VAL C 48 -24.45 -29.31 -6.26
CA VAL C 48 -24.73 -30.28 -5.21
C VAL C 48 -26.16 -30.14 -4.70
N LEU C 49 -26.89 -31.25 -4.69
CA LEU C 49 -28.27 -31.25 -4.20
C LEU C 49 -28.39 -32.05 -2.92
N ASP C 50 -29.31 -31.64 -2.06
CA ASP C 50 -29.53 -32.31 -0.78
C ASP C 50 -29.92 -33.77 -0.97
N ASP C 51 -30.61 -34.04 -2.08
CA ASP C 51 -31.17 -35.36 -2.33
C ASP C 51 -30.31 -36.16 -3.30
N GLY C 52 -29.12 -35.64 -3.57
CA GLY C 52 -28.21 -36.28 -4.52
C GLY C 52 -28.46 -35.81 -5.94
N SER C 53 -27.70 -36.34 -6.89
CA SER C 53 -27.70 -35.84 -8.25
C SER C 53 -28.99 -36.24 -8.98
N LEU C 54 -30.10 -35.63 -8.57
CA LEU C 54 -31.38 -35.86 -9.25
C LEU C 54 -31.65 -34.79 -10.30
N GLU C 55 -31.84 -35.22 -11.54
CA GLU C 55 -32.01 -34.30 -12.65
C GLU C 55 -33.22 -33.39 -12.44
N ASP C 56 -34.27 -33.95 -11.84
CA ASP C 56 -35.53 -33.23 -11.68
C ASP C 56 -35.37 -32.03 -10.74
N PHE C 57 -34.32 -32.07 -9.92
CA PHE C 57 -34.15 -31.07 -8.88
C PHE C 57 -32.85 -30.31 -9.06
N THR C 58 -32.34 -30.31 -10.29
CA THR C 58 -31.12 -29.57 -10.62
C THR C 58 -31.41 -28.08 -10.80
N ASP C 59 -30.60 -27.26 -10.15
CA ASP C 59 -30.83 -25.81 -10.13
C ASP C 59 -30.12 -25.13 -11.30
N PHE C 60 -29.00 -25.70 -11.71
CA PHE C 60 -28.13 -25.06 -12.69
C PHE C 60 -28.06 -25.87 -13.97
N GLN C 61 -27.98 -25.19 -15.11
CA GLN C 61 -27.74 -25.83 -16.39
C GLN C 61 -26.34 -25.51 -16.91
N GLY C 62 -25.85 -26.35 -17.81
CA GLY C 62 -24.52 -26.15 -18.40
C GLY C 62 -24.62 -25.52 -19.78
N GLY C 63 -23.57 -25.67 -20.57
CA GLY C 63 -23.52 -25.11 -21.91
C GLY C 63 -23.52 -23.59 -21.87
N THR C 64 -24.30 -22.97 -22.75
CA THR C 64 -24.36 -21.52 -22.84
C THR C 64 -25.59 -21.06 -23.63
N LEU C 65 -25.99 -19.82 -23.42
CA LEU C 65 -27.03 -19.19 -24.23
C LEU C 65 -26.45 -18.65 -25.54
N ALA C 66 -25.13 -18.55 -25.60
CA ALA C 66 -24.46 -18.01 -26.77
C ALA C 66 -24.73 -18.86 -28.00
N GLN C 67 -24.87 -18.20 -29.15
CA GLN C 67 -25.12 -18.89 -30.41
C GLN C 67 -23.87 -18.90 -31.28
N ASP C 68 -22.76 -18.45 -30.71
CA ASP C 68 -21.51 -18.32 -31.46
C ASP C 68 -20.63 -19.55 -31.31
N ASP C 69 -19.61 -19.65 -32.16
CA ASP C 69 -18.74 -20.82 -32.17
C ASP C 69 -17.28 -20.40 -32.38
N PRO C 70 -16.61 -20.05 -31.29
CA PRO C 70 -15.23 -19.58 -31.36
C PRO C 70 -14.33 -20.63 -32.00
N PRO C 71 -13.31 -20.16 -32.71
CA PRO C 71 -12.37 -21.05 -33.41
C PRO C 71 -11.48 -21.78 -32.41
N ILE C 72 -11.38 -21.25 -31.20
CA ILE C 72 -10.50 -21.81 -30.18
C ILE C 72 -11.30 -22.33 -28.99
N ILE C 73 -11.60 -23.62 -29.00
CA ILE C 73 -12.42 -24.22 -27.95
C ILE C 73 -11.71 -25.40 -27.31
N PHE C 74 -11.56 -25.35 -25.99
CA PHE C 74 -11.03 -26.48 -25.23
C PHE C 74 -12.08 -27.08 -24.31
N GLU C 75 -12.16 -28.40 -24.29
CA GLU C 75 -13.06 -29.09 -23.39
C GLU C 75 -12.29 -29.87 -22.32
N ALA C 76 -12.29 -29.35 -21.09
CA ALA C 76 -11.42 -29.86 -20.05
C ALA C 76 -12.16 -30.86 -19.16
N SER C 77 -11.55 -32.02 -18.97
CA SER C 77 -11.97 -32.95 -17.93
C SER C 77 -11.35 -32.60 -16.59
N VAL C 78 -11.99 -33.04 -15.51
CA VAL C 78 -11.50 -32.77 -14.16
C VAL C 78 -11.46 -34.05 -13.33
N ASP C 79 -10.27 -34.45 -12.90
CA ASP C 79 -10.10 -35.57 -12.00
C ASP C 79 -9.75 -35.11 -10.60
N LEU C 80 -9.96 -33.82 -10.33
CA LEU C 80 -9.61 -33.23 -9.04
C LEU C 80 -10.79 -33.28 -8.08
N VAL C 81 -10.57 -32.82 -6.86
CA VAL C 81 -11.63 -32.75 -5.86
C VAL C 81 -12.49 -31.52 -6.06
N GLN C 82 -13.73 -31.73 -6.50
CA GLN C 82 -14.49 -30.68 -7.16
C GLN C 82 -15.39 -29.94 -6.16
N ILE C 83 -15.73 -30.61 -5.07
CA ILE C 83 -16.83 -30.17 -4.21
C ILE C 83 -16.51 -28.85 -3.54
N PRO C 84 -15.26 -28.70 -3.11
CA PRO C 84 -14.80 -27.47 -2.49
C PRO C 84 -15.00 -26.28 -3.43
N GLN C 85 -15.09 -26.56 -4.72
CA GLN C 85 -15.34 -25.53 -5.72
C GLN C 85 -16.66 -25.75 -6.42
N ALA C 86 -17.57 -26.47 -5.76
CA ALA C 86 -18.76 -26.99 -6.42
C ALA C 86 -19.50 -25.89 -7.18
N GLU C 87 -19.60 -24.72 -6.55
CA GLU C 87 -20.33 -23.60 -7.15
C GLU C 87 -19.43 -22.39 -7.32
N ALA C 88 -18.14 -22.63 -7.51
CA ALA C 88 -17.17 -21.55 -7.64
C ALA C 88 -17.53 -20.62 -8.78
N LEU C 89 -18.11 -21.18 -9.84
CA LEU C 89 -18.55 -20.40 -10.98
C LEU C 89 -20.06 -20.27 -11.02
N LEU C 90 -20.75 -21.32 -10.58
CA LEU C 90 -22.21 -21.33 -10.57
C LEU C 90 -22.75 -20.24 -9.65
N HIS C 91 -21.97 -19.87 -8.64
CA HIS C 91 -22.27 -18.70 -7.83
C HIS C 91 -22.58 -17.49 -8.70
N ALA C 92 -21.74 -17.27 -9.71
CA ALA C 92 -21.89 -16.11 -10.58
C ALA C 92 -23.21 -16.16 -11.34
N ASP C 93 -23.54 -17.33 -11.86
CA ASP C 93 -24.79 -17.51 -12.60
C ASP C 93 -26.00 -17.22 -11.72
N CYS C 94 -25.92 -17.64 -10.46
CA CYS C 94 -27.00 -17.41 -9.50
C CYS C 94 -27.15 -15.92 -9.19
N SER C 95 -26.01 -15.26 -8.95
CA SER C 95 -26.02 -13.87 -8.49
C SER C 95 -26.08 -12.91 -9.66
N GLY C 96 -25.91 -13.44 -10.88
CA GLY C 96 -25.99 -12.63 -12.08
C GLY C 96 -24.68 -11.91 -12.34
N LYS C 97 -23.58 -12.46 -11.82
CA LYS C 97 -22.26 -11.88 -12.00
C LYS C 97 -21.61 -12.35 -13.29
N GLU C 98 -20.60 -11.62 -13.74
CA GLU C 98 -19.92 -11.94 -14.98
C GLU C 98 -18.69 -12.81 -14.74
N VAL C 99 -18.40 -13.70 -15.68
CA VAL C 99 -17.21 -14.54 -15.60
C VAL C 99 -16.35 -14.39 -16.85
N THR C 100 -15.06 -14.10 -16.64
CA THR C 100 -14.13 -13.94 -17.75
C THR C 100 -12.92 -14.86 -17.59
N CYS C 101 -12.54 -15.51 -18.68
CA CYS C 101 -11.38 -16.39 -18.68
C CYS C 101 -10.34 -15.94 -19.70
N GLU C 102 -9.07 -16.21 -19.40
CA GLU C 102 -8.02 -16.11 -20.40
C GLU C 102 -7.15 -17.36 -20.43
N ILE C 103 -6.59 -17.66 -21.59
CA ILE C 103 -5.88 -18.92 -21.80
C ILE C 103 -4.42 -18.68 -22.16
N SER C 104 -3.52 -19.46 -21.57
CA SER C 104 -2.11 -19.44 -21.95
C SER C 104 -1.54 -20.84 -22.01
N ARG C 105 -0.21 -20.92 -22.08
CA ARG C 105 0.47 -22.19 -22.34
C ARG C 105 1.80 -22.26 -21.60
N TYR C 106 2.26 -23.49 -21.35
CA TYR C 106 3.57 -23.70 -20.76
C TYR C 106 4.61 -24.02 -21.84
N PHE C 107 4.21 -23.88 -23.09
CA PHE C 107 5.12 -24.07 -24.22
C PHE C 107 5.40 -22.75 -24.92
N LEU C 108 6.46 -22.07 -24.50
CA LEU C 108 6.75 -20.72 -24.96
C LEU C 108 7.96 -20.68 -25.87
N GLN C 109 8.10 -19.60 -26.64
CA GLN C 109 9.30 -19.36 -27.42
C GLN C 109 10.51 -19.17 -26.51
N MET C 110 10.25 -18.88 -25.24
CA MET C 110 11.32 -18.68 -24.26
C MET C 110 11.74 -20.00 -23.64
N THR C 111 10.78 -20.89 -23.43
CA THR C 111 11.00 -22.11 -22.67
C THR C 111 9.82 -23.06 -22.78
N GLU C 112 10.09 -24.35 -22.70
CA GLU C 112 9.02 -25.35 -22.59
C GLU C 112 9.17 -26.16 -21.31
N THR C 113 8.04 -26.45 -20.67
CA THR C 113 8.03 -27.29 -19.48
C THR C 113 7.19 -28.54 -19.69
N THR C 114 7.85 -29.70 -19.73
CA THR C 114 7.15 -30.97 -19.84
C THR C 114 8.07 -32.13 -19.49
N VAL C 115 7.47 -33.28 -19.19
CA VAL C 115 8.23 -34.51 -18.98
C VAL C 115 7.86 -35.57 -20.02
N LYS C 116 7.01 -35.20 -20.96
CA LYS C 116 6.52 -36.14 -21.96
C LYS C 116 5.99 -35.41 -23.19
N THR C 117 5.79 -36.15 -24.28
CA THR C 117 5.08 -35.63 -25.43
C THR C 117 3.67 -35.19 -25.07
N ALA C 118 3.37 -33.92 -25.31
CA ALA C 118 2.11 -33.33 -24.86
C ALA C 118 2.04 -31.86 -25.24
N ALA C 119 0.91 -31.24 -24.93
CA ALA C 119 0.88 -29.80 -24.66
C ALA C 119 0.26 -29.51 -23.30
N TRP C 120 0.76 -28.48 -22.63
CA TRP C 120 0.22 -28.04 -21.35
C TRP C 120 -0.29 -26.61 -21.42
N PHE C 121 -1.43 -26.36 -20.80
CA PHE C 121 -2.14 -25.09 -20.95
C PHE C 121 -2.48 -24.49 -19.60
N MET C 122 -2.67 -23.17 -19.58
CA MET C 122 -3.18 -22.49 -18.40
C MET C 122 -4.54 -21.85 -18.67
N ALA C 123 -5.42 -21.87 -17.67
CA ALA C 123 -6.65 -21.10 -17.72
C ALA C 123 -6.84 -20.28 -16.44
N ASN C 124 -7.18 -19.01 -16.60
CA ASN C 124 -7.40 -18.13 -15.46
C ASN C 124 -8.79 -17.52 -15.50
N VAL C 125 -9.61 -17.84 -14.50
CA VAL C 125 -11.01 -17.46 -14.48
C VAL C 125 -11.32 -16.56 -13.29
N GLN C 126 -11.95 -15.43 -13.57
CA GLN C 126 -12.35 -14.50 -12.51
C GLN C 126 -13.85 -14.24 -12.53
N VAL C 127 -14.44 -14.16 -11.35
CA VAL C 127 -15.82 -13.69 -11.21
C VAL C 127 -15.86 -12.22 -10.83
N SER C 128 -16.71 -11.46 -11.52
CA SER C 128 -16.80 -10.02 -11.29
C SER C 128 -17.23 -9.71 -9.87
N GLY C 129 -16.96 -8.49 -9.42
CA GLY C 129 -17.35 -8.06 -8.09
C GLY C 129 -16.36 -8.55 -7.04
N GLY C 130 -15.22 -9.07 -7.50
CA GLY C 130 -14.21 -9.63 -6.61
C GLY C 130 -14.62 -11.00 -6.11
N GLY C 131 -15.36 -11.74 -6.93
CA GLY C 131 -15.89 -13.03 -6.54
C GLY C 131 -14.82 -14.11 -6.63
N PRO C 132 -15.26 -15.37 -6.67
CA PRO C 132 -14.34 -16.50 -6.70
C PRO C 132 -13.36 -16.39 -7.86
N SER C 133 -12.19 -16.98 -7.70
CA SER C 133 -11.15 -16.91 -8.71
C SER C 133 -10.42 -18.24 -8.85
N ILE C 134 -10.17 -18.64 -10.09
CA ILE C 134 -9.60 -19.96 -10.37
C ILE C 134 -8.42 -19.87 -11.33
N SER C 135 -7.39 -20.66 -11.07
CA SER C 135 -6.33 -20.87 -12.05
C SER C 135 -6.04 -22.36 -12.24
N LEU C 136 -6.08 -22.80 -13.49
CA LEU C 136 -6.06 -24.23 -13.79
C LEU C 136 -4.83 -24.59 -14.61
N VAL C 137 -4.22 -25.73 -14.31
CA VAL C 137 -3.21 -26.32 -15.18
C VAL C 137 -3.72 -27.61 -15.81
N MET C 138 -3.65 -27.67 -17.14
CA MET C 138 -4.26 -28.77 -17.88
C MET C 138 -3.36 -29.22 -19.03
N LYS C 139 -3.59 -30.44 -19.51
CA LYS C 139 -2.78 -31.02 -20.56
C LYS C 139 -3.64 -31.69 -21.62
N THR C 140 -3.09 -31.83 -22.82
CA THR C 140 -3.69 -32.71 -23.84
C THR C 140 -2.69 -33.76 -24.29
N PRO C 141 -3.08 -35.03 -24.20
CA PRO C 141 -2.20 -36.14 -24.53
C PRO C 141 -2.09 -36.33 -26.04
N ARG C 142 -1.42 -35.40 -26.70
CA ARG C 142 -1.21 -35.49 -28.14
C ARG C 142 0.02 -36.33 -28.47
N VAL C 143 0.11 -36.78 -29.71
CA VAL C 143 1.27 -37.54 -30.18
C VAL C 143 2.08 -36.75 -31.19
N ALA C 144 3.40 -36.76 -31.02
CA ALA C 144 4.29 -35.98 -31.89
C ALA C 144 4.10 -36.36 -33.35
N LYS C 145 4.08 -35.35 -34.22
CA LYS C 145 3.93 -35.58 -35.65
C LYS C 145 5.07 -34.91 -36.42
N ASN C 146 5.14 -35.20 -37.72
CA ASN C 146 6.03 -34.47 -38.61
C ASN C 146 5.44 -33.12 -39.00
N GLU C 147 4.18 -32.91 -38.65
CA GLU C 147 3.49 -31.65 -38.93
C GLU C 147 3.87 -30.59 -37.90
N VAL C 148 3.64 -29.33 -38.25
CA VAL C 148 3.88 -28.23 -37.33
C VAL C 148 2.76 -28.12 -36.31
N LEU C 149 1.63 -28.72 -36.62
CA LEU C 149 0.43 -28.59 -35.78
C LEU C 149 0.00 -29.95 -35.23
N TRP C 150 0.36 -30.22 -33.99
CA TRP C 150 -0.13 -31.39 -33.27
C TRP C 150 -0.30 -31.11 -31.79
N HIS C 151 0.42 -30.09 -31.31
CA HIS C 151 0.62 -29.92 -29.87
C HIS C 151 -0.70 -29.84 -29.13
N PRO C 152 -1.64 -29.07 -29.68
CA PRO C 152 -1.31 -27.79 -30.29
C PRO C 152 -0.75 -26.81 -29.27
N THR C 153 -0.36 -25.63 -29.75
CA THR C 153 0.13 -24.58 -28.87
C THR C 153 -0.74 -23.33 -28.97
N LEU C 154 -2.04 -23.54 -29.11
CA LEU C 154 -3.01 -22.45 -29.07
C LEU C 154 -2.92 -21.59 -30.33
N ASN C 155 -3.18 -20.29 -30.17
CA ASN C 155 -3.81 -19.51 -31.23
C ASN C 155 -4.88 -20.32 -31.95
N LEU C 156 -5.02 -20.08 -33.25
CA LEU C 156 -6.08 -20.70 -34.04
C LEU C 156 -5.76 -22.16 -34.33
N PRO C 157 -4.49 -22.43 -34.61
CA PRO C 157 -4.06 -23.78 -34.95
C PRO C 157 -4.23 -24.74 -33.77
N LEU C 158 -5.44 -25.23 -33.57
CA LEU C 158 -5.70 -26.29 -32.62
C LEU C 158 -5.65 -27.66 -33.29
N SER C 159 -6.13 -27.72 -34.53
CA SER C 159 -6.23 -28.97 -35.26
C SER C 159 -6.46 -28.74 -36.74
N PRO C 160 -5.92 -29.63 -37.57
CA PRO C 160 -6.25 -29.66 -38.99
C PRO C 160 -7.76 -29.55 -39.20
N GLN C 161 -8.52 -30.07 -38.24
CA GLN C 161 -9.98 -29.98 -38.29
C GLN C 161 -10.57 -29.92 -36.89
N GLY C 162 -11.49 -28.98 -36.69
CA GLY C 162 -12.20 -28.87 -35.41
C GLY C 162 -11.26 -28.42 -34.30
N THR C 163 -11.59 -28.79 -33.06
CA THR C 163 -10.81 -28.40 -31.91
C THR C 163 -10.41 -29.61 -31.07
N VAL C 164 -9.77 -29.37 -29.94
CA VAL C 164 -9.15 -30.43 -29.16
C VAL C 164 -9.69 -30.45 -27.73
N ARG C 165 -9.55 -31.59 -27.07
CA ARG C 165 -9.93 -31.72 -25.67
C ARG C 165 -8.71 -31.65 -24.75
N THR C 166 -8.96 -31.46 -23.47
CA THR C 166 -7.88 -31.44 -22.48
C THR C 166 -8.37 -31.97 -21.13
N ALA C 167 -7.50 -31.88 -20.13
CA ALA C 167 -7.84 -32.34 -18.79
C ALA C 167 -7.03 -31.60 -17.73
N VAL C 168 -7.68 -31.25 -16.63
CA VAL C 168 -7.01 -30.52 -15.55
C VAL C 168 -6.24 -31.46 -14.65
N GLU C 169 -4.97 -31.12 -14.40
CA GLU C 169 -4.12 -31.92 -13.53
C GLU C 169 -3.90 -31.22 -12.18
N PHE C 170 -3.89 -29.90 -12.21
CA PHE C 170 -3.59 -29.12 -11.01
C PHE C 170 -4.32 -27.78 -11.04
N GLN C 171 -5.01 -27.46 -9.94
CA GLN C 171 -5.85 -26.27 -9.89
C GLN C 171 -5.70 -25.56 -8.55
N VAL C 172 -5.65 -24.23 -8.60
CA VAL C 172 -5.76 -23.42 -7.39
C VAL C 172 -6.96 -22.49 -7.46
N MET C 173 -7.72 -22.40 -6.37
CA MET C 173 -8.95 -21.63 -6.35
C MET C 173 -9.07 -20.83 -5.06
N THR C 174 -9.86 -19.76 -5.10
CA THR C 174 -10.30 -19.08 -3.88
C THR C 174 -11.76 -18.67 -3.99
N GLN C 175 -12.41 -18.52 -2.83
CA GLN C 175 -13.82 -18.17 -2.79
C GLN C 175 -14.02 -16.66 -2.94
N THR C 176 -12.93 -15.91 -2.85
CA THR C 176 -12.98 -14.46 -2.97
C THR C 176 -11.65 -13.89 -3.44
N GLN C 177 -11.70 -12.74 -4.09
CA GLN C 177 -10.49 -12.00 -4.43
C GLN C 177 -10.22 -10.88 -3.45
N SER C 178 -11.11 -10.73 -2.47
CA SER C 178 -11.04 -9.63 -1.51
C SER C 178 -11.60 -10.04 -0.16
N LEU C 179 -10.96 -9.57 0.91
CA LEU C 179 -11.44 -9.81 2.25
C LEU C 179 -11.63 -8.51 3.02
N SER C 180 -12.58 -8.50 3.95
CA SER C 180 -12.83 -7.33 4.78
C SER C 180 -13.02 -7.72 6.24
N PHE C 181 -12.08 -7.31 7.08
CA PHE C 181 -12.14 -7.61 8.50
C PHE C 181 -12.02 -6.33 9.34
N LEU C 182 -12.49 -6.41 10.58
CA LEU C 182 -12.40 -5.28 11.50
C LEU C 182 -11.00 -5.18 12.10
N LEU C 183 -10.56 -3.95 12.38
CA LEU C 183 -9.36 -3.73 13.17
C LEU C 183 -9.46 -4.40 14.53
N GLY C 184 -8.45 -5.20 14.87
CA GLY C 184 -8.42 -5.89 16.16
C GLY C 184 -8.93 -7.32 16.02
N SER C 185 -9.58 -7.61 14.90
CA SER C 185 -10.11 -8.94 14.64
C SER C 185 -9.08 -9.81 13.94
N SER C 186 -9.13 -11.11 14.21
CA SER C 186 -8.38 -12.10 13.43
C SER C 186 -8.96 -12.21 12.01
N ALA C 187 -8.22 -12.89 11.14
CA ALA C 187 -8.62 -13.03 9.75
C ALA C 187 -8.12 -14.34 9.16
N SER C 188 -8.64 -14.70 7.98
CA SER C 188 -8.21 -15.90 7.29
C SER C 188 -8.09 -15.66 5.79
N LEU C 189 -6.92 -15.95 5.24
CA LEU C 189 -6.67 -15.73 3.81
C LEU C 189 -7.11 -16.94 2.99
N ASP C 190 -8.36 -16.92 2.55
CA ASP C 190 -8.97 -18.08 1.91
C ASP C 190 -8.14 -18.54 0.72
N CYS C 191 -7.79 -19.83 0.70
CA CYS C 191 -7.15 -20.44 -0.45
C CYS C 191 -7.11 -21.95 -0.33
N GLY C 192 -7.41 -22.64 -1.42
CA GLY C 192 -7.23 -24.09 -1.49
C GLY C 192 -6.81 -24.53 -2.89
N PHE C 193 -6.41 -25.79 -3.02
CA PHE C 193 -5.96 -26.32 -4.29
C PHE C 193 -6.09 -27.83 -4.34
N SER C 194 -6.02 -28.40 -5.53
CA SER C 194 -6.08 -29.85 -5.71
C SER C 194 -5.35 -30.28 -6.98
N MET C 195 -4.83 -31.50 -6.97
CA MET C 195 -4.10 -32.04 -8.12
C MET C 195 -4.34 -33.53 -8.27
N ALA C 196 -4.24 -34.01 -9.50
CA ALA C 196 -4.19 -35.45 -9.76
C ALA C 196 -2.83 -36.03 -9.40
N PRO C 197 -2.78 -37.34 -9.23
CA PRO C 197 -1.54 -38.03 -8.86
C PRO C 197 -0.45 -37.74 -9.88
N GLY C 198 -0.85 -37.27 -11.06
CA GLY C 198 0.11 -36.95 -12.12
C GLY C 198 1.14 -35.94 -11.64
N LEU C 199 0.75 -35.10 -10.70
CA LEU C 199 1.64 -34.09 -10.14
C LEU C 199 1.71 -34.19 -8.62
N ASP C 200 2.92 -34.00 -8.07
CA ASP C 200 3.10 -33.96 -6.63
C ASP C 200 3.22 -32.53 -6.13
N LEU C 201 2.92 -32.32 -4.85
CA LEU C 201 3.12 -31.02 -4.22
C LEU C 201 4.50 -30.92 -3.60
N ILE C 202 5.20 -29.82 -3.91
CA ILE C 202 6.52 -29.57 -3.35
C ILE C 202 6.43 -28.62 -2.16
N SER C 203 5.92 -27.43 -2.40
CA SER C 203 5.95 -26.36 -1.41
C SER C 203 4.84 -25.35 -1.64
N VAL C 204 4.48 -24.62 -0.59
CA VAL C 204 3.59 -23.47 -0.72
C VAL C 204 4.12 -22.27 0.04
N GLU C 205 4.05 -21.10 -0.59
CA GLU C 205 4.52 -19.86 0.04
C GLU C 205 3.37 -18.87 0.22
N TRP C 206 3.40 -18.15 1.34
CA TRP C 206 2.53 -16.99 1.52
C TRP C 206 3.34 -15.71 1.66
N ARG C 207 3.02 -14.72 0.82
CA ARG C 207 3.78 -13.48 0.78
C ARG C 207 2.86 -12.27 0.93
N LEU C 208 3.37 -11.22 1.53
CA LEU C 208 2.67 -9.93 1.58
C LEU C 208 3.35 -8.90 0.69
N GLN C 209 2.58 -8.31 -0.21
CA GLN C 209 3.14 -7.36 -1.18
C GLN C 209 3.27 -5.97 -0.59
N HIS C 210 4.48 -5.42 -0.63
CA HIS C 210 4.74 -4.10 -0.07
C HIS C 210 5.92 -3.43 -0.79
N LYS C 211 5.68 -2.22 -1.28
CA LYS C 211 6.75 -1.40 -1.83
C LYS C 211 7.70 -2.24 -2.67
N GLY C 212 7.15 -3.01 -3.59
CA GLY C 212 7.92 -3.51 -4.73
C GLY C 212 8.57 -4.86 -4.41
N ARG C 213 8.12 -5.47 -3.32
CA ARG C 213 8.58 -6.80 -2.95
C ARG C 213 7.55 -7.53 -2.12
N GLY C 214 7.31 -8.81 -2.45
CA GLY C 214 6.49 -9.67 -1.61
C GLY C 214 7.33 -10.33 -0.52
N GLN C 215 6.97 -10.05 0.73
CA GLN C 215 7.69 -10.60 1.88
C GLN C 215 7.04 -11.89 2.37
N LEU C 216 7.82 -12.95 2.44
CA LEU C 216 7.34 -14.23 2.96
C LEU C 216 6.87 -14.08 4.41
N VAL C 217 5.67 -14.56 4.69
CA VAL C 217 5.14 -14.55 6.05
C VAL C 217 4.91 -15.97 6.56
N TYR C 218 4.78 -16.91 5.65
CA TYR C 218 4.53 -18.30 6.00
C TYR C 218 5.12 -19.25 4.96
N SER C 219 5.61 -20.39 5.42
CA SER C 219 6.26 -21.36 4.54
C SER C 219 5.76 -22.77 4.81
N TRP C 220 5.52 -23.52 3.74
CA TRP C 220 5.25 -24.95 3.85
C TRP C 220 6.02 -25.74 2.80
N THR C 221 6.77 -26.75 3.25
CA THR C 221 7.58 -27.56 2.34
C THR C 221 7.67 -29.00 2.84
N ALA C 222 7.45 -29.95 1.94
CA ALA C 222 7.77 -31.34 2.20
C ALA C 222 7.14 -31.83 3.50
N GLY C 223 5.89 -31.44 3.72
CA GLY C 223 5.10 -32.00 4.81
C GLY C 223 5.18 -31.12 6.05
N GLN C 224 6.20 -30.27 6.10
CA GLN C 224 6.39 -29.36 7.22
C GLN C 224 6.10 -27.92 6.82
N GLY C 225 6.00 -27.04 7.80
CA GLY C 225 5.80 -25.62 7.56
C GLY C 225 5.78 -24.82 8.85
N GLN C 226 5.90 -23.51 8.74
CA GLN C 226 5.87 -22.64 9.91
C GLN C 226 5.76 -21.17 9.50
N ALA C 227 5.38 -20.32 10.46
CA ALA C 227 5.45 -18.88 10.27
C ALA C 227 6.90 -18.40 10.23
N VAL C 228 7.17 -17.42 9.38
CA VAL C 228 8.44 -16.71 9.41
C VAL C 228 8.24 -15.24 9.77
N ARG C 229 7.00 -14.77 9.68
CA ARG C 229 6.62 -13.48 10.24
C ARG C 229 5.37 -13.59 11.08
N LYS C 230 4.38 -14.31 10.57
CA LYS C 230 3.10 -14.44 11.26
C LYS C 230 2.23 -15.50 10.60
N GLY C 231 1.22 -15.98 11.33
CA GLY C 231 0.13 -16.74 10.74
C GLY C 231 0.23 -18.22 11.10
N ALA C 232 -0.81 -18.97 10.77
CA ALA C 232 -0.82 -20.41 11.02
C ALA C 232 -1.66 -21.14 9.98
N THR C 233 -1.23 -22.34 9.60
CA THR C 233 -2.01 -23.21 8.74
C THR C 233 -2.36 -24.51 9.44
N LEU C 234 -3.38 -25.20 8.95
CA LEU C 234 -3.71 -26.54 9.42
C LEU C 234 -4.54 -27.30 8.39
N GLU C 235 -4.06 -28.47 8.00
CA GLU C 235 -4.75 -29.31 7.03
C GLU C 235 -5.87 -30.09 7.69
N PRO C 236 -6.89 -30.43 6.90
CA PRO C 236 -7.96 -31.30 7.38
C PRO C 236 -7.42 -32.62 7.91
N ALA C 237 -8.09 -33.17 8.91
CA ALA C 237 -7.68 -34.44 9.50
C ALA C 237 -8.18 -35.61 8.66
N GLN C 238 -8.98 -35.32 7.65
CA GLN C 238 -9.59 -36.36 6.82
C GLN C 238 -8.89 -36.46 5.47
N LEU C 239 -9.03 -37.61 4.83
CA LEU C 239 -8.42 -37.83 3.52
C LEU C 239 -9.46 -37.67 2.41
N GLY C 240 -8.98 -37.42 1.19
CA GLY C 240 -9.87 -37.29 0.03
C GLY C 240 -10.29 -35.85 -0.17
N MET C 241 -9.93 -34.98 0.77
CA MET C 241 -10.28 -33.56 0.69
C MET C 241 -9.24 -32.79 -0.11
N ALA C 242 -9.67 -31.70 -0.73
CA ALA C 242 -8.75 -30.74 -1.33
C ALA C 242 -7.85 -30.11 -0.26
N ARG C 243 -6.65 -29.71 -0.68
CA ARG C 243 -5.67 -29.14 0.25
C ARG C 243 -6.06 -27.73 0.65
N ASP C 244 -5.94 -27.43 1.94
CA ASP C 244 -6.34 -26.13 2.47
C ASP C 244 -5.15 -25.19 2.61
N ALA C 245 -5.04 -24.24 1.70
CA ALA C 245 -3.89 -23.33 1.66
C ALA C 245 -4.18 -22.05 2.44
N SER C 246 -5.34 -22.01 3.10
CA SER C 246 -5.74 -20.84 3.86
C SER C 246 -4.76 -20.54 4.98
N LEU C 247 -4.46 -19.26 5.18
CA LEU C 247 -3.58 -18.84 6.26
C LEU C 247 -4.33 -18.00 7.28
N THR C 248 -4.30 -18.45 8.54
CA THR C 248 -4.93 -17.71 9.62
C THR C 248 -4.03 -16.61 10.16
N LEU C 249 -4.56 -15.40 10.23
CA LEU C 249 -3.77 -14.25 10.67
C LEU C 249 -4.16 -13.83 12.09
N PRO C 250 -3.15 -13.46 12.88
CA PRO C 250 -3.40 -12.86 14.19
C PRO C 250 -4.29 -11.64 14.08
N GLY C 251 -4.84 -11.21 15.21
CA GLY C 251 -5.62 -9.98 15.27
C GLY C 251 -4.94 -8.87 14.49
N LEU C 252 -5.62 -8.36 13.47
CA LEU C 252 -4.99 -7.48 12.48
C LEU C 252 -4.77 -6.09 13.05
N THR C 253 -3.65 -5.48 12.68
CA THR C 253 -3.48 -4.04 12.79
C THR C 253 -3.55 -3.37 11.42
N ILE C 254 -3.67 -2.04 11.43
CA ILE C 254 -3.79 -1.27 10.19
C ILE C 254 -2.63 -1.59 9.24
N GLN C 255 -1.44 -1.76 9.80
CA GLN C 255 -0.23 -1.92 9.00
C GLN C 255 -0.10 -3.34 8.48
N ASP C 256 -1.11 -4.17 8.76
CA ASP C 256 -1.18 -5.50 8.17
C ASP C 256 -2.02 -5.50 6.90
N GLU C 257 -2.60 -4.35 6.58
CA GLU C 257 -3.39 -4.21 5.36
C GLU C 257 -2.51 -4.28 4.12
N GLY C 258 -3.02 -4.94 3.08
CA GLY C 258 -2.30 -5.02 1.82
C GLY C 258 -2.70 -6.27 1.05
N THR C 259 -1.95 -6.58 -0.01
CA THR C 259 -2.27 -7.71 -0.87
C THR C 259 -1.50 -8.95 -0.46
N TYR C 260 -2.21 -10.06 -0.29
CA TYR C 260 -1.59 -11.34 0.05
C TYR C 260 -1.68 -12.32 -1.12
N ILE C 261 -0.61 -13.08 -1.33
CA ILE C 261 -0.57 -14.07 -2.39
C ILE C 261 -0.14 -15.43 -1.87
N CYS C 262 -0.87 -16.47 -2.26
CA CYS C 262 -0.48 -17.84 -1.95
C CYS C 262 0.00 -18.57 -3.20
N GLN C 263 1.25 -19.02 -3.17
CA GLN C 263 1.87 -19.63 -4.34
C GLN C 263 2.10 -21.13 -4.12
N ILE C 264 1.47 -21.94 -4.95
CA ILE C 264 1.57 -23.39 -4.84
C ILE C 264 2.45 -23.98 -5.93
N THR C 265 3.49 -24.70 -5.52
CA THR C 265 4.44 -25.28 -6.46
C THR C 265 4.32 -26.79 -6.52
N THR C 266 4.12 -27.32 -7.72
CA THR C 266 4.03 -28.76 -7.92
C THR C 266 5.29 -29.32 -8.57
N SER C 267 5.30 -30.62 -8.83
CA SER C 267 6.42 -31.25 -9.51
C SER C 267 6.96 -30.37 -10.63
N LEU C 268 6.04 -29.80 -11.42
CA LEU C 268 6.41 -29.17 -12.68
C LEU C 268 5.92 -27.72 -12.73
N TYR C 269 4.70 -27.50 -12.27
CA TYR C 269 3.95 -26.30 -12.62
C TYR C 269 3.50 -25.54 -11.38
N ARG C 270 3.24 -24.25 -11.55
CA ARG C 270 2.93 -23.38 -10.41
C ARG C 270 1.67 -22.57 -10.67
N ALA C 271 0.89 -22.36 -9.62
CA ALA C 271 -0.27 -21.46 -9.69
C ALA C 271 -0.52 -20.78 -8.35
N GLN C 272 -1.21 -19.64 -8.40
CA GLN C 272 -1.37 -18.79 -7.23
C GLN C 272 -2.68 -18.03 -7.28
N GLN C 273 -3.12 -17.54 -6.13
CA GLN C 273 -4.24 -16.61 -6.06
C GLN C 273 -3.87 -15.33 -5.33
N ILE C 274 -4.47 -14.22 -5.74
CA ILE C 274 -4.15 -12.92 -5.16
C ILE C 274 -5.37 -12.30 -4.48
N ILE C 275 -5.26 -12.05 -3.19
CA ILE C 275 -6.38 -11.54 -2.41
C ILE C 275 -6.02 -10.25 -1.70
N GLN C 276 -6.88 -9.24 -1.85
CA GLN C 276 -6.70 -7.97 -1.14
C GLN C 276 -7.36 -8.00 0.24
N LEU C 277 -6.57 -7.76 1.28
CA LEU C 277 -7.08 -7.76 2.63
C LEU C 277 -7.30 -6.34 3.14
N ASN C 278 -8.55 -5.98 3.36
CA ASN C 278 -8.91 -4.65 3.86
C ASN C 278 -9.18 -4.69 5.37
N ILE C 279 -8.79 -3.63 6.06
CA ILE C 279 -9.03 -3.51 7.49
C ILE C 279 -9.81 -2.26 7.81
N GLN C 280 -10.97 -2.44 8.45
CA GLN C 280 -11.83 -1.33 8.82
C GLN C 280 -11.35 -0.68 10.12
N ALA C 281 -11.32 0.65 10.13
CA ALA C 281 -10.89 1.39 11.31
C ALA C 281 -12.05 1.59 12.28
N SER C 282 -11.76 2.24 13.41
CA SER C 282 -12.78 2.50 14.42
C SER C 282 -12.57 3.85 15.08
N PRO C 283 -12.90 4.92 14.36
CA PRO C 283 -12.68 6.28 14.85
C PRO C 283 -13.44 6.52 16.15
N LYS C 284 -12.86 7.33 17.03
CA LYS C 284 -13.56 7.80 18.22
C LYS C 284 -13.38 9.31 18.39
N VAL C 285 -14.37 9.94 19.02
CA VAL C 285 -14.42 11.40 19.09
C VAL C 285 -14.70 11.88 20.50
N ARG C 286 -13.92 12.85 20.96
CA ARG C 286 -14.19 13.52 22.22
C ARG C 286 -14.05 15.03 22.09
N LEU C 287 -14.90 15.77 22.80
CA LEU C 287 -14.93 17.22 22.69
C LEU C 287 -15.02 17.88 24.05
N SER C 288 -14.12 18.82 24.31
CA SER C 288 -14.15 19.59 25.54
C SER C 288 -13.95 21.08 25.28
N LEU C 289 -14.54 21.92 26.12
CA LEU C 289 -14.21 23.34 26.16
C LEU C 289 -12.80 23.56 26.70
N ALA C 290 -11.99 24.29 25.94
CA ALA C 290 -10.60 24.52 26.30
C ALA C 290 -10.49 25.40 27.54
N ASN C 291 -9.49 25.12 28.37
CA ASN C 291 -9.19 25.97 29.52
C ASN C 291 -7.95 26.81 29.27
N GLU C 292 -7.86 27.95 29.95
CA GLU C 292 -6.66 28.78 29.92
C GLU C 292 -6.27 29.12 28.49
N ALA C 293 -7.26 29.43 27.66
CA ALA C 293 -7.01 29.86 26.29
C ALA C 293 -7.00 31.37 26.17
N LEU C 294 -6.23 31.87 25.22
CA LEU C 294 -6.25 33.29 24.88
C LEU C 294 -7.63 33.73 24.42
N LEU C 295 -8.17 33.02 23.44
CA LEU C 295 -9.54 33.24 23.00
C LEU C 295 -10.41 32.01 23.27
N PRO C 296 -11.71 32.23 23.41
CA PRO C 296 -12.66 31.14 23.56
C PRO C 296 -12.42 30.06 22.50
N THR C 297 -12.00 28.88 22.95
CA THR C 297 -11.55 27.82 22.04
C THR C 297 -12.20 26.49 22.39
N LEU C 298 -12.55 25.72 21.36
CA LEU C 298 -12.94 24.33 21.54
C LEU C 298 -11.91 23.38 20.95
N ILE C 299 -11.69 22.26 21.63
CA ILE C 299 -10.74 21.27 21.16
C ILE C 299 -11.38 19.89 21.08
N CYS C 300 -11.29 19.27 19.91
CA CYS C 300 -11.84 17.93 19.71
C CYS C 300 -10.75 16.94 19.32
N ASP C 301 -10.72 15.79 20.00
CA ASP C 301 -9.75 14.74 19.70
C ASP C 301 -10.37 13.65 18.83
N ILE C 302 -9.78 13.43 17.66
CA ILE C 302 -10.24 12.38 16.76
C ILE C 302 -9.17 11.32 16.55
N ALA C 303 -9.48 10.09 16.96
CA ALA C 303 -8.47 9.04 17.02
C ALA C 303 -8.99 7.73 16.46
N GLY C 304 -8.09 6.92 15.92
CA GLY C 304 -8.41 5.52 15.61
C GLY C 304 -8.92 5.40 14.18
N TYR C 305 -8.51 6.33 13.32
CA TYR C 305 -9.00 6.37 11.95
C TYR C 305 -7.92 5.93 10.96
N TYR C 306 -8.36 5.36 9.85
CA TYR C 306 -7.45 5.08 8.73
C TYR C 306 -8.23 4.69 7.47
N PRO C 307 -7.89 5.31 6.36
CA PRO C 307 -6.68 6.13 6.27
C PRO C 307 -6.96 7.57 6.69
N LEU C 308 -6.07 8.47 6.31
CA LEU C 308 -5.97 9.77 6.95
C LEU C 308 -6.80 10.82 6.22
N ASP C 309 -6.69 12.07 6.65
CA ASP C 309 -7.52 13.14 6.13
C ASP C 309 -8.98 12.95 6.53
N VAL C 310 -9.20 12.53 7.77
CA VAL C 310 -10.54 12.41 8.32
C VAL C 310 -11.27 13.75 8.28
N VAL C 311 -12.54 13.71 7.89
CA VAL C 311 -13.32 14.93 7.72
C VAL C 311 -14.01 15.34 9.01
N VAL C 312 -13.79 16.58 9.43
CA VAL C 312 -14.37 17.09 10.66
C VAL C 312 -15.17 18.37 10.41
N THR C 313 -16.40 18.40 10.90
CA THR C 313 -17.29 19.53 10.68
C THR C 313 -17.79 20.10 12.01
N TRP C 314 -17.75 21.42 12.14
CA TRP C 314 -18.26 22.09 13.33
C TRP C 314 -19.55 22.83 13.02
N THR C 315 -20.47 22.81 13.98
CA THR C 315 -21.70 23.58 13.88
C THR C 315 -21.95 24.38 15.16
N ARG C 316 -22.80 25.39 15.06
CA ARG C 316 -23.10 26.26 16.19
C ARG C 316 -24.61 26.41 16.40
N GLU C 317 -25.03 26.36 17.65
CA GLU C 317 -26.42 26.59 18.00
C GLU C 317 -26.55 27.47 19.24
N GLU C 318 -27.19 28.62 19.09
CA GLU C 318 -27.24 29.62 20.15
C GLU C 318 -28.57 29.60 20.88
N LEU C 319 -28.56 29.13 22.12
CA LEU C 319 -29.74 29.19 22.97
C LEU C 319 -30.93 28.48 22.33
N GLY C 320 -30.64 27.45 21.54
CA GLY C 320 -31.66 26.62 20.94
C GLY C 320 -32.24 27.28 19.70
N GLY C 321 -31.63 28.37 19.27
CA GLY C 321 -32.07 29.09 18.07
C GLY C 321 -31.58 28.40 16.81
N SER C 322 -31.81 29.05 15.67
CA SER C 322 -31.46 28.47 14.38
C SER C 322 -29.98 28.13 14.31
N PRO C 323 -29.68 26.87 14.02
CA PRO C 323 -28.30 26.41 13.94
C PRO C 323 -27.65 26.83 12.63
N ALA C 324 -26.33 26.80 12.60
CA ALA C 324 -25.58 26.99 11.35
C ALA C 324 -24.24 26.28 11.38
N GLN C 325 -23.74 25.91 10.21
CA GLN C 325 -22.39 25.38 10.10
C GLN C 325 -21.35 26.49 10.18
N VAL C 326 -20.25 26.22 10.88
CA VAL C 326 -19.19 27.20 11.04
C VAL C 326 -17.86 26.66 10.50
N SER C 327 -16.91 27.57 10.31
CA SER C 327 -15.60 27.20 9.78
C SER C 327 -14.48 27.97 10.47
N GLY C 328 -13.30 27.94 9.86
CA GLY C 328 -12.12 28.55 10.46
C GLY C 328 -11.39 27.56 11.37
N ALA C 329 -11.85 26.32 11.37
CA ALA C 329 -11.25 25.28 12.20
C ALA C 329 -9.93 24.79 11.60
N SER C 330 -9.05 24.27 12.45
CA SER C 330 -7.78 23.74 12.00
C SER C 330 -7.39 22.50 12.79
N PHE C 331 -6.39 21.77 12.29
CA PHE C 331 -5.97 20.52 12.91
C PHE C 331 -4.63 20.68 13.61
N SER C 332 -4.30 19.72 14.47
CA SER C 332 -3.00 19.70 15.12
C SER C 332 -2.68 18.32 15.67
N SER C 333 -1.40 18.06 15.93
CA SER C 333 -1.00 16.89 16.70
C SER C 333 -1.34 15.60 15.98
N LEU C 334 -0.88 15.47 14.74
CA LEU C 334 -0.96 14.21 14.02
C LEU C 334 0.09 13.22 14.52
N ARG C 335 -0.35 12.03 14.88
CA ARG C 335 0.54 11.01 15.42
C ARG C 335 -0.04 9.62 15.22
N GLN C 336 0.80 8.60 15.44
CA GLN C 336 0.38 7.21 15.28
C GLN C 336 -0.04 6.62 16.62
N SER C 337 -0.94 5.64 16.57
CA SER C 337 -1.24 4.82 17.73
C SER C 337 -0.64 3.43 17.61
N VAL C 338 -0.78 2.62 18.65
CA VAL C 338 -0.20 1.29 18.67
C VAL C 338 -0.96 0.35 17.74
N ALA C 339 -2.17 0.74 17.36
CA ALA C 339 -3.03 -0.10 16.55
C ALA C 339 -2.73 0.07 15.06
N GLY C 340 -1.81 0.98 14.75
CA GLY C 340 -1.49 1.30 13.36
C GLY C 340 -2.36 2.43 12.84
N THR C 341 -3.34 2.84 13.65
CA THR C 341 -4.21 3.95 13.30
C THR C 341 -3.53 5.29 13.58
N TYR C 342 -4.15 6.37 13.12
CA TYR C 342 -3.65 7.71 13.39
C TYR C 342 -4.59 8.47 14.32
N SER C 343 -4.05 9.45 15.02
CA SER C 343 -4.87 10.40 15.78
C SER C 343 -4.54 11.83 15.41
N ILE C 344 -5.55 12.70 15.50
CA ILE C 344 -5.35 14.13 15.27
C ILE C 344 -6.41 14.95 15.97
N SER C 345 -6.04 16.17 16.37
CA SER C 345 -6.97 17.07 17.05
C SER C 345 -7.51 18.13 16.10
N SER C 346 -8.73 18.58 16.36
CA SER C 346 -9.28 19.74 15.65
C SER C 346 -9.78 20.79 16.63
N SER C 347 -9.54 22.06 16.30
CA SER C 347 -9.91 23.16 17.18
C SER C 347 -10.34 24.38 16.39
N LEU C 348 -11.09 25.26 17.03
CA LEU C 348 -11.49 26.53 16.42
C LEU C 348 -11.84 27.57 17.48
N THR C 349 -11.88 28.83 17.08
CA THR C 349 -12.38 29.89 17.94
C THR C 349 -13.90 29.89 18.00
N ALA C 350 -14.44 29.87 19.22
CA ALA C 350 -15.87 29.77 19.41
C ALA C 350 -16.48 31.13 19.76
N GLU C 351 -17.74 31.32 19.37
CA GLU C 351 -18.45 32.55 19.69
C GLU C 351 -19.57 32.31 20.69
N PRO C 352 -19.30 32.60 21.96
CA PRO C 352 -20.29 32.39 23.02
C PRO C 352 -21.28 33.54 23.07
N GLY C 353 -20.98 34.61 22.32
CA GLY C 353 -21.76 35.84 22.41
C GLY C 353 -21.74 36.40 23.83
N SER C 354 -22.92 36.66 24.38
CA SER C 354 -23.03 37.19 25.73
C SER C 354 -23.72 36.19 26.66
N ALA C 355 -24.39 35.21 26.06
CA ALA C 355 -25.22 34.28 26.83
C ALA C 355 -24.61 32.89 26.84
N GLY C 356 -23.70 32.63 25.91
CA GLY C 356 -23.15 31.29 25.71
C GLY C 356 -23.80 30.61 24.51
N ALA C 357 -23.17 29.53 24.05
CA ALA C 357 -23.64 28.82 22.87
C ALA C 357 -23.30 27.34 22.94
N THR C 358 -23.99 26.53 22.15
CA THR C 358 -23.69 25.11 22.04
C THR C 358 -23.00 24.80 20.72
N TYR C 359 -21.89 24.06 20.79
CA TYR C 359 -21.19 23.62 19.60
C TYR C 359 -21.27 22.11 19.45
N THR C 360 -21.30 21.64 18.20
CA THR C 360 -21.22 20.21 17.91
C THR C 360 -20.11 19.92 16.90
N CYS C 361 -19.31 18.90 17.19
CA CYS C 361 -18.26 18.46 16.28
C CYS C 361 -18.57 17.09 15.70
N GLN C 362 -18.81 17.05 14.39
CA GLN C 362 -19.09 15.79 13.71
C GLN C 362 -17.88 15.30 12.94
N VAL C 363 -17.73 13.98 12.86
CA VAL C 363 -16.62 13.38 12.13
C VAL C 363 -17.12 12.38 11.09
N THR C 364 -16.62 12.51 9.86
CA THR C 364 -17.03 11.63 8.78
C THR C 364 -15.85 10.81 8.27
N HIS C 365 -16.07 9.51 8.09
CA HIS C 365 -15.01 8.60 7.66
C HIS C 365 -15.58 7.34 7.04
N ILE C 366 -14.83 6.76 6.10
CA ILE C 366 -15.31 5.62 5.34
C ILE C 366 -15.58 4.43 6.25
N SER C 367 -14.92 4.40 7.41
CA SER C 367 -15.06 3.29 8.35
C SER C 367 -16.23 3.52 9.29
N LEU C 368 -16.89 4.67 9.15
CA LEU C 368 -18.03 5.01 9.99
C LEU C 368 -19.34 4.83 9.23
N GLU C 369 -20.12 3.83 9.64
CA GLU C 369 -21.42 3.59 9.04
C GLU C 369 -22.52 4.35 9.77
N GLU C 370 -22.17 4.96 10.89
CA GLU C 370 -23.13 5.68 11.71
C GLU C 370 -22.60 7.05 12.11
N PRO C 371 -23.52 7.99 12.35
CA PRO C 371 -23.14 9.32 12.81
C PRO C 371 -22.25 9.24 14.05
N LEU C 372 -21.24 10.10 14.09
CA LEU C 372 -20.30 10.12 15.21
C LEU C 372 -19.79 11.54 15.47
N GLY C 373 -19.88 11.97 16.72
CA GLY C 373 -19.45 13.32 17.10
C GLY C 373 -19.72 13.59 18.57
N ALA C 374 -19.50 14.84 18.98
CA ALA C 374 -19.69 15.22 20.37
C ALA C 374 -20.11 16.69 20.49
N SER C 375 -20.72 17.04 21.60
CA SER C 375 -21.19 18.40 21.83
C SER C 375 -20.65 18.96 23.14
N THR C 376 -20.54 20.28 23.22
CA THR C 376 -20.20 20.94 24.47
C THR C 376 -20.68 22.40 24.47
N GLN C 377 -20.86 22.95 25.65
CA GLN C 377 -21.22 24.36 25.79
C GLN C 377 -19.98 25.25 25.86
N VAL C 378 -20.07 26.43 25.26
CA VAL C 378 -19.06 27.45 25.45
C VAL C 378 -19.66 28.71 26.07
N VAL C 379 -18.95 29.29 27.02
CA VAL C 379 -19.43 30.47 27.74
C VAL C 379 -18.42 31.61 27.66
N PRO C 380 -18.90 32.84 27.83
CA PRO C 380 -18.04 34.01 27.84
C PRO C 380 -16.93 33.85 28.88
N PRO C 381 -15.78 34.46 28.60
CA PRO C 381 -14.64 34.39 29.50
C PRO C 381 -14.94 35.10 30.82
N GLU C 382 -15.94 35.97 30.81
CA GLU C 382 -16.34 36.71 32.00
C GLU C 382 -17.38 35.92 32.79
N ARG C 383 -17.78 34.77 32.27
CA ARG C 383 -18.81 33.95 32.91
C ARG C 383 -18.39 32.49 32.97
N ARG C 384 -17.09 32.26 33.10
CA ARG C 384 -16.54 30.91 33.06
C ARG C 384 -15.93 30.51 34.41
C4 30W D . 21.71 7.15 -12.32
C6 30W D . 24.70 9.13 -11.61
C11 30W D . 21.64 2.38 -15.17
C7 30W D . 25.71 8.16 -11.79
C9 30W D . 25.06 10.50 -11.25
C10 30W D . 22.60 3.22 -14.36
N1 30W D . 23.76 5.34 -12.63
N2 30W D . 22.23 3.69 -13.15
N3 30W D . 21.48 5.86 -12.66
O10 30W D . 23.71 3.47 -14.80
C2 30W D . 22.51 5.00 -12.81
C8A 30W D . 24.12 6.58 -12.29
N8 30W D . 25.40 6.92 -12.11
N5 30W D . 23.43 8.80 -11.78
C4A 30W D . 23.11 7.56 -12.12
O4 30W D . 20.79 7.94 -12.19
H1 30W D . 20.60 2.69 -14.93
H2 30W D . 21.77 1.31 -14.90
H3 30W D . 21.83 2.54 -16.25
H4 30W D . 26.74 8.50 -11.63
O9 30W D . 24.56 11.44 -11.82
H5 30W D . 25.81 10.66 -10.43
H8 30W D . 21.75 3.13 -12.47
H9 30W D . 20.56 5.50 -12.81
N HIS A 4 21.30 1.81 5.81
CA HIS A 4 21.43 2.73 4.70
C HIS A 4 20.80 2.17 3.43
N SER A 5 20.51 3.04 2.47
CA SER A 5 19.95 2.61 1.20
C SER A 5 20.31 3.60 0.09
N LEU A 6 20.52 3.07 -1.12
CA LEU A 6 20.60 3.91 -2.31
C LEU A 6 19.36 3.75 -3.19
N ARG A 7 18.73 4.87 -3.52
CA ARG A 7 17.45 4.85 -4.20
C ARG A 7 17.46 5.76 -5.42
N TYR A 8 16.73 5.37 -6.46
CA TYR A 8 16.46 6.26 -7.59
C TYR A 8 14.97 6.30 -7.91
N PHE A 9 14.51 7.43 -8.42
CA PHE A 9 13.10 7.63 -8.71
C PHE A 9 12.90 8.44 -9.98
N ARG A 10 12.00 7.98 -10.84
CA ARG A 10 11.59 8.74 -12.01
C ARG A 10 10.07 8.76 -12.16
N LEU A 11 9.55 9.87 -12.70
CA LEU A 11 8.11 10.00 -12.92
C LEU A 11 7.83 10.70 -14.24
N GLY A 12 6.90 10.16 -15.02
CA GLY A 12 6.29 10.89 -16.13
C GLY A 12 4.78 10.97 -15.96
N VAL A 13 4.13 11.61 -16.91
CA VAL A 13 2.68 11.77 -16.88
C VAL A 13 2.09 11.85 -18.28
N SER A 14 0.94 11.20 -18.47
CA SER A 14 0.37 11.04 -19.80
C SER A 14 -0.12 12.36 -20.36
N ASP A 15 -0.39 13.32 -19.46
CA ASP A 15 -0.87 14.63 -19.87
C ASP A 15 -0.42 15.70 -18.89
N PRO A 16 0.73 16.31 -19.16
CA PRO A 16 1.33 17.27 -18.25
C PRO A 16 0.37 18.42 -17.96
N ILE A 17 0.33 18.84 -16.70
CA ILE A 17 -0.52 19.96 -16.29
C ILE A 17 0.31 21.20 -16.01
N HIS A 18 -0.16 22.34 -16.51
CA HIS A 18 0.54 23.60 -16.33
C HIS A 18 0.83 23.87 -14.85
N GLY A 19 2.07 24.23 -14.55
CA GLY A 19 2.47 24.49 -13.17
C GLY A 19 3.07 23.25 -12.52
N VAL A 20 2.93 22.12 -13.18
CA VAL A 20 3.45 20.86 -12.67
C VAL A 20 4.62 20.36 -13.52
N PRO A 21 5.70 19.99 -12.86
CA PRO A 21 6.88 19.47 -13.55
C PRO A 21 6.51 18.36 -14.51
N GLU A 22 7.05 18.43 -15.73
CA GLU A 22 6.71 17.46 -16.77
C GLU A 22 7.33 16.10 -16.47
N PHE A 23 8.51 16.11 -15.88
CA PHE A 23 9.28 14.89 -15.66
C PHE A 23 10.18 15.01 -14.44
N ILE A 24 10.25 13.95 -13.65
CA ILE A 24 11.11 13.91 -12.47
C ILE A 24 12.14 12.80 -12.59
N SER A 25 13.39 13.11 -12.22
CA SER A 25 14.41 12.09 -12.06
C SER A 25 15.39 12.47 -10.96
N VAL A 26 15.43 11.68 -9.90
CA VAL A 26 16.24 11.99 -8.73
C VAL A 26 17.00 10.77 -8.23
N GLY A 27 17.99 11.01 -7.38
CA GLY A 27 18.68 9.92 -6.68
C GLY A 27 19.08 10.33 -5.28
N TYR A 28 18.91 9.42 -4.33
CA TYR A 28 19.17 9.72 -2.93
C TYR A 28 19.98 8.62 -2.27
N VAL A 29 20.76 8.99 -1.26
CA VAL A 29 21.29 8.02 -0.30
C VAL A 29 20.73 8.26 1.09
N ASP A 30 19.96 7.30 1.59
CA ASP A 30 19.06 7.55 2.71
C ASP A 30 18.16 8.75 2.44
N SER A 31 18.30 9.78 3.26
CA SER A 31 17.51 10.99 3.12
C SER A 31 18.21 12.01 2.24
N HIS A 32 19.53 11.90 2.13
CA HIS A 32 20.35 12.93 1.51
C HIS A 32 20.40 12.74 0.00
N PRO A 33 20.18 13.83 -0.74
CA PRO A 33 20.28 13.82 -2.18
C PRO A 33 21.72 13.66 -2.65
N ILE A 34 21.89 13.03 -3.81
CA ILE A 34 23.20 12.98 -4.46
C ILE A 34 23.13 13.56 -5.87
N THR A 35 21.96 13.45 -6.49
CA THR A 35 21.77 13.91 -7.86
C THR A 35 20.36 14.45 -8.07
N THR A 36 20.23 15.40 -9.00
CA THR A 36 18.92 15.82 -9.47
C THR A 36 18.94 16.11 -10.97
N TYR A 37 17.84 15.81 -11.64
CA TYR A 37 17.67 16.17 -13.04
C TYR A 37 17.01 17.53 -13.19
N ASP A 38 17.61 18.41 -13.99
CA ASP A 38 17.03 19.71 -14.29
C ASP A 38 16.39 19.72 -15.67
N SER A 39 15.07 19.88 -15.70
CA SER A 39 14.32 19.81 -16.95
C SER A 39 14.48 21.08 -17.76
N VAL A 40 15.08 22.10 -17.14
CA VAL A 40 15.32 23.37 -17.81
C VAL A 40 16.56 23.31 -18.69
N THR A 41 17.68 22.89 -18.11
CA THR A 41 18.92 22.75 -18.85
C THR A 41 19.11 21.32 -19.35
N ARG A 42 18.19 20.44 -18.96
CA ARG A 42 18.16 19.08 -19.49
C ARG A 42 19.46 18.34 -19.18
N GLN A 43 19.86 18.38 -17.91
CA GLN A 43 21.05 17.66 -17.46
C GLN A 43 20.95 17.27 -16.00
N LYS A 44 21.71 16.26 -15.61
CA LYS A 44 21.85 15.91 -14.19
C LYS A 44 22.94 16.73 -13.52
N GLU A 45 22.68 17.17 -12.29
CA GLU A 45 23.63 17.96 -11.54
C GLU A 45 23.85 17.40 -10.14
N PRO A 46 25.04 17.62 -9.59
CA PRO A 46 25.34 17.22 -8.22
C PRO A 46 24.36 17.85 -7.23
N ARG A 47 24.09 17.14 -6.15
CA ARG A 47 23.39 17.71 -5.01
C ARG A 47 24.24 17.68 -3.74
N ALA A 48 25.53 17.40 -3.92
CA ALA A 48 26.46 17.35 -2.80
C ALA A 48 27.89 17.63 -3.25
N PRO A 49 28.65 18.29 -2.39
CA PRO A 49 30.06 18.57 -2.68
C PRO A 49 30.79 17.30 -3.12
N TRP A 50 30.72 16.26 -2.29
CA TRP A 50 31.56 15.08 -2.48
C TRP A 50 31.17 14.33 -3.75
N MET A 51 29.93 14.55 -4.20
CA MET A 51 29.47 13.98 -5.46
C MET A 51 30.13 14.67 -6.65
N ALA A 52 30.20 15.98 -6.60
CA ALA A 52 30.85 16.76 -7.65
C ALA A 52 32.32 16.39 -7.79
N GLU A 53 32.96 16.09 -6.65
CA GLU A 53 34.39 15.82 -6.62
C GLU A 53 34.71 14.41 -7.10
N ASN A 54 33.99 13.43 -6.55
CA ASN A 54 34.34 12.03 -6.72
C ASN A 54 33.81 11.48 -8.03
N LEU A 55 32.61 11.92 -8.40
CA LEU A 55 31.91 11.35 -9.55
C LEU A 55 32.25 12.11 -10.83
N ALA A 56 32.98 11.45 -11.72
CA ALA A 56 33.62 12.14 -12.83
C ALA A 56 32.59 12.77 -13.77
N PRO A 57 32.93 13.94 -14.30
CA PRO A 57 32.10 14.59 -15.31
C PRO A 57 31.70 13.61 -16.41
N ASP A 58 32.60 12.68 -16.71
CA ASP A 58 32.35 11.69 -17.76
C ASP A 58 31.08 10.90 -17.48
N HIS A 59 30.85 10.59 -16.20
CA HIS A 59 29.68 9.84 -15.79
C HIS A 59 28.41 10.70 -15.84
N TRP A 60 28.55 11.95 -15.41
CA TRP A 60 27.44 12.89 -15.42
C TRP A 60 26.88 13.08 -16.82
N GLU A 61 27.77 13.24 -17.78
CA GLU A 61 27.36 13.45 -19.17
C GLU A 61 26.66 12.22 -19.74
N ARG A 62 27.28 11.05 -19.54
CA ARG A 62 26.82 9.83 -20.19
C ARG A 62 25.46 9.40 -19.64
N TYR A 63 25.30 9.50 -18.33
CA TYR A 63 24.10 9.01 -17.67
C TYR A 63 22.97 10.03 -17.73
N THR A 64 23.33 11.26 -18.08
CA THR A 64 22.35 12.25 -18.54
C THR A 64 21.75 11.83 -19.88
N GLN A 65 22.60 11.38 -20.78
CA GLN A 65 22.16 10.87 -22.08
C GLN A 65 21.26 9.65 -21.92
N LEU A 66 21.65 8.76 -21.01
CA LEU A 66 20.87 7.56 -20.74
C LEU A 66 19.55 7.90 -20.08
N LEU A 67 19.57 8.90 -19.19
CA LEU A 67 18.35 9.42 -18.59
C LEU A 67 17.31 9.77 -19.66
N ARG A 68 17.77 10.43 -20.72
CA ARG A 68 16.89 10.80 -21.83
C ARG A 68 16.33 9.57 -22.51
N GLY A 69 17.11 8.49 -22.53
CA GLY A 69 16.62 7.19 -22.96
C GLY A 69 15.49 6.70 -22.07
N TRP A 70 15.61 6.95 -20.77
CA TRP A 70 14.60 6.53 -19.81
C TRP A 70 13.33 7.37 -19.96
N GLN A 71 13.50 8.62 -20.36
CA GLN A 71 12.36 9.48 -20.66
C GLN A 71 11.52 8.92 -21.81
N GLN A 72 12.20 8.37 -22.81
CA GLN A 72 11.52 7.73 -23.93
C GLN A 72 10.73 6.52 -23.47
N MET A 73 11.30 5.77 -22.54
CA MET A 73 10.62 4.61 -21.96
C MET A 73 9.26 5.00 -21.39
N PHE A 74 9.25 6.08 -20.61
CA PHE A 74 8.02 6.55 -19.97
C PHE A 74 6.97 6.94 -20.99
N LYS A 75 7.41 7.62 -22.05
CA LYS A 75 6.50 8.03 -23.13
C LYS A 75 5.81 6.84 -23.75
N VAL A 76 6.56 5.75 -23.94
CA VAL A 76 5.99 4.53 -24.50
C VAL A 76 5.00 3.88 -23.54
N GLU A 77 5.41 3.73 -22.29
CA GLU A 77 4.60 3.06 -21.29
C GLU A 77 3.31 3.84 -21.02
N LEU A 78 3.42 5.16 -21.02
CA LEU A 78 2.26 6.02 -20.83
C LEU A 78 1.22 5.80 -21.92
N LYS A 79 1.69 5.70 -23.16
CA LYS A 79 0.81 5.42 -24.29
C LYS A 79 0.17 4.05 -24.17
N ARG A 80 0.96 3.07 -23.71
CA ARG A 80 0.45 1.72 -23.52
C ARG A 80 -0.70 1.71 -22.51
N LEU A 81 -0.46 2.28 -21.34
CA LEU A 81 -1.34 2.08 -20.19
C LEU A 81 -2.53 3.02 -20.25
N GLN A 82 -2.34 4.19 -20.85
CA GLN A 82 -3.42 5.17 -20.98
C GLN A 82 -4.69 4.53 -21.51
N ARG A 83 -4.54 3.68 -22.52
CA ARG A 83 -5.68 3.01 -23.13
C ARG A 83 -6.01 1.71 -22.41
N HIS A 84 -4.99 1.04 -21.90
CA HIS A 84 -5.15 -0.25 -21.24
C HIS A 84 -6.01 -0.13 -19.99
N TYR A 85 -5.93 1.03 -19.34
CA TYR A 85 -6.74 1.30 -18.15
C TYR A 85 -8.03 2.02 -18.52
N ASN A 86 -8.29 2.14 -19.82
CA ASN A 86 -9.47 2.85 -20.30
C ASN A 86 -9.53 4.27 -19.73
N HIS A 87 -8.41 4.97 -19.78
CA HIS A 87 -8.33 6.32 -19.22
C HIS A 87 -8.33 7.37 -20.33
N SER A 88 -8.80 8.57 -19.99
CA SER A 88 -8.76 9.68 -20.92
C SER A 88 -8.30 10.96 -20.23
N GLY A 89 -7.87 10.83 -18.99
CA GLY A 89 -7.46 11.97 -18.18
C GLY A 89 -5.95 11.99 -17.99
N SER A 90 -5.49 12.81 -17.04
CA SER A 90 -4.07 12.94 -16.75
C SER A 90 -3.65 12.01 -15.62
N HIS A 91 -2.83 11.02 -15.95
CA HIS A 91 -2.43 10.01 -14.98
C HIS A 91 -0.91 9.80 -15.00
N THR A 92 -0.33 9.57 -13.82
CA THR A 92 1.10 9.48 -13.68
C THR A 92 1.60 8.06 -13.91
N TYR A 93 2.85 7.93 -14.36
CA TYR A 93 3.53 6.64 -14.36
C TYR A 93 4.97 6.77 -13.89
N GLN A 94 5.32 6.01 -12.87
CA GLN A 94 6.54 6.26 -12.10
C GLN A 94 7.34 4.98 -11.89
N ARG A 95 8.64 5.13 -11.66
CA ARG A 95 9.52 3.98 -11.51
C ARG A 95 10.44 4.16 -10.30
N MET A 96 10.51 3.13 -9.46
CA MET A 96 11.30 3.19 -8.24
C MET A 96 12.25 2.01 -8.13
N ILE A 97 13.52 2.29 -7.86
CA ILE A 97 14.49 1.25 -7.54
C ILE A 97 15.34 1.64 -6.33
N GLY A 98 16.09 0.69 -5.80
CA GLY A 98 17.18 0.99 -4.88
C GLY A 98 17.76 -0.29 -4.28
N CYS A 99 18.71 -0.12 -3.36
CA CYS A 99 19.33 -1.26 -2.70
C CYS A 99 19.58 -0.96 -1.22
N GLU A 100 19.76 -2.01 -0.43
CA GLU A 100 19.91 -1.87 1.02
C GLU A 100 21.05 -2.72 1.54
N LEU A 101 21.69 -2.25 2.61
CA LEU A 101 22.66 -3.05 3.33
C LEU A 101 22.05 -3.67 4.58
N LEU A 102 22.08 -5.00 4.65
CA LEU A 102 21.40 -5.73 5.71
C LEU A 102 22.34 -6.02 6.88
N GLU A 103 21.77 -6.24 8.05
CA GLU A 103 22.54 -6.26 9.29
C GLU A 103 23.57 -7.38 9.27
N ASP A 104 23.23 -8.49 8.62
CA ASP A 104 24.07 -9.68 8.64
C ASP A 104 25.16 -9.59 7.58
N GLY A 105 25.27 -8.43 6.94
CA GLY A 105 26.38 -8.18 6.02
C GLY A 105 25.97 -8.43 4.58
N SER A 106 24.82 -9.06 4.40
CA SER A 106 24.30 -9.36 3.07
C SER A 106 23.62 -8.14 2.47
N THR A 107 23.22 -8.26 1.20
CA THR A 107 22.62 -7.14 0.48
C THR A 107 21.28 -7.55 -0.12
N THR A 108 20.45 -6.54 -0.43
CA THR A 108 19.22 -6.77 -1.17
C THR A 108 18.84 -5.55 -2.01
N GLY A 109 17.66 -5.60 -2.60
CA GLY A 109 17.20 -4.54 -3.49
C GLY A 109 15.78 -4.79 -3.99
N PHE A 110 15.24 -3.83 -4.74
CA PHE A 110 13.84 -3.88 -5.15
C PHE A 110 13.63 -3.13 -6.45
N LEU A 111 12.59 -3.53 -7.19
CA LEU A 111 12.12 -2.76 -8.33
C LEU A 111 10.61 -2.76 -8.42
N GLN A 112 10.02 -1.57 -8.59
CA GLN A 112 8.59 -1.44 -8.75
C GLN A 112 8.24 -0.29 -9.69
N TYR A 113 7.20 -0.48 -10.50
CA TYR A 113 6.51 0.64 -11.14
C TYR A 113 5.17 0.91 -10.48
N ALA A 114 4.56 2.04 -10.83
CA ALA A 114 3.19 2.33 -10.41
C ALA A 114 2.46 3.16 -11.46
N TYR A 115 1.17 2.92 -11.61
CA TYR A 115 0.33 3.71 -12.51
C TYR A 115 -0.93 4.18 -11.82
N ASP A 116 -1.15 5.50 -11.82
CA ASP A 116 -2.29 6.09 -11.14
C ASP A 116 -2.31 5.70 -9.66
N GLY A 117 -1.12 5.54 -9.09
CA GLY A 117 -1.00 5.26 -7.65
C GLY A 117 -1.13 3.78 -7.38
N GLN A 118 -1.37 2.99 -8.42
CA GLN A 118 -1.57 1.56 -8.28
C GLN A 118 -0.30 0.78 -8.56
N ASP A 119 -0.12 -0.32 -7.84
CA ASP A 119 1.06 -1.16 -8.02
C ASP A 119 1.16 -1.69 -9.44
N PHE A 120 2.35 -1.65 -10.01
CA PHE A 120 2.57 -2.09 -11.37
C PHE A 120 3.99 -2.64 -11.56
N LEU A 121 4.09 -3.82 -12.18
CA LEU A 121 5.38 -4.44 -12.42
C LEU A 121 6.20 -4.54 -11.15
N ILE A 122 5.75 -5.39 -10.23
CA ILE A 122 6.53 -5.74 -9.05
C ILE A 122 7.46 -6.91 -9.35
N PHE A 123 8.77 -6.68 -9.23
CA PHE A 123 9.76 -7.63 -9.69
C PHE A 123 10.13 -8.62 -8.58
N ASN A 124 10.07 -9.90 -8.91
CA ASN A 124 10.53 -10.94 -7.99
C ASN A 124 11.63 -11.79 -8.61
N LYS A 125 12.89 -11.44 -8.34
CA LYS A 125 14.02 -12.05 -8.99
C LYS A 125 14.12 -13.53 -8.68
N ASP A 126 13.48 -13.94 -7.60
CA ASP A 126 13.51 -15.33 -7.15
C ASP A 126 13.04 -16.27 -8.26
N THR A 127 12.05 -15.82 -9.02
CA THR A 127 11.43 -16.66 -10.05
C THR A 127 11.27 -15.90 -11.36
N LEU A 128 11.77 -14.66 -11.39
CA LEU A 128 11.56 -13.77 -12.53
C LEU A 128 10.07 -13.56 -12.79
N SER A 129 9.32 -13.31 -11.72
CA SER A 129 7.89 -13.04 -11.84
C SER A 129 7.61 -11.55 -11.76
N TRP A 130 6.51 -11.13 -12.37
CA TRP A 130 6.05 -9.76 -12.27
C TRP A 130 4.58 -9.68 -11.86
N LEU A 131 4.30 -8.92 -10.81
CA LEU A 131 2.96 -8.84 -10.25
C LEU A 131 2.37 -7.45 -10.43
N ALA A 132 1.05 -7.36 -10.39
CA ALA A 132 0.37 -6.07 -10.28
C ALA A 132 -0.95 -6.22 -9.55
N VAL A 133 -1.41 -5.12 -8.94
CA VAL A 133 -2.61 -5.15 -8.10
C VAL A 133 -3.87 -5.14 -8.95
N ASP A 134 -3.80 -4.48 -10.11
CA ASP A 134 -4.96 -4.35 -10.98
C ASP A 134 -5.02 -5.49 -11.99
N ASN A 135 -6.10 -5.53 -12.76
CA ASN A 135 -6.32 -6.60 -13.72
C ASN A 135 -5.47 -6.41 -14.97
N VAL A 136 -4.15 -6.37 -14.77
CA VAL A 136 -3.23 -6.10 -15.87
C VAL A 136 -2.07 -7.08 -15.86
N ALA A 137 -2.03 -7.96 -14.86
CA ALA A 137 -0.90 -8.83 -14.64
C ALA A 137 -0.64 -9.72 -15.85
N HIS A 138 -1.72 -10.16 -16.50
CA HIS A 138 -1.62 -11.05 -17.64
C HIS A 138 -0.92 -10.38 -18.81
N THR A 139 -1.30 -9.13 -19.08
CA THR A 139 -0.63 -8.33 -20.10
C THR A 139 0.86 -8.22 -19.83
N ILE A 140 1.21 -8.01 -18.56
CA ILE A 140 2.60 -8.02 -18.13
C ILE A 140 3.24 -9.38 -18.38
N LYS A 141 2.69 -10.41 -17.75
CA LYS A 141 3.38 -11.68 -17.59
C LYS A 141 3.78 -12.26 -18.95
N GLN A 142 2.88 -12.16 -19.91
CA GLN A 142 3.07 -12.81 -21.20
C GLN A 142 4.36 -12.37 -21.87
N ALA A 143 4.73 -11.11 -21.64
CA ALA A 143 5.90 -10.53 -22.29
C ALA A 143 7.08 -10.46 -21.35
N TRP A 144 6.81 -10.07 -20.10
CA TRP A 144 7.87 -9.72 -19.15
C TRP A 144 8.50 -10.97 -18.56
N GLU A 145 7.70 -12.03 -18.42
CA GLU A 145 8.19 -13.29 -17.89
C GLU A 145 8.63 -14.22 -19.01
N ALA A 146 8.39 -13.80 -20.25
CA ALA A 146 8.87 -14.54 -21.42
C ALA A 146 10.32 -14.19 -21.74
N ASN A 147 10.65 -12.91 -21.58
CA ASN A 147 12.01 -12.44 -21.83
C ASN A 147 12.92 -12.75 -20.66
N GLN A 148 13.77 -13.77 -20.83
CA GLN A 148 14.51 -14.34 -19.71
C GLN A 148 15.73 -13.51 -19.37
N HIS A 149 15.98 -12.48 -20.18
CA HIS A 149 17.15 -11.63 -19.98
C HIS A 149 16.94 -10.65 -18.84
N GLU A 150 15.68 -10.40 -18.50
CA GLU A 150 15.35 -9.44 -17.45
C GLU A 150 15.92 -9.87 -16.11
N LEU A 151 15.93 -11.17 -15.86
CA LEU A 151 16.41 -11.71 -14.58
C LEU A 151 17.84 -11.30 -14.32
N LEU A 152 18.71 -11.55 -15.29
CA LEU A 152 20.13 -11.20 -15.16
C LEU A 152 20.33 -9.69 -15.13
N TYR A 153 19.68 -8.99 -16.06
CA TYR A 153 19.81 -7.54 -16.17
C TYR A 153 19.41 -6.87 -14.87
N GLN A 154 18.20 -7.18 -14.39
CA GLN A 154 17.65 -6.53 -13.21
C GLN A 154 18.46 -6.85 -11.97
N LYS A 155 18.95 -8.09 -11.89
CA LYS A 155 19.77 -8.52 -10.76
C LYS A 155 20.99 -7.64 -10.60
N ASN A 156 21.75 -7.48 -11.68
CA ASN A 156 22.97 -6.68 -11.66
C ASN A 156 22.64 -5.19 -11.56
N TRP A 157 21.62 -4.76 -12.30
CA TRP A 157 21.24 -3.37 -12.33
C TRP A 157 20.79 -2.88 -10.95
N LEU A 158 19.90 -3.65 -10.32
CA LEU A 158 19.19 -3.20 -9.13
C LEU A 158 20.05 -3.35 -7.89
N GLU A 159 20.68 -4.51 -7.75
CA GLU A 159 21.41 -4.85 -6.53
C GLU A 159 22.90 -4.59 -6.69
N GLU A 160 23.53 -5.33 -7.58
CA GLU A 160 24.99 -5.44 -7.61
C GLU A 160 25.64 -4.09 -7.81
N GLU A 161 25.27 -3.42 -8.91
CA GLU A 161 25.88 -2.15 -9.28
C GLU A 161 25.53 -1.05 -8.27
N CYS A 162 24.29 -1.08 -7.79
CA CYS A 162 23.79 -0.05 -6.90
C CYS A 162 24.46 -0.13 -5.53
N ILE A 163 24.69 -1.35 -5.06
CA ILE A 163 25.38 -1.57 -3.80
C ILE A 163 26.79 -0.98 -3.83
N ALA A 164 27.47 -1.19 -4.95
CA ALA A 164 28.80 -0.61 -5.15
C ALA A 164 28.77 0.91 -5.02
N TRP A 165 27.76 1.53 -5.63
CA TRP A 165 27.60 2.97 -5.56
C TRP A 165 27.23 3.42 -4.15
N LEU A 166 26.35 2.66 -3.51
CA LEU A 166 25.89 2.99 -2.16
C LEU A 166 27.05 3.06 -1.19
N LYS A 167 27.87 2.01 -1.17
CA LYS A 167 29.02 1.94 -0.27
C LYS A 167 29.99 3.09 -0.53
N ARG A 168 30.23 3.38 -1.81
CA ARG A 168 31.11 4.47 -2.19
C ARG A 168 30.56 5.81 -1.72
N PHE A 169 29.27 6.02 -1.94
CA PHE A 169 28.63 7.29 -1.58
C PHE A 169 28.68 7.53 -0.09
N LEU A 170 28.47 6.47 0.69
CA LEU A 170 28.54 6.55 2.14
C LEU A 170 29.92 6.93 2.62
N GLU A 171 30.95 6.36 1.98
CA GLU A 171 32.33 6.70 2.27
C GLU A 171 32.63 8.15 1.92
N TYR A 172 32.04 8.63 0.83
CA TYR A 172 32.27 9.98 0.35
C TYR A 172 31.60 11.00 1.26
N GLY A 173 30.34 10.75 1.61
CA GLY A 173 29.57 11.69 2.42
C GLY A 173 29.86 11.51 3.90
N LYS A 174 31.13 11.56 4.26
CA LYS A 174 31.56 11.27 5.62
C LYS A 174 30.90 12.21 6.62
N ASP A 175 30.61 13.42 6.16
CA ASP A 175 30.13 14.48 7.05
C ASP A 175 28.72 14.17 7.56
N THR A 176 28.03 13.28 6.86
CA THR A 176 26.67 12.91 7.22
C THR A 176 26.64 11.72 8.17
N LEU A 177 27.80 11.08 8.34
CA LEU A 177 27.87 9.84 9.11
C LEU A 177 28.70 10.04 10.38
N GLN A 178 29.72 10.89 10.30
CA GLN A 178 30.65 11.08 11.40
C GLN A 178 30.12 12.07 12.43
N ARG A 179 28.96 12.65 12.13
CA ARG A 179 28.31 13.56 13.06
C ARG A 179 27.41 12.81 14.03
N THR A 180 27.62 13.04 15.33
CA THR A 180 26.79 12.42 16.37
C THR A 180 26.43 13.42 17.46
N GLU A 181 25.15 13.45 17.82
CA GLU A 181 24.71 14.23 18.97
C GLU A 181 23.71 13.44 19.81
N PRO A 182 23.83 13.56 21.12
CA PRO A 182 23.01 12.78 22.05
C PRO A 182 21.60 13.34 22.14
N PRO A 183 20.65 12.50 22.55
CA PRO A 183 19.29 12.94 22.82
C PRO A 183 19.25 13.95 23.96
N LYS A 184 18.31 14.88 23.89
CA LYS A 184 17.92 15.66 25.06
C LYS A 184 16.48 15.37 25.45
N VAL A 185 16.30 14.45 26.39
CA VAL A 185 15.02 13.79 26.58
C VAL A 185 14.45 14.08 27.97
N ARG A 186 13.17 14.43 28.01
CA ARG A 186 12.48 14.65 29.28
C ARG A 186 11.09 14.03 29.27
N VAL A 187 10.51 13.87 30.46
CA VAL A 187 9.16 13.34 30.58
C VAL A 187 8.24 14.33 31.28
N ASN A 188 6.93 14.10 31.17
CA ASN A 188 5.95 14.95 31.82
C ASN A 188 4.69 14.17 32.17
N HIS A 189 3.90 14.70 33.09
CA HIS A 189 2.72 14.00 33.60
C HIS A 189 1.62 14.97 33.98
N LYS A 190 0.51 14.91 33.25
CA LYS A 190 -0.56 15.87 33.40
C LYS A 190 -1.90 15.28 32.99
N GLU A 191 -2.99 15.86 33.49
CA GLU A 191 -4.32 15.61 32.95
C GLU A 191 -4.53 16.37 31.64
N THR A 192 -5.14 15.70 30.67
CA THR A 192 -5.36 16.30 29.36
C THR A 192 -6.86 16.45 29.08
N PHE A 193 -7.47 15.39 28.58
CA PHE A 193 -8.92 15.28 28.56
C PHE A 193 -9.48 15.04 29.95
N PRO A 194 -10.56 15.74 30.29
CA PRO A 194 -11.16 15.63 31.60
C PRO A 194 -11.36 14.18 32.01
N GLY A 195 -10.75 13.79 33.11
CA GLY A 195 -10.93 12.46 33.67
C GLY A 195 -9.85 11.49 33.16
N ILE A 196 -9.10 11.95 32.17
CA ILE A 196 -8.09 11.10 31.54
C ILE A 196 -6.68 11.62 31.83
N THR A 197 -5.82 10.72 32.31
CA THR A 197 -4.43 11.07 32.59
C THR A 197 -3.50 10.60 31.48
N THR A 198 -2.59 11.48 31.07
CA THR A 198 -1.68 11.17 29.97
C THR A 198 -0.23 11.40 30.37
N LEU A 199 0.64 10.49 29.97
CA LEU A 199 2.08 10.67 30.14
C LEU A 199 2.75 11.08 28.84
N TYR A 200 3.71 11.99 28.93
CA TYR A 200 4.42 12.48 27.75
C TYR A 200 5.93 12.25 27.89
N CYS A 201 6.60 12.08 26.75
CA CYS A 201 8.05 12.21 26.70
C CYS A 201 8.50 12.81 25.38
N ARG A 202 9.47 13.72 25.45
CA ARG A 202 9.93 14.44 24.27
C ARG A 202 11.45 14.54 24.24
N ALA A 203 12.04 14.33 23.08
CA ALA A 203 13.48 14.37 22.92
C ALA A 203 13.89 15.09 21.64
N TYR A 204 14.92 15.93 21.74
CA TYR A 204 15.35 16.74 20.61
C TYR A 204 16.87 16.83 20.54
N GLY A 205 17.39 17.29 19.41
CA GLY A 205 18.80 17.56 19.27
C GLY A 205 19.59 16.29 18.98
N PHE A 206 18.89 15.25 18.56
CA PHE A 206 19.50 13.94 18.36
C PHE A 206 19.92 13.75 16.91
N TYR A 207 21.12 13.19 16.72
CA TYR A 207 21.58 12.80 15.39
C TYR A 207 22.63 11.70 15.48
N PRO A 208 22.52 10.72 14.58
CA PRO A 208 21.39 10.63 13.66
C PRO A 208 20.13 10.17 14.39
N PRO A 209 18.99 10.28 13.73
CA PRO A 209 17.71 9.97 14.35
C PRO A 209 17.48 8.46 14.38
N GLU A 210 18.31 7.77 15.15
CA GLU A 210 18.08 6.34 15.43
C GLU A 210 17.58 6.12 16.84
N ILE A 211 16.30 6.37 17.05
CA ILE A 211 15.75 6.50 18.40
C ILE A 211 14.38 5.85 18.51
N SER A 212 14.10 5.23 19.65
CA SER A 212 12.77 4.72 19.93
C SER A 212 12.44 4.84 21.41
N ILE A 213 11.37 5.56 21.72
CA ILE A 213 10.92 5.73 23.10
C ILE A 213 9.64 4.97 23.37
N ASN A 214 9.66 4.13 24.40
CA ASN A 214 8.55 3.22 24.68
C ASN A 214 8.24 3.18 26.17
N TRP A 215 6.95 3.08 26.50
CA TRP A 215 6.51 3.02 27.88
C TRP A 215 6.45 1.58 28.38
N MET A 216 6.87 1.37 29.63
CA MET A 216 6.91 0.04 30.22
C MET A 216 6.49 0.07 31.68
N LYS A 217 6.13 -1.10 32.21
CA LYS A 217 6.03 -1.28 33.65
C LYS A 217 6.49 -2.67 34.07
N ASN A 218 7.14 -2.75 35.22
CA ASN A 218 7.66 -4.02 35.73
C ASN A 218 8.66 -4.63 34.74
N GLY A 219 9.27 -3.79 33.92
CA GLY A 219 10.31 -4.21 33.00
C GLY A 219 9.71 -4.74 31.71
N GLU A 220 8.39 -4.69 31.61
CA GLU A 220 7.69 -5.19 30.43
C GLU A 220 6.97 -4.08 29.70
N GLU A 221 7.01 -4.13 28.37
CA GLU A 221 6.29 -3.17 27.53
C GLU A 221 4.79 -3.21 27.81
N ILE A 222 4.18 -2.04 27.92
CA ILE A 222 2.76 -1.94 28.22
C ILE A 222 1.91 -2.53 27.09
N PHE A 223 0.83 -3.20 27.47
CA PHE A 223 0.00 -3.91 26.50
C PHE A 223 -1.09 -3.00 25.94
N GLN A 224 -0.67 -1.98 25.20
CA GLN A 224 -1.62 -1.04 24.60
C GLN A 224 -0.96 -0.23 23.49
N ASP A 225 -1.77 0.51 22.74
CA ASP A 225 -1.26 1.38 21.69
C ASP A 225 -0.63 2.64 22.28
N THR A 226 0.10 3.38 21.46
CA THR A 226 0.75 4.61 21.89
C THR A 226 1.02 5.53 20.72
N ASP A 227 0.81 6.83 20.94
CA ASP A 227 1.08 7.84 19.91
C ASP A 227 2.57 8.13 19.81
N TYR A 228 3.08 8.15 18.58
CA TYR A 228 4.46 8.53 18.33
C TYR A 228 4.54 9.75 17.41
N GLY A 229 5.40 10.70 17.77
CA GLY A 229 5.57 11.91 16.98
C GLY A 229 6.31 11.63 15.67
N GLY A 230 7.01 10.49 15.63
CA GLY A 230 7.86 10.17 14.50
C GLY A 230 9.18 10.94 14.56
N ILE A 231 9.86 11.02 13.41
CA ILE A 231 11.14 11.71 13.34
C ILE A 231 10.98 13.11 12.74
N LEU A 232 11.14 14.12 13.57
CA LEU A 232 10.80 15.49 13.19
C LEU A 232 12.03 16.37 13.11
N PRO A 233 12.37 16.80 11.89
CA PRO A 233 13.52 17.66 11.68
C PRO A 233 13.47 18.90 12.55
N SER A 234 14.60 19.25 13.14
CA SER A 234 14.70 20.49 13.92
C SER A 234 14.97 21.69 13.03
N GLY A 235 15.61 21.44 11.89
CA GLY A 235 16.00 22.52 10.98
C GLY A 235 17.48 22.88 11.17
N ASP A 236 18.08 22.37 12.24
CA ASP A 236 19.48 22.64 12.52
C ASP A 236 20.35 21.41 12.27
N GLY A 237 19.78 20.45 11.55
CA GLY A 237 20.54 19.26 11.15
C GLY A 237 20.21 18.08 12.05
N THR A 238 19.61 18.36 13.20
CA THR A 238 19.20 17.31 14.13
C THR A 238 17.71 17.05 14.03
N TYR A 239 17.24 16.06 14.80
CA TYR A 239 15.83 15.68 14.79
C TYR A 239 15.27 15.61 16.20
N GLN A 240 13.95 15.62 16.31
CA GLN A 240 13.28 15.41 17.58
C GLN A 240 12.13 14.41 17.45
N THR A 241 11.72 13.84 18.57
CA THR A 241 10.53 12.99 18.61
C THR A 241 9.80 13.12 19.93
N TRP A 242 8.70 12.40 20.07
CA TRP A 242 7.94 12.37 21.32
C TRP A 242 6.92 11.26 21.33
N VAL A 243 6.46 10.87 22.51
CA VAL A 243 5.42 9.87 22.65
C VAL A 243 4.35 10.32 23.64
N SER A 244 3.15 9.76 23.50
CA SER A 244 2.06 10.06 24.42
C SER A 244 1.19 8.82 24.65
N VAL A 245 1.01 8.45 25.92
CA VAL A 245 0.27 7.25 26.26
C VAL A 245 -0.91 7.56 27.18
N GLU A 246 -2.06 6.98 26.86
CA GLU A 246 -3.26 7.19 27.66
C GLU A 246 -3.32 6.21 28.84
N LEU A 247 -3.59 6.74 30.02
CA LEU A 247 -3.78 5.91 31.20
C LEU A 247 -5.26 5.72 31.51
N ASP A 248 -5.60 4.54 32.02
CA ASP A 248 -6.97 4.26 32.43
C ASP A 248 -7.44 5.23 33.51
N PRO A 249 -8.69 5.67 33.41
CA PRO A 249 -9.24 6.61 34.37
C PRO A 249 -9.52 5.93 35.71
N GLN A 250 -9.57 4.61 35.70
CA GLN A 250 -9.92 3.84 36.89
C GLN A 250 -8.86 2.80 37.20
N ASN A 251 -8.22 2.95 38.36
CA ASN A 251 -7.17 2.03 38.79
C ASN A 251 -6.11 1.87 37.71
N GLY A 252 -5.73 3.00 37.10
CA GLY A 252 -4.73 2.99 36.04
C GLY A 252 -3.32 2.95 36.62
N ASP A 253 -2.37 2.47 35.83
CA ASP A 253 -0.96 2.47 36.23
C ASP A 253 -0.23 3.70 35.70
N ILE A 254 0.87 4.05 36.34
CA ILE A 254 1.80 5.03 35.80
C ILE A 254 3.06 4.37 35.26
N TYR A 255 3.37 4.66 34.01
CA TYR A 255 4.39 3.91 33.28
C TYR A 255 5.76 4.57 33.40
N SER A 256 6.81 3.78 33.22
CA SER A 256 8.17 4.32 33.13
C SER A 256 8.58 4.51 31.68
N CYS A 257 9.43 5.51 31.44
CA CYS A 257 9.84 5.85 30.09
C CYS A 257 11.14 5.15 29.71
N HIS A 258 11.05 4.22 28.76
CA HIS A 258 12.22 3.46 28.32
C HIS A 258 12.76 4.01 27.00
N VAL A 259 14.00 4.48 27.03
CA VAL A 259 14.58 5.17 25.88
C VAL A 259 15.74 4.37 25.29
N GLU A 260 15.64 4.02 24.02
CA GLU A 260 16.73 3.37 23.31
C GLU A 260 17.13 4.16 22.07
N HIS A 261 18.42 4.11 21.75
CA HIS A 261 18.91 4.65 20.48
C HIS A 261 20.25 4.05 20.10
N GLY A 262 20.78 4.49 18.96
CA GLY A 262 21.99 3.88 18.40
C GLY A 262 23.22 4.25 19.22
N GLY A 263 23.00 4.90 20.35
CA GLY A 263 24.08 5.23 21.27
C GLY A 263 24.01 4.38 22.54
N VAL A 264 23.26 4.86 23.52
CA VAL A 264 23.12 4.17 24.80
C VAL A 264 21.66 3.97 25.16
N HIS A 265 21.41 3.17 26.20
CA HIS A 265 20.06 3.01 26.74
C HIS A 265 19.90 3.76 28.05
N MET A 266 18.69 4.23 28.33
CA MET A 266 18.37 4.86 29.60
C MET A 266 16.90 4.70 29.95
N VAL A 267 16.59 4.78 31.24
CA VAL A 267 15.20 4.81 31.68
C VAL A 267 14.91 6.08 32.50
N LEU A 268 13.83 6.76 32.16
CA LEU A 268 13.44 7.98 32.86
C LEU A 268 12.27 7.72 33.79
N GLN A 269 12.42 8.10 35.05
CA GLN A 269 11.36 7.91 36.05
C GLN A 269 11.15 9.17 36.87
N GLY A 270 9.90 9.41 37.27
CA GLY A 270 9.55 10.63 37.98
C GLY A 270 9.14 11.73 37.01
N PHE A 271 8.25 12.62 37.45
CA PHE A 271 7.71 13.65 36.59
C PHE A 271 7.66 15.00 37.31
N GLN B 3 -5.32 10.70 -6.11
CA GLN B 3 -4.83 11.57 -5.05
C GLN B 3 -4.26 10.78 -3.89
N ARG B 4 -3.15 11.25 -3.34
CA ARG B 4 -2.74 10.88 -1.99
C ARG B 4 -2.56 12.11 -1.11
N PRO B 5 -3.56 12.37 -0.26
CA PRO B 5 -3.57 13.56 0.57
C PRO B 5 -2.29 13.67 1.40
N PRO B 6 -1.70 14.84 1.41
CA PRO B 6 -0.47 15.08 2.17
C PRO B 6 -0.68 14.79 3.66
N LYS B 7 0.36 14.28 4.30
CA LYS B 7 0.39 14.20 5.76
C LYS B 7 1.09 15.41 6.37
N ILE B 8 0.31 16.33 6.92
CA ILE B 8 0.82 17.64 7.30
C ILE B 8 0.98 17.74 8.82
N GLN B 9 2.22 17.86 9.27
CA GLN B 9 2.52 17.93 10.69
C GLN B 9 3.18 19.25 11.05
N VAL B 10 2.62 19.93 12.05
CA VAL B 10 3.14 21.21 12.50
C VAL B 10 3.62 21.15 13.95
N TYR B 11 4.81 21.68 14.21
CA TYR B 11 5.43 21.55 15.52
C TYR B 11 6.45 22.66 15.75
N SER B 12 6.96 22.75 16.98
CA SER B 12 8.02 23.69 17.30
C SER B 12 9.35 22.96 17.51
N ARG B 13 10.44 23.70 17.41
CA ARG B 13 11.75 23.22 17.83
C ARG B 13 11.84 23.15 19.35
N HIS B 14 11.34 24.18 20.01
CA HIS B 14 11.43 24.27 21.47
C HIS B 14 10.06 24.39 22.10
N PRO B 15 9.96 24.01 23.37
CA PRO B 15 8.71 24.13 24.12
C PRO B 15 8.14 25.54 24.00
N PRO B 16 6.83 25.66 24.19
CA PRO B 16 6.15 26.94 24.00
C PRO B 16 6.39 27.85 25.20
N GLU B 17 7.62 28.33 25.34
CA GLU B 17 7.95 29.32 26.36
C GLU B 17 7.81 30.73 25.83
N ASP B 18 6.73 31.41 26.23
CA ASP B 18 6.41 32.72 25.68
C ASP B 18 7.54 33.71 25.91
N GLY B 19 7.82 34.52 24.88
CA GLY B 19 8.78 35.62 25.02
C GLY B 19 10.18 35.18 24.62
N LYS B 20 10.36 33.88 24.47
CA LYS B 20 11.67 33.33 24.14
C LYS B 20 11.75 32.96 22.67
N PRO B 21 12.97 32.97 22.12
CA PRO B 21 13.19 32.56 20.73
C PRO B 21 12.67 31.15 20.49
N ASN B 22 12.16 30.91 19.28
CA ASN B 22 11.71 29.59 18.89
C ASN B 22 11.66 29.45 17.37
N TYR B 23 11.48 28.23 16.90
CA TYR B 23 11.33 27.97 15.46
C TYR B 23 10.06 27.19 15.17
N LEU B 24 9.28 27.69 14.21
CA LEU B 24 8.06 27.02 13.79
C LEU B 24 8.31 26.14 12.56
N ASN B 25 8.09 24.84 12.72
CA ASN B 25 8.41 23.88 11.66
C ASN B 25 7.14 23.22 11.13
N CYS B 26 7.16 22.90 9.84
CA CYS B 26 6.12 22.06 9.25
C CYS B 26 6.72 20.98 8.36
N TYR B 27 6.29 19.74 8.57
CA TYR B 27 6.89 18.60 7.89
C TYR B 27 5.84 17.79 7.14
N VAL B 28 5.87 17.84 5.82
CA VAL B 28 4.84 17.23 4.99
C VAL B 28 5.42 16.10 4.14
N TYR B 29 4.68 14.99 4.09
CA TYR B 29 5.16 13.80 3.40
C TYR B 29 4.01 12.95 2.89
N GLY B 30 4.31 12.02 2.00
CA GLY B 30 3.36 10.97 1.63
C GLY B 30 2.27 11.50 0.73
N PHE B 31 2.62 12.43 -0.14
CA PHE B 31 1.65 13.07 -1.03
C PHE B 31 1.87 12.65 -2.48
N HIS B 32 0.79 12.68 -3.26
CA HIS B 32 0.88 12.39 -4.69
C HIS B 32 -0.23 13.10 -5.46
N PRO B 33 0.16 13.90 -6.44
CA PRO B 33 1.49 13.80 -7.03
C PRO B 33 2.51 14.57 -6.21
N PRO B 34 3.79 14.38 -6.53
CA PRO B 34 4.88 14.87 -5.69
C PRO B 34 5.14 16.35 -5.95
N GLN B 35 4.20 17.20 -5.55
CA GLN B 35 4.40 18.65 -5.58
C GLN B 35 3.54 19.34 -4.54
N ILE B 36 4.18 20.00 -3.58
CA ILE B 36 3.47 20.82 -2.60
C ILE B 36 4.18 22.14 -2.36
N GLU B 37 3.46 23.08 -1.75
CA GLU B 37 4.09 24.29 -1.21
C GLU B 37 3.67 24.53 0.23
N ILE B 38 4.64 24.85 1.07
CA ILE B 38 4.39 25.00 2.51
C ILE B 38 4.60 26.44 2.95
N ASP B 39 3.52 27.08 3.38
CA ASP B 39 3.59 28.46 3.86
C ASP B 39 3.25 28.55 5.34
N LEU B 40 4.22 28.96 6.15
CA LEU B 40 4.00 29.15 7.57
C LEU B 40 3.22 30.43 7.84
N LEU B 41 2.29 30.36 8.79
CA LEU B 41 1.41 31.49 9.08
C LEU B 41 1.59 31.99 10.51
N LYS B 42 1.31 33.26 10.72
CA LYS B 42 1.02 33.77 12.06
C LYS B 42 -0.32 34.49 12.10
N ASN B 43 -1.23 33.99 12.94
CA ASN B 43 -2.59 34.50 12.99
C ASN B 43 -3.21 34.56 11.59
N GLY B 44 -2.89 33.57 10.77
CA GLY B 44 -3.53 33.42 9.47
C GLY B 44 -2.74 34.12 8.38
N GLU B 45 -1.83 35.00 8.78
CA GLU B 45 -1.05 35.78 7.83
C GLU B 45 0.29 35.10 7.52
N LYS B 46 0.65 35.10 6.24
CA LYS B 46 1.89 34.48 5.80
C LYS B 46 3.11 35.22 6.34
N ILE B 47 4.08 34.46 6.83
CA ILE B 47 5.33 35.05 7.32
C ILE B 47 6.53 34.58 6.50
N LYS B 48 7.63 35.29 6.63
CA LYS B 48 8.88 34.88 6.00
C LYS B 48 9.31 33.50 6.49
N SER B 49 9.64 32.62 5.55
CA SER B 49 10.01 31.25 5.89
C SER B 49 10.92 30.65 4.81
N GLU B 50 11.62 29.58 5.17
CA GLU B 50 12.41 28.82 4.21
C GLU B 50 11.84 27.42 4.01
N GLN B 51 12.06 26.87 2.83
CA GLN B 51 11.66 25.50 2.55
C GLN B 51 12.85 24.66 2.07
N SER B 52 12.92 23.41 2.53
CA SER B 52 14.05 22.55 2.25
C SER B 52 13.95 21.94 0.85
N ASP B 53 15.03 21.29 0.42
CA ASP B 53 14.97 20.42 -0.75
C ASP B 53 14.11 19.19 -0.47
N LEU B 54 13.53 18.63 -1.53
CA LEU B 54 12.73 17.43 -1.42
C LEU B 54 13.60 16.22 -1.12
N SER B 55 13.05 15.25 -0.39
CA SER B 55 13.73 13.99 -0.14
C SER B 55 12.79 12.81 -0.39
N PHE B 56 13.16 11.96 -1.33
CA PHE B 56 12.25 10.95 -1.86
C PHE B 56 11.81 9.99 -0.77
N SER B 57 10.52 9.64 -0.76
CA SER B 57 10.00 8.63 0.14
C SER B 57 9.64 7.35 -0.61
N LYS B 58 9.84 6.20 0.03
CA LYS B 58 9.51 4.91 -0.57
C LYS B 58 8.04 4.81 -0.91
N ASP B 59 7.25 5.73 -0.34
CA ASP B 59 5.80 5.75 -0.58
C ASP B 59 5.45 6.63 -1.77
N TRP B 60 6.36 6.69 -2.75
CA TRP B 60 6.09 7.35 -4.01
C TRP B 60 5.84 8.84 -3.81
N SER B 61 6.64 9.45 -2.94
CA SER B 61 6.47 10.86 -2.60
C SER B 61 7.79 11.49 -2.18
N PHE B 62 7.71 12.66 -1.55
CA PHE B 62 8.89 13.32 -1.00
C PHE B 62 8.62 13.87 0.39
N TYR B 63 9.68 14.03 1.18
CA TYR B 63 9.63 14.86 2.38
C TYR B 63 9.96 16.31 2.06
N LEU B 64 9.27 17.23 2.73
CA LEU B 64 9.58 18.64 2.63
C LEU B 64 9.44 19.34 3.98
N LEU B 65 10.48 20.07 4.39
CA LEU B 65 10.45 20.81 5.63
C LEU B 65 10.34 22.32 5.37
N SER B 66 9.48 22.98 6.15
CA SER B 66 9.51 24.43 6.23
C SER B 66 9.77 24.90 7.66
N HIS B 67 10.55 25.96 7.80
CA HIS B 67 10.90 26.49 9.11
C HIS B 67 10.94 28.02 9.09
N ALA B 68 10.62 28.63 10.23
CA ALA B 68 10.81 30.06 10.41
C ALA B 68 10.96 30.41 11.89
N GLU B 69 11.62 31.53 12.17
CA GLU B 69 11.74 32.04 13.53
C GLU B 69 10.46 32.70 13.99
N PHE B 70 10.12 32.53 15.26
CA PHE B 70 9.00 33.24 15.86
C PHE B 70 9.15 33.31 17.37
N THR B 71 8.35 34.16 18.00
CA THR B 71 8.25 34.20 19.46
C THR B 71 6.89 33.73 19.93
N PRO B 72 6.86 32.61 20.65
CA PRO B 72 5.62 32.07 21.20
C PRO B 72 4.88 33.11 22.04
N ASN B 73 3.55 33.12 21.94
CA ASN B 73 2.74 33.99 22.77
C ASN B 73 1.33 33.43 22.93
N SER B 74 0.90 33.26 24.18
CA SER B 74 -0.40 32.67 24.47
C SER B 74 -1.52 33.46 23.78
N LYS B 75 -1.25 34.71 23.47
CA LYS B 75 -2.26 35.59 22.89
C LYS B 75 -2.34 35.40 21.38
N ASP B 76 -1.31 34.81 20.79
CA ASP B 76 -1.23 34.65 19.35
C ASP B 76 -1.46 33.20 18.93
N GLN B 77 -1.96 33.01 17.72
CA GLN B 77 -2.06 31.69 17.13
C GLN B 77 -1.01 31.50 16.04
N TYR B 78 -0.51 30.27 15.92
CA TYR B 78 0.42 29.93 14.84
C TYR B 78 -0.04 28.70 14.08
N SER B 79 0.17 28.71 12.77
CA SER B 79 -0.34 27.65 11.91
C SER B 79 0.43 27.59 10.59
N CYS B 80 0.04 26.66 9.73
CA CYS B 80 0.68 26.52 8.42
C CYS B 80 -0.35 26.18 7.34
N ARG B 81 -0.16 26.76 6.16
CA ARG B 81 -0.94 26.36 4.99
C ARG B 81 -0.11 25.53 4.02
N VAL B 82 -0.67 24.44 3.54
CA VAL B 82 -0.01 23.59 2.56
C VAL B 82 -0.86 23.41 1.32
N LYS B 83 -0.28 23.72 0.15
CA LYS B 83 -0.98 23.54 -1.12
C LYS B 83 -0.53 22.27 -1.82
N HIS B 84 -1.49 21.50 -2.32
CA HIS B 84 -1.20 20.25 -3.01
C HIS B 84 -1.55 20.34 -4.48
N VAL B 85 -0.54 20.24 -5.35
CA VAL B 85 -0.72 20.49 -6.77
C VAL B 85 -1.92 21.39 -7.03
N THR B 86 -2.83 20.93 -7.87
CA THR B 86 -4.01 21.71 -8.23
C THR B 86 -5.29 21.02 -7.77
N LEU B 87 -5.19 20.25 -6.69
CA LEU B 87 -6.32 19.47 -6.19
C LEU B 87 -6.93 20.12 -4.96
N GLU B 88 -8.26 20.14 -4.90
CA GLU B 88 -8.97 20.66 -3.74
C GLU B 88 -8.48 22.05 -3.37
N GLN B 89 -8.54 22.38 -2.09
CA GLN B 89 -8.00 23.64 -1.59
C GLN B 89 -6.88 23.41 -0.60
N PRO B 90 -6.00 24.39 -0.46
CA PRO B 90 -4.93 24.34 0.54
C PRO B 90 -5.49 24.02 1.92
N ARG B 91 -4.76 23.20 2.67
CA ARG B 91 -5.22 22.75 3.98
C ARG B 91 -4.48 23.46 5.10
N ILE B 92 -5.18 23.71 6.20
CA ILE B 92 -4.62 24.47 7.31
C ILE B 92 -4.39 23.60 8.52
N VAL B 93 -3.16 23.62 9.04
CA VAL B 93 -2.83 22.89 10.26
C VAL B 93 -2.17 23.80 11.29
N LYS B 94 -2.64 23.73 12.53
CA LYS B 94 -2.22 24.66 13.57
C LYS B 94 -1.08 24.09 14.39
N TRP B 95 -0.30 24.97 15.00
CA TRP B 95 0.62 24.59 16.07
C TRP B 95 -0.13 24.37 17.38
N ASP B 96 0.03 23.19 17.97
CA ASP B 96 -0.82 22.76 19.07
C ASP B 96 -0.22 23.16 20.42
N ARG B 97 0.85 23.93 20.37
CA ARG B 97 1.46 24.47 21.58
C ARG B 97 1.68 23.39 22.63
N ASP B 98 2.75 22.63 22.47
CA ASP B 98 3.02 21.49 23.35
C ASP B 98 3.38 21.94 24.76
N LEU B 99 2.38 22.41 25.50
CA LEU B 99 2.59 22.87 26.86
C LEU B 99 2.05 21.87 27.88
N PRO C 2 -21.41 -26.25 1.45
CA PRO C 2 -22.06 -27.50 1.07
C PRO C 2 -21.22 -28.71 1.47
N HIS C 3 -21.77 -29.90 1.27
CA HIS C 3 -21.12 -31.13 1.70
C HIS C 3 -19.94 -31.46 0.79
N PRO C 4 -18.84 -31.90 1.40
CA PRO C 4 -17.70 -32.38 0.64
C PRO C 4 -18.10 -33.38 -0.41
N ALA C 5 -17.36 -33.43 -1.52
CA ALA C 5 -17.66 -34.33 -2.63
C ALA C 5 -17.52 -35.78 -2.20
N GLU C 6 -18.31 -36.65 -2.83
CA GLU C 6 -18.18 -38.09 -2.62
C GLU C 6 -18.34 -38.86 -3.93
N GLY C 7 -17.42 -39.77 -4.18
CA GLY C 7 -17.44 -40.57 -5.40
C GLY C 7 -17.32 -39.69 -6.63
N GLN C 8 -18.14 -39.97 -7.64
CA GLN C 8 -18.15 -39.18 -8.86
C GLN C 8 -19.23 -38.11 -8.81
N TRP C 9 -18.81 -36.85 -8.88
CA TRP C 9 -19.74 -35.73 -8.81
C TRP C 9 -20.29 -35.36 -10.18
N ARG C 10 -21.46 -34.75 -10.20
CA ARG C 10 -22.06 -34.29 -11.45
C ARG C 10 -22.19 -32.76 -11.47
N ALA C 11 -22.26 -32.20 -12.67
CA ALA C 11 -22.08 -30.76 -12.84
C ALA C 11 -22.74 -30.27 -14.13
N VAL C 12 -22.83 -28.96 -14.27
CA VAL C 12 -23.28 -28.36 -15.53
C VAL C 12 -22.15 -27.63 -16.23
N ASP C 13 -22.31 -27.39 -17.53
CA ASP C 13 -21.28 -26.73 -18.32
C ASP C 13 -21.49 -25.23 -18.35
N VAL C 14 -20.49 -24.50 -17.86
CA VAL C 14 -20.50 -23.05 -17.92
C VAL C 14 -19.43 -22.51 -18.87
N VAL C 15 -19.86 -21.76 -19.87
CA VAL C 15 -18.96 -21.31 -20.94
C VAL C 15 -18.64 -19.83 -20.81
N LEU C 16 -17.38 -19.51 -20.62
CA LEU C 16 -16.95 -18.13 -20.41
C LEU C 16 -16.05 -17.66 -21.55
N ASP C 17 -16.21 -16.40 -21.94
CA ASP C 17 -15.27 -15.75 -22.84
C ASP C 17 -13.91 -15.58 -22.19
N CYS C 18 -12.85 -15.72 -22.98
CA CYS C 18 -11.49 -15.51 -22.49
C CYS C 18 -10.71 -14.58 -23.41
N PHE C 19 -9.65 -14.00 -22.88
CA PHE C 19 -8.72 -13.19 -23.68
C PHE C 19 -7.38 -13.89 -23.84
N LEU C 20 -6.71 -13.63 -24.96
CA LEU C 20 -5.42 -14.23 -25.24
C LEU C 20 -4.41 -13.18 -25.69
N VAL C 21 -3.27 -13.15 -25.00
CA VAL C 21 -2.24 -12.14 -25.28
C VAL C 21 -1.06 -12.75 -26.01
N LYS C 22 -0.57 -12.06 -27.03
CA LYS C 22 0.51 -12.56 -27.86
C LYS C 22 1.87 -12.24 -27.24
N ASP C 23 2.91 -12.90 -27.73
CA ASP C 23 4.25 -12.72 -27.21
C ASP C 23 4.93 -11.51 -27.84
N GLY C 24 5.96 -11.01 -27.17
CA GLY C 24 6.76 -9.91 -27.72
C GLY C 24 6.41 -8.58 -27.05
N ALA C 25 7.26 -7.59 -27.24
CA ALA C 25 7.03 -6.26 -26.70
C ALA C 25 5.76 -5.65 -27.27
N HIS C 26 5.03 -4.93 -26.43
CA HIS C 26 3.81 -4.24 -26.87
C HIS C 26 4.15 -2.97 -27.63
N ARG C 27 3.33 -2.64 -28.62
CA ARG C 27 3.53 -1.45 -29.44
C ARG C 27 2.29 -0.57 -29.45
N GLY C 28 2.45 0.69 -29.08
CA GLY C 28 1.32 1.61 -28.95
C GLY C 28 0.38 1.17 -27.84
N ALA C 29 -0.91 1.41 -28.03
CA ALA C 29 -1.91 1.07 -27.03
C ALA C 29 -1.95 -0.43 -26.78
CAC 3X9 C 30 -3.04 -4.38 -28.47
CAS 3X9 C 30 -2.09 -5.42 -27.84
CAD 3X9 C 30 -2.58 -5.87 -26.44
NAQ 3X9 C 30 -2.14 -6.64 -28.73
OAH 3X9 C 30 -3.17 -7.39 -28.83
CAR 3X9 C 30 -0.82 -7.05 -29.31
CAA 3X9 C 30 -0.90 -7.03 -30.84
CAB 3X9 C 30 -0.42 -8.42 -28.73
CAI 3X9 C 30 0.03 -5.96 -28.76
CAO 3X9 C 30 -0.60 -5.09 -27.97
CAJ 3X9 C 30 0.02 -3.89 -27.26
SAL 3X9 C 30 0.18 -4.27 -25.50
N 3X9 C 30 -2.19 -0.82 -25.53
CA 3X9 C 30 -2.40 -2.22 -25.19
CB 3X9 C 30 -1.60 -2.67 -23.93
SG 3X9 C 30 0.18 -2.72 -24.11
C 3X9 C 30 -3.89 -2.53 -25.06
O 3X9 C 30 -4.28 -3.37 -24.24
H1 3X9 C 30 -4.08 -4.76 -28.52
H2 3X9 C 30 -3.05 -3.44 -27.86
H3 3X9 C 30 -2.72 -4.10 -29.50
H4 3X9 C 30 -3.62 -6.26 -26.50
H5 3X9 C 30 -1.92 -6.67 -26.03
H6 3X9 C 30 -2.59 -5.02 -25.74
H7 3X9 C 30 -1.67 -7.76 -31.19
H8 3X9 C 30 -1.19 -6.03 -31.22
H9 3X9 C 30 0.07 -7.31 -31.28
H10 3X9 C 30 -1.12 -9.20 -29.07
H11 3X9 C 30 0.61 -8.68 -29.08
H12 3X9 C 30 -0.41 -8.40 -27.62
H13 3X9 C 30 1.09 -5.97 -29.05
H16 3X9 C 30 -0.57 -3.00 -27.43
H17 3X9 C 30 1.03 -3.67 -27.66
H 3X9 C 30 -2.22 -0.15 -24.79
HA 3X9 C 30 -2.08 -2.83 -25.99
HB2 3X9 C 30 -1.86 -2.00 -23.09
HB3 3X9 C 30 -1.93 -3.69 -23.62
N ALA C 31 -4.70 -1.89 -25.88
CA ALA C 31 -6.13 -2.13 -25.91
C ALA C 31 -6.69 -2.06 -27.32
N SER C 32 -7.29 -3.15 -27.78
CA SER C 32 -7.80 -3.23 -29.14
C SER C 32 -9.25 -2.75 -29.23
N SER C 33 -9.95 -2.81 -28.09
CA SER C 33 -11.37 -2.49 -28.07
C SER C 33 -12.15 -3.35 -29.05
N GLU C 34 -11.66 -4.56 -29.29
CA GLU C 34 -12.39 -5.54 -30.08
C GLU C 34 -13.61 -6.07 -29.32
N ASP C 35 -14.67 -6.38 -30.05
CA ASP C 35 -15.87 -6.94 -29.46
C ASP C 35 -15.90 -8.46 -29.62
N ARG C 36 -14.76 -9.04 -29.98
CA ARG C 36 -14.63 -10.49 -30.05
C ARG C 36 -13.71 -11.02 -28.95
N ALA C 37 -14.02 -12.20 -28.44
CA ALA C 37 -13.08 -12.95 -27.62
C ALA C 37 -12.07 -13.70 -28.47
N ARG C 38 -10.84 -13.79 -27.99
CA ARG C 38 -9.79 -14.53 -28.69
C ARG C 38 -9.72 -15.97 -28.20
N ALA C 39 -10.51 -16.28 -27.17
CA ALA C 39 -10.54 -17.64 -26.63
C ALA C 39 -11.78 -17.85 -25.78
N SER C 40 -12.03 -19.10 -25.40
CA SER C 40 -13.10 -19.43 -24.48
C SER C 40 -12.76 -20.64 -23.63
N LEU C 41 -13.30 -20.68 -22.41
CA LEU C 41 -13.02 -21.78 -21.49
C LEU C 41 -14.30 -22.34 -20.91
N VAL C 42 -14.43 -23.66 -20.94
CA VAL C 42 -15.55 -24.35 -20.32
C VAL C 42 -15.19 -24.83 -18.91
N LEU C 43 -16.03 -24.49 -17.94
CA LEU C 43 -15.81 -24.89 -16.56
C LEU C 43 -17.03 -25.60 -15.98
N LYS C 44 -16.79 -26.56 -15.10
CA LYS C 44 -17.88 -27.29 -14.45
C LYS C 44 -18.38 -26.53 -13.22
N GLN C 45 -19.67 -26.64 -12.96
CA GLN C 45 -20.25 -26.16 -11.72
C GLN C 45 -21.20 -27.18 -11.11
N VAL C 46 -21.23 -27.24 -9.78
CA VAL C 46 -21.92 -28.31 -9.08
C VAL C 46 -23.03 -27.76 -8.20
N PRO C 47 -24.27 -27.86 -8.68
CA PRO C 47 -25.43 -27.47 -7.88
C PRO C 47 -25.46 -28.22 -6.56
N VAL C 48 -25.72 -27.50 -5.48
CA VAL C 48 -25.72 -28.08 -4.14
C VAL C 48 -27.08 -27.89 -3.47
N LEU C 49 -28.14 -28.13 -4.22
CA LEU C 49 -29.50 -28.00 -3.69
C LEU C 49 -29.84 -29.19 -2.79
N ASP C 50 -31.00 -29.12 -2.14
CA ASP C 50 -31.47 -30.20 -1.28
C ASP C 50 -31.57 -31.51 -2.05
N ASP C 51 -31.72 -31.41 -3.37
CA ASP C 51 -31.84 -32.59 -4.21
C ASP C 51 -30.49 -32.98 -4.79
N GLY C 52 -29.43 -32.31 -4.35
CA GLY C 52 -28.09 -32.54 -4.88
C GLY C 52 -27.93 -31.91 -6.26
N SER C 53 -27.12 -32.54 -7.10
CA SER C 53 -26.85 -32.02 -8.43
C SER C 53 -28.10 -32.01 -9.29
N LEU C 54 -28.14 -31.11 -10.27
CA LEU C 54 -29.30 -30.96 -11.13
C LEU C 54 -28.99 -31.42 -12.55
N GLU C 55 -27.84 -30.98 -13.08
CA GLU C 55 -27.39 -31.42 -14.39
C GLU C 55 -28.37 -31.01 -15.48
N ASP C 56 -29.49 -31.70 -15.56
CA ASP C 56 -30.51 -31.42 -16.57
C ASP C 56 -31.59 -30.50 -16.03
N PHE C 57 -31.70 -30.43 -14.71
CA PHE C 57 -32.78 -29.70 -14.05
C PHE C 57 -32.31 -28.34 -13.57
N THR C 58 -31.15 -27.91 -14.07
CA THR C 58 -30.57 -26.64 -13.66
C THR C 58 -31.40 -25.46 -14.19
N ASP C 59 -31.41 -24.37 -13.43
CA ASP C 59 -32.01 -23.12 -13.91
C ASP C 59 -30.98 -22.24 -14.60
N PHE C 60 -29.75 -22.74 -14.69
CA PHE C 60 -28.66 -22.01 -15.34
C PHE C 60 -28.99 -21.71 -16.79
N GLN C 61 -28.88 -20.45 -17.17
CA GLN C 61 -29.10 -20.04 -18.55
C GLN C 61 -28.07 -18.99 -18.99
N GLY C 62 -27.77 -18.97 -20.28
CA GLY C 62 -26.90 -17.96 -20.85
C GLY C 62 -27.69 -16.74 -21.30
N GLY C 63 -27.02 -15.80 -21.95
CA GLY C 63 -27.67 -14.59 -22.45
C GLY C 63 -27.73 -14.59 -23.97
N THR C 64 -27.81 -13.40 -24.55
CA THR C 64 -27.88 -13.25 -26.00
C THR C 64 -26.48 -13.30 -26.62
N LEU C 65 -26.30 -14.14 -27.63
CA LEU C 65 -25.03 -14.26 -28.32
C LEU C 65 -25.01 -13.42 -29.59
N ALA C 66 -24.02 -12.54 -29.69
CA ALA C 66 -23.82 -11.75 -30.91
C ALA C 66 -22.36 -11.75 -31.34
N GLN C 67 -21.63 -12.78 -30.93
CA GLN C 67 -20.18 -12.84 -31.15
C GLN C 67 -19.79 -14.08 -31.91
N ASP C 68 -18.61 -14.06 -32.52
CA ASP C 68 -18.07 -15.22 -33.22
C ASP C 68 -17.46 -16.21 -32.23
N ASP C 69 -17.38 -17.47 -32.65
CA ASP C 69 -16.75 -18.50 -31.83
C ASP C 69 -15.22 -18.43 -31.93
N PRO C 70 -14.59 -18.18 -30.79
CA PRO C 70 -13.13 -18.05 -30.75
C PRO C 70 -12.45 -19.30 -31.29
N PRO C 71 -11.36 -19.10 -32.01
CA PRO C 71 -10.55 -20.22 -32.50
C PRO C 71 -10.15 -21.16 -31.36
N ILE C 72 -9.97 -20.59 -30.17
CA ILE C 72 -9.48 -21.36 -29.03
C ILE C 72 -10.59 -21.60 -28.02
N ILE C 73 -11.11 -22.83 -28.01
CA ILE C 73 -12.16 -23.21 -27.06
C ILE C 73 -11.80 -24.50 -26.34
N PHE C 74 -11.44 -24.38 -25.06
CA PHE C 74 -11.00 -25.53 -24.28
C PHE C 74 -12.16 -26.16 -23.53
N GLU C 75 -12.33 -27.47 -23.70
CA GLU C 75 -13.33 -28.22 -22.96
C GLU C 75 -12.93 -28.38 -21.50
N ALA C 76 -11.63 -28.46 -21.25
CA ALA C 76 -11.10 -28.50 -19.89
C ALA C 76 -11.84 -29.52 -19.05
N SER C 77 -11.84 -30.77 -19.50
CA SER C 77 -12.49 -31.86 -18.78
C SER C 77 -11.84 -32.10 -17.42
N VAL C 78 -12.63 -31.99 -16.36
CA VAL C 78 -12.11 -31.96 -15.00
C VAL C 78 -12.87 -32.90 -14.09
N ASP C 79 -12.13 -33.69 -13.32
CA ASP C 79 -12.74 -34.54 -12.30
C ASP C 79 -12.29 -34.13 -10.89
N LEU C 80 -11.60 -32.99 -10.81
CA LEU C 80 -11.10 -32.50 -9.54
C LEU C 80 -12.22 -31.88 -8.71
N VAL C 81 -11.94 -31.68 -7.43
CA VAL C 81 -12.96 -31.22 -6.49
C VAL C 81 -13.31 -29.75 -6.74
N GLN C 82 -14.59 -29.49 -7.01
CA GLN C 82 -15.04 -28.15 -7.36
C GLN C 82 -15.84 -27.52 -6.22
N ILE C 83 -15.92 -28.24 -5.10
CA ILE C 83 -16.90 -27.93 -4.07
C ILE C 83 -16.71 -26.52 -3.53
N PRO C 84 -15.46 -26.13 -3.32
CA PRO C 84 -15.13 -24.78 -2.88
C PRO C 84 -15.74 -23.74 -3.81
N GLN C 85 -15.94 -24.11 -5.06
CA GLN C 85 -16.48 -23.20 -6.06
C GLN C 85 -17.82 -23.70 -6.59
N ALA C 86 -18.48 -24.54 -5.82
CA ALA C 86 -19.59 -25.35 -6.34
C ALA C 86 -20.48 -24.52 -7.24
N GLU C 87 -20.93 -23.37 -6.75
CA GLU C 87 -21.87 -22.53 -7.49
C GLU C 87 -21.30 -21.13 -7.67
N ALA C 88 -19.99 -21.01 -7.61
CA ALA C 88 -19.33 -19.70 -7.62
C ALA C 88 -19.63 -18.95 -8.91
N LEU C 89 -19.51 -19.63 -10.03
CA LEU C 89 -19.73 -19.01 -11.34
C LEU C 89 -21.22 -18.94 -11.67
N LEU C 90 -21.97 -19.93 -11.21
CA LEU C 90 -23.42 -19.95 -11.42
C LEU C 90 -24.08 -18.74 -10.78
N HIS C 91 -23.60 -18.36 -9.60
CA HIS C 91 -24.11 -17.19 -8.91
C HIS C 91 -23.76 -15.92 -9.68
N ALA C 92 -22.52 -15.82 -10.14
CA ALA C 92 -22.06 -14.67 -10.90
C ALA C 92 -22.88 -14.51 -12.19
N ASP C 93 -23.05 -15.60 -12.91
CA ASP C 93 -23.75 -15.57 -14.19
C ASP C 93 -25.22 -15.22 -13.99
N CYS C 94 -25.86 -15.87 -13.03
CA CYS C 94 -27.29 -15.69 -12.79
C CYS C 94 -27.57 -14.32 -12.22
N SER C 95 -26.58 -13.71 -11.58
CA SER C 95 -26.72 -12.38 -11.02
C SER C 95 -26.43 -11.31 -12.04
N GLY C 96 -25.99 -11.73 -13.23
CA GLY C 96 -25.70 -10.80 -14.31
C GLY C 96 -24.39 -10.07 -14.09
N LYS C 97 -23.50 -10.68 -13.31
CA LYS C 97 -22.21 -10.08 -13.02
C LYS C 97 -21.21 -10.32 -14.14
N GLU C 98 -20.33 -9.37 -14.37
CA GLU C 98 -19.23 -9.53 -15.32
C GLU C 98 -18.23 -10.58 -14.84
N VAL C 99 -17.86 -11.49 -15.72
CA VAL C 99 -16.84 -12.48 -15.42
C VAL C 99 -15.72 -12.45 -16.45
N THR C 100 -14.49 -12.43 -15.98
CA THR C 100 -13.33 -12.28 -16.85
C THR C 100 -12.38 -13.46 -16.73
N CYS C 101 -11.86 -13.93 -17.86
CA CYS C 101 -10.88 -15.01 -17.86
C CYS C 101 -9.81 -14.76 -18.91
N GLU C 102 -8.56 -15.10 -18.57
CA GLU C 102 -7.44 -14.93 -19.49
C GLU C 102 -6.61 -16.21 -19.58
N ILE C 103 -6.13 -16.50 -20.78
CA ILE C 103 -5.49 -17.79 -21.05
C ILE C 103 -4.06 -17.60 -21.51
N SER C 104 -3.18 -18.49 -21.05
CA SER C 104 -1.81 -18.55 -21.57
C SER C 104 -1.31 -19.98 -21.63
N ARG C 105 0.00 -20.15 -21.72
CA ARG C 105 0.60 -21.46 -21.93
C ARG C 105 1.89 -21.60 -21.12
N TYR C 106 2.25 -22.85 -20.81
CA TYR C 106 3.40 -23.12 -19.96
C TYR C 106 4.65 -23.38 -20.80
N PHE C 107 4.55 -23.12 -22.10
CA PHE C 107 5.66 -23.33 -23.01
C PHE C 107 5.88 -22.11 -23.90
N LEU C 108 6.86 -21.28 -23.54
CA LEU C 108 7.05 -19.99 -24.20
C LEU C 108 8.24 -20.03 -25.15
N GLN C 109 8.57 -18.87 -25.71
CA GLN C 109 9.57 -18.80 -26.77
C GLN C 109 10.95 -19.15 -26.23
N MET C 110 11.25 -18.71 -25.02
CA MET C 110 12.61 -18.75 -24.49
C MET C 110 12.71 -19.75 -23.34
N THR C 111 11.59 -20.39 -23.01
CA THR C 111 11.55 -21.36 -21.93
C THR C 111 10.23 -22.12 -21.91
N GLU C 112 10.28 -23.37 -21.47
CA GLU C 112 9.09 -24.21 -21.41
C GLU C 112 9.23 -25.28 -20.32
N THR C 113 8.10 -25.72 -19.79
CA THR C 113 8.04 -26.97 -19.05
C THR C 113 7.05 -27.94 -19.69
N THR C 114 7.54 -29.14 -20.02
CA THR C 114 6.76 -30.09 -20.81
C THR C 114 7.06 -31.52 -20.40
N VAL C 115 6.14 -32.42 -20.71
CA VAL C 115 6.39 -33.85 -20.56
C VAL C 115 6.50 -34.55 -21.91
N LYS C 116 6.58 -33.76 -22.97
CA LYS C 116 6.66 -34.29 -24.31
C LYS C 116 5.38 -34.99 -24.72
N THR C 117 5.12 -35.06 -26.02
CA THR C 117 3.84 -35.54 -26.53
C THR C 117 2.69 -34.96 -25.73
N ALA C 118 2.80 -33.68 -25.38
CA ALA C 118 1.69 -32.96 -24.75
C ALA C 118 1.96 -31.46 -24.72
N ALA C 119 0.90 -30.67 -24.71
CA ALA C 119 0.99 -29.26 -24.36
C ALA C 119 0.36 -28.99 -23.00
N TRP C 120 0.88 -27.98 -22.31
CA TRP C 120 0.31 -27.56 -21.02
C TRP C 120 -0.12 -26.10 -21.06
N PHE C 121 -1.31 -25.82 -20.54
CA PHE C 121 -1.89 -24.49 -20.64
C PHE C 121 -2.37 -24.00 -19.27
N MET C 122 -2.58 -22.70 -19.15
CA MET C 122 -3.15 -22.12 -17.95
C MET C 122 -4.33 -21.20 -18.28
N ALA C 123 -5.25 -21.06 -17.32
CA ALA C 123 -6.34 -20.11 -17.47
C ALA C 123 -6.76 -19.56 -16.11
N ASN C 124 -6.93 -18.24 -16.04
CA ASN C 124 -7.30 -17.58 -14.79
C ASN C 124 -8.65 -16.88 -14.92
N VAL C 125 -9.62 -17.33 -14.13
CA VAL C 125 -10.96 -16.77 -14.19
C VAL C 125 -11.36 -16.14 -12.86
N GLN C 126 -11.98 -14.97 -12.92
CA GLN C 126 -12.42 -14.27 -11.72
C GLN C 126 -13.75 -13.57 -11.95
N VAL C 127 -14.54 -13.45 -10.88
CA VAL C 127 -15.78 -12.69 -10.93
C VAL C 127 -15.55 -11.23 -10.54
N SER C 128 -16.06 -10.32 -11.36
CA SER C 128 -15.87 -8.89 -11.13
C SER C 128 -16.36 -8.49 -9.75
N GLY C 129 -15.63 -7.58 -9.10
CA GLY C 129 -15.97 -7.13 -7.76
C GLY C 129 -15.10 -7.82 -6.71
N GLY C 130 -14.10 -8.57 -7.18
CA GLY C 130 -13.18 -9.26 -6.28
C GLY C 130 -13.81 -10.54 -5.74
N GLY C 131 -14.65 -11.17 -6.56
CA GLY C 131 -15.34 -12.40 -6.15
C GLY C 131 -14.45 -13.61 -6.28
N PRO C 132 -15.06 -14.80 -6.27
CA PRO C 132 -14.31 -16.04 -6.39
C PRO C 132 -13.52 -16.08 -7.69
N SER C 133 -12.43 -16.86 -7.68
CA SER C 133 -11.59 -17.02 -8.86
C SER C 133 -10.92 -18.38 -8.89
N ILE C 134 -10.51 -18.81 -10.07
CA ILE C 134 -9.82 -20.09 -10.23
C ILE C 134 -8.61 -19.96 -11.13
N SER C 135 -7.50 -20.59 -10.72
CA SER C 135 -6.34 -20.72 -11.58
C SER C 135 -6.20 -22.14 -12.12
N LEU C 136 -6.43 -22.30 -13.41
CA LEU C 136 -6.55 -23.63 -14.01
C LEU C 136 -5.25 -24.04 -14.70
N VAL C 137 -4.89 -25.30 -14.54
CA VAL C 137 -3.80 -25.89 -15.32
C VAL C 137 -4.29 -27.07 -16.15
N MET C 138 -4.13 -26.99 -17.46
CA MET C 138 -4.70 -27.97 -18.37
C MET C 138 -3.60 -28.76 -19.07
N LYS C 139 -3.93 -29.98 -19.47
CA LYS C 139 -3.02 -30.79 -20.29
C LYS C 139 -3.69 -31.20 -21.60
N THR C 140 -2.96 -31.04 -22.70
CA THR C 140 -3.48 -31.40 -24.02
C THR C 140 -2.56 -32.38 -24.73
N PRO C 141 -2.88 -33.67 -24.61
CA PRO C 141 -1.99 -34.72 -25.09
C PRO C 141 -2.15 -34.93 -26.59
N ARG C 142 -1.60 -34.00 -27.38
CA ARG C 142 -1.62 -34.11 -28.83
C ARG C 142 -0.27 -34.54 -29.37
N VAL C 143 -0.28 -35.20 -30.52
CA VAL C 143 0.95 -35.58 -31.21
C VAL C 143 1.02 -34.99 -32.60
N ALA C 144 2.16 -35.17 -33.26
CA ALA C 144 2.41 -34.54 -34.56
C ALA C 144 1.32 -34.92 -35.57
N LYS C 145 0.76 -33.91 -36.22
CA LYS C 145 -0.21 -34.14 -37.29
C LYS C 145 0.10 -33.27 -38.50
N ASN C 146 -0.67 -33.46 -39.57
CA ASN C 146 -0.52 -32.66 -40.78
C ASN C 146 -1.54 -31.53 -40.83
N GLU C 147 -2.12 -31.22 -39.67
CA GLU C 147 -3.13 -30.17 -39.58
C GLU C 147 -2.50 -28.81 -39.40
N VAL C 148 -3.29 -27.76 -39.62
CA VAL C 148 -2.79 -26.39 -39.57
C VAL C 148 -2.22 -26.07 -38.19
N LEU C 149 -2.76 -26.72 -37.17
CA LEU C 149 -2.22 -26.61 -35.82
C LEU C 149 -2.63 -27.80 -34.96
N TRP C 150 -1.64 -28.49 -34.41
CA TRP C 150 -1.88 -29.72 -33.66
C TRP C 150 -1.32 -29.62 -32.24
N HIS C 151 -0.37 -28.70 -32.04
CA HIS C 151 0.46 -28.70 -30.85
C HIS C 151 -0.39 -28.63 -29.59
N PRO C 152 -1.50 -27.90 -29.67
CA PRO C 152 -1.51 -26.60 -30.32
C PRO C 152 -0.65 -25.59 -29.57
N THR C 153 -0.46 -24.42 -30.17
CA THR C 153 0.31 -23.35 -29.54
C THR C 153 -0.56 -22.15 -29.23
N LEU C 154 -1.88 -22.37 -29.19
CA LEU C 154 -2.84 -21.27 -29.12
C LEU C 154 -2.75 -20.39 -30.35
N ASN C 155 -3.71 -19.48 -30.50
CA ASN C 155 -3.96 -18.82 -31.77
C ASN C 155 -4.24 -19.83 -32.87
N LEU C 156 -4.94 -19.39 -33.91
CA LEU C 156 -5.53 -20.30 -34.88
C LEU C 156 -6.42 -21.33 -34.20
N PRO C 157 -7.32 -21.94 -34.97
CA PRO C 157 -8.20 -22.98 -34.44
C PRO C 157 -7.40 -24.10 -33.79
N LEU C 158 -7.91 -24.61 -32.67
CA LEU C 158 -7.29 -25.74 -31.99
C LEU C 158 -7.16 -26.95 -32.92
N SER C 159 -8.18 -27.15 -33.74
CA SER C 159 -8.14 -28.18 -34.78
C SER C 159 -9.35 -28.09 -35.70
N PRO C 160 -9.15 -28.46 -36.95
CA PRO C 160 -10.24 -28.49 -37.93
C PRO C 160 -11.31 -29.50 -37.51
N GLN C 161 -10.96 -30.39 -36.60
CA GLN C 161 -11.89 -31.40 -36.11
C GLN C 161 -12.68 -30.90 -34.91
N GLY C 162 -12.36 -29.68 -34.47
CA GLY C 162 -12.98 -29.12 -33.28
C GLY C 162 -12.00 -29.11 -32.11
N THR C 163 -12.52 -28.86 -30.91
CA THR C 163 -11.68 -28.72 -29.72
C THR C 163 -10.81 -29.96 -29.53
N VAL C 164 -9.52 -29.73 -29.30
CA VAL C 164 -8.59 -30.82 -29.03
C VAL C 164 -8.75 -31.35 -27.61
N ARG C 165 -8.61 -32.67 -27.46
CA ARG C 165 -8.80 -33.31 -26.16
C ARG C 165 -7.98 -32.62 -25.08
N THR C 166 -8.67 -32.03 -24.11
CA THR C 166 -8.02 -31.25 -23.06
C THR C 166 -8.62 -31.57 -21.69
N ALA C 167 -7.75 -31.82 -20.71
CA ALA C 167 -8.20 -32.16 -19.37
C ALA C 167 -7.50 -31.30 -18.32
N VAL C 168 -8.14 -31.16 -17.17
CA VAL C 168 -7.56 -30.41 -16.06
C VAL C 168 -6.78 -31.33 -15.12
N GLU C 169 -5.53 -30.97 -14.86
CA GLU C 169 -4.68 -31.79 -14.00
C GLU C 169 -4.47 -31.14 -12.64
N PHE C 170 -4.51 -29.81 -12.61
CA PHE C 170 -4.25 -29.06 -11.39
C PHE C 170 -4.95 -27.70 -11.42
N GLN C 171 -5.55 -27.32 -10.30
CA GLN C 171 -6.20 -26.03 -10.19
C GLN C 171 -6.06 -25.46 -8.78
N VAL C 172 -6.04 -24.14 -8.68
CA VAL C 172 -6.10 -23.46 -7.38
C VAL C 172 -7.31 -22.55 -7.29
N MET C 173 -8.01 -22.63 -6.16
CA MET C 173 -9.29 -21.96 -6.01
C MET C 173 -9.27 -20.97 -4.85
N THR C 174 -10.02 -19.88 -4.98
CA THR C 174 -10.33 -19.02 -3.85
C THR C 174 -11.77 -18.53 -3.90
N GLN C 175 -12.36 -18.31 -2.74
CA GLN C 175 -13.74 -17.84 -2.65
C GLN C 175 -13.80 -16.31 -2.64
N THR C 176 -12.63 -15.67 -2.70
CA THR C 176 -12.56 -14.22 -2.79
C THR C 176 -11.19 -13.78 -3.31
N GLN C 177 -11.15 -12.58 -3.88
CA GLN C 177 -9.89 -11.92 -4.19
C GLN C 177 -9.65 -10.73 -3.27
N SER C 178 -10.52 -10.57 -2.27
CA SER C 178 -10.44 -9.44 -1.37
C SER C 178 -10.95 -9.81 0.03
N LEU C 179 -10.28 -9.32 1.06
CA LEU C 179 -10.73 -9.50 2.43
C LEU C 179 -10.82 -8.17 3.16
N SER C 180 -11.69 -8.10 4.16
CA SER C 180 -11.86 -6.90 4.95
C SER C 180 -11.97 -7.23 6.44
N PHE C 181 -10.99 -6.78 7.21
CA PHE C 181 -10.99 -7.01 8.65
C PHE C 181 -10.67 -5.73 9.41
N LEU C 182 -11.04 -5.71 10.69
CA LEU C 182 -10.72 -4.58 11.56
C LEU C 182 -9.38 -4.79 12.26
N LEU C 183 -8.73 -3.68 12.61
CA LEU C 183 -7.49 -3.73 13.39
C LEU C 183 -7.69 -4.48 14.69
N GLY C 184 -6.81 -5.44 14.96
CA GLY C 184 -6.88 -6.23 16.19
C GLY C 184 -7.58 -7.55 15.95
N SER C 185 -8.29 -7.65 14.83
CA SER C 185 -9.01 -8.88 14.48
C SER C 185 -8.07 -9.91 13.89
N SER C 186 -8.41 -11.19 14.08
CA SER C 186 -7.80 -12.26 13.31
C SER C 186 -8.30 -12.26 11.87
N ALA C 187 -7.61 -13.02 11.01
CA ALA C 187 -8.01 -13.12 9.61
C ALA C 187 -7.57 -14.45 9.02
N SER C 188 -8.10 -14.77 7.84
CA SER C 188 -7.72 -15.99 7.13
C SER C 188 -7.60 -15.75 5.63
N LEU C 189 -6.45 -16.06 5.07
CA LEU C 189 -6.20 -15.87 3.65
C LEU C 189 -6.69 -17.06 2.84
N ASP C 190 -7.97 -17.03 2.46
CA ASP C 190 -8.62 -18.20 1.88
C ASP C 190 -7.91 -18.67 0.63
N CYS C 191 -7.56 -19.96 0.59
CA CYS C 191 -7.05 -20.58 -0.63
C CYS C 191 -7.05 -22.10 -0.51
N GLY C 192 -7.47 -22.77 -1.58
CA GLY C 192 -7.34 -24.22 -1.67
C GLY C 192 -6.92 -24.65 -3.06
N PHE C 193 -6.70 -25.95 -3.23
CA PHE C 193 -6.24 -26.50 -4.51
C PHE C 193 -6.59 -27.97 -4.63
N SER C 194 -6.58 -28.47 -5.87
CA SER C 194 -6.83 -29.89 -6.12
C SER C 194 -6.04 -30.38 -7.32
N MET C 195 -5.58 -31.62 -7.25
CA MET C 195 -4.72 -32.18 -8.29
C MET C 195 -5.12 -33.61 -8.62
N ALA C 196 -4.90 -34.00 -9.88
CA ALA C 196 -5.18 -35.37 -10.31
C ALA C 196 -4.19 -36.35 -9.69
N PRO C 197 -4.64 -37.57 -9.44
CA PRO C 197 -3.77 -38.64 -8.96
C PRO C 197 -2.53 -38.77 -9.83
N GLY C 198 -1.38 -39.02 -9.19
CA GLY C 198 -0.12 -39.15 -9.90
C GLY C 198 0.71 -37.88 -9.78
N LEU C 199 0.07 -36.79 -9.36
CA LEU C 199 0.78 -35.54 -9.11
C LEU C 199 1.20 -35.43 -7.65
N ASP C 200 2.42 -34.99 -7.42
CA ASP C 200 2.95 -34.85 -6.07
C ASP C 200 2.96 -33.38 -5.65
N LEU C 201 2.35 -33.10 -4.50
CA LEU C 201 2.45 -31.79 -3.87
C LEU C 201 3.81 -31.58 -3.23
N ILE C 202 4.48 -30.50 -3.63
CA ILE C 202 5.84 -30.24 -3.17
C ILE C 202 5.87 -29.24 -2.02
N SER C 203 5.39 -28.03 -2.30
CA SER C 203 5.51 -26.92 -1.35
C SER C 203 4.45 -25.87 -1.60
N VAL C 204 4.14 -25.09 -0.57
CA VAL C 204 3.34 -23.88 -0.73
C VAL C 204 3.97 -22.69 -0.01
N GLU C 205 3.96 -21.55 -0.67
CA GLU C 205 4.50 -20.32 -0.09
C GLU C 205 3.43 -19.24 0.02
N TRP C 206 3.50 -18.46 1.09
CA TRP C 206 2.68 -17.24 1.19
C TRP C 206 3.56 -16.00 1.26
N ARG C 207 3.31 -15.07 0.34
CA ARG C 207 4.15 -13.87 0.23
C ARG C 207 3.29 -12.60 0.27
N LEU C 208 3.87 -11.53 0.79
CA LEU C 208 3.20 -10.24 0.81
C LEU C 208 3.96 -9.20 0.01
N GLN C 209 3.27 -8.51 -0.89
CA GLN C 209 3.88 -7.49 -1.73
C GLN C 209 4.34 -6.30 -0.89
N HIS C 210 5.61 -5.94 -1.03
CA HIS C 210 6.17 -4.81 -0.30
C HIS C 210 7.36 -4.20 -1.05
N LYS C 211 7.15 -3.01 -1.60
CA LYS C 211 8.25 -2.24 -2.17
C LYS C 211 9.07 -3.09 -3.14
N GLY C 212 8.48 -3.42 -4.28
CA GLY C 212 9.23 -3.95 -5.41
C GLY C 212 9.70 -5.37 -5.14
N ARG C 213 8.98 -6.08 -4.27
CA ARG C 213 9.25 -7.48 -4.02
C ARG C 213 8.12 -8.13 -3.23
N GLY C 214 8.08 -9.46 -3.24
CA GLY C 214 7.31 -10.21 -2.26
C GLY C 214 8.15 -10.52 -1.02
N GLN C 215 7.53 -10.42 0.15
CA GLN C 215 8.17 -10.86 1.39
C GLN C 215 7.53 -12.15 1.90
N LEU C 216 8.37 -13.13 2.20
CA LEU C 216 7.89 -14.46 2.60
C LEU C 216 7.31 -14.43 4.01
N VAL C 217 6.05 -14.79 4.13
CA VAL C 217 5.35 -14.74 5.42
C VAL C 217 5.28 -16.12 6.06
N TYR C 218 5.03 -17.13 5.23
CA TYR C 218 4.85 -18.49 5.73
C TYR C 218 5.30 -19.51 4.69
N SER C 219 5.87 -20.63 5.16
CA SER C 219 6.28 -21.72 4.29
C SER C 219 5.59 -23.02 4.67
N TRP C 220 5.27 -23.82 3.67
CA TRP C 220 4.91 -25.22 3.89
C TRP C 220 5.62 -26.13 2.90
N THR C 221 6.38 -27.09 3.42
CA THR C 221 7.10 -28.05 2.58
C THR C 221 7.03 -29.45 3.16
N ALA C 222 6.62 -30.41 2.33
CA ALA C 222 6.63 -31.81 2.72
C ALA C 222 6.05 -32.01 4.11
N GLY C 223 4.95 -31.31 4.39
CA GLY C 223 4.16 -31.59 5.58
C GLY C 223 4.60 -30.73 6.76
N GLN C 224 5.76 -30.09 6.61
CA GLN C 224 6.33 -29.27 7.67
C GLN C 224 6.45 -27.82 7.25
N GLY C 225 5.75 -26.94 7.96
CA GLY C 225 5.75 -25.52 7.63
C GLY C 225 6.54 -24.71 8.66
N GLN C 226 6.57 -23.40 8.47
CA GLN C 226 7.31 -22.51 9.37
C GLN C 226 6.73 -21.11 9.35
N ALA C 227 6.58 -20.51 10.52
CA ALA C 227 6.16 -19.12 10.63
C ALA C 227 7.31 -18.17 10.30
N VAL C 228 7.61 -18.02 9.02
CA VAL C 228 8.76 -17.24 8.58
C VAL C 228 8.68 -15.82 9.11
N ARG C 229 7.50 -15.22 9.06
CA ARG C 229 7.25 -13.95 9.73
C ARG C 229 6.06 -14.06 10.67
N LYS C 230 5.00 -14.72 10.21
CA LYS C 230 3.81 -14.90 11.04
C LYS C 230 2.82 -15.85 10.35
N GLY C 231 1.81 -16.30 11.11
CA GLY C 231 0.71 -17.05 10.55
C GLY C 231 0.79 -18.53 10.94
N ALA C 232 -0.27 -19.27 10.64
CA ALA C 232 -0.31 -20.69 10.94
C ALA C 232 -1.13 -21.45 9.90
N THR C 233 -0.79 -22.73 9.70
CA THR C 233 -1.53 -23.59 8.79
C THR C 233 -1.88 -24.91 9.44
N LEU C 234 -2.81 -25.64 8.82
CA LEU C 234 -3.18 -26.97 9.29
C LEU C 234 -3.64 -27.85 8.14
N GLU C 235 -3.07 -29.05 8.05
CA GLU C 235 -3.44 -30.00 7.01
C GLU C 235 -4.79 -30.66 7.32
N PRO C 236 -5.73 -30.52 6.39
CA PRO C 236 -7.06 -31.08 6.56
C PRO C 236 -6.98 -32.59 6.81
N ALA C 237 -7.88 -33.10 7.63
CA ALA C 237 -7.99 -34.54 7.86
C ALA C 237 -9.31 -35.08 7.32
N GLN C 238 -9.87 -34.38 6.34
CA GLN C 238 -11.15 -34.77 5.76
C GLN C 238 -11.04 -34.98 4.25
N LEU C 239 -11.95 -35.78 3.71
CA LEU C 239 -11.98 -36.02 2.27
C LEU C 239 -13.17 -35.31 1.62
N GLY C 240 -13.08 -35.12 0.31
CA GLY C 240 -14.19 -34.57 -0.45
C GLY C 240 -14.00 -33.07 -0.71
N MET C 241 -13.05 -32.48 0.03
CA MET C 241 -12.72 -31.07 -0.17
C MET C 241 -11.37 -30.91 -0.85
N ALA C 242 -11.20 -29.83 -1.58
CA ALA C 242 -9.90 -29.42 -2.08
C ALA C 242 -8.93 -29.15 -0.93
N ARG C 243 -7.64 -29.39 -1.17
CA ARG C 243 -6.62 -29.22 -0.15
C ARG C 243 -6.54 -27.77 0.30
N ASP C 244 -6.27 -27.57 1.59
CA ASP C 244 -6.29 -26.24 2.17
C ASP C 244 -4.94 -25.55 2.05
N ALA C 245 -4.90 -24.44 1.31
CA ALA C 245 -3.70 -23.62 1.20
C ALA C 245 -3.91 -22.25 1.83
N SER C 246 -4.84 -22.18 2.78
CA SER C 246 -5.09 -20.94 3.50
C SER C 246 -4.00 -20.66 4.54
N LEU C 247 -3.82 -19.39 4.88
CA LEU C 247 -2.96 -19.02 6.00
C LEU C 247 -3.75 -18.30 7.08
N THR C 248 -3.67 -18.81 8.30
CA THR C 248 -4.35 -18.19 9.44
C THR C 248 -3.50 -17.10 10.07
N LEU C 249 -4.08 -15.90 10.19
CA LEU C 249 -3.37 -14.77 10.76
C LEU C 249 -3.92 -14.40 12.14
N PRO C 250 -3.13 -14.66 13.16
CA PRO C 250 -3.59 -14.50 14.54
C PRO C 250 -3.51 -13.05 14.99
N GLY C 251 -4.31 -12.20 14.35
CA GLY C 251 -4.36 -10.79 14.70
C GLY C 251 -3.63 -9.93 13.67
N LEU C 252 -4.31 -8.92 13.16
CA LEU C 252 -3.72 -8.03 12.16
C LEU C 252 -3.26 -6.72 12.79
N THR C 253 -2.12 -6.21 12.30
CA THR C 253 -1.79 -4.81 12.47
C THR C 253 -1.92 -4.05 11.17
N ILE C 254 -1.84 -2.73 11.24
CA ILE C 254 -2.04 -1.87 10.07
C ILE C 254 -1.01 -2.19 8.98
N GLN C 255 0.20 -2.53 9.41
CA GLN C 255 1.30 -2.76 8.48
C GLN C 255 1.20 -4.14 7.83
N ASP C 256 0.16 -4.88 8.21
CA ASP C 256 -0.10 -6.18 7.61
C ASP C 256 -1.05 -6.05 6.42
N GLU C 257 -1.51 -4.83 6.16
CA GLU C 257 -2.34 -4.55 5.00
C GLU C 257 -1.53 -4.67 3.70
N GLY C 258 -2.16 -5.23 2.67
CA GLY C 258 -1.54 -5.32 1.36
C GLY C 258 -2.02 -6.55 0.61
N THR C 259 -1.34 -6.87 -0.49
CA THR C 259 -1.75 -7.96 -1.37
C THR C 259 -0.97 -9.23 -1.07
N TYR C 260 -1.69 -10.31 -0.76
CA TYR C 260 -1.07 -11.58 -0.45
C TYR C 260 -1.17 -12.55 -1.63
N ILE C 261 -0.10 -13.31 -1.86
CA ILE C 261 -0.11 -14.33 -2.90
C ILE C 261 0.18 -15.71 -2.32
N CYS C 262 -0.69 -16.67 -2.62
CA CYS C 262 -0.47 -18.06 -2.23
C CYS C 262 -0.04 -18.90 -3.42
N GLN C 263 1.18 -19.43 -3.36
CA GLN C 263 1.75 -20.16 -4.49
C GLN C 263 1.86 -21.65 -4.18
N ILE C 264 1.17 -22.46 -4.96
CA ILE C 264 1.19 -23.91 -4.76
C ILE C 264 1.99 -24.60 -5.86
N THR C 265 3.02 -25.35 -5.45
CA THR C 265 3.90 -26.01 -6.40
C THR C 265 3.63 -27.50 -6.47
N THR C 266 3.28 -27.98 -7.67
CA THR C 266 2.90 -29.37 -7.84
C THR C 266 3.69 -30.02 -8.98
N SER C 267 4.36 -31.12 -8.67
CA SER C 267 5.25 -31.78 -9.62
C SER C 267 6.12 -30.76 -10.35
N LEU C 268 5.71 -30.42 -11.57
CA LEU C 268 6.56 -29.65 -12.47
C LEU C 268 6.02 -28.25 -12.69
N TYR C 269 4.79 -28.03 -12.24
CA TYR C 269 4.05 -26.82 -12.61
C TYR C 269 3.55 -26.10 -11.37
N ARG C 270 3.21 -24.82 -11.53
CA ARG C 270 2.81 -23.98 -10.40
C ARG C 270 1.56 -23.19 -10.72
N ALA C 271 0.71 -22.97 -9.72
CA ALA C 271 -0.40 -22.04 -9.83
C ALA C 271 -0.66 -21.34 -8.51
N GLN C 272 -1.30 -20.17 -8.58
CA GLN C 272 -1.41 -19.29 -7.42
C GLN C 272 -2.71 -18.49 -7.47
N GLN C 273 -3.12 -17.98 -6.31
CA GLN C 273 -4.23 -17.04 -6.24
C GLN C 273 -3.89 -15.85 -5.35
N ILE C 274 -4.47 -14.70 -5.68
CA ILE C 274 -4.06 -13.45 -5.05
C ILE C 274 -5.23 -12.78 -4.34
N ILE C 275 -5.03 -12.41 -3.08
CA ILE C 275 -6.06 -11.76 -2.28
C ILE C 275 -5.55 -10.45 -1.69
N GLN C 276 -6.33 -9.38 -1.87
CA GLN C 276 -6.04 -8.11 -1.23
C GLN C 276 -6.66 -8.03 0.16
N LEU C 277 -5.81 -7.83 1.17
CA LEU C 277 -6.27 -7.76 2.55
C LEU C 277 -6.35 -6.31 3.02
N ASN C 278 -7.57 -5.86 3.29
CA ASN C 278 -7.80 -4.49 3.75
C ASN C 278 -7.99 -4.45 5.26
N ILE C 279 -7.45 -3.42 5.90
CA ILE C 279 -7.59 -3.24 7.34
C ILE C 279 -8.14 -1.87 7.67
N GLN C 280 -9.13 -1.82 8.57
CA GLN C 280 -9.72 -0.57 8.99
C GLN C 280 -9.64 -0.40 10.51
N ALA C 281 -9.69 0.84 10.97
CA ALA C 281 -9.73 1.12 12.40
C ALA C 281 -10.66 2.28 12.71
N SER C 282 -11.57 2.07 13.66
CA SER C 282 -12.57 3.07 14.00
C SER C 282 -11.96 4.21 14.80
N PRO C 283 -12.17 5.44 14.32
CA PRO C 283 -11.66 6.62 15.01
C PRO C 283 -12.15 6.69 16.44
N LYS C 284 -11.28 7.14 17.34
CA LYS C 284 -11.70 7.48 18.69
C LYS C 284 -11.90 8.97 18.86
N VAL C 285 -13.14 9.37 19.13
CA VAL C 285 -13.52 10.78 19.05
C VAL C 285 -13.97 11.30 20.41
N ARG C 286 -13.38 12.42 20.82
CA ARG C 286 -13.77 13.09 22.06
C ARG C 286 -13.60 14.60 21.96
N LEU C 287 -14.36 15.33 22.76
CA LEU C 287 -14.40 16.78 22.66
C LEU C 287 -14.45 17.42 24.04
N SER C 288 -13.63 18.44 24.25
CA SER C 288 -13.67 19.23 25.47
C SER C 288 -13.05 20.60 25.26
N LEU C 289 -13.27 21.50 26.22
CA LEU C 289 -12.61 22.80 26.21
C LEU C 289 -11.10 22.65 26.37
N ALA C 290 -10.35 23.51 25.68
CA ALA C 290 -8.90 23.54 25.82
C ALA C 290 -8.48 23.94 27.22
N ASN C 291 -7.38 23.37 27.69
CA ASN C 291 -6.84 23.70 29.01
C ASN C 291 -6.02 24.98 28.97
N GLU C 292 -6.12 25.77 30.04
CA GLU C 292 -5.26 26.93 30.20
C GLU C 292 -5.31 27.84 28.98
N ALA C 293 -6.49 28.02 28.43
CA ALA C 293 -6.70 28.93 27.32
C ALA C 293 -7.02 30.35 27.81
N LEU C 294 -6.59 31.34 27.04
CA LEU C 294 -6.99 32.73 27.30
C LEU C 294 -8.38 33.02 26.78
N LEU C 295 -8.73 32.39 25.66
CA LEU C 295 -10.07 32.52 25.08
C LEU C 295 -10.76 31.17 24.98
N PRO C 296 -12.08 31.18 25.15
CA PRO C 296 -12.87 29.97 25.03
C PRO C 296 -12.53 29.22 23.74
N THR C 297 -11.98 28.01 23.90
CA THR C 297 -11.51 27.24 22.76
C THR C 297 -11.88 25.77 22.90
N LEU C 298 -12.35 25.17 21.80
CA LEU C 298 -12.67 23.75 21.79
C LEU C 298 -11.63 22.96 21.00
N ILE C 299 -11.28 21.79 21.52
CA ILE C 299 -10.43 20.86 20.80
C ILE C 299 -11.03 19.45 20.79
N CYS C 300 -11.15 18.88 19.60
CA CYS C 300 -11.62 17.50 19.45
C CYS C 300 -10.50 16.57 19.04
N ASP C 301 -10.33 15.48 19.78
CA ASP C 301 -9.33 14.48 19.44
C ASP C 301 -9.94 13.35 18.62
N ILE C 302 -9.36 13.10 17.45
CA ILE C 302 -9.80 12.00 16.60
C ILE C 302 -8.65 11.03 16.32
N ALA C 303 -8.56 9.99 17.14
CA ALA C 303 -7.33 9.21 17.25
C ALA C 303 -7.51 7.81 16.68
N GLY C 304 -6.44 7.26 16.12
CA GLY C 304 -6.34 5.82 15.90
C GLY C 304 -7.22 5.38 14.74
N TYR C 305 -7.19 6.14 13.66
CA TYR C 305 -8.07 5.89 12.52
C TYR C 305 -7.29 5.28 11.35
N TYR C 306 -7.97 4.47 10.56
CA TYR C 306 -7.39 3.91 9.35
C TYR C 306 -8.45 3.27 8.46
N PRO C 307 -8.25 3.36 7.15
CA PRO C 307 -7.33 4.33 6.58
C PRO C 307 -7.81 5.75 6.80
N LEU C 308 -7.26 6.68 6.04
CA LEU C 308 -6.87 7.98 6.57
C LEU C 308 -7.75 9.10 6.03
N ASP C 309 -7.46 10.34 6.43
CA ASP C 309 -8.18 11.49 5.92
C ASP C 309 -9.63 11.51 6.43
N VAL C 310 -9.78 11.40 7.75
CA VAL C 310 -11.09 11.48 8.38
C VAL C 310 -11.67 12.87 8.27
N VAL C 311 -12.95 12.96 7.90
CA VAL C 311 -13.61 14.24 7.72
C VAL C 311 -14.23 14.72 9.03
N VAL C 312 -13.89 15.94 9.43
CA VAL C 312 -14.35 16.48 10.71
C VAL C 312 -14.99 17.86 10.52
N THR C 313 -16.15 18.04 11.12
CA THR C 313 -16.82 19.34 11.10
C THR C 313 -17.46 19.66 12.45
N TRP C 314 -18.13 20.80 12.53
CA TRP C 314 -18.61 21.33 13.80
C TRP C 314 -20.03 21.86 13.69
N THR C 315 -20.82 21.65 14.74
CA THR C 315 -22.17 22.19 14.80
C THR C 315 -22.39 22.98 16.08
N ARG C 316 -23.05 24.13 15.96
CA ARG C 316 -23.23 25.04 17.09
C ARG C 316 -24.70 25.19 17.45
N GLU C 317 -24.99 25.18 18.75
CA GLU C 317 -26.32 25.51 19.24
C GLU C 317 -26.27 26.61 20.29
N GLU C 318 -27.28 27.46 20.31
CA GLU C 318 -27.37 28.54 21.29
C GLU C 318 -28.80 28.72 21.79
N LEU C 319 -28.97 28.67 23.11
CA LEU C 319 -30.26 28.96 23.72
C LEU C 319 -31.35 28.08 23.14
N GLY C 320 -30.97 26.88 22.70
CA GLY C 320 -31.94 25.88 22.28
C GLY C 320 -32.50 26.21 20.90
N GLY C 321 -31.83 27.11 20.20
CA GLY C 321 -32.27 27.52 18.87
C GLY C 321 -31.87 26.50 17.82
N SER C 322 -32.14 26.81 16.56
CA SER C 322 -31.88 25.88 15.46
C SER C 322 -30.38 25.64 15.29
N PRO C 323 -29.98 24.38 15.34
CA PRO C 323 -28.58 24.01 15.11
C PRO C 323 -28.07 24.56 13.79
N ALA C 324 -26.82 24.97 13.77
CA ALA C 324 -26.18 25.47 12.56
C ALA C 324 -24.77 24.93 12.40
N GLN C 325 -24.36 24.67 11.16
CA GLN C 325 -22.98 24.30 10.87
C GLN C 325 -22.07 25.51 10.91
N VAL C 326 -20.90 25.34 11.51
CA VAL C 326 -19.92 26.41 11.62
C VAL C 326 -18.58 26.01 11.03
N SER C 327 -17.72 27.00 10.77
CA SER C 327 -16.43 26.75 10.15
C SER C 327 -15.34 27.58 10.80
N GLY C 328 -14.18 27.65 10.15
CA GLY C 328 -13.01 28.29 10.73
C GLY C 328 -12.14 27.29 11.46
N ALA C 329 -12.65 26.07 11.62
CA ALA C 329 -11.91 25.01 12.29
C ALA C 329 -10.68 24.60 11.51
N SER C 330 -9.64 24.19 12.22
CA SER C 330 -8.44 23.63 11.59
C SER C 330 -7.97 22.38 12.31
N PHE C 331 -6.99 21.70 11.72
CA PHE C 331 -6.43 20.48 12.30
C PHE C 331 -5.11 20.76 13.00
N SER C 332 -4.71 19.85 13.89
CA SER C 332 -3.41 19.93 14.54
C SER C 332 -2.99 18.59 15.09
N SER C 333 -1.74 18.51 15.56
CA SER C 333 -1.31 17.40 16.40
C SER C 333 -1.34 16.08 15.63
N LEU C 334 -0.89 16.12 14.38
CA LEU C 334 -0.76 14.91 13.57
C LEU C 334 0.34 14.01 14.11
N ARG C 335 0.03 12.73 14.28
CA ARG C 335 1.01 11.75 14.73
C ARG C 335 0.60 10.33 14.35
N GLN C 336 1.52 9.40 14.50
CA GLN C 336 1.27 8.01 14.12
C GLN C 336 1.43 7.08 15.31
N SER C 337 0.71 5.97 15.29
CA SER C 337 0.76 5.00 16.38
C SER C 337 1.74 3.88 16.07
N VAL C 338 2.12 3.13 17.10
CA VAL C 338 2.88 1.90 16.91
C VAL C 338 2.05 0.84 16.20
N ALA C 339 0.74 0.86 16.45
CA ALA C 339 -0.18 0.00 15.71
C ALA C 339 -0.15 0.30 14.22
N GLY C 340 0.13 1.56 13.88
CA GLY C 340 0.28 1.97 12.49
C GLY C 340 -0.87 2.88 12.06
N THR C 341 -1.77 3.16 13.00
CA THR C 341 -2.87 4.09 12.74
C THR C 341 -2.42 5.53 12.90
N TYR C 342 -3.27 6.46 12.48
CA TYR C 342 -2.97 7.89 12.60
C TYR C 342 -3.87 8.54 13.65
N SER C 343 -3.39 9.64 14.23
CA SER C 343 -4.20 10.44 15.15
C SER C 343 -4.13 11.91 14.80
N ILE C 344 -5.28 12.58 14.87
CA ILE C 344 -5.33 14.03 14.65
C ILE C 344 -6.21 14.71 15.70
N SER C 345 -6.11 16.02 15.78
CA SER C 345 -7.06 16.82 16.55
C SER C 345 -7.61 17.97 15.73
N SER C 346 -8.80 18.44 16.09
CA SER C 346 -9.40 19.60 15.44
C SER C 346 -9.66 20.72 16.43
N SER C 347 -9.32 21.95 16.04
CA SER C 347 -9.41 23.09 16.93
C SER C 347 -10.36 24.14 16.39
N LEU C 348 -11.25 24.63 17.24
CA LEU C 348 -12.19 25.68 16.85
C LEU C 348 -12.44 26.65 18.00
N THR C 349 -12.32 27.94 17.72
CA THR C 349 -12.65 28.98 18.69
C THR C 349 -14.13 28.96 19.04
N ALA C 350 -14.42 29.00 20.34
CA ALA C 350 -15.81 28.97 20.82
C ALA C 350 -16.38 30.37 20.93
N GLU C 351 -17.71 30.46 20.88
CA GLU C 351 -18.40 31.72 21.13
C GLU C 351 -19.50 31.55 22.16
N PRO C 352 -19.12 31.51 23.43
CA PRO C 352 -20.08 31.37 24.52
C PRO C 352 -21.05 32.55 24.55
N GLY C 353 -20.66 33.65 23.92
CA GLY C 353 -21.44 34.88 23.97
C GLY C 353 -21.56 35.39 25.40
N SER C 354 -22.80 35.59 25.84
CA SER C 354 -23.06 36.10 27.19
C SER C 354 -23.97 35.14 27.97
N ALA C 355 -24.07 33.91 27.48
CA ALA C 355 -24.98 32.93 28.07
C ALA C 355 -24.32 31.56 28.16
N GLY C 356 -23.36 31.31 27.27
CA GLY C 356 -22.85 29.96 27.06
C GLY C 356 -23.50 29.31 25.84
N ALA C 357 -22.89 28.24 25.35
CA ALA C 357 -23.35 27.60 24.12
C ALA C 357 -23.02 26.11 24.12
N THR C 358 -23.67 25.37 23.23
CA THR C 358 -23.41 23.94 23.10
C THR C 358 -22.83 23.60 21.72
N TYR C 359 -21.79 22.78 21.72
CA TYR C 359 -21.10 22.44 20.48
C TYR C 359 -21.08 20.92 20.27
N THR C 360 -21.22 20.50 19.02
CA THR C 360 -20.96 19.12 18.64
C THR C 360 -19.94 19.04 17.51
N CYS C 361 -18.96 18.15 17.67
CA CYS C 361 -17.99 17.88 16.62
C CYS C 361 -18.31 16.58 15.89
N GLN C 362 -18.71 16.69 14.63
CA GLN C 362 -19.15 15.53 13.87
C GLN C 362 -18.00 14.95 13.05
N VAL C 363 -17.89 13.62 13.06
CA VAL C 363 -16.79 12.94 12.40
C VAL C 363 -17.29 11.87 11.44
N THR C 364 -16.74 11.87 10.23
CA THR C 364 -17.05 10.83 9.25
C THR C 364 -15.79 10.11 8.79
N HIS C 365 -15.79 8.79 8.92
CA HIS C 365 -14.63 7.99 8.56
C HIS C 365 -14.66 7.57 7.10
N ILE C 366 -13.69 8.05 6.33
CA ILE C 366 -13.70 7.86 4.88
C ILE C 366 -15.12 7.78 4.35
N SER C 367 -15.39 6.73 3.58
CA SER C 367 -16.68 6.60 2.90
C SER C 367 -17.71 5.93 3.80
N LEU C 368 -17.34 5.72 5.05
CA LEU C 368 -18.20 5.01 5.99
C LEU C 368 -18.98 5.98 6.88
N GLU C 369 -20.31 5.93 6.78
CA GLU C 369 -21.16 6.82 7.55
C GLU C 369 -21.32 6.35 8.99
N GLU C 370 -20.23 6.34 9.74
CA GLU C 370 -20.24 5.85 11.10
C GLU C 370 -20.77 6.90 12.07
N PRO C 371 -21.40 6.44 13.15
CA PRO C 371 -21.96 7.34 14.15
C PRO C 371 -20.87 7.90 15.05
N LEU C 372 -20.00 8.73 14.48
CA LEU C 372 -18.86 9.28 15.23
C LEU C 372 -19.08 10.76 15.53
N GLY C 373 -18.62 11.18 16.70
CA GLY C 373 -18.70 12.58 17.09
C GLY C 373 -18.65 12.73 18.61
N ALA C 374 -18.57 13.98 19.07
CA ALA C 374 -18.57 14.27 20.50
C ALA C 374 -19.18 15.63 20.78
N SER C 375 -19.75 15.79 21.98
CA SER C 375 -20.44 17.03 22.33
C SER C 375 -19.90 17.58 23.65
N THR C 376 -19.97 18.90 23.79
CA THR C 376 -19.70 19.55 25.07
C THR C 376 -20.31 20.95 25.12
N GLN C 377 -19.98 21.68 26.18
CA GLN C 377 -20.49 23.04 26.34
C GLN C 377 -19.37 24.01 26.66
N VAL C 378 -19.57 25.28 26.29
CA VAL C 378 -18.52 26.29 26.42
C VAL C 378 -18.92 27.36 27.42
N VAL C 379 -17.91 27.92 28.09
CA VAL C 379 -18.16 28.86 29.18
C VAL C 379 -17.60 30.24 28.87
N PRO C 380 -18.42 31.27 29.06
CA PRO C 380 -17.99 32.65 28.83
C PRO C 380 -16.70 32.96 29.59
N PRO C 381 -15.92 33.88 29.05
CA PRO C 381 -14.67 34.28 29.68
C PRO C 381 -14.92 35.03 30.99
N GLU C 382 -16.17 35.39 31.22
CA GLU C 382 -16.56 36.05 32.45
C GLU C 382 -16.71 35.06 33.60
N ARG C 383 -16.61 33.77 33.27
CA ARG C 383 -16.70 32.72 34.27
C ARG C 383 -15.53 31.74 34.14
N ARG C 384 -14.93 31.69 32.96
CA ARG C 384 -13.80 30.81 32.71
C ARG C 384 -12.56 31.61 32.31
C4 30W D . 22.26 5.99 -12.41
C6 30W D . 25.52 7.65 -12.49
C11 30W D . 23.13 0.07 -12.62
C7 30W D . 26.38 6.56 -12.60
C9 30W D . 26.07 9.02 -12.46
C10 30W D . 23.02 1.44 -13.23
N1 30W D . 24.05 3.89 -12.62
N2 30W D . 22.30 2.39 -12.60
N3 30W D . 21.85 4.69 -12.46
O10 30W D . 23.58 1.69 -14.28
C2 30W D . 22.76 3.69 -12.56
C8A 30W D . 24.58 5.12 -12.58
N8 30W D . 25.90 5.33 -12.64
N5 30W D . 24.19 7.47 -12.44
C4A 30W D . 23.71 6.24 -12.47
O4 30W D . 21.46 6.90 -12.33
H1 30W D . 22.12 -0.39 -12.53
H2 30W D . 23.60 0.13 -11.61
H3 30W D . 23.76 -0.58 -13.28
H4 30W D . 27.45 6.78 -12.64
O9 30W D . 25.32 9.97 -12.35
H5 30W D . 27.16 9.15 -12.53
H8 30W D . 21.43 2.21 -12.15
H9 30W D . 20.89 4.43 -12.42
N HIS A 4 21.67 2.38 6.88
CA HIS A 4 22.26 3.00 5.70
C HIS A 4 21.57 2.55 4.42
N SER A 5 21.07 3.51 3.66
CA SER A 5 20.21 3.21 2.52
C SER A 5 20.63 4.01 1.29
N LEU A 6 20.50 3.40 0.12
CA LEU A 6 20.63 4.13 -1.15
C LEU A 6 19.34 4.05 -1.95
N ARG A 7 18.86 5.20 -2.40
CA ARG A 7 17.56 5.29 -3.04
C ARG A 7 17.62 6.11 -4.33
N TYR A 8 16.95 5.64 -5.37
CA TYR A 8 16.68 6.44 -6.54
C TYR A 8 15.19 6.56 -6.81
N PHE A 9 14.77 7.68 -7.37
CA PHE A 9 13.37 7.93 -7.67
C PHE A 9 13.18 8.49 -9.07
N ARG A 10 12.06 8.16 -9.69
CA ARG A 10 11.65 8.82 -10.93
C ARG A 10 10.18 9.23 -10.87
N LEU A 11 9.89 10.40 -11.44
CA LEU A 11 8.50 10.81 -11.66
C LEU A 11 8.32 11.41 -13.04
N GLY A 12 7.32 10.92 -13.77
CA GLY A 12 6.95 11.48 -15.06
C GLY A 12 5.45 11.72 -15.14
N VAL A 13 5.05 12.50 -16.15
CA VAL A 13 3.64 12.83 -16.33
C VAL A 13 3.18 12.57 -17.77
N SER A 14 1.89 12.40 -17.95
CA SER A 14 1.32 12.22 -19.28
C SER A 14 1.15 13.56 -19.99
N ASP A 15 0.95 14.62 -19.21
CA ASP A 15 0.62 15.92 -19.77
C ASP A 15 1.13 17.04 -18.87
N PRO A 16 2.31 17.56 -19.20
CA PRO A 16 2.96 18.58 -18.39
C PRO A 16 2.07 19.79 -18.21
N ILE A 17 2.08 20.37 -17.01
CA ILE A 17 1.29 21.56 -16.73
C ILE A 17 2.20 22.73 -16.30
N HIS A 18 1.89 23.92 -16.80
CA HIS A 18 2.65 25.12 -16.46
C HIS A 18 2.83 25.24 -14.96
N GLY A 19 4.07 25.35 -14.51
CA GLY A 19 4.38 25.48 -13.09
C GLY A 19 4.61 24.12 -12.46
N VAL A 20 4.35 23.06 -13.22
CA VAL A 20 4.51 21.70 -12.72
C VAL A 20 5.66 20.99 -13.43
N PRO A 21 6.54 20.38 -12.64
CA PRO A 21 7.68 19.65 -13.19
C PRO A 21 7.23 18.66 -14.26
N GLU A 22 8.00 18.57 -15.33
CA GLU A 22 7.76 17.57 -16.38
C GLU A 22 8.29 16.21 -15.96
N PHE A 23 9.51 16.19 -15.43
CA PHE A 23 10.17 14.94 -15.07
C PHE A 23 11.19 15.15 -13.96
N ILE A 24 11.17 14.27 -12.97
CA ILE A 24 12.13 14.32 -11.88
C ILE A 24 12.86 13.00 -11.72
N SER A 25 14.18 13.07 -11.61
CA SER A 25 15.00 11.89 -11.34
C SER A 25 16.12 12.20 -10.36
N VAL A 26 16.06 11.62 -9.18
CA VAL A 26 16.96 11.98 -8.09
C VAL A 26 17.55 10.74 -7.43
N GLY A 27 18.60 10.96 -6.63
CA GLY A 27 19.18 9.87 -5.84
C GLY A 27 19.71 10.39 -4.51
N TYR A 28 19.53 9.58 -3.47
CA TYR A 28 19.97 9.97 -2.13
C TYR A 28 20.75 8.84 -1.46
N VAL A 29 21.71 9.21 -0.62
CA VAL A 29 22.29 8.28 0.34
C VAL A 29 22.05 8.73 1.76
N ASP A 30 21.25 7.96 2.50
CA ASP A 30 20.71 8.42 3.78
C ASP A 30 20.12 9.82 3.65
N SER A 31 20.75 10.78 4.32
CA SER A 31 20.23 12.15 4.35
C SER A 31 21.02 13.06 3.42
N HIS A 32 21.87 12.46 2.59
CA HIS A 32 22.79 13.22 1.75
C HIS A 32 22.54 12.96 0.28
N PRO A 33 21.90 13.90 -0.39
CA PRO A 33 21.66 13.80 -1.82
C PRO A 33 22.98 13.61 -2.59
N ILE A 34 22.93 12.76 -3.62
CA ILE A 34 24.10 12.52 -4.45
C ILE A 34 23.86 13.02 -5.87
N THR A 35 22.59 13.16 -6.24
CA THR A 35 22.23 13.71 -7.54
C THR A 35 20.82 14.28 -7.53
N THR A 36 20.57 15.30 -8.34
CA THR A 36 19.23 15.77 -8.60
C THR A 36 19.04 16.14 -10.06
N TYR A 37 17.89 16.71 -10.38
CA TYR A 37 17.50 16.94 -11.77
C TYR A 37 16.71 18.24 -11.92
N ASP A 38 17.08 19.04 -12.92
CA ASP A 38 16.33 20.24 -13.24
C ASP A 38 15.16 19.94 -14.16
N SER A 39 13.95 19.98 -13.60
CA SER A 39 12.76 19.51 -14.30
C SER A 39 12.21 20.59 -15.22
N VAL A 40 12.96 21.68 -15.36
CA VAL A 40 12.56 22.77 -16.26
C VAL A 40 13.46 22.82 -17.49
N THR A 41 14.78 22.82 -17.26
CA THR A 41 15.74 22.93 -18.34
C THR A 41 16.29 21.57 -18.74
N ARG A 42 15.81 20.53 -18.06
CA ARG A 42 16.07 19.15 -18.50
C ARG A 42 17.55 18.82 -18.44
N GLN A 43 18.14 18.99 -17.25
CA GLN A 43 19.53 18.62 -17.04
C GLN A 43 19.77 18.17 -15.61
N LYS A 44 20.79 17.33 -15.42
CA LYS A 44 21.14 16.86 -14.08
C LYS A 44 22.02 17.87 -13.35
N GLU A 45 21.98 17.82 -12.02
CA GLU A 45 22.97 18.52 -11.21
C GLU A 45 23.63 17.57 -10.22
N PRO A 46 24.92 17.78 -9.98
CA PRO A 46 25.66 16.98 -9.01
C PRO A 46 25.32 17.39 -7.58
N ARG A 47 25.39 16.43 -6.67
CA ARG A 47 25.46 16.73 -5.24
C ARG A 47 26.51 15.86 -4.55
N ALA A 48 26.65 16.05 -3.25
CA ALA A 48 27.60 15.28 -2.46
C ALA A 48 29.03 15.51 -2.95
N PRO A 49 29.74 16.40 -2.26
CA PRO A 49 31.14 16.69 -2.60
C PRO A 49 31.94 15.41 -2.75
N TRP A 50 31.61 14.40 -1.95
CA TRP A 50 32.35 13.15 -1.93
C TRP A 50 31.95 12.27 -3.11
N MET A 51 30.94 12.71 -3.86
CA MET A 51 30.67 12.14 -5.17
C MET A 51 31.45 12.88 -6.26
N ALA A 52 31.53 14.20 -6.13
CA ALA A 52 32.21 15.03 -7.11
C ALA A 52 33.67 14.64 -7.25
N GLU A 53 34.26 14.19 -6.14
CA GLU A 53 35.65 13.76 -6.13
C GLU A 53 35.86 12.52 -6.99
N ASN A 54 34.78 11.77 -7.20
CA ASN A 54 34.86 10.48 -7.88
C ASN A 54 34.26 10.54 -9.27
N LEU A 55 33.26 11.41 -9.44
CA LEU A 55 32.55 11.52 -10.71
C LEU A 55 32.93 12.80 -11.44
N ALA A 56 33.67 12.65 -12.53
CA ALA A 56 34.18 13.80 -13.27
C ALA A 56 33.06 14.58 -13.92
N PRO A 57 33.25 15.89 -14.05
CA PRO A 57 32.31 16.74 -14.77
C PRO A 57 31.93 16.13 -16.11
N ASP A 58 32.90 15.49 -16.76
CA ASP A 58 32.65 14.85 -18.05
C ASP A 58 31.58 13.78 -17.93
N HIS A 59 31.56 13.08 -16.80
CA HIS A 59 30.62 11.98 -16.59
C HIS A 59 29.22 12.51 -16.33
N TRP A 60 29.13 13.58 -15.55
CA TRP A 60 27.83 14.17 -15.20
C TRP A 60 27.08 14.63 -16.44
N GLU A 61 27.81 15.19 -17.39
CA GLU A 61 27.23 15.59 -18.67
C GLU A 61 26.68 14.39 -19.42
N ARG A 62 27.47 13.32 -19.48
CA ARG A 62 27.06 12.11 -20.19
C ARG A 62 25.86 11.46 -19.51
N TYR A 63 25.81 11.54 -18.18
CA TYR A 63 24.72 10.95 -17.43
C TYR A 63 23.40 11.67 -17.71
N THR A 64 23.48 12.98 -17.93
CA THR A 64 22.33 13.76 -18.38
C THR A 64 21.81 13.24 -19.72
N GLN A 65 22.72 13.00 -20.65
CA GLN A 65 22.36 12.49 -21.96
C GLN A 65 21.68 11.14 -21.86
N LEU A 66 22.21 10.27 -21.01
CA LEU A 66 21.62 8.96 -20.76
C LEU A 66 20.25 9.08 -20.13
N LEU A 67 20.13 9.99 -19.17
CA LEU A 67 18.86 10.19 -18.46
C LEU A 67 17.76 10.67 -19.40
N ARG A 68 18.13 11.60 -20.28
CA ARG A 68 17.19 12.12 -21.27
C ARG A 68 16.66 11.01 -22.17
N GLY A 69 17.54 10.08 -22.52
CA GLY A 69 17.12 8.85 -23.20
C GLY A 69 16.16 8.05 -22.35
N TRP A 70 16.54 7.78 -21.11
CA TRP A 70 15.70 7.05 -20.18
C TRP A 70 14.38 7.77 -19.93
N GLN A 71 14.46 9.09 -19.83
CA GLN A 71 13.27 9.91 -19.58
C GLN A 71 12.21 9.67 -20.65
N GLN A 72 12.63 9.71 -21.91
CA GLN A 72 11.72 9.47 -23.02
C GLN A 72 11.01 8.13 -22.89
N MET A 73 11.79 7.09 -22.60
CA MET A 73 11.23 5.74 -22.45
C MET A 73 10.33 5.65 -21.22
N PHE A 74 10.68 6.40 -20.18
CA PHE A 74 9.88 6.44 -18.96
C PHE A 74 8.50 7.03 -19.22
N LYS A 75 8.47 8.12 -19.99
CA LYS A 75 7.21 8.74 -20.38
C LYS A 75 6.37 7.80 -21.23
N VAL A 76 7.03 7.04 -22.09
CA VAL A 76 6.35 6.01 -22.88
C VAL A 76 5.78 4.92 -21.98
N GLU A 77 6.57 4.49 -21.00
CA GLU A 77 6.13 3.47 -20.07
C GLU A 77 4.81 3.85 -19.40
N LEU A 78 4.66 5.13 -19.06
CA LEU A 78 3.40 5.66 -18.58
C LEU A 78 2.27 5.39 -19.56
N LYS A 79 2.51 5.70 -20.82
CA LYS A 79 1.48 5.61 -21.85
C LYS A 79 0.96 4.18 -21.98
N ARG A 80 1.80 3.22 -21.64
CA ARG A 80 1.43 1.81 -21.71
C ARG A 80 0.23 1.52 -20.81
N LEU A 81 0.10 2.28 -19.73
CA LEU A 81 -1.02 2.13 -18.82
C LEU A 81 -2.13 3.11 -19.14
N GLN A 82 -1.76 4.30 -19.61
CA GLN A 82 -2.73 5.32 -19.98
C GLN A 82 -3.79 4.77 -20.92
N ARG A 83 -3.33 4.03 -21.93
CA ARG A 83 -4.24 3.33 -22.84
C ARG A 83 -5.04 2.27 -22.11
N HIS A 84 -4.40 1.57 -21.18
CA HIS A 84 -5.03 0.47 -20.47
C HIS A 84 -6.25 0.95 -19.68
N TYR A 85 -6.11 2.11 -19.04
CA TYR A 85 -7.16 2.63 -18.18
C TYR A 85 -8.03 3.64 -18.91
N ASN A 86 -7.86 3.72 -20.23
CA ASN A 86 -8.63 4.64 -21.04
C ASN A 86 -8.51 6.07 -20.52
N HIS A 87 -7.29 6.49 -20.24
CA HIS A 87 -7.04 7.84 -19.72
C HIS A 87 -6.57 8.78 -20.82
N SER A 88 -6.89 10.06 -20.67
CA SER A 88 -6.44 11.08 -21.60
C SER A 88 -6.05 12.37 -20.88
N GLY A 89 -6.06 12.31 -19.55
CA GLY A 89 -5.79 13.49 -18.74
C GLY A 89 -4.33 13.54 -18.30
N SER A 90 -4.03 14.41 -17.35
CA SER A 90 -2.67 14.57 -16.85
C SER A 90 -2.42 13.64 -15.65
N HIS A 91 -1.72 12.55 -15.91
CA HIS A 91 -1.52 11.52 -14.88
C HIS A 91 -0.04 11.29 -14.62
N THR A 92 0.27 10.63 -13.51
CA THR A 92 1.65 10.44 -13.09
C THR A 92 2.09 8.99 -13.28
N TYR A 93 3.40 8.80 -13.45
CA TYR A 93 3.99 7.47 -13.31
C TYR A 93 5.27 7.51 -12.50
N GLN A 94 5.37 6.63 -11.51
CA GLN A 94 6.43 6.72 -10.50
C GLN A 94 7.21 5.42 -10.42
N ARG A 95 8.49 5.53 -10.08
CA ARG A 95 9.34 4.35 -9.87
C ARG A 95 10.28 4.55 -8.69
N MET A 96 10.45 3.49 -7.90
CA MET A 96 11.46 3.49 -6.84
C MET A 96 12.43 2.34 -7.01
N ILE A 97 13.70 2.58 -6.72
CA ILE A 97 14.68 1.50 -6.56
C ILE A 97 15.80 1.91 -5.63
N GLY A 98 16.19 1.01 -4.74
CA GLY A 98 17.19 1.29 -3.73
C GLY A 98 17.60 0.04 -2.97
N CYS A 99 18.42 0.22 -1.94
CA CYS A 99 18.92 -0.91 -1.15
C CYS A 99 19.18 -0.50 0.29
N GLU A 100 18.92 -1.42 1.22
CA GLU A 100 19.21 -1.19 2.62
C GLU A 100 20.39 -2.03 3.09
N LEU A 101 21.31 -1.41 3.81
CA LEU A 101 22.39 -2.13 4.48
C LEU A 101 22.13 -2.25 5.98
N LEU A 102 22.14 -3.48 6.47
CA LEU A 102 21.84 -3.75 7.87
C LEU A 102 23.10 -3.86 8.70
N GLU A 103 22.95 -3.86 10.02
CA GLU A 103 24.10 -3.85 10.93
C GLU A 103 24.96 -5.08 10.74
N ASP A 104 24.34 -6.20 10.37
CA ASP A 104 25.03 -7.46 10.24
C ASP A 104 25.72 -7.57 8.89
N GLY A 105 25.66 -6.49 8.11
CA GLY A 105 26.44 -6.39 6.88
C GLY A 105 25.64 -6.86 5.68
N SER A 106 24.49 -7.46 5.94
CA SER A 106 23.64 -7.99 4.88
C SER A 106 22.94 -6.86 4.13
N THR A 107 22.53 -7.14 2.89
CA THR A 107 21.87 -6.14 2.07
C THR A 107 20.61 -6.72 1.42
N THR A 108 19.68 -5.85 1.08
CA THR A 108 18.54 -6.23 0.24
C THR A 108 18.07 -5.05 -0.61
N GLY A 109 17.62 -5.34 -1.83
CA GLY A 109 17.11 -4.31 -2.72
C GLY A 109 15.62 -4.11 -2.54
N PHE A 110 15.11 -2.98 -3.02
CA PHE A 110 13.67 -2.75 -3.08
C PHE A 110 13.26 -2.19 -4.43
N LEU A 111 12.05 -2.50 -4.86
CA LEU A 111 11.55 -2.05 -6.16
C LEU A 111 10.06 -1.76 -6.10
N GLN A 112 9.67 -0.56 -6.54
CA GLN A 112 8.27 -0.18 -6.60
C GLN A 112 7.95 0.53 -7.91
N TYR A 113 6.72 0.36 -8.39
CA TYR A 113 6.15 1.26 -9.38
C TYR A 113 4.78 1.76 -8.93
N ALA A 114 4.31 2.83 -9.58
CA ALA A 114 2.94 3.30 -9.38
C ALA A 114 2.42 4.01 -10.62
N TYR A 115 1.11 4.01 -10.79
CA TYR A 115 0.46 4.85 -11.80
C TYR A 115 -0.77 5.54 -11.25
N ASP A 116 -0.84 6.85 -11.43
CA ASP A 116 -1.91 7.66 -10.84
C ASP A 116 -1.92 7.52 -9.33
N GLY A 117 -0.75 7.29 -8.74
CA GLY A 117 -0.61 7.23 -7.30
C GLY A 117 -0.95 5.85 -6.75
N GLN A 118 -1.30 4.94 -7.65
CA GLN A 118 -1.70 3.59 -7.26
C GLN A 118 -0.56 2.60 -7.48
N ASP A 119 -0.48 1.61 -6.60
CA ASP A 119 0.59 0.63 -6.65
C ASP A 119 0.63 -0.09 -7.99
N PHE A 120 1.83 -0.38 -8.46
CA PHE A 120 2.01 -1.05 -9.75
C PHE A 120 3.25 -1.93 -9.75
N LEU A 121 3.16 -3.08 -10.41
CA LEU A 121 4.29 -4.00 -10.53
C LEU A 121 4.86 -4.33 -9.15
N ILE A 122 4.16 -5.22 -8.44
CA ILE A 122 4.70 -5.79 -7.20
C ILE A 122 5.80 -6.80 -7.49
N PHE A 123 6.97 -6.57 -6.90
CA PHE A 123 8.15 -7.37 -7.22
C PHE A 123 8.51 -8.31 -6.08
N ASN A 124 8.64 -9.58 -6.40
CA ASN A 124 9.05 -10.59 -5.42
C ASN A 124 10.54 -10.88 -5.53
N LYS A 125 11.32 -10.27 -4.65
CA LYS A 125 12.78 -10.28 -4.78
C LYS A 125 13.33 -11.70 -4.69
N ASP A 126 12.57 -12.59 -4.07
CA ASP A 126 13.06 -13.92 -3.74
C ASP A 126 12.94 -14.86 -4.94
N THR A 127 12.06 -14.51 -5.88
CA THR A 127 11.78 -15.36 -7.02
C THR A 127 11.91 -14.59 -8.33
N LEU A 128 12.11 -13.28 -8.22
CA LEU A 128 12.12 -12.40 -9.38
C LEU A 128 10.80 -12.46 -10.13
N SER A 129 9.70 -12.52 -9.38
CA SER A 129 8.36 -12.58 -9.97
C SER A 129 7.69 -11.22 -9.93
N TRP A 130 6.67 -11.06 -10.77
CA TRP A 130 5.96 -9.78 -10.87
C TRP A 130 4.46 -9.98 -10.67
N LEU A 131 3.89 -9.21 -9.73
CA LEU A 131 2.53 -9.47 -9.26
C LEU A 131 1.71 -8.19 -9.25
N ALA A 132 0.38 -8.34 -9.22
CA ALA A 132 -0.50 -7.24 -8.88
C ALA A 132 -1.88 -7.75 -8.45
N VAL A 133 -2.65 -6.89 -7.80
CA VAL A 133 -4.01 -7.22 -7.42
C VAL A 133 -4.98 -6.94 -8.56
N ASP A 134 -4.78 -5.83 -9.25
CA ASP A 134 -5.69 -5.39 -10.29
C ASP A 134 -5.61 -6.30 -11.51
N ASN A 135 -6.56 -6.13 -12.44
CA ASN A 135 -6.66 -7.00 -13.60
C ASN A 135 -5.39 -6.95 -14.43
N VAL A 136 -4.68 -5.83 -14.35
CA VAL A 136 -3.42 -5.66 -15.08
C VAL A 136 -2.41 -6.73 -14.69
N ALA A 137 -2.67 -7.41 -13.58
CA ALA A 137 -1.78 -8.48 -13.11
C ALA A 137 -1.53 -9.51 -14.20
N HIS A 138 -2.54 -9.73 -15.03
CA HIS A 138 -2.43 -10.72 -16.11
C HIS A 138 -1.42 -10.28 -17.16
N THR A 139 -1.46 -9.00 -17.50
CA THR A 139 -0.46 -8.42 -18.40
C THR A 139 0.92 -8.45 -17.76
N ILE A 140 1.00 -8.08 -16.49
CA ILE A 140 2.27 -8.01 -15.79
C ILE A 140 2.98 -9.35 -15.79
N LYS A 141 2.28 -10.39 -15.35
CA LYS A 141 2.85 -11.73 -15.27
C LYS A 141 3.39 -12.19 -16.62
N GLN A 142 2.55 -12.10 -17.64
CA GLN A 142 2.93 -12.56 -18.98
C GLN A 142 4.03 -11.69 -19.58
N ALA A 143 3.86 -10.38 -19.47
CA ALA A 143 4.77 -9.44 -20.11
C ALA A 143 6.19 -9.61 -19.60
N TRP A 144 6.32 -9.94 -18.31
CA TRP A 144 7.62 -10.08 -17.68
C TRP A 144 8.10 -11.52 -17.72
N GLU A 145 7.31 -12.42 -17.15
CA GLU A 145 7.79 -13.75 -16.77
C GLU A 145 7.83 -14.68 -17.97
N ALA A 146 7.27 -14.24 -19.08
CA ALA A 146 7.34 -14.99 -20.32
C ALA A 146 8.75 -15.00 -20.90
N ASN A 147 9.59 -14.10 -20.38
CA ASN A 147 10.96 -13.99 -20.86
C ASN A 147 11.81 -15.15 -20.36
N GLN A 148 12.31 -15.96 -21.29
CA GLN A 148 12.98 -17.21 -20.95
C GLN A 148 14.49 -17.02 -20.86
N HIS A 149 14.93 -15.78 -21.02
CA HIS A 149 16.37 -15.49 -21.09
C HIS A 149 16.83 -14.72 -19.86
N GLU A 150 15.99 -13.81 -19.38
CA GLU A 150 16.35 -12.94 -18.28
C GLU A 150 16.21 -13.63 -16.93
N LEU A 151 17.07 -14.61 -16.69
CA LEU A 151 17.08 -15.32 -15.41
C LEU A 151 17.71 -14.48 -14.31
N LEU A 152 18.96 -14.07 -14.54
CA LEU A 152 19.69 -13.27 -13.56
C LEU A 152 19.85 -11.83 -14.02
N TYR A 153 19.45 -11.57 -15.26
CA TYR A 153 19.59 -10.23 -15.84
C TYR A 153 18.92 -9.19 -14.97
N GLN A 154 17.65 -9.42 -14.63
CA GLN A 154 16.90 -8.47 -13.81
C GLN A 154 17.53 -8.32 -12.43
N LYS A 155 17.96 -9.44 -11.86
CA LYS A 155 18.54 -9.43 -10.51
C LYS A 155 19.71 -8.48 -10.42
N ASN A 156 20.58 -8.53 -11.43
CA ASN A 156 21.77 -7.68 -11.46
C ASN A 156 21.38 -6.21 -11.50
N TRP A 157 20.36 -5.89 -12.29
CA TRP A 157 19.96 -4.50 -12.50
C TRP A 157 19.12 -3.98 -11.34
N LEU A 158 18.39 -4.88 -10.71
CA LEU A 158 17.39 -4.50 -9.71
C LEU A 158 17.99 -4.56 -8.30
N GLU A 159 18.82 -5.55 -8.06
CA GLU A 159 19.40 -5.76 -6.73
C GLU A 159 20.85 -5.28 -6.68
N GLU A 160 21.68 -5.86 -7.54
CA GLU A 160 23.13 -5.76 -7.38
C GLU A 160 23.60 -4.32 -7.55
N GLU A 161 23.00 -3.61 -8.49
CA GLU A 161 23.37 -2.22 -8.76
C GLU A 161 23.43 -1.42 -7.47
N CYS A 162 22.33 -1.39 -6.73
CA CYS A 162 22.19 -0.53 -5.57
C CYS A 162 23.00 -1.05 -4.40
N ILE A 163 23.16 -2.37 -4.33
CA ILE A 163 23.98 -3.01 -3.30
C ILE A 163 25.43 -2.58 -3.42
N ALA A 164 25.97 -2.66 -4.63
CA ALA A 164 27.36 -2.28 -4.88
C ALA A 164 27.58 -0.79 -4.63
N TRP A 165 26.66 0.03 -5.14
CA TRP A 165 26.79 1.48 -5.05
C TRP A 165 26.73 1.96 -3.60
N LEU A 166 25.79 1.39 -2.85
CA LEU A 166 25.59 1.77 -1.45
C LEU A 166 26.86 1.59 -0.64
N LYS A 167 27.46 0.42 -0.75
CA LYS A 167 28.70 0.12 -0.04
C LYS A 167 29.82 1.07 -0.43
N ARG A 168 29.90 1.38 -1.71
CA ARG A 168 30.91 2.31 -2.22
C ARG A 168 30.66 3.73 -1.71
N PHE A 169 29.40 4.14 -1.73
CA PHE A 169 29.03 5.49 -1.31
C PHE A 169 29.38 5.73 0.15
N LEU A 170 29.13 4.73 0.98
CA LEU A 170 29.46 4.81 2.40
C LEU A 170 30.96 4.95 2.61
N GLU A 171 31.75 4.28 1.78
CA GLU A 171 33.19 4.40 1.81
C GLU A 171 33.65 5.77 1.35
N TYR A 172 32.94 6.32 0.35
CA TYR A 172 33.31 7.60 -0.23
C TYR A 172 33.04 8.74 0.75
N GLY A 173 31.93 8.65 1.47
CA GLY A 173 31.46 9.77 2.29
C GLY A 173 31.41 9.38 3.77
N LYS A 174 32.36 8.56 4.19
CA LYS A 174 32.41 8.08 5.56
C LYS A 174 32.16 9.20 6.55
N ASP A 175 32.91 10.29 6.40
CA ASP A 175 32.96 11.34 7.41
C ASP A 175 31.59 11.96 7.61
N THR A 176 30.74 11.83 6.60
CA THR A 176 29.43 12.51 6.61
C THR A 176 28.30 11.50 6.76
N LEU A 177 28.56 10.26 6.36
CA LEU A 177 27.52 9.24 6.30
C LEU A 177 27.55 8.34 7.53
N GLN A 178 28.74 7.97 7.96
CA GLN A 178 28.91 7.02 9.05
C GLN A 178 28.89 7.71 10.40
N ARG A 179 28.84 9.03 10.39
CA ARG A 179 28.77 9.82 11.62
C ARG A 179 27.46 9.57 12.36
N THR A 180 27.57 9.20 13.63
CA THR A 180 26.40 8.93 14.46
C THR A 180 26.52 9.60 15.82
N GLU A 181 25.46 10.29 16.23
CA GLU A 181 25.44 10.95 17.53
C GLU A 181 24.13 10.70 18.26
N PRO A 182 24.21 10.54 19.58
CA PRO A 182 23.04 10.25 20.39
C PRO A 182 22.16 11.49 20.56
N PRO A 183 20.92 11.28 20.96
CA PRO A 183 19.98 12.37 21.16
C PRO A 183 20.21 13.08 22.48
N LYS A 184 19.72 14.31 22.58
CA LYS A 184 19.35 14.88 23.88
C LYS A 184 17.86 14.70 24.15
N VAL A 185 17.53 14.24 25.35
CA VAL A 185 16.18 13.80 25.65
C VAL A 185 15.63 14.51 26.88
N ARG A 186 14.37 14.95 26.79
CA ARG A 186 13.69 15.56 27.92
C ARG A 186 12.34 14.91 28.18
N VAL A 187 11.87 15.00 29.42
CA VAL A 187 10.56 14.45 29.78
C VAL A 187 9.68 15.53 30.41
N ASN A 188 8.43 15.57 30.00
CA ASN A 188 7.49 16.59 30.49
C ASN A 188 6.05 16.17 30.25
N HIS A 189 5.11 17.03 30.64
CA HIS A 189 3.69 16.76 30.45
C HIS A 189 2.92 18.05 30.25
N LYS A 190 1.73 17.94 29.68
CA LYS A 190 0.84 19.09 29.50
C LYS A 190 -0.61 18.65 29.30
N GLU A 191 -1.53 19.59 29.44
CA GLU A 191 -2.94 19.32 29.20
C GLU A 191 -3.37 19.80 27.82
N THR A 192 -3.62 18.85 26.93
CA THR A 192 -4.04 19.16 25.57
C THR A 192 -5.54 18.97 25.39
N PHE A 193 -6.14 18.17 26.27
CA PHE A 193 -7.58 18.01 26.29
C PHE A 193 -8.14 18.21 27.71
N PRO A 194 -9.22 18.97 27.81
CA PRO A 194 -9.78 19.34 29.11
C PRO A 194 -9.98 18.11 29.98
N GLY A 195 -9.32 18.09 31.13
CA GLY A 195 -9.53 17.05 32.12
C GLY A 195 -8.53 15.91 31.95
N ILE A 196 -7.82 15.93 30.82
CA ILE A 196 -6.89 14.85 30.49
C ILE A 196 -5.46 15.37 30.46
N THR A 197 -4.58 14.74 31.23
CA THR A 197 -3.16 15.06 31.20
C THR A 197 -2.38 14.03 30.39
N THR A 198 -1.50 14.52 29.52
CA THR A 198 -0.74 13.65 28.64
C THR A 198 0.75 13.71 28.94
N LEU A 199 1.40 12.56 28.99
CA LEU A 199 2.82 12.49 29.27
C LEU A 199 3.63 12.42 27.98
N TYR A 200 4.66 13.26 27.88
CA TYR A 200 5.47 13.33 26.67
C TYR A 200 6.92 12.99 26.97
N CYS A 201 7.61 12.44 25.98
CA CYS A 201 9.07 12.36 25.99
C CYS A 201 9.66 12.80 24.66
N ARG A 202 10.57 13.76 24.72
CA ARG A 202 11.03 14.45 23.53
C ARG A 202 12.53 14.26 23.31
N ALA A 203 12.92 14.04 22.06
CA ALA A 203 14.33 13.91 21.72
C ALA A 203 14.69 14.80 20.53
N TYR A 204 15.89 15.36 20.56
CA TYR A 204 16.35 16.27 19.50
C TYR A 204 17.87 16.22 19.36
N GLY A 205 18.34 16.58 18.17
CA GLY A 205 19.76 16.85 17.97
C GLY A 205 20.53 15.56 17.68
N PHE A 206 19.84 14.58 17.11
CA PHE A 206 20.44 13.28 16.83
C PHE A 206 20.61 13.07 15.34
N TYR A 207 21.53 12.18 14.97
CA TYR A 207 21.79 11.89 13.57
C TYR A 207 22.60 10.60 13.42
N PRO A 208 22.29 9.84 12.37
CA PRO A 208 21.04 9.99 11.65
C PRO A 208 19.85 9.67 12.56
N PRO A 209 18.64 9.82 12.02
CA PRO A 209 17.42 9.60 12.79
C PRO A 209 17.13 8.12 12.94
N GLU A 210 18.06 7.38 13.55
CA GLU A 210 17.83 5.99 13.91
C GLU A 210 17.41 5.87 15.37
N ILE A 211 16.17 6.24 15.66
CA ILE A 211 15.76 6.50 17.04
C ILE A 211 14.37 5.94 17.30
N SER A 212 14.16 5.44 18.52
CA SER A 212 12.81 5.15 19.01
C SER A 212 12.73 5.33 20.52
N ILE A 213 11.56 5.71 21.00
CA ILE A 213 11.33 5.89 22.43
C ILE A 213 10.21 5.00 22.93
N ASN A 214 10.53 4.17 23.93
CA ASN A 214 9.55 3.25 24.49
C ASN A 214 9.13 3.68 25.89
N TRP A 215 7.84 3.58 26.17
CA TRP A 215 7.32 3.74 27.52
C TRP A 215 7.37 2.43 28.29
N MET A 216 8.04 2.44 29.44
CA MET A 216 8.26 1.22 30.21
C MET A 216 7.70 1.35 31.62
N LYS A 217 7.35 0.23 32.22
CA LYS A 217 7.03 0.18 33.65
C LYS A 217 7.55 -1.09 34.30
N ASN A 218 8.32 -0.93 35.37
CA ASN A 218 8.93 -2.07 36.05
C ASN A 218 9.82 -2.85 35.10
N GLY A 219 10.36 -2.18 34.10
CA GLY A 219 11.33 -2.78 33.19
C GLY A 219 10.63 -3.46 32.01
N GLU A 220 9.30 -3.50 32.07
CA GLU A 220 8.51 -4.15 31.03
C GLU A 220 7.83 -3.12 30.13
N GLU A 221 7.71 -3.44 28.85
CA GLU A 221 6.96 -2.61 27.92
C GLU A 221 5.48 -2.59 28.26
N ILE A 222 4.89 -1.39 28.26
CA ILE A 222 3.48 -1.23 28.59
C ILE A 222 2.61 -1.54 27.38
N PHE A 223 1.39 -2.00 27.64
CA PHE A 223 0.48 -2.43 26.58
C PHE A 223 -0.45 -1.30 26.16
N GLN A 224 -0.17 -0.10 26.65
CA GLN A 224 -0.94 1.08 26.26
C GLN A 224 -0.42 1.66 24.96
N ASP A 225 -1.32 1.79 23.97
CA ASP A 225 -0.93 2.20 22.64
C ASP A 225 -0.26 3.56 22.64
N THR A 226 0.99 3.60 22.20
CA THR A 226 1.79 4.82 22.27
C THR A 226 1.68 5.62 20.97
N ASP A 227 1.51 6.93 21.11
CA ASP A 227 1.50 7.83 19.96
C ASP A 227 2.91 8.23 19.56
N TYR A 228 3.22 8.10 18.27
CA TYR A 228 4.52 8.51 17.75
C TYR A 228 4.39 9.69 16.80
N GLY A 229 5.24 10.69 16.98
CA GLY A 229 5.25 11.86 16.10
C GLY A 229 6.02 11.57 14.81
N GLY A 230 6.77 10.48 14.81
CA GLY A 230 7.66 10.16 13.70
C GLY A 230 8.91 11.02 13.72
N ILE A 231 9.69 10.94 12.65
CA ILE A 231 10.92 11.72 12.54
C ILE A 231 10.65 13.11 12.00
N LEU A 232 10.97 14.13 12.80
CA LEU A 232 10.67 15.51 12.43
C LEU A 232 11.94 16.34 12.28
N PRO A 233 12.30 16.61 11.03
CA PRO A 233 13.52 17.38 10.74
C PRO A 233 13.51 18.70 11.49
N SER A 234 14.67 19.07 12.04
CA SER A 234 14.80 20.30 12.79
C SER A 234 14.97 21.50 11.86
N GLY A 235 15.55 21.26 10.69
CA GLY A 235 15.82 22.32 9.73
C GLY A 235 17.24 22.84 9.88
N ASP A 236 17.92 22.40 10.94
CA ASP A 236 19.28 22.86 11.21
C ASP A 236 20.30 21.75 10.95
N GLY A 237 19.85 20.72 10.23
CA GLY A 237 20.75 19.63 9.82
C GLY A 237 20.54 18.41 10.72
N THR A 238 19.91 18.61 11.86
CA THR A 238 19.62 17.52 12.79
C THR A 238 18.15 17.13 12.72
N TYR A 239 17.78 16.10 13.48
CA TYR A 239 16.40 15.66 13.56
C TYR A 239 15.88 15.71 14.99
N GLN A 240 14.56 15.80 15.14
CA GLN A 240 13.92 15.64 16.45
C GLN A 240 12.72 14.71 16.35
N THR A 241 12.30 14.18 17.50
CA THR A 241 11.11 13.36 17.57
C THR A 241 10.47 13.42 18.95
N TRP A 242 9.40 12.67 19.14
CA TRP A 242 8.76 12.57 20.45
C TRP A 242 7.74 11.43 20.48
N VAL A 243 7.44 10.95 21.68
CA VAL A 243 6.31 10.04 21.87
C VAL A 243 5.38 10.53 22.97
N SER A 244 4.14 10.05 22.96
CA SER A 244 3.12 10.53 23.87
C SER A 244 2.28 9.39 24.41
N VAL A 245 1.94 9.46 25.69
CA VAL A 245 1.04 8.49 26.31
C VAL A 245 0.14 9.15 27.34
N GLU A 246 -1.15 8.83 27.29
CA GLU A 246 -2.14 9.48 28.13
C GLU A 246 -2.02 9.01 29.58
N LEU A 247 -2.14 9.94 30.51
CA LEU A 247 -2.19 9.60 31.94
C LEU A 247 -3.62 9.55 32.44
N ASP A 248 -3.89 8.65 33.37
CA ASP A 248 -5.15 8.64 34.09
C ASP A 248 -5.32 9.91 34.92
N PRO A 249 -6.48 10.55 34.78
CA PRO A 249 -6.79 11.76 35.53
C PRO A 249 -6.50 11.57 37.02
N GLN A 250 -6.70 10.34 37.50
CA GLN A 250 -6.53 10.04 38.92
C GLN A 250 -5.08 9.74 39.25
N ASN A 251 -4.21 10.74 39.09
CA ASN A 251 -2.80 10.59 39.42
C ASN A 251 -2.21 9.38 38.72
N GLY A 252 -2.47 9.25 37.43
CA GLY A 252 -1.98 8.12 36.66
C GLY A 252 -0.46 7.99 36.76
N ASP A 253 0.02 6.76 36.70
CA ASP A 253 1.45 6.49 36.84
C ASP A 253 2.26 7.20 35.76
N ILE A 254 3.44 7.69 36.13
CA ILE A 254 4.37 8.27 35.17
C ILE A 254 5.30 7.19 34.62
N TYR A 255 5.23 6.98 33.30
CA TYR A 255 5.96 5.89 32.67
C TYR A 255 7.42 6.24 32.46
N SER A 256 8.28 5.22 32.47
CA SER A 256 9.71 5.43 32.28
C SER A 256 10.05 5.62 30.81
N CYS A 257 11.14 6.34 30.54
CA CYS A 257 11.49 6.72 29.19
C CYS A 257 12.79 6.05 28.75
N HIS A 258 12.65 4.98 27.97
CA HIS A 258 13.80 4.25 27.46
C HIS A 258 14.02 4.54 25.98
N VAL A 259 15.15 5.16 25.66
CA VAL A 259 15.40 5.65 24.31
C VAL A 259 16.44 4.81 23.60
N GLU A 260 16.04 4.22 22.47
CA GLU A 260 16.95 3.40 21.68
C GLU A 260 17.51 4.17 20.50
N HIS A 261 18.75 3.84 20.11
CA HIS A 261 19.43 4.56 19.04
C HIS A 261 20.52 3.70 18.41
N GLY A 262 20.84 3.98 17.16
CA GLY A 262 22.01 3.40 16.51
C GLY A 262 23.28 3.73 17.29
N GLY A 263 23.28 4.88 17.96
CA GLY A 263 24.41 5.29 18.78
C GLY A 263 24.21 4.92 20.24
N VAL A 264 24.49 5.86 21.14
CA VAL A 264 24.41 5.61 22.57
C VAL A 264 22.98 5.77 23.07
N HIS A 265 22.51 4.79 23.83
CA HIS A 265 21.14 4.80 24.34
C HIS A 265 21.02 5.66 25.59
N MET A 266 19.80 6.00 25.95
CA MET A 266 19.55 6.85 27.10
C MET A 266 18.27 6.45 27.81
N VAL A 267 18.29 6.50 29.15
CA VAL A 267 17.11 6.19 29.95
C VAL A 267 16.81 7.31 30.94
N LEU A 268 15.55 7.72 30.98
CA LEU A 268 15.12 8.75 31.93
C LEU A 268 13.91 8.28 32.74
N GLN A 269 13.79 8.78 33.96
CA GLN A 269 12.63 8.49 34.79
C GLN A 269 12.12 9.75 35.49
N GLY A 270 10.81 9.78 35.74
CA GLY A 270 10.18 10.97 36.32
C GLY A 270 10.30 12.16 35.38
N PHE A 271 10.76 13.29 35.93
CA PHE A 271 10.91 14.51 35.15
C PHE A 271 12.25 15.19 35.44
N GLN B 3 -6.36 11.30 -5.77
CA GLN B 3 -6.14 12.07 -4.55
C GLN B 3 -5.56 11.19 -3.44
N ARG B 4 -4.36 11.54 -2.98
CA ARG B 4 -3.90 11.10 -1.66
C ARG B 4 -3.82 12.27 -0.70
N PRO B 5 -4.67 12.24 0.32
CA PRO B 5 -4.72 13.30 1.31
C PRO B 5 -3.33 13.53 1.93
N PRO B 6 -2.91 14.79 1.95
CA PRO B 6 -1.62 15.15 2.52
C PRO B 6 -1.51 14.75 3.99
N LYS B 7 -0.32 14.40 4.42
CA LYS B 7 0.01 14.37 5.84
C LYS B 7 0.66 15.67 6.28
N ILE B 8 0.01 16.35 7.22
CA ILE B 8 0.44 17.70 7.61
C ILE B 8 0.79 17.75 9.10
N GLN B 9 2.05 18.09 9.39
CA GLN B 9 2.48 18.31 10.76
C GLN B 9 3.10 19.69 10.92
N VAL B 10 2.82 20.33 12.05
CA VAL B 10 3.34 21.66 12.33
C VAL B 10 3.98 21.73 13.71
N TYR B 11 5.24 22.16 13.75
CA TYR B 11 6.01 22.17 14.99
C TYR B 11 7.08 23.26 14.96
N SER B 12 7.73 23.46 16.10
CA SER B 12 8.83 24.41 16.19
C SER B 12 10.18 23.69 16.29
N ARG B 13 11.24 24.38 15.88
CA ARG B 13 12.59 23.84 16.01
C ARG B 13 12.99 23.68 17.47
N HIS B 14 12.68 24.69 18.27
CA HIS B 14 13.04 24.69 19.68
C HIS B 14 11.80 24.72 20.57
N PRO B 15 11.92 24.18 21.77
CA PRO B 15 10.85 24.27 22.77
C PRO B 15 10.31 25.69 22.87
N PRO B 16 8.99 25.82 22.79
CA PRO B 16 8.35 27.12 22.90
C PRO B 16 8.77 27.86 24.16
N GLU B 17 9.13 29.13 24.01
CA GLU B 17 9.46 29.98 25.14
C GLU B 17 9.19 31.44 24.84
N ASP B 18 8.42 32.09 25.70
CA ASP B 18 7.93 33.44 25.43
C ASP B 18 9.09 34.41 25.19
N GLY B 19 9.04 35.09 24.05
CA GLY B 19 9.99 36.16 23.76
C GLY B 19 11.24 35.62 23.09
N LYS B 20 11.38 34.31 23.10
CA LYS B 20 12.58 33.66 22.57
C LYS B 20 12.44 33.35 21.08
N PRO B 21 13.37 33.85 20.28
CA PRO B 21 13.38 33.58 18.85
C PRO B 21 13.27 32.09 18.57
N ASN B 22 12.43 31.74 17.60
CA ASN B 22 12.22 30.34 17.24
C ASN B 22 11.95 30.19 15.75
N TYR B 23 11.92 28.94 15.28
CA TYR B 23 11.65 28.65 13.88
C TYR B 23 10.42 27.76 13.74
N LEU B 24 9.50 28.17 12.88
CA LEU B 24 8.30 27.38 12.61
C LEU B 24 8.49 26.46 11.42
N ASN B 25 8.27 25.16 11.64
CA ASN B 25 8.46 24.17 10.60
C ASN B 25 7.13 23.56 10.17
N CYS B 26 6.84 23.64 8.87
CA CYS B 26 5.72 22.91 8.29
C CYS B 26 6.18 21.68 7.53
N TYR B 27 5.76 20.50 7.99
CA TYR B 27 6.23 19.24 7.44
C TYR B 27 5.11 18.48 6.75
N VAL B 28 5.10 18.51 5.43
CA VAL B 28 4.01 17.98 4.65
C VAL B 28 4.49 16.92 3.66
N TYR B 29 3.81 15.79 3.63
CA TYR B 29 4.22 14.66 2.79
C TYR B 29 3.07 13.70 2.55
N GLY B 30 3.26 12.78 1.61
CA GLY B 30 2.30 11.70 1.39
C GLY B 30 1.10 12.18 0.58
N PHE B 31 1.32 13.19 -0.26
CA PHE B 31 0.24 13.77 -1.05
C PHE B 31 0.41 13.43 -2.53
N HIS B 32 -0.70 13.39 -3.25
CA HIS B 32 -0.69 13.04 -4.67
C HIS B 32 -1.95 13.52 -5.36
N PRO B 33 -1.79 14.16 -6.52
CA PRO B 33 -0.47 14.31 -7.13
C PRO B 33 0.33 15.41 -6.46
N PRO B 34 1.62 15.46 -6.76
CA PRO B 34 2.53 16.40 -6.11
C PRO B 34 2.39 17.80 -6.69
N GLN B 35 1.19 18.38 -6.53
CA GLN B 35 0.96 19.76 -6.90
C GLN B 35 0.42 20.56 -5.72
N ILE B 36 1.32 21.19 -4.96
CA ILE B 36 1.01 21.61 -3.60
C ILE B 36 1.70 22.94 -3.28
N GLU B 37 1.03 23.77 -2.48
CA GLU B 37 1.62 25.01 -2.01
C GLU B 37 1.55 25.11 -0.49
N ILE B 38 2.66 25.52 0.12
CA ILE B 38 2.76 25.59 1.57
C ILE B 38 2.99 27.03 2.03
N ASP B 39 2.12 27.50 2.92
CA ASP B 39 2.30 28.81 3.54
C ASP B 39 2.54 28.67 5.04
N LEU B 40 3.34 29.60 5.58
CA LEU B 40 3.36 29.82 7.02
C LEU B 40 2.66 31.12 7.39
N LEU B 41 1.85 31.06 8.45
CA LEU B 41 1.00 32.19 8.82
C LEU B 41 1.11 32.51 10.30
N LYS B 42 0.90 33.76 10.66
CA LYS B 42 0.69 34.16 12.05
C LYS B 42 -0.67 34.81 12.24
N ASN B 43 -1.50 34.21 13.09
CA ASN B 43 -2.87 34.66 13.28
C ASN B 43 -3.60 34.79 11.95
N GLY B 44 -3.31 33.87 11.04
CA GLY B 44 -4.04 33.80 9.78
C GLY B 44 -3.40 34.65 8.70
N GLU B 45 -2.41 35.44 9.10
CA GLU B 45 -1.70 36.31 8.16
C GLU B 45 -0.40 35.68 7.69
N LYS B 46 -0.27 35.52 6.38
CA LYS B 46 0.89 34.88 5.80
C LYS B 46 2.17 35.66 6.11
N ILE B 47 3.23 34.94 6.47
CA ILE B 47 4.51 35.57 6.75
C ILE B 47 5.58 35.07 5.78
N LYS B 48 6.70 35.79 5.72
CA LYS B 48 7.83 35.37 4.90
C LYS B 48 8.33 34.00 5.31
N SER B 49 8.54 33.13 4.32
CA SER B 49 9.01 31.77 4.57
C SER B 49 9.87 31.26 3.43
N GLU B 50 10.67 30.24 3.71
CA GLU B 50 11.49 29.61 2.69
C GLU B 50 11.31 28.10 2.68
N GLN B 51 11.55 27.48 1.53
CA GLN B 51 11.48 26.03 1.39
C GLN B 51 12.86 25.43 1.18
N SER B 52 13.11 24.31 1.86
CA SER B 52 14.42 23.65 1.77
C SER B 52 14.41 22.54 0.72
N ASP B 53 15.48 21.76 0.70
CA ASP B 53 15.62 20.69 -0.28
C ASP B 53 14.53 19.64 -0.12
N LEU B 54 14.12 19.04 -1.22
CA LEU B 54 13.04 18.05 -1.21
C LEU B 54 13.57 16.65 -1.47
N SER B 55 12.84 15.66 -0.98
CA SER B 55 13.08 14.26 -1.37
C SER B 55 11.78 13.49 -1.45
N PHE B 56 11.84 12.30 -2.03
CA PHE B 56 10.65 11.48 -2.25
C PHE B 56 10.27 10.73 -0.98
N SER B 57 8.96 10.52 -0.80
CA SER B 57 8.48 9.68 0.29
C SER B 57 8.06 8.31 -0.22
N LYS B 58 8.18 7.31 0.64
CA LYS B 58 7.72 5.96 0.31
C LYS B 58 6.25 5.96 -0.07
N ASP B 59 5.53 7.00 0.35
CA ASP B 59 4.10 7.09 0.09
C ASP B 59 3.82 7.79 -1.24
N TRP B 60 4.78 7.69 -2.16
CA TRP B 60 4.57 8.18 -3.52
C TRP B 60 4.39 9.69 -3.54
N SER B 61 5.22 10.40 -2.78
CA SER B 61 5.09 11.84 -2.64
C SER B 61 6.43 12.49 -2.35
N PHE B 62 6.39 13.72 -1.82
CA PHE B 62 7.60 14.44 -1.48
C PHE B 62 7.61 14.87 -0.02
N TYR B 63 8.79 15.03 0.55
CA TYR B 63 8.94 15.64 1.87
C TYR B 63 9.22 17.13 1.77
N LEU B 64 8.22 17.93 2.11
CA LEU B 64 8.36 19.39 2.02
C LEU B 64 8.60 20.00 3.40
N LEU B 65 9.62 20.84 3.49
CA LEU B 65 9.90 21.58 4.71
C LEU B 65 9.92 23.08 4.47
N SER B 66 8.99 23.79 5.11
CA SER B 66 8.98 25.25 5.05
C SER B 66 9.34 25.85 6.41
N HIS B 67 10.14 26.90 6.38
CA HIS B 67 10.71 27.46 7.60
C HIS B 67 10.50 28.98 7.67
N ALA B 68 10.23 29.48 8.86
CA ALA B 68 10.28 30.92 9.12
C ALA B 68 10.51 31.20 10.60
N GLU B 69 11.12 32.35 10.88
CA GLU B 69 11.33 32.77 12.26
C GLU B 69 10.05 33.32 12.88
N PHE B 70 9.87 33.06 14.17
CA PHE B 70 8.74 33.61 14.91
C PHE B 70 9.06 33.73 16.39
N THR B 71 8.15 34.34 17.14
CA THR B 71 8.33 34.53 18.58
C THR B 71 7.12 34.02 19.36
N PRO B 72 7.33 32.97 20.14
CA PRO B 72 6.29 32.43 21.00
C PRO B 72 5.78 33.49 21.99
N ASN B 73 4.49 33.43 22.30
CA ASN B 73 3.94 34.19 23.40
C ASN B 73 2.56 33.68 23.80
N SER B 74 1.92 34.37 24.73
CA SER B 74 0.69 33.88 25.34
C SER B 74 -0.54 34.51 24.69
N LYS B 75 -0.32 35.25 23.61
CA LYS B 75 -1.38 36.00 22.97
C LYS B 75 -1.62 35.51 21.54
N ASP B 76 -0.54 35.33 20.80
CA ASP B 76 -0.62 34.99 19.38
C ASP B 76 -0.75 33.49 19.18
N GLN B 77 -1.31 33.10 18.04
CA GLN B 77 -1.30 31.71 17.61
C GLN B 77 -0.64 31.55 16.25
N TYR B 78 0.13 30.49 16.09
CA TYR B 78 0.82 30.21 14.84
C TYR B 78 0.26 28.98 14.14
N SER B 79 0.19 29.03 12.82
CA SER B 79 -0.41 27.97 12.04
C SER B 79 0.16 27.92 10.63
N CYS B 80 -0.16 26.84 9.90
CA CYS B 80 0.25 26.71 8.51
C CYS B 80 -0.95 26.46 7.61
N ARG B 81 -0.81 26.78 6.34
CA ARG B 81 -1.87 26.56 5.36
C ARG B 81 -1.37 25.70 4.19
N VAL B 82 -2.12 24.67 3.86
CA VAL B 82 -1.73 23.73 2.82
C VAL B 82 -2.77 23.67 1.71
N LYS B 83 -2.35 23.96 0.49
CA LYS B 83 -3.23 23.90 -0.67
C LYS B 83 -2.85 22.73 -1.58
N HIS B 84 -3.78 21.78 -1.74
CA HIS B 84 -3.55 20.62 -2.58
C HIS B 84 -4.38 20.68 -3.86
N VAL B 85 -3.70 20.69 -5.00
CA VAL B 85 -4.36 20.95 -6.28
C VAL B 85 -5.57 21.86 -6.10
N THR B 86 -6.69 21.46 -6.68
CA THR B 86 -7.88 22.30 -6.69
C THR B 86 -9.02 21.64 -5.92
N LEU B 87 -8.67 20.84 -4.93
CA LEU B 87 -9.66 20.08 -4.16
C LEU B 87 -9.83 20.67 -2.77
N GLU B 88 -11.00 21.25 -2.51
CA GLU B 88 -11.32 21.78 -1.19
C GLU B 88 -10.51 23.04 -0.88
N GLN B 89 -11.11 23.96 -0.15
CA GLN B 89 -10.39 25.12 0.37
C GLN B 89 -9.18 24.69 1.19
N PRO B 90 -8.07 25.39 1.00
CA PRO B 90 -6.85 25.10 1.73
C PRO B 90 -7.11 25.00 3.22
N ARG B 91 -6.49 24.02 3.87
CA ARG B 91 -6.76 23.72 5.27
C ARG B 91 -5.75 24.42 6.18
N ILE B 92 -6.19 24.80 7.37
CA ILE B 92 -5.31 25.39 8.37
C ILE B 92 -4.96 24.41 9.47
N VAL B 93 -3.67 24.30 9.77
CA VAL B 93 -3.20 23.41 10.83
C VAL B 93 -2.34 24.16 11.83
N LYS B 94 -2.71 24.07 13.11
CA LYS B 94 -2.02 24.81 14.15
C LYS B 94 -0.78 24.05 14.63
N TRP B 95 0.20 24.80 15.16
CA TRP B 95 1.37 24.19 15.77
C TRP B 95 0.99 23.40 17.01
N ASP B 96 1.69 22.29 17.24
CA ASP B 96 1.36 21.38 18.33
C ASP B 96 1.95 21.86 19.64
N ARG B 97 2.81 22.86 19.56
CA ARG B 97 3.54 23.34 20.74
C ARG B 97 4.25 22.20 21.45
N ASP B 98 5.12 21.51 20.71
CA ASP B 98 5.85 20.37 21.27
C ASP B 98 6.59 20.76 22.54
N LEU B 99 6.51 19.91 23.55
CA LEU B 99 7.08 20.21 24.86
C LEU B 99 8.14 19.21 25.25
N PRO C 2 -20.25 -25.59 1.82
CA PRO C 2 -21.00 -26.27 0.78
C PRO C 2 -20.75 -27.77 0.79
N HIS C 3 -21.68 -28.53 0.23
CA HIS C 3 -21.70 -29.97 0.40
C HIS C 3 -22.42 -30.66 -0.76
N PRO C 4 -21.86 -31.79 -1.19
CA PRO C 4 -22.49 -32.59 -2.25
C PRO C 4 -23.96 -32.83 -1.95
N ALA C 5 -24.78 -32.82 -2.99
CA ALA C 5 -26.21 -33.07 -2.85
C ALA C 5 -26.50 -34.46 -2.31
N GLU C 6 -27.60 -34.61 -1.59
CA GLU C 6 -28.05 -35.93 -1.14
C GLU C 6 -28.39 -36.82 -2.32
N GLY C 7 -28.91 -36.23 -3.39
CA GLY C 7 -29.27 -36.98 -4.59
C GLY C 7 -28.16 -36.92 -5.63
N GLN C 8 -28.54 -37.04 -6.90
CA GLN C 8 -27.57 -37.01 -7.99
C GLN C 8 -27.53 -35.64 -8.65
N TRP C 9 -26.41 -35.33 -9.28
CA TRP C 9 -26.23 -34.05 -9.96
C TRP C 9 -25.29 -34.19 -11.15
N ARG C 10 -25.33 -33.21 -12.05
CA ARG C 10 -24.45 -33.20 -13.21
C ARG C 10 -23.89 -31.80 -13.46
N ALA C 11 -22.75 -31.74 -14.14
CA ALA C 11 -22.13 -30.47 -14.50
C ALA C 11 -22.66 -29.97 -15.84
N VAL C 12 -22.55 -28.66 -16.06
CA VAL C 12 -22.85 -28.08 -17.36
C VAL C 12 -21.63 -27.40 -17.97
N ASP C 13 -21.65 -27.20 -19.27
CA ASP C 13 -20.53 -26.60 -19.98
C ASP C 13 -20.66 -25.09 -20.05
N VAL C 14 -19.72 -24.39 -19.44
CA VAL C 14 -19.69 -22.92 -19.50
C VAL C 14 -18.53 -22.44 -20.36
N VAL C 15 -18.86 -21.71 -21.43
CA VAL C 15 -17.91 -21.44 -22.50
C VAL C 15 -17.48 -19.97 -22.48
N LEU C 16 -16.19 -19.75 -22.28
CA LEU C 16 -15.68 -18.39 -22.03
C LEU C 16 -14.96 -17.84 -23.25
N ASP C 17 -15.08 -16.54 -23.46
CA ASP C 17 -14.21 -15.84 -24.41
C ASP C 17 -12.85 -15.54 -23.81
N CYS C 18 -11.82 -16.17 -24.36
CA CYS C 18 -10.49 -16.15 -23.74
C CYS C 18 -9.50 -15.37 -24.59
N PHE C 19 -8.51 -14.78 -23.93
CA PHE C 19 -7.37 -14.18 -24.64
C PHE C 19 -6.27 -15.21 -24.88
N LEU C 20 -5.77 -15.25 -26.11
CA LEU C 20 -4.69 -16.16 -26.47
C LEU C 20 -3.33 -15.51 -26.26
N VAL C 21 -2.60 -15.98 -25.25
CA VAL C 21 -1.38 -15.30 -24.82
C VAL C 21 -0.26 -15.49 -25.84
N LYS C 22 0.42 -14.40 -26.15
CA LYS C 22 1.52 -14.43 -27.11
C LYS C 22 2.81 -14.91 -26.45
N ASP C 23 3.64 -15.61 -27.22
CA ASP C 23 4.91 -16.11 -26.72
C ASP C 23 5.87 -14.97 -26.39
N GLY C 24 6.71 -15.17 -25.37
CA GLY C 24 7.82 -14.29 -25.11
C GLY C 24 7.37 -13.05 -24.36
N ALA C 25 8.32 -12.16 -24.06
CA ALA C 25 8.01 -10.90 -23.37
C ALA C 25 7.15 -10.01 -24.24
N HIS C 26 6.33 -9.17 -23.60
CA HIS C 26 5.41 -8.30 -24.32
C HIS C 26 5.90 -6.86 -24.29
N ARG C 27 5.54 -6.10 -25.32
CA ARG C 27 5.88 -4.69 -25.38
C ARG C 27 4.68 -3.85 -25.85
N GLY C 28 4.73 -2.56 -25.57
CA GLY C 28 3.66 -1.65 -25.98
C GLY C 28 2.55 -1.60 -24.94
N ALA C 29 1.33 -1.34 -25.39
CA ALA C 29 0.20 -1.13 -24.49
C ALA C 29 -0.03 -2.35 -23.59
CAC 3X9 C 30 -2.11 -7.06 -23.33
CAS 3X9 C 30 -0.69 -7.63 -23.53
CAD 3X9 C 30 -0.63 -9.10 -23.11
NAQ 3X9 C 30 -0.40 -7.55 -25.00
OAH 3X9 C 30 -1.09 -8.17 -25.89
CAR 3X9 C 30 0.68 -6.62 -25.39
CAA 3X9 C 30 0.10 -5.48 -26.25
CAB 3X9 C 30 1.74 -7.41 -26.19
CAI 3X9 C 30 1.12 -6.20 -24.01
CAO 3X9 C 30 0.41 -6.71 -22.98
CAJ 3X9 C 30 0.49 -6.56 -21.45
SAL 3X9 C 30 1.10 -5.36 -20.09
N 3X9 C 30 -0.44 -2.10 -22.36
CA 3X9 C 30 -0.75 -3.17 -21.43
CB 3X9 C 30 -0.23 -2.77 -20.06
SG 3X9 C 30 -0.34 -4.17 -18.97
C 3X9 C 30 -2.12 -3.79 -21.73
O 3X9 C 30 -2.51 -4.78 -21.13
H1 3X9 C 30 -2.41 -7.13 -22.26
H2 3X9 C 30 -2.13 -6.00 -23.63
H3 3X9 C 30 -2.84 -7.63 -23.93
H4 3X9 C 30 0.23 -9.61 -23.59
H5 3X9 C 30 -1.55 -9.63 -23.43
H6 3X9 C 30 -0.54 -9.21 -22.00
H7 3X9 C 30 -0.75 -4.99 -25.74
H8 3X9 C 30 0.88 -4.73 -26.45
H9 3X9 C 30 -0.27 -5.88 -27.22
H10 3X9 C 30 2.02 -8.34 -25.65
H11 3X9 C 30 1.33 -7.69 -27.18
H12 3X9 C 30 2.64 -6.78 -26.35
H13 3X9 C 30 1.97 -5.50 -23.97
H16 3X9 C 30 -0.32 -5.82 -21.51
H17 3X9 C 30 1.59 -6.46 -21.55
H 3X9 C 30 -0.54 -1.16 -22.01
HA 3X9 C 30 -0.09 -3.93 -21.74
HB2 3X9 C 30 0.82 -2.42 -20.13
HB3 3X9 C 30 -0.85 -1.94 -19.65
N ALA C 31 -2.83 -3.18 -22.68
CA ALA C 31 -4.10 -3.72 -23.14
C ALA C 31 -3.95 -4.42 -24.48
N SER C 32 -4.83 -5.38 -24.76
CA SER C 32 -4.83 -6.08 -26.03
C SER C 32 -5.10 -5.13 -27.18
N SER C 33 -4.44 -5.38 -28.32
CA SER C 33 -4.68 -4.61 -29.53
C SER C 33 -5.92 -5.13 -30.27
N GLU C 34 -6.49 -6.22 -29.77
CA GLU C 34 -7.61 -6.86 -30.44
C GLU C 34 -8.67 -7.31 -29.43
N ASP C 35 -9.93 -7.00 -29.73
CA ASP C 35 -11.02 -7.28 -28.80
C ASP C 35 -11.58 -8.68 -29.01
N ARG C 36 -11.48 -9.16 -30.25
CA ARG C 36 -12.03 -10.46 -30.60
C ARG C 36 -11.19 -11.60 -30.02
N ALA C 37 -11.85 -12.56 -29.39
CA ALA C 37 -11.18 -13.70 -28.79
C ALA C 37 -10.50 -14.55 -29.86
N ARG C 38 -9.32 -15.08 -29.53
CA ARG C 38 -8.66 -16.06 -30.38
C ARG C 38 -8.68 -17.45 -29.73
N ALA C 39 -9.36 -17.55 -28.60
CA ALA C 39 -9.44 -18.81 -27.87
C ALA C 39 -10.70 -18.87 -27.01
N SER C 40 -11.06 -20.07 -26.58
CA SER C 40 -12.19 -20.26 -25.69
C SER C 40 -11.95 -21.40 -24.71
N LEU C 41 -12.46 -21.25 -23.49
CA LEU C 41 -12.36 -22.30 -22.49
C LEU C 41 -13.74 -22.85 -22.12
N VAL C 42 -13.87 -24.17 -22.14
CA VAL C 42 -15.10 -24.82 -21.72
C VAL C 42 -14.92 -25.50 -20.37
N LEU C 43 -15.41 -24.86 -19.31
CA LEU C 43 -15.14 -25.31 -17.95
C LEU C 43 -16.39 -25.85 -17.29
N LYS C 44 -16.24 -26.95 -16.55
CA LYS C 44 -17.37 -27.61 -15.91
C LYS C 44 -17.87 -26.81 -14.73
N GLN C 45 -19.20 -26.68 -14.64
CA GLN C 45 -19.82 -26.09 -13.46
C GLN C 45 -21.03 -26.92 -13.01
N VAL C 46 -21.31 -26.89 -11.72
CA VAL C 46 -22.46 -27.60 -11.16
C VAL C 46 -23.48 -26.61 -10.60
N PRO C 47 -24.61 -26.49 -11.28
CA PRO C 47 -25.63 -25.51 -10.92
C PRO C 47 -26.42 -25.96 -9.69
N VAL C 48 -26.93 -25.00 -8.93
CA VAL C 48 -27.88 -25.28 -7.87
C VAL C 48 -29.28 -24.78 -8.23
N LEU C 49 -30.28 -25.63 -8.06
CA LEU C 49 -31.66 -25.26 -8.35
C LEU C 49 -32.47 -25.10 -7.08
N ASP C 50 -33.45 -24.21 -7.12
CA ASP C 50 -34.29 -23.94 -5.96
C ASP C 50 -35.01 -25.20 -5.49
N ASP C 51 -35.31 -26.10 -6.43
CA ASP C 51 -36.07 -27.30 -6.12
C ASP C 51 -35.14 -28.50 -5.98
N GLY C 52 -33.84 -28.25 -5.98
CA GLY C 52 -32.85 -29.32 -5.95
C GLY C 52 -32.57 -29.83 -7.35
N SER C 53 -31.56 -30.69 -7.47
CA SER C 53 -31.17 -31.25 -8.76
C SER C 53 -32.32 -32.01 -9.40
N LEU C 54 -32.53 -31.79 -10.70
CA LEU C 54 -33.57 -32.48 -11.44
C LEU C 54 -32.98 -33.52 -12.38
N GLU C 55 -31.69 -33.80 -12.23
CA GLU C 55 -31.00 -34.76 -13.06
C GLU C 55 -31.24 -34.48 -14.55
N ASP C 56 -32.08 -35.31 -15.17
CA ASP C 56 -32.30 -35.24 -16.61
C ASP C 56 -32.88 -33.88 -17.01
N PHE C 57 -33.58 -33.24 -16.07
CA PHE C 57 -34.28 -31.99 -16.36
C PHE C 57 -33.62 -30.82 -15.66
N THR C 58 -32.34 -30.97 -15.33
CA THR C 58 -31.57 -29.90 -14.71
C THR C 58 -31.49 -28.68 -15.62
N ASP C 59 -31.90 -27.53 -15.10
CA ASP C 59 -31.83 -26.28 -15.85
C ASP C 59 -30.39 -25.87 -16.12
N PHE C 60 -30.13 -25.38 -17.32
CA PHE C 60 -28.83 -24.82 -17.66
C PHE C 60 -28.65 -23.44 -17.05
N GLN C 61 -27.45 -23.20 -16.50
CA GLN C 61 -27.10 -21.89 -15.99
C GLN C 61 -25.80 -21.39 -16.61
N GLY C 62 -25.66 -20.07 -16.71
CA GLY C 62 -24.47 -19.47 -17.29
C GLY C 62 -24.79 -18.75 -18.59
N GLY C 63 -23.84 -17.93 -19.05
CA GLY C 63 -24.03 -17.17 -20.29
C GLY C 63 -23.57 -17.98 -21.49
N THR C 64 -23.39 -17.30 -22.62
CA THR C 64 -23.03 -17.95 -23.87
C THR C 64 -21.85 -17.26 -24.54
N LEU C 65 -20.95 -18.06 -25.12
CA LEU C 65 -19.81 -17.52 -25.83
C LEU C 65 -20.23 -16.42 -26.79
N ALA C 66 -19.55 -15.29 -26.72
CA ALA C 66 -19.89 -14.12 -27.52
C ALA C 66 -19.34 -14.23 -28.93
N GLN C 67 -18.10 -14.73 -29.04
CA GLN C 67 -17.40 -14.75 -30.31
C GLN C 67 -17.60 -16.10 -31.02
N ASP C 68 -17.41 -16.10 -32.33
CA ASP C 68 -17.46 -17.33 -33.11
C ASP C 68 -16.41 -18.33 -32.63
N ASP C 69 -16.76 -19.60 -32.67
CA ASP C 69 -15.88 -20.66 -32.18
C ASP C 69 -14.45 -20.46 -32.64
N PRO C 70 -13.58 -20.05 -31.72
CA PRO C 70 -12.17 -19.88 -32.03
C PRO C 70 -11.53 -21.19 -32.47
N PRO C 71 -10.41 -21.08 -33.18
CA PRO C 71 -9.63 -22.26 -33.56
C PRO C 71 -9.01 -22.92 -32.33
N ILE C 72 -8.89 -22.16 -31.25
CA ILE C 72 -8.31 -22.67 -30.02
C ILE C 72 -9.38 -22.89 -28.95
N ILE C 73 -9.87 -24.12 -28.86
CA ILE C 73 -10.90 -24.46 -27.88
C ILE C 73 -10.47 -25.68 -27.06
N PHE C 74 -10.48 -25.52 -25.73
CA PHE C 74 -10.15 -26.61 -24.84
C PHE C 74 -11.35 -27.01 -23.99
N GLU C 75 -11.69 -28.30 -24.03
CA GLU C 75 -12.75 -28.84 -23.19
C GLU C 75 -12.19 -29.37 -21.88
N ALA C 76 -12.21 -28.53 -20.86
CA ALA C 76 -11.42 -28.75 -19.65
C ALA C 76 -12.12 -29.70 -18.70
N SER C 77 -12.11 -30.99 -19.03
CA SER C 77 -12.67 -32.01 -18.15
C SER C 77 -12.02 -32.01 -16.78
N VAL C 78 -12.84 -31.96 -15.73
CA VAL C 78 -12.33 -31.76 -14.39
C VAL C 78 -12.42 -33.05 -13.57
N ASP C 79 -11.27 -33.54 -13.11
CA ASP C 79 -11.22 -34.73 -12.29
C ASP C 79 -11.01 -34.37 -10.82
N LEU C 80 -11.25 -33.11 -10.49
CA LEU C 80 -10.94 -32.60 -9.15
C LEU C 80 -12.22 -32.31 -8.37
N VAL C 81 -12.05 -31.82 -7.15
CA VAL C 81 -13.20 -31.45 -6.31
C VAL C 81 -13.87 -30.19 -6.82
N GLN C 82 -15.18 -30.27 -7.05
CA GLN C 82 -15.93 -29.16 -7.60
C GLN C 82 -16.94 -28.63 -6.60
N ILE C 83 -16.76 -28.99 -5.33
CA ILE C 83 -17.74 -28.69 -4.30
C ILE C 83 -17.72 -27.22 -3.93
N PRO C 84 -16.51 -26.68 -3.74
CA PRO C 84 -16.35 -25.30 -3.31
C PRO C 84 -16.36 -24.34 -4.50
N GLN C 85 -16.47 -24.90 -5.70
CA GLN C 85 -16.41 -24.11 -6.92
C GLN C 85 -17.59 -24.41 -7.83
N ALA C 86 -18.61 -25.06 -7.27
CA ALA C 86 -19.72 -25.57 -8.07
C ALA C 86 -20.31 -24.49 -8.95
N GLU C 87 -20.44 -23.28 -8.41
CA GLU C 87 -21.04 -22.17 -9.13
C GLU C 87 -20.10 -20.98 -9.19
N ALA C 88 -18.80 -21.26 -9.17
CA ALA C 88 -17.79 -20.21 -9.07
C ALA C 88 -17.96 -19.18 -10.19
N LEU C 89 -18.31 -19.65 -11.38
CA LEU C 89 -18.50 -18.77 -12.52
C LEU C 89 -19.99 -18.55 -12.79
N LEU C 90 -20.80 -19.56 -12.48
CA LEU C 90 -22.24 -19.47 -12.72
C LEU C 90 -22.86 -18.30 -11.96
N HIS C 91 -22.40 -18.08 -10.74
CA HIS C 91 -22.87 -16.97 -9.93
C HIS C 91 -22.64 -15.64 -10.63
N ALA C 92 -21.49 -15.52 -11.30
CA ALA C 92 -21.13 -14.29 -11.98
C ALA C 92 -22.16 -13.92 -13.04
N ASP C 93 -22.38 -14.83 -13.99
CA ASP C 93 -23.31 -14.60 -15.08
C ASP C 93 -24.71 -14.32 -14.56
N CYS C 94 -25.11 -15.08 -13.54
CA CYS C 94 -26.44 -14.95 -12.96
C CYS C 94 -26.60 -13.61 -12.25
N SER C 95 -25.48 -13.06 -11.78
CA SER C 95 -25.50 -11.81 -11.05
C SER C 95 -25.37 -10.62 -11.98
N GLY C 96 -25.20 -10.90 -13.27
CA GLY C 96 -25.01 -9.85 -14.27
C GLY C 96 -23.55 -9.41 -14.33
N LYS C 97 -22.67 -10.22 -13.76
CA LYS C 97 -21.24 -9.92 -13.76
C LYS C 97 -20.55 -10.54 -14.97
N GLU C 98 -19.29 -10.17 -15.18
CA GLU C 98 -18.52 -10.69 -16.31
C GLU C 98 -17.49 -11.70 -15.85
N VAL C 99 -17.16 -12.64 -16.73
CA VAL C 99 -16.06 -13.57 -16.49
C VAL C 99 -14.97 -13.40 -17.55
N THR C 100 -13.73 -13.23 -17.09
CA THR C 100 -12.60 -13.05 -18.00
C THR C 100 -11.57 -14.16 -17.81
N CYS C 101 -11.06 -14.66 -18.93
CA CYS C 101 -10.13 -15.77 -18.90
C CYS C 101 -9.03 -15.60 -19.96
N GLU C 102 -7.81 -16.03 -19.61
CA GLU C 102 -6.72 -16.04 -20.56
C GLU C 102 -6.01 -17.39 -20.56
N ILE C 103 -5.55 -17.81 -21.73
CA ILE C 103 -5.02 -19.16 -21.92
C ILE C 103 -3.57 -19.14 -22.36
N SER C 104 -2.75 -19.98 -21.73
CA SER C 104 -1.36 -20.14 -22.13
C SER C 104 -0.93 -21.60 -22.04
N ARG C 105 0.37 -21.84 -22.10
CA ARG C 105 0.91 -23.19 -22.06
C ARG C 105 2.29 -23.22 -21.42
N TYR C 106 2.73 -24.41 -21.02
CA TYR C 106 3.95 -24.54 -20.22
C TYR C 106 5.15 -24.87 -21.10
N PHE C 107 5.12 -24.37 -22.34
CA PHE C 107 6.27 -24.50 -23.23
C PHE C 107 6.27 -23.40 -24.29
N LEU C 108 7.45 -23.01 -24.74
CA LEU C 108 7.59 -21.94 -25.72
C LEU C 108 8.48 -22.36 -26.88
N GLN C 109 8.62 -21.48 -27.86
CA GLN C 109 9.42 -21.78 -29.04
C GLN C 109 10.88 -22.00 -28.69
N MET C 110 11.29 -21.47 -27.54
CA MET C 110 12.70 -21.45 -27.16
C MET C 110 12.99 -22.47 -26.07
N THR C 111 11.94 -23.15 -25.61
CA THR C 111 12.05 -24.04 -24.47
C THR C 111 10.78 -24.87 -24.28
N GLU C 112 10.93 -26.07 -23.74
CA GLU C 112 9.80 -26.94 -23.49
C GLU C 112 9.97 -27.73 -22.20
N THR C 113 8.95 -27.71 -21.35
CA THR C 113 8.88 -28.61 -20.22
C THR C 113 7.51 -29.27 -20.11
N THR C 114 7.46 -30.57 -20.37
CA THR C 114 6.19 -31.30 -20.41
C THR C 114 6.37 -32.73 -19.93
N VAL C 115 5.29 -33.51 -19.98
CA VAL C 115 5.34 -34.91 -19.63
C VAL C 115 4.82 -35.80 -20.75
N LYS C 116 5.74 -36.32 -21.56
CA LYS C 116 5.40 -36.80 -22.90
C LYS C 116 4.79 -38.21 -22.83
N THR C 117 3.93 -38.51 -23.79
CA THR C 117 3.62 -37.58 -24.88
C THR C 117 2.36 -36.79 -24.60
N ALA C 118 2.51 -35.50 -24.33
CA ALA C 118 1.39 -34.65 -23.99
C ALA C 118 1.77 -33.17 -24.05
N ALA C 119 0.76 -32.32 -24.24
CA ALA C 119 0.96 -30.87 -24.13
C ALA C 119 0.28 -30.33 -22.88
N TRP C 120 1.05 -29.71 -22.00
CA TRP C 120 0.50 -29.11 -20.78
C TRP C 120 0.06 -27.67 -21.04
N PHE C 121 -1.16 -27.36 -20.63
CA PHE C 121 -1.71 -26.02 -20.81
C PHE C 121 -2.05 -25.38 -19.47
N MET C 122 -2.38 -24.10 -19.50
CA MET C 122 -2.95 -23.42 -18.33
C MET C 122 -4.06 -22.46 -18.73
N ALA C 123 -4.92 -22.14 -17.78
CA ALA C 123 -5.95 -21.13 -17.99
C ALA C 123 -6.29 -20.40 -16.69
N ASN C 124 -6.36 -19.08 -16.75
CA ASN C 124 -6.68 -18.28 -15.57
C ASN C 124 -7.98 -17.52 -15.76
N VAL C 125 -8.97 -17.85 -14.94
CA VAL C 125 -10.29 -17.26 -15.07
C VAL C 125 -10.70 -16.54 -13.79
N GLN C 126 -11.24 -15.33 -13.94
CA GLN C 126 -11.64 -14.53 -12.79
C GLN C 126 -13.02 -13.91 -13.00
N VAL C 127 -13.76 -13.74 -11.91
CA VAL C 127 -15.02 -13.01 -11.94
C VAL C 127 -14.81 -11.53 -11.66
N SER C 128 -15.47 -10.69 -12.44
CA SER C 128 -15.33 -9.24 -12.29
C SER C 128 -15.78 -8.78 -10.91
N GLY C 129 -15.27 -7.65 -10.48
CA GLY C 129 -15.62 -7.09 -9.17
C GLY C 129 -14.76 -7.69 -8.06
N GLY C 130 -13.72 -8.41 -8.45
CA GLY C 130 -12.84 -9.07 -7.50
C GLY C 130 -13.44 -10.35 -6.96
N GLY C 131 -14.23 -11.03 -7.80
CA GLY C 131 -14.94 -12.23 -7.38
C GLY C 131 -14.02 -13.46 -7.40
N PRO C 132 -14.63 -14.63 -7.44
CA PRO C 132 -13.87 -15.88 -7.37
C PRO C 132 -12.78 -15.92 -8.44
N SER C 133 -11.66 -16.55 -8.11
CA SER C 133 -10.52 -16.61 -9.01
C SER C 133 -9.92 -18.00 -9.05
N ILE C 134 -9.79 -18.55 -10.25
CA ILE C 134 -9.32 -19.92 -10.41
C ILE C 134 -8.19 -19.99 -11.43
N SER C 135 -7.12 -20.69 -11.07
CA SER C 135 -6.03 -20.97 -11.99
C SER C 135 -5.93 -22.46 -12.29
N LEU C 136 -6.17 -22.82 -13.55
CA LEU C 136 -6.25 -24.22 -13.94
C LEU C 136 -4.92 -24.72 -14.48
N VAL C 137 -4.54 -25.94 -14.07
CA VAL C 137 -3.39 -26.61 -14.65
C VAL C 137 -3.80 -27.93 -15.29
N MET C 138 -3.66 -28.01 -16.61
CA MET C 138 -4.38 -29.00 -17.40
C MET C 138 -3.53 -29.51 -18.56
N LYS C 139 -3.91 -30.67 -19.10
CA LYS C 139 -3.13 -31.32 -20.14
C LYS C 139 -4.02 -31.92 -21.21
N THR C 140 -3.50 -31.99 -22.44
CA THR C 140 -4.09 -32.84 -23.47
C THR C 140 -3.06 -33.83 -24.00
N PRO C 141 -3.25 -35.11 -23.68
CA PRO C 141 -2.35 -36.15 -24.15
C PRO C 141 -2.65 -36.52 -25.60
N ARG C 142 -1.67 -37.13 -26.26
CA ARG C 142 -1.86 -37.64 -27.62
C ARG C 142 -0.75 -38.60 -28.00
N VAL C 143 -1.11 -39.65 -28.74
CA VAL C 143 -0.14 -40.42 -29.51
C VAL C 143 0.31 -39.65 -30.74
N ALA C 144 1.62 -39.65 -30.99
CA ALA C 144 2.19 -38.88 -32.08
C ALA C 144 1.52 -39.22 -33.41
N LYS C 145 1.25 -38.20 -34.21
CA LYS C 145 0.59 -38.39 -35.50
C LYS C 145 1.39 -37.74 -36.62
N ASN C 146 0.98 -38.01 -37.86
CA ASN C 146 1.61 -37.39 -39.03
C ASN C 146 0.78 -36.21 -39.53
N GLU C 147 -0.10 -35.70 -38.68
CA GLU C 147 -0.96 -34.58 -39.06
C GLU C 147 -0.30 -33.24 -38.78
N VAL C 148 -0.93 -32.17 -39.22
CA VAL C 148 -0.34 -30.84 -39.13
C VAL C 148 -0.06 -30.46 -37.68
N LEU C 149 -1.04 -30.70 -36.81
CA LEU C 149 -0.88 -30.44 -35.38
C LEU C 149 -1.65 -31.46 -34.54
N TRP C 150 -0.92 -32.21 -33.74
CA TRP C 150 -1.52 -33.26 -32.91
C TRP C 150 -1.17 -33.08 -31.45
N HIS C 151 -0.33 -32.08 -31.17
CA HIS C 151 0.31 -31.97 -29.86
C HIS C 151 -0.73 -31.84 -28.75
N PRO C 152 -1.78 -31.08 -29.02
CA PRO C 152 -1.67 -29.88 -29.85
C PRO C 152 -0.86 -28.80 -29.14
N THR C 153 -0.56 -27.73 -29.86
CA THR C 153 -0.08 -26.50 -29.24
C THR C 153 -1.05 -25.35 -29.47
N LEU C 154 -0.75 -24.20 -28.89
CA LEU C 154 -1.53 -22.99 -29.12
C LEU C 154 -1.21 -22.40 -30.50
N ASN C 155 -2.20 -21.74 -31.10
CA ASN C 155 -2.08 -21.27 -32.48
C ASN C 155 -2.31 -22.41 -33.46
N LEU C 156 -2.84 -22.08 -34.62
CA LEU C 156 -3.43 -23.07 -35.52
C LEU C 156 -4.52 -23.87 -34.80
N PRO C 157 -5.50 -24.34 -35.57
CA PRO C 157 -6.56 -25.17 -35.04
C PRO C 157 -6.00 -26.35 -34.24
N LEU C 158 -6.58 -26.58 -33.06
CA LEU C 158 -6.10 -27.66 -32.19
C LEU C 158 -6.40 -29.02 -32.79
N SER C 159 -7.31 -29.07 -33.75
CA SER C 159 -7.67 -30.31 -34.43
C SER C 159 -8.12 -30.05 -35.86
N PRO C 160 -7.76 -30.94 -36.76
CA PRO C 160 -8.26 -30.90 -38.13
C PRO C 160 -9.77 -30.76 -38.15
N GLN C 161 -10.43 -31.29 -37.12
CA GLN C 161 -11.88 -31.28 -37.04
C GLN C 161 -12.36 -31.12 -35.61
N GLY C 162 -13.40 -30.30 -35.43
CA GLY C 162 -13.99 -30.09 -34.11
C GLY C 162 -12.98 -29.47 -33.14
N THR C 163 -12.84 -30.09 -31.97
CA THR C 163 -11.93 -29.58 -30.95
C THR C 163 -11.22 -30.72 -30.23
N VAL C 164 -10.55 -30.39 -29.13
CA VAL C 164 -9.79 -31.37 -28.38
C VAL C 164 -10.22 -31.40 -26.92
N ARG C 165 -10.14 -32.59 -26.31
CA ARG C 165 -10.42 -32.72 -24.89
C ARG C 165 -9.20 -32.35 -24.05
N THR C 166 -9.44 -31.73 -22.90
CA THR C 166 -8.38 -31.37 -21.98
C THR C 166 -8.72 -31.78 -20.55
N ALA C 167 -7.75 -32.35 -19.85
CA ALA C 167 -7.96 -32.82 -18.49
C ALA C 167 -7.32 -31.88 -17.47
N VAL C 168 -8.06 -31.60 -16.40
CA VAL C 168 -7.53 -30.79 -15.30
C VAL C 168 -7.07 -31.67 -14.15
N GLU C 169 -5.78 -31.61 -13.84
CA GLU C 169 -5.20 -32.45 -12.80
C GLU C 169 -4.86 -31.64 -11.55
N PHE C 170 -4.78 -30.32 -11.73
CA PHE C 170 -4.57 -29.42 -10.60
C PHE C 170 -5.23 -28.07 -10.85
N GLN C 171 -5.78 -27.49 -9.78
CA GLN C 171 -6.19 -26.08 -9.82
C GLN C 171 -6.07 -25.45 -8.43
N VAL C 172 -5.82 -24.14 -8.41
CA VAL C 172 -5.89 -23.38 -7.16
C VAL C 172 -6.91 -22.26 -7.25
N MET C 173 -7.68 -22.09 -6.18
CA MET C 173 -8.87 -21.24 -6.22
C MET C 173 -8.95 -20.36 -4.98
N THR C 174 -9.66 -19.23 -5.11
CA THR C 174 -10.16 -18.51 -3.95
C THR C 174 -11.56 -17.99 -4.18
N GLN C 175 -12.33 -17.87 -3.10
CA GLN C 175 -13.69 -17.35 -3.18
C GLN C 175 -13.71 -15.88 -3.54
N THR C 176 -12.60 -15.20 -3.25
CA THR C 176 -12.51 -13.76 -3.49
C THR C 176 -11.07 -13.32 -3.70
N GLN C 177 -10.88 -12.26 -4.47
CA GLN C 177 -9.55 -11.70 -4.70
C GLN C 177 -9.19 -10.67 -3.65
N SER C 178 -10.16 -10.36 -2.79
CA SER C 178 -9.97 -9.31 -1.78
C SER C 178 -10.85 -9.56 -0.56
N LEU C 179 -10.29 -9.33 0.62
CA LEU C 179 -11.06 -9.41 1.86
C LEU C 179 -10.91 -8.13 2.68
N SER C 180 -11.91 -7.83 3.50
CA SER C 180 -11.87 -6.67 4.38
C SER C 180 -12.24 -7.04 5.81
N PHE C 181 -11.37 -6.68 6.74
CA PHE C 181 -11.60 -6.98 8.16
C PHE C 181 -11.48 -5.73 9.01
N LEU C 182 -12.08 -5.76 10.20
CA LEU C 182 -12.04 -4.64 11.11
C LEU C 182 -10.78 -4.64 11.96
N LEU C 183 -10.15 -3.48 12.09
CA LEU C 183 -8.96 -3.35 12.91
C LEU C 183 -9.18 -3.93 14.30
N GLY C 184 -8.23 -4.75 14.76
CA GLY C 184 -8.27 -5.30 16.10
C GLY C 184 -8.81 -6.72 16.11
N SER C 185 -9.51 -7.08 15.04
CA SER C 185 -10.07 -8.42 14.90
C SER C 185 -9.14 -9.32 14.10
N SER C 186 -9.34 -10.63 14.23
CA SER C 186 -8.58 -11.60 13.45
C SER C 186 -9.10 -11.70 12.02
N ALA C 187 -8.35 -12.38 11.17
CA ALA C 187 -8.70 -12.51 9.76
C ALA C 187 -8.35 -13.88 9.22
N SER C 188 -9.01 -14.28 8.14
CA SER C 188 -8.64 -15.50 7.42
C SER C 188 -8.78 -15.30 5.91
N LEU C 189 -7.67 -15.45 5.19
CA LEU C 189 -7.65 -15.18 3.76
C LEU C 189 -7.97 -16.44 2.96
N ASP C 190 -9.17 -16.48 2.41
CA ASP C 190 -9.69 -17.71 1.81
C ASP C 190 -8.79 -18.18 0.67
N CYS C 191 -8.38 -19.44 0.73
CA CYS C 191 -7.61 -20.05 -0.34
C CYS C 191 -7.56 -21.57 -0.20
N GLY C 192 -7.52 -22.26 -1.33
CA GLY C 192 -7.32 -23.71 -1.34
C GLY C 192 -7.06 -24.21 -2.75
N PHE C 193 -6.80 -25.52 -2.86
CA PHE C 193 -6.50 -26.13 -4.15
C PHE C 193 -6.86 -27.61 -4.16
N SER C 194 -6.99 -28.17 -5.35
CA SER C 194 -7.29 -29.60 -5.50
C SER C 194 -6.37 -30.25 -6.52
N MET C 195 -5.94 -31.47 -6.22
CA MET C 195 -4.96 -32.16 -7.06
C MET C 195 -5.34 -33.62 -7.27
N ALA C 196 -5.01 -34.14 -8.45
CA ALA C 196 -5.09 -35.57 -8.70
C ALA C 196 -3.92 -36.30 -8.08
N PRO C 197 -4.19 -37.49 -7.52
CA PRO C 197 -3.14 -38.33 -6.97
C PRO C 197 -2.01 -38.56 -7.98
N GLY C 198 -0.78 -38.54 -7.50
CA GLY C 198 0.38 -38.80 -8.35
C GLY C 198 1.14 -37.52 -8.65
N LEU C 199 0.50 -36.38 -8.40
CA LEU C 199 1.12 -35.09 -8.62
C LEU C 199 2.41 -34.95 -7.81
N ASP C 200 3.48 -34.56 -8.50
CA ASP C 200 4.78 -34.39 -7.84
C ASP C 200 4.85 -33.06 -7.10
N LEU C 201 4.11 -32.96 -6.01
CA LEU C 201 4.03 -31.72 -5.24
C LEU C 201 5.22 -31.58 -4.30
N ILE C 202 5.92 -30.45 -4.42
CA ILE C 202 7.11 -30.21 -3.61
C ILE C 202 6.77 -29.52 -2.30
N SER C 203 6.13 -28.37 -2.41
CA SER C 203 5.83 -27.53 -1.24
C SER C 203 4.78 -26.48 -1.56
N VAL C 204 4.18 -25.92 -0.51
CA VAL C 204 3.33 -24.75 -0.66
C VAL C 204 3.84 -23.59 0.19
N GLU C 205 3.83 -22.39 -0.39
CA GLU C 205 4.37 -21.22 0.28
C GLU C 205 3.31 -20.14 0.47
N TRP C 206 3.37 -19.45 1.60
CA TRP C 206 2.58 -18.24 1.81
C TRP C 206 3.47 -17.03 2.06
N ARG C 207 3.22 -15.95 1.34
CA ARG C 207 4.10 -14.79 1.36
C ARG C 207 3.30 -13.50 1.48
N LEU C 208 3.99 -12.42 1.85
CA LEU C 208 3.37 -11.11 1.92
C LEU C 208 4.20 -10.07 1.18
N GLN C 209 3.55 -9.30 0.30
CA GLN C 209 4.21 -8.21 -0.40
C GLN C 209 3.71 -6.85 0.10
N HIS C 210 4.64 -5.96 0.41
CA HIS C 210 4.30 -4.63 0.89
C HIS C 210 5.28 -3.59 0.37
N LYS C 211 4.78 -2.71 -0.51
CA LYS C 211 5.59 -1.61 -1.01
C LYS C 211 7.00 -2.06 -1.36
N GLY C 212 7.09 -3.08 -2.19
CA GLY C 212 8.34 -3.41 -2.87
C GLY C 212 9.21 -4.32 -2.00
N ARG C 213 8.71 -4.66 -0.82
CA ARG C 213 9.40 -5.59 0.07
C ARG C 213 8.74 -6.97 0.04
N GLY C 214 9.55 -8.00 -0.11
CA GLY C 214 9.07 -9.37 -0.04
C GLY C 214 9.13 -9.91 1.39
N GLN C 215 8.24 -10.85 1.70
CA GLN C 215 8.23 -11.49 3.01
C GLN C 215 7.66 -12.90 2.93
N LEU C 216 8.30 -13.84 3.62
CA LEU C 216 7.78 -15.19 3.75
C LEU C 216 7.03 -15.37 5.06
N VAL C 217 5.80 -15.88 4.97
CA VAL C 217 4.94 -16.01 6.13
C VAL C 217 4.91 -17.45 6.64
N TYR C 218 4.70 -18.39 5.73
CA TYR C 218 4.47 -19.78 6.10
C TYR C 218 4.98 -20.72 5.01
N SER C 219 5.46 -21.90 5.44
CA SER C 219 5.84 -22.95 4.50
C SER C 219 5.17 -24.27 4.86
N TRP C 220 4.87 -25.07 3.85
CA TRP C 220 4.35 -26.41 4.06
C TRP C 220 4.97 -27.41 3.08
N THR C 221 5.41 -28.55 3.61
CA THR C 221 5.87 -29.65 2.77
C THR C 221 5.85 -30.96 3.53
N ALA C 222 5.57 -32.05 2.81
CA ALA C 222 5.62 -33.39 3.39
C ALA C 222 4.70 -33.50 4.60
N GLY C 223 3.65 -32.68 4.62
CA GLY C 223 2.64 -32.75 5.67
C GLY C 223 3.03 -31.86 6.85
N GLN C 224 4.24 -31.34 6.82
CA GLN C 224 4.75 -30.52 7.92
C GLN C 224 4.64 -29.03 7.60
N GLY C 225 3.97 -28.30 8.48
CA GLY C 225 3.91 -26.85 8.37
C GLY C 225 4.99 -26.17 9.19
N GLN C 226 5.41 -24.99 8.76
CA GLN C 226 6.38 -24.20 9.50
C GLN C 226 6.06 -22.71 9.41
N ALA C 227 5.92 -22.07 10.58
CA ALA C 227 5.69 -20.64 10.64
C ALA C 227 7.00 -19.87 10.47
N VAL C 228 6.94 -18.76 9.72
CA VAL C 228 8.11 -17.92 9.51
C VAL C 228 7.87 -16.51 10.04
N ARG C 229 6.73 -15.94 9.68
CA ARG C 229 6.33 -14.63 10.20
C ARG C 229 4.89 -14.65 10.66
N LYS C 230 4.40 -13.50 11.12
CA LYS C 230 3.03 -13.36 11.59
C LYS C 230 2.04 -13.97 10.60
N GLY C 231 1.24 -14.91 11.08
CA GLY C 231 0.26 -15.58 10.22
C GLY C 231 0.54 -17.08 10.13
N ALA C 232 -0.52 -17.88 10.08
CA ALA C 232 -0.38 -19.32 9.98
C ALA C 232 -1.58 -19.94 9.25
N THR C 233 -1.36 -21.10 8.64
CA THR C 233 -2.38 -21.71 7.80
C THR C 233 -3.32 -22.58 8.61
N LEU C 234 -4.43 -22.98 8.00
CA LEU C 234 -5.35 -23.94 8.60
C LEU C 234 -4.94 -25.36 8.24
N GLU C 235 -5.48 -26.33 8.98
CA GLU C 235 -5.18 -27.73 8.75
C GLU C 235 -5.74 -28.21 7.42
N PRO C 236 -5.14 -29.28 6.89
CA PRO C 236 -5.60 -29.85 5.62
C PRO C 236 -7.09 -30.13 5.64
N ALA C 237 -7.75 -29.91 4.51
CA ALA C 237 -9.19 -30.08 4.41
C ALA C 237 -9.59 -31.54 4.61
N GLN C 238 -10.80 -31.76 5.10
CA GLN C 238 -11.36 -33.10 5.18
C GLN C 238 -11.38 -33.77 3.81
N LEU C 239 -11.05 -35.06 3.79
CA LEU C 239 -10.99 -35.82 2.54
C LEU C 239 -12.29 -35.66 1.75
N GLY C 240 -12.15 -35.34 0.47
CA GLY C 240 -13.30 -35.08 -0.38
C GLY C 240 -13.42 -33.61 -0.72
N MET C 241 -12.83 -32.76 0.12
CA MET C 241 -12.80 -31.33 -0.15
C MET C 241 -11.44 -30.90 -0.69
N ALA C 242 -11.43 -29.79 -1.42
CA ALA C 242 -10.18 -29.17 -1.84
C ALA C 242 -9.32 -28.79 -0.65
N ARG C 243 -8.00 -28.93 -0.80
CA ARG C 243 -7.07 -28.66 0.28
C ARG C 243 -7.16 -27.21 0.74
N ASP C 244 -7.26 -27.02 2.04
CA ASP C 244 -7.42 -25.68 2.62
C ASP C 244 -6.08 -24.98 2.75
N ALA C 245 -5.88 -23.94 1.94
CA ALA C 245 -4.63 -23.18 1.98
C ALA C 245 -4.85 -21.79 2.56
N SER C 246 -5.98 -21.60 3.23
CA SER C 246 -6.33 -20.31 3.81
C SER C 246 -5.31 -19.88 4.85
N LEU C 247 -5.00 -18.58 4.87
CA LEU C 247 -4.03 -18.05 5.81
C LEU C 247 -4.72 -17.30 6.95
N THR C 248 -4.50 -17.76 8.17
CA THR C 248 -5.11 -17.16 9.35
C THR C 248 -4.19 -16.11 9.97
N LEU C 249 -4.71 -14.91 10.17
CA LEU C 249 -3.92 -13.81 10.70
C LEU C 249 -4.43 -13.37 12.08
N PRO C 250 -3.51 -13.32 13.04
CA PRO C 250 -3.83 -12.78 14.36
C PRO C 250 -4.43 -11.38 14.26
N GLY C 251 -5.02 -10.91 15.35
CA GLY C 251 -5.65 -9.60 15.37
C GLY C 251 -4.85 -8.59 14.55
N LEU C 252 -5.49 -8.04 13.52
CA LEU C 252 -4.78 -7.25 12.52
C LEU C 252 -4.43 -5.86 13.05
N THR C 253 -3.27 -5.36 12.65
CA THR C 253 -2.99 -3.93 12.71
C THR C 253 -3.01 -3.31 11.32
N ILE C 254 -3.06 -1.98 11.27
CA ILE C 254 -3.14 -1.26 10.00
C ILE C 254 -1.97 -1.61 9.10
N GLN C 255 -0.79 -1.78 9.70
CA GLN C 255 0.44 -1.99 8.94
C GLN C 255 0.59 -3.44 8.53
N ASP C 256 -0.44 -4.24 8.78
CA ASP C 256 -0.53 -5.58 8.23
C ASP C 256 -1.26 -5.59 6.89
N GLU C 257 -1.76 -4.43 6.49
CA GLU C 257 -2.43 -4.28 5.21
C GLU C 257 -1.46 -4.43 4.05
N GLY C 258 -1.90 -5.09 2.99
CA GLY C 258 -1.06 -5.33 1.83
C GLY C 258 -1.55 -6.52 1.02
N THR C 259 -0.67 -7.09 0.21
CA THR C 259 -1.05 -8.14 -0.73
C THR C 259 -0.45 -9.48 -0.33
N TYR C 260 -1.31 -10.47 -0.10
CA TYR C 260 -0.87 -11.77 0.40
C TYR C 260 -0.87 -12.81 -0.72
N ILE C 261 0.17 -13.64 -0.75
CA ILE C 261 0.37 -14.57 -1.86
C ILE C 261 0.33 -16.01 -1.36
N CYS C 262 -0.35 -16.87 -2.12
CA CYS C 262 -0.29 -18.31 -1.89
C CYS C 262 0.00 -19.06 -3.18
N GLN C 263 1.05 -19.87 -3.17
CA GLN C 263 1.54 -20.51 -4.38
C GLN C 263 1.90 -21.96 -4.13
N ILE C 264 1.71 -22.80 -5.14
CA ILE C 264 1.91 -24.24 -5.00
C ILE C 264 2.97 -24.75 -5.97
N THR C 265 4.08 -25.23 -5.42
CA THR C 265 5.25 -25.54 -6.22
C THR C 265 5.37 -27.02 -6.50
N THR C 266 5.46 -27.38 -7.78
CA THR C 266 5.74 -28.75 -8.17
C THR C 266 7.00 -28.85 -9.01
N SER C 267 7.32 -30.06 -9.46
CA SER C 267 8.49 -30.28 -10.31
C SER C 267 8.20 -29.86 -11.75
N LEU C 268 6.95 -29.51 -12.02
CA LEU C 268 6.52 -29.18 -13.37
C LEU C 268 6.12 -27.72 -13.49
N TYR C 269 5.44 -27.22 -12.47
CA TYR C 269 4.81 -25.91 -12.52
C TYR C 269 4.73 -25.27 -11.15
N ARG C 270 4.43 -23.97 -11.12
CA ARG C 270 4.10 -23.29 -9.88
C ARG C 270 2.81 -22.49 -10.02
N ALA C 271 1.79 -22.88 -9.27
CA ALA C 271 0.52 -22.15 -9.25
C ALA C 271 0.56 -21.02 -8.23
N GLN C 272 -0.27 -19.99 -8.46
CA GLN C 272 -0.28 -18.82 -7.60
C GLN C 272 -1.65 -18.16 -7.60
N GLN C 273 -2.10 -17.73 -6.43
CA GLN C 273 -3.21 -16.79 -6.33
C GLN C 273 -2.80 -15.53 -5.57
N ILE C 274 -3.43 -14.41 -5.90
CA ILE C 274 -3.15 -13.14 -5.25
C ILE C 274 -4.35 -12.62 -4.49
N ILE C 275 -4.19 -12.41 -3.19
CA ILE C 275 -5.30 -11.97 -2.34
C ILE C 275 -4.98 -10.65 -1.66
N GLN C 276 -5.87 -9.69 -1.81
CA GLN C 276 -5.72 -8.40 -1.13
C GLN C 276 -6.32 -8.43 0.26
N LEU C 277 -5.60 -7.86 1.22
CA LEU C 277 -6.16 -7.62 2.55
C LEU C 277 -6.38 -6.12 2.78
N ASN C 278 -7.62 -5.75 3.04
CA ASN C 278 -7.94 -4.39 3.48
C ASN C 278 -8.37 -4.36 4.94
N ILE C 279 -7.97 -3.31 5.64
CA ILE C 279 -8.29 -3.17 7.06
C ILE C 279 -9.02 -1.85 7.32
N GLN C 280 -10.16 -1.93 7.99
CA GLN C 280 -10.92 -0.75 8.38
C GLN C 280 -10.62 -0.37 9.83
N ALA C 281 -10.59 0.93 10.10
CA ALA C 281 -10.24 1.43 11.43
C ALA C 281 -11.45 1.42 12.36
N SER C 282 -11.24 1.87 13.59
CA SER C 282 -12.35 2.06 14.53
C SER C 282 -12.13 3.31 15.37
N PRO C 283 -12.43 4.47 14.79
CA PRO C 283 -12.14 5.74 15.44
C PRO C 283 -12.91 5.89 16.74
N LYS C 284 -12.36 6.67 17.67
CA LYS C 284 -13.11 7.16 18.81
C LYS C 284 -13.02 8.67 18.93
N VAL C 285 -14.08 9.30 19.41
CA VAL C 285 -14.18 10.75 19.44
C VAL C 285 -14.59 11.25 20.81
N ARG C 286 -13.93 12.31 21.29
CA ARG C 286 -14.32 12.96 22.53
C ARG C 286 -14.23 14.48 22.39
N LEU C 287 -15.11 15.18 23.11
CA LEU C 287 -15.17 16.63 23.04
C LEU C 287 -15.48 17.25 24.39
N SER C 288 -14.79 18.33 24.72
CA SER C 288 -15.13 19.14 25.88
C SER C 288 -14.72 20.60 25.69
N LEU C 289 -15.56 21.50 26.16
CA LEU C 289 -15.21 22.92 26.21
C LEU C 289 -14.14 23.17 27.28
N ALA C 290 -13.17 24.01 26.94
CA ALA C 290 -12.17 24.44 27.91
C ALA C 290 -12.81 25.18 29.07
N ASN C 291 -12.26 24.98 30.26
CA ASN C 291 -12.75 25.65 31.46
C ASN C 291 -11.92 26.89 31.79
N GLU C 292 -12.50 27.80 32.56
CA GLU C 292 -11.76 28.92 33.12
C GLU C 292 -11.06 29.72 32.03
N ALA C 293 -11.82 30.18 31.05
CA ALA C 293 -11.28 30.95 29.94
C ALA C 293 -12.23 32.06 29.52
N LEU C 294 -11.67 33.18 29.10
CA LEU C 294 -12.46 34.29 28.56
C LEU C 294 -12.91 34.02 27.13
N LEU C 295 -12.26 33.06 26.48
CA LEU C 295 -12.62 32.65 25.14
C LEU C 295 -13.00 31.17 25.10
N PRO C 296 -14.29 30.88 25.16
CA PRO C 296 -14.77 29.51 25.10
C PRO C 296 -14.18 28.76 23.92
N THR C 297 -13.43 27.70 24.21
CA THR C 297 -12.68 26.98 23.18
C THR C 297 -13.02 25.50 23.19
N LEU C 298 -13.42 24.98 22.03
CA LEU C 298 -13.77 23.57 21.90
C LEU C 298 -12.56 22.75 21.46
N ILE C 299 -12.26 21.70 22.22
CA ILE C 299 -11.20 20.77 21.86
C ILE C 299 -11.74 19.36 21.65
N CYS C 300 -11.53 18.82 20.46
CA CYS C 300 -12.00 17.48 20.13
C CYS C 300 -10.86 16.59 19.64
N ASP C 301 -10.78 15.39 20.19
CA ASP C 301 -9.80 14.40 19.72
C ASP C 301 -10.47 13.35 18.83
N ILE C 302 -9.93 13.16 17.63
CA ILE C 302 -10.43 12.15 16.72
C ILE C 302 -9.33 11.14 16.38
N ALA C 303 -9.34 10.01 17.06
CA ALA C 303 -8.18 9.13 17.11
C ALA C 303 -8.52 7.74 16.61
N GLY C 304 -7.56 7.11 15.92
CA GLY C 304 -7.65 5.71 15.57
C GLY C 304 -8.42 5.52 14.27
N TYR C 305 -8.06 6.30 13.25
CA TYR C 305 -8.77 6.27 11.98
C TYR C 305 -7.82 5.96 10.83
N TYR C 306 -8.37 5.43 9.74
CA TYR C 306 -7.56 5.04 8.59
C TYR C 306 -8.44 4.62 7.42
N PRO C 307 -8.15 5.18 6.25
CA PRO C 307 -6.90 5.90 6.03
C PRO C 307 -7.05 7.38 6.36
N LEU C 308 -6.18 8.20 5.78
CA LEU C 308 -6.17 9.63 6.07
C LEU C 308 -7.51 10.27 5.74
N ASP C 309 -7.77 11.42 6.34
CA ASP C 309 -8.90 12.26 5.94
C ASP C 309 -10.21 11.70 6.47
N VAL C 310 -10.25 11.42 7.77
CA VAL C 310 -11.51 11.30 8.49
C VAL C 310 -12.32 12.60 8.41
N VAL C 311 -13.62 12.47 8.20
CA VAL C 311 -14.48 13.63 7.99
C VAL C 311 -14.95 14.21 9.31
N VAL C 312 -14.66 15.48 9.53
CA VAL C 312 -15.02 16.16 10.77
C VAL C 312 -15.81 17.44 10.50
N THR C 313 -16.99 17.55 11.09
CA THR C 313 -17.83 18.72 10.92
C THR C 313 -18.33 19.24 12.27
N TRP C 314 -18.24 20.55 12.47
CA TRP C 314 -18.73 21.17 13.69
C TRP C 314 -20.12 21.77 13.48
N THR C 315 -21.00 21.59 14.46
CA THR C 315 -22.30 22.23 14.46
C THR C 315 -22.63 22.82 15.82
N ARG C 316 -23.65 23.68 15.85
CA ARG C 316 -24.10 24.28 17.11
C ARG C 316 -25.63 24.30 17.19
N GLU C 317 -26.15 24.18 18.41
CA GLU C 317 -27.57 24.33 18.64
C GLU C 317 -27.85 25.33 19.75
N GLU C 318 -28.04 26.60 19.37
CA GLU C 318 -28.22 27.67 20.33
C GLU C 318 -29.57 27.54 21.04
N LEU C 319 -29.53 27.46 22.37
CA LEU C 319 -30.72 27.21 23.16
C LEU C 319 -31.45 25.95 22.70
N GLY C 320 -30.70 25.06 22.05
CA GLY C 320 -31.26 23.79 21.57
C GLY C 320 -32.13 24.01 20.35
N GLY C 321 -31.93 25.13 19.67
CA GLY C 321 -32.73 25.48 18.50
C GLY C 321 -32.17 24.81 17.25
N SER C 322 -32.47 25.41 16.09
CA SER C 322 -32.12 24.82 14.81
C SER C 322 -30.61 24.65 14.67
N PRO C 323 -30.18 23.43 14.41
CA PRO C 323 -28.75 23.15 14.21
C PRO C 323 -28.17 24.03 13.12
N ALA C 324 -26.92 24.45 13.32
CA ALA C 324 -26.20 25.19 12.29
C ALA C 324 -24.74 24.74 12.21
N GLN C 325 -24.19 24.73 11.00
CA GLN C 325 -22.80 24.36 10.79
C GLN C 325 -21.87 25.53 11.12
N VAL C 326 -20.75 25.22 11.77
CA VAL C 326 -19.78 26.24 12.14
C VAL C 326 -18.45 26.02 11.43
N SER C 327 -18.01 27.04 10.70
CA SER C 327 -16.76 26.96 9.95
C SER C 327 -15.62 27.64 10.70
N GLY C 328 -14.42 27.51 10.16
CA GLY C 328 -13.25 28.21 10.71
C GLY C 328 -12.43 27.28 11.59
N ALA C 329 -12.90 26.06 11.77
CA ALA C 329 -12.20 25.08 12.59
C ALA C 329 -10.83 24.74 12.00
N SER C 330 -9.86 24.50 12.87
CA SER C 330 -8.53 24.08 12.44
C SER C 330 -8.16 22.71 12.99
N PHE C 331 -7.11 22.12 12.45
CA PHE C 331 -6.63 20.83 12.92
C PHE C 331 -5.22 20.95 13.52
N SER C 332 -4.81 19.93 14.26
CA SER C 332 -3.44 19.86 14.75
C SER C 332 -3.09 18.44 15.19
N SER C 333 -1.84 18.24 15.57
CA SER C 333 -1.44 17.05 16.33
C SER C 333 -1.73 15.78 15.55
N LEU C 334 -1.25 15.74 14.31
CA LEU C 334 -1.26 14.50 13.52
C LEU C 334 -0.15 13.55 13.97
N ARG C 335 -0.54 12.34 14.34
CA ARG C 335 0.42 11.35 14.84
C ARG C 335 -0.05 9.93 14.52
N GLN C 336 0.87 8.98 14.65
CA GLN C 336 0.57 7.59 14.33
C GLN C 336 0.58 6.73 15.59
N SER C 337 -0.34 5.78 15.66
CA SER C 337 -0.45 4.90 16.82
C SER C 337 0.30 3.59 16.60
N VAL C 338 0.45 2.81 17.66
CA VAL C 338 1.02 1.48 17.56
C VAL C 338 0.17 0.57 16.68
N ALA C 339 -1.15 0.70 16.79
CA ALA C 339 -2.07 0.00 15.92
C ALA C 339 -1.85 0.37 14.47
N GLY C 340 -1.07 1.42 14.23
CA GLY C 340 -0.73 1.84 12.88
C GLY C 340 -1.76 2.82 12.34
N THR C 341 -2.63 3.32 13.22
CA THR C 341 -3.70 4.22 12.82
C THR C 341 -3.24 5.67 12.85
N TYR C 342 -4.07 6.56 12.33
CA TYR C 342 -3.83 8.00 12.46
C TYR C 342 -4.66 8.59 13.60
N SER C 343 -4.13 9.63 14.22
CA SER C 343 -4.89 10.41 15.19
C SER C 343 -4.71 11.91 14.94
N ILE C 344 -5.80 12.66 15.07
CA ILE C 344 -5.75 14.12 14.96
C ILE C 344 -6.56 14.78 16.06
N SER C 345 -6.36 16.08 16.23
CA SER C 345 -7.22 16.89 17.08
C SER C 345 -7.77 18.09 16.31
N SER C 346 -8.92 18.59 16.74
CA SER C 346 -9.55 19.73 16.08
C SER C 346 -9.79 20.87 17.07
N SER C 347 -9.64 22.10 16.60
CA SER C 347 -9.73 23.27 17.47
C SER C 347 -10.72 24.29 16.90
N LEU C 348 -11.70 24.66 17.71
CA LEU C 348 -12.71 25.62 17.29
C LEU C 348 -13.28 26.37 18.49
N THR C 349 -13.43 27.69 18.34
CA THR C 349 -14.03 28.51 19.38
C THR C 349 -15.54 28.35 19.41
N ALA C 350 -16.16 28.71 20.53
CA ALA C 350 -17.60 28.56 20.71
C ALA C 350 -18.26 29.89 20.98
N GLU C 351 -19.52 30.03 20.56
CA GLU C 351 -20.36 31.14 20.98
C GLU C 351 -21.50 30.67 21.86
N PRO C 352 -21.42 30.98 23.15
CA PRO C 352 -22.44 30.54 24.11
C PRO C 352 -23.83 30.94 23.64
N GLY C 353 -23.91 32.03 22.90
CA GLY C 353 -25.18 32.47 22.31
C GLY C 353 -26.02 33.23 23.32
N SER C 354 -27.31 33.36 23.05
CA SER C 354 -28.18 34.25 23.81
C SER C 354 -28.15 33.89 25.29
N ALA C 355 -28.23 32.60 25.59
CA ALA C 355 -28.23 32.14 26.97
C ALA C 355 -27.84 30.67 27.06
N GLY C 356 -26.73 30.32 26.40
CA GLY C 356 -26.20 28.96 26.45
C GLY C 356 -26.49 28.21 25.16
N ALA C 357 -25.61 27.27 24.82
CA ALA C 357 -25.74 26.52 23.57
C ALA C 357 -25.11 25.14 23.70
N THR C 358 -25.53 24.23 22.84
CA THR C 358 -24.87 22.92 22.72
C THR C 358 -24.06 22.82 21.44
N TYR C 359 -22.82 22.35 21.56
CA TYR C 359 -21.94 22.19 20.41
C TYR C 359 -21.58 20.72 20.20
N THR C 360 -21.52 20.31 18.93
CA THR C 360 -21.23 18.92 18.59
C THR C 360 -20.14 18.84 17.53
N CYS C 361 -19.21 17.92 17.71
CA CYS C 361 -18.25 17.57 16.66
C CYS C 361 -18.63 16.27 15.99
N GLN C 362 -19.17 16.36 14.79
CA GLN C 362 -19.69 15.20 14.07
C GLN C 362 -18.61 14.56 13.20
N VAL C 363 -18.49 13.24 13.28
CA VAL C 363 -17.43 12.53 12.58
C VAL C 363 -17.98 11.33 11.82
N THR C 364 -17.49 11.13 10.60
CA THR C 364 -17.82 9.93 9.83
C THR C 364 -16.56 9.27 9.28
N HIS C 365 -16.62 7.95 9.11
CA HIS C 365 -15.46 7.19 8.69
C HIS C 365 -15.85 5.79 8.25
N ILE C 366 -15.13 5.26 7.26
CA ILE C 366 -15.36 3.90 6.78
C ILE C 366 -16.84 3.53 6.89
N SER C 367 -17.09 2.31 7.35
CA SER C 367 -18.46 1.83 7.51
C SER C 367 -18.72 1.34 8.92
N LEU C 368 -18.16 2.05 9.90
CA LEU C 368 -18.24 1.64 11.30
C LEU C 368 -19.67 1.61 11.78
N GLU C 369 -20.05 0.53 12.46
CA GLU C 369 -21.39 0.39 13.03
C GLU C 369 -21.64 1.45 14.09
N GLU C 370 -20.60 1.79 14.86
CA GLU C 370 -20.73 2.73 15.96
C GLU C 370 -20.66 4.16 15.48
N PRO C 371 -21.68 4.94 15.79
CA PRO C 371 -21.68 6.37 15.48
C PRO C 371 -20.44 7.06 16.04
N LEU C 372 -19.90 8.01 15.28
CA LEU C 372 -18.74 8.78 15.71
C LEU C 372 -19.11 10.25 15.93
N GLY C 373 -18.55 10.83 16.99
CA GLY C 373 -18.81 12.23 17.31
C GLY C 373 -18.93 12.44 18.81
N ALA C 374 -18.93 13.69 19.23
CA ALA C 374 -19.05 14.03 20.64
C ALA C 374 -19.67 15.41 20.84
N SER C 375 -20.29 15.63 21.99
CA SER C 375 -20.98 16.87 22.28
C SER C 375 -20.52 17.49 23.59
N THR C 376 -20.68 18.80 23.70
CA THR C 376 -20.43 19.49 24.97
C THR C 376 -21.35 20.68 25.14
N GLN C 377 -21.74 20.94 26.39
CA GLN C 377 -22.51 22.14 26.72
C GLN C 377 -21.61 23.36 26.84
N VAL C 378 -22.05 24.47 26.25
CA VAL C 378 -21.28 25.70 26.27
C VAL C 378 -22.02 26.81 27.00
N VAL C 379 -21.38 27.38 28.02
CA VAL C 379 -21.95 28.49 28.77
C VAL C 379 -20.98 29.65 28.86
N PRO C 380 -21.49 30.83 29.20
CA PRO C 380 -20.67 32.03 29.30
C PRO C 380 -19.48 31.81 30.21
N PRO C 381 -18.41 32.57 29.97
CA PRO C 381 -17.20 32.47 30.77
C PRO C 381 -17.52 32.63 32.25
N GLU C 382 -18.61 33.33 32.55
CA GLU C 382 -18.99 33.60 33.93
C GLU C 382 -19.72 32.41 34.55
N ARG C 383 -19.83 31.34 33.79
CA ARG C 383 -20.52 30.14 34.25
C ARG C 383 -19.66 28.89 34.05
N ARG C 384 -18.67 29.00 33.17
CA ARG C 384 -17.80 27.88 32.85
C ARG C 384 -16.50 27.94 33.65
C4 30W D . 21.50 7.39 -12.09
C6 30W D . 24.81 8.96 -12.02
C11 30W D . 19.95 2.43 -13.72
C7 30W D . 25.63 7.83 -12.08
C9 30W D . 25.39 10.30 -11.94
C10 30W D . 21.21 3.23 -13.49
N1 30W D . 23.24 5.24 -12.22
N2 30W D . 21.44 3.80 -12.29
N3 30W D . 21.06 6.11 -12.16
O10 30W D . 22.02 3.36 -14.38
C2 30W D . 21.94 5.09 -12.22
C8A 30W D . 23.80 6.47 -12.15
N8 30W D . 25.13 6.62 -12.14
N5 30W D . 23.48 8.81 -12.01
C4A 30W D . 22.95 7.61 -12.09
O4 30W D . 20.72 8.33 -12.05
H1 30W D . 19.19 2.72 -12.96
H2 30W D . 20.17 1.35 -13.62
H3 30W D . 19.55 2.66 -14.73
H4 30W D . 26.73 8.02 -12.07
O9 30W D . 24.78 11.27 -12.38
H5 30W D . 26.40 10.44 -11.49
H8 30W D . 21.27 3.34 -11.42
H9 30W D . 20.09 5.88 -12.17
N HIS A 4 20.88 1.92 5.85
CA HIS A 4 21.38 2.86 4.86
C HIS A 4 20.77 2.57 3.49
N SER A 5 20.22 3.62 2.86
CA SER A 5 19.46 3.45 1.63
C SER A 5 20.11 4.21 0.48
N LEU A 6 19.99 3.67 -0.73
CA LEU A 6 20.21 4.43 -1.95
C LEU A 6 19.05 4.25 -2.92
N ARG A 7 18.52 5.37 -3.41
CA ARG A 7 17.30 5.37 -4.20
C ARG A 7 17.46 6.18 -5.47
N TYR A 8 16.96 5.64 -6.59
CA TYR A 8 16.88 6.39 -7.83
C TYR A 8 15.44 6.50 -8.31
N PHE A 9 14.98 7.72 -8.56
CA PHE A 9 13.59 7.98 -8.88
C PHE A 9 13.44 8.61 -10.25
N ARG A 10 12.49 8.10 -11.03
CA ARG A 10 12.14 8.72 -12.31
C ARG A 10 10.65 9.02 -12.38
N LEU A 11 10.30 10.18 -12.93
CA LEU A 11 8.91 10.54 -13.14
C LEU A 11 8.75 11.41 -14.38
N GLY A 12 7.65 11.21 -15.11
CA GLY A 12 7.33 12.05 -16.25
C GLY A 12 5.82 12.05 -16.51
N VAL A 13 5.40 12.91 -17.43
CA VAL A 13 3.98 13.06 -17.74
C VAL A 13 3.75 13.12 -19.24
N SER A 14 2.65 12.52 -19.69
CA SER A 14 2.33 12.49 -21.12
C SER A 14 2.30 13.90 -21.70
N ASP A 15 1.47 14.76 -21.13
CA ASP A 15 1.38 16.14 -21.57
C ASP A 15 1.68 17.12 -20.43
N PRO A 16 2.87 17.71 -20.47
CA PRO A 16 3.30 18.62 -19.40
C PRO A 16 2.36 19.81 -19.30
N ILE A 17 1.24 19.62 -18.62
CA ILE A 17 0.29 20.71 -18.37
C ILE A 17 0.01 20.87 -16.89
N HIS A 18 -0.66 21.96 -16.54
CA HIS A 18 -1.01 22.22 -15.15
C HIS A 18 0.24 22.31 -14.27
N GLY A 19 1.36 22.64 -14.90
CA GLY A 19 2.58 22.94 -14.15
C GLY A 19 3.34 21.66 -13.80
N VAL A 20 2.87 20.53 -14.33
CA VAL A 20 3.47 19.24 -14.04
C VAL A 20 4.78 19.07 -14.81
N PRO A 21 5.86 18.82 -14.07
CA PRO A 21 7.18 18.65 -14.66
C PRO A 21 7.16 17.59 -15.75
N GLU A 22 7.88 17.86 -16.84
CA GLU A 22 7.95 16.94 -17.96
C GLU A 22 8.68 15.65 -17.56
N PHE A 23 9.83 15.80 -16.92
CA PHE A 23 10.64 14.66 -16.53
C PHE A 23 11.49 14.99 -15.31
N ILE A 24 11.51 14.07 -14.35
CA ILE A 24 12.36 14.21 -13.17
C ILE A 24 13.29 13.00 -13.02
N SER A 25 14.55 13.28 -12.74
CA SER A 25 15.52 12.22 -12.41
C SER A 25 16.39 12.61 -11.23
N VAL A 26 16.19 11.95 -10.11
CA VAL A 26 16.87 12.30 -8.87
C VAL A 26 17.41 11.07 -8.15
N GLY A 27 18.37 11.28 -7.26
CA GLY A 27 18.90 10.21 -6.43
C GLY A 27 19.13 10.68 -4.99
N TYR A 28 18.92 9.78 -4.05
CA TYR A 28 19.08 10.10 -2.63
C TYR A 28 19.87 9.02 -1.90
N VAL A 29 20.61 9.43 -0.89
CA VAL A 29 21.06 8.50 0.15
C VAL A 29 20.59 8.93 1.53
N ASP A 30 19.81 8.07 2.19
CA ASP A 30 19.23 8.40 3.48
C ASP A 30 18.66 9.82 3.50
N SER A 31 19.26 10.68 4.31
CA SER A 31 18.75 12.03 4.51
C SER A 31 19.50 13.05 3.66
N HIS A 32 20.39 12.55 2.81
CA HIS A 32 21.30 13.41 2.06
C HIS A 32 21.15 13.21 0.56
N PRO A 33 20.36 14.07 -0.08
CA PRO A 33 20.17 14.01 -1.52
C PRO A 33 21.50 13.99 -2.26
N ILE A 34 21.56 13.21 -3.34
CA ILE A 34 22.81 13.05 -4.09
C ILE A 34 22.85 13.98 -5.29
N THR A 35 21.85 13.86 -6.17
CA THR A 35 21.89 14.53 -7.46
C THR A 35 20.48 14.84 -7.95
N THR A 36 20.35 15.90 -8.74
CA THR A 36 19.09 16.21 -9.42
C THR A 36 19.31 16.46 -10.90
N TYR A 37 18.22 16.53 -11.65
CA TYR A 37 18.30 16.70 -13.09
C TYR A 37 17.65 18.00 -13.53
N ASP A 38 18.38 18.79 -14.32
CA ASP A 38 17.87 20.04 -14.87
C ASP A 38 17.17 19.80 -16.20
N SER A 39 15.84 19.86 -16.19
CA SER A 39 15.04 19.48 -17.35
C SER A 39 15.09 20.57 -18.42
N VAL A 40 15.67 21.71 -18.07
CA VAL A 40 15.79 22.82 -19.01
C VAL A 40 17.17 22.85 -19.65
N THR A 41 18.21 22.74 -18.83
CA THR A 41 19.58 22.67 -19.31
C THR A 41 19.91 21.27 -19.81
N ARG A 42 19.13 20.29 -19.37
CA ARG A 42 19.34 18.90 -19.79
C ARG A 42 20.69 18.39 -19.30
N GLN A 43 20.97 18.57 -18.02
CA GLN A 43 22.18 18.05 -17.41
C GLN A 43 21.94 17.61 -15.97
N LYS A 44 22.73 16.64 -15.52
CA LYS A 44 22.71 16.24 -14.11
C LYS A 44 23.60 17.16 -13.27
N GLU A 45 23.14 17.46 -12.05
CA GLU A 45 23.92 18.26 -11.12
C GLU A 45 23.95 17.61 -9.75
N PRO A 46 25.10 17.73 -9.08
CA PRO A 46 25.23 17.22 -7.71
C PRO A 46 24.49 18.11 -6.72
N ARG A 47 24.09 17.52 -5.60
CA ARG A 47 23.60 18.30 -4.46
C ARG A 47 24.52 18.15 -3.25
N ALA A 48 25.00 16.92 -3.04
CA ALA A 48 25.86 16.64 -1.89
C ALA A 48 27.28 17.14 -2.12
N PRO A 49 27.73 18.05 -1.25
CA PRO A 49 29.06 18.60 -1.35
C PRO A 49 30.11 17.49 -1.45
N TRP A 50 29.92 16.43 -0.68
CA TRP A 50 30.92 15.37 -0.58
C TRP A 50 30.85 14.43 -1.78
N MET A 51 29.82 14.60 -2.59
CA MET A 51 29.78 13.98 -3.91
C MET A 51 30.74 14.66 -4.87
N ALA A 52 30.65 15.98 -4.96
CA ALA A 52 31.45 16.74 -5.91
C ALA A 52 32.94 16.56 -5.65
N GLU A 53 33.30 16.38 -4.38
CA GLU A 53 34.70 16.34 -3.98
C GLU A 53 35.34 15.01 -4.37
N ASN A 54 34.50 14.00 -4.56
CA ASN A 54 34.99 12.62 -4.65
C ASN A 54 34.72 12.03 -6.03
N LEU A 55 33.79 12.65 -6.77
CA LEU A 55 33.41 12.17 -8.08
C LEU A 55 33.98 13.02 -9.19
N ALA A 56 34.50 12.39 -10.23
CA ALA A 56 35.03 13.09 -11.39
C ALA A 56 33.92 13.78 -12.16
N PRO A 57 34.26 14.90 -12.79
CA PRO A 57 33.30 15.64 -13.61
C PRO A 57 32.78 14.79 -14.76
N ASP A 58 33.56 13.78 -15.14
CA ASP A 58 33.18 12.90 -16.24
C ASP A 58 31.98 12.04 -15.87
N HIS A 59 31.77 11.86 -14.56
CA HIS A 59 30.72 10.97 -14.07
C HIS A 59 29.34 11.51 -14.40
N TRP A 60 29.18 12.83 -14.32
CA TRP A 60 27.90 13.47 -14.59
C TRP A 60 27.66 13.58 -16.09
N GLU A 61 28.71 13.94 -16.83
CA GLU A 61 28.61 14.09 -18.28
C GLU A 61 28.30 12.75 -18.94
N ARG A 62 28.95 11.69 -18.48
CA ARG A 62 28.70 10.35 -19.01
C ARG A 62 27.24 9.98 -18.87
N TYR A 63 26.71 10.11 -17.66
CA TYR A 63 25.39 9.59 -17.34
C TYR A 63 24.31 10.61 -17.62
N THR A 64 24.73 11.85 -17.89
CA THR A 64 23.84 12.85 -18.47
C THR A 64 23.44 12.46 -19.90
N GLN A 65 24.43 12.10 -20.70
CA GLN A 65 24.17 11.66 -22.07
C GLN A 65 23.31 10.40 -22.09
N LEU A 66 23.60 9.48 -21.18
CA LEU A 66 22.79 8.27 -21.04
C LEU A 66 21.39 8.60 -20.57
N LEU A 67 21.28 9.53 -19.63
CA LEU A 67 19.99 9.92 -19.07
C LEU A 67 19.10 10.54 -20.14
N ARG A 68 19.69 11.38 -20.99
CA ARG A 68 18.96 11.98 -22.10
C ARG A 68 18.34 10.92 -22.99
N GLY A 69 19.10 9.87 -23.26
CA GLY A 69 18.56 8.70 -23.96
C GLY A 69 17.47 8.02 -23.14
N TRP A 70 17.76 7.76 -21.87
CA TRP A 70 16.81 7.09 -20.99
C TRP A 70 15.54 7.92 -20.83
N GLN A 71 15.70 9.24 -20.81
CA GLN A 71 14.57 10.14 -20.67
C GLN A 71 13.56 9.94 -21.80
N GLN A 72 14.06 9.89 -23.03
CA GLN A 72 13.23 9.64 -24.20
C GLN A 72 12.56 8.28 -24.11
N MET A 73 13.32 7.26 -23.70
CA MET A 73 12.79 5.93 -23.53
C MET A 73 11.68 5.91 -22.48
N PHE A 74 11.89 6.62 -21.38
CA PHE A 74 10.89 6.70 -20.31
C PHE A 74 9.58 7.25 -20.83
N LYS A 75 9.66 8.34 -21.60
CA LYS A 75 8.47 8.98 -22.15
C LYS A 75 7.71 8.05 -23.08
N VAL A 76 8.46 7.27 -23.86
CA VAL A 76 7.86 6.27 -24.75
C VAL A 76 7.10 5.22 -23.95
N GLU A 77 7.72 4.72 -22.89
CA GLU A 77 7.07 3.77 -22.00
C GLU A 77 5.77 4.34 -21.44
N LEU A 78 5.82 5.59 -21.01
CA LEU A 78 4.64 6.28 -20.50
C LEU A 78 3.53 6.31 -21.54
N LYS A 79 3.88 6.69 -22.76
CA LYS A 79 2.91 6.75 -23.85
C LYS A 79 2.30 5.38 -24.11
N ARG A 80 3.11 4.33 -23.98
CA ARG A 80 2.62 2.97 -24.13
C ARG A 80 1.61 2.61 -23.04
N LEU A 81 1.84 3.13 -21.84
CA LEU A 81 0.91 2.93 -20.73
C LEU A 81 -0.39 3.67 -20.97
N GLN A 82 -0.30 4.82 -21.64
CA GLN A 82 -1.49 5.58 -22.03
C GLN A 82 -2.39 4.75 -22.93
N ARG A 83 -1.78 4.02 -23.85
CA ARG A 83 -2.50 3.07 -24.69
C ARG A 83 -2.97 1.87 -23.86
N HIS A 84 -2.12 1.43 -22.95
CA HIS A 84 -2.41 0.25 -22.14
C HIS A 84 -3.70 0.42 -21.35
N TYR A 85 -3.87 1.60 -20.76
CA TYR A 85 -5.03 1.87 -19.92
C TYR A 85 -6.17 2.48 -20.72
N ASN A 86 -5.99 2.54 -22.03
CA ASN A 86 -6.99 3.14 -22.92
C ASN A 86 -7.37 4.53 -22.45
N HIS A 87 -6.36 5.34 -22.12
CA HIS A 87 -6.59 6.68 -21.59
C HIS A 87 -6.38 7.74 -22.66
N SER A 88 -7.33 8.67 -22.75
CA SER A 88 -7.23 9.77 -23.70
C SER A 88 -6.65 11.02 -23.04
N GLY A 89 -6.74 11.06 -21.72
CA GLY A 89 -6.23 12.21 -20.97
C GLY A 89 -4.75 12.04 -20.64
N SER A 90 -4.19 13.04 -19.96
CA SER A 90 -2.77 13.01 -19.60
C SER A 90 -2.57 12.50 -18.18
N HIS A 91 -1.71 11.50 -18.04
CA HIS A 91 -1.40 10.93 -16.73
C HIS A 91 0.10 10.83 -16.51
N THR A 92 0.51 10.65 -15.26
CA THR A 92 1.92 10.55 -14.92
C THR A 92 2.36 9.10 -14.81
N TYR A 93 3.65 8.85 -14.96
CA TYR A 93 4.23 7.55 -14.68
C TYR A 93 5.57 7.67 -13.97
N GLN A 94 5.78 6.83 -12.97
CA GLN A 94 6.97 6.93 -12.12
C GLN A 94 7.53 5.55 -11.80
N ARG A 95 8.83 5.49 -11.53
CA ARG A 95 9.47 4.25 -11.12
C ARG A 95 10.58 4.51 -10.11
N MET A 96 10.68 3.63 -9.11
CA MET A 96 11.71 3.75 -8.09
C MET A 96 12.57 2.50 -8.02
N ILE A 97 13.88 2.68 -8.01
CA ILE A 97 14.81 1.59 -7.72
C ILE A 97 15.54 1.84 -6.40
N GLY A 98 15.39 0.91 -5.46
CA GLY A 98 15.88 1.11 -4.10
C GLY A 98 16.80 -0.03 -3.69
N CYS A 99 17.82 0.29 -2.89
CA CYS A 99 18.69 -0.72 -2.30
C CYS A 99 19.13 -0.31 -0.90
N GLU A 100 19.18 -1.27 0.00
CA GLU A 100 19.49 -1.00 1.40
C GLU A 100 20.60 -1.91 1.91
N LEU A 101 21.41 -1.39 2.84
CA LEU A 101 22.40 -2.21 3.53
C LEU A 101 21.95 -2.50 4.96
N LEU A 102 22.24 -3.71 5.43
CA LEU A 102 21.83 -4.12 6.76
C LEU A 102 23.04 -4.27 7.68
N GLU A 103 22.80 -4.19 8.99
CA GLU A 103 23.88 -4.20 9.97
C GLU A 103 24.69 -5.49 9.90
N ASP A 104 24.02 -6.58 9.55
CA ASP A 104 24.64 -7.90 9.57
C ASP A 104 25.43 -8.15 8.29
N GLY A 105 25.55 -7.12 7.46
CA GLY A 105 26.42 -7.17 6.29
C GLY A 105 25.65 -7.56 5.03
N SER A 106 24.41 -8.01 5.22
CA SER A 106 23.57 -8.42 4.11
C SER A 106 23.01 -7.21 3.37
N THR A 107 22.43 -7.46 2.20
CA THR A 107 21.86 -6.40 1.39
C THR A 107 20.45 -6.74 0.93
N THR A 108 19.66 -5.72 0.61
CA THR A 108 18.35 -5.92 0.02
C THR A 108 17.99 -4.76 -0.91
N GLY A 109 16.74 -4.75 -1.38
CA GLY A 109 16.29 -3.76 -2.34
C GLY A 109 14.90 -4.08 -2.86
N PHE A 110 14.38 -3.22 -3.72
CA PHE A 110 13.04 -3.38 -4.27
C PHE A 110 12.89 -2.67 -5.61
N LEU A 111 11.87 -3.07 -6.37
CA LEU A 111 11.50 -2.34 -7.58
C LEU A 111 10.03 -1.94 -7.55
N GLN A 112 9.78 -0.63 -7.59
CA GLN A 112 8.44 -0.10 -7.36
C GLN A 112 7.90 0.59 -8.60
N TYR A 113 6.71 0.18 -9.03
CA TYR A 113 6.02 0.85 -10.12
C TYR A 113 4.81 1.62 -9.61
N ALA A 114 4.46 2.69 -10.30
CA ALA A 114 3.19 3.37 -10.09
C ALA A 114 2.72 4.08 -11.35
N TYR A 115 1.41 4.20 -11.52
CA TYR A 115 0.83 4.95 -12.62
C TYR A 115 -0.43 5.69 -12.19
N ASP A 116 -0.52 6.96 -12.55
CA ASP A 116 -1.61 7.81 -12.08
C ASP A 116 -1.63 7.90 -10.56
N GLY A 117 -0.46 7.72 -9.95
CA GLY A 117 -0.31 7.90 -8.51
C GLY A 117 -0.70 6.64 -7.76
N GLN A 118 -1.07 5.60 -8.51
CA GLN A 118 -1.53 4.35 -7.92
C GLN A 118 -0.47 3.26 -8.06
N ASP A 119 -0.47 2.32 -7.12
CA ASP A 119 0.36 1.12 -7.23
C ASP A 119 0.04 0.36 -8.51
N PHE A 120 1.07 0.12 -9.33
CA PHE A 120 0.88 -0.37 -10.69
C PHE A 120 1.21 -1.86 -10.78
N LEU A 121 2.48 -2.19 -10.62
CA LEU A 121 2.95 -3.55 -10.83
C LEU A 121 3.56 -4.12 -9.56
N ILE A 122 3.34 -5.42 -9.34
CA ILE A 122 4.07 -6.15 -8.32
C ILE A 122 5.09 -7.10 -8.94
N PHE A 123 6.36 -6.95 -8.55
CA PHE A 123 7.45 -7.63 -9.22
C PHE A 123 8.11 -8.65 -8.30
N ASN A 124 8.28 -9.87 -8.78
CA ASN A 124 9.04 -10.89 -8.08
C ASN A 124 10.40 -11.09 -8.72
N LYS A 125 11.45 -10.65 -8.03
CA LYS A 125 12.78 -10.55 -8.63
C LYS A 125 13.38 -11.92 -8.88
N ASP A 126 12.80 -12.94 -8.25
CA ASP A 126 13.34 -14.30 -8.31
C ASP A 126 12.64 -15.12 -9.38
N THR A 127 11.35 -14.87 -9.55
CA THR A 127 10.54 -15.62 -10.51
C THR A 127 10.21 -14.76 -11.73
N LEU A 128 10.37 -13.45 -11.59
CA LEU A 128 9.96 -12.51 -12.63
C LEU A 128 8.46 -12.59 -12.87
N SER A 129 7.72 -13.01 -11.86
CA SER A 129 6.26 -12.89 -11.87
C SER A 129 5.82 -11.44 -11.86
N TRP A 130 4.72 -11.16 -12.54
CA TRP A 130 4.17 -9.80 -12.59
C TRP A 130 2.68 -9.81 -12.29
N LEU A 131 2.25 -8.93 -11.39
CA LEU A 131 0.84 -8.70 -11.14
C LEU A 131 0.49 -7.23 -11.29
N ALA A 132 -0.73 -6.96 -11.78
CA ALA A 132 -1.25 -5.60 -11.80
C ALA A 132 -2.33 -5.42 -10.75
N VAL A 133 -2.41 -4.21 -10.19
CA VAL A 133 -3.47 -3.86 -9.25
C VAL A 133 -4.78 -3.58 -9.98
N ASP A 134 -4.70 -2.86 -11.09
CA ASP A 134 -5.87 -2.58 -11.91
C ASP A 134 -6.24 -3.79 -12.75
N ASN A 135 -7.40 -3.71 -13.41
CA ASN A 135 -7.92 -4.84 -14.18
C ASN A 135 -7.22 -4.94 -15.52
N VAL A 136 -5.90 -5.07 -15.50
CA VAL A 136 -5.12 -5.24 -16.71
C VAL A 136 -4.15 -6.40 -16.60
N ALA A 137 -4.27 -7.16 -15.52
CA ALA A 137 -3.28 -8.17 -15.18
C ALA A 137 -3.14 -9.21 -16.28
N HIS A 138 -4.23 -9.44 -17.00
CA HIS A 138 -4.26 -10.44 -18.07
C HIS A 138 -3.21 -10.13 -19.13
N THR A 139 -3.23 -8.90 -19.64
CA THR A 139 -2.27 -8.47 -20.65
C THR A 139 -0.85 -8.40 -20.08
N ILE A 140 -0.75 -7.87 -18.86
CA ILE A 140 0.55 -7.74 -18.20
C ILE A 140 1.22 -9.10 -18.03
N LYS A 141 0.47 -10.07 -17.54
CA LYS A 141 1.01 -11.41 -17.34
C LYS A 141 1.52 -12.01 -18.64
N GLN A 142 0.66 -11.99 -19.67
CA GLN A 142 0.97 -12.64 -20.92
C GLN A 142 2.22 -12.06 -21.57
N ALA A 143 2.39 -10.75 -21.43
CA ALA A 143 3.48 -10.04 -22.10
C ALA A 143 4.75 -10.09 -21.26
N TRP A 144 4.63 -9.73 -19.98
CA TRP A 144 5.79 -9.44 -19.16
C TRP A 144 6.48 -10.72 -18.70
N GLU A 145 5.69 -11.67 -18.23
CA GLU A 145 6.23 -12.89 -17.63
C GLU A 145 6.84 -13.79 -18.70
N ALA A 146 6.46 -13.57 -19.95
CA ALA A 146 6.97 -14.37 -21.06
C ALA A 146 8.49 -14.27 -21.15
N ASN A 147 9.02 -13.10 -20.79
CA ASN A 147 10.44 -12.83 -20.95
C ASN A 147 11.22 -13.19 -19.70
N GLN A 148 11.77 -14.39 -19.68
CA GLN A 148 12.53 -14.87 -18.52
C GLN A 148 14.02 -14.60 -18.71
N HIS A 149 14.36 -13.92 -19.79
CA HIS A 149 15.76 -13.69 -20.14
C HIS A 149 16.38 -12.62 -19.26
N GLU A 150 15.54 -11.87 -18.57
CA GLU A 150 15.99 -10.76 -17.73
C GLU A 150 16.43 -11.24 -16.36
N LEU A 151 16.28 -12.54 -16.11
CA LEU A 151 16.58 -13.11 -14.81
C LEU A 151 18.01 -12.78 -14.39
N LEU A 152 18.91 -12.71 -15.35
CA LEU A 152 20.33 -12.52 -15.06
C LEU A 152 20.73 -11.06 -15.17
N TYR A 153 19.74 -10.18 -15.29
CA TYR A 153 19.98 -8.76 -15.44
C TYR A 153 19.28 -7.96 -14.34
N GLN A 154 18.03 -8.31 -14.07
CA GLN A 154 17.21 -7.54 -13.15
C GLN A 154 18.00 -7.16 -11.89
N LYS A 155 18.52 -8.17 -11.20
CA LYS A 155 19.10 -7.97 -9.89
C LYS A 155 20.35 -7.10 -9.96
N ASN A 156 20.96 -7.04 -11.15
CA ASN A 156 22.22 -6.35 -11.32
C ASN A 156 22.05 -4.84 -11.21
N TRP A 157 21.11 -4.30 -11.96
CA TRP A 157 20.87 -2.86 -11.99
C TRP A 157 19.84 -2.45 -10.97
N LEU A 158 19.28 -3.43 -10.26
CA LEU A 158 18.45 -3.16 -9.09
C LEU A 158 19.30 -3.01 -7.84
N GLU A 159 20.18 -3.97 -7.60
CA GLU A 159 20.88 -4.09 -6.33
C GLU A 159 22.38 -3.81 -6.50
N GLU A 160 23.02 -4.54 -7.40
CA GLU A 160 24.47 -4.59 -7.46
C GLU A 160 25.05 -3.22 -7.80
N GLU A 161 24.44 -2.54 -8.77
CA GLU A 161 24.84 -1.20 -9.13
C GLU A 161 24.66 -0.24 -7.97
N CYS A 162 23.58 -0.43 -7.22
CA CYS A 162 23.24 0.48 -6.12
C CYS A 162 24.13 0.26 -4.91
N ILE A 163 24.48 -1.00 -4.67
CA ILE A 163 25.36 -1.35 -3.56
C ILE A 163 26.73 -0.68 -3.73
N ALA A 164 27.26 -0.73 -4.95
CA ALA A 164 28.55 -0.12 -5.25
C ALA A 164 28.54 1.37 -4.95
N TRP A 165 27.52 2.06 -5.45
CA TRP A 165 27.41 3.50 -5.28
C TRP A 165 27.14 3.87 -3.82
N LEU A 166 26.22 3.14 -3.20
CA LEU A 166 25.83 3.42 -1.81
C LEU A 166 27.01 3.26 -0.88
N LYS A 167 27.74 2.16 -1.02
CA LYS A 167 28.96 1.93 -0.26
C LYS A 167 29.92 3.10 -0.40
N ARG A 168 30.16 3.51 -1.64
CA ARG A 168 31.08 4.61 -1.91
C ARG A 168 30.57 5.91 -1.32
N PHE A 169 29.27 6.15 -1.45
CA PHE A 169 28.66 7.37 -0.93
C PHE A 169 28.80 7.46 0.58
N LEU A 170 28.60 6.34 1.25
CA LEU A 170 28.77 6.27 2.71
C LEU A 170 30.21 6.57 3.10
N GLU A 171 31.16 6.07 2.31
CA GLU A 171 32.57 6.35 2.54
C GLU A 171 32.89 7.81 2.25
N TYR A 172 32.27 8.36 1.22
CA TYR A 172 32.53 9.74 0.82
C TYR A 172 31.99 10.73 1.86
N GLY A 173 30.80 10.44 2.38
CA GLY A 173 30.14 11.34 3.32
C GLY A 173 30.71 11.16 4.73
N LYS A 174 32.03 11.18 4.84
CA LYS A 174 32.69 10.84 6.09
C LYS A 174 32.34 11.83 7.18
N ASP A 175 31.97 13.04 6.78
CA ASP A 175 31.66 14.11 7.73
C ASP A 175 30.16 14.37 7.79
N THR A 176 29.38 13.50 7.13
CA THR A 176 27.94 13.69 7.04
C THR A 176 27.21 12.41 7.37
N LEU A 177 27.27 11.44 6.45
CA LEU A 177 26.50 10.21 6.58
C LEU A 177 26.99 9.38 7.76
N GLN A 178 28.25 9.56 8.12
CA GLN A 178 28.87 8.76 9.17
C GLN A 178 28.74 9.44 10.53
N ARG A 179 27.95 10.50 10.58
CA ARG A 179 27.70 11.21 11.84
C ARG A 179 26.91 10.34 12.80
N THR A 180 27.11 10.56 14.10
CA THR A 180 26.23 10.01 15.12
C THR A 180 26.16 10.91 16.34
N GLU A 181 24.95 11.13 16.85
CA GLU A 181 24.75 11.97 18.01
C GLU A 181 23.65 11.44 18.91
N PRO A 182 23.98 11.15 20.15
CA PRO A 182 23.01 10.67 21.12
C PRO A 182 21.86 11.65 21.28
N PRO A 183 20.69 11.14 21.66
CA PRO A 183 19.52 11.98 21.86
C PRO A 183 19.59 12.74 23.18
N LYS A 184 18.90 13.87 23.25
CA LYS A 184 18.53 14.47 24.53
C LYS A 184 17.04 14.33 24.79
N VAL A 185 16.69 13.85 25.98
CA VAL A 185 15.35 13.35 26.25
C VAL A 185 14.74 14.03 27.46
N ARG A 186 13.47 14.42 27.34
CA ARG A 186 12.76 15.07 28.44
C ARG A 186 11.40 14.43 28.67
N VAL A 187 10.98 14.38 29.93
CA VAL A 187 9.70 13.78 30.30
C VAL A 187 8.70 14.84 30.71
N ASN A 188 7.48 14.73 30.20
CA ASN A 188 6.45 15.73 30.47
C ASN A 188 5.10 15.06 30.75
N HIS A 189 4.12 15.86 31.15
CA HIS A 189 2.73 15.41 31.21
C HIS A 189 1.77 16.57 30.96
N LYS A 190 0.61 16.25 30.41
CA LYS A 190 -0.42 17.25 30.14
C LYS A 190 -1.73 16.60 29.72
N GLU A 191 -2.75 17.43 29.53
CA GLU A 191 -4.05 16.94 29.10
C GLU A 191 -4.53 17.68 27.86
N THR A 192 -5.15 16.94 26.94
CA THR A 192 -6.09 17.53 25.98
C THR A 192 -7.52 17.14 26.30
N PHE A 193 -7.69 16.13 27.15
CA PHE A 193 -9.01 15.73 27.61
C PHE A 193 -9.05 15.66 29.14
N PRO A 194 -9.34 16.78 29.77
CA PRO A 194 -9.25 16.89 31.22
C PRO A 194 -10.04 15.77 31.91
N GLY A 195 -9.39 15.10 32.86
CA GLY A 195 -9.98 13.93 33.49
C GLY A 195 -9.18 12.67 33.18
N ILE A 196 -8.51 12.67 32.03
CA ILE A 196 -7.60 11.60 31.67
C ILE A 196 -6.20 12.13 31.39
N THR A 197 -5.26 11.82 32.28
CA THR A 197 -3.90 12.32 32.15
C THR A 197 -3.10 11.51 31.13
N THR A 198 -2.33 12.20 30.29
CA THR A 198 -1.46 11.54 29.34
C THR A 198 0.00 11.81 29.65
N LEU A 199 0.81 10.75 29.64
CA LEU A 199 2.23 10.86 29.95
C LEU A 199 3.06 11.04 28.69
N TYR A 200 3.88 12.09 28.67
CA TYR A 200 4.64 12.43 27.48
C TYR A 200 6.14 12.24 27.71
N CYS A 201 6.87 11.97 26.63
CA CYS A 201 8.32 12.10 26.62
C CYS A 201 8.86 12.27 25.22
N ARG A 202 9.76 13.23 25.05
CA ARG A 202 10.24 13.61 23.72
C ARG A 202 11.76 13.60 23.66
N ALA A 203 12.30 13.56 22.45
CA ALA A 203 13.75 13.59 22.25
C ALA A 203 14.11 14.52 21.10
N TYR A 204 15.29 15.12 21.18
CA TYR A 204 15.76 16.04 20.15
C TYR A 204 17.27 15.93 19.96
N GLY A 205 17.74 16.30 18.77
CA GLY A 205 19.16 16.57 18.56
C GLY A 205 19.95 15.29 18.35
N PHE A 206 19.26 14.27 17.82
CA PHE A 206 19.89 12.96 17.60
C PHE A 206 20.14 12.72 16.12
N TYR A 207 21.12 11.87 15.82
CA TYR A 207 21.42 11.49 14.45
C TYR A 207 22.23 10.21 14.39
N PRO A 208 21.96 9.39 13.37
CA PRO A 208 20.76 9.55 12.55
C PRO A 208 19.50 9.25 13.36
N PRO A 209 18.35 9.52 12.76
CA PRO A 209 17.07 9.31 13.43
C PRO A 209 16.70 7.83 13.45
N GLU A 210 17.57 7.01 14.03
CA GLU A 210 17.24 5.63 14.34
C GLU A 210 16.84 5.47 15.81
N ILE A 211 15.67 6.00 16.16
CA ILE A 211 15.32 6.22 17.55
C ILE A 211 13.96 5.59 17.88
N SER A 212 13.86 5.01 19.07
CA SER A 212 12.60 4.47 19.55
C SER A 212 12.42 4.72 21.04
N ILE A 213 11.29 5.31 21.41
CA ILE A 213 10.99 5.59 22.81
C ILE A 213 9.82 4.75 23.31
N ASN A 214 10.13 3.80 24.19
CA ASN A 214 9.11 2.86 24.67
C ASN A 214 8.84 3.06 26.15
N TRP A 215 7.67 2.59 26.60
CA TRP A 215 7.30 2.68 28.01
C TRP A 215 7.26 1.30 28.65
N MET A 216 7.78 1.20 29.87
CA MET A 216 7.85 -0.08 30.57
C MET A 216 7.42 0.07 32.02
N LYS A 217 7.10 -1.05 32.65
CA LYS A 217 6.81 -1.07 34.08
C LYS A 217 7.30 -2.37 34.73
N ASN A 218 8.06 -2.24 35.80
CA ASN A 218 8.58 -3.40 36.52
C ASN A 218 9.42 -4.28 35.61
N GLY A 219 10.08 -3.65 34.64
CA GLY A 219 11.05 -4.35 33.80
C GLY A 219 10.36 -4.99 32.60
N GLU A 220 9.04 -4.88 32.55
CA GLU A 220 8.26 -5.46 31.45
C GLU A 220 7.59 -4.37 30.62
N GLU A 221 7.43 -4.64 29.33
CA GLU A 221 6.74 -3.72 28.44
C GLU A 221 5.28 -3.57 28.83
N ILE A 222 4.77 -2.35 28.72
CA ILE A 222 3.36 -2.08 29.00
C ILE A 222 2.45 -2.70 27.95
N PHE A 223 1.21 -2.97 28.33
CA PHE A 223 0.25 -3.57 27.42
C PHE A 223 -0.75 -2.54 26.91
N GLN A 224 -0.42 -1.27 27.08
CA GLN A 224 -1.25 -0.18 26.58
C GLN A 224 -0.67 0.42 25.30
N ASP A 225 -1.52 1.02 24.49
CA ASP A 225 -1.08 1.66 23.25
C ASP A 225 -0.13 2.82 23.54
N THR A 226 0.85 3.00 22.66
CA THR A 226 1.74 4.16 22.74
C THR A 226 1.71 4.96 21.44
N ASP A 227 1.60 6.28 21.56
CA ASP A 227 1.62 7.16 20.41
C ASP A 227 3.04 7.47 19.97
N TYR A 228 3.26 7.49 18.65
CA TYR A 228 4.56 7.86 18.10
C TYR A 228 4.42 8.96 17.06
N GLY A 229 5.13 10.06 17.28
CA GLY A 229 5.03 11.23 16.41
C GLY A 229 5.86 11.05 15.15
N GLY A 230 6.68 10.01 15.13
CA GLY A 230 7.58 9.75 14.00
C GLY A 230 8.78 10.69 14.04
N ILE A 231 9.48 10.79 12.91
CA ILE A 231 10.73 11.54 12.85
C ILE A 231 10.50 12.95 12.30
N LEU A 232 10.87 13.95 13.09
CA LEU A 232 10.63 15.34 12.72
C LEU A 232 11.93 16.09 12.53
N PRO A 233 12.26 16.42 11.29
CA PRO A 233 13.47 17.15 10.97
C PRO A 233 13.56 18.45 11.75
N SER A 234 14.72 18.71 12.35
CA SER A 234 14.94 19.92 13.12
C SER A 234 15.38 21.08 12.24
N GLY A 235 16.11 20.75 11.18
CA GLY A 235 16.68 21.76 10.30
C GLY A 235 18.10 22.12 10.70
N ASP A 236 18.54 21.58 11.83
CA ASP A 236 19.87 21.86 12.35
C ASP A 236 20.83 20.70 12.06
N GLY A 237 20.47 19.87 11.09
CA GLY A 237 21.26 18.69 10.76
C GLY A 237 20.86 17.51 11.64
N THR A 238 19.94 17.74 12.55
CA THR A 238 19.47 16.69 13.45
C THR A 238 17.96 16.53 13.38
N TYR A 239 17.42 15.62 14.19
CA TYR A 239 15.99 15.34 14.18
C TYR A 239 15.42 15.40 15.60
N GLN A 240 14.10 15.48 15.69
CA GLN A 240 13.41 15.36 16.96
C GLN A 240 12.18 14.46 16.84
N THR A 241 11.75 13.89 17.97
CA THR A 241 10.56 13.05 18.00
C THR A 241 9.85 13.16 19.34
N TRP A 242 8.77 12.39 19.50
CA TRP A 242 8.07 12.32 20.76
C TRP A 242 7.14 11.10 20.80
N VAL A 243 6.87 10.62 22.01
CA VAL A 243 5.80 9.64 22.22
C VAL A 243 4.91 10.05 23.39
N SER A 244 3.81 9.33 23.55
CA SER A 244 2.96 9.50 24.73
C SER A 244 2.18 8.22 25.04
N VAL A 245 1.77 8.09 26.29
CA VAL A 245 0.94 6.96 26.71
C VAL A 245 -0.12 7.39 27.71
N GLU A 246 -1.35 6.92 27.52
CA GLU A 246 -2.45 7.23 28.42
C GLU A 246 -2.22 6.61 29.79
N LEU A 247 -2.47 7.39 30.84
CA LEU A 247 -2.41 6.89 32.20
C LEU A 247 -3.80 6.56 32.73
N ASP A 248 -3.88 5.62 33.67
CA ASP A 248 -5.10 5.33 34.39
C ASP A 248 -5.54 6.54 35.22
N PRO A 249 -6.72 7.07 34.91
CA PRO A 249 -7.27 8.19 35.65
C PRO A 249 -7.24 7.93 37.16
N GLN A 250 -7.35 6.66 37.53
CA GLN A 250 -7.38 6.27 38.94
C GLN A 250 -5.98 6.24 39.55
N ASN A 251 -5.36 7.40 39.65
CA ASN A 251 -4.04 7.52 40.25
C ASN A 251 -3.05 6.58 39.56
N GLY A 252 -3.08 6.56 38.23
CA GLY A 252 -2.16 5.73 37.46
C GLY A 252 -0.71 6.12 37.73
N ASP A 253 0.19 5.15 37.64
CA ASP A 253 1.59 5.38 37.91
C ASP A 253 2.28 6.02 36.71
N ILE A 254 3.52 6.46 36.91
CA ILE A 254 4.32 7.01 35.83
C ILE A 254 5.23 5.95 35.22
N TYR A 255 5.01 5.65 33.95
CA TYR A 255 5.74 4.58 33.28
C TYR A 255 7.21 4.94 33.09
N SER A 256 8.07 3.92 33.06
CA SER A 256 9.49 4.12 32.81
C SER A 256 9.77 4.33 31.33
N CYS A 257 10.56 5.35 31.02
CA CYS A 257 10.89 5.66 29.63
C CYS A 257 12.23 5.05 29.23
N HIS A 258 12.21 4.24 28.18
CA HIS A 258 13.42 3.61 27.66
C HIS A 258 13.69 4.02 26.22
N VAL A 259 14.82 4.69 26.01
CA VAL A 259 15.12 5.27 24.70
C VAL A 259 16.28 4.55 24.03
N GLU A 260 16.02 3.98 22.85
CA GLU A 260 17.04 3.28 22.09
C GLU A 260 17.58 4.14 20.96
N HIS A 261 18.87 4.00 20.68
CA HIS A 261 19.51 4.76 19.62
C HIS A 261 20.92 4.24 19.32
N GLY A 262 21.42 4.55 18.14
CA GLY A 262 22.76 4.13 17.75
C GLY A 262 23.81 4.68 18.70
N GLY A 263 23.48 5.79 19.36
CA GLY A 263 24.38 6.39 20.33
C GLY A 263 24.13 5.85 21.73
N VAL A 264 24.04 6.76 22.70
CA VAL A 264 23.88 6.39 24.09
C VAL A 264 22.41 6.23 24.46
N HIS A 265 22.06 5.09 25.04
CA HIS A 265 20.69 4.83 25.48
C HIS A 265 20.39 5.58 26.78
N MET A 266 19.13 5.93 26.96
CA MET A 266 18.71 6.67 28.15
C MET A 266 17.51 6.00 28.82
N VAL A 267 17.46 6.08 30.15
CA VAL A 267 16.27 5.68 30.88
C VAL A 267 15.81 6.80 31.82
N LEU A 268 14.54 7.17 31.70
CA LEU A 268 13.99 8.28 32.46
C LEU A 268 12.71 7.88 33.19
N GLN A 269 12.47 8.51 34.33
CA GLN A 269 11.20 8.35 35.03
C GLN A 269 10.92 9.54 35.95
N GLY A 270 9.64 9.89 36.07
CA GLY A 270 9.24 11.04 36.87
C GLY A 270 9.44 12.35 36.12
N PHE A 271 9.46 13.45 36.85
CA PHE A 271 9.48 14.78 36.24
C PHE A 271 10.50 15.69 36.92
N GLN B 3 -5.85 12.06 -6.18
CA GLN B 3 -5.55 12.74 -4.92
C GLN B 3 -4.97 11.77 -3.89
N ARG B 4 -3.92 12.22 -3.19
CA ARG B 4 -3.58 11.65 -1.90
C ARG B 4 -3.41 12.74 -0.85
N PRO B 5 -4.32 12.75 0.13
CA PRO B 5 -4.34 13.80 1.13
C PRO B 5 -2.99 13.92 1.84
N PRO B 6 -2.49 15.14 1.94
CA PRO B 6 -1.21 15.41 2.60
C PRO B 6 -1.24 14.94 4.05
N LYS B 7 -0.07 14.54 4.56
CA LYS B 7 0.13 14.42 5.99
C LYS B 7 0.93 15.60 6.54
N ILE B 8 0.34 16.33 7.49
CA ILE B 8 0.88 17.60 7.95
C ILE B 8 1.20 17.56 9.43
N GLN B 9 2.44 17.88 9.78
CA GLN B 9 2.84 18.03 11.17
C GLN B 9 3.50 19.38 11.42
N VAL B 10 3.25 19.95 12.60
CA VAL B 10 3.80 21.25 12.95
C VAL B 10 4.46 21.21 14.32
N TYR B 11 5.64 21.82 14.41
CA TYR B 11 6.43 21.79 15.64
C TYR B 11 7.44 22.94 15.67
N SER B 12 8.08 23.11 16.82
CA SER B 12 9.16 24.09 16.95
C SER B 12 10.48 23.42 17.30
N ARG B 13 11.58 24.08 16.96
CA ARG B 13 12.90 23.58 17.31
C ARG B 13 13.16 23.67 18.80
N HIS B 14 12.61 24.70 19.43
CA HIS B 14 12.82 24.93 20.86
C HIS B 14 11.50 25.11 21.59
N PRO B 15 11.51 24.84 22.89
CA PRO B 15 10.33 25.07 23.72
C PRO B 15 9.79 26.48 23.54
N PRO B 16 8.48 26.63 23.71
CA PRO B 16 7.82 27.91 23.50
C PRO B 16 8.05 28.85 24.68
N GLU B 17 9.30 29.25 24.87
CA GLU B 17 9.66 30.20 25.93
C GLU B 17 9.47 31.63 25.46
N ASP B 18 8.62 32.37 26.15
CA ASP B 18 8.23 33.71 25.71
C ASP B 18 9.44 34.61 25.57
N GLY B 19 9.52 35.31 24.43
CA GLY B 19 10.48 36.39 24.26
C GLY B 19 11.79 35.85 23.68
N LYS B 20 11.97 34.54 23.73
CA LYS B 20 13.23 33.92 23.34
C LYS B 20 13.19 33.50 21.87
N PRO B 21 14.37 33.44 21.25
CA PRO B 21 14.48 32.99 19.87
C PRO B 21 13.88 31.61 19.69
N ASN B 22 13.27 31.38 18.53
CA ASN B 22 12.74 30.06 18.20
C ASN B 22 12.53 29.92 16.69
N TYR B 23 12.24 28.70 16.25
CA TYR B 23 12.00 28.44 14.84
C TYR B 23 10.78 27.55 14.65
N LEU B 24 9.92 27.92 13.71
CA LEU B 24 8.69 27.18 13.44
C LEU B 24 8.86 26.28 12.22
N ASN B 25 8.67 24.98 12.44
CA ASN B 25 8.84 24.00 11.37
C ASN B 25 7.49 23.44 10.91
N CYS B 26 7.22 23.51 9.62
CA CYS B 26 6.11 22.79 9.02
C CYS B 26 6.61 21.60 8.20
N TYR B 27 6.06 20.42 8.47
CA TYR B 27 6.55 19.20 7.85
C TYR B 27 5.43 18.47 7.13
N VAL B 28 5.48 18.45 5.79
CA VAL B 28 4.40 17.92 4.99
C VAL B 28 4.91 16.85 4.02
N TYR B 29 4.19 15.74 3.93
CA TYR B 29 4.60 14.62 3.09
C TYR B 29 3.41 13.72 2.76
N GLY B 30 3.61 12.84 1.79
CA GLY B 30 2.63 11.79 1.51
C GLY B 30 1.47 12.33 0.68
N PHE B 31 1.75 13.36 -0.12
CA PHE B 31 0.72 13.99 -0.94
C PHE B 31 0.94 13.72 -2.42
N HIS B 32 -0.14 13.72 -3.18
CA HIS B 32 -0.07 13.45 -4.61
C HIS B 32 -1.21 14.15 -5.36
N PRO B 33 -0.85 14.86 -6.43
CA PRO B 33 0.51 14.83 -6.95
C PRO B 33 1.44 15.72 -6.12
N PRO B 34 2.74 15.56 -6.33
CA PRO B 34 3.73 16.23 -5.50
C PRO B 34 3.92 17.68 -5.91
N GLN B 35 2.85 18.46 -5.82
CA GLN B 35 2.94 19.90 -6.02
C GLN B 35 2.13 20.65 -4.96
N ILE B 36 2.83 21.29 -4.04
CA ILE B 36 2.22 21.77 -2.80
C ILE B 36 2.88 23.05 -2.31
N GLU B 37 2.09 23.89 -1.65
CA GLU B 37 2.61 25.14 -1.09
C GLU B 37 2.43 25.18 0.41
N ILE B 38 3.43 25.70 1.12
CA ILE B 38 3.37 25.83 2.57
C ILE B 38 3.64 27.25 3.01
N ASP B 39 2.73 27.80 3.81
CA ASP B 39 2.95 29.10 4.45
C ASP B 39 3.17 28.95 5.94
N LEU B 40 3.99 29.84 6.52
CA LEU B 40 4.04 30.02 7.96
C LEU B 40 3.43 31.36 8.37
N LEU B 41 2.42 31.30 9.23
CA LEU B 41 1.59 32.48 9.50
C LEU B 41 1.77 32.97 10.93
N LYS B 42 1.66 34.27 11.12
CA LYS B 42 1.37 34.83 12.45
C LYS B 42 0.20 35.80 12.37
N ASN B 43 -0.91 35.43 13.01
CA ASN B 43 -2.14 36.22 12.93
C ASN B 43 -2.61 36.36 11.48
N GLY B 44 -2.25 35.39 10.65
CA GLY B 44 -2.66 35.38 9.26
C GLY B 44 -1.60 36.02 8.37
N GLU B 45 -0.62 36.66 8.99
CA GLU B 45 0.44 37.34 8.26
C GLU B 45 1.46 36.35 7.73
N LYS B 46 1.70 36.40 6.42
CA LYS B 46 2.64 35.50 5.77
C LYS B 46 4.07 35.80 6.18
N ILE B 47 4.79 34.77 6.62
CA ILE B 47 6.20 34.91 6.96
C ILE B 47 7.08 34.12 6.00
N LYS B 48 8.07 34.79 5.42
CA LYS B 48 9.01 34.13 4.53
C LYS B 48 9.74 33.00 5.23
N SER B 49 9.80 31.84 4.59
CA SER B 49 10.37 30.64 5.19
C SER B 49 11.51 30.09 4.35
N GLU B 50 12.44 29.39 5.00
CA GLU B 50 13.56 28.78 4.31
C GLU B 50 13.13 27.53 3.55
N GLN B 51 13.72 27.33 2.38
CA GLN B 51 13.38 26.16 1.55
C GLN B 51 14.45 25.08 1.68
N SER B 52 14.12 23.87 1.22
CA SER B 52 15.06 22.77 1.23
C SER B 52 14.78 21.80 0.08
N ASP B 53 15.75 20.92 -0.18
CA ASP B 53 15.57 19.87 -1.17
C ASP B 53 14.44 18.93 -0.78
N LEU B 54 13.78 18.34 -1.78
CA LEU B 54 12.68 17.42 -1.53
C LEU B 54 13.10 15.98 -1.75
N SER B 55 12.76 15.12 -0.80
CA SER B 55 13.12 13.70 -0.88
C SER B 55 11.88 12.84 -1.11
N PHE B 56 12.03 11.82 -1.94
CA PHE B 56 10.91 10.97 -2.34
C PHE B 56 10.40 10.16 -1.17
N SER B 57 9.08 10.03 -1.07
CA SER B 57 8.47 9.15 -0.08
C SER B 57 7.93 7.88 -0.73
N LYS B 58 8.01 6.77 0.00
CA LYS B 58 7.52 5.49 -0.50
C LYS B 58 6.05 5.58 -0.88
N ASP B 59 5.36 6.55 -0.32
CA ASP B 59 3.94 6.74 -0.58
C ASP B 59 3.71 7.64 -1.80
N TRP B 60 4.66 7.60 -2.74
CA TRP B 60 4.50 8.28 -4.02
C TRP B 60 4.40 9.79 -3.83
N SER B 61 5.29 10.33 -3.01
CA SER B 61 5.28 11.76 -2.71
C SER B 61 6.68 12.27 -2.43
N PHE B 62 6.76 13.47 -1.84
CA PHE B 62 8.05 14.05 -1.46
C PHE B 62 7.98 14.68 -0.08
N TYR B 63 9.11 14.68 0.63
CA TYR B 63 9.18 15.33 1.93
C TYR B 63 9.59 16.80 1.79
N LEU B 64 8.73 17.68 2.27
CA LEU B 64 8.95 19.12 2.10
C LEU B 64 8.92 19.83 3.45
N LEU B 65 9.93 20.66 3.69
CA LEU B 65 10.02 21.43 4.93
C LEU B 65 9.84 22.92 4.67
N SER B 66 9.27 23.62 5.64
CA SER B 66 9.25 25.08 5.63
C SER B 66 9.55 25.64 7.01
N HIS B 67 10.69 26.30 7.14
CA HIS B 67 11.16 26.79 8.42
C HIS B 67 11.25 28.31 8.45
N ALA B 68 10.93 28.90 9.60
CA ALA B 68 11.15 30.32 9.81
C ALA B 68 11.39 30.64 11.28
N GLU B 69 12.12 31.72 11.54
CA GLU B 69 12.31 32.20 12.90
C GLU B 69 11.06 32.89 13.42
N PHE B 70 10.76 32.66 14.70
CA PHE B 70 9.65 33.35 15.36
C PHE B 70 9.92 33.54 16.84
N THR B 71 9.09 34.34 17.49
CA THR B 71 9.22 34.59 18.93
C THR B 71 7.94 34.24 19.67
N PRO B 72 8.02 33.23 20.52
CA PRO B 72 6.88 32.83 21.34
C PRO B 72 6.38 33.98 22.20
N ASN B 73 5.06 34.07 22.36
CA ASN B 73 4.47 34.96 23.34
C ASN B 73 3.00 34.63 23.58
N SER B 74 2.36 35.42 24.43
CA SER B 74 1.00 35.11 24.89
C SER B 74 -0.04 35.85 24.07
N LYS B 75 0.42 36.57 23.04
CA LYS B 75 -0.45 37.43 22.27
C LYS B 75 -0.64 36.90 20.84
N ASP B 76 0.48 36.70 20.15
CA ASP B 76 0.45 36.36 18.73
C ASP B 76 -0.03 34.93 18.52
N GLN B 77 -0.85 34.73 17.49
CA GLN B 77 -1.38 33.40 17.17
C GLN B 77 -0.60 32.78 16.02
N TYR B 78 0.36 31.90 16.37
CA TYR B 78 1.17 31.23 15.37
C TYR B 78 0.45 30.00 14.81
N SER B 79 0.60 29.79 13.51
CA SER B 79 0.06 28.60 12.86
C SER B 79 0.73 28.36 11.52
N CYS B 80 0.52 27.16 10.97
CA CYS B 80 0.98 26.86 9.62
C CYS B 80 -0.19 26.63 8.67
N ARG B 81 0.00 26.95 7.40
CA ARG B 81 -1.03 26.78 6.39
C ARG B 81 -0.49 26.01 5.19
N VAL B 82 -1.22 24.97 4.78
CA VAL B 82 -0.78 24.13 3.68
C VAL B 82 -1.83 24.06 2.58
N LYS B 83 -1.41 24.29 1.35
CA LYS B 83 -2.32 24.25 0.21
C LYS B 83 -1.88 23.24 -0.83
N HIS B 84 -2.74 22.27 -1.11
CA HIS B 84 -2.41 21.18 -2.03
C HIS B 84 -2.96 21.44 -3.41
N VAL B 85 -2.07 21.48 -4.41
CA VAL B 85 -2.45 21.89 -5.76
C VAL B 85 -3.65 22.83 -5.74
N THR B 86 -4.66 22.50 -6.52
CA THR B 86 -5.84 23.36 -6.66
C THR B 86 -7.08 22.68 -6.12
N LEU B 87 -6.89 21.81 -5.13
CA LEU B 87 -8.01 21.06 -4.55
C LEU B 87 -8.39 21.62 -3.18
N GLU B 88 -9.68 21.69 -2.91
CA GLU B 88 -10.17 22.06 -1.59
C GLU B 88 -9.63 23.41 -1.15
N GLN B 89 -9.67 23.66 0.15
CA GLN B 89 -9.13 24.89 0.71
C GLN B 89 -7.89 24.61 1.55
N PRO B 90 -7.04 25.63 1.70
CA PRO B 90 -5.87 25.53 2.56
C PRO B 90 -6.25 25.07 3.96
N ARG B 91 -5.41 24.24 4.57
CA ARG B 91 -5.68 23.71 5.90
C ARG B 91 -4.74 24.33 6.92
N ILE B 92 -5.26 24.55 8.13
CA ILE B 92 -4.49 25.16 9.20
C ILE B 92 -4.13 24.15 10.27
N VAL B 93 -2.86 24.13 10.67
CA VAL B 93 -2.39 23.19 11.69
C VAL B 93 -1.57 23.91 12.75
N LYS B 94 -1.83 23.57 14.01
CA LYS B 94 -1.12 24.18 15.13
C LYS B 94 0.03 23.29 15.59
N TRP B 95 0.96 23.87 16.34
CA TRP B 95 2.05 23.11 16.95
C TRP B 95 1.57 22.33 18.17
N ASP B 96 2.35 21.33 18.57
CA ASP B 96 1.97 20.46 19.68
C ASP B 96 2.56 20.96 20.99
N ARG B 97 3.25 22.10 20.93
CA ARG B 97 3.80 22.73 22.13
C ARG B 97 4.76 21.79 22.86
N ASP B 98 5.82 21.39 22.16
CA ASP B 98 6.88 20.59 22.77
C ASP B 98 7.51 21.31 23.95
N LEU B 99 7.83 20.56 25.01
CA LEU B 99 8.42 21.13 26.20
C LEU B 99 9.79 20.53 26.48
N PRO C 2 -15.84 -25.43 3.59
CA PRO C 2 -16.91 -26.16 2.90
C PRO C 2 -17.25 -27.46 3.63
N HIS C 3 -17.99 -28.33 2.95
CA HIS C 3 -18.57 -29.50 3.60
C HIS C 3 -18.82 -30.61 2.59
N PRO C 4 -18.53 -31.84 2.99
CA PRO C 4 -18.78 -33.02 2.15
C PRO C 4 -20.19 -32.98 1.58
N ALA C 5 -20.32 -33.39 0.31
CA ALA C 5 -21.62 -33.47 -0.34
C ALA C 5 -22.47 -34.58 0.25
N GLU C 6 -23.77 -34.37 0.26
CA GLU C 6 -24.71 -35.38 0.76
C GLU C 6 -25.75 -35.73 -0.30
N GLY C 7 -26.40 -36.87 -0.11
CA GLY C 7 -27.43 -37.33 -1.04
C GLY C 7 -26.82 -37.77 -2.37
N GLN C 8 -27.60 -37.70 -3.43
CA GLN C 8 -27.12 -38.04 -4.77
C GLN C 8 -27.13 -36.81 -5.68
N TRP C 9 -25.94 -36.29 -5.96
CA TRP C 9 -25.82 -35.07 -6.73
C TRP C 9 -25.57 -35.36 -8.22
N ARG C 10 -25.83 -34.36 -9.06
CA ARG C 10 -25.49 -34.46 -10.47
C ARG C 10 -24.75 -33.21 -10.93
N ALA C 11 -23.88 -33.38 -11.93
CA ALA C 11 -23.13 -32.27 -12.49
C ALA C 11 -23.96 -31.49 -13.51
N VAL C 12 -23.68 -30.21 -13.64
CA VAL C 12 -24.32 -29.38 -14.66
C VAL C 12 -23.30 -28.74 -15.58
N ASP C 13 -23.72 -28.42 -16.80
CA ASP C 13 -22.81 -27.84 -17.80
C ASP C 13 -22.72 -26.33 -17.64
N VAL C 14 -21.50 -25.84 -17.48
CA VAL C 14 -21.25 -24.40 -17.39
C VAL C 14 -20.29 -23.93 -18.47
N VAL C 15 -20.65 -22.85 -19.14
CA VAL C 15 -19.79 -22.28 -20.18
C VAL C 15 -19.49 -20.81 -19.88
N LEU C 16 -18.20 -20.47 -19.88
CA LEU C 16 -17.76 -19.11 -19.57
C LEU C 16 -17.22 -18.42 -20.81
N ASP C 17 -17.54 -17.13 -20.95
CA ASP C 17 -16.83 -16.26 -21.88
C ASP C 17 -15.37 -16.10 -21.47
N CYS C 18 -14.48 -16.20 -22.45
CA CYS C 18 -13.04 -16.07 -22.20
C CYS C 18 -12.39 -15.11 -23.18
N PHE C 19 -11.22 -14.60 -22.82
CA PHE C 19 -10.45 -13.73 -23.70
C PHE C 19 -9.03 -14.27 -23.90
N LEU C 20 -8.46 -13.97 -25.07
CA LEU C 20 -7.08 -14.34 -25.35
C LEU C 20 -6.27 -13.15 -25.82
N VAL C 21 -5.15 -12.88 -25.14
CA VAL C 21 -4.30 -11.74 -25.46
C VAL C 21 -3.36 -12.08 -26.61
N LYS C 22 -3.32 -11.19 -27.61
CA LYS C 22 -2.45 -11.38 -28.76
C LYS C 22 -0.98 -11.44 -28.33
N ASP C 23 -0.24 -12.39 -28.88
CA ASP C 23 1.20 -12.50 -28.64
C ASP C 23 1.98 -11.63 -29.63
N GLY C 24 3.26 -11.45 -29.36
CA GLY C 24 4.14 -10.70 -30.25
C GLY C 24 4.11 -9.21 -29.93
N ALA C 25 4.91 -8.44 -30.65
CA ALA C 25 4.99 -7.00 -30.45
C ALA C 25 3.73 -6.31 -30.93
N HIS C 26 3.40 -5.18 -30.31
CA HIS C 26 2.27 -4.36 -30.75
C HIS C 26 2.76 -3.15 -31.53
N ARG C 27 1.90 -2.64 -32.40
CA ARG C 27 2.11 -1.33 -33.02
C ARG C 27 0.95 -0.39 -32.71
N GLY C 28 -0.14 -0.94 -32.20
CA GLY C 28 -1.31 -0.14 -31.85
C GLY C 28 -1.51 -0.10 -30.34
N ALA C 29 -2.74 -0.36 -29.90
CA ALA C 29 -3.06 -0.37 -28.48
C ALA C 29 -2.21 -1.39 -27.73
CAC 3X9 C 30 6.67 -2.65 -26.26
CAS 3X9 C 30 5.37 -3.23 -26.85
CAD 3X9 C 30 5.05 -2.58 -28.23
NAQ 3X9 C 30 5.53 -4.70 -27.04
OAH 3X9 C 30 6.27 -5.17 -27.96
CAR 3X9 C 30 4.82 -5.55 -26.03
CAA 3X9 C 30 5.82 -6.17 -25.05
CAB 3X9 C 30 3.96 -6.60 -26.75
CAI 3X9 C 30 3.96 -4.48 -25.43
CAO 3X9 C 30 4.21 -3.25 -25.88
CAJ 3X9 C 30 3.50 -1.98 -25.51
SAL 3X9 C 30 2.19 -1.58 -26.72
N 3X9 C 30 -1.81 -1.03 -26.51
CA 3X9 C 30 -1.00 -1.92 -25.68
CB 3X9 C 30 -0.04 -1.09 -24.80
SG 3X9 C 30 1.16 -0.14 -25.77
C 3X9 C 30 -1.89 -2.78 -24.78
O 3X9 C 30 -1.41 -3.45 -23.88
H1 3X9 C 30 7.52 -2.84 -26.95
H2 3X9 C 30 6.58 -1.56 -26.11
H3 3X9 C 30 6.91 -3.13 -25.28
H4 3X9 C 30 5.88 -2.78 -28.94
H5 3X9 C 30 4.11 -2.99 -28.66
H6 3X9 C 30 4.95 -1.49 -28.12
H7 3X9 C 30 6.52 -6.83 -25.59
H8 3X9 C 30 6.41 -5.38 -24.53
H9 3X9 C 30 5.29 -6.77 -24.28
H10 3X9 C 30 4.61 -7.34 -27.27
H11 3X9 C 30 3.35 -7.16 -26.02
H12 3X9 C 30 3.26 -6.15 -27.50
H13 3X9 C 30 3.23 -4.81 -24.68
H16 3X9 C 30 4.20 -1.14 -25.42
H17 3X9 C 30 3.02 -2.09 -24.51
H 3X9 C 30 -2.07 -0.15 -26.11
HA 3X9 C 30 -0.43 -2.60 -26.29
HB2 3X9 C 30 -0.62 -0.40 -24.16
HB3 3X9 C 30 0.52 -1.77 -24.12
N ALA C 31 -3.20 -2.74 -25.05
CA ALA C 31 -4.15 -3.57 -24.32
C ALA C 31 -5.41 -3.82 -25.13
N SER C 32 -6.18 -4.82 -24.72
CA SER C 32 -7.45 -5.12 -25.38
C SER C 32 -8.43 -3.97 -25.22
N SER C 33 -9.21 -3.72 -26.27
CA SER C 33 -10.36 -2.82 -26.18
C SER C 33 -11.65 -3.53 -26.57
N GLU C 34 -11.59 -4.86 -26.64
CA GLU C 34 -12.72 -5.65 -27.13
C GLU C 34 -13.60 -6.10 -25.98
N ASP C 35 -14.92 -6.05 -26.20
CA ASP C 35 -15.88 -6.50 -25.20
C ASP C 35 -16.32 -7.93 -25.48
N ARG C 36 -16.31 -8.32 -26.74
CA ARG C 36 -16.79 -9.64 -27.14
C ARG C 36 -15.77 -10.72 -26.79
N ALA C 37 -16.27 -11.88 -26.38
CA ALA C 37 -15.39 -13.00 -26.02
C ALA C 37 -14.53 -13.43 -27.20
N ARG C 38 -13.31 -13.85 -26.90
CA ARG C 38 -12.40 -14.33 -27.94
C ARG C 38 -12.15 -15.82 -27.81
N ALA C 39 -12.64 -16.41 -26.72
CA ALA C 39 -12.49 -17.84 -26.49
C ALA C 39 -13.59 -18.36 -25.57
N SER C 40 -13.68 -19.69 -25.45
CA SER C 40 -14.69 -20.31 -24.60
C SER C 40 -14.08 -21.36 -23.70
N LEU C 41 -14.61 -21.47 -22.48
CA LEU C 41 -14.23 -22.54 -21.57
C LEU C 41 -15.46 -23.31 -21.08
N VAL C 42 -15.42 -24.63 -21.23
CA VAL C 42 -16.49 -25.48 -20.71
C VAL C 42 -16.03 -26.22 -19.45
N LEU C 43 -16.86 -26.17 -18.41
CA LEU C 43 -16.53 -26.78 -17.14
C LEU C 43 -17.77 -27.33 -16.44
N LYS C 44 -17.56 -28.14 -15.41
CA LYS C 44 -18.66 -28.74 -14.67
C LYS C 44 -18.85 -28.04 -13.33
N GLN C 45 -20.09 -27.99 -12.87
CA GLN C 45 -20.38 -27.67 -11.47
C GLN C 45 -21.35 -28.68 -10.86
N VAL C 46 -21.39 -28.74 -9.53
CA VAL C 46 -22.21 -29.72 -8.84
C VAL C 46 -23.09 -29.04 -7.79
N PRO C 47 -24.31 -28.70 -8.18
CA PRO C 47 -25.26 -28.05 -7.28
C PRO C 47 -25.85 -29.05 -6.31
N VAL C 48 -25.07 -29.44 -5.31
CA VAL C 48 -25.47 -30.48 -4.36
C VAL C 48 -26.75 -30.09 -3.63
N LEU C 49 -27.74 -30.97 -3.68
CA LEU C 49 -28.99 -30.75 -2.95
C LEU C 49 -29.16 -31.75 -1.83
N ASP C 50 -29.85 -31.34 -0.77
CA ASP C 50 -30.04 -32.18 0.40
C ASP C 50 -30.73 -33.48 0.03
N ASP C 51 -31.65 -33.41 -0.93
CA ASP C 51 -32.45 -34.56 -1.33
C ASP C 51 -31.91 -35.18 -2.62
N GLY C 52 -30.75 -34.71 -3.05
CA GLY C 52 -30.18 -35.15 -4.32
C GLY C 52 -30.77 -34.37 -5.49
N SER C 53 -30.22 -34.59 -6.68
CA SER C 53 -30.67 -33.87 -7.88
C SER C 53 -31.37 -34.82 -8.84
N LEU C 54 -32.31 -34.27 -9.60
CA LEU C 54 -32.97 -35.04 -10.66
C LEU C 54 -32.79 -34.36 -12.02
N GLU C 55 -31.82 -33.46 -12.10
CA GLU C 55 -31.52 -32.76 -13.34
C GLU C 55 -32.74 -32.02 -13.87
N ASP C 56 -33.66 -32.76 -14.49
CA ASP C 56 -34.82 -32.16 -15.14
C ASP C 56 -35.85 -31.72 -14.12
N PHE C 57 -35.95 -32.45 -13.03
CA PHE C 57 -37.02 -32.23 -12.05
C PHE C 57 -36.51 -31.45 -10.84
N THR C 58 -35.27 -30.98 -10.93
CA THR C 58 -34.72 -30.07 -9.94
C THR C 58 -34.21 -28.79 -10.58
N ASP C 59 -34.79 -28.43 -11.72
CA ASP C 59 -34.57 -27.12 -12.32
C ASP C 59 -33.10 -26.90 -12.63
N PHE C 60 -32.46 -27.92 -13.21
CA PHE C 60 -31.11 -27.78 -13.73
C PHE C 60 -31.07 -27.98 -15.24
N GLN C 61 -32.15 -27.57 -15.90
CA GLN C 61 -32.24 -27.69 -17.35
C GLN C 61 -31.47 -26.58 -18.05
N GLY C 62 -31.00 -26.86 -19.26
CA GLY C 62 -30.30 -25.86 -20.06
C GLY C 62 -31.29 -24.98 -20.83
N GLY C 63 -30.75 -24.06 -21.62
CA GLY C 63 -31.59 -23.15 -22.39
C GLY C 63 -31.75 -23.62 -23.83
N THR C 64 -32.30 -22.76 -24.68
CA THR C 64 -32.53 -23.10 -26.08
C THR C 64 -31.82 -22.11 -27.00
N LEU C 65 -30.93 -21.31 -26.44
CA LEU C 65 -30.22 -20.29 -27.20
C LEU C 65 -28.98 -20.87 -27.87
N ALA C 66 -28.88 -20.67 -29.19
CA ALA C 66 -27.74 -21.14 -29.96
C ALA C 66 -26.45 -20.53 -29.45
N GLN C 67 -25.38 -21.32 -29.45
CA GLN C 67 -24.08 -20.86 -28.98
C GLN C 67 -23.14 -20.61 -30.15
N ASP C 68 -22.12 -19.81 -29.91
CA ASP C 68 -21.08 -19.57 -30.92
C ASP C 68 -20.01 -20.67 -30.88
N ASP C 69 -18.97 -20.50 -31.68
CA ASP C 69 -17.95 -21.52 -31.85
C ASP C 69 -16.58 -20.91 -32.10
N PRO C 70 -15.99 -20.36 -31.05
CA PRO C 70 -14.68 -19.73 -31.15
C PRO C 70 -13.62 -20.72 -31.63
N PRO C 71 -12.58 -20.20 -32.27
CA PRO C 71 -11.46 -21.02 -32.70
C PRO C 71 -10.71 -21.60 -31.51
N ILE C 72 -10.86 -20.96 -30.36
CA ILE C 72 -10.21 -21.41 -29.13
C ILE C 72 -11.23 -21.88 -28.11
N ILE C 73 -11.38 -23.20 -27.97
CA ILE C 73 -12.31 -23.77 -27.00
C ILE C 73 -11.62 -24.80 -26.12
N PHE C 74 -11.68 -24.58 -24.81
CA PHE C 74 -11.11 -25.52 -23.85
C PHE C 74 -12.18 -26.13 -22.97
N GLU C 75 -11.90 -27.32 -22.44
CA GLU C 75 -12.82 -28.00 -21.55
C GLU C 75 -12.13 -28.55 -20.32
N ALA C 76 -12.70 -28.27 -19.15
CA ALA C 76 -12.12 -28.71 -17.89
C ALA C 76 -12.44 -30.17 -17.61
N SER C 77 -11.87 -31.07 -18.42
CA SER C 77 -12.06 -32.49 -18.24
C SER C 77 -11.21 -33.02 -17.09
N VAL C 78 -11.85 -33.28 -15.95
CA VAL C 78 -11.13 -33.54 -14.71
C VAL C 78 -11.78 -34.67 -13.93
N ASP C 79 -10.95 -35.49 -13.29
CA ASP C 79 -11.43 -36.61 -12.48
C ASP C 79 -11.10 -36.41 -11.02
N LEU C 80 -11.11 -35.16 -10.57
CA LEU C 80 -10.71 -34.82 -9.21
C LEU C 80 -11.90 -34.33 -8.40
N VAL C 81 -11.80 -34.45 -7.08
CA VAL C 81 -12.93 -34.19 -6.19
C VAL C 81 -13.43 -32.76 -6.34
N GLN C 82 -14.75 -32.60 -6.38
CA GLN C 82 -15.37 -31.30 -6.60
C GLN C 82 -15.93 -30.72 -5.31
N ILE C 83 -15.96 -31.54 -4.27
CA ILE C 83 -16.70 -31.20 -3.05
C ILE C 83 -16.43 -29.77 -2.62
N PRO C 84 -15.15 -29.45 -2.40
CA PRO C 84 -14.76 -28.15 -1.87
C PRO C 84 -15.12 -27.04 -2.84
N GLN C 85 -15.33 -27.39 -4.10
CA GLN C 85 -15.56 -26.41 -5.15
C GLN C 85 -16.83 -26.71 -5.92
N ALA C 86 -17.71 -27.50 -5.31
CA ALA C 86 -18.92 -27.97 -5.99
C ALA C 86 -19.74 -26.81 -6.53
N GLU C 87 -19.77 -25.72 -5.78
CA GLU C 87 -20.58 -24.56 -6.15
C GLU C 87 -19.71 -23.32 -6.34
N ALA C 88 -18.42 -23.54 -6.56
CA ALA C 88 -17.44 -22.45 -6.53
C ALA C 88 -17.84 -21.33 -7.48
N LEU C 89 -18.37 -21.70 -8.64
CA LEU C 89 -18.75 -20.73 -9.67
C LEU C 89 -20.25 -20.51 -9.69
N LEU C 90 -21.00 -21.53 -9.27
CA LEU C 90 -22.45 -21.43 -9.19
C LEU C 90 -22.87 -20.28 -8.27
N HIS C 91 -22.12 -20.08 -7.20
CA HIS C 91 -22.37 -18.96 -6.29
C HIS C 91 -22.26 -17.63 -7.02
N ALA C 92 -21.27 -17.53 -7.91
CA ALA C 92 -21.06 -16.31 -8.68
C ALA C 92 -22.26 -16.03 -9.59
N ASP C 93 -22.77 -17.07 -10.23
CA ASP C 93 -23.93 -16.94 -11.09
C ASP C 93 -25.18 -16.60 -10.30
N CYS C 94 -25.35 -17.28 -9.16
CA CYS C 94 -26.51 -17.06 -8.31
C CYS C 94 -26.50 -15.67 -7.68
N SER C 95 -25.31 -15.10 -7.57
CA SER C 95 -25.16 -13.76 -7.01
C SER C 95 -25.36 -12.69 -8.07
N GLY C 96 -25.54 -13.12 -9.30
CA GLY C 96 -25.81 -12.21 -10.41
C GLY C 96 -24.55 -11.44 -10.81
N LYS C 97 -23.39 -12.04 -10.58
CA LYS C 97 -22.12 -11.40 -10.89
C LYS C 97 -21.64 -11.79 -12.29
N GLU C 98 -20.89 -10.90 -12.92
CA GLU C 98 -20.24 -11.21 -14.18
C GLU C 98 -19.02 -12.08 -13.98
N VAL C 99 -18.85 -13.07 -14.86
CA VAL C 99 -17.73 -14.00 -14.76
C VAL C 99 -16.91 -14.01 -16.06
N THR C 100 -15.61 -13.79 -15.93
CA THR C 100 -14.73 -13.73 -17.09
C THR C 100 -13.48 -14.57 -16.87
N CYS C 101 -13.12 -15.36 -17.86
CA CYS C 101 -11.97 -16.24 -17.76
C CYS C 101 -10.81 -15.76 -18.62
N GLU C 102 -9.60 -15.75 -18.05
CA GLU C 102 -8.41 -15.42 -18.79
C GLU C 102 -7.73 -16.66 -19.36
N ILE C 103 -7.31 -16.57 -20.62
CA ILE C 103 -6.63 -17.69 -21.28
C ILE C 103 -5.13 -17.42 -21.40
N SER C 104 -4.33 -18.42 -21.07
CA SER C 104 -2.89 -18.35 -21.27
C SER C 104 -2.29 -19.73 -21.49
N ARG C 105 -0.98 -19.83 -21.39
CA ARG C 105 -0.27 -21.08 -21.65
C ARG C 105 1.12 -21.07 -21.03
N TYR C 106 1.72 -22.25 -20.91
CA TYR C 106 3.09 -22.38 -20.44
C TYR C 106 4.06 -22.44 -21.60
N PHE C 107 3.54 -22.33 -22.82
CA PHE C 107 4.35 -22.45 -24.02
C PHE C 107 4.64 -21.08 -24.63
N LEU C 108 5.58 -20.36 -24.03
CA LEU C 108 5.83 -18.97 -24.41
C LEU C 108 7.19 -18.84 -25.10
N GLN C 109 7.33 -17.79 -25.92
CA GLN C 109 8.47 -17.69 -26.83
C GLN C 109 9.79 -17.64 -26.07
N MET C 110 9.77 -16.98 -24.92
CA MET C 110 10.99 -16.76 -24.14
C MET C 110 10.93 -17.53 -22.83
N THR C 111 10.06 -18.53 -22.76
CA THR C 111 10.03 -19.45 -21.63
C THR C 111 9.05 -20.59 -21.86
N GLU C 112 9.45 -21.80 -21.50
CA GLU C 112 8.63 -22.98 -21.74
C GLU C 112 8.69 -23.94 -20.55
N THR C 113 7.52 -24.36 -20.09
CA THR C 113 7.42 -25.42 -19.09
C THR C 113 6.52 -26.55 -19.57
N THR C 114 7.12 -27.55 -20.21
CA THR C 114 6.36 -28.62 -20.83
C THR C 114 7.00 -29.98 -20.55
N VAL C 115 6.31 -31.05 -20.92
CA VAL C 115 6.85 -32.39 -20.83
C VAL C 115 7.05 -33.01 -22.21
N LYS C 116 7.68 -32.26 -23.10
CA LYS C 116 7.82 -32.67 -24.49
C LYS C 116 6.46 -32.84 -25.16
N THR C 117 5.95 -34.07 -25.15
CA THR C 117 4.79 -34.41 -25.95
C THR C 117 3.50 -33.97 -25.27
N ALA C 118 3.39 -32.68 -24.99
CA ALA C 118 2.15 -32.12 -24.48
C ALA C 118 2.19 -30.59 -24.51
N ALA C 119 1.07 -29.98 -24.92
CA ALA C 119 0.91 -28.54 -24.83
C ALA C 119 0.12 -28.15 -23.60
N TRP C 120 0.72 -27.32 -22.74
CA TRP C 120 0.12 -26.99 -21.46
C TRP C 120 -0.57 -25.63 -21.51
N PHE C 121 -1.84 -25.59 -21.10
CA PHE C 121 -2.65 -24.38 -21.22
C PHE C 121 -3.23 -23.97 -19.88
N MET C 122 -3.47 -22.68 -19.72
CA MET C 122 -4.03 -22.15 -18.47
C MET C 122 -5.37 -21.47 -18.72
N ALA C 123 -6.27 -21.57 -17.74
CA ALA C 123 -7.52 -20.83 -17.78
C ALA C 123 -7.91 -20.34 -16.39
N ASN C 124 -7.99 -19.03 -16.23
CA ASN C 124 -8.17 -18.43 -14.91
C ASN C 124 -9.50 -17.70 -14.81
N VAL C 125 -10.39 -18.23 -13.98
CA VAL C 125 -11.75 -17.70 -13.86
C VAL C 125 -11.83 -16.66 -12.75
N GLN C 126 -12.29 -15.46 -13.10
CA GLN C 126 -12.48 -14.39 -12.13
C GLN C 126 -13.92 -13.92 -12.08
N VAL C 127 -14.34 -13.43 -10.92
CA VAL C 127 -15.72 -13.02 -10.72
C VAL C 127 -15.80 -11.56 -10.26
N SER C 128 -16.63 -10.77 -10.95
CA SER C 128 -16.76 -9.35 -10.64
C SER C 128 -17.16 -9.14 -9.19
N GLY C 129 -16.58 -8.12 -8.57
CA GLY C 129 -16.87 -7.80 -7.18
C GLY C 129 -15.85 -8.46 -6.24
N GLY C 130 -15.04 -9.36 -6.80
CA GLY C 130 -14.04 -10.06 -6.01
C GLY C 130 -14.58 -11.39 -5.50
N GLY C 131 -15.34 -12.08 -6.33
CA GLY C 131 -15.99 -13.32 -5.93
C GLY C 131 -15.04 -14.51 -6.04
N PRO C 132 -15.60 -15.70 -6.16
CA PRO C 132 -14.81 -16.92 -6.27
C PRO C 132 -13.87 -16.86 -7.46
N SER C 133 -12.81 -17.67 -7.41
CA SER C 133 -11.83 -17.71 -8.49
C SER C 133 -11.20 -19.08 -8.62
N ILE C 134 -10.96 -19.51 -9.85
CA ILE C 134 -10.33 -20.80 -10.11
C ILE C 134 -9.19 -20.66 -11.11
N SER C 135 -8.06 -21.29 -10.80
CA SER C 135 -6.94 -21.36 -11.73
C SER C 135 -6.80 -22.77 -12.31
N LEU C 136 -7.14 -22.91 -13.59
CA LEU C 136 -7.22 -24.22 -14.21
C LEU C 136 -6.02 -24.49 -15.09
N VAL C 137 -5.39 -25.65 -14.89
CA VAL C 137 -4.27 -26.08 -15.73
C VAL C 137 -4.58 -27.40 -16.42
N MET C 138 -4.42 -27.42 -17.74
CA MET C 138 -4.67 -28.63 -18.53
C MET C 138 -3.58 -28.85 -19.56
N LYS C 139 -3.54 -30.05 -20.13
CA LYS C 139 -2.59 -30.38 -21.17
C LYS C 139 -3.28 -30.96 -22.40
N THR C 140 -2.67 -30.75 -23.56
CA THR C 140 -3.10 -31.43 -24.78
C THR C 140 -2.09 -32.47 -25.23
N PRO C 141 -2.44 -33.74 -25.09
CA PRO C 141 -1.51 -34.83 -25.34
C PRO C 141 -1.45 -35.16 -26.83
N ARG C 142 -0.85 -34.27 -27.61
CA ARG C 142 -0.70 -34.49 -29.04
C ARG C 142 0.76 -34.51 -29.46
N VAL C 143 1.05 -35.19 -30.56
CA VAL C 143 2.41 -35.23 -31.09
C VAL C 143 2.48 -34.63 -32.48
N ALA C 144 3.70 -34.46 -32.99
CA ALA C 144 3.91 -33.78 -34.27
C ALA C 144 3.08 -34.42 -35.38
N LYS C 145 2.41 -33.57 -36.16
CA LYS C 145 1.64 -34.06 -37.30
C LYS C 145 2.11 -33.39 -38.60
N ASN C 146 1.48 -33.76 -39.71
CA ASN C 146 1.75 -33.12 -40.99
C ASN C 146 0.95 -31.83 -41.14
N GLU C 147 0.09 -31.56 -40.17
CA GLU C 147 -0.72 -30.34 -40.18
C GLU C 147 -0.09 -29.26 -39.32
N VAL C 148 -0.36 -28.01 -39.66
CA VAL C 148 0.16 -26.87 -38.91
C VAL C 148 -0.45 -26.81 -37.51
N LEU C 149 -1.77 -26.95 -37.45
CA LEU C 149 -2.49 -26.77 -36.19
C LEU C 149 -2.51 -28.07 -35.39
N TRP C 150 -1.34 -28.50 -34.95
CA TRP C 150 -1.21 -29.79 -34.28
C TRP C 150 -0.85 -29.62 -32.81
N HIS C 151 -0.12 -28.54 -32.52
CA HIS C 151 0.56 -28.41 -31.23
C HIS C 151 -0.43 -28.37 -30.08
N PRO C 152 -1.59 -27.76 -30.33
CA PRO C 152 -1.64 -26.50 -31.05
C PRO C 152 -0.95 -25.38 -30.28
N THR C 153 -0.79 -24.24 -30.93
CA THR C 153 0.07 -23.17 -30.41
C THR C 153 -0.68 -22.32 -29.40
N LEU C 154 -1.82 -21.77 -29.83
CA LEU C 154 -2.51 -20.74 -29.06
C LEU C 154 -1.65 -19.50 -28.90
N ASN C 155 -1.57 -18.69 -29.96
CA ASN C 155 -2.73 -18.42 -30.79
C ASN C 155 -2.84 -19.40 -31.95
N LEU C 156 -3.54 -18.99 -33.00
CA LEU C 156 -4.03 -19.93 -34.01
C LEU C 156 -5.07 -20.88 -33.41
N PRO C 157 -6.05 -21.25 -34.21
CA PRO C 157 -7.10 -22.16 -33.77
C PRO C 157 -6.51 -23.45 -33.21
N LEU C 158 -7.17 -24.00 -32.21
CA LEU C 158 -6.70 -25.23 -31.56
C LEU C 158 -6.73 -26.41 -32.53
N SER C 159 -7.63 -26.34 -33.50
CA SER C 159 -7.80 -27.43 -34.47
C SER C 159 -8.36 -26.91 -35.78
N PRO C 160 -7.96 -27.55 -36.88
CA PRO C 160 -8.58 -27.31 -38.18
C PRO C 160 -10.10 -27.36 -38.08
N GLN C 161 -10.59 -28.16 -37.15
CA GLN C 161 -12.04 -28.26 -36.91
C GLN C 161 -12.34 -28.54 -35.45
N GLY C 162 -13.29 -27.80 -34.90
CA GLY C 162 -13.63 -27.91 -33.48
C GLY C 162 -12.44 -27.56 -32.60
N THR C 163 -12.10 -28.48 -31.70
CA THR C 163 -10.98 -28.27 -30.78
C THR C 163 -10.21 -29.57 -30.56
N VAL C 164 -9.35 -29.57 -29.55
CA VAL C 164 -8.47 -30.70 -29.29
C VAL C 164 -8.80 -31.38 -27.97
N ARG C 165 -8.39 -32.64 -27.83
CA ARG C 165 -8.52 -33.35 -26.58
C ARG C 165 -7.64 -32.74 -25.49
N THR C 166 -8.21 -32.50 -24.32
CA THR C 166 -7.48 -31.95 -23.19
C THR C 166 -7.68 -32.79 -21.94
N ALA C 167 -6.80 -32.61 -20.96
CA ALA C 167 -6.97 -33.21 -19.65
C ALA C 167 -6.51 -32.26 -18.55
N VAL C 168 -7.31 -32.14 -17.49
CA VAL C 168 -6.96 -31.29 -16.36
C VAL C 168 -6.05 -32.02 -15.38
N GLU C 169 -4.93 -31.37 -15.04
CA GLU C 169 -3.93 -31.99 -14.18
C GLU C 169 -3.86 -31.30 -12.82
N PHE C 170 -4.14 -30.00 -12.83
CA PHE C 170 -3.98 -29.19 -11.63
C PHE C 170 -4.99 -28.04 -11.59
N GLN C 171 -5.55 -27.79 -10.42
CA GLN C 171 -6.53 -26.71 -10.25
C GLN C 171 -6.42 -26.08 -8.87
N VAL C 172 -6.47 -24.76 -8.82
CA VAL C 172 -6.54 -24.04 -7.55
C VAL C 172 -7.84 -23.26 -7.43
N MET C 173 -8.45 -23.31 -6.24
CA MET C 173 -9.75 -22.71 -6.02
C MET C 173 -9.73 -21.80 -4.80
N THR C 174 -10.45 -20.68 -4.89
CA THR C 174 -10.80 -19.89 -3.71
C THR C 174 -12.23 -19.38 -3.80
N GLN C 175 -12.84 -19.12 -2.64
CA GLN C 175 -14.23 -18.68 -2.59
C GLN C 175 -14.32 -17.16 -2.68
N THR C 176 -13.17 -16.50 -2.69
CA THR C 176 -13.12 -15.05 -2.78
C THR C 176 -11.82 -14.58 -3.43
N GLN C 177 -11.86 -13.41 -4.06
CA GLN C 177 -10.65 -12.74 -4.50
C GLN C 177 -10.32 -11.54 -3.62
N SER C 178 -11.14 -11.35 -2.57
CA SER C 178 -11.00 -10.18 -1.72
C SER C 178 -11.50 -10.48 -0.30
N LEU C 179 -10.85 -9.89 0.69
CA LEU C 179 -11.33 -9.95 2.06
C LEU C 179 -11.17 -8.60 2.76
N SER C 180 -12.24 -8.14 3.39
CA SER C 180 -12.19 -6.94 4.23
C SER C 180 -12.36 -7.29 5.71
N PHE C 181 -11.29 -7.13 6.47
CA PHE C 181 -11.26 -7.60 7.86
C PHE C 181 -11.15 -6.44 8.83
N LEU C 182 -11.35 -6.72 10.12
CA LEU C 182 -11.41 -5.68 11.13
C LEU C 182 -10.07 -5.54 11.86
N LEU C 183 -9.70 -4.29 12.14
CA LEU C 183 -8.50 -4.02 12.91
C LEU C 183 -8.58 -4.64 14.30
N GLY C 184 -7.52 -5.33 14.71
CA GLY C 184 -7.43 -5.86 16.06
C GLY C 184 -8.04 -7.26 16.15
N SER C 185 -8.68 -7.68 15.06
CA SER C 185 -9.33 -8.99 15.03
C SER C 185 -8.51 -9.98 14.23
N SER C 186 -8.85 -11.26 14.36
CA SER C 186 -8.23 -12.31 13.55
C SER C 186 -8.84 -12.38 12.16
N ALA C 187 -8.16 -13.06 11.25
CA ALA C 187 -8.70 -13.30 9.91
C ALA C 187 -8.00 -14.48 9.24
N SER C 188 -8.61 -15.00 8.19
CA SER C 188 -8.03 -16.09 7.42
C SER C 188 -8.44 -16.02 5.96
N LEU C 189 -7.65 -16.64 5.09
CA LEU C 189 -8.00 -16.76 3.68
C LEU C 189 -8.23 -18.21 3.28
N ASP C 190 -9.34 -18.45 2.60
CA ASP C 190 -9.67 -19.80 2.13
C ASP C 190 -9.05 -20.08 0.78
N CYS C 191 -8.38 -21.23 0.67
CA CYS C 191 -7.84 -21.69 -0.61
C CYS C 191 -7.44 -23.15 -0.55
N GLY C 192 -7.57 -23.84 -1.68
CA GLY C 192 -7.11 -25.22 -1.78
C GLY C 192 -6.87 -25.61 -3.24
N PHE C 193 -6.40 -26.83 -3.46
CA PHE C 193 -6.05 -27.31 -4.79
C PHE C 193 -6.05 -28.83 -4.86
N SER C 194 -5.99 -29.36 -6.06
CA SER C 194 -5.90 -30.80 -6.26
C SER C 194 -4.98 -31.14 -7.43
N MET C 195 -4.45 -32.35 -7.43
CA MET C 195 -3.52 -32.78 -8.47
C MET C 195 -3.92 -34.13 -9.06
N ALA C 196 -3.71 -34.29 -10.35
CA ALA C 196 -3.83 -35.60 -11.00
C ALA C 196 -2.70 -36.53 -10.56
N PRO C 197 -2.98 -37.82 -10.54
CA PRO C 197 -1.98 -38.83 -10.22
C PRO C 197 -0.71 -38.63 -11.05
N GLY C 198 0.44 -38.71 -10.39
CA GLY C 198 1.72 -38.52 -11.07
C GLY C 198 2.24 -37.10 -10.86
N LEU C 199 1.36 -36.21 -10.40
CA LEU C 199 1.75 -34.84 -10.10
C LEU C 199 1.77 -34.59 -8.60
N ASP C 200 2.96 -34.38 -8.05
CA ASP C 200 3.14 -34.27 -6.62
C ASP C 200 3.26 -32.81 -6.18
N LEU C 201 3.24 -32.58 -4.88
CA LEU C 201 3.41 -31.24 -4.32
C LEU C 201 4.80 -31.07 -3.73
N ILE C 202 5.46 -29.97 -4.11
CA ILE C 202 6.77 -29.65 -3.56
C ILE C 202 6.65 -28.71 -2.36
N SER C 203 5.96 -27.59 -2.55
CA SER C 203 5.81 -26.60 -1.49
C SER C 203 4.66 -25.64 -1.81
N VAL C 204 4.16 -24.98 -0.77
CA VAL C 204 3.30 -23.81 -0.96
C VAL C 204 3.81 -22.63 -0.14
N GLU C 205 3.81 -21.45 -0.75
CA GLU C 205 4.25 -20.23 -0.08
C GLU C 205 3.14 -19.20 -0.02
N TRP C 206 3.09 -18.46 1.09
CA TRP C 206 2.21 -17.31 1.20
C TRP C 206 3.01 -16.02 1.37
N ARG C 207 2.80 -15.08 0.47
CA ARG C 207 3.58 -13.84 0.45
C ARG C 207 2.68 -12.61 0.46
N LEU C 208 3.15 -11.54 1.08
CA LEU C 208 2.48 -10.25 0.98
C LEU C 208 3.42 -9.19 0.39
N GLN C 209 2.94 -8.48 -0.62
CA GLN C 209 3.74 -7.46 -1.28
C GLN C 209 2.88 -6.26 -1.68
N HIS C 210 3.43 -5.07 -1.48
CA HIS C 210 2.79 -3.84 -1.94
C HIS C 210 3.73 -2.65 -1.86
N LYS C 211 3.57 -1.72 -2.78
CA LYS C 211 4.42 -0.53 -2.83
C LYS C 211 5.88 -0.91 -3.11
N GLY C 212 6.07 -2.07 -3.73
CA GLY C 212 7.41 -2.51 -4.12
C GLY C 212 8.05 -3.37 -3.04
N ARG C 213 7.50 -3.27 -1.82
CA ARG C 213 8.05 -4.01 -0.69
C ARG C 213 7.11 -5.14 -0.28
N GLY C 214 7.68 -6.15 0.38
CA GLY C 214 6.90 -7.31 0.81
C GLY C 214 7.76 -8.29 1.60
N GLN C 215 7.14 -9.36 2.07
CA GLN C 215 7.85 -10.37 2.86
C GLN C 215 7.10 -11.70 2.86
N LEU C 216 7.84 -12.79 2.83
CA LEU C 216 7.27 -14.12 2.99
C LEU C 216 6.62 -14.27 4.36
N VAL C 217 5.37 -14.73 4.37
CA VAL C 217 4.60 -14.83 5.59
C VAL C 217 4.62 -16.25 6.14
N TYR C 218 4.41 -17.22 5.26
CA TYR C 218 4.27 -18.61 5.67
C TYR C 218 4.76 -19.57 4.59
N SER C 219 5.31 -20.70 5.00
CA SER C 219 5.72 -21.75 4.07
C SER C 219 5.15 -23.10 4.47
N TRP C 220 4.88 -23.94 3.48
CA TRP C 220 4.44 -25.31 3.73
C TRP C 220 5.11 -26.29 2.77
N THR C 221 5.79 -27.28 3.32
CA THR C 221 6.46 -28.29 2.52
C THR C 221 6.63 -29.59 3.29
N ALA C 222 6.63 -30.71 2.58
CA ALA C 222 6.93 -32.01 3.19
C ALA C 222 5.97 -32.33 4.31
N GLY C 223 4.78 -31.74 4.26
CA GLY C 223 3.74 -32.02 5.24
C GLY C 223 3.94 -31.22 6.52
N GLN C 224 4.99 -30.40 6.53
CA GLN C 224 5.32 -29.61 7.72
C GLN C 224 5.22 -28.12 7.43
N GLY C 225 4.34 -27.44 8.16
CA GLY C 225 4.19 -25.99 8.04
C GLY C 225 5.25 -25.26 8.84
N GLN C 226 5.65 -24.09 8.33
CA GLN C 226 6.59 -23.24 9.05
C GLN C 226 6.31 -21.76 8.79
N ALA C 227 6.06 -21.02 9.85
CA ALA C 227 5.77 -19.60 9.75
C ALA C 227 7.05 -18.79 9.56
N VAL C 228 6.92 -17.65 8.87
CA VAL C 228 7.98 -16.65 8.87
C VAL C 228 7.61 -15.46 9.74
N ARG C 229 6.40 -14.94 9.55
CA ARG C 229 5.86 -13.92 10.44
C ARG C 229 4.91 -14.54 11.46
N LYS C 230 3.89 -15.24 10.97
CA LYS C 230 2.91 -15.87 11.84
C LYS C 230 1.91 -16.69 11.04
N GLY C 231 1.10 -17.48 11.73
CA GLY C 231 -0.11 -18.04 11.16
C GLY C 231 -0.02 -19.55 11.04
N ALA C 232 -1.01 -20.15 10.38
CA ALA C 232 -1.04 -21.60 10.21
C ALA C 232 -1.99 -22.00 9.08
N THR C 233 -1.80 -23.20 8.56
CA THR C 233 -2.75 -23.79 7.62
C THR C 233 -4.00 -24.28 8.34
N LEU C 234 -5.06 -24.53 7.57
CA LEU C 234 -6.36 -24.84 8.14
C LEU C 234 -6.94 -26.12 7.54
N GLU C 235 -6.07 -27.11 7.33
CA GLU C 235 -6.48 -28.35 6.68
C GLU C 235 -7.71 -28.93 7.33
N PRO C 236 -8.80 -29.00 6.57
CA PRO C 236 -10.07 -29.51 7.08
C PRO C 236 -9.91 -30.93 7.62
N ALA C 237 -10.69 -31.26 8.64
CA ALA C 237 -10.80 -32.64 9.11
C ALA C 237 -11.75 -33.44 8.24
N GLN C 238 -12.39 -32.78 7.28
CA GLN C 238 -13.32 -33.43 6.36
C GLN C 238 -12.57 -34.13 5.23
N LEU C 239 -13.14 -35.23 4.76
CA LEU C 239 -12.56 -35.98 3.64
C LEU C 239 -13.00 -35.39 2.30
N GLY C 240 -12.16 -35.57 1.29
CA GLY C 240 -12.51 -35.17 -0.07
C GLY C 240 -12.24 -33.69 -0.29
N MET C 241 -11.39 -33.11 0.56
CA MET C 241 -11.06 -31.69 0.46
C MET C 241 -9.70 -31.49 -0.20
N ALA C 242 -9.19 -32.54 -0.82
CA ALA C 242 -7.92 -32.47 -1.53
C ALA C 242 -6.82 -31.88 -0.63
N ARG C 243 -6.12 -30.89 -1.15
CA ARG C 243 -5.03 -30.26 -0.42
C ARG C 243 -5.40 -28.84 0.02
N ASP C 244 -5.01 -28.49 1.24
CA ASP C 244 -5.27 -27.16 1.77
C ASP C 244 -4.25 -26.16 1.28
N ALA C 245 -4.70 -24.94 1.00
CA ALA C 245 -3.80 -23.81 0.76
C ALA C 245 -4.23 -22.59 1.54
N SER C 246 -5.03 -22.81 2.58
CA SER C 246 -5.53 -21.72 3.41
C SER C 246 -4.45 -21.22 4.38
N LEU C 247 -4.63 -20.02 4.89
CA LEU C 247 -3.74 -19.48 5.92
C LEU C 247 -4.48 -18.54 6.86
N THR C 248 -4.30 -18.76 8.16
CA THR C 248 -4.84 -17.85 9.16
C THR C 248 -3.76 -16.92 9.70
N LEU C 249 -4.13 -15.65 9.90
CA LEU C 249 -3.18 -14.65 10.38
C LEU C 249 -3.83 -13.78 11.46
N PRO C 250 -3.87 -14.30 12.68
CA PRO C 250 -4.50 -13.60 13.79
C PRO C 250 -3.80 -12.27 14.06
N GLY C 251 -4.58 -11.26 14.46
CA GLY C 251 -4.01 -10.03 14.99
C GLY C 251 -3.42 -9.18 13.88
N LEU C 252 -4.25 -8.79 12.92
CA LEU C 252 -3.79 -8.00 11.78
C LEU C 252 -3.85 -6.51 12.07
N THR C 253 -2.92 -5.76 11.49
CA THR C 253 -2.84 -4.33 11.73
C THR C 253 -3.03 -3.54 10.43
N ILE C 254 -2.98 -2.22 10.54
CA ILE C 254 -3.21 -1.35 9.39
C ILE C 254 -2.22 -1.64 8.27
N GLN C 255 -0.98 -1.88 8.64
CA GLN C 255 0.11 -1.95 7.68
C GLN C 255 0.20 -3.33 7.04
N ASP C 256 -0.81 -4.15 7.28
CA ASP C 256 -0.87 -5.48 6.69
C ASP C 256 -1.79 -5.50 5.46
N GLU C 257 -2.20 -4.31 5.03
CA GLU C 257 -2.91 -4.17 3.77
C GLU C 257 -2.00 -4.46 2.58
N GLY C 258 -2.59 -4.93 1.48
CA GLY C 258 -1.85 -5.14 0.25
C GLY C 258 -2.31 -6.39 -0.46
N THR C 259 -1.49 -6.89 -1.38
CA THR C 259 -1.84 -8.07 -2.17
C THR C 259 -1.23 -9.33 -1.56
N TYR C 260 -2.07 -10.32 -1.29
CA TYR C 260 -1.61 -11.60 -0.74
C TYR C 260 -1.56 -12.66 -1.84
N ILE C 261 -0.42 -13.35 -1.93
CA ILE C 261 -0.20 -14.32 -2.99
C ILE C 261 0.06 -15.71 -2.41
N CYS C 262 -0.76 -16.67 -2.83
CA CYS C 262 -0.53 -18.07 -2.48
C CYS C 262 0.03 -18.85 -3.65
N GLN C 263 1.28 -19.30 -3.51
CA GLN C 263 2.00 -19.92 -4.61
C GLN C 263 2.15 -21.43 -4.39
N ILE C 264 1.60 -22.23 -5.29
CA ILE C 264 1.68 -23.67 -5.20
C ILE C 264 2.67 -24.24 -6.21
N THR C 265 3.67 -24.95 -5.72
CA THR C 265 4.72 -25.48 -6.59
C THR C 265 4.59 -26.99 -6.74
N THR C 266 4.41 -27.43 -7.98
CA THR C 266 4.20 -28.85 -8.26
C THR C 266 5.43 -29.48 -8.88
N SER C 267 5.35 -30.77 -9.18
CA SER C 267 6.48 -31.50 -9.76
C SER C 267 6.89 -30.91 -11.10
N LEU C 268 5.95 -30.28 -11.78
CA LEU C 268 6.13 -29.93 -13.19
C LEU C 268 6.13 -28.42 -13.38
N TYR C 269 5.27 -27.73 -12.66
CA TYR C 269 4.99 -26.32 -12.93
C TYR C 269 4.44 -25.63 -11.69
N ARG C 270 4.26 -24.31 -11.80
CA ARG C 270 3.81 -23.51 -10.67
C ARG C 270 2.62 -22.64 -11.04
N ALA C 271 1.71 -22.44 -10.10
CA ALA C 271 0.64 -21.46 -10.25
C ALA C 271 0.23 -20.88 -8.90
N GLN C 272 -0.40 -19.70 -8.94
CA GLN C 272 -0.65 -18.94 -7.73
C GLN C 272 -2.07 -18.39 -7.70
N GLN C 273 -2.60 -18.17 -6.50
CA GLN C 273 -3.88 -17.49 -6.35
C GLN C 273 -3.71 -16.13 -5.69
N ILE C 274 -4.35 -15.12 -6.26
CA ILE C 274 -4.23 -13.75 -5.75
C ILE C 274 -5.48 -13.33 -5.00
N ILE C 275 -5.28 -12.78 -3.81
CA ILE C 275 -6.39 -12.22 -3.03
C ILE C 275 -6.04 -10.85 -2.48
N GLN C 276 -6.93 -9.88 -2.71
CA GLN C 276 -6.70 -8.51 -2.27
C GLN C 276 -7.35 -8.26 -0.92
N LEU C 277 -6.56 -7.79 0.04
CA LEU C 277 -7.03 -7.60 1.40
C LEU C 277 -7.02 -6.12 1.80
N ASN C 278 -8.01 -5.72 2.59
CA ASN C 278 -8.01 -4.40 3.20
C ASN C 278 -8.57 -4.45 4.61
N ILE C 279 -8.44 -3.34 5.33
CA ILE C 279 -8.71 -3.31 6.76
C ILE C 279 -9.70 -2.23 7.13
N GLN C 280 -10.58 -2.53 8.08
CA GLN C 280 -11.50 -1.53 8.63
C GLN C 280 -11.07 -1.10 10.02
N ALA C 281 -11.52 0.08 10.43
CA ALA C 281 -11.20 0.62 11.75
C ALA C 281 -12.40 1.32 12.37
N SER C 282 -12.35 1.52 13.68
CA SER C 282 -13.41 2.22 14.39
C SER C 282 -12.85 3.41 15.16
N PRO C 283 -12.92 4.59 14.54
CA PRO C 283 -12.38 5.80 15.15
C PRO C 283 -13.04 6.09 16.49
N LYS C 284 -12.26 6.58 17.44
CA LYS C 284 -12.79 7.03 18.72
C LYS C 284 -12.65 8.54 18.88
N VAL C 285 -13.70 9.17 19.40
CA VAL C 285 -13.78 10.63 19.45
C VAL C 285 -14.04 11.12 20.87
N ARG C 286 -13.26 12.10 21.30
CA ARG C 286 -13.50 12.77 22.57
C ARG C 286 -13.62 14.29 22.38
N LEU C 287 -14.33 14.93 23.29
CA LEU C 287 -14.41 16.39 23.30
C LEU C 287 -14.50 16.92 24.73
N SER C 288 -13.62 17.88 25.05
CA SER C 288 -13.65 18.53 26.36
C SER C 288 -12.95 19.88 26.31
N LEU C 289 -12.68 20.44 27.49
CA LEU C 289 -12.12 21.78 27.58
C LEU C 289 -10.62 21.78 27.31
N ALA C 290 -10.12 22.84 26.69
CA ALA C 290 -8.70 23.02 26.48
C ALA C 290 -8.02 23.49 27.76
N ASN C 291 -6.74 23.15 27.92
CA ASN C 291 -5.89 23.78 28.92
C ASN C 291 -4.93 24.78 28.29
N GLU C 292 -4.21 25.50 29.14
CA GLU C 292 -3.16 26.41 28.67
C GLU C 292 -3.71 27.38 27.63
N ALA C 293 -4.73 28.13 28.01
CA ALA C 293 -5.37 29.08 27.10
C ALA C 293 -5.84 30.32 27.84
N LEU C 294 -5.90 31.44 27.14
CA LEU C 294 -6.46 32.67 27.69
C LEU C 294 -7.94 32.79 27.39
N LEU C 295 -8.35 32.32 26.22
CA LEU C 295 -9.75 32.34 25.82
C LEU C 295 -10.36 30.95 25.86
N PRO C 296 -11.65 30.88 26.18
CA PRO C 296 -12.39 29.62 26.15
C PRO C 296 -12.12 28.86 24.86
N THR C 297 -11.60 27.64 24.98
CA THR C 297 -11.19 26.86 23.83
C THR C 297 -11.53 25.39 24.01
N LEU C 298 -11.99 24.76 22.94
CA LEU C 298 -12.32 23.33 22.97
C LEU C 298 -11.36 22.53 22.10
N ILE C 299 -11.04 21.32 22.55
CA ILE C 299 -10.26 20.39 21.74
C ILE C 299 -10.99 19.06 21.57
N CYS C 300 -11.12 18.63 20.31
CA CYS C 300 -11.68 17.32 20.01
C CYS C 300 -10.59 16.34 19.57
N ASP C 301 -10.55 15.19 20.22
CA ASP C 301 -9.54 14.17 19.90
C ASP C 301 -10.13 13.05 19.08
N ILE C 302 -9.54 12.80 17.92
CA ILE C 302 -9.97 11.71 17.05
C ILE C 302 -8.86 10.69 16.82
N ALA C 303 -9.02 9.52 17.42
CA ALA C 303 -7.91 8.57 17.53
C ALA C 303 -8.25 7.27 16.80
N GLY C 304 -7.23 6.66 16.20
CA GLY C 304 -7.31 5.27 15.77
C GLY C 304 -8.17 5.12 14.52
N TYR C 305 -8.04 6.07 13.60
CA TYR C 305 -8.90 6.12 12.43
C TYR C 305 -8.19 5.60 11.19
N TYR C 306 -8.95 5.07 10.24
CA TYR C 306 -8.40 4.61 8.98
C TYR C 306 -9.51 4.30 7.97
N PRO C 307 -9.25 4.58 6.71
CA PRO C 307 -8.09 5.38 6.32
C PRO C 307 -8.26 6.83 6.73
N LEU C 308 -7.47 7.71 6.14
CA LEU C 308 -7.16 9.00 6.75
C LEU C 308 -7.98 10.11 6.13
N ASP C 309 -7.57 11.36 6.37
CA ASP C 309 -8.31 12.51 5.89
C ASP C 309 -9.59 12.72 6.68
N VAL C 310 -9.45 13.05 7.95
CA VAL C 310 -10.60 13.14 8.86
C VAL C 310 -11.43 14.39 8.58
N VAL C 311 -12.74 14.21 8.47
CA VAL C 311 -13.65 15.33 8.29
C VAL C 311 -14.26 15.75 9.62
N VAL C 312 -14.02 17.01 9.99
CA VAL C 312 -14.46 17.51 11.28
C VAL C 312 -15.31 18.76 11.13
N THR C 313 -16.48 18.77 11.75
CA THR C 313 -17.35 19.94 11.74
C THR C 313 -17.82 20.30 13.14
N TRP C 314 -17.69 21.58 13.49
CA TRP C 314 -18.07 22.05 14.81
C TRP C 314 -19.45 22.71 14.79
N THR C 315 -20.25 22.45 15.81
CA THR C 315 -21.59 23.01 15.89
C THR C 315 -21.81 23.76 17.21
N ARG C 316 -22.41 24.94 17.13
CA ARG C 316 -22.68 25.73 18.31
C ARG C 316 -24.18 25.86 18.57
N GLU C 317 -24.59 25.55 19.79
CA GLU C 317 -26.00 25.66 20.17
C GLU C 317 -26.16 26.49 21.44
N GLU C 318 -26.36 27.79 21.26
CA GLU C 318 -26.41 28.72 22.38
C GLU C 318 -27.72 28.58 23.15
N LEU C 319 -27.66 27.93 24.30
CA LEU C 319 -28.86 27.58 25.05
C LEU C 319 -29.81 26.72 24.21
N GLY C 320 -29.22 25.90 23.34
CA GLY C 320 -30.01 25.04 22.46
C GLY C 320 -30.56 25.82 21.28
N GLY C 321 -31.78 25.49 20.88
CA GLY C 321 -32.40 26.11 19.72
C GLY C 321 -31.72 25.67 18.43
N SER C 322 -31.82 26.51 17.40
CA SER C 322 -31.24 26.20 16.10
C SER C 322 -29.72 26.19 16.17
N PRO C 323 -29.11 25.15 15.61
CA PRO C 323 -27.66 25.03 15.59
C PRO C 323 -27.04 25.96 14.56
N ALA C 324 -25.75 26.25 14.74
CA ALA C 324 -24.96 26.90 13.69
C ALA C 324 -23.58 26.27 13.56
N GLN C 325 -23.08 26.22 12.33
CA GLN C 325 -21.74 25.72 12.08
C GLN C 325 -20.68 26.78 12.39
N VAL C 326 -19.60 26.36 13.04
CA VAL C 326 -18.50 27.26 13.34
C VAL C 326 -17.22 26.84 12.63
N SER C 327 -16.64 27.76 11.86
CA SER C 327 -15.43 27.47 11.11
C SER C 327 -14.20 28.05 11.81
N GLY C 328 -13.03 27.76 11.27
CA GLY C 328 -11.78 28.34 11.79
C GLY C 328 -11.00 27.32 12.61
N ALA C 329 -11.57 26.12 12.75
CA ALA C 329 -10.93 25.06 13.51
C ALA C 329 -9.62 24.65 12.86
N SER C 330 -8.64 24.29 13.69
CA SER C 330 -7.35 23.84 13.21
C SER C 330 -7.02 22.44 13.71
N PHE C 331 -6.08 21.78 13.05
CA PHE C 331 -5.64 20.44 13.45
C PHE C 331 -4.32 20.50 14.19
N SER C 332 -4.04 19.46 14.97
CA SER C 332 -2.75 19.32 15.64
C SER C 332 -2.51 17.88 16.07
N SER C 333 -1.29 17.60 16.54
CA SER C 333 -0.98 16.33 17.16
C SER C 333 -1.34 15.17 16.24
N LEU C 334 -0.87 15.24 14.99
CA LEU C 334 -0.90 14.10 14.09
C LEU C 334 0.20 13.10 14.41
N ARG C 335 -0.19 11.86 14.69
CA ARG C 335 0.76 10.84 15.12
C ARG C 335 0.26 9.45 14.78
N GLN C 336 1.16 8.47 14.83
CA GLN C 336 0.79 7.08 14.61
C GLN C 336 0.58 6.34 15.93
N SER C 337 -0.22 5.29 15.89
CA SER C 337 -0.37 4.39 17.03
C SER C 337 0.30 3.05 16.77
N VAL C 338 0.33 2.20 17.79
CA VAL C 338 0.93 0.87 17.67
C VAL C 338 0.13 -0.01 16.72
N ALA C 339 -1.11 0.38 16.46
CA ALA C 339 -1.99 -0.40 15.60
C ALA C 339 -1.76 -0.07 14.13
N GLY C 340 -0.91 0.91 13.88
CA GLY C 340 -0.67 1.39 12.52
C GLY C 340 -1.69 2.46 12.13
N THR C 341 -2.58 2.79 13.06
CA THR C 341 -3.58 3.82 12.83
C THR C 341 -3.02 5.21 13.12
N TYR C 342 -3.80 6.23 12.81
CA TYR C 342 -3.40 7.61 13.08
C TYR C 342 -4.33 8.25 14.10
N SER C 343 -3.82 9.27 14.79
CA SER C 343 -4.65 10.08 15.68
C SER C 343 -4.41 11.57 15.46
N ILE C 344 -5.45 12.37 15.64
CA ILE C 344 -5.33 13.82 15.52
C ILE C 344 -6.10 14.52 16.64
N SER C 345 -5.88 15.82 16.78
CA SER C 345 -6.77 16.68 17.54
C SER C 345 -7.30 17.83 16.70
N SER C 346 -8.46 18.35 17.06
CA SER C 346 -9.00 19.55 16.43
C SER C 346 -9.24 20.64 17.46
N SER C 347 -8.63 21.81 17.24
CA SER C 347 -8.72 22.91 18.19
C SER C 347 -9.57 24.05 17.64
N LEU C 348 -10.52 24.52 18.43
CA LEU C 348 -11.37 25.64 18.05
C LEU C 348 -11.68 26.52 19.25
N THR C 349 -11.43 27.82 19.11
CA THR C 349 -11.81 28.80 20.12
C THR C 349 -13.32 28.87 20.28
N ALA C 350 -13.79 28.80 21.52
CA ALA C 350 -15.22 28.77 21.79
C ALA C 350 -15.74 30.15 22.17
N GLU C 351 -17.05 30.35 22.00
CA GLU C 351 -17.71 31.52 22.53
C GLU C 351 -18.91 31.12 23.40
N PRO C 352 -18.67 30.96 24.69
CA PRO C 352 -19.71 30.50 25.60
C PRO C 352 -20.93 31.43 25.57
N GLY C 353 -20.68 32.71 25.31
CA GLY C 353 -21.72 33.73 25.40
C GLY C 353 -22.05 34.04 26.85
N SER C 354 -22.89 35.04 27.06
CA SER C 354 -23.14 35.57 28.39
C SER C 354 -23.95 34.58 29.23
N ALA C 355 -24.58 33.62 28.57
CA ALA C 355 -25.48 32.69 29.24
C ALA C 355 -24.94 31.27 29.18
N GLY C 356 -23.78 31.10 28.54
CA GLY C 356 -23.22 29.78 28.30
C GLY C 356 -23.79 29.16 27.02
N ALA C 357 -23.21 28.05 26.60
CA ALA C 357 -23.57 27.44 25.33
C ALA C 357 -23.21 25.95 25.31
N THR C 358 -23.84 25.21 24.42
CA THR C 358 -23.48 23.81 24.19
C THR C 358 -22.76 23.65 22.85
N TYR C 359 -21.70 22.86 22.85
CA TYR C 359 -20.89 22.65 21.65
C TYR C 359 -20.83 21.18 21.29
N THR C 360 -20.91 20.88 19.99
CA THR C 360 -20.72 19.53 19.50
C THR C 360 -19.70 19.48 18.36
N CYS C 361 -18.82 18.49 18.40
CA CYS C 361 -17.86 18.27 17.32
C CYS C 361 -18.19 17.00 16.55
N GLN C 362 -18.63 17.17 15.30
CA GLN C 362 -19.03 16.03 14.48
C GLN C 362 -17.86 15.52 13.66
N VAL C 363 -17.74 14.20 13.58
CA VAL C 363 -16.61 13.57 12.90
C VAL C 363 -17.09 12.55 11.86
N THR C 364 -16.47 12.59 10.68
CA THR C 364 -16.80 11.64 9.63
C THR C 364 -15.54 11.10 8.96
N HIS C 365 -15.55 9.81 8.66
CA HIS C 365 -14.55 9.23 7.78
C HIS C 365 -15.18 8.51 6.60
N ILE C 366 -14.47 8.51 5.47
CA ILE C 366 -14.96 7.83 4.27
C ILE C 366 -16.47 7.69 4.29
N SER C 367 -16.93 6.45 4.22
CA SER C 367 -18.37 6.17 4.24
C SER C 367 -18.73 5.21 5.36
N LEU C 368 -18.23 5.49 6.56
CA LEU C 368 -18.51 4.65 7.72
C LEU C 368 -19.99 4.65 8.05
N GLU C 369 -20.50 3.49 8.47
CA GLU C 369 -21.87 3.38 8.96
C GLU C 369 -21.97 3.80 10.42
N GLU C 370 -20.85 3.71 11.14
CA GLU C 370 -20.82 4.06 12.54
C GLU C 370 -20.76 5.57 12.74
N PRO C 371 -21.65 6.09 13.58
CA PRO C 371 -21.67 7.52 13.88
C PRO C 371 -20.50 7.91 14.76
N LEU C 372 -19.94 9.09 14.50
CA LEU C 372 -18.79 9.58 15.24
C LEU C 372 -18.97 11.04 15.66
N GLY C 373 -18.46 11.38 16.83
CA GLY C 373 -18.55 12.76 17.32
C GLY C 373 -18.61 12.79 18.85
N ALA C 374 -18.53 13.99 19.40
CA ALA C 374 -18.62 14.17 20.86
C ALA C 374 -19.17 15.53 21.22
N SER C 375 -19.79 15.63 22.40
CA SER C 375 -20.40 16.87 22.84
C SER C 375 -19.84 17.32 24.19
N THR C 376 -19.85 18.63 24.43
CA THR C 376 -19.57 19.16 25.74
C THR C 376 -20.26 20.50 25.96
N GLN C 377 -20.00 21.13 27.10
CA GLN C 377 -20.65 22.38 27.46
C GLN C 377 -19.65 23.38 28.04
N VAL C 378 -19.90 24.65 27.81
CA VAL C 378 -19.02 25.70 28.30
C VAL C 378 -19.80 26.75 29.09
N VAL C 379 -19.10 27.53 29.89
CA VAL C 379 -19.72 28.56 30.70
C VAL C 379 -19.13 29.94 30.40
N PRO C 380 -19.87 30.99 30.74
CA PRO C 380 -19.41 32.36 30.53
C PRO C 380 -18.03 32.57 31.10
N PRO C 381 -17.18 33.30 30.37
CA PRO C 381 -15.82 33.55 30.79
C PRO C 381 -15.77 34.46 32.01
N GLU C 382 -16.89 35.11 32.30
CA GLU C 382 -16.97 36.04 33.43
C GLU C 382 -17.41 35.32 34.71
N ARG C 383 -17.69 34.03 34.58
CA ARG C 383 -18.15 33.23 35.72
C ARG C 383 -16.99 32.94 36.68
N ARG C 384 -17.26 33.11 37.97
CA ARG C 384 -16.27 32.85 39.00
C ARG C 384 -16.85 32.01 40.13
C4 30W D . 22.04 6.45 -11.84
C6 30W D . 25.35 7.99 -11.85
C11 30W D . 20.21 1.47 -11.29
C7 30W D . 26.17 6.87 -12.07
C9 30W D . 25.96 9.33 -11.71
C10 30W D . 20.63 2.66 -12.12
N1 30W D . 23.74 4.31 -12.27
N2 30W D . 21.94 2.88 -12.34
N3 30W D . 21.59 5.18 -11.98
O10 30W D . 19.79 3.40 -12.58
C2 30W D . 22.45 4.15 -12.19
C8A 30W D . 24.32 5.52 -12.14
N8 30W D . 25.64 5.68 -12.21
N5 30W D . 24.03 7.85 -11.78
C4A 30W D . 23.50 6.66 -11.91
O4 30W D . 21.27 7.37 -11.65
H1 30W D . 20.14 1.77 -10.22
H2 30W D . 20.94 0.65 -11.40
H3 30W D . 19.20 1.12 -11.63
H4 30W D . 27.25 7.06 -12.13
O9 30W D . 25.26 10.32 -11.75
H5 30W D . 27.06 9.41 -11.56
H8 30W D . 22.57 2.17 -12.62
H9 30W D . 20.61 4.95 -11.95
#